data_6SIC
#
_entry.id   6SIC
#
loop_
_entity.id
_entity.type
_entity.pdbx_description
1 polymer 'CRISPR-associated protein, Cmr5 family'
2 polymer 'CRISPR-associated RAMP protein, Cmr4 family'
3 polymer 'CRISPR-associated protein, Cmr3 family'
4 polymer 'CRISPR-associated RAMP protein, Cmr6 family'
5 polymer 'CRISPR-associated RAMP protein, Cmr1 family'
6 polymer 'CRISPR-associated protein, Cmr2 family'
7 polymer 'CRISPR-associated protein Cmrx'
8 polymer 'Cognate target RNA'
9 polymer crRNA
10 non-polymer 'ZINC ION'
#
loop_
_entity_poly.entity_id
_entity_poly.type
_entity_poly.pdbx_seq_one_letter_code
_entity_poly.pdbx_strand_id
1 'polypeptide(L)'
;MLYEEDYKLALEAFKKVFNALTHYGAKQAFRSRARDLVEEIYNSGFIPTFFYIISKAELNSDSLDSLISLFSSDNAILRG
SDENVSYSAYLFIILYYLIKRGIIEQKFLIQALRCEKTRLDLIDKLYNLAPIISAKIRTYLLAIKRLSEALIEAR
;
A,B,C
2 'polypeptide(L)'
;MPYYAFAEPFFIHAITHLHVGSGSSVEEEIALPFQRDELGYPTIYASSLKGAIKSFLLKEFPDKRDVIYKVLGEDENPEE
ASLGTFLDAILFAIPSRIIEIDSAKPYVWVYVTTYELLKKVKLYLDSISQLSNASFSNLKNKIDTILAKEGKNITLDSDL
KSAILNEDFYVELEALNNKIPSIINAGVPLLVLEDSIGREVINRSLIRVRRIRIDRDKKVVETGGLWSEEYVPMKTIFFS
VLLGKESKESAIFASCILRNLRYVILGGKETIGKGIVELRWVKDVI
;
D,E,F,G
3 'polypeptide(L)'
;MKRVLIKPLEPLMFRSQGEFEPLITGSHTAAQSLIIPRPSTIAGMLGYILFNKSSGTGDWLSDLTNLLATIYGTFIETNG
EYLFPLRMGNHLALVDQQHLINLPTLLEKEYERREKGIYELFYDKNKLFQIINHQDRIGISIDKSTRTVKEHYLYSARYL
AFKKEVNYVIFIDNDAISDKINGKIVNFGGENRIAKLEVDDYKVDTSIEEEYYLALSPILIPDEALDNFLDNISDYVAMG
KVDKISLGFDIANTKRKEMLTAILEGSIVKRSIIDFIKNEIKNDLRYRFSKYEKIGYNTLMSLCKLALRKILS
;
H
4 'polypeptide(L)'
;MAIDFLVNILELIKEKQCNINLFSAISLTSIVYNNFGEFLSNNQSYSTNNPLLKYHIIILNDKNKTKDVEEKRNIFKREV
AELISRNFKLDGEKVRNYFDSLKEVLKSLKYTIVDVEITTRTRALIGVSTSLGKLIFGSGISFDPYMNLPYIPASEIKGI
VRSYIEGKLGEQEAEEIFGNEEREGNVNFTDAYPTRSKDFLFVPDVITPHYNGKKSEADAEPRPVIHLTIAPKVTFRFLI
YYKREDVGKPICDSMPIILIRGLGARSSVGYSLFELRKIEVIKAAAHHHHHHHHHH
;
I
5 'polypeptide(L)'
;MEELLMSLKLKALYPLTGGYNRHSINPFYEELVRPTEIKGLWRWWNRVLFNTLAYSTKGKLYTYESIDRLFEDVFGSENK
KSAVRLEVITDEGNDNRFELSYVELDKVIDCLRNYKRKVSLDFIDNTLIAEIEGSTKIPISFKSNLDIDKIIKDLVHNNK
LLSFELLGFKSVEIDATKISDKKILKEILRDLITNYLEYFNIKQEVTFTLNIYLDKSREHKQNFEDKLKFALYSLLVFIL
LGGIGRKTSRGFGSLSIIDVKCYDNSICKKIEDLAKNFLKISSGNELKSKIESILDCIKNSCIDTLYIENNILSEIDPKK
NVVYFINSDLFEVKRINDKEKVLANIYKAVSSEGCCIKSIITDKYVRKSFLIAFGGYRKVEKDKGLDIGFIKNYLCETCE
TVSSFNIVDFLLSEGSFMSDYILQYEHRNSLLRFKLISDNSNNSYLIGYILHSSYFKKIDIKYVRCILEKLTYCVI
;
J
6 'polypeptide(L)'
;MSIDNVLREFLDYKIIALLHDPPNKAWVITGRARNLTQQLSNIRASRKHEKVAKYIINQLFGKNYSEKVDNADKLASSID
RYLGSIVYKERSLFENRSIFLKNILLSNIQRDIGNLFPKDKSKLDNLILEYKKLLNVINKTNLILKYQLFYLIYELVWID
SKYENTPSDTRNPTHTIFDHLYATAAMMNWILSLEKEAKGYLLGIDTIGVADFISKGRKTRDLWISSYLVSALLWYVITW
FIEEYGPDVILFPSLRFNQFYAFYLLEKLRKEGVSEDVIDEIKELITKYIFNGDDLFENLKIPPYPIIPGRITLILPGLI
REGEEYKKVQDDNCFISKVKERYNEGWRKLIEGLRCYSERKREDGFWNLVCRVLKLTEDLLQTTPLNIRVKQVSVTEDEI
FNNNKLRSDSWKIYDNKYRQLVSEFKKSKLVKVTPESRLKLFELTKFDKLPQIGEKSKRGYEFCTSCGVLPAVVIMPKED
ELEKKLIDLGIARDEKDVRSIKNMISPGERLCPWCLVKRALGAEPRLMRILLLGDLYSVEKIVNEIVSRDVKIEIPSTSD
IASIKTFEEMIEKKNEICEDLKEEEVCEKPSESVLSMWQWFNKNYYNGINLTIDPEEYWFSEKRRRYYFSVFRRHRITFP
SPYYALVRADSDYLGDLLEGKLTPYLAGIIDSGDYANISEKKEEVNKLLEEYLVNAGSGSIVDYVKTVLKCIRENLNKCS
CAEKIYSNEVAKVMFRVNVEKANVEEEVKNSLEYFETILNEGRIIVTPAWHVSISSALNRGLLVELELVNKHKGFVIYAG
GDDLLAMLPVDEVLDFIKESRRAFAGFGTEKLGNMCLENGFVRINNAYYPSLPIVGRSYSVIIAHYADPLFFVINDSYNL
LEEGKEIIRYRVMYNGEYKDAKKDVAIFRYQGLTSVIPLSLKRPIVSSVSDFNEIASIIDVILELKKRIDEGRISVSLLY
DYEKYKHLIVASDEKYLTEFLVKDWIKRNSLRKHVEFTIDEKLYGVRLTIENYPIKIPNDLISNIVYTLRIIYGGEK
;
K
7 'polypeptide(L)'
;MSTQREYVFIPITNSITIDVKITIGGSDHITNIDERGIHNVLVITGYAVDEKNGRLVPTLDPCDYVKGILVAGTPQQAQS
NDFLTLKLPANKLYLIRKKGNISDDLKIYIPYSSPDARNSMKTKPVSISDDTIVNNIIKEVFDKIYNITQKEKVKIEKVK
EDIKELFSYYALEQ
;
L,M,N,O,P,Q,R,S,T,W,l,m,n,o,p,q,r,s,t,w,X,x
8 'polyribonucleotide' UGUUAAGUCUGGUUUCCCUCCAGGGUAUCUAAGCUUUGAAAAAAAA U
9 'polyribonucleotide' AUUGAAAGUUCAAAGCUUAGAUACCCUGGAGGGAAACCAGACUUAACACCA V
#
loop_
_chem_comp.id
_chem_comp.type
_chem_comp.name
_chem_comp.formula
A RNA linking ADENOSINE-5'-MONOPHOSPHATE 'C10 H14 N5 O7 P'
C RNA linking CYTIDINE-5'-MONOPHOSPHATE 'C9 H14 N3 O8 P'
G RNA linking GUANOSINE-5'-MONOPHOSPHATE 'C10 H14 N5 O8 P'
U RNA linking URIDINE-5'-MONOPHOSPHATE 'C9 H13 N2 O9 P'
ZN non-polymer 'ZINC ION' 'Zn 2'
#
# COMPACT_ATOMS: atom_id res chain seq x y z
N TYR A 3 17.32 0.04 -4.17
CA TYR A 3 17.98 -1.12 -3.58
C TYR A 3 17.27 -1.56 -2.30
N GLU A 4 16.54 -2.67 -2.37
CA GLU A 4 15.73 -3.16 -1.26
C GLU A 4 16.38 -4.41 -0.71
N GLU A 5 17.14 -4.27 0.37
CA GLU A 5 17.83 -5.43 0.92
C GLU A 5 16.96 -6.26 1.84
N ASP A 6 15.67 -5.96 1.94
CA ASP A 6 14.80 -6.79 2.73
C ASP A 6 14.10 -7.85 1.89
N TYR A 7 13.89 -7.59 0.61
CA TYR A 7 13.14 -8.55 -0.17
C TYR A 7 13.97 -9.77 -0.51
N LYS A 8 15.28 -9.61 -0.59
CA LYS A 8 16.14 -10.78 -0.71
C LYS A 8 16.11 -11.62 0.55
N LEU A 9 16.18 -10.96 1.70
CA LEU A 9 16.04 -11.63 2.98
C LEU A 9 14.67 -12.29 3.11
N ALA A 10 13.66 -11.67 2.51
CA ALA A 10 12.34 -12.28 2.51
C ALA A 10 12.27 -13.49 1.61
N LEU A 11 13.08 -13.52 0.55
CA LEU A 11 13.09 -14.70 -0.30
C LEU A 11 13.77 -15.87 0.37
N GLU A 12 14.91 -15.64 1.01
CA GLU A 12 15.63 -16.74 1.60
C GLU A 12 14.94 -17.22 2.86
N ALA A 13 14.16 -16.37 3.51
CA ALA A 13 13.37 -16.82 4.64
C ALA A 13 12.17 -17.62 4.18
N PHE A 14 11.56 -17.21 3.09
CA PHE A 14 10.38 -17.94 2.64
C PHE A 14 10.77 -19.22 1.94
N LYS A 15 11.99 -19.28 1.41
CA LYS A 15 12.48 -20.52 0.80
C LYS A 15 12.68 -21.59 1.85
N LYS A 16 13.03 -21.20 3.07
CA LYS A 16 13.24 -22.17 4.12
C LYS A 16 11.91 -22.72 4.61
N VAL A 17 10.93 -21.86 4.84
CA VAL A 17 9.67 -22.36 5.37
C VAL A 17 8.81 -23.00 4.30
N PHE A 18 9.08 -22.72 3.03
CA PHE A 18 8.29 -23.41 2.01
C PHE A 18 8.73 -24.85 1.85
N ASN A 19 9.99 -25.14 2.14
CA ASN A 19 10.42 -26.53 2.13
C ASN A 19 10.17 -27.19 3.48
N ALA A 20 10.04 -26.41 4.53
CA ALA A 20 9.84 -26.97 5.85
C ALA A 20 8.37 -27.17 6.20
N LEU A 21 7.46 -26.91 5.28
CA LEU A 21 6.07 -27.32 5.43
C LEU A 21 5.82 -28.44 4.44
N THR A 22 5.39 -29.60 4.93
CA THR A 22 5.28 -30.76 4.07
C THR A 22 3.84 -31.10 3.71
N HIS A 23 2.98 -31.28 4.70
CA HIS A 23 1.57 -31.40 4.39
C HIS A 23 1.08 -30.09 3.81
N TYR A 24 0.43 -30.17 2.65
CA TYR A 24 0.11 -28.97 1.90
C TYR A 24 -0.96 -28.15 2.58
N GLY A 25 -1.72 -28.77 3.48
CA GLY A 25 -2.64 -28.02 4.31
C GLY A 25 -1.93 -27.06 5.25
N ALA A 26 -0.69 -27.35 5.61
CA ALA A 26 0.05 -26.43 6.45
C ALA A 26 0.51 -25.22 5.64
N LYS A 27 0.74 -25.41 4.34
CA LYS A 27 1.09 -24.27 3.50
C LYS A 27 -0.11 -23.36 3.33
N GLN A 28 -1.30 -23.94 3.18
CA GLN A 28 -2.50 -23.14 3.09
C GLN A 28 -2.80 -22.46 4.42
N ALA A 29 -2.32 -23.04 5.51
CA ALA A 29 -2.44 -22.35 6.78
C ALA A 29 -1.49 -21.18 6.87
N PHE A 30 -0.25 -21.36 6.41
CA PHE A 30 0.75 -20.30 6.50
C PHE A 30 0.42 -19.15 5.57
N ARG A 31 -0.35 -19.42 4.52
CA ARG A 31 -0.84 -18.35 3.67
C ARG A 31 -1.68 -17.37 4.45
N SER A 32 -2.65 -17.87 5.20
CA SER A 32 -3.55 -16.99 5.92
C SER A 32 -2.87 -16.31 7.09
N ARG A 33 -1.82 -16.93 7.64
CA ARG A 33 -1.13 -16.31 8.76
C ARG A 33 -0.27 -15.15 8.31
N ALA A 34 0.16 -15.18 7.06
CA ALA A 34 0.98 -14.09 6.55
C ALA A 34 0.12 -12.90 6.18
N ARG A 35 -1.07 -13.15 5.63
CA ARG A 35 -1.94 -12.06 5.20
C ARG A 35 -2.51 -11.33 6.39
N ASP A 36 -2.70 -12.03 7.49
CA ASP A 36 -3.55 -11.47 8.52
C ASP A 36 -2.72 -10.81 9.60
N LEU A 37 -1.50 -11.28 9.83
CA LEU A 37 -0.74 -10.79 10.97
C LEU A 37 0.15 -9.61 10.63
N VAL A 38 0.39 -9.33 9.35
CA VAL A 38 1.15 -8.15 8.99
C VAL A 38 0.28 -6.91 9.12
N GLU A 39 -1.04 -7.08 9.00
CA GLU A 39 -1.93 -5.98 9.30
C GLU A 39 -2.01 -5.73 10.80
N GLU A 40 -2.12 -6.79 11.60
CA GLU A 40 -2.30 -6.64 13.04
C GLU A 40 -1.03 -6.10 13.69
N ILE A 41 0.12 -6.34 13.08
CA ILE A 41 1.35 -5.81 13.63
C ILE A 41 1.49 -4.35 13.26
N TYR A 42 0.71 -3.89 12.27
CA TYR A 42 0.69 -2.48 11.96
C TYR A 42 -0.20 -1.73 12.94
N ASN A 43 -1.38 -2.28 13.22
CA ASN A 43 -2.34 -1.58 14.05
C ASN A 43 -1.92 -1.58 15.51
N SER A 44 -1.74 -2.76 16.08
CA SER A 44 -1.54 -2.89 17.51
C SER A 44 -0.09 -2.77 17.93
N GLY A 45 0.84 -2.79 17.01
CA GLY A 45 2.24 -2.75 17.36
C GLY A 45 2.84 -4.14 17.34
N PHE A 46 4.01 -4.24 17.96
CA PHE A 46 4.74 -5.48 17.84
C PHE A 46 4.40 -6.46 18.96
N ILE A 47 4.64 -6.08 20.21
CA ILE A 47 4.46 -6.97 21.35
C ILE A 47 3.01 -7.46 21.53
N PRO A 48 1.96 -6.67 21.26
CA PRO A 48 0.63 -7.30 21.20
C PRO A 48 0.49 -8.33 20.10
N THR A 49 1.16 -8.17 18.97
CA THR A 49 1.09 -9.21 17.98
C THR A 49 2.01 -10.36 18.33
N PHE A 50 3.17 -10.05 18.87
CA PHE A 50 4.16 -11.08 19.14
C PHE A 50 3.74 -11.98 20.30
N PHE A 51 2.99 -11.44 21.26
CA PHE A 51 2.40 -12.31 22.28
C PHE A 51 1.38 -13.24 21.68
N TYR A 52 0.68 -12.79 20.64
CA TYR A 52 -0.39 -13.59 20.08
C TYR A 52 0.15 -14.75 19.28
N ILE A 53 1.28 -14.54 18.61
CA ILE A 53 1.83 -15.61 17.76
C ILE A 53 2.40 -16.71 18.61
N ILE A 54 3.15 -16.36 19.66
CA ILE A 54 3.73 -17.40 20.49
C ILE A 54 2.68 -18.08 21.33
N SER A 55 1.54 -17.42 21.54
CA SER A 55 0.45 -18.09 22.24
C SER A 55 -0.12 -19.20 21.39
N LYS A 56 -0.28 -18.96 20.11
CA LYS A 56 -0.80 -19.99 19.22
C LYS A 56 0.29 -20.82 18.60
N ALA A 57 1.52 -20.68 19.06
CA ALA A 57 2.61 -21.51 18.59
C ALA A 57 2.74 -22.80 19.37
N GLU A 58 2.46 -22.77 20.68
CA GLU A 58 2.66 -23.89 21.60
C GLU A 58 4.06 -24.46 21.51
N LEU A 59 5.02 -23.66 21.96
CA LEU A 59 6.41 -24.07 22.03
C LEU A 59 6.55 -25.29 22.91
N ASN A 60 7.42 -26.21 22.51
CA ASN A 60 7.70 -27.37 23.32
C ASN A 60 9.12 -27.82 23.02
N SER A 61 9.42 -29.07 23.37
CA SER A 61 10.67 -29.66 22.93
C SER A 61 10.67 -29.95 21.44
N ASP A 62 9.52 -30.27 20.86
CA ASP A 62 9.49 -30.70 19.47
C ASP A 62 9.50 -29.50 18.54
N SER A 63 8.70 -28.47 18.84
CA SER A 63 8.63 -27.31 17.97
C SER A 63 9.94 -26.55 17.94
N LEU A 64 10.55 -26.35 19.10
CA LEU A 64 11.74 -25.53 19.17
C LEU A 64 12.95 -26.22 18.57
N ASP A 65 13.06 -27.54 18.77
CA ASP A 65 14.24 -28.20 18.26
C ASP A 65 14.03 -28.66 16.83
N SER A 66 12.80 -28.58 16.33
CA SER A 66 12.64 -28.52 14.89
C SER A 66 13.12 -27.18 14.38
N LEU A 67 12.98 -26.14 15.21
CA LEU A 67 13.12 -24.78 14.70
C LEU A 67 14.56 -24.33 14.73
N ILE A 68 15.32 -24.73 15.75
CA ILE A 68 16.72 -24.35 15.84
C ILE A 68 17.51 -25.00 14.73
N SER A 69 17.14 -26.23 14.39
CA SER A 69 17.66 -26.87 13.20
C SER A 69 17.30 -26.10 11.94
N LEU A 70 16.13 -25.47 11.94
CA LEU A 70 15.62 -24.89 10.69
C LEU A 70 16.39 -23.64 10.31
N PHE A 71 17.09 -23.02 11.26
CA PHE A 71 18.01 -21.94 10.92
C PHE A 71 19.15 -22.43 10.04
N SER A 72 19.59 -23.66 10.21
CA SER A 72 20.82 -24.09 9.55
C SER A 72 20.77 -25.50 8.97
N SER A 73 19.60 -26.04 8.66
CA SER A 73 19.58 -27.36 8.05
C SER A 73 19.02 -27.33 6.65
N ASP A 74 17.93 -26.58 6.48
CA ASP A 74 17.14 -26.38 5.27
C ASP A 74 16.40 -27.64 4.82
N ASN A 75 16.58 -28.78 5.49
CA ASN A 75 15.71 -29.93 5.32
C ASN A 75 14.95 -30.28 6.58
N ALA A 76 15.01 -29.44 7.60
CA ALA A 76 14.21 -29.64 8.79
C ALA A 76 12.73 -29.50 8.45
N ILE A 77 11.90 -30.25 9.17
CA ILE A 77 10.48 -30.36 8.86
C ILE A 77 9.72 -29.88 10.07
N LEU A 78 8.66 -29.10 9.85
CA LEU A 78 7.76 -28.76 10.93
C LEU A 78 6.58 -29.73 10.93
N ARG A 79 6.47 -30.49 12.01
CA ARG A 79 5.42 -31.48 12.20
C ARG A 79 4.60 -31.13 13.44
N GLY A 80 3.31 -31.34 13.34
CA GLY A 80 2.36 -30.99 14.37
C GLY A 80 1.03 -30.74 13.73
N SER A 81 0.09 -30.23 14.52
CA SER A 81 -1.19 -29.83 13.94
C SER A 81 -1.00 -28.62 13.04
N ASP A 82 -1.86 -28.51 12.05
CA ASP A 82 -1.57 -27.63 10.93
C ASP A 82 -1.77 -26.17 11.28
N GLU A 83 -2.46 -25.90 12.40
CA GLU A 83 -2.61 -24.52 12.84
C GLU A 83 -1.45 -24.12 13.73
N ASN A 84 -0.91 -25.07 14.49
CA ASN A 84 0.18 -24.72 15.39
C ASN A 84 1.50 -24.62 14.64
N VAL A 85 1.58 -25.20 13.45
CA VAL A 85 2.85 -25.10 12.76
C VAL A 85 2.91 -23.82 11.92
N SER A 86 1.76 -23.31 11.48
CA SER A 86 1.78 -22.08 10.71
C SER A 86 2.04 -20.88 11.61
N TYR A 87 1.64 -20.96 12.87
CA TYR A 87 2.13 -19.97 13.81
C TYR A 87 3.58 -20.23 14.16
N SER A 88 4.01 -21.49 14.11
CA SER A 88 5.41 -21.79 14.36
C SER A 88 6.29 -21.37 13.21
N ALA A 89 5.82 -21.57 11.98
CA ALA A 89 6.59 -21.13 10.83
C ALA A 89 6.64 -19.62 10.77
N TYR A 90 5.56 -18.95 11.15
CA TYR A 90 5.58 -17.50 11.07
C TYR A 90 6.37 -16.91 12.22
N LEU A 91 6.50 -17.65 13.32
CA LEU A 91 7.42 -17.20 14.36
C LEU A 91 8.85 -17.33 13.89
N PHE A 92 9.13 -18.28 12.99
CA PHE A 92 10.45 -18.37 12.42
C PHE A 92 10.73 -17.19 11.50
N ILE A 93 9.71 -16.74 10.77
CA ILE A 93 9.87 -15.63 9.83
C ILE A 93 10.25 -14.36 10.56
N ILE A 94 9.68 -14.17 11.75
CA ILE A 94 10.11 -13.05 12.59
C ILE A 94 11.52 -13.29 13.10
N LEU A 95 11.79 -14.50 13.59
CA LEU A 95 13.09 -14.73 14.22
C LEU A 95 14.20 -14.86 13.19
N TYR A 96 13.86 -15.13 11.94
CA TYR A 96 14.89 -15.14 10.92
C TYR A 96 15.33 -13.72 10.64
N TYR A 97 14.41 -12.77 10.75
CA TYR A 97 14.76 -11.38 10.58
C TYR A 97 15.60 -10.86 11.72
N LEU A 98 15.35 -11.35 12.92
CA LEU A 98 15.99 -10.74 14.08
C LEU A 98 17.44 -11.17 14.21
N ILE A 99 17.78 -12.33 13.66
CA ILE A 99 19.19 -12.71 13.59
C ILE A 99 19.91 -11.80 12.62
N LYS A 100 19.28 -11.56 11.47
CA LYS A 100 19.81 -10.59 10.52
C LYS A 100 19.63 -9.18 11.05
N ARG A 101 20.23 -8.21 10.37
CA ARG A 101 20.20 -6.79 10.70
C ARG A 101 20.84 -6.44 12.04
N GLY A 102 21.36 -7.42 12.77
CA GLY A 102 22.07 -7.17 14.00
C GLY A 102 21.16 -6.82 15.16
N ILE A 103 19.89 -7.19 15.05
CA ILE A 103 18.94 -6.82 16.09
C ILE A 103 19.12 -7.73 17.30
N ILE A 104 19.18 -9.04 17.06
CA ILE A 104 19.41 -10.03 18.10
C ILE A 104 20.65 -10.81 17.71
N GLU A 105 21.56 -11.01 18.66
CA GLU A 105 22.70 -11.88 18.43
C GLU A 105 22.22 -13.32 18.36
N GLN A 106 22.74 -14.09 17.39
CA GLN A 106 22.21 -15.42 17.13
C GLN A 106 22.45 -16.37 18.29
N LYS A 107 23.63 -16.30 18.88
CA LYS A 107 23.99 -17.28 19.88
C LYS A 107 23.25 -17.04 21.19
N PHE A 108 22.66 -15.86 21.36
CA PHE A 108 21.73 -15.64 22.46
C PHE A 108 20.40 -16.33 22.20
N LEU A 109 19.84 -16.11 21.02
CA LEU A 109 18.53 -16.65 20.67
C LEU A 109 18.55 -18.17 20.62
N ILE A 110 19.67 -18.75 20.23
CA ILE A 110 19.76 -20.20 20.18
C ILE A 110 19.99 -20.75 21.57
N GLN A 111 20.65 -19.99 22.43
CA GLN A 111 20.70 -20.35 23.84
C GLN A 111 19.42 -19.95 24.55
N ALA A 112 18.54 -19.20 23.88
CA ALA A 112 17.24 -18.88 24.44
C ALA A 112 16.20 -19.94 24.14
N LEU A 113 16.19 -20.46 22.91
CA LEU A 113 15.15 -21.40 22.53
C LEU A 113 15.29 -22.74 23.22
N ARG A 114 16.49 -23.10 23.65
CA ARG A 114 16.66 -24.32 24.43
C ARG A 114 16.07 -24.15 25.82
N CYS A 115 16.64 -23.23 26.59
CA CYS A 115 16.35 -23.14 28.01
C CYS A 115 15.03 -22.42 28.22
N GLU A 116 14.16 -23.01 29.03
CA GLU A 116 12.84 -22.41 29.25
C GLU A 116 12.93 -21.13 30.05
N LYS A 117 13.96 -20.97 30.85
CA LYS A 117 14.12 -19.79 31.66
C LYS A 117 14.63 -18.62 30.85
N THR A 118 15.29 -18.91 29.74
CA THR A 118 15.81 -17.87 28.89
C THR A 118 14.75 -17.36 27.91
N ARG A 119 13.69 -18.14 27.66
CA ARG A 119 12.59 -17.64 26.85
C ARG A 119 11.86 -16.49 27.51
N LEU A 120 11.95 -16.39 28.83
CA LEU A 120 11.49 -15.19 29.50
C LEU A 120 12.37 -14.00 29.16
N ASP A 121 13.69 -14.18 29.21
CA ASP A 121 14.59 -13.05 28.95
C ASP A 121 14.67 -12.75 27.46
N LEU A 122 14.29 -13.70 26.62
CA LEU A 122 14.16 -13.40 25.20
C LEU A 122 13.07 -12.39 24.96
N ILE A 123 11.88 -12.65 25.51
CA ILE A 123 10.73 -11.80 25.24
C ILE A 123 10.90 -10.46 25.94
N ASP A 124 11.55 -10.46 27.09
CA ASP A 124 11.85 -9.22 27.77
C ASP A 124 12.88 -8.40 27.00
N LYS A 125 13.76 -9.08 26.26
CA LYS A 125 14.69 -8.36 25.41
C LYS A 125 13.99 -7.83 24.17
N LEU A 126 13.12 -8.66 23.57
CA LEU A 126 12.35 -8.21 22.42
C LEU A 126 11.31 -7.16 22.80
N TYR A 127 11.01 -7.06 24.09
CA TYR A 127 10.13 -5.99 24.52
C TYR A 127 10.83 -4.64 24.44
N ASN A 128 12.07 -4.55 24.89
CA ASN A 128 12.75 -3.26 24.92
C ASN A 128 13.11 -2.80 23.52
N LEU A 129 13.39 -3.74 22.63
CA LEU A 129 13.73 -3.41 21.27
C LEU A 129 12.52 -3.35 20.35
N ALA A 130 11.32 -3.27 20.91
CA ALA A 130 10.12 -3.29 20.09
C ALA A 130 9.92 -2.10 19.15
N PRO A 131 10.08 -0.82 19.54
CA PRO A 131 9.83 0.24 18.55
C PRO A 131 10.89 0.31 17.45
N ILE A 132 12.04 -0.30 17.66
CA ILE A 132 12.99 -0.50 16.57
C ILE A 132 12.44 -1.50 15.58
N ILE A 133 11.97 -2.65 16.08
CA ILE A 133 11.54 -3.73 15.21
C ILE A 133 10.19 -3.39 14.60
N SER A 134 9.46 -2.48 15.24
CA SER A 134 8.11 -2.17 14.79
C SER A 134 8.09 -1.50 13.42
N ALA A 135 9.14 -0.75 13.10
CA ALA A 135 9.14 -0.06 11.83
C ALA A 135 10.09 -0.72 10.84
N LYS A 136 10.92 -1.65 11.32
CA LYS A 136 11.78 -2.38 10.40
C LYS A 136 11.01 -3.39 9.58
N ILE A 137 10.14 -4.16 10.22
CA ILE A 137 9.56 -5.31 9.53
C ILE A 137 8.24 -4.94 8.87
N ARG A 138 7.99 -3.65 8.69
CA ARG A 138 6.82 -3.24 7.94
C ARG A 138 6.97 -3.59 6.47
N THR A 139 8.21 -3.67 5.99
CA THR A 139 8.44 -3.95 4.58
C THR A 139 8.78 -5.41 4.37
N TYR A 140 9.53 -5.99 5.30
CA TYR A 140 9.90 -7.40 5.22
C TYR A 140 8.68 -8.30 5.31
N LEU A 141 7.80 -8.04 6.26
CA LEU A 141 6.61 -8.88 6.36
C LEU A 141 5.57 -8.52 5.33
N LEU A 142 5.71 -7.36 4.70
CA LEU A 142 4.87 -7.08 3.54
C LEU A 142 5.30 -7.95 2.37
N ALA A 143 6.59 -8.26 2.29
CA ALA A 143 7.08 -9.11 1.22
C ALA A 143 6.67 -10.56 1.43
N ILE A 144 6.75 -11.04 2.66
CA ILE A 144 6.32 -12.40 3.00
C ILE A 144 4.85 -12.58 2.70
N LYS A 145 4.07 -11.54 2.94
CA LYS A 145 2.67 -11.53 2.50
C LYS A 145 2.56 -11.68 1.00
N ARG A 146 3.39 -10.97 0.25
CA ARG A 146 3.22 -10.99 -1.20
C ARG A 146 3.76 -12.29 -1.79
N LEU A 147 4.75 -12.89 -1.14
CA LEU A 147 5.19 -14.20 -1.58
C LEU A 147 4.15 -15.28 -1.28
N SER A 148 3.49 -15.17 -0.13
CA SER A 148 2.61 -16.23 0.34
C SER A 148 1.38 -16.35 -0.52
N GLU A 149 0.77 -15.22 -0.87
CA GLU A 149 -0.36 -15.31 -1.77
C GLU A 149 0.04 -15.33 -3.24
N ALA A 150 1.31 -15.53 -3.55
CA ALA A 150 1.70 -15.78 -4.92
C ALA A 150 1.93 -17.26 -5.17
N LEU A 151 2.68 -17.91 -4.29
CA LEU A 151 3.08 -19.29 -4.50
C LEU A 151 2.03 -20.27 -4.01
N ILE A 152 1.59 -20.12 -2.80
CA ILE A 152 0.67 -21.05 -2.17
C ILE A 152 -0.72 -20.84 -2.72
N GLU A 153 -1.33 -21.91 -3.20
CA GLU A 153 -2.72 -21.87 -3.63
C GLU A 153 -3.60 -21.99 -2.39
N ALA A 154 -4.76 -21.35 -2.42
CA ALA A 154 -5.61 -21.30 -1.25
C ALA A 154 -6.73 -22.32 -1.34
N ARG A 155 -7.46 -22.46 -0.23
CA ARG A 155 -8.66 -23.25 -0.20
C ARG A 155 -9.78 -22.49 -0.89
N LEU B 2 19.56 3.72 -27.13
CA LEU B 2 18.65 3.61 -28.26
C LEU B 2 17.89 2.30 -28.15
N TYR B 3 16.69 2.38 -27.58
CA TYR B 3 15.82 1.22 -27.43
C TYR B 3 14.72 1.30 -28.45
N GLU B 4 15.06 1.80 -29.62
CA GLU B 4 14.08 2.20 -30.62
C GLU B 4 13.63 1.03 -31.48
N GLU B 5 13.93 -0.20 -31.05
CA GLU B 5 13.33 -1.38 -31.64
C GLU B 5 12.17 -1.89 -30.82
N ASP B 6 12.05 -1.45 -29.56
CA ASP B 6 11.14 -2.05 -28.60
C ASP B 6 9.69 -1.80 -28.95
N TYR B 7 9.44 -0.76 -29.74
CA TYR B 7 8.08 -0.48 -30.19
C TYR B 7 7.61 -1.56 -31.14
N LYS B 8 8.54 -2.14 -31.91
CA LYS B 8 8.21 -3.30 -32.73
C LYS B 8 8.02 -4.52 -31.87
N LEU B 9 8.77 -4.60 -30.78
CA LEU B 9 8.63 -5.73 -29.86
C LEU B 9 7.33 -5.64 -29.08
N ALA B 10 6.93 -4.44 -28.69
CA ALA B 10 5.71 -4.27 -27.92
C ALA B 10 4.48 -4.54 -28.76
N LEU B 11 4.59 -4.34 -30.08
CA LEU B 11 3.45 -4.58 -30.94
C LEU B 11 3.26 -6.06 -31.22
N GLU B 12 4.32 -6.85 -31.11
CA GLU B 12 4.13 -8.28 -31.23
C GLU B 12 3.88 -8.90 -29.87
N ALA B 13 4.05 -8.10 -28.81
CA ALA B 13 3.73 -8.60 -27.48
C ALA B 13 2.28 -8.33 -27.15
N PHE B 14 1.82 -7.11 -27.40
CA PHE B 14 0.43 -6.76 -27.11
C PHE B 14 -0.53 -7.55 -27.98
N LYS B 15 -0.12 -7.86 -29.20
CA LYS B 15 -0.97 -8.60 -30.12
C LYS B 15 -1.14 -10.05 -29.66
N LYS B 16 -0.20 -10.54 -28.86
CA LYS B 16 -0.37 -11.85 -28.25
C LYS B 16 -1.46 -11.83 -27.20
N VAL B 17 -1.34 -10.95 -26.21
CA VAL B 17 -2.32 -10.93 -25.14
C VAL B 17 -3.65 -10.36 -25.60
N PHE B 18 -3.69 -9.69 -26.74
CA PHE B 18 -4.98 -9.23 -27.22
C PHE B 18 -5.82 -10.35 -27.79
N ASN B 19 -5.20 -11.32 -28.46
CA ASN B 19 -5.95 -12.47 -28.94
C ASN B 19 -6.03 -13.58 -27.92
N ALA B 20 -5.34 -13.43 -26.78
CA ALA B 20 -5.35 -14.49 -25.78
C ALA B 20 -6.42 -14.26 -24.73
N LEU B 21 -6.74 -13.01 -24.43
CA LEU B 21 -7.81 -12.72 -23.50
C LEU B 21 -9.13 -12.71 -24.27
N THR B 22 -10.05 -13.58 -23.88
CA THR B 22 -11.25 -13.77 -24.69
C THR B 22 -12.37 -12.80 -24.38
N HIS B 23 -12.93 -12.83 -23.19
CA HIS B 23 -14.06 -11.98 -22.85
C HIS B 23 -13.57 -10.54 -22.75
N TYR B 24 -14.44 -9.60 -23.13
CA TYR B 24 -14.00 -8.22 -23.20
C TYR B 24 -13.82 -7.62 -21.82
N GLY B 25 -14.36 -8.26 -20.80
CA GLY B 25 -14.03 -7.90 -19.44
C GLY B 25 -12.61 -8.24 -19.05
N ALA B 26 -11.92 -9.06 -19.86
CA ALA B 26 -10.51 -9.29 -19.60
C ALA B 26 -9.64 -8.25 -20.27
N LYS B 27 -10.07 -7.74 -21.42
CA LYS B 27 -9.29 -6.70 -22.09
C LYS B 27 -9.42 -5.37 -21.37
N GLN B 28 -10.60 -5.10 -20.81
CA GLN B 28 -10.78 -3.89 -20.04
C GLN B 28 -9.97 -3.94 -18.76
N ALA B 29 -9.93 -5.09 -18.11
CA ALA B 29 -9.24 -5.21 -16.83
C ALA B 29 -7.73 -5.16 -17.03
N PHE B 30 -7.25 -5.66 -18.17
CA PHE B 30 -5.84 -5.55 -18.50
C PHE B 30 -5.44 -4.12 -18.75
N ARG B 31 -6.37 -3.34 -19.32
CA ARG B 31 -6.13 -1.94 -19.60
C ARG B 31 -5.83 -1.18 -18.33
N SER B 32 -6.54 -1.50 -17.25
CA SER B 32 -6.32 -0.84 -15.98
C SER B 32 -5.00 -1.26 -15.35
N ARG B 33 -4.44 -2.38 -15.79
CA ARG B 33 -3.14 -2.78 -15.26
C ARG B 33 -2.04 -1.95 -15.88
N ALA B 34 -2.03 -1.83 -17.22
CA ALA B 34 -0.91 -1.22 -17.91
C ALA B 34 -0.88 0.28 -17.74
N ARG B 35 -2.00 0.87 -17.34
CA ARG B 35 -2.05 2.29 -17.06
C ARG B 35 -1.72 2.63 -15.63
N ASP B 36 -1.48 1.62 -14.80
CA ASP B 36 -1.32 1.85 -13.38
C ASP B 36 -0.02 1.29 -12.83
N LEU B 37 0.45 0.17 -13.37
CA LEU B 37 1.62 -0.46 -12.81
C LEU B 37 2.92 0.16 -13.30
N VAL B 38 2.94 0.74 -14.49
CA VAL B 38 4.15 1.38 -14.99
C VAL B 38 4.46 2.63 -14.17
N GLU B 39 3.42 3.28 -13.63
CA GLU B 39 3.63 4.31 -12.62
C GLU B 39 4.23 3.68 -11.38
N GLU B 40 3.76 2.48 -11.03
CA GLU B 40 4.09 1.93 -9.72
C GLU B 40 5.51 1.39 -9.70
N ILE B 41 6.06 1.04 -10.86
CA ILE B 41 7.47 0.65 -10.90
C ILE B 41 8.36 1.83 -10.62
N TYR B 42 8.12 2.93 -11.32
CA TYR B 42 9.02 4.05 -11.25
C TYR B 42 8.68 5.02 -10.14
N ASN B 43 7.91 4.58 -9.14
CA ASN B 43 7.90 5.24 -7.86
C ASN B 43 8.33 4.32 -6.74
N SER B 44 7.84 3.09 -6.72
CA SER B 44 8.03 2.20 -5.61
C SER B 44 9.23 1.30 -5.76
N GLY B 45 9.89 1.31 -6.90
CA GLY B 45 10.88 0.31 -7.25
C GLY B 45 10.28 -0.73 -8.17
N PHE B 46 11.17 -1.54 -8.75
CA PHE B 46 10.67 -2.61 -9.62
C PHE B 46 10.28 -3.82 -8.80
N ILE B 47 11.07 -4.16 -7.79
CA ILE B 47 10.82 -5.37 -7.01
C ILE B 47 9.59 -5.22 -6.12
N PRO B 48 9.32 -4.10 -5.43
CA PRO B 48 8.01 -3.99 -4.78
C PRO B 48 6.83 -4.00 -5.72
N THR B 49 7.02 -3.59 -6.97
CA THR B 49 5.93 -3.78 -7.91
C THR B 49 5.80 -5.22 -8.31
N PHE B 50 6.92 -5.90 -8.52
CA PHE B 50 6.88 -7.22 -9.14
C PHE B 50 6.29 -8.26 -8.21
N PHE B 51 6.52 -8.14 -6.91
CA PHE B 51 5.81 -8.98 -5.95
C PHE B 51 4.32 -8.71 -6.00
N TYR B 52 3.96 -7.44 -6.13
CA TYR B 52 2.56 -7.06 -6.13
C TYR B 52 1.86 -7.58 -7.37
N ILE B 53 2.61 -7.86 -8.43
CA ILE B 53 2.01 -8.41 -9.62
C ILE B 53 1.81 -9.91 -9.47
N ILE B 54 2.84 -10.62 -9.01
CA ILE B 54 2.74 -12.07 -8.97
C ILE B 54 1.84 -12.52 -7.84
N SER B 55 1.67 -11.70 -6.81
CA SER B 55 0.71 -12.03 -5.77
C SER B 55 -0.70 -11.87 -6.28
N LYS B 56 -0.98 -10.78 -6.98
CA LYS B 56 -2.28 -10.57 -7.57
C LYS B 56 -2.53 -11.43 -8.80
N ALA B 57 -1.51 -12.12 -9.31
CA ALA B 57 -1.72 -13.05 -10.41
C ALA B 57 -1.80 -14.49 -9.95
N GLU B 58 -1.21 -14.81 -8.79
CA GLU B 58 -1.19 -16.11 -8.12
C GLU B 58 -0.86 -17.26 -9.05
N LEU B 59 0.42 -17.34 -9.42
CA LEU B 59 0.95 -18.37 -10.32
C LEU B 59 0.65 -19.77 -9.82
N ASN B 60 -0.24 -20.46 -10.51
CA ASN B 60 -0.59 -21.83 -10.18
C ASN B 60 -0.39 -22.69 -11.40
N SER B 61 -0.36 -24.01 -11.18
CA SER B 61 0.07 -24.96 -12.20
C SER B 61 -0.86 -24.99 -13.40
N ASP B 62 -2.10 -24.53 -13.22
CA ASP B 62 -2.95 -24.17 -14.35
C ASP B 62 -2.31 -23.08 -15.21
N SER B 63 -2.13 -21.90 -14.65
CA SER B 63 -1.87 -20.72 -15.48
C SER B 63 -0.40 -20.62 -15.87
N LEU B 64 0.45 -21.44 -15.26
CA LEU B 64 1.87 -21.41 -15.59
C LEU B 64 2.13 -21.94 -17.00
N ASP B 65 1.43 -23.00 -17.40
CA ASP B 65 1.59 -23.48 -18.77
C ASP B 65 0.95 -22.50 -19.74
N SER B 66 -0.10 -21.81 -19.30
CA SER B 66 -0.83 -20.94 -20.19
C SER B 66 -0.06 -19.68 -20.52
N LEU B 67 1.02 -19.41 -19.78
CA LEU B 67 2.02 -18.46 -20.26
C LEU B 67 2.97 -19.12 -21.23
N ILE B 68 3.45 -20.32 -20.90
CA ILE B 68 4.47 -21.00 -21.70
C ILE B 68 3.87 -21.42 -23.04
N SER B 69 2.59 -21.74 -23.05
CA SER B 69 1.88 -21.89 -24.32
C SER B 69 1.78 -20.55 -25.04
N LEU B 70 1.64 -19.46 -24.29
CA LEU B 70 1.41 -18.16 -24.92
C LEU B 70 2.71 -17.62 -25.50
N PHE B 71 3.85 -18.03 -24.93
CA PHE B 71 5.13 -17.76 -25.56
C PHE B 71 5.27 -18.43 -26.92
N SER B 72 4.53 -19.52 -27.15
CA SER B 72 4.75 -20.41 -28.27
C SER B 72 3.65 -20.35 -29.31
N SER B 73 2.41 -20.58 -28.90
CA SER B 73 1.34 -20.83 -29.85
C SER B 73 0.78 -19.54 -30.43
N ASP B 74 0.73 -18.50 -29.58
CA ASP B 74 -0.12 -17.27 -29.68
C ASP B 74 -1.47 -17.52 -30.37
N ASN B 75 -2.12 -18.60 -29.94
CA ASN B 75 -3.55 -18.84 -30.08
C ASN B 75 -4.06 -19.44 -28.77
N ALA B 76 -3.19 -19.47 -27.77
CA ALA B 76 -3.52 -19.90 -26.43
C ALA B 76 -4.38 -18.85 -25.75
N ILE B 77 -5.05 -19.26 -24.68
CA ILE B 77 -6.10 -18.46 -24.06
C ILE B 77 -5.92 -18.51 -22.56
N LEU B 78 -5.92 -17.35 -21.93
CA LEU B 78 -5.87 -17.22 -20.48
C LEU B 78 -7.30 -17.07 -19.97
N ARG B 79 -7.74 -18.01 -19.14
CA ARG B 79 -9.01 -17.86 -18.45
C ARG B 79 -8.74 -17.92 -16.95
N GLY B 80 -9.76 -17.72 -16.13
CA GLY B 80 -9.44 -17.70 -14.72
C GLY B 80 -9.65 -16.44 -13.89
N SER B 81 -10.83 -15.80 -13.97
CA SER B 81 -11.25 -14.74 -13.05
C SER B 81 -10.41 -13.48 -13.14
N ASP B 82 -10.69 -12.67 -14.17
CA ASP B 82 -9.85 -11.67 -14.83
C ASP B 82 -8.88 -10.87 -13.98
N GLU B 83 -9.24 -10.52 -12.74
CA GLU B 83 -8.29 -9.82 -11.88
C GLU B 83 -7.09 -10.71 -11.56
N ASN B 84 -7.28 -12.03 -11.57
CA ASN B 84 -6.14 -12.92 -11.64
C ASN B 84 -5.48 -12.82 -12.99
N VAL B 85 -6.29 -12.84 -14.05
CA VAL B 85 -5.75 -12.99 -15.39
C VAL B 85 -5.09 -11.71 -15.86
N SER B 86 -5.69 -10.55 -15.61
CA SER B 86 -5.17 -9.30 -16.15
C SER B 86 -3.84 -8.93 -15.51
N TYR B 87 -3.61 -9.33 -14.27
CA TYR B 87 -2.26 -9.24 -13.75
C TYR B 87 -1.34 -10.24 -14.42
N SER B 88 -1.82 -11.47 -14.63
CA SER B 88 -0.97 -12.45 -15.29
C SER B 88 -0.86 -12.20 -16.77
N ALA B 89 -1.81 -11.46 -17.34
CA ALA B 89 -1.62 -10.95 -18.70
C ALA B 89 -0.55 -9.89 -18.71
N TYR B 90 -0.51 -9.07 -17.67
CA TYR B 90 0.52 -8.04 -17.59
C TYR B 90 1.85 -8.63 -17.16
N LEU B 91 1.82 -9.75 -16.43
CA LEU B 91 3.05 -10.43 -16.05
C LEU B 91 3.76 -10.99 -17.26
N PHE B 92 3.00 -11.44 -18.25
CA PHE B 92 3.60 -11.90 -19.49
C PHE B 92 4.31 -10.77 -20.23
N ILE B 93 3.79 -9.55 -20.09
CA ILE B 93 4.38 -8.40 -20.76
C ILE B 93 5.77 -8.12 -20.21
N ILE B 94 5.93 -8.29 -18.91
CA ILE B 94 7.26 -8.18 -18.32
C ILE B 94 8.13 -9.33 -18.79
N LEU B 95 7.58 -10.53 -18.83
CA LEU B 95 8.41 -11.70 -19.09
C LEU B 95 8.80 -11.80 -20.55
N TYR B 96 7.92 -11.40 -21.46
CA TYR B 96 8.22 -11.48 -22.88
C TYR B 96 9.31 -10.51 -23.27
N TYR B 97 9.51 -9.46 -22.48
CA TYR B 97 10.61 -8.54 -22.75
C TYR B 97 11.91 -9.10 -22.23
N LEU B 98 11.87 -9.84 -21.12
CA LEU B 98 13.10 -10.36 -20.54
C LEU B 98 13.69 -11.46 -21.39
N ILE B 99 12.87 -12.14 -22.16
CA ILE B 99 13.37 -13.18 -23.05
C ILE B 99 14.15 -12.55 -24.19
N LYS B 100 13.47 -11.74 -24.99
CA LYS B 100 13.94 -11.25 -26.27
C LYS B 100 15.11 -10.31 -26.15
N ARG B 101 15.30 -9.70 -25.00
CA ARG B 101 16.49 -8.92 -24.76
C ARG B 101 17.51 -9.65 -23.92
N GLY B 102 17.40 -10.97 -23.83
CA GLY B 102 18.46 -11.80 -23.31
C GLY B 102 18.77 -11.60 -21.85
N ILE B 103 17.89 -10.94 -21.10
CA ILE B 103 18.16 -10.73 -19.69
C ILE B 103 17.97 -12.02 -18.91
N ILE B 104 16.80 -12.63 -19.02
CA ILE B 104 16.56 -13.97 -18.51
C ILE B 104 16.72 -14.92 -19.68
N GLU B 105 17.51 -15.97 -19.48
CA GLU B 105 17.56 -17.07 -20.42
C GLU B 105 16.18 -17.69 -20.55
N GLN B 106 15.73 -17.86 -21.80
CA GLN B 106 14.38 -18.35 -22.03
C GLN B 106 14.22 -19.76 -21.51
N LYS B 107 15.23 -20.59 -21.72
CA LYS B 107 15.17 -21.97 -21.28
C LYS B 107 15.24 -22.05 -19.77
N PHE B 108 15.84 -21.04 -19.13
CA PHE B 108 15.75 -20.92 -17.69
C PHE B 108 14.34 -20.62 -17.26
N LEU B 109 13.68 -19.68 -17.94
CA LEU B 109 12.35 -19.23 -17.54
C LEU B 109 11.32 -20.34 -17.70
N ILE B 110 11.34 -21.01 -18.85
CA ILE B 110 10.40 -22.08 -19.13
C ILE B 110 10.60 -23.23 -18.17
N GLN B 111 11.84 -23.47 -17.77
CA GLN B 111 12.07 -24.42 -16.69
C GLN B 111 11.63 -23.85 -15.36
N ALA B 112 11.80 -22.54 -15.16
CA ALA B 112 11.50 -21.96 -13.85
C ALA B 112 10.01 -21.93 -13.59
N LEU B 113 9.23 -21.49 -14.57
CA LEU B 113 7.78 -21.39 -14.41
C LEU B 113 7.11 -22.73 -14.34
N ARG B 114 7.77 -23.80 -14.75
CA ARG B 114 7.11 -25.09 -14.84
C ARG B 114 7.29 -25.89 -13.56
N CYS B 115 8.43 -25.75 -12.89
CA CYS B 115 8.64 -26.42 -11.62
C CYS B 115 8.26 -25.43 -10.52
N GLU B 116 8.52 -25.80 -9.28
CA GLU B 116 8.02 -24.99 -8.18
C GLU B 116 9.18 -24.60 -7.28
N LYS B 117 10.17 -25.47 -7.19
CA LYS B 117 11.37 -25.15 -6.42
C LYS B 117 12.26 -24.20 -7.22
N THR B 118 12.03 -24.11 -8.52
CA THR B 118 12.74 -23.19 -9.37
C THR B 118 12.14 -21.80 -9.39
N ARG B 119 10.87 -21.64 -9.00
CA ARG B 119 10.24 -20.32 -9.03
C ARG B 119 10.86 -19.40 -7.99
N LEU B 120 11.33 -19.95 -6.89
CA LEU B 120 11.97 -19.11 -5.90
C LEU B 120 13.40 -18.79 -6.29
N ASP B 121 13.96 -19.51 -7.26
CA ASP B 121 15.22 -19.09 -7.83
C ASP B 121 15.00 -18.12 -8.97
N LEU B 122 13.84 -18.22 -9.62
CA LEU B 122 13.47 -17.23 -10.64
C LEU B 122 13.37 -15.84 -10.04
N ILE B 123 12.69 -15.74 -8.92
CA ILE B 123 12.55 -14.45 -8.25
C ILE B 123 13.87 -14.02 -7.66
N ASP B 124 14.68 -14.98 -7.20
CA ASP B 124 15.98 -14.62 -6.66
C ASP B 124 16.96 -14.31 -7.77
N LYS B 125 16.68 -14.76 -8.99
CA LYS B 125 17.44 -14.25 -10.12
C LYS B 125 17.03 -12.83 -10.46
N LEU B 126 15.73 -12.54 -10.41
CA LEU B 126 15.26 -11.20 -10.76
C LEU B 126 15.68 -10.17 -9.72
N TYR B 127 16.01 -10.62 -8.52
CA TYR B 127 16.55 -9.69 -7.54
C TYR B 127 17.96 -9.28 -7.94
N ASN B 128 18.69 -10.17 -8.59
CA ASN B 128 20.00 -9.77 -9.07
C ASN B 128 19.90 -8.78 -10.22
N LEU B 129 18.82 -8.83 -10.98
CA LEU B 129 18.67 -8.02 -12.18
C LEU B 129 17.76 -6.84 -11.97
N ALA B 130 17.52 -6.46 -10.73
CA ALA B 130 16.57 -5.41 -10.39
C ALA B 130 16.89 -4.03 -10.97
N PRO B 131 18.15 -3.53 -11.00
CA PRO B 131 18.34 -2.24 -11.67
C PRO B 131 18.30 -2.37 -13.18
N ILE B 132 18.80 -3.48 -13.71
CA ILE B 132 18.99 -3.64 -15.15
C ILE B 132 17.65 -3.71 -15.85
N ILE B 133 16.70 -4.41 -15.25
CA ILE B 133 15.38 -4.51 -15.85
C ILE B 133 14.64 -3.19 -15.72
N SER B 134 14.82 -2.50 -14.60
CA SER B 134 14.09 -1.27 -14.35
C SER B 134 14.51 -0.15 -15.29
N ALA B 135 15.74 -0.21 -15.79
CA ALA B 135 16.21 0.84 -16.68
C ALA B 135 15.88 0.51 -18.13
N LYS B 136 15.98 -0.75 -18.50
CA LYS B 136 15.88 -1.11 -19.90
C LYS B 136 14.45 -1.25 -20.39
N ILE B 137 13.46 -1.14 -19.51
CA ILE B 137 12.10 -1.49 -19.86
C ILE B 137 11.17 -0.29 -19.91
N ARG B 138 11.66 0.89 -19.51
CA ARG B 138 10.82 2.09 -19.43
C ARG B 138 10.27 2.47 -20.80
N THR B 139 11.08 2.29 -21.84
CA THR B 139 10.60 2.51 -23.20
C THR B 139 9.51 1.52 -23.55
N TYR B 140 9.63 0.30 -23.04
CA TYR B 140 8.76 -0.78 -23.48
C TYR B 140 7.38 -0.68 -22.86
N LEU B 141 7.31 -0.38 -21.57
CA LEU B 141 6.02 -0.44 -20.88
C LEU B 141 5.18 0.77 -21.21
N LEU B 142 5.83 1.91 -21.48
CA LEU B 142 5.08 3.08 -21.92
C LEU B 142 4.50 2.85 -23.30
N ALA B 143 5.13 2.01 -24.11
CA ALA B 143 4.56 1.65 -25.40
C ALA B 143 3.32 0.79 -25.22
N ILE B 144 3.31 -0.06 -24.18
CA ILE B 144 2.14 -0.87 -23.88
C ILE B 144 1.00 0.01 -23.40
N LYS B 145 1.32 1.01 -22.58
CA LYS B 145 0.29 1.87 -22.03
C LYS B 145 -0.36 2.71 -23.12
N ARG B 146 0.42 3.10 -24.13
CA ARG B 146 -0.16 3.84 -25.24
C ARG B 146 -1.08 2.95 -26.07
N LEU B 147 -0.76 1.65 -26.17
CA LEU B 147 -1.57 0.77 -26.98
C LEU B 147 -2.89 0.44 -26.30
N SER B 148 -2.83 0.09 -25.02
CA SER B 148 -4.00 -0.43 -24.34
C SER B 148 -5.03 0.65 -24.09
N GLU B 149 -4.62 1.90 -24.04
CA GLU B 149 -5.59 2.99 -24.03
C GLU B 149 -6.25 3.13 -25.38
N ALA B 150 -5.53 2.82 -26.45
CA ALA B 150 -6.04 2.99 -27.79
C ALA B 150 -6.85 1.80 -28.26
N LEU B 151 -6.23 0.63 -28.30
CA LEU B 151 -6.81 -0.56 -28.93
C LEU B 151 -7.94 -1.18 -28.11
N ILE B 152 -8.10 -0.77 -26.86
CA ILE B 152 -9.13 -1.29 -25.98
C ILE B 152 -9.99 -0.12 -25.50
N GLU B 153 -11.29 -0.21 -25.73
CA GLU B 153 -12.20 0.86 -25.36
C GLU B 153 -12.48 0.77 -23.87
N ALA B 154 -12.55 1.94 -23.23
CA ALA B 154 -12.60 2.04 -21.78
C ALA B 154 -13.93 1.52 -21.24
N ARG B 155 -13.88 0.99 -20.02
CA ARG B 155 -15.07 0.43 -19.42
C ARG B 155 -16.00 1.54 -18.96
N LEU C 2 9.47 4.46 38.49
CA LEU C 2 9.20 4.57 37.06
C LEU C 2 7.76 4.22 36.74
N TYR C 3 7.55 3.80 35.49
CA TYR C 3 6.29 3.21 35.09
C TYR C 3 6.57 2.19 34.02
N GLU C 4 5.80 1.10 34.03
CA GLU C 4 5.93 0.07 33.03
C GLU C 4 4.55 -0.19 32.43
N GLU C 5 4.55 -0.51 31.14
CA GLU C 5 3.34 -0.89 30.43
C GLU C 5 2.78 -2.18 31.04
N ASP C 6 1.49 -2.39 30.82
CA ASP C 6 0.79 -3.59 31.27
C ASP C 6 1.44 -4.87 30.74
N TYR C 7 2.01 -4.83 29.54
CA TYR C 7 2.73 -6.02 29.09
C TYR C 7 4.06 -6.18 29.82
N LYS C 8 4.76 -5.08 30.07
CA LYS C 8 6.02 -5.19 30.78
C LYS C 8 5.79 -5.61 32.21
N LEU C 9 4.71 -5.13 32.80
CA LEU C 9 4.38 -5.53 34.16
C LEU C 9 3.95 -6.97 34.21
N ALA C 10 3.26 -7.44 33.18
CA ALA C 10 2.85 -8.84 33.15
C ALA C 10 4.04 -9.76 32.94
N LEU C 11 5.04 -9.29 32.21
CA LEU C 11 6.17 -10.15 31.90
C LEU C 11 7.09 -10.27 33.11
N GLU C 12 7.02 -9.32 34.03
CA GLU C 12 7.74 -9.49 35.29
C GLU C 12 6.94 -10.30 36.28
N ALA C 13 5.61 -10.17 36.25
CA ALA C 13 4.78 -10.93 37.17
C ALA C 13 4.81 -12.40 36.82
N PHE C 14 4.71 -12.72 35.54
CA PHE C 14 4.70 -14.11 35.10
C PHE C 14 6.06 -14.75 35.27
N LYS C 15 7.13 -13.94 35.31
CA LYS C 15 8.46 -14.50 35.50
C LYS C 15 8.64 -14.96 36.95
N LYS C 16 8.04 -14.23 37.88
CA LYS C 16 8.16 -14.56 39.30
C LYS C 16 7.33 -15.79 39.65
N VAL C 17 6.32 -16.09 38.84
CA VAL C 17 5.43 -17.20 39.14
C VAL C 17 5.89 -18.47 38.44
N PHE C 18 6.38 -18.35 37.21
CA PHE C 18 6.80 -19.52 36.44
C PHE C 18 8.05 -20.15 37.05
N ASN C 19 8.78 -19.41 37.86
CA ASN C 19 9.89 -19.96 38.60
C ASN C 19 9.48 -20.45 39.97
N ALA C 20 8.32 -20.02 40.47
CA ALA C 20 7.88 -20.43 41.80
C ALA C 20 7.03 -21.68 41.76
N LEU C 21 6.26 -21.89 40.69
CA LEU C 21 5.54 -23.14 40.51
C LEU C 21 6.52 -24.24 40.20
N THR C 22 6.67 -25.17 41.13
CA THR C 22 7.70 -26.18 40.93
C THR C 22 7.19 -27.38 40.18
N HIS C 23 6.23 -28.08 40.77
CA HIS C 23 5.61 -29.25 40.18
C HIS C 23 4.88 -28.85 38.92
N TYR C 24 5.18 -29.53 37.82
CA TYR C 24 4.72 -29.06 36.52
C TYR C 24 3.21 -29.17 36.37
N GLY C 25 2.58 -30.02 37.16
CA GLY C 25 1.13 -30.04 37.20
C GLY C 25 0.54 -28.74 37.68
N ALA C 26 1.24 -28.02 38.57
CA ALA C 26 0.76 -26.73 39.00
C ALA C 26 0.88 -25.70 37.90
N LYS C 27 1.92 -25.82 37.08
CA LYS C 27 2.04 -24.92 35.93
C LYS C 27 0.93 -25.18 34.92
N GLN C 28 0.65 -26.45 34.64
CA GLN C 28 -0.45 -26.77 33.75
C GLN C 28 -1.79 -26.41 34.35
N ALA C 29 -1.91 -26.44 35.67
CA ALA C 29 -3.17 -26.04 36.27
C ALA C 29 -3.31 -24.54 36.28
N PHE C 30 -2.19 -23.82 36.33
CA PHE C 30 -2.24 -22.37 36.22
C PHE C 30 -2.64 -21.94 34.83
N ARG C 31 -2.27 -22.72 33.83
CA ARG C 31 -2.53 -22.35 32.45
C ARG C 31 -4.01 -22.31 32.15
N SER C 32 -4.78 -23.21 32.76
CA SER C 32 -6.22 -23.13 32.58
C SER C 32 -6.82 -21.97 33.34
N ARG C 33 -6.19 -21.56 34.44
CA ARG C 33 -6.73 -20.45 35.22
C ARG C 33 -6.56 -19.14 34.49
N ALA C 34 -5.47 -19.00 33.75
CA ALA C 34 -5.24 -17.75 33.06
C ALA C 34 -6.14 -17.63 31.86
N ARG C 35 -6.53 -18.74 31.27
CA ARG C 35 -7.33 -18.67 30.07
C ARG C 35 -8.78 -18.38 30.35
N ASP C 36 -9.33 -18.83 31.48
CA ASP C 36 -10.76 -18.69 31.70
C ASP C 36 -11.13 -17.51 32.58
N LEU C 37 -10.27 -17.11 33.52
CA LEU C 37 -10.64 -16.04 34.43
C LEU C 37 -10.58 -14.67 33.78
N VAL C 38 -10.10 -14.57 32.55
CA VAL C 38 -10.12 -13.29 31.85
C VAL C 38 -11.55 -12.90 31.53
N GLU C 39 -12.28 -13.79 30.86
CA GLU C 39 -13.66 -13.49 30.49
C GLU C 39 -14.58 -13.53 31.69
N GLU C 40 -14.16 -14.21 32.76
CA GLU C 40 -15.00 -14.30 33.94
C GLU C 40 -15.09 -12.96 34.63
N ILE C 41 -14.01 -12.19 34.59
CA ILE C 41 -14.02 -10.83 35.13
C ILE C 41 -14.95 -9.95 34.31
N TYR C 42 -15.10 -10.26 33.03
CA TYR C 42 -16.12 -9.57 32.25
C TYR C 42 -17.51 -9.99 32.68
N ASN C 43 -17.77 -11.30 32.69
CA ASN C 43 -19.13 -11.77 32.90
C ASN C 43 -19.57 -11.57 34.34
N SER C 44 -18.70 -11.86 35.29
CA SER C 44 -19.10 -11.81 36.68
C SER C 44 -18.67 -10.56 37.41
N GLY C 45 -17.94 -9.67 36.76
CA GLY C 45 -17.43 -8.52 37.46
C GLY C 45 -16.13 -8.80 38.16
N PHE C 46 -15.37 -7.74 38.40
CA PHE C 46 -14.04 -7.91 38.96
C PHE C 46 -14.10 -8.27 40.44
N ILE C 47 -14.82 -7.47 41.23
CA ILE C 47 -14.84 -7.68 42.67
C ILE C 47 -15.45 -9.02 43.08
N PRO C 48 -16.51 -9.54 42.44
CA PRO C 48 -16.88 -10.93 42.74
C PRO C 48 -15.85 -11.95 42.31
N THR C 49 -15.02 -11.63 41.31
CA THR C 49 -14.04 -12.59 40.86
C THR C 49 -12.77 -12.51 41.70
N PHE C 50 -12.53 -11.38 42.34
CA PHE C 50 -11.34 -11.27 43.17
C PHE C 50 -11.47 -12.08 44.45
N PHE C 51 -12.66 -12.17 45.01
CA PHE C 51 -12.81 -12.96 46.21
C PHE C 51 -13.09 -14.41 45.89
N TYR C 52 -13.43 -14.70 44.64
CA TYR C 52 -13.51 -16.07 44.20
C TYR C 52 -12.16 -16.73 44.25
N ILE C 53 -11.12 -16.00 43.86
CA ILE C 53 -9.80 -16.59 43.81
C ILE C 53 -9.23 -16.75 45.21
N ILE C 54 -9.62 -15.85 46.12
CA ILE C 54 -9.14 -15.94 47.49
C ILE C 54 -9.73 -17.16 48.18
N SER C 55 -10.98 -17.51 47.87
CA SER C 55 -11.56 -18.68 48.50
C SER C 55 -11.09 -19.96 47.85
N LYS C 56 -10.86 -19.94 46.53
CA LYS C 56 -10.36 -21.14 45.86
C LYS C 56 -8.90 -21.39 46.17
N ALA C 57 -8.19 -20.42 46.72
CA ALA C 57 -6.79 -20.65 47.05
C ALA C 57 -6.63 -21.37 48.38
N GLU C 58 -7.52 -21.13 49.35
CA GLU C 58 -7.38 -21.57 50.74
C GLU C 58 -6.05 -21.13 51.29
N LEU C 59 -5.94 -19.85 51.60
CA LEU C 59 -4.66 -19.21 51.92
C LEU C 59 -3.95 -19.84 53.12
N ASN C 60 -4.69 -20.35 54.11
CA ASN C 60 -4.23 -21.40 55.01
C ASN C 60 -3.04 -21.01 55.89
N SER C 61 -2.71 -19.71 55.93
CA SER C 61 -1.61 -19.12 56.70
C SER C 61 -0.21 -19.62 56.33
N ASP C 62 -0.09 -20.47 55.31
CA ASP C 62 1.21 -20.87 54.83
C ASP C 62 1.25 -20.75 53.32
N SER C 63 0.11 -20.96 52.66
CA SER C 63 -0.03 -20.52 51.28
C SER C 63 -0.15 -19.00 51.23
N LEU C 64 -0.57 -18.39 52.33
CA LEU C 64 -0.46 -16.95 52.45
C LEU C 64 0.99 -16.51 52.53
N ASP C 65 1.82 -17.24 53.26
CA ASP C 65 3.16 -16.75 53.55
C ASP C 65 4.06 -16.79 52.33
N SER C 66 4.03 -17.89 51.58
CA SER C 66 4.84 -17.98 50.37
C SER C 66 4.35 -17.01 49.32
N LEU C 67 3.06 -16.66 49.37
CA LEU C 67 2.55 -15.58 48.55
C LEU C 67 3.16 -14.24 48.92
N ILE C 68 3.48 -14.05 50.20
CA ILE C 68 4.08 -12.79 50.62
C ILE C 68 5.53 -12.73 50.23
N SER C 69 6.29 -13.78 50.53
CA SER C 69 7.72 -13.80 50.22
C SER C 69 7.97 -13.87 48.72
N LEU C 70 6.94 -14.19 47.95
CA LEU C 70 7.05 -14.11 46.50
C LEU C 70 7.26 -12.67 46.04
N PHE C 71 6.76 -11.70 46.80
CA PHE C 71 7.05 -10.30 46.48
C PHE C 71 8.51 -9.94 46.69
N SER C 72 9.16 -10.55 47.67
CA SER C 72 10.53 -10.18 47.99
C SER C 72 11.49 -10.71 46.93
N SER C 73 11.61 -12.03 46.83
CA SER C 73 12.56 -12.62 45.92
C SER C 73 11.98 -13.86 45.27
N ASP C 74 12.73 -14.38 44.31
CA ASP C 74 12.44 -15.60 43.58
C ASP C 74 13.04 -16.83 44.26
N ASN C 75 13.15 -16.81 45.58
CA ASN C 75 13.55 -17.99 46.34
C ASN C 75 12.36 -18.79 46.81
N ALA C 76 11.27 -18.13 47.23
CA ALA C 76 10.15 -18.82 47.84
C ALA C 76 9.32 -19.53 46.78
N ILE C 77 8.50 -20.47 47.24
CA ILE C 77 7.86 -21.48 46.41
C ILE C 77 6.47 -21.72 46.95
N LEU C 78 5.48 -21.75 46.07
CA LEU C 78 4.11 -21.94 46.50
C LEU C 78 3.88 -23.39 46.91
N ARG C 79 2.86 -23.58 47.75
CA ARG C 79 2.68 -24.83 48.48
C ARG C 79 1.25 -25.31 48.36
N GLY C 80 1.09 -26.61 48.12
CA GLY C 80 -0.22 -27.22 48.13
C GLY C 80 -0.43 -28.12 46.94
N SER C 81 -1.69 -28.47 46.73
CA SER C 81 -2.11 -29.25 45.58
C SER C 81 -2.12 -28.38 44.32
N ASP C 82 -2.19 -29.05 43.16
CA ASP C 82 -2.21 -28.31 41.89
C ASP C 82 -3.50 -27.52 41.74
N GLU C 83 -4.57 -27.98 42.38
CA GLU C 83 -5.86 -27.34 42.25
C GLU C 83 -5.98 -26.07 43.08
N ASN C 84 -5.07 -25.84 44.01
CA ASN C 84 -5.16 -24.72 44.92
C ASN C 84 -3.98 -23.79 44.83
N VAL C 85 -2.82 -24.31 44.44
CA VAL C 85 -1.68 -23.46 44.15
C VAL C 85 -1.99 -22.59 42.94
N SER C 86 -2.63 -23.17 41.93
CA SER C 86 -2.81 -22.49 40.66
C SER C 86 -3.87 -21.40 40.75
N TYR C 87 -4.61 -21.35 41.85
CA TYR C 87 -5.34 -20.13 42.14
C TYR C 87 -4.50 -19.15 42.93
N SER C 88 -3.70 -19.64 43.88
CA SER C 88 -2.86 -18.76 44.68
C SER C 88 -1.79 -18.13 43.82
N ALA C 89 -1.30 -18.85 42.82
CA ALA C 89 -0.40 -18.25 41.85
C ALA C 89 -1.10 -17.21 41.02
N TYR C 90 -2.37 -17.45 40.69
CA TYR C 90 -3.10 -16.45 39.93
C TYR C 90 -3.56 -15.33 40.85
N LEU C 91 -3.62 -15.60 42.15
CA LEU C 91 -3.93 -14.55 43.10
C LEU C 91 -2.78 -13.57 43.20
N PHE C 92 -1.56 -14.05 43.00
CA PHE C 92 -0.41 -13.16 43.01
C PHE C 92 -0.46 -12.21 41.82
N ILE C 93 -0.96 -12.70 40.69
CA ILE C 93 -0.96 -11.94 39.44
C ILE C 93 -1.84 -10.71 39.57
N ILE C 94 -3.00 -10.87 40.19
CA ILE C 94 -3.86 -9.72 40.43
C ILE C 94 -3.27 -8.81 41.49
N LEU C 95 -2.73 -9.40 42.57
CA LEU C 95 -2.19 -8.57 43.63
C LEU C 95 -0.88 -7.92 43.20
N TYR C 96 -0.26 -8.42 42.14
CA TYR C 96 0.92 -7.72 41.65
C TYR C 96 0.50 -6.51 40.85
N TYR C 97 -0.68 -6.57 40.25
CA TYR C 97 -1.16 -5.43 39.47
C TYR C 97 -1.63 -4.31 40.37
N LEU C 98 -2.34 -4.65 41.43
CA LEU C 98 -2.92 -3.63 42.29
C LEU C 98 -1.85 -2.94 43.12
N ILE C 99 -0.72 -3.59 43.31
CA ILE C 99 0.36 -2.96 44.06
C ILE C 99 1.21 -2.11 43.14
N LYS C 100 1.63 -2.66 42.01
CA LYS C 100 2.54 -1.93 41.14
C LYS C 100 1.85 -0.80 40.39
N ARG C 101 0.54 -0.85 40.26
CA ARG C 101 -0.14 0.35 39.78
C ARG C 101 -0.42 1.34 40.89
N GLY C 102 -0.10 0.99 42.13
CA GLY C 102 -0.31 1.87 43.25
C GLY C 102 -1.77 2.10 43.53
N ILE C 103 -2.61 1.15 43.12
CA ILE C 103 -4.03 1.27 43.38
C ILE C 103 -4.31 1.05 44.85
N ILE C 104 -3.81 -0.03 45.40
CA ILE C 104 -3.84 -0.24 46.84
C ILE C 104 -2.40 -0.42 47.28
N GLU C 105 -2.07 0.10 48.46
CA GLU C 105 -0.77 -0.13 49.05
C GLU C 105 -0.57 -1.61 49.34
N GLN C 106 0.70 -2.03 49.38
CA GLN C 106 1.02 -3.44 49.59
C GLN C 106 0.64 -3.89 50.99
N LYS C 107 0.78 -2.99 51.96
CA LYS C 107 0.60 -3.35 53.35
C LYS C 107 -0.84 -3.69 53.66
N PHE C 108 -1.77 -2.95 53.09
CA PHE C 108 -3.18 -3.17 53.32
C PHE C 108 -3.66 -4.47 52.69
N LEU C 109 -3.16 -4.79 51.50
CA LEU C 109 -3.59 -6.00 50.82
C LEU C 109 -3.10 -7.25 51.54
N ILE C 110 -1.98 -7.15 52.25
CA ILE C 110 -1.58 -8.27 53.06
C ILE C 110 -2.48 -8.40 54.27
N GLN C 111 -2.74 -7.28 54.94
CA GLN C 111 -3.45 -7.34 56.21
C GLN C 111 -4.94 -7.58 56.00
N ALA C 112 -5.45 -7.24 54.82
CA ALA C 112 -6.81 -7.66 54.49
C ALA C 112 -6.86 -9.14 54.17
N LEU C 113 -5.81 -9.66 53.54
CA LEU C 113 -5.67 -11.10 53.41
C LEU C 113 -5.33 -11.75 54.73
N ARG C 114 -4.70 -11.02 55.65
CA ARG C 114 -4.30 -11.61 56.91
C ARG C 114 -5.49 -11.72 57.87
N CYS C 115 -6.25 -10.65 58.00
CA CYS C 115 -7.17 -10.49 59.11
C CYS C 115 -8.61 -10.48 58.64
N GLU C 116 -9.48 -11.06 59.46
CA GLU C 116 -10.85 -11.28 59.04
C GLU C 116 -11.67 -10.00 59.08
N LYS C 117 -11.20 -8.98 59.81
CA LYS C 117 -11.91 -7.71 59.81
C LYS C 117 -11.49 -6.86 58.63
N THR C 118 -10.19 -6.77 58.38
CA THR C 118 -9.68 -5.92 57.30
C THR C 118 -10.09 -6.44 55.93
N ARG C 119 -10.44 -7.73 55.85
CA ARG C 119 -11.09 -8.30 54.67
C ARG C 119 -12.35 -7.54 54.30
N LEU C 120 -13.11 -7.09 55.29
CA LEU C 120 -14.34 -6.38 54.99
C LEU C 120 -14.06 -4.95 54.53
N ASP C 121 -12.97 -4.34 54.99
CA ASP C 121 -12.63 -3.03 54.45
C ASP C 121 -12.08 -3.15 53.04
N LEU C 122 -11.54 -4.32 52.70
CA LEU C 122 -11.08 -4.54 51.33
C LEU C 122 -12.24 -4.51 50.35
N ILE C 123 -13.41 -4.98 50.76
CA ILE C 123 -14.58 -4.91 49.89
C ILE C 123 -14.98 -3.45 49.69
N ASP C 124 -14.94 -2.67 50.76
CA ASP C 124 -15.37 -1.28 50.68
C ASP C 124 -14.35 -0.45 49.93
N LYS C 125 -13.09 -0.83 50.00
CA LYS C 125 -12.07 -0.10 49.25
C LYS C 125 -12.15 -0.41 47.77
N LEU C 126 -12.55 -1.64 47.42
CA LEU C 126 -12.60 -1.97 46.00
C LEU C 126 -13.81 -1.37 45.33
N TYR C 127 -14.87 -1.10 46.06
CA TYR C 127 -15.98 -0.39 45.45
C TYR C 127 -15.72 1.10 45.33
N ASN C 128 -14.64 1.60 45.93
CA ASN C 128 -14.23 2.97 45.66
C ASN C 128 -13.06 3.01 44.70
N LEU C 129 -12.57 1.85 44.27
CA LEU C 129 -11.51 1.77 43.27
C LEU C 129 -11.92 0.93 42.08
N ALA C 130 -13.20 0.63 41.94
CA ALA C 130 -13.65 -0.22 40.85
C ALA C 130 -13.56 0.42 39.46
N PRO C 131 -13.89 1.71 39.25
CA PRO C 131 -13.62 2.26 37.92
C PRO C 131 -12.15 2.50 37.64
N ILE C 132 -11.29 2.48 38.65
CA ILE C 132 -9.86 2.57 38.38
C ILE C 132 -9.35 1.25 37.83
N ILE C 133 -9.67 0.15 38.50
CA ILE C 133 -9.08 -1.15 38.22
C ILE C 133 -9.58 -1.71 36.91
N SER C 134 -10.88 -1.79 36.74
CA SER C 134 -11.43 -2.51 35.60
C SER C 134 -11.36 -1.73 34.30
N ALA C 135 -10.76 -0.54 34.28
CA ALA C 135 -10.54 0.16 33.02
C ALA C 135 -9.52 -0.57 32.18
N LYS C 136 -8.47 -1.07 32.82
CA LYS C 136 -7.38 -1.69 32.06
C LYS C 136 -6.78 -2.92 32.70
N ILE C 137 -7.48 -3.62 33.59
CA ILE C 137 -6.90 -4.84 34.10
C ILE C 137 -7.09 -5.97 33.10
N ARG C 138 -8.07 -5.84 32.21
CA ARG C 138 -8.25 -6.88 31.23
C ARG C 138 -7.36 -6.68 30.01
N THR C 139 -6.35 -5.83 30.10
CA THR C 139 -5.26 -5.87 29.16
C THR C 139 -4.02 -6.47 29.81
N TYR C 140 -3.85 -6.21 31.10
CA TYR C 140 -2.85 -6.91 31.89
C TYR C 140 -3.15 -8.40 31.94
N LEU C 141 -4.38 -8.78 32.24
CA LEU C 141 -4.69 -10.20 32.36
C LEU C 141 -4.85 -10.86 31.01
N LEU C 142 -4.96 -10.08 29.95
CA LEU C 142 -4.88 -10.66 28.62
C LEU C 142 -3.48 -11.15 28.33
N ALA C 143 -2.48 -10.47 28.88
CA ALA C 143 -1.09 -10.83 28.60
C ALA C 143 -0.70 -12.11 29.29
N ILE C 144 -1.17 -12.32 30.52
CA ILE C 144 -0.91 -13.58 31.22
C ILE C 144 -1.58 -14.71 30.49
N LYS C 145 -2.72 -14.43 29.86
CA LYS C 145 -3.43 -15.43 29.09
C LYS C 145 -2.66 -15.81 27.84
N ARG C 146 -1.76 -14.96 27.38
CA ARG C 146 -0.96 -15.29 26.20
C ARG C 146 0.33 -15.98 26.59
N LEU C 147 0.96 -15.53 27.68
CA LEU C 147 2.21 -16.14 28.10
C LEU C 147 1.98 -17.54 28.63
N SER C 148 0.86 -17.77 29.29
CA SER C 148 0.57 -19.10 29.82
C SER C 148 0.21 -20.07 28.71
N GLU C 149 -0.44 -19.60 27.66
CA GLU C 149 -0.62 -20.48 26.51
C GLU C 149 0.69 -20.67 25.77
N ALA C 150 1.62 -19.73 25.90
CA ALA C 150 2.88 -19.87 25.19
C ALA C 150 3.83 -20.79 25.93
N LEU C 151 4.09 -20.51 27.20
CA LEU C 151 5.22 -21.10 27.88
C LEU C 151 4.88 -22.32 28.70
N ILE C 152 3.65 -22.81 28.65
CA ILE C 152 3.26 -24.00 29.37
C ILE C 152 2.52 -24.91 28.40
N GLU C 153 2.95 -26.17 28.32
CA GLU C 153 2.34 -27.12 27.40
C GLU C 153 0.93 -27.47 27.85
N ALA C 154 0.16 -28.03 26.92
CA ALA C 154 -1.14 -28.55 27.27
C ALA C 154 -0.98 -29.82 28.08
N ARG C 155 -1.94 -30.06 28.96
CA ARG C 155 -2.02 -31.36 29.60
C ARG C 155 -2.58 -32.31 28.54
N PRO D 2 -29.91 26.05 2.13
CA PRO D 2 -29.33 24.95 2.89
C PRO D 2 -28.41 24.10 2.06
N TYR D 3 -27.45 23.44 2.68
CA TYR D 3 -26.63 22.48 1.97
C TYR D 3 -27.34 21.16 1.76
N TYR D 4 -28.00 20.64 2.79
CA TYR D 4 -28.79 19.44 2.66
C TYR D 4 -30.25 19.83 2.59
N ALA D 5 -31.01 19.18 1.71
CA ALA D 5 -32.44 19.42 1.67
C ALA D 5 -33.11 18.89 2.90
N PHE D 6 -32.92 17.61 3.19
CA PHE D 6 -33.59 16.98 4.31
C PHE D 6 -32.58 16.32 5.22
N ALA D 7 -32.86 16.41 6.51
CA ALA D 7 -31.98 15.90 7.54
C ALA D 7 -32.88 15.31 8.61
N GLU D 8 -32.98 13.98 8.63
CA GLU D 8 -33.95 13.36 9.53
C GLU D 8 -33.23 12.50 10.55
N PRO D 9 -33.06 12.96 11.78
CA PRO D 9 -32.50 12.12 12.83
C PRO D 9 -33.44 10.98 13.17
N PHE D 10 -32.85 9.93 13.73
CA PHE D 10 -33.62 8.78 14.09
C PHE D 10 -32.89 8.07 15.21
N PHE D 11 -33.65 7.32 15.98
CA PHE D 11 -33.08 6.43 16.97
C PHE D 11 -33.14 5.01 16.44
N ILE D 12 -32.29 4.17 16.97
CA ILE D 12 -32.19 2.80 16.55
C ILE D 12 -32.49 1.94 17.75
N HIS D 13 -33.60 1.22 17.70
CA HIS D 13 -34.02 0.35 18.78
C HIS D 13 -33.67 -1.09 18.44
N ALA D 14 -32.83 -1.69 19.25
CA ALA D 14 -32.54 -3.11 19.09
C ALA D 14 -33.75 -3.90 19.56
N ILE D 15 -34.40 -4.61 18.65
CA ILE D 15 -35.48 -5.47 19.11
C ILE D 15 -34.92 -6.73 19.73
N THR D 16 -34.06 -7.44 19.00
CA THR D 16 -33.30 -8.53 19.57
C THR D 16 -31.95 -8.00 19.99
N HIS D 17 -31.03 -8.92 20.28
CA HIS D 17 -29.67 -8.49 20.50
C HIS D 17 -29.04 -8.07 19.16
N LEU D 18 -27.94 -7.36 19.23
CA LEU D 18 -27.26 -6.87 18.06
C LEU D 18 -25.84 -7.37 18.01
N HIS D 19 -25.41 -7.85 16.84
CA HIS D 19 -24.00 -8.01 16.59
C HIS D 19 -23.64 -7.36 15.27
N VAL D 20 -22.89 -6.28 15.36
CA VAL D 20 -22.27 -5.61 14.23
C VAL D 20 -20.78 -5.60 14.55
N GLY D 21 -20.07 -6.62 14.10
CA GLY D 21 -18.71 -6.86 14.56
C GLY D 21 -17.72 -5.91 13.92
N SER D 22 -16.55 -5.84 14.55
CA SER D 22 -15.40 -5.20 13.96
C SER D 22 -14.43 -6.22 13.39
N GLY D 23 -14.57 -7.48 13.76
CA GLY D 23 -13.73 -8.50 13.18
C GLY D 23 -12.42 -8.77 13.86
N SER D 24 -12.45 -9.15 15.13
CA SER D 24 -11.39 -9.96 15.75
C SER D 24 -9.99 -9.37 15.79
N SER D 25 -9.77 -8.37 16.63
CA SER D 25 -8.45 -7.77 16.77
C SER D 25 -7.48 -8.65 17.55
N VAL D 26 -6.37 -8.09 17.98
CA VAL D 26 -5.30 -8.92 18.51
C VAL D 26 -4.94 -8.40 19.89
N GLU D 27 -5.55 -7.29 20.29
CA GLU D 27 -5.27 -6.74 21.60
C GLU D 27 -6.51 -6.63 22.48
N GLU D 28 -7.62 -7.20 22.06
CA GLU D 28 -8.77 -7.37 22.93
C GLU D 28 -8.86 -8.79 23.45
N GLU D 29 -9.94 -9.08 24.16
CA GLU D 29 -10.07 -10.30 24.94
C GLU D 29 -10.88 -11.37 24.24
N ILE D 30 -11.65 -11.01 23.23
CA ILE D 30 -12.85 -11.75 22.85
C ILE D 30 -12.77 -12.31 21.44
N ALA D 31 -12.26 -11.52 20.50
CA ALA D 31 -12.01 -11.91 19.11
C ALA D 31 -13.30 -12.29 18.38
N LEU D 32 -14.38 -11.60 18.71
CA LEU D 32 -15.39 -11.11 17.79
C LEU D 32 -16.09 -9.90 18.40
N PRO D 33 -15.41 -8.80 18.67
CA PRO D 33 -16.01 -7.77 19.51
C PRO D 33 -17.03 -6.92 18.78
N PHE D 34 -17.57 -5.92 19.46
CA PHE D 34 -18.54 -5.03 18.85
C PHE D 34 -17.83 -3.74 18.51
N GLN D 35 -18.35 -3.03 17.50
CA GLN D 35 -17.64 -1.88 16.95
C GLN D 35 -17.61 -0.74 17.94
N ARG D 36 -16.40 -0.32 18.30
CA ARG D 36 -16.26 0.81 19.21
C ARG D 36 -16.14 2.10 18.42
N ASP D 37 -16.27 3.20 19.13
CA ASP D 37 -16.03 4.51 18.57
C ASP D 37 -14.57 4.89 18.79
N GLU D 38 -14.28 6.17 18.70
CA GLU D 38 -12.97 6.67 19.09
C GLU D 38 -12.75 6.59 20.59
N LEU D 39 -13.81 6.54 21.40
CA LEU D 39 -13.69 6.69 22.84
C LEU D 39 -13.77 5.38 23.58
N GLY D 40 -14.27 4.33 22.95
CA GLY D 40 -14.50 3.10 23.68
C GLY D 40 -15.91 3.03 24.18
N TYR D 41 -16.85 3.50 23.37
CA TYR D 41 -18.25 3.21 23.56
C TYR D 41 -18.68 2.42 22.36
N PRO D 42 -19.59 1.47 22.52
CA PRO D 42 -20.07 0.73 21.35
C PRO D 42 -20.86 1.65 20.45
N THR D 43 -20.76 1.38 19.15
CA THR D 43 -21.37 2.23 18.16
C THR D 43 -21.48 1.44 16.87
N ILE D 44 -22.22 1.96 15.93
CA ILE D 44 -22.27 1.42 14.60
C ILE D 44 -21.59 2.42 13.70
N TYR D 45 -20.61 1.98 12.92
CA TYR D 45 -20.10 2.84 11.89
C TYR D 45 -21.15 3.01 10.81
N ALA D 46 -21.14 4.17 10.17
CA ALA D 46 -22.16 4.48 9.19
C ALA D 46 -21.99 3.70 7.92
N SER D 47 -20.85 3.04 7.73
CA SER D 47 -20.70 2.13 6.61
C SER D 47 -21.57 0.90 6.79
N SER D 48 -21.89 0.56 8.04
CA SER D 48 -22.74 -0.59 8.31
C SER D 48 -24.21 -0.20 8.24
N LEU D 49 -24.53 1.03 8.66
CA LEU D 49 -25.89 1.51 8.55
C LEU D 49 -26.30 1.69 7.11
N LYS D 50 -25.39 2.15 6.26
CA LYS D 50 -25.78 2.45 4.89
C LYS D 50 -26.01 1.17 4.10
N GLY D 51 -25.06 0.24 4.18
CA GLY D 51 -25.13 -0.94 3.34
C GLY D 51 -26.25 -1.87 3.73
N ALA D 52 -26.61 -1.87 5.01
CA ALA D 52 -27.71 -2.72 5.45
C ALA D 52 -29.04 -2.18 4.99
N ILE D 53 -29.21 -0.85 5.07
CA ILE D 53 -30.47 -0.26 4.67
C ILE D 53 -30.60 -0.26 3.15
N LYS D 54 -29.50 -0.03 2.45
CA LYS D 54 -29.53 -0.07 0.99
C LYS D 54 -29.84 -1.46 0.48
N SER D 55 -29.27 -2.49 1.10
CA SER D 55 -29.60 -3.85 0.69
C SER D 55 -30.99 -4.22 1.15
N PHE D 56 -31.48 -3.57 2.19
CA PHE D 56 -32.86 -3.77 2.60
C PHE D 56 -33.83 -3.19 1.59
N LEU D 57 -33.62 -1.94 1.21
CA LEU D 57 -34.62 -1.22 0.43
C LEU D 57 -34.67 -1.72 -1.00
N LEU D 58 -33.62 -2.39 -1.46
CA LEU D 58 -33.69 -2.93 -2.81
C LEU D 58 -34.57 -4.16 -2.90
N LYS D 59 -34.62 -4.97 -1.85
CA LYS D 59 -35.48 -6.13 -1.92
C LYS D 59 -36.89 -5.84 -1.50
N GLU D 60 -37.12 -4.71 -0.85
CA GLU D 60 -38.48 -4.37 -0.46
C GLU D 60 -39.23 -3.60 -1.51
N PHE D 61 -38.55 -2.78 -2.29
CA PHE D 61 -39.20 -1.87 -3.23
C PHE D 61 -38.64 -2.15 -4.61
N PRO D 62 -39.02 -3.26 -5.23
CA PRO D 62 -38.35 -3.67 -6.47
C PRO D 62 -38.82 -2.91 -7.71
N ASP D 63 -39.51 -1.79 -7.55
CA ASP D 63 -39.84 -0.92 -8.66
C ASP D 63 -39.27 0.48 -8.50
N LYS D 64 -38.84 0.86 -7.31
CA LYS D 64 -38.30 2.19 -7.05
C LYS D 64 -36.79 2.15 -6.85
N ARG D 65 -36.08 1.35 -7.64
CA ARG D 65 -34.64 1.26 -7.48
C ARG D 65 -33.95 2.52 -7.99
N ASP D 66 -34.59 3.20 -8.93
CA ASP D 66 -34.00 4.37 -9.56
C ASP D 66 -34.03 5.58 -8.65
N VAL D 67 -34.76 5.50 -7.54
CA VAL D 67 -34.61 6.49 -6.48
C VAL D 67 -33.54 6.05 -5.50
N ILE D 68 -33.50 4.76 -5.20
CA ILE D 68 -32.58 4.26 -4.18
C ILE D 68 -31.15 4.30 -4.71
N TYR D 69 -30.97 3.97 -5.98
CA TYR D 69 -29.67 4.12 -6.60
C TYR D 69 -29.30 5.59 -6.75
N LYS D 70 -30.29 6.47 -6.81
CA LYS D 70 -30.01 7.88 -6.88
C LYS D 70 -29.59 8.43 -5.53
N VAL D 71 -30.26 8.01 -4.47
CA VAL D 71 -29.96 8.54 -3.15
C VAL D 71 -28.78 7.82 -2.51
N LEU D 72 -28.64 6.53 -2.75
CA LEU D 72 -27.64 5.75 -2.04
C LEU D 72 -26.61 5.09 -2.94
N GLY D 73 -26.41 5.59 -4.15
CA GLY D 73 -25.33 5.09 -4.97
C GLY D 73 -25.71 3.95 -5.87
N GLU D 74 -25.18 3.95 -7.09
CA GLU D 74 -25.45 2.89 -8.05
C GLU D 74 -24.68 1.64 -7.65
N ASP D 75 -25.22 0.46 -7.98
CA ASP D 75 -24.51 -0.79 -7.71
C ASP D 75 -23.21 -0.86 -8.48
N GLU D 76 -23.29 -0.91 -9.81
CA GLU D 76 -22.12 -1.00 -10.65
C GLU D 76 -21.94 0.30 -11.43
N ASN D 77 -20.67 0.70 -11.58
CA ASN D 77 -20.22 1.85 -12.35
C ASN D 77 -20.94 3.12 -11.93
N PRO D 78 -20.55 3.71 -10.80
CA PRO D 78 -21.19 4.95 -10.36
C PRO D 78 -20.86 6.10 -11.30
N GLU D 79 -21.84 6.97 -11.50
CA GLU D 79 -21.67 8.14 -12.33
C GLU D 79 -21.81 9.42 -11.54
N GLU D 80 -22.34 9.35 -10.33
CA GLU D 80 -22.28 10.47 -9.41
C GLU D 80 -22.33 9.92 -7.99
N ALA D 81 -22.25 10.83 -7.04
CA ALA D 81 -22.21 10.44 -5.64
C ALA D 81 -23.60 10.11 -5.13
N SER D 82 -23.65 9.83 -3.83
CA SER D 82 -24.93 9.59 -3.18
C SER D 82 -25.49 10.88 -2.61
N LEU D 83 -26.70 11.21 -3.02
CA LEU D 83 -27.39 12.37 -2.52
C LEU D 83 -27.80 12.24 -1.07
N GLY D 84 -27.86 11.02 -0.56
CA GLY D 84 -28.10 10.80 0.84
C GLY D 84 -26.79 10.58 1.57
N THR D 85 -26.87 10.58 2.89
CA THR D 85 -25.70 10.50 3.75
C THR D 85 -26.12 10.05 5.13
N PHE D 86 -25.58 8.92 5.57
CA PHE D 86 -25.76 8.48 6.94
C PHE D 86 -24.64 9.05 7.79
N LEU D 87 -24.95 9.34 9.04
CA LEU D 87 -23.92 9.62 10.00
C LEU D 87 -23.71 8.38 10.87
N ASP D 88 -22.64 8.43 11.66
CA ASP D 88 -22.29 7.32 12.52
C ASP D 88 -23.35 7.18 13.61
N ALA D 89 -23.63 5.96 14.02
CA ALA D 89 -24.65 5.77 15.04
C ALA D 89 -24.01 5.91 16.41
N ILE D 90 -24.22 7.02 17.03
CA ILE D 90 -23.75 7.25 18.38
C ILE D 90 -24.63 6.46 19.31
N LEU D 91 -24.03 5.82 20.31
CA LEU D 91 -24.81 5.19 21.36
C LEU D 91 -25.56 6.25 22.14
N PHE D 92 -26.87 6.08 22.27
CA PHE D 92 -27.62 7.04 23.04
C PHE D 92 -27.95 6.51 24.42
N ALA D 93 -28.37 5.25 24.51
CA ALA D 93 -28.66 4.62 25.80
C ALA D 93 -28.62 3.12 25.63
N ILE D 94 -28.02 2.45 26.61
CA ILE D 94 -27.85 1.00 26.59
C ILE D 94 -28.42 0.48 27.91
N PRO D 95 -29.07 -0.69 27.91
CA PRO D 95 -29.52 -1.25 29.19
C PRO D 95 -28.36 -1.68 30.05
N SER D 96 -28.61 -1.80 31.34
CA SER D 96 -27.58 -2.18 32.28
C SER D 96 -28.19 -2.87 33.49
N ARG D 97 -27.44 -3.79 34.08
CA ARG D 97 -27.90 -4.53 35.24
C ARG D 97 -27.86 -3.64 36.46
N ILE D 98 -28.89 -3.72 37.31
CA ILE D 98 -28.98 -2.80 38.44
C ILE D 98 -29.50 -3.52 39.68
N ILE D 99 -28.76 -3.38 40.78
CA ILE D 99 -29.19 -3.79 42.11
C ILE D 99 -29.44 -2.53 42.91
N GLU D 100 -30.60 -2.45 43.54
CA GLU D 100 -31.06 -1.18 44.04
C GLU D 100 -32.01 -1.38 45.21
N ILE D 101 -31.84 -0.56 46.24
CA ILE D 101 -32.80 -0.47 47.33
C ILE D 101 -33.36 0.94 47.38
N ASP D 102 -34.46 1.07 48.12
CA ASP D 102 -35.13 2.32 48.46
C ASP D 102 -35.61 3.07 47.22
N SER D 103 -36.42 2.40 46.41
CA SER D 103 -37.38 3.05 45.52
C SER D 103 -38.48 2.05 45.21
N ALA D 104 -39.69 2.57 45.06
CA ALA D 104 -40.93 1.81 45.19
C ALA D 104 -41.09 0.71 44.17
N LYS D 105 -40.67 0.92 42.92
CA LYS D 105 -40.83 -0.07 41.87
C LYS D 105 -39.48 -0.71 41.65
N PRO D 106 -39.36 -2.03 41.83
CA PRO D 106 -38.08 -2.68 41.61
C PRO D 106 -37.80 -2.85 40.12
N TYR D 107 -36.59 -2.48 39.72
CA TYR D 107 -36.19 -2.47 38.33
C TYR D 107 -35.23 -3.61 38.07
N VAL D 108 -35.43 -4.28 36.93
CA VAL D 108 -34.52 -5.34 36.53
C VAL D 108 -33.35 -4.77 35.74
N TRP D 109 -33.61 -3.76 34.92
CA TRP D 109 -32.52 -3.10 34.20
C TRP D 109 -32.92 -1.68 33.88
N VAL D 110 -31.91 -0.84 33.75
CA VAL D 110 -32.07 0.59 33.66
C VAL D 110 -31.20 1.08 32.51
N TYR D 111 -31.60 2.19 31.90
CA TYR D 111 -30.84 2.76 30.81
C TYR D 111 -29.68 3.60 31.32
N VAL D 112 -28.55 3.52 30.63
CA VAL D 112 -27.34 4.22 31.03
C VAL D 112 -26.83 5.04 29.84
N THR D 113 -26.42 6.28 30.13
CA THR D 113 -25.83 7.19 29.15
C THR D 113 -24.79 8.03 29.89
N THR D 114 -23.71 8.41 29.22
CA THR D 114 -22.76 9.32 29.81
C THR D 114 -23.03 10.71 29.27
N TYR D 115 -22.37 11.70 29.88
CA TYR D 115 -22.52 13.06 29.37
C TYR D 115 -21.82 13.23 28.03
N GLU D 116 -20.79 12.44 27.77
CA GLU D 116 -20.06 12.62 26.53
C GLU D 116 -20.73 11.91 25.38
N LEU D 117 -21.68 11.03 25.68
CA LEU D 117 -22.54 10.58 24.60
C LEU D 117 -23.58 11.63 24.28
N LEU D 118 -23.97 12.43 25.26
CA LEU D 118 -24.94 13.47 24.99
C LEU D 118 -24.31 14.65 24.28
N LYS D 119 -23.10 15.02 24.68
CA LYS D 119 -22.41 16.15 24.04
C LYS D 119 -21.98 15.80 22.63
N LYS D 120 -22.05 14.53 22.26
CA LYS D 120 -21.82 14.12 20.89
C LYS D 120 -23.12 14.13 20.10
N VAL D 121 -24.23 13.90 20.77
CA VAL D 121 -25.53 13.99 20.10
C VAL D 121 -25.89 15.44 19.86
N LYS D 122 -25.64 16.30 20.84
CA LYS D 122 -25.80 17.73 20.67
C LYS D 122 -24.91 18.26 19.57
N LEU D 123 -23.73 17.64 19.42
CA LEU D 123 -22.79 18.08 18.40
C LEU D 123 -23.27 17.73 17.01
N TYR D 124 -24.06 16.67 16.85
CA TYR D 124 -24.65 16.40 15.55
C TYR D 124 -25.79 17.35 15.26
N LEU D 125 -26.55 17.68 16.29
CA LEU D 125 -27.75 18.49 16.09
C LEU D 125 -27.40 19.92 15.75
N ASP D 126 -26.23 20.37 16.21
CA ASP D 126 -25.73 21.67 15.78
C ASP D 126 -25.32 21.63 14.32
N SER D 127 -24.83 20.47 13.88
CA SER D 127 -24.35 20.37 12.50
C SER D 127 -25.51 20.39 11.53
N ILE D 128 -26.56 19.66 11.82
CA ILE D 128 -27.69 19.64 10.91
C ILE D 128 -28.52 20.90 11.02
N SER D 129 -28.42 21.62 12.13
CA SER D 129 -29.03 22.93 12.22
C SER D 129 -28.34 23.92 11.30
N GLN D 130 -27.02 23.86 11.21
CA GLN D 130 -26.32 24.72 10.29
C GLN D 130 -26.50 24.28 8.84
N LEU D 131 -26.13 23.06 8.50
CA LEU D 131 -26.01 22.61 7.13
C LEU D 131 -27.33 22.39 6.44
N SER D 132 -28.45 22.61 7.13
CA SER D 132 -29.76 22.53 6.53
C SER D 132 -30.64 23.54 7.24
N ASN D 133 -31.91 23.59 6.87
CA ASN D 133 -32.86 24.44 7.56
C ASN D 133 -33.83 23.64 8.40
N ALA D 134 -33.50 22.41 8.75
CA ALA D 134 -34.26 21.67 9.74
C ALA D 134 -33.75 22.01 11.13
N SER D 135 -34.67 22.30 12.03
CA SER D 135 -34.31 22.56 13.42
C SER D 135 -35.04 21.56 14.31
N PHE D 136 -34.36 21.09 15.34
CA PHE D 136 -34.93 20.16 16.30
C PHE D 136 -34.65 20.75 17.66
N SER D 137 -35.53 21.65 18.09
CA SER D 137 -35.29 22.34 19.34
C SER D 137 -35.47 21.44 20.55
N ASN D 138 -36.38 20.47 20.46
CA ASN D 138 -36.71 19.63 21.62
C ASN D 138 -35.53 18.81 22.06
N LEU D 139 -34.83 18.20 21.13
CA LEU D 139 -33.57 17.55 21.44
C LEU D 139 -32.55 18.57 21.91
N LYS D 140 -32.48 19.71 21.23
CA LYS D 140 -31.49 20.72 21.63
C LYS D 140 -31.95 21.50 22.85
N ASN D 141 -33.12 21.19 23.40
CA ASN D 141 -33.46 21.75 24.71
C ASN D 141 -33.40 20.70 25.80
N LYS D 142 -33.76 19.46 25.48
CA LYS D 142 -33.78 18.44 26.52
C LYS D 142 -32.37 18.00 26.89
N ILE D 143 -31.45 18.05 25.94
CA ILE D 143 -30.12 17.52 26.19
C ILE D 143 -29.29 18.48 27.03
N ASP D 144 -29.25 19.74 26.63
CA ASP D 144 -28.48 20.71 27.40
C ASP D 144 -29.17 21.13 28.69
N THR D 145 -30.44 20.76 28.87
CA THR D 145 -31.01 20.76 30.21
C THR D 145 -30.23 19.84 31.13
N ILE D 146 -29.86 18.67 30.61
CA ILE D 146 -29.14 17.69 31.40
C ILE D 146 -27.69 18.09 31.54
N LEU D 147 -27.09 18.59 30.46
CA LEU D 147 -25.66 18.86 30.42
C LEU D 147 -25.23 19.99 31.31
N ALA D 148 -26.18 20.80 31.80
CA ALA D 148 -25.88 21.71 32.89
C ALA D 148 -25.43 20.98 34.14
N LYS D 149 -25.93 19.78 34.37
CA LYS D 149 -25.59 19.01 35.55
C LYS D 149 -24.47 18.02 35.33
N GLU D 150 -23.50 18.32 34.47
CA GLU D 150 -22.40 17.39 34.29
C GLU D 150 -21.46 17.45 35.47
N GLY D 151 -20.87 16.32 35.80
CA GLY D 151 -19.96 16.28 36.93
C GLY D 151 -20.55 15.58 38.13
N LYS D 152 -21.76 15.07 37.97
CA LYS D 152 -22.38 14.25 39.01
C LYS D 152 -23.39 13.31 38.35
N ASN D 153 -23.54 12.14 38.97
CA ASN D 153 -24.37 11.09 38.42
C ASN D 153 -25.82 11.38 38.74
N ILE D 154 -26.64 11.54 37.71
CA ILE D 154 -28.02 11.94 37.90
C ILE D 154 -28.97 10.89 37.37
N THR D 155 -30.26 11.13 37.62
CA THR D 155 -31.34 10.22 37.27
C THR D 155 -32.48 11.04 36.69
N LEU D 156 -33.02 10.61 35.55
CA LEU D 156 -34.04 11.42 34.91
C LEU D 156 -35.45 11.17 35.44
N ASP D 157 -36.00 9.99 35.21
CA ASP D 157 -37.36 9.73 35.69
C ASP D 157 -37.42 8.61 36.70
N SER D 158 -36.55 8.63 37.70
CA SER D 158 -36.79 7.91 38.93
C SER D 158 -36.17 8.68 40.08
N ASP D 159 -36.41 8.19 41.29
CA ASP D 159 -35.74 8.71 42.47
C ASP D 159 -34.86 7.64 43.12
N LEU D 160 -34.13 6.90 42.29
CA LEU D 160 -33.10 6.00 42.78
C LEU D 160 -32.02 6.81 43.47
N LYS D 161 -31.46 6.27 44.53
CA LYS D 161 -30.43 7.02 45.25
C LYS D 161 -29.04 6.42 45.17
N SER D 162 -28.82 5.20 45.61
CA SER D 162 -27.57 4.51 45.41
C SER D 162 -27.88 3.16 44.79
N ALA D 163 -27.08 2.79 43.81
CA ALA D 163 -27.36 1.57 43.08
C ALA D 163 -26.03 0.97 42.69
N ILE D 164 -26.05 -0.34 42.44
CA ILE D 164 -24.87 -1.05 42.03
C ILE D 164 -25.09 -1.46 40.58
N LEU D 165 -24.65 -0.62 39.67
CA LEU D 165 -24.78 -0.89 38.25
C LEU D 165 -23.73 -1.90 37.85
N ASN D 166 -24.17 -2.98 37.20
CA ASN D 166 -23.32 -4.02 36.63
C ASN D 166 -22.40 -4.65 37.66
N GLU D 167 -22.91 -4.81 38.88
CA GLU D 167 -22.30 -5.53 40.03
C GLU D 167 -20.85 -5.14 40.33
N ASP D 168 -20.42 -3.97 39.89
CA ASP D 168 -19.12 -3.42 40.24
C ASP D 168 -19.17 -1.96 40.63
N PHE D 169 -20.15 -1.20 40.19
CA PHE D 169 -20.04 0.24 40.16
C PHE D 169 -21.06 0.80 41.13
N TYR D 170 -20.66 0.94 42.37
CA TYR D 170 -21.52 1.57 43.35
C TYR D 170 -21.64 3.03 43.01
N VAL D 171 -22.75 3.41 42.41
CA VAL D 171 -22.98 4.79 42.02
C VAL D 171 -23.87 5.43 43.08
N GLU D 172 -23.75 6.73 43.22
CA GLU D 172 -24.64 7.50 44.06
C GLU D 172 -25.30 8.56 43.21
N LEU D 173 -26.61 8.65 43.28
CA LEU D 173 -27.36 9.43 42.32
C LEU D 173 -27.97 10.65 43.00
N GLU D 174 -28.46 11.56 42.16
CA GLU D 174 -29.26 12.68 42.60
C GLU D 174 -30.12 13.14 41.43
N ALA D 175 -31.43 13.11 41.65
CA ALA D 175 -32.38 13.09 40.55
C ALA D 175 -32.50 14.44 39.87
N LEU D 176 -33.25 14.45 38.78
CA LEU D 176 -33.43 15.64 37.97
C LEU D 176 -34.87 15.63 37.48
N ASN D 177 -35.45 16.79 37.29
CA ASN D 177 -36.81 16.89 36.78
C ASN D 177 -36.77 17.23 35.30
N ASN D 178 -36.67 16.21 34.45
CA ASN D 178 -36.72 16.45 33.02
C ASN D 178 -37.90 15.75 32.38
N LYS D 179 -38.05 14.45 32.65
CA LYS D 179 -39.15 13.61 32.15
C LYS D 179 -39.24 13.54 30.63
N ILE D 180 -38.31 12.86 29.97
CA ILE D 180 -38.45 12.47 28.58
C ILE D 180 -38.86 11.00 28.51
N PRO D 181 -40.15 10.71 28.31
CA PRO D 181 -40.52 9.34 27.98
C PRO D 181 -40.77 9.16 26.50
N SER D 182 -40.75 10.26 25.74
CA SER D 182 -40.99 10.17 24.32
C SER D 182 -39.83 9.52 23.58
N ILE D 183 -38.63 9.58 24.15
CA ILE D 183 -37.51 8.77 23.71
C ILE D 183 -37.53 7.41 24.40
N ILE D 184 -37.64 7.41 25.72
CA ILE D 184 -37.59 6.18 26.50
C ILE D 184 -39.04 5.77 26.73
N ASN D 185 -39.58 4.96 25.81
CA ASN D 185 -41.01 4.76 25.67
C ASN D 185 -41.65 4.05 26.86
N ALA D 186 -40.96 3.08 27.46
CA ALA D 186 -41.56 2.30 28.53
C ALA D 186 -41.51 3.01 29.88
N GLY D 187 -40.87 4.17 29.97
CA GLY D 187 -40.72 4.82 31.26
C GLY D 187 -39.71 4.14 32.13
N VAL D 188 -38.91 3.24 31.56
CA VAL D 188 -37.73 2.67 32.20
C VAL D 188 -36.79 3.82 32.50
N PRO D 189 -36.20 3.90 33.68
CA PRO D 189 -35.43 5.08 34.03
C PRO D 189 -34.17 5.22 33.22
N LEU D 190 -33.66 6.43 33.14
CA LEU D 190 -32.46 6.72 32.37
C LEU D 190 -31.48 7.39 33.31
N LEU D 191 -30.43 6.67 33.65
CA LEU D 191 -29.34 7.26 34.40
C LEU D 191 -28.37 7.93 33.45
N VAL D 192 -27.94 9.13 33.79
CA VAL D 192 -26.93 9.81 33.01
C VAL D 192 -25.71 9.91 33.90
N LEU D 193 -24.81 8.96 33.75
CA LEU D 193 -23.64 8.89 34.60
C LEU D 193 -22.59 9.89 34.15
N GLU D 194 -21.47 9.86 34.84
CA GLU D 194 -20.33 10.63 34.39
C GLU D 194 -19.61 9.94 33.25
N ASP D 195 -18.42 10.44 32.96
CA ASP D 195 -17.63 9.83 31.92
C ASP D 195 -16.72 8.77 32.49
N SER D 196 -16.00 9.10 33.56
CA SER D 196 -14.99 8.21 34.12
C SER D 196 -15.61 6.97 34.75
N ILE D 197 -16.84 7.05 35.24
CA ILE D 197 -17.54 5.89 35.76
C ILE D 197 -18.33 5.30 34.62
N GLY D 198 -18.62 6.12 33.61
CA GLY D 198 -19.60 5.71 32.62
C GLY D 198 -19.05 4.84 31.53
N ARG D 199 -17.73 4.80 31.38
CA ARG D 199 -17.14 3.92 30.37
C ARG D 199 -17.33 2.47 30.77
N GLU D 200 -16.87 2.13 31.97
CA GLU D 200 -16.73 0.73 32.35
C GLU D 200 -18.07 0.14 32.71
N VAL D 201 -19.06 0.99 33.02
CA VAL D 201 -20.42 0.51 33.08
C VAL D 201 -20.86 0.07 31.70
N ILE D 202 -20.64 0.91 30.70
CA ILE D 202 -21.14 0.58 29.37
C ILE D 202 -20.27 -0.49 28.71
N ASN D 203 -18.96 -0.47 28.97
CA ASN D 203 -18.12 -1.51 28.39
C ASN D 203 -18.38 -2.86 29.00
N ARG D 204 -18.85 -2.90 30.23
CA ARG D 204 -19.26 -4.17 30.79
C ARG D 204 -20.75 -4.39 30.72
N SER D 205 -21.51 -3.50 30.10
CA SER D 205 -22.93 -3.76 29.99
C SER D 205 -23.29 -4.66 28.83
N LEU D 206 -22.33 -5.02 28.00
CA LEU D 206 -22.62 -5.87 26.86
C LEU D 206 -22.67 -7.32 27.27
N ILE D 207 -23.22 -8.15 26.40
CA ILE D 207 -23.36 -9.57 26.65
C ILE D 207 -22.28 -10.30 25.87
N ARG D 208 -21.39 -10.98 26.58
CA ARG D 208 -20.47 -11.91 25.95
C ARG D 208 -21.08 -13.30 26.00
N VAL D 209 -21.00 -14.01 24.88
CA VAL D 209 -21.55 -15.35 24.75
C VAL D 209 -20.46 -16.26 24.20
N ARG D 210 -20.05 -17.24 24.97
CA ARG D 210 -19.18 -18.28 24.45
C ARG D 210 -19.97 -19.20 23.55
N ARG D 211 -19.34 -19.63 22.48
CA ARG D 211 -19.94 -20.56 21.55
C ARG D 211 -18.90 -21.60 21.19
N ILE D 212 -19.34 -22.76 20.69
CA ILE D 212 -18.43 -23.85 20.39
C ILE D 212 -18.74 -24.47 19.04
N ARG D 213 -18.00 -25.52 18.72
CA ARG D 213 -18.17 -26.27 17.50
C ARG D 213 -17.99 -27.75 17.79
N ILE D 214 -18.97 -28.56 17.40
CA ILE D 214 -19.04 -29.96 17.81
C ILE D 214 -18.52 -30.86 16.70
N ASP D 215 -17.56 -31.70 17.03
CA ASP D 215 -17.05 -32.71 16.10
C ASP D 215 -18.02 -33.87 16.05
N ARG D 216 -18.80 -33.97 14.98
CA ARG D 216 -19.90 -34.90 14.93
C ARG D 216 -19.47 -36.35 14.80
N ASP D 217 -18.21 -36.63 14.51
CA ASP D 217 -17.71 -37.98 14.60
C ASP D 217 -17.51 -38.41 16.04
N LYS D 218 -17.39 -37.46 16.96
CA LYS D 218 -17.17 -37.77 18.36
C LYS D 218 -18.16 -37.10 19.27
N LYS D 219 -18.89 -36.09 18.79
CA LYS D 219 -19.90 -35.34 19.55
C LYS D 219 -19.32 -34.67 20.79
N VAL D 220 -18.08 -34.22 20.71
CA VAL D 220 -17.50 -33.32 21.67
C VAL D 220 -16.98 -32.10 20.94
N VAL D 221 -16.38 -31.19 21.72
CA VAL D 221 -15.90 -29.92 21.20
C VAL D 221 -14.66 -30.16 20.35
N GLU D 222 -14.60 -29.52 19.17
CA GLU D 222 -13.37 -29.58 18.41
C GLU D 222 -12.30 -28.78 19.10
N THR D 223 -11.06 -29.19 18.93
CA THR D 223 -9.96 -28.34 19.30
C THR D 223 -9.90 -27.13 18.38
N GLY D 224 -9.82 -25.95 18.98
CA GLY D 224 -9.89 -24.71 18.23
C GLY D 224 -11.28 -24.16 18.03
N GLY D 225 -12.32 -24.86 18.45
CA GLY D 225 -13.67 -24.39 18.28
C GLY D 225 -14.28 -23.74 19.50
N LEU D 226 -13.80 -22.57 19.92
CA LEU D 226 -14.36 -21.88 21.07
C LEU D 226 -14.05 -20.41 20.95
N TRP D 227 -15.07 -19.55 21.06
CA TRP D 227 -14.87 -18.13 20.83
C TRP D 227 -16.04 -17.39 21.44
N SER D 228 -15.80 -16.17 21.87
CA SER D 228 -16.84 -15.37 22.48
C SER D 228 -17.31 -14.31 21.51
N GLU D 229 -18.49 -13.74 21.77
CA GLU D 229 -19.10 -12.72 20.93
C GLU D 229 -19.72 -11.67 21.80
N GLU D 230 -19.49 -10.40 21.51
CA GLU D 230 -20.23 -9.36 22.20
C GLU D 230 -21.52 -9.07 21.46
N TYR D 231 -22.63 -9.24 22.17
CA TYR D 231 -23.90 -8.76 21.70
C TYR D 231 -24.25 -7.51 22.48
N VAL D 232 -24.86 -6.57 21.78
CA VAL D 232 -25.43 -5.39 22.41
C VAL D 232 -26.83 -5.79 22.84
N PRO D 233 -27.28 -5.44 24.04
CA PRO D 233 -28.53 -5.98 24.54
C PRO D 233 -29.73 -5.46 23.80
N MET D 234 -30.88 -6.08 23.96
CA MET D 234 -32.07 -5.61 23.29
C MET D 234 -32.56 -4.33 23.94
N LYS D 235 -33.38 -3.57 23.21
CA LYS D 235 -33.84 -2.23 23.54
C LYS D 235 -32.70 -1.27 23.78
N THR D 236 -31.59 -1.45 23.07
CA THR D 236 -30.53 -0.46 23.12
C THR D 236 -30.84 0.65 22.13
N ILE D 237 -30.59 1.89 22.53
CA ILE D 237 -30.91 3.04 21.70
C ILE D 237 -29.63 3.66 21.19
N PHE D 238 -29.46 3.63 19.87
CA PHE D 238 -28.44 4.36 19.15
C PHE D 238 -29.05 5.64 18.61
N PHE D 239 -28.21 6.53 18.14
CA PHE D 239 -28.68 7.76 17.52
C PHE D 239 -27.89 8.05 16.26
N SER D 240 -28.60 8.33 15.18
CA SER D 240 -27.95 8.64 13.93
C SER D 240 -28.87 9.54 13.11
N VAL D 241 -28.24 10.34 12.26
CA VAL D 241 -28.95 11.32 11.45
C VAL D 241 -28.72 10.98 10.00
N LEU D 242 -29.79 10.76 9.27
CA LEU D 242 -29.70 10.63 7.83
C LEU D 242 -29.65 12.04 7.29
N LEU D 243 -28.78 12.28 6.35
CA LEU D 243 -28.69 13.56 5.66
C LEU D 243 -29.07 13.36 4.21
N GLY D 244 -29.59 14.40 3.60
CA GLY D 244 -29.93 14.28 2.20
C GLY D 244 -29.72 15.57 1.43
N LYS D 245 -28.94 15.50 0.36
CA LYS D 245 -28.78 16.66 -0.48
C LYS D 245 -30.02 16.85 -1.35
N GLU D 246 -30.05 17.98 -2.06
CA GLU D 246 -31.26 18.43 -2.72
C GLU D 246 -31.28 17.89 -4.14
N SER D 247 -32.36 17.20 -4.47
CA SER D 247 -32.72 16.92 -5.85
C SER D 247 -34.21 16.66 -5.90
N LYS D 248 -34.72 16.47 -7.11
CA LYS D 248 -36.12 16.12 -7.29
C LYS D 248 -36.36 14.67 -6.93
N GLU D 249 -35.32 13.85 -7.02
CA GLU D 249 -35.39 12.46 -6.60
C GLU D 249 -35.20 12.34 -5.10
N SER D 250 -34.66 13.39 -4.50
CA SER D 250 -34.39 13.35 -3.06
C SER D 250 -35.68 13.45 -2.27
N ALA D 251 -36.66 14.18 -2.79
CA ALA D 251 -37.88 14.41 -2.03
C ALA D 251 -38.83 13.22 -2.15
N ILE D 252 -38.66 12.42 -3.18
CA ILE D 252 -39.36 11.13 -3.24
C ILE D 252 -38.88 10.24 -2.12
N PHE D 253 -37.57 10.20 -1.91
CA PHE D 253 -37.00 9.38 -0.85
C PHE D 253 -37.34 9.94 0.52
N ALA D 254 -37.58 11.26 0.57
CA ALA D 254 -37.93 11.90 1.83
C ALA D 254 -39.30 11.49 2.33
N SER D 255 -40.28 11.40 1.46
CA SER D 255 -41.66 11.23 1.87
C SER D 255 -42.22 9.85 1.59
N CYS D 256 -41.68 9.13 0.64
CA CYS D 256 -42.19 7.81 0.34
C CYS D 256 -41.46 6.71 1.05
N ILE D 257 -40.12 6.70 0.98
CA ILE D 257 -39.38 5.52 1.40
C ILE D 257 -39.27 5.48 2.92
N LEU D 258 -39.05 6.63 3.55
CA LEU D 258 -38.77 6.62 4.96
C LEU D 258 -40.02 6.42 5.81
N ARG D 259 -41.20 6.66 5.27
CA ARG D 259 -42.40 6.30 6.00
C ARG D 259 -42.68 4.82 5.97
N ASN D 260 -42.23 4.13 4.94
CA ASN D 260 -42.37 2.69 4.86
C ASN D 260 -41.17 1.96 5.40
N LEU D 261 -40.32 2.64 6.15
CA LEU D 261 -39.13 2.03 6.73
C LEU D 261 -39.29 2.04 8.23
N ARG D 262 -39.56 0.86 8.79
CA ARG D 262 -39.81 0.78 10.22
C ARG D 262 -38.89 -0.25 10.85
N TYR D 263 -38.59 -1.33 10.14
CA TYR D 263 -37.75 -2.39 10.67
C TYR D 263 -36.75 -2.84 9.62
N VAL D 264 -35.50 -3.03 10.04
CA VAL D 264 -34.45 -3.54 9.16
C VAL D 264 -33.66 -4.61 9.90
N ILE D 265 -32.74 -5.24 9.18
CA ILE D 265 -31.86 -6.24 9.74
C ILE D 265 -30.45 -5.71 9.66
N LEU D 266 -29.86 -5.38 10.80
CA LEU D 266 -28.53 -4.83 10.86
C LEU D 266 -27.51 -5.90 11.21
N GLY D 267 -26.33 -5.80 10.63
CA GLY D 267 -25.18 -6.54 11.08
C GLY D 267 -25.27 -8.02 10.80
N GLY D 268 -24.31 -8.74 11.37
CA GLY D 268 -24.20 -10.16 11.16
C GLY D 268 -25.17 -10.93 12.02
N LYS D 269 -24.94 -12.25 12.08
CA LYS D 269 -25.63 -13.18 12.95
C LYS D 269 -27.14 -13.19 12.69
N GLU D 270 -27.49 -13.16 11.42
CA GLU D 270 -28.90 -13.13 11.06
C GLU D 270 -29.57 -14.47 11.35
N THR D 271 -28.83 -15.57 11.20
CA THR D 271 -29.37 -16.88 11.49
C THR D 271 -29.30 -17.25 12.95
N ILE D 272 -28.96 -16.29 13.81
CA ILE D 272 -29.09 -16.45 15.25
C ILE D 272 -30.25 -15.61 15.77
N GLY D 273 -30.86 -14.82 14.89
CA GLY D 273 -31.84 -13.87 15.34
C GLY D 273 -31.22 -12.72 16.07
N LYS D 274 -30.20 -12.09 15.48
CA LYS D 274 -29.47 -11.06 16.19
C LYS D 274 -29.39 -9.77 15.39
N GLY D 275 -30.38 -9.45 14.57
CA GLY D 275 -30.21 -8.30 13.73
C GLY D 275 -31.34 -7.31 13.65
N ILE D 276 -32.45 -7.57 14.30
CA ILE D 276 -33.67 -6.83 14.06
C ILE D 276 -33.60 -5.49 14.77
N VAL D 277 -34.04 -4.44 14.08
CA VAL D 277 -33.84 -3.07 14.52
C VAL D 277 -35.04 -2.24 14.10
N GLU D 278 -35.56 -1.45 15.03
CA GLU D 278 -36.64 -0.51 14.76
C GLU D 278 -36.11 0.91 14.65
N LEU D 279 -36.46 1.58 13.56
CA LEU D 279 -36.03 2.95 13.30
C LEU D 279 -37.18 3.89 13.61
N ARG D 280 -36.87 5.05 14.18
CA ARG D 280 -37.95 5.85 14.76
C ARG D 280 -38.28 7.14 14.02
N TRP D 281 -37.28 7.80 13.42
CA TRP D 281 -37.44 9.07 12.71
C TRP D 281 -37.98 10.17 13.61
N VAL D 282 -37.11 10.77 14.43
CA VAL D 282 -37.37 11.87 15.35
C VAL D 282 -38.34 12.93 14.81
N LYS D 283 -38.20 13.23 13.52
CA LYS D 283 -39.16 13.99 12.73
C LYS D 283 -40.63 13.65 12.97
N ASP D 284 -41.02 12.38 12.88
CA ASP D 284 -42.44 12.05 13.01
C ASP D 284 -42.74 11.27 14.28
N VAL D 285 -41.86 11.32 15.27
CA VAL D 285 -42.17 10.73 16.57
C VAL D 285 -41.96 11.76 17.65
N ILE D 286 -40.78 12.35 17.70
CA ILE D 286 -40.49 13.30 18.75
C ILE D 286 -41.06 14.63 18.32
N PRO E 2 3.03 43.91 3.41
CA PRO E 2 1.68 43.93 2.84
C PRO E 2 1.67 43.44 1.43
N TYR E 3 2.20 42.23 1.23
CA TYR E 3 2.02 41.57 -0.06
C TYR E 3 0.64 40.96 -0.16
N TYR E 4 -0.03 40.76 0.97
CA TYR E 4 -1.38 40.23 0.99
C TYR E 4 -2.33 41.27 1.58
N ALA E 5 -3.49 41.44 0.94
CA ALA E 5 -4.53 42.27 1.53
C ALA E 5 -5.05 41.65 2.81
N PHE E 6 -5.75 40.53 2.69
CA PHE E 6 -6.32 39.88 3.85
C PHE E 6 -5.59 38.58 4.12
N ALA E 7 -5.38 38.31 5.39
CA ALA E 7 -4.53 37.24 5.86
C ALA E 7 -5.22 36.64 7.08
N GLU E 8 -6.00 35.59 6.87
CA GLU E 8 -6.82 35.07 7.96
C GLU E 8 -6.46 33.65 8.31
N PRO E 9 -5.93 33.39 9.49
CA PRO E 9 -5.72 32.02 9.92
C PRO E 9 -7.01 31.45 10.45
N PHE E 10 -7.11 30.12 10.41
CA PHE E 10 -8.31 29.50 10.91
C PHE E 10 -8.02 28.08 11.32
N PHE E 11 -8.79 27.63 12.29
CA PHE E 11 -8.73 26.27 12.76
C PHE E 11 -9.74 25.43 11.99
N ILE E 12 -9.54 24.14 12.03
CA ILE E 12 -10.44 23.18 11.44
C ILE E 12 -10.76 22.18 12.53
N HIS E 13 -12.01 22.15 12.97
CA HIS E 13 -12.46 21.15 13.91
C HIS E 13 -13.18 20.06 13.13
N ALA E 14 -12.82 18.82 13.36
CA ALA E 14 -13.50 17.71 12.71
C ALA E 14 -14.70 17.32 13.53
N ILE E 15 -15.89 17.58 13.00
CA ILE E 15 -17.11 17.23 13.73
C ILE E 15 -17.44 15.75 13.64
N THR E 16 -17.47 15.17 12.45
CA THR E 16 -17.43 13.73 12.34
C THR E 16 -15.97 13.33 12.21
N HIS E 17 -15.72 12.10 11.79
CA HIS E 17 -14.36 11.73 11.46
C HIS E 17 -14.04 12.31 10.10
N LEU E 18 -12.76 12.34 9.75
CA LEU E 18 -12.32 13.00 8.54
C LEU E 18 -11.40 12.09 7.75
N HIS E 19 -11.52 12.12 6.43
CA HIS E 19 -10.69 11.28 5.59
C HIS E 19 -10.37 11.93 4.25
N VAL E 20 -9.11 12.33 4.08
CA VAL E 20 -8.53 12.70 2.80
C VAL E 20 -7.41 11.72 2.48
N GLY E 21 -7.55 11.01 1.38
CA GLY E 21 -6.63 9.95 1.06
C GLY E 21 -5.41 10.44 0.32
N SER E 22 -4.47 9.53 0.09
CA SER E 22 -3.32 9.89 -0.71
C SER E 22 -3.00 8.81 -1.74
N GLY E 23 -3.99 8.02 -2.10
CA GLY E 23 -3.83 7.04 -3.16
C GLY E 23 -3.24 5.74 -2.66
N SER E 24 -3.50 4.68 -3.43
CA SER E 24 -3.09 3.33 -3.08
C SER E 24 -1.66 3.09 -3.54
N SER E 25 -0.74 3.06 -2.59
CA SER E 25 0.62 2.60 -2.86
C SER E 25 0.73 1.13 -2.53
N VAL E 26 1.71 0.46 -3.13
CA VAL E 26 1.87 -0.97 -2.92
C VAL E 26 2.76 -1.26 -1.73
N GLU E 27 3.44 -0.26 -1.19
CA GLU E 27 4.26 -0.44 -0.01
C GLU E 27 3.57 0.04 1.25
N GLU E 28 2.24 -0.04 1.32
CA GLU E 28 1.55 0.78 2.30
C GLU E 28 0.85 -0.02 3.38
N GLU E 29 0.19 -1.11 2.99
CA GLU E 29 -0.59 -2.09 3.78
C GLU E 29 -1.79 -1.48 4.53
N ILE E 30 -2.05 -0.20 4.31
CA ILE E 30 -3.39 0.35 4.44
C ILE E 30 -3.82 0.79 3.06
N ALA E 31 -4.99 0.32 2.62
CA ALA E 31 -5.37 0.52 1.23
C ALA E 31 -5.70 1.96 0.94
N LEU E 32 -6.10 2.72 1.95
CA LEU E 32 -6.52 4.10 1.76
C LEU E 32 -5.96 4.97 2.89
N PRO E 33 -4.72 5.38 2.83
CA PRO E 33 -4.12 6.05 3.98
C PRO E 33 -4.50 7.51 4.06
N PHE E 34 -4.01 8.21 5.07
CA PHE E 34 -4.34 9.61 5.27
C PHE E 34 -3.17 10.48 4.83
N GLN E 35 -3.46 11.73 4.47
CA GLN E 35 -2.43 12.61 3.95
C GLN E 35 -1.46 13.00 5.03
N ARG E 36 -0.20 12.64 4.85
CA ARG E 36 0.79 12.77 5.88
C ARG E 36 1.52 14.12 5.77
N ASP E 37 2.65 14.23 6.48
CA ASP E 37 3.39 15.47 6.56
C ASP E 37 4.81 15.13 6.12
N GLU E 38 5.75 16.04 6.32
CA GLU E 38 7.14 15.67 6.14
C GLU E 38 7.67 14.89 7.32
N LEU E 39 6.95 14.88 8.44
CA LEU E 39 7.35 14.08 9.59
C LEU E 39 6.28 13.08 9.98
N GLY E 40 5.40 12.71 9.06
CA GLY E 40 4.50 11.60 9.25
C GLY E 40 3.21 11.91 9.94
N TYR E 41 3.03 13.12 10.43
CA TYR E 41 1.82 13.52 11.11
C TYR E 41 0.70 13.72 10.10
N PRO E 42 -0.54 13.61 10.51
CA PRO E 42 -1.63 13.81 9.56
C PRO E 42 -1.85 15.28 9.27
N THR E 43 -1.90 15.65 7.99
CA THR E 43 -2.22 17.01 7.60
C THR E 43 -3.18 16.97 6.44
N ILE E 44 -3.67 18.14 6.07
CA ILE E 44 -4.48 18.29 4.87
C ILE E 44 -3.70 19.15 3.92
N TYR E 45 -3.43 18.64 2.72
CA TYR E 45 -2.81 19.48 1.72
C TYR E 45 -3.82 20.51 1.27
N ALA E 46 -3.36 21.73 1.01
CA ALA E 46 -4.27 22.81 0.67
C ALA E 46 -4.88 22.65 -0.70
N SER E 47 -4.39 21.69 -1.48
CA SER E 47 -5.08 21.30 -2.70
C SER E 47 -6.48 20.78 -2.40
N SER E 48 -6.65 20.09 -1.28
CA SER E 48 -7.98 19.62 -0.91
C SER E 48 -8.75 20.70 -0.18
N LEU E 49 -8.06 21.55 0.57
CA LEU E 49 -8.74 22.67 1.23
C LEU E 49 -9.36 23.63 0.24
N LYS E 50 -8.61 23.99 -0.80
CA LYS E 50 -9.12 24.96 -1.74
C LYS E 50 -10.27 24.37 -2.53
N GLY E 51 -10.13 23.14 -2.98
CA GLY E 51 -11.13 22.59 -3.88
C GLY E 51 -12.41 22.19 -3.16
N ALA E 52 -12.32 21.95 -1.86
CA ALA E 52 -13.54 21.62 -1.12
C ALA E 52 -14.32 22.88 -0.83
N ILE E 53 -13.63 23.91 -0.37
CA ILE E 53 -14.29 25.16 0.00
C ILE E 53 -14.84 25.86 -1.25
N LYS E 54 -14.07 25.86 -2.33
CA LYS E 54 -14.53 26.46 -3.58
C LYS E 54 -15.76 25.74 -4.11
N SER E 55 -15.77 24.41 -4.05
CA SER E 55 -16.94 23.67 -4.51
C SER E 55 -18.10 23.85 -3.53
N PHE E 56 -17.79 24.19 -2.30
CA PHE E 56 -18.83 24.47 -1.32
C PHE E 56 -19.44 25.84 -1.58
N LEU E 57 -18.59 26.85 -1.77
CA LEU E 57 -19.07 28.22 -1.84
C LEU E 57 -19.79 28.50 -3.14
N LEU E 58 -19.52 27.72 -4.18
CA LEU E 58 -20.18 27.98 -5.46
C LEU E 58 -21.65 27.58 -5.42
N LYS E 59 -21.99 26.57 -4.63
CA LYS E 59 -23.39 26.21 -4.53
C LYS E 59 -24.07 26.82 -3.34
N GLU E 60 -23.32 27.29 -2.36
CA GLU E 60 -23.93 28.06 -1.28
C GLU E 60 -24.37 29.42 -1.75
N PHE E 61 -23.49 30.15 -2.44
CA PHE E 61 -23.67 31.56 -2.68
C PHE E 61 -23.67 31.77 -4.18
N PRO E 62 -24.71 31.37 -4.92
CA PRO E 62 -24.61 31.40 -6.39
C PRO E 62 -24.79 32.80 -6.95
N ASP E 63 -25.11 33.74 -6.08
CA ASP E 63 -25.24 35.14 -6.46
C ASP E 63 -23.88 35.82 -6.48
N LYS E 64 -23.00 35.45 -5.56
CA LYS E 64 -21.64 35.93 -5.52
C LYS E 64 -20.69 34.99 -6.21
N ARG E 65 -21.17 34.31 -7.25
CA ARG E 65 -20.38 33.33 -7.98
C ARG E 65 -19.18 33.98 -8.65
N ASP E 66 -19.37 35.17 -9.20
CA ASP E 66 -18.29 35.83 -9.92
C ASP E 66 -17.27 36.45 -8.97
N VAL E 67 -17.59 36.50 -7.68
CA VAL E 67 -16.58 36.87 -6.70
C VAL E 67 -15.72 35.68 -6.36
N ILE E 68 -16.33 34.48 -6.38
CA ILE E 68 -15.60 33.27 -6.06
C ILE E 68 -14.56 32.98 -7.13
N TYR E 69 -14.93 33.22 -8.40
CA TYR E 69 -13.99 32.93 -9.47
C TYR E 69 -12.81 33.89 -9.47
N LYS E 70 -13.00 35.11 -9.00
CA LYS E 70 -11.88 36.03 -9.01
C LYS E 70 -10.92 35.73 -7.89
N VAL E 71 -11.45 35.46 -6.70
CA VAL E 71 -10.57 35.26 -5.56
C VAL E 71 -10.02 33.86 -5.56
N LEU E 72 -10.77 32.88 -6.06
CA LEU E 72 -10.35 31.49 -6.00
C LEU E 72 -10.35 30.80 -7.36
N GLY E 73 -10.05 31.52 -8.42
CA GLY E 73 -9.74 30.89 -9.68
C GLY E 73 -10.98 30.53 -10.47
N GLU E 74 -10.83 30.59 -11.79
CA GLU E 74 -11.93 30.33 -12.70
C GLU E 74 -11.83 28.89 -13.19
N ASP E 75 -12.95 28.31 -13.60
CA ASP E 75 -12.93 26.91 -13.99
C ASP E 75 -13.32 26.68 -15.44
N GLU E 76 -13.38 27.74 -16.24
CA GLU E 76 -13.86 27.68 -17.61
C GLU E 76 -12.93 28.38 -18.60
N ASN E 77 -11.65 27.97 -18.62
CA ASN E 77 -10.55 28.53 -19.42
C ASN E 77 -10.29 29.98 -19.00
N PRO E 78 -9.64 30.17 -17.86
CA PRO E 78 -9.43 31.52 -17.32
C PRO E 78 -8.45 32.34 -18.14
N GLU E 79 -8.21 33.55 -17.65
CA GLU E 79 -7.13 34.37 -18.18
C GLU E 79 -6.22 34.91 -17.10
N GLU E 80 -6.39 34.55 -15.84
CA GLU E 80 -5.58 35.13 -14.79
C GLU E 80 -5.42 34.11 -13.68
N ALA E 81 -4.55 34.45 -12.74
CA ALA E 81 -4.36 33.65 -11.56
C ALA E 81 -5.35 34.04 -10.48
N SER E 82 -5.61 33.12 -9.57
CA SER E 82 -6.48 33.43 -8.45
C SER E 82 -5.77 34.33 -7.46
N LEU E 83 -6.54 34.91 -6.57
CA LEU E 83 -5.97 35.82 -5.61
C LEU E 83 -5.99 35.28 -4.21
N GLY E 84 -6.60 34.12 -4.00
CA GLY E 84 -6.64 33.52 -2.69
C GLY E 84 -5.57 32.47 -2.53
N THR E 85 -5.28 32.14 -1.28
CA THR E 85 -4.22 31.19 -0.96
C THR E 85 -4.53 30.51 0.35
N PHE E 86 -4.73 29.19 0.31
CA PHE E 86 -4.79 28.39 1.51
C PHE E 86 -3.41 27.83 1.77
N LEU E 87 -2.99 27.82 3.02
CA LEU E 87 -1.76 27.11 3.30
C LEU E 87 -2.10 25.69 3.72
N ASP E 88 -1.08 24.84 3.77
CA ASP E 88 -1.33 23.44 4.11
C ASP E 88 -1.65 23.31 5.58
N ALA E 89 -2.77 22.65 5.86
CA ALA E 89 -3.34 22.65 7.20
C ALA E 89 -2.50 21.78 8.13
N ILE E 90 -1.74 22.41 9.01
CA ILE E 90 -0.98 21.70 10.02
C ILE E 90 -1.92 21.10 11.05
N LEU E 91 -1.62 19.89 11.50
CA LEU E 91 -2.27 19.33 12.67
C LEU E 91 -1.94 20.19 13.88
N PHE E 92 -2.94 20.59 14.63
CA PHE E 92 -2.71 21.46 15.77
C PHE E 92 -2.92 20.74 17.09
N ALA E 93 -3.83 19.76 17.12
CA ALA E 93 -4.16 18.98 18.30
C ALA E 93 -4.99 17.79 17.86
N ILE E 94 -4.92 16.71 18.62
CA ILE E 94 -5.67 15.50 18.31
C ILE E 94 -6.19 14.96 19.64
N PRO E 95 -7.38 14.37 19.69
CA PRO E 95 -7.85 13.81 20.96
C PRO E 95 -7.14 12.51 21.26
N SER E 96 -7.04 12.19 22.55
CA SER E 96 -6.36 10.98 22.98
C SER E 96 -6.90 10.51 24.31
N ARG E 97 -7.16 9.21 24.43
CA ARG E 97 -7.75 8.67 25.64
C ARG E 97 -6.79 8.71 26.82
N ILE E 98 -7.25 9.25 27.93
CA ILE E 98 -6.38 9.47 29.07
C ILE E 98 -6.84 8.55 30.19
N ILE E 99 -5.89 8.14 31.03
CA ILE E 99 -6.16 7.41 32.26
C ILE E 99 -5.31 8.09 33.33
N GLU E 100 -5.95 8.90 34.16
CA GLU E 100 -5.19 9.79 35.03
C GLU E 100 -4.49 9.04 36.15
N ILE E 101 -3.27 9.48 36.43
CA ILE E 101 -2.53 9.16 37.64
C ILE E 101 -2.20 10.50 38.28
N ASP E 102 -2.31 10.58 39.61
CA ASP E 102 -2.03 11.80 40.41
C ASP E 102 -2.97 12.93 39.99
N SER E 103 -4.27 12.63 40.02
CA SER E 103 -5.29 13.62 39.72
C SER E 103 -6.58 13.26 40.44
N ALA E 104 -7.28 14.29 40.92
CA ALA E 104 -8.58 14.12 41.55
C ALA E 104 -9.73 14.43 40.60
N LYS E 105 -9.44 14.46 39.30
CA LYS E 105 -10.31 15.09 38.33
C LYS E 105 -10.84 14.06 37.33
N PRO E 106 -12.04 14.23 36.85
CA PRO E 106 -12.54 13.33 35.80
C PRO E 106 -12.09 13.74 34.40
N TYR E 107 -11.24 12.94 33.78
CA TYR E 107 -10.91 13.15 32.39
C TYR E 107 -10.85 11.81 31.71
N VAL E 108 -11.37 11.73 30.49
CA VAL E 108 -11.17 10.56 29.65
C VAL E 108 -10.41 10.84 28.38
N TRP E 109 -10.69 11.96 27.71
CA TRP E 109 -9.87 12.31 26.57
C TRP E 109 -9.32 13.69 26.77
N VAL E 110 -8.27 13.98 26.01
CA VAL E 110 -7.52 15.23 26.16
C VAL E 110 -6.89 15.53 24.82
N TYR E 111 -6.70 16.80 24.53
CA TYR E 111 -6.05 17.20 23.29
C TYR E 111 -4.56 17.01 23.41
N VAL E 112 -3.95 16.56 22.33
CA VAL E 112 -2.55 16.17 22.30
C VAL E 112 -1.89 16.80 21.09
N THR E 113 -0.78 17.50 21.32
CA THR E 113 0.09 17.94 20.25
C THR E 113 1.53 17.84 20.69
N THR E 114 2.44 17.93 19.73
CA THR E 114 3.85 17.93 20.03
C THR E 114 4.37 19.35 19.90
N TYR E 115 5.65 19.53 20.21
CA TYR E 115 6.26 20.81 19.92
C TYR E 115 6.44 21.04 18.44
N GLU E 116 6.67 19.99 17.65
CA GLU E 116 7.07 20.24 16.27
C GLU E 116 5.89 20.63 15.42
N LEU E 117 4.69 20.30 15.86
CA LEU E 117 3.53 20.92 15.23
C LEU E 117 3.43 22.37 15.63
N LEU E 118 3.89 22.73 16.82
CA LEU E 118 3.84 24.12 17.22
C LEU E 118 4.94 24.93 16.56
N LYS E 119 6.09 24.32 16.30
CA LYS E 119 7.14 25.05 15.61
C LYS E 119 6.77 25.29 14.16
N LYS E 120 5.92 24.44 13.60
CA LYS E 120 5.45 24.68 12.23
C LYS E 120 4.41 25.78 12.21
N VAL E 121 3.71 26.00 13.32
CA VAL E 121 2.71 27.04 13.36
C VAL E 121 3.37 28.40 13.45
N LYS E 122 4.43 28.51 14.26
CA LYS E 122 5.11 29.78 14.42
C LYS E 122 5.79 30.20 13.12
N LEU E 123 6.19 29.24 12.29
CA LEU E 123 6.71 29.60 10.98
C LEU E 123 5.61 30.16 10.09
N TYR E 124 4.37 29.77 10.31
CA TYR E 124 3.29 30.41 9.57
C TYR E 124 3.06 31.82 10.09
N LEU E 125 3.11 32.00 11.40
CA LEU E 125 2.80 33.31 11.94
C LEU E 125 3.92 34.30 11.66
N ASP E 126 5.15 33.81 11.55
CA ASP E 126 6.25 34.70 11.26
C ASP E 126 6.29 35.06 9.79
N SER E 127 5.83 34.16 8.94
CA SER E 127 5.82 34.49 7.52
C SER E 127 4.70 35.46 7.20
N ILE E 128 3.52 35.25 7.78
CA ILE E 128 2.38 36.05 7.38
C ILE E 128 2.42 37.44 7.97
N SER E 129 2.85 37.57 9.22
CA SER E 129 3.01 38.89 9.81
C SER E 129 4.15 39.69 9.19
N GLN E 130 5.01 39.05 8.40
CA GLN E 130 5.91 39.79 7.53
C GLN E 130 5.32 40.04 6.15
N LEU E 131 4.53 39.10 5.63
CA LEU E 131 4.02 39.29 4.27
C LEU E 131 2.75 40.11 4.23
N SER E 132 2.03 40.23 5.32
CA SER E 132 0.88 41.11 5.35
C SER E 132 1.05 42.07 6.51
N ASN E 133 0.24 43.11 6.50
CA ASN E 133 0.35 44.18 7.49
C ASN E 133 -0.17 43.75 8.86
N ALA E 134 -0.96 42.68 8.92
CA ALA E 134 -1.54 42.27 10.19
C ALA E 134 -0.56 41.44 10.98
N SER E 135 -0.74 41.44 12.30
CA SER E 135 0.10 40.69 13.22
C SER E 135 -0.79 39.80 14.06
N PHE E 136 -0.17 38.83 14.73
CA PHE E 136 -0.94 37.94 15.57
C PHE E 136 -0.20 37.80 16.89
N SER E 137 0.17 38.96 17.45
CA SER E 137 1.02 39.00 18.63
C SER E 137 0.32 38.49 19.87
N ASN E 138 -1.01 38.41 19.85
CA ASN E 138 -1.67 37.66 20.89
C ASN E 138 -1.38 36.17 20.73
N LEU E 139 -1.48 35.67 19.49
CA LEU E 139 -1.31 34.25 19.28
C LEU E 139 0.16 33.85 19.33
N LYS E 140 1.04 34.73 18.89
CA LYS E 140 2.47 34.43 18.92
C LYS E 140 2.98 34.32 20.35
N ASN E 141 2.46 35.17 21.25
CA ASN E 141 2.91 35.07 22.63
C ASN E 141 2.36 33.84 23.31
N LYS E 142 1.22 33.34 22.83
CA LYS E 142 0.68 32.11 23.39
C LYS E 142 1.54 30.92 23.02
N ILE E 143 2.23 31.00 21.89
CA ILE E 143 3.03 29.87 21.47
C ILE E 143 4.45 29.99 22.01
N ASP E 144 5.00 31.20 22.05
CA ASP E 144 6.34 31.36 22.59
C ASP E 144 6.37 31.19 24.09
N THR E 145 5.23 31.33 24.76
CA THR E 145 5.22 30.96 26.16
C THR E 145 5.11 29.46 26.32
N ILE E 146 4.79 28.73 25.26
CA ILE E 146 4.86 27.27 25.31
C ILE E 146 6.24 26.80 24.89
N LEU E 147 6.74 27.32 23.78
CA LEU E 147 8.01 26.83 23.23
C LEU E 147 9.21 27.26 24.06
N ALA E 148 9.03 28.16 25.02
CA ALA E 148 10.10 28.39 25.99
C ALA E 148 10.29 27.21 26.90
N LYS E 149 9.25 26.40 27.09
CA LYS E 149 9.29 25.28 28.01
C LYS E 149 9.69 23.98 27.33
N GLU E 150 10.33 24.07 26.16
CA GLU E 150 10.59 22.88 25.35
C GLU E 150 11.61 21.98 26.03
N GLY E 151 11.45 20.68 25.84
CA GLY E 151 12.23 19.70 26.54
C GLY E 151 11.48 19.00 27.63
N LYS E 152 10.24 19.39 27.89
CA LYS E 152 9.44 18.77 28.92
C LYS E 152 8.10 18.41 28.32
N ASN E 153 7.42 17.46 28.93
CA ASN E 153 6.05 17.21 28.56
C ASN E 153 5.16 18.14 29.37
N ILE E 154 4.51 19.07 28.69
CA ILE E 154 3.78 20.14 29.35
C ILE E 154 2.30 19.85 29.30
N THR E 155 1.66 19.86 30.45
CA THR E 155 0.22 20.03 30.44
C THR E 155 -0.09 21.50 30.40
N LEU E 156 -0.96 21.88 29.48
CA LEU E 156 -1.22 23.29 29.24
C LEU E 156 -2.25 23.83 30.22
N ASP E 157 -3.48 23.30 30.19
CA ASP E 157 -4.55 23.92 30.96
C ASP E 157 -4.63 23.31 32.35
N SER E 158 -4.99 22.04 32.43
CA SER E 158 -5.32 21.45 33.71
C SER E 158 -4.08 20.98 34.45
N ASP E 159 -4.30 20.50 35.66
CA ASP E 159 -3.26 20.03 36.56
C ASP E 159 -3.27 18.51 36.68
N LEU E 160 -2.48 17.82 35.86
CA LEU E 160 -2.62 16.37 35.76
C LEU E 160 -1.38 15.65 36.28
N LYS E 161 -0.22 16.03 35.78
CA LYS E 161 1.13 15.64 36.18
C LYS E 161 1.50 14.21 35.79
N SER E 162 0.55 13.38 35.37
CA SER E 162 0.81 11.99 35.06
C SER E 162 -0.41 11.42 34.35
N ALA E 163 -0.17 10.57 33.36
CA ALA E 163 -1.27 10.07 32.55
C ALA E 163 -0.84 8.82 31.82
N ILE E 164 -1.80 8.20 31.14
CA ILE E 164 -1.57 7.13 30.18
C ILE E 164 -2.39 7.45 28.95
N LEU E 165 -1.72 7.71 27.84
CA LEU E 165 -2.36 8.21 26.64
C LEU E 165 -2.60 7.08 25.66
N ASN E 166 -3.87 6.92 25.25
CA ASN E 166 -4.34 5.88 24.33
C ASN E 166 -3.98 4.49 24.79
N GLU E 167 -4.16 4.21 26.08
CA GLU E 167 -3.94 2.93 26.73
C GLU E 167 -2.52 2.41 26.65
N ASP E 168 -1.56 3.18 26.18
CA ASP E 168 -0.21 2.63 26.10
C ASP E 168 0.83 3.46 26.82
N PHE E 169 0.86 4.76 26.56
CA PHE E 169 2.05 5.57 26.74
C PHE E 169 1.92 6.44 27.99
N TYR E 170 2.87 6.31 28.88
CA TYR E 170 2.91 7.04 30.13
C TYR E 170 3.59 8.38 29.89
N VAL E 171 3.10 9.42 30.54
CA VAL E 171 3.75 10.72 30.51
C VAL E 171 3.93 11.22 31.93
N GLU E 172 5.02 11.94 32.17
CA GLU E 172 5.18 12.78 33.34
C GLU E 172 5.06 14.22 32.91
N LEU E 173 4.13 14.94 33.52
CA LEU E 173 3.79 16.24 32.98
C LEU E 173 4.28 17.35 33.88
N GLU E 174 4.17 18.57 33.39
CA GLU E 174 4.44 19.77 34.17
C GLU E 174 3.35 20.79 33.92
N ALA E 175 2.73 21.26 35.00
CA ALA E 175 1.75 22.33 34.90
C ALA E 175 2.48 23.60 34.54
N LEU E 176 2.05 24.24 33.46
CA LEU E 176 2.71 25.45 33.01
C LEU E 176 2.37 26.64 33.89
N ASN E 177 1.12 27.07 33.84
CA ASN E 177 0.55 28.08 34.71
C ASN E 177 -0.95 27.98 34.50
N ASN E 178 -1.73 27.75 35.55
CA ASN E 178 -3.14 27.43 35.36
C ASN E 178 -4.02 28.68 35.22
N LYS E 179 -3.44 29.80 34.82
CA LYS E 179 -4.18 30.96 34.36
C LYS E 179 -3.81 31.32 32.93
N ILE E 180 -3.10 30.45 32.22
CA ILE E 180 -2.79 30.69 30.81
C ILE E 180 -4.09 30.64 30.00
N PRO E 181 -4.27 31.50 29.02
CA PRO E 181 -5.49 31.42 28.21
C PRO E 181 -5.46 30.15 27.38
N SER E 182 -6.59 29.46 27.39
CA SER E 182 -6.74 28.32 26.50
C SER E 182 -6.76 28.80 25.06
N ILE E 183 -5.86 28.23 24.26
CA ILE E 183 -5.81 28.57 22.84
C ILE E 183 -7.07 28.11 22.13
N ILE E 184 -7.50 26.88 22.42
CA ILE E 184 -8.82 26.38 22.09
C ILE E 184 -9.84 27.04 23.00
N ASN E 185 -11.12 26.82 22.75
CA ASN E 185 -12.13 27.32 23.66
C ASN E 185 -12.73 26.22 24.53
N ALA E 186 -12.22 25.00 24.45
CA ALA E 186 -12.84 23.91 25.17
C ALA E 186 -12.38 23.90 26.63
N GLY E 187 -13.12 23.16 27.45
CA GLY E 187 -12.80 23.00 28.85
C GLY E 187 -11.89 21.82 29.05
N VAL E 188 -11.73 21.04 28.00
CA VAL E 188 -10.81 19.90 28.01
C VAL E 188 -9.39 20.42 27.84
N PRO E 189 -8.44 19.99 28.66
CA PRO E 189 -7.08 20.54 28.56
C PRO E 189 -6.33 20.06 27.33
N LEU E 190 -5.10 20.54 27.22
CA LEU E 190 -4.24 20.28 26.08
C LEU E 190 -2.88 19.81 26.61
N LEU E 191 -2.26 18.90 25.91
CA LEU E 191 -0.95 18.41 26.28
C LEU E 191 0.02 18.75 25.17
N VAL E 192 1.20 19.22 25.55
CA VAL E 192 2.27 19.49 24.61
C VAL E 192 3.39 18.54 24.96
N LEU E 193 3.65 17.59 24.07
CA LEU E 193 4.51 16.48 24.38
C LEU E 193 5.86 16.65 23.74
N GLU E 194 6.86 15.95 24.26
CA GLU E 194 8.07 15.75 23.50
C GLU E 194 7.76 14.94 22.26
N ASP E 195 8.64 15.03 21.29
CA ASP E 195 8.29 14.63 19.95
C ASP E 195 8.36 13.12 19.76
N SER E 196 9.35 12.47 20.38
CA SER E 196 9.52 11.04 20.22
C SER E 196 8.37 10.28 20.86
N ILE E 197 7.96 10.70 22.04
CA ILE E 197 6.79 10.09 22.66
C ILE E 197 5.52 10.60 22.01
N GLY E 198 5.54 11.82 21.49
CA GLY E 198 4.34 12.39 20.93
C GLY E 198 4.05 11.88 19.53
N ARG E 199 5.01 11.20 18.93
CA ARG E 199 4.78 10.65 17.59
C ARG E 199 3.87 9.45 17.66
N GLU E 200 4.09 8.57 18.63
CA GLU E 200 3.41 7.29 18.57
C GLU E 200 2.04 7.35 19.21
N VAL E 201 1.82 8.35 20.08
CA VAL E 201 0.47 8.63 20.56
C VAL E 201 -0.44 9.03 19.41
N ILE E 202 0.04 9.94 18.58
CA ILE E 202 -0.71 10.39 17.43
C ILE E 202 -0.81 9.27 16.40
N ASN E 203 0.19 8.39 16.37
CA ASN E 203 0.09 7.19 15.54
C ASN E 203 -1.00 6.27 16.08
N ARG E 204 -1.12 6.19 17.39
CA ARG E 204 -2.10 5.30 17.98
C ARG E 204 -3.49 5.93 17.95
N SER E 205 -3.57 7.26 18.04
CA SER E 205 -4.84 7.94 18.11
C SER E 205 -5.65 7.90 16.84
N LEU E 206 -5.04 7.58 15.71
CA LEU E 206 -5.79 7.50 14.47
C LEU E 206 -6.69 6.29 14.49
N ILE E 207 -7.76 6.34 13.71
CA ILE E 207 -8.79 5.32 13.71
C ILE E 207 -8.66 4.53 12.43
N ARG E 208 -8.50 3.22 12.54
CA ARG E 208 -8.32 2.36 11.39
C ARG E 208 -9.44 1.35 11.33
N VAL E 209 -10.19 1.36 10.24
CA VAL E 209 -11.46 0.65 10.12
C VAL E 209 -11.36 -0.34 8.98
N ARG E 210 -11.89 -1.54 9.19
CA ARG E 210 -12.00 -2.55 8.14
C ARG E 210 -13.39 -2.51 7.55
N ARG E 211 -13.49 -2.59 6.23
CA ARG E 211 -14.76 -2.57 5.55
C ARG E 211 -14.82 -3.70 4.55
N ILE E 212 -16.02 -4.07 4.12
CA ILE E 212 -16.20 -5.15 3.17
C ILE E 212 -17.22 -4.74 2.11
N ARG E 213 -17.41 -5.61 1.13
CA ARG E 213 -18.35 -5.41 0.04
C ARG E 213 -19.15 -6.68 -0.18
N ILE E 214 -20.44 -6.63 0.14
CA ILE E 214 -21.28 -7.82 0.18
C ILE E 214 -22.11 -7.86 -1.10
N ASP E 215 -22.17 -9.03 -1.72
CA ASP E 215 -22.94 -9.23 -2.95
C ASP E 215 -24.43 -9.01 -2.70
N ARG E 216 -25.13 -8.54 -3.73
CA ARG E 216 -26.52 -8.14 -3.55
C ARG E 216 -27.46 -9.33 -3.68
N ASP E 217 -27.01 -10.38 -4.37
CA ASP E 217 -27.86 -11.57 -4.52
C ASP E 217 -28.02 -12.29 -3.20
N LYS E 218 -26.96 -12.31 -2.40
CA LYS E 218 -26.90 -13.17 -1.24
C LYS E 218 -25.86 -12.61 -0.27
N LYS E 219 -26.17 -12.67 1.02
CA LYS E 219 -25.40 -11.94 2.02
C LYS E 219 -24.08 -12.67 2.25
N VAL E 220 -23.13 -12.38 1.36
CA VAL E 220 -21.80 -12.94 1.45
C VAL E 220 -20.87 -11.95 0.76
N VAL E 221 -19.62 -11.90 1.21
CA VAL E 221 -18.69 -10.92 0.65
C VAL E 221 -18.35 -11.29 -0.78
N GLU E 222 -18.09 -10.27 -1.59
CA GLU E 222 -17.51 -10.55 -2.88
C GLU E 222 -16.02 -10.71 -2.74
N THR E 223 -15.45 -11.52 -3.63
CA THR E 223 -14.03 -11.81 -3.58
C THR E 223 -13.25 -10.56 -3.92
N GLY E 224 -12.31 -10.19 -3.06
CA GLY E 224 -11.58 -8.96 -3.23
C GLY E 224 -12.16 -7.79 -2.48
N GLY E 225 -13.27 -7.98 -1.79
CA GLY E 225 -13.87 -6.90 -1.04
C GLY E 225 -13.50 -6.91 0.43
N LEU E 226 -12.23 -6.70 0.74
CA LEU E 226 -11.86 -6.42 2.12
C LEU E 226 -10.72 -5.43 2.08
N TRP E 227 -10.87 -4.33 2.78
CA TRP E 227 -9.78 -3.38 2.83
C TRP E 227 -9.82 -2.68 4.17
N SER E 228 -8.82 -1.85 4.40
CA SER E 228 -8.68 -1.14 5.66
C SER E 228 -8.52 0.34 5.37
N GLU E 229 -9.21 1.16 6.16
CA GLU E 229 -9.21 2.59 5.95
C GLU E 229 -8.62 3.29 7.15
N GLU E 230 -8.62 4.61 7.12
CA GLU E 230 -7.95 5.33 8.18
C GLU E 230 -8.53 6.72 8.33
N TYR E 231 -8.99 7.06 9.52
CA TYR E 231 -9.59 8.35 9.77
C TYR E 231 -8.82 9.03 10.88
N VAL E 232 -8.93 10.35 10.94
CA VAL E 232 -8.50 11.04 12.14
C VAL E 232 -9.77 11.10 12.98
N PRO E 233 -9.69 11.22 14.31
CA PRO E 233 -10.92 11.20 15.10
C PRO E 233 -11.67 12.49 14.94
N MET E 234 -12.90 12.48 15.42
CA MET E 234 -13.62 13.73 15.55
C MET E 234 -13.00 14.53 16.67
N LYS E 235 -13.29 15.83 16.67
CA LYS E 235 -12.66 16.87 17.48
C LYS E 235 -11.18 16.96 17.22
N THR E 236 -10.73 16.62 16.01
CA THR E 236 -9.36 16.88 15.62
C THR E 236 -9.22 18.34 15.22
N ILE E 237 -8.22 19.01 15.76
CA ILE E 237 -8.03 20.44 15.50
C ILE E 237 -6.85 20.60 14.56
N PHE E 238 -7.11 21.13 13.38
CA PHE E 238 -6.04 21.50 12.47
C PHE E 238 -5.74 22.97 12.62
N PHE E 239 -4.87 23.47 11.76
CA PHE E 239 -4.53 24.88 11.72
C PHE E 239 -4.10 25.22 10.31
N SER E 240 -4.77 26.19 9.71
CA SER E 240 -4.42 26.64 8.38
C SER E 240 -4.55 28.14 8.32
N VAL E 241 -4.08 28.74 7.23
CA VAL E 241 -4.14 30.16 7.03
C VAL E 241 -4.69 30.43 5.64
N LEU E 242 -5.67 31.32 5.54
CA LEU E 242 -6.16 31.80 4.26
C LEU E 242 -5.58 33.17 3.98
N LEU E 243 -5.15 33.40 2.74
CA LEU E 243 -4.47 34.62 2.34
C LEU E 243 -5.12 35.20 1.11
N GLY E 244 -4.92 36.49 0.88
CA GLY E 244 -5.42 37.13 -0.31
C GLY E 244 -4.73 38.45 -0.58
N LYS E 245 -4.50 38.71 -1.86
CA LYS E 245 -3.75 39.88 -2.28
C LYS E 245 -4.69 41.06 -2.50
N GLU E 246 -4.11 42.25 -2.75
CA GLU E 246 -4.91 43.47 -2.87
C GLU E 246 -5.74 43.43 -4.13
N SER E 247 -7.03 43.22 -3.97
CA SER E 247 -7.95 43.50 -5.07
C SER E 247 -9.27 43.94 -4.48
N LYS E 248 -10.14 44.42 -5.34
CA LYS E 248 -11.41 44.95 -4.88
C LYS E 248 -12.36 43.83 -4.51
N GLU E 249 -12.31 42.71 -5.24
CA GLU E 249 -13.11 41.56 -4.85
C GLU E 249 -12.62 40.93 -3.56
N SER E 250 -11.34 41.11 -3.25
CA SER E 250 -10.75 40.44 -2.09
C SER E 250 -11.21 41.07 -0.79
N ALA E 251 -11.78 42.28 -0.84
CA ALA E 251 -12.36 42.83 0.37
C ALA E 251 -13.83 42.44 0.48
N ILE E 252 -14.50 42.26 -0.64
CA ILE E 252 -15.83 41.65 -0.64
C ILE E 252 -15.73 40.24 -0.07
N PHE E 253 -14.75 39.48 -0.53
CA PHE E 253 -14.63 38.08 -0.18
C PHE E 253 -14.27 37.90 1.28
N ALA E 254 -13.40 38.77 1.79
CA ALA E 254 -12.96 38.59 3.16
C ALA E 254 -13.99 39.06 4.16
N SER E 255 -14.84 40.01 3.77
CA SER E 255 -15.82 40.54 4.71
C SER E 255 -17.15 39.82 4.65
N CYS E 256 -17.70 39.62 3.46
CA CYS E 256 -18.96 38.92 3.36
C CYS E 256 -18.80 37.42 3.55
N ILE E 257 -18.03 36.78 2.66
CA ILE E 257 -18.08 35.33 2.50
C ILE E 257 -17.53 34.62 3.73
N LEU E 258 -16.34 35.02 4.16
CA LEU E 258 -15.63 34.23 5.14
C LEU E 258 -16.24 34.36 6.53
N ARG E 259 -16.96 35.44 6.79
CA ARG E 259 -17.55 35.58 8.11
C ARG E 259 -18.95 35.02 8.17
N ASN E 260 -19.46 34.52 7.06
CA ASN E 260 -20.68 33.73 7.05
C ASN E 260 -20.37 32.31 6.57
N LEU E 261 -19.16 31.86 6.84
CA LEU E 261 -18.73 30.51 6.53
C LEU E 261 -18.28 29.85 7.83
N ARG E 262 -19.02 28.85 8.28
CA ARG E 262 -18.60 28.18 9.50
C ARG E 262 -18.51 26.67 9.33
N TYR E 263 -19.48 26.05 8.67
CA TYR E 263 -19.45 24.60 8.50
C TYR E 263 -19.28 24.27 7.03
N VAL E 264 -18.33 23.37 6.74
CA VAL E 264 -18.10 22.88 5.39
C VAL E 264 -17.97 21.37 5.43
N ILE E 265 -17.85 20.79 4.25
CA ILE E 265 -17.64 19.37 4.08
C ILE E 265 -16.30 19.17 3.41
N LEU E 266 -15.27 18.88 4.18
CA LEU E 266 -14.00 18.46 3.61
C LEU E 266 -14.04 16.97 3.37
N GLY E 267 -12.89 16.41 3.10
CA GLY E 267 -12.71 14.99 3.19
C GLY E 267 -13.34 14.22 2.06
N GLY E 268 -12.95 12.97 1.98
CA GLY E 268 -13.69 12.04 1.18
C GLY E 268 -14.71 11.35 2.02
N LYS E 269 -15.28 10.30 1.45
CA LYS E 269 -16.17 9.38 2.15
C LYS E 269 -17.36 10.14 2.70
N GLU E 270 -17.90 11.01 1.87
CA GLU E 270 -18.96 11.91 2.31
C GLU E 270 -20.23 11.12 2.57
N THR E 271 -20.46 10.07 1.80
CA THR E 271 -21.69 9.32 1.92
C THR E 271 -21.72 8.43 3.15
N ILE E 272 -20.60 8.29 3.85
CA ILE E 272 -20.55 7.55 5.11
C ILE E 272 -20.57 8.62 6.19
N GLY E 273 -20.73 9.87 5.77
CA GLY E 273 -20.76 10.93 6.74
C GLY E 273 -19.43 11.23 7.36
N LYS E 274 -18.37 11.20 6.58
CA LYS E 274 -17.06 11.60 7.06
C LYS E 274 -16.76 13.02 6.60
N GLY E 275 -16.18 13.80 7.50
CA GLY E 275 -15.63 15.07 7.10
C GLY E 275 -16.57 16.24 7.20
N ILE E 276 -17.20 16.44 8.34
CA ILE E 276 -17.92 17.68 8.60
C ILE E 276 -17.03 18.57 9.46
N VAL E 277 -16.85 19.81 9.05
CA VAL E 277 -15.77 20.63 9.54
C VAL E 277 -16.27 21.98 10.02
N GLU E 278 -15.92 22.33 11.25
CA GLU E 278 -16.15 23.66 11.80
C GLU E 278 -14.93 24.51 11.54
N LEU E 279 -15.13 25.71 11.04
CA LEU E 279 -14.02 26.59 10.69
C LEU E 279 -13.99 27.80 11.62
N ARG E 280 -13.37 27.64 12.78
CA ARG E 280 -13.23 28.74 13.71
C ARG E 280 -12.08 29.62 13.26
N TRP E 281 -12.39 30.83 12.83
CA TRP E 281 -11.37 31.77 12.43
C TRP E 281 -10.65 32.28 13.68
N VAL E 282 -9.36 32.56 13.56
CA VAL E 282 -8.62 32.95 14.76
C VAL E 282 -8.90 34.40 15.09
N LYS E 283 -9.46 35.14 14.13
CA LYS E 283 -9.85 36.52 14.34
C LYS E 283 -10.92 36.64 15.43
N ASP E 284 -11.93 35.79 15.37
CA ASP E 284 -12.89 35.67 16.45
C ASP E 284 -12.64 34.47 17.36
N VAL E 285 -11.37 34.13 17.59
CA VAL E 285 -10.97 33.30 18.73
C VAL E 285 -10.19 34.10 19.75
N ILE E 286 -9.17 34.85 19.33
CA ILE E 286 -8.55 35.81 20.21
C ILE E 286 -9.42 37.08 20.20
N PRO F 2 37.71 43.59 -8.35
CA PRO F 2 36.89 42.37 -8.40
C PRO F 2 36.07 42.32 -9.67
N TYR F 3 35.52 41.16 -9.99
CA TYR F 3 34.59 41.13 -11.10
C TYR F 3 33.18 41.40 -10.64
N TYR F 4 32.83 41.00 -9.43
CA TYR F 4 31.55 41.34 -8.83
C TYR F 4 31.79 42.24 -7.63
N ALA F 5 30.98 43.29 -7.52
CA ALA F 5 31.16 44.28 -6.46
C ALA F 5 30.89 43.68 -5.10
N PHE F 6 29.93 42.79 -5.03
CA PHE F 6 29.41 42.28 -3.77
C PHE F 6 28.98 40.85 -3.98
N ALA F 7 28.60 40.20 -2.89
CA ALA F 7 28.19 38.80 -2.94
C ALA F 7 27.36 38.52 -1.70
N GLU F 8 26.18 37.94 -1.90
CA GLU F 8 25.45 37.47 -0.73
C GLU F 8 25.06 36.02 -0.93
N PRO F 9 25.73 35.11 -0.27
CA PRO F 9 25.23 33.74 -0.20
C PRO F 9 24.04 33.74 0.74
N PHE F 10 23.04 32.92 0.41
CA PHE F 10 21.84 32.92 1.20
C PHE F 10 21.13 31.58 1.08
N PHE F 11 20.65 31.10 2.20
CA PHE F 11 19.88 29.88 2.23
C PHE F 11 18.43 30.19 1.94
N ILE F 12 17.71 29.20 1.41
CA ILE F 12 16.41 29.39 0.80
C ILE F 12 15.38 28.53 1.55
N HIS F 13 15.42 28.60 2.88
CA HIS F 13 14.53 27.89 3.81
C HIS F 13 13.08 27.89 3.36
N ALA F 14 12.55 26.72 3.10
CA ALA F 14 11.18 26.60 2.66
C ALA F 14 10.24 26.68 3.85
N ILE F 15 9.40 27.71 3.85
CA ILE F 15 8.38 27.85 4.88
C ILE F 15 7.20 26.94 4.64
N THR F 16 6.67 26.89 3.42
CA THR F 16 5.73 25.86 3.07
C THR F 16 6.47 24.80 2.29
N HIS F 17 5.73 23.84 1.77
CA HIS F 17 6.24 23.04 0.67
C HIS F 17 6.42 23.95 -0.54
N LEU F 18 7.34 23.62 -1.41
CA LEU F 18 7.48 24.43 -2.60
C LEU F 18 7.68 23.55 -3.80
N HIS F 19 7.50 24.13 -4.97
CA HIS F 19 7.41 23.38 -6.21
C HIS F 19 7.81 24.27 -7.36
N VAL F 20 9.03 24.10 -7.83
CA VAL F 20 9.54 24.76 -9.01
C VAL F 20 9.52 23.71 -10.11
N GLY F 21 8.47 23.68 -10.88
CA GLY F 21 8.27 22.56 -11.78
C GLY F 21 9.14 22.61 -13.01
N SER F 22 8.97 21.62 -13.87
CA SER F 22 9.59 21.62 -15.19
C SER F 22 8.59 20.98 -16.12
N GLY F 23 9.01 20.60 -17.31
CA GLY F 23 8.10 20.03 -18.26
C GLY F 23 7.71 18.61 -17.90
N SER F 24 6.47 18.27 -18.25
CA SER F 24 6.05 16.89 -18.21
C SER F 24 6.73 16.13 -19.34
N SER F 25 7.68 15.28 -18.99
CA SER F 25 8.62 14.71 -19.94
C SER F 25 7.97 13.65 -20.83
N VAL F 26 8.81 13.04 -21.66
CA VAL F 26 8.34 12.03 -22.61
C VAL F 26 8.01 10.74 -21.88
N GLU F 27 8.62 10.55 -20.71
CA GLU F 27 8.64 9.30 -19.98
C GLU F 27 7.85 9.35 -18.68
N GLU F 28 7.48 10.54 -18.22
CA GLU F 28 6.91 10.74 -16.90
C GLU F 28 5.69 11.64 -17.02
N GLU F 29 4.80 11.32 -17.97
CA GLU F 29 3.80 12.29 -18.47
C GLU F 29 2.84 12.72 -17.38
N ILE F 30 2.48 11.81 -16.48
CA ILE F 30 1.55 12.14 -15.42
C ILE F 30 2.24 12.94 -14.31
N ALA F 31 3.56 12.95 -14.29
CA ALA F 31 4.28 13.68 -13.27
C ALA F 31 4.46 15.13 -13.71
N LEU F 32 4.49 16.01 -12.73
CA LEU F 32 4.99 17.38 -12.91
C LEU F 32 6.22 17.47 -12.04
N PRO F 33 7.34 16.95 -12.47
CA PRO F 33 8.44 16.73 -11.55
C PRO F 33 9.15 18.01 -11.16
N PHE F 34 9.89 17.95 -10.07
CA PHE F 34 10.67 19.09 -9.62
C PHE F 34 11.89 19.23 -10.52
N GLN F 35 12.57 20.37 -10.43
CA GLN F 35 13.75 20.56 -11.27
C GLN F 35 14.96 19.88 -10.66
N ARG F 36 15.77 19.28 -11.51
CA ARG F 36 16.86 18.42 -11.07
C ARG F 36 18.20 19.05 -11.37
N ASP F 37 19.21 18.63 -10.63
CA ASP F 37 20.59 18.91 -10.99
C ASP F 37 21.06 17.96 -12.06
N GLU F 38 22.34 18.12 -12.39
CA GLU F 38 23.05 17.18 -13.24
C GLU F 38 23.24 15.82 -12.57
N LEU F 39 23.17 15.77 -11.25
CA LEU F 39 23.31 14.52 -10.53
C LEU F 39 22.04 14.15 -9.80
N GLY F 40 20.91 14.70 -10.19
CA GLY F 40 19.62 14.18 -9.80
C GLY F 40 19.02 14.75 -8.54
N TYR F 41 19.68 15.51 -7.89
CA TYR F 41 19.16 16.12 -6.69
C TYR F 41 18.22 17.26 -7.05
N PRO F 42 17.31 17.67 -6.15
CA PRO F 42 16.43 18.78 -6.48
C PRO F 42 17.17 20.10 -6.45
N THR F 43 16.79 20.99 -7.35
CA THR F 43 17.40 22.31 -7.39
C THR F 43 16.41 23.29 -7.96
N ILE F 44 16.72 24.57 -7.79
CA ILE F 44 15.97 25.63 -8.43
C ILE F 44 16.89 26.30 -9.42
N TYR F 45 16.50 26.30 -10.68
CA TYR F 45 17.24 27.05 -11.67
C TYR F 45 17.09 28.53 -11.38
N ALA F 46 18.20 29.25 -11.44
CA ALA F 46 18.18 30.64 -10.98
C ALA F 46 17.42 31.56 -11.91
N SER F 47 16.99 31.09 -13.08
CA SER F 47 15.98 31.83 -13.81
C SER F 47 14.68 31.84 -13.03
N SER F 48 14.33 30.71 -12.43
CA SER F 48 13.11 30.65 -11.63
C SER F 48 13.31 31.38 -10.30
N LEU F 49 14.55 31.49 -9.84
CA LEU F 49 14.80 32.40 -8.74
C LEU F 49 14.59 33.83 -9.17
N LYS F 50 15.11 34.19 -10.35
CA LYS F 50 15.19 35.59 -10.72
C LYS F 50 13.82 36.19 -10.94
N GLY F 51 13.01 35.55 -11.76
CA GLY F 51 11.69 36.10 -12.01
C GLY F 51 10.72 35.89 -10.86
N ALA F 52 11.15 35.19 -9.81
CA ALA F 52 10.32 35.14 -8.62
C ALA F 52 10.77 36.20 -7.64
N ILE F 53 12.06 36.51 -7.61
CA ILE F 53 12.56 37.51 -6.68
C ILE F 53 12.39 38.91 -7.26
N LYS F 54 12.65 39.06 -8.55
CA LYS F 54 12.40 40.34 -9.23
C LYS F 54 10.93 40.69 -9.21
N SER F 55 10.08 39.76 -9.63
CA SER F 55 8.65 40.07 -9.72
C SER F 55 8.00 40.14 -8.35
N PHE F 56 8.68 39.70 -7.31
CA PHE F 56 8.21 40.03 -5.97
C PHE F 56 8.52 41.46 -5.63
N LEU F 57 9.76 41.89 -5.86
CA LEU F 57 10.24 43.18 -5.36
C LEU F 57 9.55 44.34 -6.04
N LEU F 58 9.20 44.18 -7.32
CA LEU F 58 8.57 45.28 -8.04
C LEU F 58 7.18 45.60 -7.53
N LYS F 59 6.41 44.60 -7.14
CA LYS F 59 5.15 44.86 -6.47
C LYS F 59 5.32 45.07 -4.99
N GLU F 60 6.53 45.03 -4.47
CA GLU F 60 6.68 45.16 -3.03
C GLU F 60 7.38 46.45 -2.64
N PHE F 61 8.38 46.85 -3.41
CA PHE F 61 9.12 48.08 -3.12
C PHE F 61 8.93 49.03 -4.28
N PRO F 62 7.74 49.60 -4.47
CA PRO F 62 7.40 50.15 -5.77
C PRO F 62 8.06 51.49 -6.06
N ASP F 63 8.54 52.15 -5.02
CA ASP F 63 9.26 53.39 -5.19
C ASP F 63 10.65 53.19 -5.77
N LYS F 64 11.32 52.10 -5.44
CA LYS F 64 12.66 51.84 -5.93
C LYS F 64 12.65 50.96 -7.17
N ARG F 65 11.61 51.14 -7.98
CA ARG F 65 11.48 50.42 -9.25
C ARG F 65 12.58 50.79 -10.22
N ASP F 66 13.19 51.96 -10.04
CA ASP F 66 14.33 52.37 -10.85
C ASP F 66 15.57 51.55 -10.54
N VAL F 67 15.77 51.19 -9.27
CA VAL F 67 16.98 50.47 -8.89
C VAL F 67 16.88 49.03 -9.32
N ILE F 68 15.70 48.44 -9.18
CA ILE F 68 15.56 47.02 -9.44
C ILE F 68 15.53 46.74 -10.93
N TYR F 69 14.96 47.65 -11.73
CA TYR F 69 15.13 47.57 -13.17
C TYR F 69 16.56 47.78 -13.60
N LYS F 70 17.38 48.42 -12.77
CA LYS F 70 18.76 48.60 -13.13
C LYS F 70 19.59 47.37 -12.79
N VAL F 71 19.39 46.81 -11.61
CA VAL F 71 20.19 45.67 -11.21
C VAL F 71 19.70 44.41 -11.88
N LEU F 72 18.41 44.14 -11.81
CA LEU F 72 17.85 42.90 -12.34
C LEU F 72 17.37 43.05 -13.76
N GLY F 73 17.55 44.20 -14.37
CA GLY F 73 17.33 44.36 -15.79
C GLY F 73 15.92 44.79 -16.14
N GLU F 74 15.82 45.59 -17.18
CA GLU F 74 14.54 46.09 -17.63
C GLU F 74 13.75 44.98 -18.32
N ASP F 75 12.45 44.97 -18.09
CA ASP F 75 11.57 44.00 -18.72
C ASP F 75 10.91 44.56 -19.97
N GLU F 76 11.11 45.84 -20.26
CA GLU F 76 10.76 46.45 -21.53
C GLU F 76 11.83 46.15 -22.56
N ASN F 77 11.87 46.93 -23.63
CA ASN F 77 13.03 46.83 -24.49
C ASN F 77 14.28 47.24 -23.74
N PRO F 78 15.20 46.31 -23.56
CA PRO F 78 16.36 46.60 -22.74
C PRO F 78 17.36 47.45 -23.48
N GLU F 79 18.20 48.16 -22.76
CA GLU F 79 19.28 48.91 -23.37
C GLU F 79 20.62 48.56 -22.75
N GLU F 80 20.67 47.47 -22.00
CA GLU F 80 21.86 47.04 -21.29
C GLU F 80 21.63 45.63 -20.79
N ALA F 81 22.58 45.15 -20.01
CA ALA F 81 22.40 43.88 -19.32
C ALA F 81 21.98 44.13 -17.89
N SER F 82 21.65 43.04 -17.20
CA SER F 82 21.37 43.13 -15.78
C SER F 82 22.67 43.15 -15.01
N LEU F 83 22.78 44.08 -14.08
CA LEU F 83 23.99 44.17 -13.29
C LEU F 83 24.09 43.06 -12.27
N GLY F 84 22.97 42.50 -11.83
CA GLY F 84 22.94 41.54 -10.73
C GLY F 84 22.60 40.15 -11.23
N THR F 85 23.34 39.16 -10.73
CA THR F 85 23.18 37.79 -11.17
C THR F 85 22.96 36.88 -9.97
N PHE F 86 22.02 35.96 -10.10
CA PHE F 86 21.83 34.90 -9.13
C PHE F 86 22.72 33.73 -9.51
N LEU F 87 22.84 32.77 -8.61
CA LEU F 87 23.35 31.47 -9.00
C LEU F 87 22.31 30.42 -8.64
N ASP F 88 22.46 29.23 -9.23
CA ASP F 88 21.47 28.18 -9.07
C ASP F 88 21.40 27.67 -7.64
N ALA F 89 20.22 27.23 -7.24
CA ALA F 89 20.01 26.85 -5.86
C ALA F 89 20.44 25.41 -5.66
N ILE F 90 21.61 25.23 -5.12
CA ILE F 90 22.09 23.92 -4.70
C ILE F 90 21.28 23.46 -3.51
N LEU F 91 20.82 22.21 -3.53
CA LEU F 91 20.26 21.61 -2.33
C LEU F 91 21.32 21.50 -1.26
N PHE F 92 21.08 22.11 -0.11
CA PHE F 92 22.10 22.11 0.94
C PHE F 92 21.73 21.17 2.06
N ALA F 93 20.45 21.04 2.38
CA ALA F 93 19.97 20.14 3.42
C ALA F 93 18.48 19.93 3.19
N ILE F 94 18.04 18.68 3.31
CA ILE F 94 16.62 18.40 3.19
C ILE F 94 16.25 17.75 4.52
N PRO F 95 15.02 17.85 5.00
CA PRO F 95 14.65 17.12 6.21
C PRO F 95 14.18 15.72 5.89
N SER F 96 14.43 14.81 6.82
CA SER F 96 13.92 13.46 6.69
C SER F 96 13.63 12.94 8.08
N ARG F 97 12.69 12.00 8.15
CA ARG F 97 12.26 11.46 9.43
C ARG F 97 13.35 10.58 10.01
N ILE F 98 13.25 10.30 11.29
CA ILE F 98 14.28 9.53 11.97
C ILE F 98 13.64 8.75 13.10
N ILE F 99 14.10 7.53 13.30
CA ILE F 99 13.71 6.72 14.43
C ILE F 99 14.99 6.46 15.20
N GLU F 100 15.30 7.33 16.14
CA GLU F 100 16.60 7.28 16.79
C GLU F 100 16.60 6.10 17.74
N ILE F 101 17.71 5.37 17.74
CA ILE F 101 17.78 4.16 18.56
C ILE F 101 17.95 4.54 20.03
N ASP F 102 19.09 5.13 20.37
CA ASP F 102 19.41 5.44 21.76
C ASP F 102 20.47 6.53 21.85
N SER F 103 20.05 7.74 22.24
CA SER F 103 20.92 8.88 22.44
C SER F 103 20.24 9.94 23.29
N ALA F 104 20.71 11.18 23.16
CA ALA F 104 19.94 12.37 23.47
C ALA F 104 18.52 12.25 22.93
N LYS F 105 17.56 12.59 23.80
CA LYS F 105 16.12 12.31 23.75
C LYS F 105 15.54 12.54 22.36
N PRO F 106 14.88 11.51 21.82
CA PRO F 106 14.98 11.25 20.38
C PRO F 106 14.27 12.26 19.50
N TYR F 107 14.95 12.62 18.43
CA TYR F 107 14.40 13.52 17.43
C TYR F 107 13.37 12.79 16.62
N VAL F 108 12.52 13.56 15.94
CA VAL F 108 11.60 12.96 14.98
C VAL F 108 11.94 13.28 13.56
N TRP F 109 12.88 14.19 13.33
CA TRP F 109 13.34 14.47 11.99
C TRP F 109 14.73 15.03 12.12
N VAL F 110 15.50 14.94 11.05
CA VAL F 110 16.90 15.34 11.09
C VAL F 110 17.29 15.76 9.68
N TYR F 111 18.23 16.67 9.60
CA TYR F 111 18.66 17.24 8.33
C TYR F 111 19.65 16.32 7.64
N VAL F 112 19.44 16.11 6.35
CA VAL F 112 20.20 15.13 5.58
C VAL F 112 20.80 15.81 4.36
N THR F 113 22.11 15.66 4.21
CA THR F 113 22.85 16.13 3.04
C THR F 113 23.93 15.14 2.68
N THR F 114 24.55 15.33 1.52
CA THR F 114 25.57 14.43 1.05
C THR F 114 26.91 15.13 1.04
N TYR F 115 27.91 14.44 0.50
CA TYR F 115 29.19 15.09 0.29
C TYR F 115 29.25 15.76 -1.07
N GLU F 116 28.48 15.26 -2.03
CA GLU F 116 28.54 15.85 -3.36
C GLU F 116 27.91 17.23 -3.38
N LEU F 117 26.86 17.43 -2.59
CA LEU F 117 26.27 18.75 -2.45
C LEU F 117 27.23 19.70 -1.76
N LEU F 118 27.96 19.21 -0.77
CA LEU F 118 28.98 20.05 -0.16
C LEU F 118 30.16 20.27 -1.10
N LYS F 119 30.38 19.36 -2.04
CA LYS F 119 31.35 19.65 -3.08
C LYS F 119 30.87 20.76 -3.98
N LYS F 120 29.56 20.84 -4.21
CA LYS F 120 29.01 21.87 -5.07
C LYS F 120 29.04 23.23 -4.38
N VAL F 121 28.80 23.26 -3.07
CA VAL F 121 28.80 24.51 -2.33
C VAL F 121 30.22 25.04 -2.21
N LYS F 122 31.19 24.15 -2.12
CA LYS F 122 32.59 24.55 -2.10
C LYS F 122 32.98 25.23 -3.40
N LEU F 123 32.47 24.74 -4.52
CA LEU F 123 32.80 25.35 -5.79
C LEU F 123 32.10 26.69 -5.98
N TYR F 124 30.98 26.91 -5.29
CA TYR F 124 30.40 28.25 -5.32
C TYR F 124 31.21 29.20 -4.45
N LEU F 125 31.84 28.70 -3.40
CA LEU F 125 32.55 29.60 -2.51
C LEU F 125 33.96 29.88 -2.99
N ASP F 126 34.64 28.89 -3.55
CA ASP F 126 35.98 29.14 -4.05
C ASP F 126 35.95 29.88 -5.37
N SER F 127 34.80 29.94 -6.03
CA SER F 127 34.70 30.80 -7.20
C SER F 127 34.55 32.25 -6.78
N ILE F 128 33.56 32.55 -5.95
CA ILE F 128 33.26 33.95 -5.67
C ILE F 128 34.23 34.57 -4.69
N SER F 129 34.99 33.76 -3.96
CA SER F 129 36.06 34.35 -3.17
C SER F 129 37.27 34.72 -4.03
N GLN F 130 37.29 34.31 -5.29
CA GLN F 130 38.30 34.75 -6.23
C GLN F 130 37.74 35.71 -7.26
N LEU F 131 36.41 35.84 -7.34
CA LEU F 131 35.79 36.83 -8.18
C LEU F 131 35.34 38.06 -7.43
N SER F 132 35.50 38.08 -6.12
CA SER F 132 35.20 39.28 -5.36
C SER F 132 36.06 39.35 -4.13
N ASN F 133 36.12 40.54 -3.56
CA ASN F 133 36.89 40.77 -2.36
C ASN F 133 36.21 40.19 -1.13
N ALA F 134 34.95 39.79 -1.25
CA ALA F 134 34.33 38.99 -0.21
C ALA F 134 35.01 37.64 -0.12
N SER F 135 35.24 37.19 1.10
CA SER F 135 35.76 35.86 1.37
C SER F 135 35.00 35.28 2.54
N PHE F 136 34.82 33.95 2.53
CA PHE F 136 33.93 33.32 3.47
C PHE F 136 34.62 32.19 4.18
N SER F 137 35.81 32.45 4.71
CA SER F 137 36.61 31.39 5.31
C SER F 137 36.02 30.90 6.63
N ASN F 138 35.05 31.63 7.18
CA ASN F 138 34.28 31.09 8.30
C ASN F 138 33.51 29.86 7.85
N LEU F 139 32.79 29.96 6.75
CA LEU F 139 32.05 28.81 6.25
C LEU F 139 32.99 27.79 5.62
N LYS F 140 33.98 28.25 4.85
CA LYS F 140 34.80 27.33 4.06
C LYS F 140 35.72 26.51 4.94
N ASN F 141 36.06 26.99 6.13
CA ASN F 141 36.81 26.13 7.03
C ASN F 141 35.91 25.15 7.76
N LYS F 142 34.59 25.30 7.63
CA LYS F 142 33.72 24.28 8.18
C LYS F 142 33.48 23.17 7.17
N ILE F 143 33.35 23.54 5.90
CA ILE F 143 32.98 22.57 4.86
C ILE F 143 34.11 21.60 4.57
N ASP F 144 35.35 22.06 4.56
CA ASP F 144 36.45 21.15 4.27
C ASP F 144 36.73 20.19 5.41
N THR F 145 36.44 20.61 6.65
CA THR F 145 36.50 19.68 7.77
C THR F 145 35.45 18.59 7.63
N ILE F 146 34.30 18.94 7.07
CA ILE F 146 33.30 17.94 6.75
C ILE F 146 33.80 17.06 5.60
N LEU F 147 34.30 17.70 4.55
CA LEU F 147 34.86 16.96 3.42
C LEU F 147 36.21 16.32 3.73
N ALA F 148 36.79 16.58 4.90
CA ALA F 148 37.90 15.76 5.36
C ALA F 148 37.45 14.33 5.62
N LYS F 149 36.32 14.16 6.29
CA LYS F 149 35.74 12.83 6.52
C LYS F 149 34.85 12.43 5.36
N GLU F 150 35.45 12.48 4.16
CA GLU F 150 34.74 12.44 2.90
C GLU F 150 34.02 11.13 2.64
N GLY F 151 34.54 10.02 3.14
CA GLY F 151 34.00 8.74 2.79
C GLY F 151 33.29 7.94 3.86
N LYS F 152 32.57 8.60 4.77
CA LYS F 152 31.64 7.89 5.65
C LYS F 152 30.56 8.81 6.18
N ASN F 153 29.51 8.22 6.73
CA ASN F 153 28.37 8.93 7.29
C ASN F 153 28.77 9.58 8.59
N ILE F 154 28.65 10.90 8.67
CA ILE F 154 29.02 11.62 9.88
C ILE F 154 27.81 12.35 10.42
N THR F 155 27.91 12.78 11.67
CA THR F 155 26.85 13.56 12.30
C THR F 155 27.44 14.79 12.96
N LEU F 156 26.67 15.86 12.94
CA LEU F 156 27.17 17.21 13.19
C LEU F 156 26.49 17.78 14.41
N ASP F 157 27.23 17.89 15.52
CA ASP F 157 26.70 18.24 16.84
C ASP F 157 25.54 17.34 17.24
N SER F 158 25.82 16.05 17.34
CA SER F 158 24.95 15.17 18.10
C SER F 158 25.75 13.98 18.59
N ASP F 159 25.01 12.97 19.03
CA ASP F 159 25.57 11.74 19.57
C ASP F 159 24.69 10.57 19.17
N LEU F 160 24.08 10.64 17.99
CA LEU F 160 23.06 9.69 17.51
C LEU F 160 23.71 8.32 17.35
N LYS F 161 24.69 8.18 16.45
CA LYS F 161 25.55 7.02 16.22
C LYS F 161 24.83 5.82 15.62
N SER F 162 23.50 5.87 15.52
CA SER F 162 22.70 4.80 14.95
C SER F 162 21.28 5.29 14.73
N ALA F 163 20.77 5.20 13.50
CA ALA F 163 19.46 5.76 13.23
C ALA F 163 18.87 5.12 11.99
N ILE F 164 17.60 5.35 11.78
CA ILE F 164 16.88 4.90 10.61
C ILE F 164 16.27 6.13 9.95
N LEU F 165 16.57 6.33 8.68
CA LEU F 165 16.16 7.52 7.97
C LEU F 165 15.03 7.20 7.01
N ASN F 166 13.99 8.04 7.03
CA ASN F 166 12.70 7.82 6.36
C ASN F 166 12.13 6.45 6.63
N GLU F 167 12.29 5.94 7.85
CA GLU F 167 11.87 4.62 8.35
C GLU F 167 12.24 3.46 7.42
N ASP F 168 13.27 3.63 6.58
CA ASP F 168 13.58 2.66 5.56
C ASP F 168 15.06 2.48 5.29
N PHE F 169 15.92 3.17 6.01
CA PHE F 169 17.33 3.17 5.68
C PHE F 169 18.13 3.18 6.97
N TYR F 170 18.66 2.02 7.32
CA TYR F 170 19.44 1.92 8.54
C TYR F 170 20.87 2.36 8.28
N VAL F 171 21.31 3.34 9.03
CA VAL F 171 22.65 3.88 8.89
C VAL F 171 23.40 3.70 10.22
N GLU F 172 24.70 3.95 10.18
CA GLU F 172 25.53 4.00 11.38
C GLU F 172 26.42 5.21 11.28
N LEU F 173 26.34 6.09 12.26
CA LEU F 173 26.88 7.43 12.14
C LEU F 173 28.15 7.58 12.94
N GLU F 174 29.04 8.44 12.45
CA GLU F 174 30.32 8.69 13.08
C GLU F 174 30.31 10.10 13.65
N ALA F 175 30.39 10.20 14.97
CA ALA F 175 30.34 11.50 15.63
C ALA F 175 31.63 12.27 15.37
N LEU F 176 31.49 13.46 14.76
CA LEU F 176 32.64 14.19 14.24
C LEU F 176 33.59 14.69 15.33
N ASN F 177 33.16 15.68 16.11
CA ASN F 177 33.90 16.07 17.30
C ASN F 177 32.97 16.35 18.47
N ASN F 178 31.73 16.77 18.13
CA ASN F 178 30.85 17.62 18.93
C ASN F 178 31.53 18.95 19.27
N LYS F 179 32.48 19.37 18.41
CA LYS F 179 33.13 20.67 18.50
C LYS F 179 32.97 21.48 17.22
N ILE F 180 32.56 20.85 16.13
CA ILE F 180 32.08 21.55 14.93
C ILE F 180 30.86 22.37 15.32
N PRO F 181 30.70 23.60 14.85
CA PRO F 181 29.50 24.37 15.19
C PRO F 181 28.36 24.08 14.24
N SER F 182 27.15 24.34 14.73
CA SER F 182 25.96 24.22 13.90
C SER F 182 25.95 25.31 12.84
N ILE F 183 26.02 24.86 11.59
CA ILE F 183 26.19 25.72 10.44
C ILE F 183 24.92 26.53 10.23
N ILE F 184 23.83 25.82 9.96
CA ILE F 184 22.51 26.41 10.04
C ILE F 184 22.11 26.51 11.50
N ASN F 185 21.14 27.38 11.77
CA ASN F 185 20.82 27.81 13.12
C ASN F 185 19.52 27.13 13.55
N ALA F 186 19.64 25.95 14.13
CA ALA F 186 18.51 25.23 14.69
C ALA F 186 19.06 24.17 15.62
N GLY F 187 18.19 23.65 16.48
CA GLY F 187 18.63 22.59 17.35
C GLY F 187 18.65 21.22 16.71
N VAL F 188 18.09 21.09 15.53
CA VAL F 188 18.04 19.81 14.85
C VAL F 188 19.43 19.47 14.32
N PRO F 189 19.94 18.27 14.57
CA PRO F 189 21.27 17.93 14.10
C PRO F 189 21.29 17.70 12.59
N LEU F 190 22.50 17.54 12.08
CA LEU F 190 22.75 17.52 10.65
C LEU F 190 23.54 16.28 10.31
N LEU F 191 23.04 15.51 9.35
CA LEU F 191 23.73 14.33 8.88
C LEU F 191 24.30 14.64 7.51
N VAL F 192 25.60 14.52 7.37
CA VAL F 192 26.21 14.47 6.05
C VAL F 192 26.30 13.01 5.70
N LEU F 193 25.50 12.56 4.76
CA LEU F 193 25.52 11.16 4.39
C LEU F 193 26.57 10.88 3.34
N GLU F 194 26.97 9.62 3.27
CA GLU F 194 27.69 9.11 2.12
C GLU F 194 26.80 9.23 0.91
N ASP F 195 27.42 9.44 -0.24
CA ASP F 195 26.70 9.86 -1.43
C ASP F 195 25.77 8.78 -1.96
N SER F 196 26.12 7.51 -1.75
CA SER F 196 25.31 6.43 -2.27
C SER F 196 24.02 6.27 -1.50
N ILE F 197 24.10 6.31 -0.18
CA ILE F 197 22.88 6.20 0.62
C ILE F 197 22.08 7.49 0.57
N GLY F 198 22.74 8.64 0.43
CA GLY F 198 22.03 9.90 0.47
C GLY F 198 21.21 10.15 -0.78
N ARG F 199 21.55 9.48 -1.87
CA ARG F 199 20.76 9.61 -3.08
C ARG F 199 19.40 8.93 -2.92
N GLU F 200 19.33 7.93 -2.04
CA GLU F 200 18.06 7.22 -1.88
C GLU F 200 17.21 7.85 -0.80
N VAL F 201 17.84 8.45 0.21
CA VAL F 201 17.09 9.10 1.27
C VAL F 201 16.38 10.33 0.75
N ILE F 202 17.09 11.13 -0.04
CA ILE F 202 16.53 12.36 -0.59
C ILE F 202 15.38 12.06 -1.53
N ASN F 203 15.45 10.94 -2.25
CA ASN F 203 14.35 10.57 -3.12
C ASN F 203 13.14 10.12 -2.31
N ARG F 204 13.36 9.68 -1.08
CA ARG F 204 12.23 9.40 -0.20
C ARG F 204 11.70 10.66 0.43
N SER F 205 12.56 11.65 0.65
CA SER F 205 12.13 12.83 1.36
C SER F 205 11.39 13.81 0.47
N LEU F 206 11.42 13.62 -0.84
CA LEU F 206 10.49 14.35 -1.69
C LEU F 206 9.08 13.86 -1.44
N ILE F 207 8.10 14.71 -1.74
CA ILE F 207 6.72 14.38 -1.47
C ILE F 207 5.98 14.31 -2.79
N ARG F 208 5.53 13.12 -3.14
CA ARG F 208 4.77 12.90 -4.37
C ARG F 208 3.30 12.83 -4.02
N VAL F 209 2.49 13.58 -4.75
CA VAL F 209 1.11 13.80 -4.38
C VAL F 209 0.24 13.54 -5.60
N ARG F 210 -0.67 12.60 -5.48
CA ARG F 210 -1.71 12.47 -6.50
C ARG F 210 -2.68 13.62 -6.33
N ARG F 211 -3.09 14.22 -7.42
CA ARG F 211 -4.15 15.21 -7.36
C ARG F 211 -5.19 14.90 -8.42
N ILE F 212 -6.41 15.37 -8.18
CA ILE F 212 -7.55 15.09 -9.04
C ILE F 212 -8.26 16.41 -9.36
N ARG F 213 -9.33 16.31 -10.13
CA ARG F 213 -10.15 17.46 -10.47
C ARG F 213 -11.63 17.07 -10.51
N ILE F 214 -12.36 17.46 -9.48
CA ILE F 214 -13.70 16.97 -9.24
C ILE F 214 -14.71 17.81 -10.00
N ASP F 215 -15.57 17.12 -10.76
CA ASP F 215 -16.78 17.71 -11.31
C ASP F 215 -17.61 18.41 -10.23
N ARG F 216 -17.78 19.73 -10.39
CA ARG F 216 -18.62 20.51 -9.48
C ARG F 216 -20.07 20.09 -9.53
N ASP F 217 -20.52 19.58 -10.67
CA ASP F 217 -21.90 19.20 -10.90
C ASP F 217 -22.35 18.07 -10.00
N LYS F 218 -21.59 16.99 -9.91
CA LYS F 218 -22.09 15.78 -9.29
C LYS F 218 -21.03 15.03 -8.50
N LYS F 219 -19.89 15.67 -8.25
CA LYS F 219 -18.81 15.17 -7.37
C LYS F 219 -18.25 13.83 -7.84
N VAL F 220 -17.62 13.82 -9.01
CA VAL F 220 -16.82 12.71 -9.48
C VAL F 220 -15.56 13.26 -10.11
N VAL F 221 -14.59 12.38 -10.34
CA VAL F 221 -13.39 12.76 -11.05
C VAL F 221 -13.72 12.94 -12.51
N GLU F 222 -13.47 14.13 -13.05
CA GLU F 222 -13.68 14.35 -14.47
C GLU F 222 -12.64 13.61 -15.28
N THR F 223 -12.96 13.37 -16.54
CA THR F 223 -12.15 12.50 -17.36
C THR F 223 -10.82 13.15 -17.68
N GLY F 224 -9.75 12.62 -17.11
CA GLY F 224 -8.42 13.10 -17.34
C GLY F 224 -7.82 13.83 -16.17
N GLY F 225 -8.62 14.26 -15.22
CA GLY F 225 -8.10 15.03 -14.11
C GLY F 225 -7.45 14.15 -13.08
N LEU F 226 -6.25 13.66 -13.36
CA LEU F 226 -5.53 12.82 -12.43
C LEU F 226 -4.05 12.91 -12.76
N TRP F 227 -3.30 13.57 -11.91
CA TRP F 227 -1.92 13.81 -12.24
C TRP F 227 -1.15 13.83 -10.94
N SER F 228 0.09 13.40 -11.02
CA SER F 228 0.92 13.26 -9.85
C SER F 228 1.88 14.44 -9.80
N GLU F 229 1.98 15.07 -8.65
CA GLU F 229 2.86 16.21 -8.49
C GLU F 229 3.89 15.87 -7.43
N GLU F 230 5.00 16.58 -7.48
CA GLU F 230 6.15 16.26 -6.65
C GLU F 230 6.67 17.52 -6.01
N TYR F 231 6.58 17.60 -4.70
CA TYR F 231 6.95 18.80 -3.98
C TYR F 231 8.23 18.56 -3.21
N VAL F 232 8.74 19.63 -2.62
CA VAL F 232 9.89 19.59 -1.73
C VAL F 232 9.35 19.96 -0.36
N PRO F 233 9.76 19.27 0.71
CA PRO F 233 9.07 19.48 1.99
C PRO F 233 9.45 20.78 2.64
N MET F 234 8.68 21.11 3.68
CA MET F 234 8.97 22.25 4.53
C MET F 234 10.31 22.08 5.21
N LYS F 235 10.93 23.20 5.56
CA LYS F 235 12.24 23.33 6.20
C LYS F 235 13.39 22.83 5.35
N THR F 236 13.21 22.70 4.03
CA THR F 236 14.31 22.37 3.15
C THR F 236 15.21 23.59 2.99
N ILE F 237 16.52 23.38 3.04
CA ILE F 237 17.47 24.47 2.95
C ILE F 237 18.24 24.32 1.66
N PHE F 238 17.97 25.21 0.72
CA PHE F 238 18.78 25.31 -0.48
C PHE F 238 19.95 26.24 -0.21
N PHE F 239 20.72 26.49 -1.24
CA PHE F 239 21.85 27.40 -1.14
C PHE F 239 22.07 28.07 -2.48
N SER F 240 22.18 29.39 -2.46
CA SER F 240 22.51 30.11 -3.66
C SER F 240 23.23 31.38 -3.27
N VAL F 241 23.83 32.04 -4.25
CA VAL F 241 24.57 33.27 -4.05
C VAL F 241 24.01 34.31 -4.99
N LEU F 242 23.77 35.51 -4.48
CA LEU F 242 23.42 36.66 -5.29
C LEU F 242 24.72 37.38 -5.61
N LEU F 243 24.89 37.73 -6.87
CA LEU F 243 26.09 38.44 -7.32
C LEU F 243 25.68 39.65 -8.13
N GLY F 244 26.56 40.64 -8.19
CA GLY F 244 26.29 41.83 -8.97
C GLY F 244 27.53 42.67 -9.10
N LYS F 245 27.48 43.63 -10.02
CA LYS F 245 28.64 44.47 -10.30
C LYS F 245 28.39 45.92 -9.88
N GLU F 246 29.48 46.66 -9.75
CA GLU F 246 29.46 48.02 -9.23
C GLU F 246 28.86 49.01 -10.23
N SER F 247 27.75 49.61 -9.84
CA SER F 247 27.17 50.64 -10.70
C SER F 247 26.47 51.76 -9.96
N LYS F 248 26.58 51.79 -8.62
CA LYS F 248 25.96 52.68 -7.65
C LYS F 248 24.47 52.42 -7.45
N GLU F 249 23.84 51.60 -8.27
CA GLU F 249 22.54 51.10 -7.90
C GLU F 249 22.65 49.78 -7.18
N SER F 250 23.70 49.02 -7.51
CA SER F 250 23.98 47.79 -6.80
C SER F 250 24.66 48.05 -5.48
N ALA F 251 24.98 49.32 -5.20
CA ALA F 251 25.27 49.72 -3.84
C ALA F 251 23.99 50.04 -3.10
N ILE F 252 22.97 50.52 -3.81
CA ILE F 252 21.67 50.75 -3.19
C ILE F 252 20.94 49.44 -2.99
N PHE F 253 20.83 48.65 -4.06
CA PHE F 253 20.11 47.38 -4.07
C PHE F 253 20.67 46.42 -3.02
N ALA F 254 21.98 46.43 -2.85
CA ALA F 254 22.56 45.57 -1.83
C ALA F 254 22.37 46.13 -0.45
N SER F 255 22.00 47.40 -0.31
CA SER F 255 21.92 48.00 1.01
C SER F 255 20.53 48.39 1.44
N CYS F 256 19.60 48.62 0.53
CA CYS F 256 18.22 48.86 0.92
C CYS F 256 17.32 47.70 0.54
N ILE F 257 17.46 47.17 -0.66
CA ILE F 257 16.51 46.18 -1.13
C ILE F 257 16.74 44.85 -0.46
N LEU F 258 18.01 44.45 -0.33
CA LEU F 258 18.29 43.10 0.14
C LEU F 258 18.05 42.96 1.63
N ARG F 259 18.31 43.99 2.39
CA ARG F 259 18.24 43.81 3.83
C ARG F 259 16.81 43.83 4.34
N ASN F 260 15.89 44.37 3.57
CA ASN F 260 14.48 44.28 3.92
C ASN F 260 13.80 43.14 3.18
N LEU F 261 14.57 42.23 2.59
CA LEU F 261 14.03 41.13 1.83
C LEU F 261 14.11 39.88 2.68
N ARG F 262 12.99 39.49 3.25
CA ARG F 262 13.03 38.47 4.27
C ARG F 262 12.17 37.27 3.86
N TYR F 263 11.13 37.52 3.08
CA TYR F 263 10.23 36.47 2.62
C TYR F 263 9.86 36.74 1.19
N VAL F 264 9.98 35.72 0.35
CA VAL F 264 9.59 35.79 -1.05
C VAL F 264 8.65 34.62 -1.34
N ILE F 265 8.30 34.46 -2.60
CA ILE F 265 7.51 33.34 -3.06
C ILE F 265 8.14 32.77 -4.32
N LEU F 266 8.48 31.50 -4.29
CA LEU F 266 9.14 30.85 -5.41
C LEU F 266 8.19 29.89 -6.09
N GLY F 267 8.38 29.71 -7.38
CA GLY F 267 7.75 28.63 -8.09
C GLY F 267 6.24 28.78 -8.21
N GLY F 268 5.64 27.74 -8.74
CA GLY F 268 4.23 27.79 -9.00
C GLY F 268 3.42 27.15 -7.93
N LYS F 269 2.16 26.90 -8.29
CA LYS F 269 1.15 26.31 -7.41
C LYS F 269 0.98 27.13 -6.14
N GLU F 270 1.08 28.45 -6.25
CA GLU F 270 1.10 29.25 -5.03
C GLU F 270 -0.28 29.43 -4.44
N THR F 271 -1.31 29.04 -5.16
CA THR F 271 -2.65 29.25 -4.67
C THR F 271 -3.09 28.13 -3.76
N ILE F 272 -2.35 27.04 -3.77
CA ILE F 272 -2.53 25.99 -2.79
C ILE F 272 -1.35 26.08 -1.83
N GLY F 273 -0.83 27.28 -1.68
CA GLY F 273 0.11 27.60 -0.62
C GLY F 273 1.47 26.97 -0.78
N LYS F 274 2.01 27.03 -1.99
CA LYS F 274 3.32 26.46 -2.26
C LYS F 274 4.25 27.58 -2.68
N GLY F 275 5.34 27.73 -1.94
CA GLY F 275 6.40 28.59 -2.41
C GLY F 275 6.90 29.63 -1.43
N ILE F 276 6.28 29.74 -0.26
CA ILE F 276 6.68 30.77 0.68
C ILE F 276 8.03 30.41 1.26
N VAL F 277 8.94 31.37 1.28
CA VAL F 277 10.37 31.09 1.40
C VAL F 277 11.04 32.17 2.22
N GLU F 278 11.84 31.75 3.20
CA GLU F 278 12.64 32.64 4.02
C GLU F 278 14.09 32.62 3.57
N LEU F 279 14.67 33.81 3.39
CA LEU F 279 16.07 33.93 2.99
C LEU F 279 16.91 34.24 4.22
N ARG F 280 18.19 33.88 4.18
CA ARG F 280 18.96 33.93 5.42
C ARG F 280 20.25 34.72 5.35
N TRP F 281 20.82 34.93 4.16
CA TRP F 281 21.96 35.83 3.95
C TRP F 281 23.20 35.47 4.75
N VAL F 282 23.92 34.41 4.38
CA VAL F 282 25.05 33.77 5.07
C VAL F 282 26.03 34.75 5.70
N LYS F 283 26.18 35.92 5.08
CA LYS F 283 26.95 37.03 5.63
C LYS F 283 26.57 37.44 7.05
N ASP F 284 25.34 37.20 7.51
CA ASP F 284 25.01 37.60 8.87
C ASP F 284 24.86 36.41 9.81
N VAL F 285 24.23 35.33 9.33
CA VAL F 285 23.97 34.16 10.17
C VAL F 285 25.24 33.39 10.48
N ILE F 286 26.28 33.55 9.67
CA ILE F 286 27.58 32.96 9.94
C ILE F 286 28.65 34.04 9.83
N PRO G 2 59.42 30.73 -34.00
CA PRO G 2 58.88 31.24 -35.26
C PRO G 2 57.50 30.70 -35.58
N TYR G 3 56.50 31.59 -35.56
CA TYR G 3 55.15 31.31 -36.04
C TYR G 3 54.50 30.18 -35.27
N TYR G 4 54.01 30.51 -34.05
CA TYR G 4 53.50 29.65 -33.00
C TYR G 4 54.63 28.82 -32.41
N ALA G 5 55.62 29.52 -31.85
CA ALA G 5 56.79 28.85 -31.32
C ALA G 5 56.51 28.12 -30.01
N PHE G 6 55.42 28.46 -29.32
CA PHE G 6 55.05 27.72 -28.13
C PHE G 6 53.55 27.81 -27.91
N ALA G 7 53.05 26.94 -27.03
CA ALA G 7 51.63 26.83 -26.77
C ALA G 7 51.41 26.22 -25.39
N GLU G 8 50.26 26.52 -24.80
CA GLU G 8 49.92 25.98 -23.49
C GLU G 8 48.55 25.34 -23.53
N PRO G 9 48.43 24.07 -23.15
CA PRO G 9 47.12 23.44 -23.06
C PRO G 9 46.45 23.76 -21.74
N PHE G 10 45.13 23.73 -21.76
CA PHE G 10 44.39 23.93 -20.53
C PHE G 10 43.05 23.23 -20.63
N PHE G 11 42.43 23.08 -19.48
CA PHE G 11 41.11 22.51 -19.39
C PHE G 11 40.11 23.55 -18.93
N ILE G 12 38.91 23.42 -19.45
CA ILE G 12 37.83 24.35 -19.18
C ILE G 12 36.82 23.59 -18.34
N HIS G 13 36.71 23.96 -17.06
CA HIS G 13 35.78 23.31 -16.16
C HIS G 13 34.54 24.16 -16.00
N ALA G 14 33.39 23.54 -16.02
CA ALA G 14 32.16 24.28 -15.85
C ALA G 14 31.79 24.33 -14.37
N ILE G 15 32.05 25.46 -13.73
CA ILE G 15 31.72 25.59 -12.32
C ILE G 15 30.22 25.76 -12.13
N THR G 16 29.57 26.63 -12.88
CA THR G 16 28.14 26.57 -13.01
C THR G 16 27.82 25.91 -14.34
N HIS G 17 26.55 25.94 -14.71
CA HIS G 17 26.18 25.49 -16.03
C HIS G 17 26.75 26.44 -17.08
N LEU G 18 26.80 25.96 -18.31
CA LEU G 18 27.17 26.82 -19.42
C LEU G 18 26.04 26.94 -20.40
N HIS G 19 25.92 28.13 -20.97
CA HIS G 19 25.23 28.28 -22.23
C HIS G 19 26.03 29.22 -23.10
N VAL G 20 26.71 28.65 -24.07
CA VAL G 20 27.40 29.38 -25.12
C VAL G 20 26.58 29.17 -26.37
N GLY G 21 25.73 30.15 -26.70
CA GLY G 21 24.71 29.99 -27.71
C GLY G 21 25.30 29.85 -29.09
N SER G 22 24.51 29.29 -29.99
CA SER G 22 24.94 29.08 -31.35
C SER G 22 23.96 29.75 -32.28
N GLY G 23 24.05 29.43 -33.57
CA GLY G 23 23.01 29.83 -34.49
C GLY G 23 21.66 29.30 -34.06
N SER G 24 20.87 30.20 -33.47
CA SER G 24 19.72 29.83 -32.66
C SER G 24 18.58 29.44 -33.57
N SER G 25 18.62 28.22 -34.07
CA SER G 25 17.52 27.70 -34.86
C SER G 25 16.94 26.50 -34.12
N VAL G 26 15.86 25.97 -34.69
CA VAL G 26 15.18 24.79 -34.16
C VAL G 26 15.37 23.63 -35.13
N GLU G 27 16.44 22.87 -34.94
CA GLU G 27 16.62 21.65 -35.71
C GLU G 27 16.68 20.47 -34.76
N GLU G 28 16.63 20.75 -33.46
CA GLU G 28 16.61 19.71 -32.44
C GLU G 28 15.52 19.95 -31.41
N GLU G 29 14.40 20.56 -31.82
CA GLU G 29 13.31 21.09 -30.98
C GLU G 29 13.82 21.82 -29.74
N ILE G 30 14.90 22.58 -29.90
CA ILE G 30 15.46 23.45 -28.89
C ILE G 30 15.58 24.83 -29.51
N ALA G 31 15.03 25.84 -28.83
CA ALA G 31 15.05 27.17 -29.41
C ALA G 31 16.46 27.78 -29.35
N LEU G 32 17.19 27.48 -28.29
CA LEU G 32 18.55 28.01 -28.12
C LEU G 32 19.52 26.84 -27.93
N PRO G 33 19.90 26.14 -28.99
CA PRO G 33 20.83 25.03 -28.83
C PRO G 33 22.24 25.50 -28.53
N PHE G 34 23.00 24.61 -27.90
CA PHE G 34 24.39 24.89 -27.58
C PHE G 34 25.22 24.84 -28.86
N GLN G 35 26.44 25.35 -28.79
CA GLN G 35 27.31 25.32 -29.95
C GLN G 35 27.75 23.90 -30.27
N ARG G 36 27.32 23.42 -31.42
CA ARG G 36 27.60 22.05 -31.81
C ARG G 36 28.94 21.96 -32.48
N ASP G 37 29.44 20.75 -32.52
CA ASP G 37 30.73 20.44 -33.09
C ASP G 37 30.49 19.81 -34.47
N GLU G 38 31.55 19.31 -35.08
CA GLU G 38 31.51 18.64 -36.36
C GLU G 38 30.89 17.25 -36.28
N LEU G 39 30.58 16.76 -35.09
CA LEU G 39 30.00 15.44 -34.93
C LEU G 39 28.73 15.45 -34.10
N GLY G 40 28.29 16.61 -33.65
CA GLY G 40 27.12 16.66 -32.79
C GLY G 40 27.43 16.86 -31.34
N TYR G 41 28.67 16.97 -30.99
CA TYR G 41 29.03 17.16 -29.61
C TYR G 41 28.97 18.62 -29.23
N PRO G 42 28.89 18.94 -27.94
CA PRO G 42 29.06 20.33 -27.53
C PRO G 42 30.50 20.77 -27.66
N THR G 43 30.69 21.96 -28.18
CA THR G 43 32.01 22.56 -28.26
C THR G 43 31.88 24.05 -28.03
N ILE G 44 33.01 24.68 -27.76
CA ILE G 44 33.06 26.14 -27.65
C ILE G 44 33.90 26.63 -28.81
N TYR G 45 33.37 27.55 -29.59
CA TYR G 45 34.09 28.07 -30.73
C TYR G 45 35.29 28.87 -30.26
N ALA G 46 36.24 29.07 -31.16
CA ALA G 46 37.45 29.80 -30.80
C ALA G 46 37.18 31.26 -30.54
N SER G 47 36.19 31.82 -31.22
CA SER G 47 35.85 33.22 -30.98
C SER G 47 35.24 33.42 -29.61
N SER G 48 34.48 32.44 -29.13
CA SER G 48 33.83 32.60 -27.84
C SER G 48 34.82 32.45 -26.70
N LEU G 49 35.94 31.77 -26.93
CA LEU G 49 37.00 31.78 -25.93
C LEU G 49 37.84 33.05 -26.05
N LYS G 50 38.23 33.38 -27.27
CA LYS G 50 39.12 34.51 -27.49
C LYS G 50 38.45 35.82 -27.11
N GLY G 51 37.14 35.90 -27.33
CA GLY G 51 36.43 37.08 -26.91
C GLY G 51 36.26 37.14 -25.41
N ALA G 52 35.74 36.07 -24.81
CA ALA G 52 35.26 36.17 -23.45
C ALA G 52 36.39 36.01 -22.45
N ILE G 53 37.59 35.66 -22.92
CA ILE G 53 38.75 35.76 -22.03
C ILE G 53 39.41 37.12 -22.18
N LYS G 54 39.40 37.67 -23.39
CA LYS G 54 39.85 39.04 -23.56
C LYS G 54 38.92 40.01 -22.86
N SER G 55 37.61 39.79 -22.97
CA SER G 55 36.65 40.69 -22.34
C SER G 55 36.71 40.57 -20.82
N PHE G 56 37.19 39.46 -20.31
CA PHE G 56 37.35 39.33 -18.87
C PHE G 56 38.57 40.10 -18.39
N LEU G 57 39.69 39.95 -19.10
CA LEU G 57 40.95 40.50 -18.62
C LEU G 57 40.98 42.01 -18.74
N LEU G 58 40.33 42.56 -19.76
CA LEU G 58 40.21 44.00 -19.88
C LEU G 58 39.41 44.59 -18.74
N LYS G 59 38.43 43.84 -18.23
CA LYS G 59 37.68 44.29 -17.08
C LYS G 59 38.45 44.02 -15.79
N GLU G 60 39.45 43.15 -15.84
CA GLU G 60 40.19 42.90 -14.62
C GLU G 60 41.50 43.66 -14.56
N PHE G 61 42.26 43.70 -15.66
CA PHE G 61 43.58 44.31 -15.64
C PHE G 61 43.68 45.39 -16.71
N PRO G 62 43.10 46.57 -16.48
CA PRO G 62 43.14 47.61 -17.51
C PRO G 62 44.49 48.29 -17.58
N ASP G 63 45.36 48.06 -16.61
CA ASP G 63 46.75 48.47 -16.73
C ASP G 63 47.47 47.64 -17.79
N LYS G 64 47.03 46.41 -17.98
CA LYS G 64 47.58 45.56 -19.02
C LYS G 64 46.83 45.65 -20.33
N ARG G 65 46.00 46.70 -20.52
CA ARG G 65 45.13 46.79 -21.68
C ARG G 65 45.90 46.84 -22.99
N ASP G 66 47.09 47.43 -22.95
CA ASP G 66 47.95 47.48 -24.12
C ASP G 66 48.44 46.08 -24.52
N VAL G 67 48.85 45.26 -23.56
CA VAL G 67 49.38 43.95 -23.85
C VAL G 67 48.29 43.01 -24.32
N ILE G 68 47.16 43.04 -23.62
CA ILE G 68 46.00 42.20 -23.95
C ILE G 68 45.46 42.55 -25.32
N TYR G 69 45.50 43.84 -25.67
CA TYR G 69 45.24 44.24 -27.04
C TYR G 69 46.27 43.67 -28.00
N LYS G 70 47.54 43.81 -27.68
CA LYS G 70 48.54 43.49 -28.68
C LYS G 70 48.81 41.99 -28.77
N VAL G 71 48.31 41.21 -27.83
CA VAL G 71 48.40 39.76 -27.94
C VAL G 71 47.12 39.15 -28.48
N LEU G 72 45.98 39.52 -27.90
CA LEU G 72 44.70 38.89 -28.21
C LEU G 72 43.90 39.64 -29.26
N GLY G 73 44.42 40.76 -29.77
CA GLY G 73 43.71 41.43 -30.84
C GLY G 73 43.28 42.85 -30.56
N GLU G 74 43.95 43.79 -31.20
CA GLU G 74 43.59 45.20 -31.16
C GLU G 74 42.33 45.43 -31.99
N ASP G 75 41.37 46.15 -31.42
CA ASP G 75 40.12 46.46 -32.09
C ASP G 75 40.01 47.91 -32.53
N GLU G 76 40.67 48.84 -31.85
CA GLU G 76 40.66 50.22 -32.29
C GLU G 76 41.56 50.41 -33.51
N ASN G 77 42.59 49.58 -33.64
CA ASN G 77 43.43 49.57 -34.83
C ASN G 77 43.40 48.16 -35.40
N PRO G 78 42.47 47.84 -36.29
CA PRO G 78 42.40 46.48 -36.82
C PRO G 78 43.46 46.12 -37.85
N GLU G 79 44.47 46.97 -38.06
CA GLU G 79 45.55 46.66 -38.99
C GLU G 79 46.38 45.47 -38.52
N GLU G 80 46.84 45.53 -37.27
CA GLU G 80 47.88 44.65 -36.79
C GLU G 80 47.32 43.24 -36.58
N ALA G 81 48.19 42.25 -36.68
CA ALA G 81 47.80 40.87 -36.51
C ALA G 81 47.61 40.55 -35.02
N SER G 82 47.12 39.34 -34.77
CA SER G 82 47.09 38.80 -33.42
C SER G 82 48.31 37.92 -33.22
N LEU G 83 48.70 37.75 -31.96
CA LEU G 83 49.76 36.84 -31.63
C LEU G 83 49.27 35.68 -30.78
N GLY G 84 48.12 35.83 -30.13
CA GLY G 84 47.51 34.75 -29.40
C GLY G 84 46.35 34.20 -30.17
N THR G 85 46.16 32.88 -30.05
CA THR G 85 45.11 32.21 -30.79
C THR G 85 44.65 31.02 -29.99
N PHE G 86 43.35 30.95 -29.71
CA PHE G 86 42.76 29.82 -29.03
C PHE G 86 42.25 28.82 -30.04
N LEU G 87 42.37 27.55 -29.71
CA LEU G 87 41.72 26.54 -30.50
C LEU G 87 40.26 26.43 -30.11
N ASP G 88 39.51 25.67 -30.91
CA ASP G 88 38.17 25.31 -30.51
C ASP G 88 38.25 24.42 -29.28
N ALA G 89 37.47 24.75 -28.26
CA ALA G 89 37.44 23.91 -27.07
C ALA G 89 36.74 22.61 -27.40
N ILE G 90 37.31 21.52 -26.93
CA ILE G 90 36.83 20.18 -27.26
C ILE G 90 36.32 19.53 -25.99
N LEU G 91 35.15 18.90 -26.09
CA LEU G 91 34.55 18.20 -24.97
C LEU G 91 35.40 17.01 -24.58
N PHE G 92 36.17 17.16 -23.50
CA PHE G 92 37.03 16.10 -23.02
C PHE G 92 36.29 15.11 -22.14
N ALA G 93 35.33 15.58 -21.37
CA ALA G 93 34.57 14.76 -20.44
C ALA G 93 33.31 15.50 -20.03
N ILE G 94 32.23 14.75 -19.84
CA ILE G 94 30.99 15.31 -19.33
C ILE G 94 30.46 14.39 -18.25
N PRO G 95 30.08 14.89 -17.10
CA PRO G 95 29.59 14.02 -16.04
C PRO G 95 28.25 13.40 -16.37
N SER G 96 27.99 12.26 -15.78
CA SER G 96 26.77 11.51 -16.01
C SER G 96 26.38 10.76 -14.75
N ARG G 97 25.09 10.58 -14.55
CA ARG G 97 24.62 9.89 -13.37
C ARG G 97 24.83 8.40 -13.54
N ILE G 98 25.26 7.74 -12.47
CA ILE G 98 25.58 6.33 -12.51
C ILE G 98 24.90 5.63 -11.34
N ILE G 99 24.38 4.44 -11.59
CA ILE G 99 23.93 3.52 -10.55
C ILE G 99 24.88 2.34 -10.56
N GLU G 100 25.47 2.04 -9.43
CA GLU G 100 26.47 0.98 -9.39
C GLU G 100 25.83 -0.39 -9.50
N ILE G 101 26.53 -1.29 -10.17
CA ILE G 101 26.34 -2.73 -10.03
C ILE G 101 27.73 -3.30 -9.75
N ASP G 102 27.80 -4.24 -8.80
CA ASP G 102 28.95 -4.96 -8.25
C ASP G 102 30.23 -4.13 -8.14
N SER G 103 30.15 -3.01 -7.43
CA SER G 103 31.33 -2.20 -7.17
C SER G 103 31.69 -2.28 -5.69
N ALA G 104 32.96 -2.07 -5.42
CA ALA G 104 33.46 -1.90 -4.06
C ALA G 104 33.42 -0.45 -3.62
N LYS G 105 33.61 0.48 -4.53
CA LYS G 105 33.37 1.87 -4.18
C LYS G 105 32.09 2.33 -4.87
N PRO G 106 31.02 2.61 -4.13
CA PRO G 106 29.83 3.20 -4.74
C PRO G 106 30.04 4.66 -5.09
N TYR G 107 29.61 5.00 -6.31
CA TYR G 107 29.70 6.36 -6.81
C TYR G 107 28.30 6.87 -7.06
N VAL G 108 28.18 8.15 -7.40
CA VAL G 108 26.89 8.69 -7.81
C VAL G 108 26.98 9.32 -9.17
N TRP G 109 28.16 9.74 -9.58
CA TRP G 109 28.32 10.34 -10.89
C TRP G 109 29.70 10.01 -11.41
N VAL G 110 29.82 9.85 -12.73
CA VAL G 110 31.08 9.55 -13.38
C VAL G 110 31.21 10.38 -14.64
N TYR G 111 32.45 10.56 -15.07
CA TYR G 111 32.72 11.23 -16.32
C TYR G 111 32.61 10.26 -17.48
N VAL G 112 32.15 10.74 -18.61
CA VAL G 112 31.87 9.92 -19.79
C VAL G 112 32.53 10.58 -20.99
N THR G 113 33.19 9.78 -21.82
CA THR G 113 33.83 10.25 -23.04
C THR G 113 33.66 9.19 -24.11
N THR G 114 33.62 9.59 -25.38
CA THR G 114 33.71 8.60 -26.44
C THR G 114 35.15 8.52 -26.90
N TYR G 115 35.44 7.58 -27.80
CA TYR G 115 36.75 7.59 -28.41
C TYR G 115 36.84 8.69 -29.45
N GLU G 116 35.70 9.06 -30.06
CA GLU G 116 35.66 10.16 -31.01
C GLU G 116 36.12 11.46 -30.37
N LEU G 117 35.77 11.66 -29.11
CA LEU G 117 36.21 12.86 -28.42
C LEU G 117 37.68 12.78 -28.07
N LEU G 118 38.21 11.57 -27.91
CA LEU G 118 39.61 11.45 -27.57
C LEU G 118 40.51 11.48 -28.80
N LYS G 119 39.95 11.21 -29.98
CA LYS G 119 40.77 11.28 -31.18
C LYS G 119 41.14 12.71 -31.49
N LYS G 120 40.27 13.65 -31.15
CA LYS G 120 40.60 15.04 -31.40
C LYS G 120 41.56 15.57 -30.36
N VAL G 121 41.48 15.05 -29.14
CA VAL G 121 42.45 15.42 -28.12
C VAL G 121 43.84 14.92 -28.50
N LYS G 122 43.91 13.71 -29.05
CA LYS G 122 45.18 13.24 -29.57
C LYS G 122 45.61 14.04 -30.79
N LEU G 123 44.64 14.52 -31.56
CA LEU G 123 44.96 15.32 -32.75
C LEU G 123 45.53 16.67 -32.36
N TYR G 124 45.09 17.22 -31.23
CA TYR G 124 45.74 18.41 -30.71
C TYR G 124 47.14 18.09 -30.20
N LEU G 125 47.26 17.10 -29.32
CA LEU G 125 48.49 16.90 -28.57
C LEU G 125 49.63 16.41 -29.44
N ASP G 126 49.34 15.66 -30.50
CA ASP G 126 50.39 15.27 -31.42
C ASP G 126 50.85 16.46 -32.25
N SER G 127 50.05 17.53 -32.29
CA SER G 127 50.40 18.67 -33.10
C SER G 127 51.15 19.73 -32.31
N ILE G 128 50.97 19.81 -31.00
CA ILE G 128 51.69 20.77 -30.18
C ILE G 128 52.91 20.17 -29.53
N SER G 129 53.25 18.93 -29.84
CA SER G 129 54.36 18.23 -29.22
C SER G 129 55.70 18.81 -29.60
N GLN G 130 55.81 19.35 -30.81
CA GLN G 130 57.09 19.78 -31.35
C GLN G 130 57.57 21.08 -30.75
N LEU G 131 56.76 21.74 -29.94
CA LEU G 131 57.12 23.02 -29.36
C LEU G 131 58.04 22.88 -28.17
N SER G 132 58.16 21.66 -27.62
CA SER G 132 59.26 21.23 -26.74
C SER G 132 59.23 21.92 -25.37
N ASN G 133 58.15 22.66 -25.12
CA ASN G 133 58.09 23.57 -24.00
C ASN G 133 57.15 22.97 -22.97
N ALA G 134 56.01 22.51 -23.45
CA ALA G 134 55.07 21.74 -22.64
C ALA G 134 54.79 20.45 -23.39
N SER G 135 55.62 19.42 -23.16
CA SER G 135 55.47 18.19 -23.92
C SER G 135 54.40 17.32 -23.29
N PHE G 136 54.65 16.91 -22.05
CA PHE G 136 53.77 16.05 -21.25
C PHE G 136 53.37 14.80 -22.01
N SER G 137 54.35 13.98 -22.34
CA SER G 137 54.11 12.79 -23.14
C SER G 137 53.31 11.76 -22.36
N ASN G 138 53.40 11.82 -21.02
CA ASN G 138 52.60 10.95 -20.16
C ASN G 138 51.12 11.17 -20.38
N LEU G 139 50.71 12.39 -20.71
CA LEU G 139 49.31 12.67 -20.98
C LEU G 139 48.84 11.95 -22.23
N LYS G 140 49.57 12.11 -23.33
CA LYS G 140 49.10 11.51 -24.57
C LYS G 140 49.41 10.04 -24.63
N ASN G 141 50.31 9.55 -23.77
CA ASN G 141 50.56 8.11 -23.78
C ASN G 141 49.44 7.36 -23.09
N LYS G 142 48.73 8.00 -22.17
CA LYS G 142 47.50 7.40 -21.66
C LYS G 142 46.43 7.41 -22.72
N ILE G 143 46.41 8.44 -23.56
CA ILE G 143 45.51 8.48 -24.70
C ILE G 143 45.87 7.41 -25.70
N ASP G 144 47.16 7.09 -25.81
CA ASP G 144 47.61 5.98 -26.66
C ASP G 144 47.07 4.66 -26.15
N THR G 145 47.13 4.43 -24.84
CA THR G 145 46.68 3.17 -24.29
C THR G 145 45.16 3.07 -24.32
N ILE G 146 44.46 4.20 -24.20
CA ILE G 146 43.01 4.17 -24.28
C ILE G 146 42.56 3.93 -25.71
N LEU G 147 43.18 4.61 -26.66
CA LEU G 147 42.83 4.37 -28.06
C LEU G 147 43.35 3.04 -28.57
N ALA G 148 44.18 2.35 -27.79
CA ALA G 148 44.55 0.99 -28.13
C ALA G 148 43.36 0.05 -28.01
N LYS G 149 42.42 0.36 -27.11
CA LYS G 149 41.22 -0.43 -26.90
C LYS G 149 39.99 0.16 -27.58
N GLU G 150 40.15 0.70 -28.77
CA GLU G 150 39.03 1.25 -29.53
C GLU G 150 38.02 0.17 -29.87
N GLY G 151 36.81 0.33 -29.35
CA GLY G 151 35.75 -0.63 -29.58
C GLY G 151 35.21 -1.32 -28.36
N LYS G 152 35.89 -1.22 -27.22
CA LYS G 152 35.36 -1.71 -25.96
C LYS G 152 34.79 -0.53 -25.19
N ASN G 153 34.44 -0.78 -23.94
CA ASN G 153 34.02 0.26 -23.01
C ASN G 153 34.99 0.28 -21.84
N ILE G 154 35.77 1.32 -21.74
CA ILE G 154 36.90 1.39 -20.82
C ILE G 154 36.54 2.26 -19.64
N THR G 155 36.70 1.73 -18.45
CA THR G 155 36.76 2.52 -17.23
C THR G 155 38.20 2.72 -16.82
N LEU G 156 38.42 3.62 -15.88
CA LEU G 156 39.78 3.85 -15.41
C LEU G 156 39.92 3.63 -13.92
N ASP G 157 38.85 3.25 -13.24
CA ASP G 157 38.93 2.69 -11.90
C ASP G 157 38.42 1.26 -11.95
N SER G 158 39.19 0.35 -11.38
CA SER G 158 39.06 -1.08 -11.64
C SER G 158 38.06 -1.76 -10.72
N ASP G 159 37.05 -1.02 -10.27
CA ASP G 159 36.08 -1.56 -9.34
C ASP G 159 34.70 -1.73 -9.97
N LEU G 160 34.47 -1.17 -11.15
CA LEU G 160 33.10 -0.98 -11.60
C LEU G 160 32.50 -2.21 -12.24
N LYS G 161 33.06 -2.58 -13.40
CA LYS G 161 32.79 -3.78 -14.20
C LYS G 161 31.43 -3.79 -14.89
N SER G 162 30.49 -2.95 -14.46
CA SER G 162 29.14 -2.85 -15.04
C SER G 162 28.37 -1.72 -14.35
N ALA G 163 27.51 -1.02 -15.09
CA ALA G 163 26.82 0.13 -14.53
C ALA G 163 25.66 0.52 -15.42
N ILE G 164 24.81 1.40 -14.88
CA ILE G 164 23.74 2.03 -15.63
C ILE G 164 24.00 3.54 -15.61
N LEU G 165 24.18 4.10 -16.78
CA LEU G 165 24.56 5.50 -16.93
C LEU G 165 23.35 6.31 -17.32
N ASN G 166 23.16 7.46 -16.68
CA ASN G 166 22.02 8.35 -16.86
C ASN G 166 20.69 7.67 -16.64
N GLU G 167 20.69 6.62 -15.82
CA GLU G 167 19.49 5.86 -15.44
C GLU G 167 18.73 5.28 -16.63
N ASP G 168 19.41 5.12 -17.77
CA ASP G 168 18.69 4.55 -18.90
C ASP G 168 19.59 3.68 -19.78
N PHE G 169 20.85 3.51 -19.41
CA PHE G 169 21.81 2.96 -20.35
C PHE G 169 22.70 1.95 -19.65
N TYR G 170 22.39 0.68 -19.83
CA TYR G 170 23.18 -0.39 -19.26
C TYR G 170 24.45 -0.56 -20.06
N VAL G 171 25.59 -0.40 -19.41
CA VAL G 171 26.88 -0.61 -20.04
C VAL G 171 27.64 -1.67 -19.26
N GLU G 172 28.60 -2.28 -19.92
CA GLU G 172 29.47 -3.27 -19.31
C GLU G 172 30.91 -2.85 -19.52
N LEU G 173 31.64 -2.71 -18.42
CA LEU G 173 32.96 -2.10 -18.48
C LEU G 173 34.02 -3.16 -18.33
N GLU G 174 35.15 -2.93 -19.00
CA GLU G 174 36.39 -3.56 -18.62
C GLU G 174 37.33 -2.44 -18.22
N ALA G 175 38.30 -2.77 -17.38
CA ALA G 175 39.32 -1.80 -17.04
C ALA G 175 40.38 -1.81 -18.13
N LEU G 176 41.52 -1.19 -17.86
CA LEU G 176 42.55 -1.18 -18.88
C LEU G 176 43.44 -2.43 -18.78
N ASN G 177 43.14 -3.31 -17.81
CA ASN G 177 44.07 -4.33 -17.27
C ASN G 177 45.38 -3.67 -16.91
N ASN G 178 45.26 -2.52 -16.25
CA ASN G 178 46.38 -1.66 -15.91
C ASN G 178 45.83 -0.64 -14.92
N LYS G 179 46.72 -0.07 -14.14
CA LYS G 179 46.32 0.96 -13.18
C LYS G 179 45.83 2.21 -13.88
N ILE G 180 46.63 2.74 -14.81
CA ILE G 180 46.45 3.98 -15.60
C ILE G 180 45.91 5.14 -14.75
N PRO G 181 46.78 5.85 -14.05
CA PRO G 181 46.34 6.99 -13.23
C PRO G 181 45.59 8.02 -14.06
N SER G 182 44.53 8.56 -13.47
CA SER G 182 43.53 9.26 -14.24
C SER G 182 43.99 10.65 -14.63
N ILE G 183 43.40 11.17 -15.70
CA ILE G 183 43.74 12.48 -16.20
C ILE G 183 43.08 13.56 -15.36
N ILE G 184 41.82 13.36 -15.00
CA ILE G 184 40.95 14.34 -14.37
C ILE G 184 41.34 14.61 -12.94
N ASN G 185 40.66 15.58 -12.33
CA ASN G 185 41.07 16.12 -11.05
C ASN G 185 40.54 15.35 -9.85
N ALA G 186 39.29 14.89 -9.89
CA ALA G 186 38.68 14.32 -8.69
C ALA G 186 39.05 12.87 -8.48
N GLY G 187 38.36 12.20 -7.57
CA GLY G 187 38.49 10.77 -7.37
C GLY G 187 37.36 10.03 -8.03
N VAL G 188 37.01 10.46 -9.24
CA VAL G 188 35.81 10.02 -9.93
C VAL G 188 36.22 9.25 -11.18
N PRO G 189 35.61 8.12 -11.48
CA PRO G 189 36.01 7.34 -12.65
C PRO G 189 35.70 8.00 -13.97
N LEU G 190 36.61 7.91 -14.92
CA LEU G 190 36.37 8.30 -16.30
C LEU G 190 36.01 7.06 -17.09
N LEU G 191 34.80 7.04 -17.65
CA LEU G 191 34.28 5.89 -18.36
C LEU G 191 34.22 6.19 -19.84
N VAL G 192 35.30 5.89 -20.55
CA VAL G 192 35.36 6.13 -21.97
C VAL G 192 34.45 5.13 -22.65
N LEU G 193 33.44 5.61 -23.36
CA LEU G 193 32.45 4.71 -23.91
C LEU G 193 32.69 4.41 -25.37
N GLU G 194 31.86 3.50 -25.88
CA GLU G 194 31.80 3.19 -27.29
C GLU G 194 31.30 4.40 -28.06
N ASP G 195 31.66 4.48 -29.34
CA ASP G 195 31.33 5.65 -30.13
C ASP G 195 29.85 5.69 -30.50
N SER G 196 29.16 4.55 -30.42
CA SER G 196 27.73 4.57 -30.70
C SER G 196 26.95 5.06 -29.49
N ILE G 197 27.10 4.39 -28.35
CA ILE G 197 26.26 4.67 -27.20
C ILE G 197 26.67 5.97 -26.52
N GLY G 198 27.88 6.47 -26.80
CA GLY G 198 28.30 7.70 -26.16
C GLY G 198 27.62 8.92 -26.74
N ARG G 199 27.03 8.78 -27.92
CA ARG G 199 26.21 9.86 -28.46
C ARG G 199 24.77 9.75 -27.97
N GLU G 200 24.55 8.94 -26.94
CA GLU G 200 23.26 8.94 -26.28
C GLU G 200 23.42 9.27 -24.82
N VAL G 201 24.45 8.72 -24.18
CA VAL G 201 24.67 8.95 -22.76
C VAL G 201 25.06 10.39 -22.50
N ILE G 202 25.89 10.95 -23.37
CA ILE G 202 26.18 12.38 -23.30
C ILE G 202 24.93 13.17 -23.67
N ASN G 203 24.23 12.72 -24.71
CA ASN G 203 23.12 13.49 -25.24
C ASN G 203 21.90 13.42 -24.33
N ARG G 204 21.86 12.44 -23.44
CA ARG G 204 20.94 12.45 -22.32
C ARG G 204 21.44 13.36 -21.20
N SER G 205 22.75 13.51 -21.07
CA SER G 205 23.29 14.24 -19.94
C SER G 205 23.35 15.74 -20.17
N LEU G 206 22.98 16.21 -21.35
CA LEU G 206 22.72 17.63 -21.54
C LEU G 206 21.45 18.02 -20.81
N ILE G 207 21.29 19.30 -20.57
CA ILE G 207 20.20 19.77 -19.74
C ILE G 207 19.29 20.66 -20.56
N ARG G 208 18.09 20.16 -20.84
CA ARG G 208 17.13 20.86 -21.67
C ARG G 208 16.06 21.47 -20.79
N VAL G 209 15.99 22.78 -20.78
CA VAL G 209 15.16 23.52 -19.84
C VAL G 209 14.09 24.26 -20.62
N ARG G 210 12.84 24.13 -20.20
CA ARG G 210 11.77 24.97 -20.68
C ARG G 210 11.80 26.23 -19.85
N ARG G 211 11.61 27.37 -20.49
CA ARG G 211 11.53 28.63 -19.77
C ARG G 211 10.36 29.45 -20.30
N ILE G 212 9.89 30.38 -19.49
CA ILE G 212 8.74 31.20 -19.83
C ILE G 212 9.00 32.64 -19.43
N ARG G 213 8.14 33.53 -19.93
CA ARG G 213 8.15 34.94 -19.57
C ARG G 213 6.78 35.29 -19.01
N ILE G 214 6.75 35.74 -17.78
CA ILE G 214 5.50 35.96 -17.05
C ILE G 214 5.24 37.45 -16.94
N ASP G 215 4.06 37.86 -17.38
CA ASP G 215 3.50 39.17 -17.05
C ASP G 215 3.51 39.39 -15.54
N ARG G 216 4.25 40.40 -15.09
CA ARG G 216 4.35 40.71 -13.66
C ARG G 216 3.03 41.13 -13.04
N ASP G 217 2.06 41.55 -13.85
CA ASP G 217 0.86 42.14 -13.32
C ASP G 217 -0.08 41.15 -12.67
N LYS G 218 -0.22 39.94 -13.22
CA LYS G 218 -1.25 39.04 -12.73
C LYS G 218 -0.79 37.60 -12.62
N LYS G 219 0.52 37.37 -12.73
CA LYS G 219 1.17 36.06 -12.70
C LYS G 219 0.54 35.08 -13.68
N VAL G 220 0.67 35.36 -14.98
CA VAL G 220 0.30 34.40 -15.99
C VAL G 220 1.23 34.65 -17.17
N VAL G 221 1.43 33.61 -17.97
CA VAL G 221 2.46 33.63 -19.00
C VAL G 221 2.01 34.49 -20.18
N GLU G 222 2.92 35.28 -20.72
CA GLU G 222 2.61 36.05 -21.91
C GLU G 222 2.55 35.13 -23.12
N THR G 223 1.90 35.61 -24.16
CA THR G 223 1.76 34.81 -25.38
C THR G 223 3.09 34.75 -26.11
N GLY G 224 3.53 33.54 -26.44
CA GLY G 224 4.75 33.36 -27.16
C GLY G 224 5.99 33.30 -26.30
N GLY G 225 5.87 33.55 -25.01
CA GLY G 225 7.02 33.45 -24.13
C GLY G 225 7.28 32.03 -23.69
N LEU G 226 7.82 31.21 -24.57
CA LEU G 226 8.09 29.81 -24.26
C LEU G 226 9.17 29.32 -25.21
N TRP G 227 10.26 28.80 -24.67
CA TRP G 227 11.40 28.42 -25.49
C TRP G 227 12.25 27.46 -24.69
N SER G 228 13.00 26.64 -25.41
CA SER G 228 13.84 25.62 -24.81
C SER G 228 15.30 26.03 -24.90
N GLU G 229 16.05 25.75 -23.84
CA GLU G 229 17.48 26.02 -23.84
C GLU G 229 18.23 24.75 -23.47
N GLU G 230 19.42 24.60 -24.01
CA GLU G 230 20.29 23.50 -23.64
C GLU G 230 21.50 24.05 -22.89
N TYR G 231 21.61 23.65 -21.64
CA TYR G 231 22.79 23.96 -20.87
C TYR G 231 23.75 22.78 -20.94
N VAL G 232 24.98 23.05 -20.59
CA VAL G 232 26.01 22.05 -20.39
C VAL G 232 26.29 22.00 -18.90
N PRO G 233 26.29 20.81 -18.27
CA PRO G 233 26.21 20.75 -16.80
C PRO G 233 27.41 21.30 -16.06
N MET G 234 27.29 21.37 -14.74
CA MET G 234 28.44 21.60 -13.89
C MET G 234 29.44 20.47 -14.05
N LYS G 235 30.69 20.75 -13.71
CA LYS G 235 31.83 19.83 -13.69
C LYS G 235 32.21 19.31 -15.07
N THR G 236 31.61 19.81 -16.14
CA THR G 236 31.98 19.40 -17.48
C THR G 236 33.37 19.91 -17.81
N ILE G 237 34.18 19.08 -18.46
CA ILE G 237 35.57 19.39 -18.72
C ILE G 237 35.76 19.55 -20.22
N PHE G 238 35.99 20.77 -20.67
CA PHE G 238 36.42 21.00 -22.03
C PHE G 238 37.93 21.10 -22.09
N PHE G 239 38.47 21.01 -23.30
CA PHE G 239 39.90 21.04 -23.53
C PHE G 239 40.23 21.90 -24.72
N SER G 240 41.21 22.79 -24.55
CA SER G 240 41.62 23.71 -25.60
C SER G 240 43.02 24.18 -25.30
N VAL G 241 43.71 24.63 -26.34
CA VAL G 241 45.11 25.03 -26.23
C VAL G 241 45.26 26.46 -26.75
N LEU G 242 45.79 27.33 -25.91
CA LEU G 242 46.26 28.64 -26.35
C LEU G 242 47.52 28.45 -27.16
N LEU G 243 47.56 29.02 -28.36
CA LEU G 243 48.74 29.04 -29.20
C LEU G 243 49.33 30.43 -29.21
N GLY G 244 50.61 30.54 -28.89
CA GLY G 244 51.21 31.85 -28.80
C GLY G 244 52.45 32.04 -29.65
N LYS G 245 52.57 33.19 -30.29
CA LYS G 245 53.79 33.48 -31.02
C LYS G 245 54.80 34.15 -30.10
N GLU G 246 56.02 34.28 -30.59
CA GLU G 246 57.18 34.37 -29.72
C GLU G 246 57.63 35.80 -29.44
N SER G 247 56.74 36.79 -29.57
CA SER G 247 57.11 38.13 -29.14
C SER G 247 57.17 38.18 -27.62
N LYS G 248 57.97 39.11 -27.11
CA LYS G 248 58.15 39.17 -25.67
C LYS G 248 56.98 39.82 -24.98
N GLU G 249 56.10 40.46 -25.73
CA GLU G 249 54.84 40.89 -25.15
C GLU G 249 53.90 39.71 -24.95
N SER G 250 54.17 38.58 -25.60
CA SER G 250 53.36 37.39 -25.35
C SER G 250 53.86 36.64 -24.13
N ALA G 251 55.14 36.70 -23.83
CA ALA G 251 55.65 35.97 -22.68
C ALA G 251 55.32 36.68 -21.38
N ILE G 252 55.27 38.02 -21.39
CA ILE G 252 54.75 38.73 -20.24
C ILE G 252 53.25 38.44 -20.09
N PHE G 253 52.57 38.21 -21.22
CA PHE G 253 51.19 37.76 -21.17
C PHE G 253 51.11 36.35 -20.65
N ALA G 254 52.14 35.56 -20.88
CA ALA G 254 52.18 34.24 -20.25
C ALA G 254 52.63 34.31 -18.81
N SER G 255 53.32 35.38 -18.42
CA SER G 255 53.98 35.37 -17.12
C SER G 255 53.03 35.68 -15.99
N CYS G 256 52.52 36.91 -15.94
CA CYS G 256 51.71 37.28 -14.80
C CYS G 256 50.28 37.64 -15.18
N ILE G 257 49.85 37.25 -16.38
CA ILE G 257 48.44 37.29 -16.72
C ILE G 257 47.79 35.94 -16.53
N LEU G 258 48.29 34.93 -17.23
CA LEU G 258 47.75 33.58 -17.15
C LEU G 258 47.96 32.93 -15.78
N ARG G 259 49.06 33.24 -15.11
CA ARG G 259 49.33 32.66 -13.82
C ARG G 259 48.62 33.39 -12.69
N ASN G 260 47.89 34.44 -13.01
CA ASN G 260 46.93 35.02 -12.08
C ASN G 260 45.51 34.81 -12.58
N LEU G 261 45.30 33.81 -13.44
CA LEU G 261 44.02 33.57 -14.07
C LEU G 261 43.47 32.24 -13.62
N ARG G 262 42.36 32.26 -12.90
CA ARG G 262 41.78 31.00 -12.47
C ARG G 262 40.35 30.83 -12.93
N TYR G 263 39.48 31.79 -12.59
CA TYR G 263 38.06 31.69 -12.91
C TYR G 263 37.73 32.70 -13.99
N VAL G 264 36.97 32.27 -14.98
CA VAL G 264 36.63 33.09 -16.13
C VAL G 264 35.15 32.95 -16.36
N ILE G 265 34.50 34.06 -16.68
CA ILE G 265 33.12 34.04 -17.17
C ILE G 265 33.18 33.75 -18.66
N LEU G 266 32.43 32.77 -19.11
CA LEU G 266 32.35 32.47 -20.52
C LEU G 266 30.90 32.41 -20.95
N GLY G 267 30.68 32.61 -22.24
CA GLY G 267 29.36 32.38 -22.81
C GLY G 267 28.34 33.41 -22.40
N GLY G 268 27.09 32.99 -22.49
CA GLY G 268 25.98 33.89 -22.26
C GLY G 268 25.12 33.51 -21.08
N LYS G 269 24.06 34.29 -20.90
CA LYS G 269 23.02 34.09 -19.90
C LYS G 269 23.61 34.13 -18.50
N GLU G 270 24.54 35.04 -18.29
CA GLU G 270 25.22 35.10 -17.01
C GLU G 270 24.37 35.70 -15.93
N THR G 271 23.26 36.36 -16.27
CA THR G 271 22.36 36.82 -15.23
C THR G 271 21.55 35.68 -14.64
N ILE G 272 21.51 34.54 -15.32
CA ILE G 272 20.90 33.33 -14.80
C ILE G 272 21.99 32.62 -14.00
N GLY G 273 23.20 33.15 -14.09
CA GLY G 273 24.32 32.56 -13.40
C GLY G 273 24.86 31.37 -14.14
N LYS G 274 25.22 31.57 -15.40
CA LYS G 274 25.76 30.52 -16.22
C LYS G 274 27.15 30.93 -16.68
N GLY G 275 27.93 29.94 -17.07
CA GLY G 275 29.20 30.22 -17.68
C GLY G 275 30.31 30.68 -16.76
N ILE G 276 30.21 30.43 -15.46
CA ILE G 276 31.38 30.59 -14.61
C ILE G 276 32.28 29.38 -14.81
N VAL G 277 33.52 29.64 -15.19
CA VAL G 277 34.42 28.62 -15.68
C VAL G 277 35.75 28.74 -14.97
N GLU G 278 36.21 27.65 -14.38
CA GLU G 278 37.55 27.57 -13.82
C GLU G 278 38.47 26.96 -14.84
N LEU G 279 39.64 27.56 -15.04
CA LEU G 279 40.61 27.08 -16.00
C LEU G 279 41.74 26.38 -15.27
N ARG G 280 42.03 25.15 -15.69
CA ARG G 280 43.17 24.40 -15.17
C ARG G 280 44.12 24.17 -16.32
N TRP G 281 45.32 24.73 -16.21
CA TRP G 281 46.35 24.60 -17.23
C TRP G 281 46.99 23.24 -17.07
N VAL G 282 47.54 22.69 -18.15
CA VAL G 282 48.37 21.52 -17.95
C VAL G 282 49.82 21.99 -17.92
N LYS G 283 50.23 22.58 -16.81
CA LYS G 283 51.64 22.68 -16.47
C LYS G 283 51.79 22.61 -14.97
N ASP G 284 50.73 22.20 -14.28
CA ASP G 284 50.78 22.05 -12.84
C ASP G 284 50.09 20.79 -12.35
N VAL G 285 49.64 19.93 -13.25
CA VAL G 285 48.83 18.75 -12.96
C VAL G 285 49.56 17.56 -13.56
N ILE G 286 48.90 16.41 -13.59
CA ILE G 286 49.36 15.27 -14.38
C ILE G 286 49.55 15.65 -15.86
N LYS H 2 58.98 16.35 -50.65
CA LYS H 2 58.31 16.48 -51.93
C LYS H 2 56.81 16.70 -51.71
N ARG H 3 56.14 15.71 -51.11
CA ARG H 3 54.76 15.85 -50.69
C ARG H 3 54.71 16.49 -49.32
N VAL H 4 53.83 17.48 -49.17
CA VAL H 4 53.61 18.13 -47.89
C VAL H 4 52.14 17.99 -47.54
N LEU H 5 51.86 17.30 -46.45
CA LEU H 5 50.52 17.13 -45.94
C LEU H 5 50.16 18.34 -45.09
N ILE H 6 48.93 18.79 -45.23
CA ILE H 6 48.40 19.89 -44.42
C ILE H 6 47.29 19.30 -43.58
N LYS H 7 47.48 19.27 -42.26
CA LYS H 7 46.48 18.69 -41.38
C LYS H 7 45.77 19.80 -40.64
N PRO H 8 44.50 20.06 -40.94
CA PRO H 8 43.76 21.09 -40.18
C PRO H 8 43.39 20.59 -38.79
N LEU H 9 43.68 21.40 -37.78
CA LEU H 9 43.38 21.00 -36.41
C LEU H 9 41.98 21.38 -35.98
N GLU H 10 41.24 22.08 -36.82
CA GLU H 10 39.96 22.68 -36.50
C GLU H 10 39.29 23.02 -37.81
N PRO H 11 38.00 23.39 -37.80
CA PRO H 11 37.37 23.83 -39.04
C PRO H 11 38.04 25.04 -39.66
N LEU H 12 38.03 25.09 -40.98
CA LEU H 12 38.74 26.10 -41.74
C LEU H 12 37.76 27.02 -42.43
N MET H 13 38.24 28.20 -42.81
CA MET H 13 37.47 29.14 -43.59
C MET H 13 38.31 29.64 -44.75
N PHE H 14 37.80 29.47 -45.96
CA PHE H 14 38.45 30.05 -47.13
C PHE H 14 37.40 30.94 -47.77
N ARG H 15 37.61 32.26 -47.71
CA ARG H 15 36.57 33.23 -48.04
C ARG H 15 36.32 33.20 -49.54
N SER H 16 35.35 32.41 -49.95
CA SER H 16 34.76 32.51 -51.27
C SER H 16 33.70 33.60 -51.22
N GLN H 17 33.44 34.21 -52.38
CA GLN H 17 32.48 35.29 -52.46
C GLN H 17 31.14 34.84 -53.03
N GLY H 18 30.65 33.66 -52.62
CA GLY H 18 29.34 33.21 -53.04
C GLY H 18 29.33 32.74 -54.47
N GLU H 19 30.45 32.15 -54.90
CA GLU H 19 30.54 31.62 -56.26
C GLU H 19 29.70 30.36 -56.43
N PHE H 20 29.61 29.52 -55.40
CA PHE H 20 28.90 28.26 -55.55
C PHE H 20 28.11 28.01 -54.28
N GLU H 21 26.88 27.53 -54.47
CA GLU H 21 25.99 27.27 -53.35
C GLU H 21 24.99 26.14 -53.60
N PRO H 22 25.43 24.89 -53.75
CA PRO H 22 24.46 23.81 -53.99
C PRO H 22 23.98 23.19 -52.68
N LEU H 23 23.60 24.03 -51.72
CA LEU H 23 23.45 23.51 -50.37
C LEU H 23 22.46 24.28 -49.51
N ILE H 24 21.74 23.57 -48.63
CA ILE H 24 20.75 24.15 -47.74
C ILE H 24 21.04 23.71 -46.31
N THR H 25 20.78 24.61 -45.36
CA THR H 25 20.70 24.24 -43.95
C THR H 25 19.55 25.03 -43.32
N GLY H 26 19.15 26.09 -44.00
CA GLY H 26 18.54 27.23 -43.35
C GLY H 26 19.57 28.28 -42.99
N SER H 27 20.55 28.51 -43.86
CA SER H 27 21.80 29.16 -43.50
C SER H 27 21.73 30.68 -43.55
N HIS H 28 21.45 31.23 -44.74
CA HIS H 28 21.56 32.66 -45.09
C HIS H 28 22.82 33.33 -44.51
N THR H 29 23.99 32.89 -44.98
CA THR H 29 25.27 33.25 -44.42
C THR H 29 26.07 34.16 -45.35
N ALA H 30 26.65 35.21 -44.77
CA ALA H 30 27.32 36.27 -45.53
C ALA H 30 28.62 35.83 -46.19
N ALA H 31 29.27 34.78 -45.69
CA ALA H 31 30.51 34.30 -46.27
C ALA H 31 30.45 32.79 -46.49
N GLN H 32 30.29 32.39 -47.74
CA GLN H 32 30.34 31.00 -48.13
C GLN H 32 31.81 30.59 -48.22
N SER H 33 32.09 29.31 -47.98
CA SER H 33 33.46 28.84 -47.91
C SER H 33 33.85 28.11 -49.18
N LEU H 34 35.16 28.00 -49.40
CA LEU H 34 35.70 27.14 -50.44
C LEU H 34 35.97 25.75 -49.89
N ILE H 35 35.68 24.75 -50.71
CA ILE H 35 35.96 23.38 -50.33
C ILE H 35 37.44 23.07 -50.44
N ILE H 36 38.07 23.41 -51.56
CA ILE H 36 39.50 23.21 -51.76
C ILE H 36 40.10 24.60 -51.93
N PRO H 37 41.14 24.95 -51.19
CA PRO H 37 41.61 26.34 -51.21
C PRO H 37 42.38 26.65 -52.47
N ARG H 38 42.60 27.94 -52.68
CA ARG H 38 43.41 28.41 -53.78
C ARG H 38 44.87 28.12 -53.49
N PRO H 39 45.73 28.11 -54.50
CA PRO H 39 47.16 27.95 -54.20
C PRO H 39 47.79 29.22 -53.67
N SER H 40 47.15 30.38 -53.87
CA SER H 40 47.69 31.61 -53.31
C SER H 40 47.57 31.64 -51.79
N THR H 41 46.55 30.97 -51.26
CA THR H 41 46.51 30.70 -49.82
C THR H 41 47.71 29.88 -49.42
N ILE H 42 47.99 28.82 -50.18
CA ILE H 42 49.03 27.87 -49.84
C ILE H 42 50.39 28.48 -50.00
N ALA H 43 50.63 29.14 -51.14
CA ALA H 43 51.89 29.81 -51.35
C ALA H 43 52.04 30.99 -50.41
N GLY H 44 50.93 31.64 -50.06
CA GLY H 44 51.00 32.72 -49.10
C GLY H 44 51.27 32.22 -47.69
N MET H 45 50.86 30.99 -47.39
CA MET H 45 51.11 30.43 -46.07
C MET H 45 52.55 29.97 -45.93
N LEU H 46 53.11 29.37 -46.98
CA LEU H 46 54.50 28.94 -46.93
C LEU H 46 55.45 30.12 -46.95
N GLY H 47 55.10 31.17 -47.69
CA GLY H 47 55.89 32.38 -47.67
C GLY H 47 55.69 33.19 -46.41
N TYR H 48 54.68 32.84 -45.62
CA TYR H 48 54.53 33.44 -44.30
C TYR H 48 55.46 32.75 -43.30
N ILE H 49 55.93 31.55 -43.63
CA ILE H 49 56.98 30.92 -42.84
C ILE H 49 58.34 31.46 -43.25
N LEU H 50 58.64 31.42 -44.55
CA LEU H 50 59.96 31.69 -45.07
C LEU H 50 60.24 33.16 -45.24
N PHE H 51 59.45 34.03 -44.61
CA PHE H 51 59.56 35.45 -44.88
C PHE H 51 60.80 36.03 -44.22
N ASN H 52 61.41 36.99 -44.90
CA ASN H 52 62.50 37.79 -44.35
C ASN H 52 62.18 39.24 -44.58
N LYS H 53 62.79 40.10 -43.78
CA LYS H 53 62.58 41.53 -43.98
C LYS H 53 63.28 42.04 -45.22
N SER H 54 64.43 41.47 -45.58
CA SER H 54 65.16 41.88 -46.77
C SER H 54 64.48 41.43 -48.05
N SER H 55 63.56 40.48 -47.97
CA SER H 55 62.75 40.08 -49.12
C SER H 55 61.41 40.80 -49.15
N GLY H 56 61.36 42.07 -48.74
CA GLY H 56 60.15 42.85 -48.89
C GLY H 56 60.29 43.86 -50.02
N THR H 57 59.42 43.72 -51.03
CA THR H 57 59.38 44.65 -52.15
C THR H 57 57.90 44.81 -52.48
N GLY H 58 57.57 45.67 -53.46
CA GLY H 58 56.19 45.96 -53.80
C GLY H 58 55.40 44.85 -54.46
N ASP H 59 55.96 44.17 -55.45
CA ASP H 59 55.23 43.15 -56.20
C ASP H 59 55.33 41.85 -55.44
N TRP H 60 54.18 41.19 -55.22
CA TRP H 60 54.13 40.07 -54.30
C TRP H 60 54.67 38.79 -54.95
N LEU H 61 54.16 38.44 -56.13
CA LEU H 61 54.55 37.20 -56.79
C LEU H 61 55.97 37.23 -57.32
N SER H 62 56.53 38.40 -57.56
CA SER H 62 57.96 38.48 -57.81
C SER H 62 58.73 38.09 -56.56
N ASP H 63 58.31 38.62 -55.40
CA ASP H 63 58.94 38.28 -54.14
C ASP H 63 58.63 36.86 -53.71
N LEU H 64 57.43 36.38 -54.01
CA LEU H 64 56.98 35.08 -53.53
C LEU H 64 57.70 33.93 -54.19
N THR H 65 58.04 34.07 -55.47
CA THR H 65 58.74 33.00 -56.15
C THR H 65 60.23 32.97 -55.83
N ASN H 66 60.77 34.07 -55.32
CA ASN H 66 62.11 34.00 -54.77
C ASN H 66 62.14 33.18 -53.49
N LEU H 67 61.04 33.19 -52.73
CA LEU H 67 61.06 32.55 -51.43
C LEU H 67 60.85 31.05 -51.48
N LEU H 68 60.55 30.46 -52.65
CA LEU H 68 60.23 29.05 -52.71
C LEU H 68 60.35 28.51 -54.13
N ALA H 69 60.22 27.18 -54.24
CA ALA H 69 60.23 26.46 -55.50
C ALA H 69 58.82 26.27 -56.03
N THR H 70 58.68 25.40 -57.02
CA THR H 70 57.39 25.25 -57.68
C THR H 70 56.44 24.37 -56.87
N ILE H 71 55.31 24.96 -56.48
CA ILE H 71 54.28 24.31 -55.67
C ILE H 71 53.29 23.66 -56.62
N TYR H 72 52.86 22.44 -56.29
CA TYR H 72 51.92 21.70 -57.13
C TYR H 72 50.57 21.53 -56.45
N GLY H 73 49.64 20.92 -57.19
CA GLY H 73 48.21 20.95 -56.93
C GLY H 73 47.71 20.40 -55.62
N THR H 74 46.41 20.54 -55.40
CA THR H 74 45.83 20.40 -54.07
C THR H 74 44.70 19.38 -54.07
N PHE H 75 44.84 18.36 -53.23
CA PHE H 75 43.79 17.35 -53.07
C PHE H 75 43.93 16.72 -51.69
N ILE H 76 43.15 15.66 -51.48
CA ILE H 76 42.80 15.16 -50.16
C ILE H 76 43.34 13.76 -49.99
N GLU H 77 43.98 13.49 -48.86
CA GLU H 77 44.28 12.14 -48.45
C GLU H 77 43.70 11.91 -47.06
N THR H 78 42.76 10.98 -46.95
CA THR H 78 42.15 10.61 -45.68
C THR H 78 42.80 9.39 -45.07
N ASN H 79 44.09 9.17 -45.34
CA ASN H 79 44.82 7.94 -45.01
C ASN H 79 44.08 6.74 -45.56
N GLY H 80 44.05 6.60 -46.87
CA GLY H 80 43.37 5.51 -47.50
C GLY H 80 42.63 5.89 -48.76
N GLU H 81 42.58 7.17 -49.10
CA GLU H 81 42.01 7.63 -50.34
C GLU H 81 42.88 8.74 -50.88
N TYR H 82 42.77 8.96 -52.18
CA TYR H 82 43.09 10.25 -52.75
C TYR H 82 41.84 10.78 -53.41
N LEU H 83 41.20 11.74 -52.77
CA LEU H 83 39.96 12.31 -53.26
C LEU H 83 40.27 13.54 -54.10
N PHE H 84 39.52 13.69 -55.18
CA PHE H 84 39.82 14.73 -56.12
C PHE H 84 38.57 15.53 -56.44
N PRO H 85 38.73 16.85 -56.63
CA PRO H 85 37.56 17.68 -56.91
C PRO H 85 37.00 17.39 -58.29
N LEU H 86 35.73 17.76 -58.46
CA LEU H 86 35.05 17.55 -59.72
C LEU H 86 33.88 18.51 -59.80
N ARG H 87 33.83 19.32 -60.86
CA ARG H 87 32.79 20.31 -61.01
C ARG H 87 31.91 20.00 -62.21
N MET H 88 30.61 20.06 -62.00
CA MET H 88 29.62 19.92 -63.05
C MET H 88 29.02 21.26 -63.43
N GLY H 89 29.32 22.31 -62.68
CA GLY H 89 28.65 23.57 -62.89
C GLY H 89 27.69 23.82 -61.76
N ASN H 90 28.10 24.69 -60.85
CA ASN H 90 27.42 24.99 -59.57
C ASN H 90 27.29 23.73 -58.70
N HIS H 91 28.19 22.78 -58.90
CA HIS H 91 28.21 21.58 -58.09
C HIS H 91 29.66 21.17 -57.89
N LEU H 92 29.89 20.36 -56.86
CA LEU H 92 31.24 19.95 -56.52
C LEU H 92 31.19 18.58 -55.89
N ALA H 93 32.23 17.79 -56.13
CA ALA H 93 32.31 16.47 -55.53
C ALA H 93 33.75 16.19 -55.15
N LEU H 94 33.93 15.18 -54.31
CA LEU H 94 35.24 14.72 -53.89
C LEU H 94 35.31 13.23 -54.16
N VAL H 95 35.95 12.85 -55.26
CA VAL H 95 35.94 11.48 -55.72
C VAL H 95 37.37 10.95 -55.84
N ASP H 96 37.49 9.64 -55.65
CA ASP H 96 38.71 8.92 -55.97
C ASP H 96 38.80 8.69 -57.47
N GLN H 97 39.99 8.30 -57.93
CA GLN H 97 40.25 8.31 -59.36
C GLN H 97 39.67 7.10 -60.07
N GLN H 98 39.15 6.13 -59.33
CA GLN H 98 38.46 5.01 -59.98
C GLN H 98 37.19 5.46 -60.67
N HIS H 99 36.59 6.54 -60.22
CA HIS H 99 35.48 7.15 -60.91
C HIS H 99 35.95 8.24 -61.86
N LEU H 100 37.26 8.34 -62.08
CA LEU H 100 37.85 9.24 -63.07
C LEU H 100 38.41 8.50 -64.26
N ILE H 101 38.74 7.22 -64.11
CA ILE H 101 39.29 6.42 -65.19
C ILE H 101 38.26 6.16 -66.27
N ASN H 102 37.09 5.72 -65.86
CA ASN H 102 35.95 5.54 -66.75
C ASN H 102 35.17 6.82 -67.02
N LEU H 103 35.74 7.97 -66.65
CA LEU H 103 35.10 9.26 -66.90
C LEU H 103 35.29 9.80 -68.33
N PRO H 104 36.49 9.81 -68.95
CA PRO H 104 36.54 10.29 -70.35
C PRO H 104 35.89 9.32 -71.32
N THR H 105 35.66 8.09 -70.88
CA THR H 105 34.65 7.26 -71.51
C THR H 105 33.31 7.97 -71.54
N LEU H 106 32.85 8.42 -70.37
CA LEU H 106 31.49 8.93 -70.19
C LEU H 106 31.25 10.27 -70.91
N LEU H 107 32.32 11.04 -71.16
CA LEU H 107 32.16 12.43 -71.61
C LEU H 107 31.58 12.50 -73.02
N GLU H 108 32.14 11.74 -73.95
CA GLU H 108 31.76 11.79 -75.34
C GLU H 108 30.47 11.04 -75.63
N LYS H 109 29.88 10.39 -74.63
CA LYS H 109 28.78 9.48 -74.88
C LYS H 109 27.48 10.24 -75.14
N GLU H 110 26.41 9.46 -75.33
CA GLU H 110 25.16 10.01 -75.85
C GLU H 110 24.35 10.66 -74.74
N TYR H 111 23.08 10.93 -75.05
CA TYR H 111 22.20 11.71 -74.19
C TYR H 111 21.97 11.03 -72.84
N GLU H 112 21.32 9.86 -72.85
CA GLU H 112 20.87 9.28 -71.58
C GLU H 112 21.99 8.53 -70.87
N ARG H 113 23.08 8.18 -71.57
CA ARG H 113 24.19 7.54 -70.88
C ARG H 113 24.90 8.52 -69.95
N ARG H 114 24.87 9.80 -70.30
CA ARG H 114 25.55 10.79 -69.47
C ARG H 114 24.75 11.10 -68.21
N GLU H 115 23.43 11.25 -68.34
CA GLU H 115 22.62 11.52 -67.16
C GLU H 115 22.50 10.30 -66.26
N LYS H 116 22.74 9.12 -66.81
CA LYS H 116 22.91 7.92 -66.00
C LYS H 116 24.24 7.98 -65.26
N GLY H 117 25.21 8.67 -65.85
CA GLY H 117 26.55 8.64 -65.29
C GLY H 117 26.77 9.68 -64.21
N ILE H 118 26.43 10.93 -64.50
CA ILE H 118 26.76 12.03 -63.59
C ILE H 118 25.86 12.01 -62.36
N TYR H 119 24.64 11.52 -62.51
CA TYR H 119 23.68 11.55 -61.42
C TYR H 119 23.83 10.35 -60.50
N GLU H 120 24.66 9.38 -60.88
CA GLU H 120 25.15 8.43 -59.91
C GLU H 120 26.47 8.91 -59.31
N LEU H 121 27.15 9.81 -60.02
CA LEU H 121 28.50 10.16 -59.63
C LEU H 121 28.51 11.23 -58.57
N PHE H 122 27.86 12.36 -58.84
CA PHE H 122 27.76 13.43 -57.87
C PHE H 122 26.77 13.14 -56.77
N TYR H 123 25.88 12.17 -56.94
CA TYR H 123 24.78 11.99 -56.02
C TYR H 123 24.83 10.64 -55.31
N ASP H 124 25.63 9.70 -55.79
CA ASP H 124 25.70 8.43 -55.08
C ASP H 124 27.15 7.99 -54.96
N LYS H 125 28.04 8.65 -55.67
CA LYS H 125 29.45 8.27 -55.60
C LYS H 125 30.29 9.43 -55.09
N ASN H 126 29.65 10.49 -54.61
CA ASN H 126 30.33 11.62 -54.02
C ASN H 126 30.73 11.28 -52.60
N LYS H 127 31.97 11.59 -52.25
CA LYS H 127 32.39 11.56 -50.86
C LYS H 127 32.47 12.95 -50.25
N LEU H 128 31.64 13.88 -50.71
CA LEU H 128 31.62 15.17 -50.04
C LEU H 128 31.00 15.09 -48.66
N PHE H 129 29.73 14.71 -48.58
CA PHE H 129 29.01 14.75 -47.31
C PHE H 129 29.31 13.56 -46.43
N GLN H 130 30.18 12.67 -46.87
CA GLN H 130 30.82 11.73 -45.97
C GLN H 130 32.04 12.35 -45.31
N ILE H 131 32.43 13.55 -45.71
CA ILE H 131 33.66 14.18 -45.25
C ILE H 131 33.36 15.53 -44.64
N ILE H 132 32.62 16.36 -45.36
CA ILE H 132 32.53 17.79 -45.10
C ILE H 132 31.24 18.13 -44.37
N ASN H 133 31.40 18.81 -43.25
CA ASN H 133 30.29 19.32 -42.46
C ASN H 133 30.30 20.85 -42.55
N HIS H 134 29.52 21.42 -43.46
CA HIS H 134 29.38 22.87 -43.59
C HIS H 134 28.75 23.43 -42.33
N GLN H 135 29.54 24.19 -41.59
CA GLN H 135 29.20 24.59 -40.24
C GLN H 135 29.03 26.10 -40.20
N ASP H 136 27.81 26.55 -39.97
CA ASP H 136 27.57 27.97 -39.79
C ASP H 136 28.16 28.43 -38.48
N ARG H 137 28.74 29.62 -38.47
CA ARG H 137 29.13 30.27 -37.22
C ARG H 137 28.73 31.72 -37.33
N ILE H 138 28.02 32.21 -36.32
CA ILE H 138 27.48 33.56 -36.34
C ILE H 138 28.06 34.31 -35.16
N GLY H 139 28.86 35.32 -35.45
CA GLY H 139 29.55 36.06 -34.42
C GLY H 139 29.01 37.46 -34.31
N ILE H 140 29.36 38.11 -33.19
CA ILE H 140 28.85 39.42 -32.85
C ILE H 140 30.00 40.30 -32.38
N SER H 141 29.65 41.49 -31.92
CA SER H 141 30.56 42.36 -31.21
C SER H 141 29.84 42.96 -30.00
N ILE H 142 30.57 43.11 -28.90
CA ILE H 142 30.00 43.55 -27.64
C ILE H 142 30.73 44.79 -27.15
N ASP H 143 29.98 45.87 -26.94
CA ASP H 143 30.54 47.05 -26.30
C ASP H 143 30.83 46.79 -24.83
N LYS H 144 32.04 47.15 -24.41
CA LYS H 144 32.54 46.83 -23.08
C LYS H 144 31.92 47.71 -22.00
N SER H 145 31.09 48.67 -22.40
CA SER H 145 30.59 49.67 -21.48
C SER H 145 29.10 49.51 -21.20
N THR H 146 28.44 48.54 -21.82
CA THR H 146 27.02 48.34 -21.59
C THR H 146 26.76 46.84 -21.46
N ARG H 147 27.64 46.04 -22.08
CA ARG H 147 27.56 44.59 -22.20
C ARG H 147 26.25 44.17 -22.86
N THR H 148 26.10 44.54 -24.12
CA THR H 148 24.96 44.14 -24.91
C THR H 148 25.56 43.75 -26.25
N VAL H 149 24.75 43.58 -27.27
CA VAL H 149 25.32 43.57 -28.61
C VAL H 149 25.69 45.02 -28.90
N LYS H 150 26.79 45.25 -29.59
CA LYS H 150 27.03 46.57 -30.14
C LYS H 150 26.18 46.69 -31.40
N GLU H 151 25.74 47.90 -31.71
CA GLU H 151 24.89 48.07 -32.89
C GLU H 151 25.69 47.84 -34.16
N HIS H 152 24.99 47.34 -35.18
CA HIS H 152 25.43 47.13 -36.56
C HIS H 152 26.51 46.07 -36.73
N TYR H 153 26.99 45.42 -35.67
CA TYR H 153 28.13 44.51 -35.82
C TYR H 153 27.67 43.08 -35.57
N LEU H 154 27.28 42.41 -36.66
CA LEU H 154 27.00 40.98 -36.65
C LEU H 154 27.48 40.41 -37.97
N TYR H 155 28.04 39.20 -37.92
CA TYR H 155 28.41 38.50 -39.14
C TYR H 155 28.03 37.04 -39.01
N SER H 156 27.94 36.36 -40.15
CA SER H 156 27.59 34.96 -40.19
C SER H 156 28.50 34.23 -41.18
N ALA H 157 29.59 33.69 -40.66
CA ALA H 157 30.61 33.10 -41.49
C ALA H 157 30.40 31.59 -41.51
N ARG H 158 30.38 31.02 -42.71
CA ARG H 158 30.03 29.62 -42.89
C ARG H 158 31.29 28.83 -43.10
N TYR H 159 31.74 28.12 -42.07
CA TYR H 159 33.04 27.48 -42.14
C TYR H 159 32.96 26.14 -42.83
N LEU H 160 34.05 25.39 -42.68
CA LEU H 160 34.30 24.13 -43.39
C LEU H 160 34.88 23.16 -42.37
N ALA H 161 34.06 22.21 -41.92
CA ALA H 161 34.53 21.24 -40.96
C ALA H 161 34.67 19.87 -41.60
N PHE H 162 35.45 19.01 -40.95
CA PHE H 162 35.80 17.71 -41.49
C PHE H 162 35.27 16.65 -40.54
N LYS H 163 34.41 15.78 -41.05
CA LYS H 163 33.79 14.78 -40.19
C LYS H 163 34.81 13.78 -39.68
N LYS H 164 35.60 13.22 -40.57
CA LYS H 164 36.68 12.32 -40.19
C LYS H 164 37.98 12.97 -40.60
N GLU H 165 39.09 12.41 -40.14
CA GLU H 165 40.39 13.05 -40.31
C GLU H 165 40.81 13.13 -41.76
N VAL H 166 41.15 14.35 -42.19
CA VAL H 166 41.30 14.73 -43.59
C VAL H 166 42.50 15.64 -43.69
N ASN H 167 43.36 15.39 -44.68
CA ASN H 167 44.57 16.17 -44.86
C ASN H 167 44.64 16.67 -46.29
N TYR H 168 45.27 17.83 -46.48
CA TYR H 168 45.46 18.37 -47.83
C TYR H 168 46.80 17.90 -48.38
N VAL H 169 46.86 17.72 -49.71
CA VAL H 169 48.04 17.16 -50.36
C VAL H 169 48.53 18.14 -51.43
N ILE H 170 49.76 18.62 -51.26
CA ILE H 170 50.44 19.40 -52.29
C ILE H 170 51.81 18.80 -52.52
N PHE H 171 52.46 19.27 -53.59
CA PHE H 171 53.80 18.83 -53.91
C PHE H 171 54.69 20.04 -54.18
N ILE H 172 55.90 19.98 -53.63
CA ILE H 172 56.89 21.04 -53.77
C ILE H 172 58.20 20.42 -54.20
N ASP H 173 58.94 21.13 -55.07
CA ASP H 173 60.13 20.58 -55.70
C ASP H 173 61.39 20.81 -54.90
N ASN H 174 61.37 21.73 -53.94
CA ASN H 174 62.55 22.05 -53.16
C ASN H 174 62.83 20.91 -52.20
N ASP H 175 64.05 20.87 -51.68
CA ASP H 175 64.43 19.93 -50.66
C ASP H 175 65.07 20.61 -49.46
N ALA H 176 65.55 21.85 -49.62
CA ALA H 176 66.17 22.56 -48.52
C ALA H 176 65.14 22.96 -47.47
N ILE H 177 63.96 23.37 -47.93
CA ILE H 177 62.93 23.83 -47.00
C ILE H 177 62.21 22.66 -46.36
N SER H 178 62.41 21.44 -46.88
CA SER H 178 61.67 20.24 -46.49
C SER H 178 61.84 19.87 -45.02
N ASP H 179 62.83 20.43 -44.35
CA ASP H 179 63.00 20.22 -42.92
C ASP H 179 62.32 21.31 -42.12
N LYS H 180 62.51 22.57 -42.51
CA LYS H 180 62.03 23.71 -41.73
C LYS H 180 60.55 23.97 -41.93
N ILE H 181 59.91 23.27 -42.87
CA ILE H 181 58.48 23.38 -43.09
C ILE H 181 57.82 22.21 -42.36
N ASN H 182 58.56 21.12 -42.23
CA ASN H 182 58.10 19.89 -41.61
C ASN H 182 57.80 20.15 -40.14
N GLY H 183 56.56 19.85 -39.74
CA GLY H 183 56.18 19.99 -38.36
C GLY H 183 55.91 21.40 -37.91
N LYS H 184 55.43 22.27 -38.79
CA LYS H 184 55.15 23.64 -38.41
C LYS H 184 53.66 23.87 -38.23
N ILE H 185 53.30 24.45 -37.11
CA ILE H 185 51.94 24.92 -36.83
C ILE H 185 51.77 26.27 -37.51
N VAL H 186 50.84 26.36 -38.44
CA VAL H 186 50.69 27.55 -39.26
C VAL H 186 49.29 28.11 -39.13
N ASN H 187 49.18 29.41 -39.41
CA ASN H 187 47.91 30.12 -39.30
C ASN H 187 47.10 29.94 -40.57
N PHE H 188 46.91 28.70 -40.98
CA PHE H 188 46.44 28.42 -42.33
C PHE H 188 44.97 28.75 -42.50
N GLY H 189 44.65 29.42 -43.59
CA GLY H 189 43.26 29.70 -43.85
C GLY H 189 42.88 31.13 -43.53
N GLY H 190 41.61 31.31 -43.22
CA GLY H 190 41.01 32.61 -43.11
C GLY H 190 41.03 33.15 -41.70
N GLU H 191 39.86 33.19 -41.03
CA GLU H 191 39.73 33.86 -39.73
C GLU H 191 40.46 33.07 -38.66
N ASN H 192 41.79 33.15 -38.72
CA ASN H 192 42.74 32.75 -37.67
C ASN H 192 42.59 31.29 -37.29
N ARG H 193 42.53 30.43 -38.30
CA ARG H 193 42.41 29.00 -38.09
C ARG H 193 43.80 28.37 -38.15
N ILE H 194 43.90 27.13 -37.70
CA ILE H 194 45.18 26.50 -37.46
C ILE H 194 45.26 25.19 -38.23
N ALA H 195 46.35 25.00 -38.95
CA ALA H 195 46.64 23.71 -39.54
C ALA H 195 48.08 23.32 -39.25
N LYS H 196 48.42 22.10 -39.61
CA LYS H 196 49.75 21.57 -39.38
C LYS H 196 50.33 21.01 -40.67
N LEU H 197 51.55 21.44 -40.99
CA LEU H 197 52.30 20.97 -42.13
C LEU H 197 53.22 19.84 -41.68
N GLU H 198 53.39 18.86 -42.56
CA GLU H 198 54.46 17.89 -42.37
C GLU H 198 54.95 17.44 -43.72
N VAL H 199 56.21 17.03 -43.78
CA VAL H 199 56.89 16.74 -45.04
C VAL H 199 57.26 15.27 -45.07
N ASP H 200 56.77 14.56 -46.08
CA ASP H 200 57.32 13.26 -46.39
C ASP H 200 57.87 13.30 -47.80
N ASP H 201 59.03 12.67 -47.98
CA ASP H 201 59.52 12.47 -49.32
C ASP H 201 58.64 11.45 -50.01
N TYR H 202 58.26 11.73 -51.25
CA TYR H 202 57.26 10.92 -51.90
C TYR H 202 57.46 10.98 -53.40
N LYS H 203 57.71 9.82 -53.99
CA LYS H 203 57.90 9.68 -55.43
C LYS H 203 56.60 10.00 -56.14
N VAL H 204 56.68 10.83 -57.18
CA VAL H 204 55.53 11.16 -57.99
C VAL H 204 55.94 11.25 -59.46
N ASP H 205 55.23 10.54 -60.32
CA ASP H 205 55.50 10.67 -61.73
C ASP H 205 54.81 11.92 -62.27
N THR H 206 55.45 12.54 -63.26
CA THR H 206 54.95 13.78 -63.82
C THR H 206 54.95 13.69 -65.33
N SER H 207 54.35 14.71 -65.96
CA SER H 207 54.52 15.02 -67.38
C SER H 207 54.10 13.91 -68.33
N ILE H 208 52.80 13.64 -68.40
CA ILE H 208 52.25 12.71 -69.38
C ILE H 208 51.41 13.51 -70.36
N GLU H 209 51.56 13.22 -71.65
CA GLU H 209 50.81 13.90 -72.71
C GLU H 209 49.57 13.10 -73.06
N GLU H 210 48.41 13.76 -72.99
CA GLU H 210 47.13 13.07 -73.06
C GLU H 210 46.08 14.12 -73.41
N GLU H 211 44.95 13.67 -73.95
CA GLU H 211 43.91 14.61 -74.31
C GLU H 211 43.15 15.13 -73.09
N TYR H 212 42.41 14.27 -72.40
CA TYR H 212 41.53 14.70 -71.31
C TYR H 212 42.32 14.79 -70.02
N TYR H 213 42.45 15.99 -69.47
CA TYR H 213 43.05 16.20 -68.16
C TYR H 213 42.03 16.65 -67.14
N LEU H 214 42.46 16.61 -65.89
CA LEU H 214 41.75 17.20 -64.76
C LEU H 214 42.57 18.38 -64.25
N ALA H 215 41.89 19.44 -63.80
CA ALA H 215 42.55 20.60 -63.22
C ALA H 215 42.51 20.49 -61.70
N LEU H 216 43.67 20.32 -61.08
CA LEU H 216 43.72 20.25 -59.62
C LEU H 216 43.88 21.62 -58.99
N SER H 217 43.79 22.67 -59.78
CA SER H 217 43.98 24.05 -59.34
C SER H 217 43.34 24.92 -60.40
N PRO H 218 43.04 26.19 -60.09
CA PRO H 218 42.44 27.05 -61.11
C PRO H 218 43.36 27.37 -62.28
N ILE H 219 43.00 26.87 -63.45
CA ILE H 219 43.75 27.21 -64.66
C ILE H 219 43.47 28.65 -65.03
N LEU H 220 44.51 29.46 -65.04
CA LEU H 220 44.31 30.86 -65.32
C LEU H 220 44.19 31.11 -66.81
N ILE H 221 43.48 32.18 -67.14
CA ILE H 221 43.22 32.58 -68.52
C ILE H 221 43.82 33.96 -68.69
N PRO H 222 44.57 34.23 -69.75
CA PRO H 222 45.40 35.45 -69.80
C PRO H 222 44.64 36.76 -69.91
N ASP H 223 43.31 36.71 -70.04
CA ASP H 223 42.41 37.87 -70.01
C ASP H 223 42.75 38.81 -71.17
N GLU H 224 43.12 38.23 -72.29
CA GLU H 224 43.30 38.94 -73.54
C GLU H 224 42.55 38.30 -74.69
N ALA H 225 42.51 36.97 -74.72
CA ALA H 225 41.81 36.23 -75.75
C ALA H 225 40.50 35.65 -75.24
N LEU H 226 39.77 36.41 -74.41
CA LEU H 226 38.52 35.92 -73.84
C LEU H 226 37.47 35.65 -74.93
N ASP H 227 37.46 36.49 -75.97
CA ASP H 227 36.60 36.21 -77.11
C ASP H 227 37.12 35.01 -77.87
N ASN H 228 38.44 34.87 -77.98
CA ASN H 228 39.02 33.73 -78.67
C ASN H 228 38.89 32.47 -77.83
N PHE H 229 38.64 32.62 -76.54
CA PHE H 229 38.47 31.45 -75.69
C PHE H 229 37.02 30.99 -75.67
N LEU H 230 36.09 31.93 -75.52
CA LEU H 230 34.71 31.56 -75.24
C LEU H 230 33.99 31.03 -76.47
N ASP H 231 34.34 31.56 -77.65
CA ASP H 231 33.63 31.28 -78.91
C ASP H 231 33.57 29.80 -79.24
N ASN H 232 34.59 29.04 -78.86
CA ASN H 232 34.47 27.60 -78.73
C ASN H 232 34.87 27.27 -77.29
N ILE H 233 33.91 27.39 -76.38
CA ILE H 233 34.13 27.06 -74.98
C ILE H 233 34.35 25.58 -74.77
N SER H 234 33.62 24.72 -75.48
CA SER H 234 33.75 23.28 -75.37
C SER H 234 35.01 22.75 -76.06
N ASP H 235 35.76 23.63 -76.71
CA ASP H 235 37.04 23.28 -77.30
C ASP H 235 38.13 23.12 -76.26
N TYR H 236 37.97 23.70 -75.08
CA TYR H 236 39.08 23.71 -74.14
C TYR H 236 38.71 23.02 -72.84
N VAL H 237 37.43 23.04 -72.48
CA VAL H 237 36.94 22.38 -71.28
C VAL H 237 35.87 21.37 -71.68
N ALA H 238 35.91 20.20 -71.05
CA ALA H 238 34.80 19.29 -71.25
C ALA H 238 33.67 19.64 -70.30
N MET H 239 33.92 19.53 -69.01
CA MET H 239 32.93 19.87 -68.00
C MET H 239 33.63 20.64 -66.90
N GLY H 240 32.87 21.45 -66.18
CA GLY H 240 33.46 22.27 -65.15
C GLY H 240 32.77 23.61 -65.09
N LYS H 241 33.45 24.57 -64.46
CA LYS H 241 32.83 25.87 -64.28
C LYS H 241 33.89 26.93 -64.44
N VAL H 242 33.52 28.02 -65.09
CA VAL H 242 34.44 29.11 -65.39
C VAL H 242 33.92 30.34 -64.67
N ASP H 243 34.81 31.05 -63.98
CA ASP H 243 34.37 32.21 -63.23
C ASP H 243 35.52 33.18 -63.02
N LYS H 244 35.17 34.46 -62.89
CA LYS H 244 36.12 35.50 -62.54
C LYS H 244 36.51 35.33 -61.07
N ILE H 245 37.74 34.92 -60.83
CA ILE H 245 38.20 34.67 -59.47
C ILE H 245 39.07 35.83 -59.03
N SER H 246 39.24 35.97 -57.73
CA SER H 246 40.24 36.87 -57.20
C SER H 246 41.46 36.09 -56.75
N LEU H 247 42.64 36.61 -57.06
CA LEU H 247 43.83 35.92 -56.63
C LEU H 247 44.12 36.12 -55.15
N GLY H 248 43.47 37.07 -54.51
CA GLY H 248 43.51 37.11 -53.07
C GLY H 248 43.89 38.43 -52.44
N PHE H 249 44.93 38.41 -51.62
CA PHE H 249 45.21 39.54 -50.75
C PHE H 249 46.69 39.54 -50.47
N ASP H 250 47.40 40.60 -50.87
CA ASP H 250 48.82 40.70 -50.54
C ASP H 250 48.99 41.18 -49.11
N ILE H 251 50.01 40.68 -48.43
CA ILE H 251 50.19 41.06 -47.04
C ILE H 251 50.88 42.42 -46.90
N ALA H 252 52.00 42.62 -47.58
CA ALA H 252 52.85 43.78 -47.31
C ALA H 252 52.22 45.08 -47.78
N ASN H 253 51.26 44.99 -48.70
CA ASN H 253 50.62 46.19 -49.20
C ASN H 253 49.13 46.22 -48.96
N THR H 254 48.56 45.16 -48.38
CA THR H 254 47.20 45.08 -47.85
C THR H 254 46.12 45.50 -48.84
N LYS H 255 46.17 44.93 -50.04
CA LYS H 255 45.15 45.23 -51.04
C LYS H 255 44.68 43.90 -51.61
N ARG H 256 43.68 43.94 -52.46
CA ARG H 256 43.41 42.73 -53.21
C ARG H 256 44.48 42.54 -54.26
N LYS H 257 44.69 41.29 -54.65
CA LYS H 257 45.80 41.02 -55.54
C LYS H 257 45.46 41.32 -56.99
N GLU H 258 44.57 40.52 -57.61
CA GLU H 258 44.17 40.65 -59.00
C GLU H 258 42.79 40.03 -59.16
N MET H 259 42.26 40.08 -60.38
CA MET H 259 41.09 39.30 -60.76
C MET H 259 41.25 38.76 -62.16
N LEU H 260 41.14 37.44 -62.30
CA LEU H 260 41.26 36.76 -63.58
C LEU H 260 40.11 35.80 -63.77
N THR H 261 39.69 35.64 -65.01
CA THR H 261 38.85 34.51 -65.37
C THR H 261 39.66 33.24 -65.18
N ALA H 262 39.04 32.21 -64.61
CA ALA H 262 39.75 30.97 -64.38
C ALA H 262 38.90 29.78 -64.72
N ILE H 263 39.57 28.73 -65.18
CA ILE H 263 38.97 27.41 -65.24
C ILE H 263 39.08 26.82 -63.85
N LEU H 264 37.96 26.65 -63.18
CA LEU H 264 37.98 26.27 -61.78
C LEU H 264 38.44 24.83 -61.61
N GLU H 265 38.95 24.54 -60.42
CA GLU H 265 39.51 23.22 -60.15
C GLU H 265 38.42 22.18 -60.07
N GLY H 266 38.75 20.96 -60.46
CA GLY H 266 37.75 19.93 -60.66
C GLY H 266 37.17 19.92 -62.06
N SER H 267 37.64 20.77 -62.96
CA SER H 267 37.12 20.78 -64.31
C SER H 267 37.89 19.81 -65.18
N ILE H 268 37.18 19.12 -66.05
CA ILE H 268 37.78 18.23 -67.02
C ILE H 268 38.04 19.03 -68.28
N VAL H 269 39.28 19.17 -68.65
CA VAL H 269 39.68 19.96 -69.80
C VAL H 269 40.18 19.02 -70.88
N LYS H 270 40.51 19.58 -72.03
CA LYS H 270 41.16 18.78 -73.06
C LYS H 270 42.59 19.26 -73.27
N ARG H 271 43.28 18.62 -74.22
CA ARG H 271 44.67 18.97 -74.51
C ARG H 271 44.76 20.30 -75.25
N SER H 272 43.66 20.76 -75.84
CA SER H 272 43.70 21.91 -76.74
C SER H 272 43.84 23.23 -75.98
N ILE H 273 43.83 23.18 -74.65
CA ILE H 273 44.09 24.39 -73.87
C ILE H 273 45.60 24.67 -73.81
N ILE H 274 46.41 23.64 -74.06
CA ILE H 274 47.85 23.74 -73.84
C ILE H 274 48.49 24.64 -74.87
N ASP H 275 48.25 24.36 -76.15
CA ASP H 275 48.76 25.22 -77.21
C ASP H 275 48.01 26.54 -77.27
N PHE H 276 46.81 26.57 -76.68
CA PHE H 276 46.07 27.83 -76.64
C PHE H 276 46.75 28.84 -75.74
N ILE H 277 47.11 28.43 -74.53
CA ILE H 277 47.82 29.35 -73.65
C ILE H 277 49.22 29.60 -74.19
N LYS H 278 49.87 28.58 -74.71
CA LYS H 278 51.23 28.75 -75.18
C LYS H 278 51.32 29.32 -76.59
N ASN H 279 50.21 29.84 -77.13
CA ASN H 279 50.25 30.70 -78.31
C ASN H 279 49.38 31.93 -78.14
N GLU H 280 48.98 32.25 -76.91
CA GLU H 280 48.29 33.49 -76.60
C GLU H 280 48.91 34.16 -75.40
N ILE H 281 50.24 34.16 -75.34
CA ILE H 281 51.00 34.83 -74.29
C ILE H 281 52.07 35.70 -74.93
N LYS H 282 52.46 36.75 -74.24
CA LYS H 282 53.51 37.66 -74.66
C LYS H 282 54.42 37.97 -73.47
N ASN H 283 55.51 38.70 -73.76
CA ASN H 283 56.73 38.69 -72.93
C ASN H 283 56.48 39.20 -71.52
N ASP H 284 55.55 40.15 -71.37
CA ASP H 284 55.12 40.56 -70.04
C ASP H 284 54.47 39.38 -69.31
N LEU H 285 53.35 38.91 -69.85
CA LEU H 285 52.63 37.80 -69.25
C LEU H 285 53.36 36.47 -69.37
N ARG H 286 54.29 36.34 -70.32
CA ARG H 286 55.16 35.16 -70.35
C ARG H 286 56.02 35.09 -69.09
N TYR H 287 56.51 36.24 -68.64
CA TYR H 287 57.31 36.28 -67.43
C TYR H 287 56.44 36.32 -66.19
N ARG H 288 55.22 36.85 -66.32
CA ARG H 288 54.24 36.74 -65.24
C ARG H 288 53.89 35.29 -65.00
N PHE H 289 53.31 34.63 -66.01
CA PHE H 289 52.59 33.39 -65.77
C PHE H 289 53.52 32.23 -65.52
N SER H 290 54.83 32.43 -65.71
CA SER H 290 55.80 31.46 -65.24
C SER H 290 55.80 31.40 -63.72
N LYS H 291 55.47 32.52 -63.08
CA LYS H 291 55.45 32.54 -61.62
C LYS H 291 54.17 31.91 -61.09
N TYR H 292 53.07 32.03 -61.85
CA TYR H 292 51.80 31.48 -61.40
C TYR H 292 51.81 29.96 -61.39
N GLU H 293 52.52 29.36 -62.34
CA GLU H 293 52.72 27.93 -62.27
C GLU H 293 53.72 27.59 -61.18
N LYS H 294 54.59 28.53 -60.83
CA LYS H 294 55.54 28.27 -59.76
C LYS H 294 54.86 28.36 -58.41
N ILE H 295 53.70 29.03 -58.34
CA ILE H 295 52.88 28.91 -57.15
C ILE H 295 51.67 28.02 -57.36
N GLY H 296 51.45 27.53 -58.57
CA GLY H 296 50.66 26.32 -58.72
C GLY H 296 49.25 26.45 -59.24
N TYR H 297 49.02 27.30 -60.23
CA TYR H 297 47.65 27.44 -60.73
C TYR H 297 47.34 26.43 -61.83
N ASN H 298 48.27 26.20 -62.73
CA ASN H 298 47.96 25.43 -63.92
C ASN H 298 48.34 23.97 -63.70
N THR H 299 47.88 23.40 -62.60
CA THR H 299 48.14 22.01 -62.29
C THR H 299 47.18 21.13 -63.08
N LEU H 300 47.73 20.22 -63.87
CA LEU H 300 46.94 19.34 -64.72
C LEU H 300 47.26 17.89 -64.43
N MET H 301 46.23 17.11 -64.16
CA MET H 301 46.41 15.70 -63.86
C MET H 301 45.65 14.86 -64.88
N SER H 302 46.33 13.83 -65.38
CA SER H 302 45.69 12.86 -66.25
C SER H 302 44.79 11.94 -65.42
N LEU H 303 43.77 11.40 -66.08
CA LEU H 303 42.87 10.47 -65.39
C LEU H 303 43.36 9.04 -65.48
N CYS H 304 44.43 8.80 -66.23
CA CYS H 304 45.02 7.47 -66.27
C CYS H 304 45.66 7.12 -64.93
N LYS H 305 46.60 7.94 -64.49
CA LYS H 305 47.19 7.80 -63.16
C LYS H 305 47.44 9.19 -62.61
N LEU H 306 47.91 9.24 -61.38
CA LEU H 306 48.27 10.50 -60.75
C LEU H 306 49.59 10.95 -61.37
N ALA H 307 49.49 11.78 -62.40
CA ALA H 307 50.66 12.33 -63.07
C ALA H 307 50.38 13.80 -63.33
N LEU H 308 51.26 14.65 -62.82
CA LEU H 308 51.04 16.09 -62.87
C LEU H 308 51.87 16.73 -63.97
N ARG H 309 51.38 17.86 -64.46
CA ARG H 309 52.13 18.70 -65.39
C ARG H 309 51.50 20.08 -65.40
N LYS H 310 52.33 21.08 -65.63
CA LYS H 310 51.79 22.42 -65.78
C LYS H 310 51.45 22.70 -67.24
N ILE H 311 50.99 23.93 -67.50
CA ILE H 311 50.77 24.32 -68.88
C ILE H 311 52.09 24.68 -69.56
N LEU H 312 52.88 25.58 -68.96
CA LEU H 312 54.18 25.91 -69.51
C LEU H 312 55.21 24.82 -69.28
N SER H 313 54.90 23.83 -68.46
CA SER H 313 55.71 22.62 -68.37
C SER H 313 55.17 21.55 -69.32
N ALA I 2 -22.83 0.27 50.75
CA ALA I 2 -21.75 -0.51 50.16
C ALA I 2 -21.78 -1.94 50.69
N ILE I 3 -21.14 -2.15 51.83
CA ILE I 3 -21.15 -3.47 52.46
C ILE I 3 -22.49 -3.74 53.12
N ASP I 4 -23.34 -2.73 53.27
CA ASP I 4 -24.70 -2.96 53.69
C ASP I 4 -25.57 -3.42 52.53
N PHE I 5 -25.15 -3.20 51.28
CA PHE I 5 -25.87 -3.78 50.15
C PHE I 5 -25.64 -5.28 50.07
N LEU I 6 -24.49 -5.75 50.54
CA LEU I 6 -24.17 -7.17 50.39
C LEU I 6 -24.92 -8.02 51.39
N VAL I 7 -25.06 -7.54 52.62
CA VAL I 7 -25.78 -8.31 53.62
C VAL I 7 -27.27 -8.28 53.37
N ASN I 8 -27.77 -7.31 52.64
CA ASN I 8 -29.20 -7.19 52.41
C ASN I 8 -29.65 -7.88 51.14
N ILE I 9 -28.73 -8.34 50.31
CA ILE I 9 -29.11 -9.00 49.06
C ILE I 9 -29.66 -10.38 49.35
N LEU I 10 -29.41 -10.89 50.56
CA LEU I 10 -30.05 -12.11 50.97
C LEU I 10 -31.54 -11.91 51.18
N GLU I 11 -31.90 -10.79 51.80
CA GLU I 11 -33.31 -10.51 52.04
C GLU I 11 -34.02 -10.14 50.77
N LEU I 12 -33.29 -9.57 49.81
CA LEU I 12 -33.94 -9.03 48.63
C LEU I 12 -34.45 -10.13 47.72
N ILE I 13 -33.76 -11.27 47.69
CA ILE I 13 -34.26 -12.40 46.92
C ILE I 13 -35.54 -12.92 47.55
N LYS I 14 -35.60 -12.85 48.86
CA LYS I 14 -36.71 -13.40 49.62
C LYS I 14 -37.98 -12.58 49.43
N GLU I 15 -37.86 -11.32 49.02
CA GLU I 15 -39.01 -10.43 49.01
C GLU I 15 -39.32 -9.79 47.66
N LYS I 16 -38.37 -9.67 46.75
CA LYS I 16 -38.65 -9.16 45.41
C LYS I 16 -39.16 -10.28 44.51
N GLN I 17 -38.41 -11.37 44.45
CA GLN I 17 -38.71 -12.70 43.95
C GLN I 17 -38.82 -12.83 42.45
N CYS I 18 -38.92 -11.76 41.68
CA CYS I 18 -38.68 -11.90 40.25
C CYS I 18 -38.12 -10.61 39.69
N ASN I 19 -37.91 -9.62 40.54
CA ASN I 19 -37.63 -8.29 40.04
C ASN I 19 -36.29 -7.76 40.47
N ILE I 20 -35.55 -8.51 41.28
CA ILE I 20 -34.11 -8.30 41.31
C ILE I 20 -33.52 -8.82 40.02
N ASN I 21 -32.42 -8.23 39.60
CA ASN I 21 -31.66 -8.81 38.52
C ASN I 21 -30.91 -9.99 39.11
N LEU I 22 -31.34 -11.20 38.74
CA LEU I 22 -30.82 -12.42 39.34
C LEU I 22 -29.34 -12.59 39.06
N PHE I 23 -28.90 -12.14 37.89
CA PHE I 23 -27.51 -12.27 37.47
C PHE I 23 -26.59 -11.53 38.42
N SER I 24 -26.93 -10.29 38.73
CA SER I 24 -26.14 -9.58 39.69
C SER I 24 -26.58 -9.88 41.11
N ALA I 25 -27.69 -10.59 41.29
CA ALA I 25 -28.07 -10.98 42.64
C ALA I 25 -27.20 -12.11 43.13
N ILE I 26 -26.89 -13.06 42.26
CA ILE I 26 -26.02 -14.16 42.63
C ILE I 26 -24.58 -13.70 42.75
N SER I 27 -24.16 -12.81 41.86
CA SER I 27 -22.77 -12.41 41.83
C SER I 27 -22.43 -11.50 43.00
N LEU I 28 -23.42 -10.78 43.53
CA LEU I 28 -23.16 -10.01 44.75
C LEU I 28 -23.12 -10.91 45.96
N THR I 29 -23.98 -11.92 46.00
CA THR I 29 -23.97 -12.78 47.18
C THR I 29 -22.87 -13.81 47.10
N SER I 30 -22.20 -13.92 45.95
CA SER I 30 -20.98 -14.70 45.90
C SER I 30 -19.88 -14.06 46.71
N ILE I 31 -19.93 -12.75 46.89
CA ILE I 31 -18.99 -12.08 47.78
C ILE I 31 -19.26 -12.47 49.22
N VAL I 32 -20.52 -12.74 49.54
CA VAL I 32 -20.87 -13.21 50.88
C VAL I 32 -20.38 -14.62 51.07
N TYR I 33 -20.68 -15.48 50.11
CA TYR I 33 -20.32 -16.89 50.19
C TYR I 33 -18.82 -17.11 50.22
N ASN I 34 -18.07 -16.36 49.43
CA ASN I 34 -16.64 -16.59 49.40
C ASN I 34 -15.92 -15.99 50.59
N ASN I 35 -16.52 -15.01 51.26
CA ASN I 35 -15.93 -14.37 52.42
C ASN I 35 -16.69 -14.74 53.67
N PHE I 36 -17.09 -16.01 53.78
CA PHE I 36 -18.22 -16.36 54.64
C PHE I 36 -17.85 -16.28 56.12
N GLY I 37 -16.65 -16.70 56.48
CA GLY I 37 -16.27 -16.65 57.89
C GLY I 37 -16.07 -15.24 58.39
N GLU I 38 -15.72 -14.34 57.50
CA GLU I 38 -15.44 -12.97 57.86
C GLU I 38 -16.71 -12.17 58.11
N PHE I 39 -17.83 -12.57 57.53
CA PHE I 39 -19.11 -11.95 57.85
C PHE I 39 -19.72 -12.49 59.13
N LEU I 40 -19.22 -13.58 59.66
CA LEU I 40 -19.68 -14.09 60.94
C LEU I 40 -18.85 -13.60 62.10
N SER I 41 -18.09 -12.53 61.92
CA SER I 41 -17.17 -12.04 62.93
C SER I 41 -17.76 -10.91 63.75
N ASN I 42 -19.04 -11.03 64.11
CA ASN I 42 -19.86 -9.96 64.71
C ASN I 42 -19.91 -8.74 63.78
N ASN I 43 -19.93 -9.03 62.47
CA ASN I 43 -20.09 -8.04 61.44
C ASN I 43 -21.15 -8.53 60.47
N GLN I 44 -22.42 -8.36 60.85
CA GLN I 44 -23.53 -8.82 60.03
C GLN I 44 -24.55 -7.72 59.78
N SER I 45 -24.19 -6.46 60.03
CA SER I 45 -24.99 -5.23 59.90
C SER I 45 -26.16 -5.18 60.88
N TYR I 46 -26.33 -6.23 61.69
CA TYR I 46 -27.10 -6.22 62.94
C TYR I 46 -28.60 -6.06 62.66
N SER I 47 -29.00 -6.45 61.45
CA SER I 47 -30.39 -6.61 61.08
C SER I 47 -30.90 -7.93 61.62
N THR I 48 -32.20 -8.01 61.84
CA THR I 48 -32.81 -9.29 62.17
C THR I 48 -33.92 -9.54 61.14
N ASN I 49 -33.49 -9.88 59.93
CA ASN I 49 -34.30 -10.63 58.99
C ASN I 49 -33.35 -11.47 58.14
N ASN I 50 -32.04 -11.13 58.15
CA ASN I 50 -31.14 -11.74 57.18
C ASN I 50 -30.72 -13.15 57.60
N PRO I 51 -30.51 -14.03 56.65
CA PRO I 51 -30.01 -15.37 57.00
C PRO I 51 -28.51 -15.41 57.22
N LEU I 52 -27.96 -14.47 57.99
CA LEU I 52 -26.62 -14.61 58.51
C LEU I 52 -26.58 -14.63 60.02
N LEU I 53 -27.70 -14.34 60.67
CA LEU I 53 -27.72 -14.35 62.12
C LEU I 53 -27.67 -15.77 62.64
N LYS I 54 -28.39 -16.69 61.98
CA LYS I 54 -28.59 -18.00 62.56
C LYS I 54 -27.33 -18.84 62.53
N TYR I 55 -26.34 -18.46 61.74
CA TYR I 55 -25.08 -19.15 61.81
C TYR I 55 -24.23 -18.72 62.99
N HIS I 56 -24.68 -17.74 63.78
CA HIS I 56 -24.18 -17.56 65.12
C HIS I 56 -24.83 -18.50 66.10
N ILE I 57 -26.02 -18.99 65.78
CA ILE I 57 -26.77 -19.84 66.70
C ILE I 57 -26.37 -21.29 66.57
N ILE I 58 -26.20 -21.77 65.34
CA ILE I 58 -25.86 -23.16 65.05
C ILE I 58 -24.46 -23.46 65.54
N ILE I 59 -24.31 -24.54 66.29
CA ILE I 59 -23.01 -25.02 66.72
C ILE I 59 -22.78 -26.37 66.07
N LEU I 60 -21.76 -26.46 65.22
CA LEU I 60 -21.47 -27.71 64.53
C LEU I 60 -20.14 -28.32 64.91
N ASN I 61 -19.16 -27.51 65.29
CA ASN I 61 -17.96 -28.02 65.92
C ASN I 61 -17.63 -27.04 67.03
N ASP I 62 -17.15 -27.55 68.16
CA ASP I 62 -17.01 -26.71 69.34
C ASP I 62 -15.64 -26.81 69.99
N LYS I 63 -14.79 -27.73 69.55
CA LYS I 63 -13.39 -27.70 69.92
C LYS I 63 -12.54 -26.96 68.88
N ASN I 64 -12.96 -26.97 67.62
CA ASN I 64 -12.31 -26.24 66.56
C ASN I 64 -13.30 -25.22 66.01
N LYS I 65 -12.91 -23.95 65.99
CA LYS I 65 -13.76 -22.92 65.42
C LYS I 65 -13.64 -22.86 63.90
N THR I 66 -12.44 -23.03 63.36
CA THR I 66 -12.25 -22.70 61.96
C THR I 66 -12.59 -23.86 61.04
N LYS I 67 -13.02 -24.99 61.60
CA LYS I 67 -13.70 -25.97 60.75
C LYS I 67 -15.20 -25.96 61.00
N ASP I 68 -15.64 -25.25 62.02
CA ASP I 68 -17.07 -25.00 62.18
C ASP I 68 -17.57 -24.12 61.06
N VAL I 69 -16.73 -23.20 60.59
CA VAL I 69 -17.12 -22.25 59.54
C VAL I 69 -17.36 -22.97 58.23
N GLU I 70 -16.53 -23.97 57.92
CA GLU I 70 -16.64 -24.64 56.64
C GLU I 70 -17.88 -25.51 56.55
N GLU I 71 -18.31 -26.08 57.67
CA GLU I 71 -19.57 -26.82 57.67
C GLU I 71 -20.75 -25.87 57.53
N LYS I 72 -20.67 -24.68 58.16
CA LYS I 72 -21.73 -23.70 58.02
C LYS I 72 -21.80 -23.19 56.61
N ARG I 73 -20.66 -23.09 55.95
CA ARG I 73 -20.63 -22.57 54.60
C ARG I 73 -21.24 -23.54 53.61
N ASN I 74 -21.03 -24.84 53.79
CA ASN I 74 -21.63 -25.81 52.88
C ASN I 74 -23.12 -25.91 53.09
N ILE I 75 -23.59 -25.56 54.28
CA ILE I 75 -25.03 -25.37 54.48
C ILE I 75 -25.49 -24.16 53.70
N PHE I 76 -24.74 -23.06 53.81
CA PHE I 76 -25.09 -21.80 53.18
C PHE I 76 -25.10 -21.92 51.67
N LYS I 77 -24.25 -22.77 51.11
CA LYS I 77 -24.28 -22.98 49.67
C LYS I 77 -25.53 -23.74 49.28
N ARG I 78 -26.00 -24.61 50.15
CA ARG I 78 -27.27 -25.26 49.90
C ARG I 78 -28.41 -24.31 50.20
N GLU I 79 -28.19 -23.38 51.13
CA GLU I 79 -29.22 -22.43 51.48
C GLU I 79 -29.43 -21.41 50.39
N VAL I 80 -28.34 -20.89 49.81
CA VAL I 80 -28.45 -19.98 48.68
C VAL I 80 -29.08 -20.69 47.48
N ALA I 81 -28.80 -21.98 47.33
CA ALA I 81 -29.30 -22.70 46.17
C ALA I 81 -30.78 -22.99 46.32
N GLU I 82 -31.30 -22.96 47.55
CA GLU I 82 -32.74 -23.10 47.73
C GLU I 82 -33.41 -21.75 47.67
N LEU I 83 -32.77 -20.74 48.26
CA LEU I 83 -33.35 -19.41 48.37
C LEU I 83 -33.50 -18.77 47.00
N ILE I 84 -32.65 -19.15 46.07
CA ILE I 84 -32.85 -18.80 44.67
C ILE I 84 -33.94 -19.68 44.07
N SER I 85 -33.94 -20.95 44.44
CA SER I 85 -34.84 -21.91 43.81
C SER I 85 -36.28 -21.66 44.19
N ARG I 86 -36.51 -21.37 45.45
CA ARG I 86 -37.86 -21.15 45.93
C ARG I 86 -38.41 -19.83 45.44
N ASN I 87 -37.61 -18.77 45.53
CA ASN I 87 -38.16 -17.44 45.40
C ASN I 87 -38.21 -16.98 43.96
N PHE I 88 -37.17 -17.24 43.19
CA PHE I 88 -37.13 -16.76 41.83
C PHE I 88 -38.03 -17.63 40.96
N LYS I 89 -39.30 -17.28 40.88
CA LYS I 89 -40.22 -18.05 40.07
C LYS I 89 -40.52 -17.27 38.80
N LEU I 90 -41.18 -17.95 37.88
CA LEU I 90 -41.49 -17.37 36.59
C LEU I 90 -42.79 -16.60 36.63
N ASP I 91 -42.72 -15.34 36.23
CA ASP I 91 -43.91 -14.55 35.91
C ASP I 91 -43.64 -14.05 34.49
N GLY I 92 -43.92 -14.92 33.53
CA GLY I 92 -43.46 -14.70 32.17
C GLY I 92 -44.48 -13.97 31.33
N GLU I 93 -45.03 -12.89 31.86
CA GLU I 93 -45.97 -12.12 31.07
C GLU I 93 -45.27 -11.39 29.95
N LYS I 94 -44.10 -10.81 30.24
CA LYS I 94 -43.42 -9.97 29.26
C LYS I 94 -42.81 -10.79 28.14
N VAL I 95 -42.64 -12.10 28.33
CA VAL I 95 -42.15 -12.93 27.26
C VAL I 95 -43.21 -13.12 26.19
N ARG I 96 -44.46 -13.34 26.62
CA ARG I 96 -45.55 -13.42 25.67
C ARG I 96 -45.76 -12.08 24.97
N ASN I 97 -45.51 -10.97 25.66
CA ASN I 97 -45.57 -9.69 24.98
C ASN I 97 -44.39 -9.50 24.06
N TYR I 98 -43.28 -10.18 24.35
CA TYR I 98 -42.09 -10.01 23.55
C TYR I 98 -42.21 -10.73 22.22
N PHE I 99 -42.56 -12.01 22.24
CA PHE I 99 -42.61 -12.75 20.99
C PHE I 99 -43.79 -12.34 20.14
N ASP I 100 -44.93 -12.03 20.75
CA ASP I 100 -46.10 -11.72 19.95
C ASP I 100 -46.02 -10.32 19.39
N SER I 101 -45.12 -9.50 19.92
CA SER I 101 -44.72 -8.29 19.22
C SER I 101 -43.77 -8.61 18.09
N LEU I 102 -42.87 -9.56 18.32
CA LEU I 102 -41.83 -9.85 17.35
C LEU I 102 -42.40 -10.63 16.16
N LYS I 103 -43.50 -11.35 16.37
CA LYS I 103 -44.17 -12.01 15.26
C LYS I 103 -44.72 -11.01 14.28
N GLU I 104 -45.26 -9.90 14.77
CA GLU I 104 -45.80 -8.89 13.89
C GLU I 104 -44.69 -8.15 13.17
N VAL I 105 -43.51 -8.12 13.77
CA VAL I 105 -42.34 -7.59 13.08
C VAL I 105 -41.99 -8.48 11.90
N LEU I 106 -41.88 -9.78 12.15
CA LEU I 106 -41.45 -10.69 11.11
C LEU I 106 -42.54 -10.93 10.07
N LYS I 107 -43.81 -10.76 10.44
CA LYS I 107 -44.85 -10.62 9.44
C LYS I 107 -44.58 -9.42 8.56
N SER I 108 -44.26 -8.29 9.18
CA SER I 108 -44.13 -7.04 8.44
C SER I 108 -42.90 -7.04 7.55
N LEU I 109 -41.93 -7.89 7.85
CA LEU I 109 -40.82 -8.10 6.95
C LEU I 109 -41.02 -9.31 6.05
N LYS I 110 -42.24 -9.85 6.02
CA LYS I 110 -42.66 -10.92 5.10
C LYS I 110 -41.87 -12.21 5.34
N TYR I 111 -41.67 -12.57 6.60
CA TYR I 111 -41.08 -13.85 6.93
C TYR I 111 -42.17 -14.87 7.24
N THR I 112 -41.82 -16.14 7.07
CA THR I 112 -42.74 -17.23 7.33
C THR I 112 -42.43 -17.82 8.70
N ILE I 113 -43.11 -17.34 9.72
CA ILE I 113 -42.79 -17.66 11.10
C ILE I 113 -43.35 -19.04 11.43
N VAL I 114 -42.56 -19.85 12.12
CA VAL I 114 -42.99 -21.13 12.66
C VAL I 114 -42.70 -21.10 14.14
N ASP I 115 -43.69 -20.71 14.95
CA ASP I 115 -43.49 -20.63 16.39
C ASP I 115 -43.63 -22.01 17.00
N VAL I 116 -42.79 -22.31 17.98
CA VAL I 116 -42.70 -23.61 18.62
C VAL I 116 -42.70 -23.40 20.12
N GLU I 117 -43.48 -24.17 20.85
CA GLU I 117 -43.40 -24.24 22.29
C GLU I 117 -42.97 -25.63 22.72
N ILE I 118 -41.95 -25.71 23.53
CA ILE I 118 -41.41 -26.98 24.02
C ILE I 118 -41.49 -26.97 25.53
N THR I 119 -41.44 -28.15 26.12
CA THR I 119 -41.65 -28.32 27.55
C THR I 119 -40.70 -29.37 28.10
N THR I 120 -40.00 -29.02 29.16
CA THR I 120 -39.02 -29.93 29.73
C THR I 120 -39.67 -31.05 30.53
N ARG I 121 -39.23 -32.28 30.25
CA ARG I 121 -39.72 -33.46 30.94
C ARG I 121 -38.89 -33.83 32.15
N THR I 122 -37.58 -33.79 32.02
CA THR I 122 -36.67 -34.04 33.13
C THR I 122 -36.02 -32.70 33.43
N ARG I 123 -35.31 -32.62 34.54
CA ARG I 123 -34.53 -31.44 34.84
C ARG I 123 -33.45 -31.25 33.78
N ALA I 124 -33.48 -30.10 33.12
CA ALA I 124 -32.58 -29.84 32.02
C ALA I 124 -31.46 -28.94 32.50
N LEU I 125 -30.31 -29.04 31.87
CA LEU I 125 -29.27 -28.03 31.98
C LEU I 125 -29.04 -27.43 30.61
N ILE I 126 -28.97 -26.11 30.54
CA ILE I 126 -28.65 -25.42 29.31
C ILE I 126 -27.54 -24.44 29.67
N GLY I 127 -26.41 -24.56 29.00
CA GLY I 127 -25.33 -23.61 29.22
C GLY I 127 -24.65 -23.85 30.54
N VAL I 128 -24.10 -25.04 30.70
CA VAL I 128 -23.61 -25.45 32.00
C VAL I 128 -22.34 -24.71 32.36
N SER I 129 -21.55 -24.31 31.37
CA SER I 129 -20.31 -23.62 31.63
C SER I 129 -20.48 -22.11 31.64
N THR I 130 -21.65 -21.62 31.28
CA THR I 130 -21.95 -20.20 31.24
C THR I 130 -22.03 -19.65 32.65
N SER I 131 -21.41 -18.50 32.88
CA SER I 131 -21.20 -18.02 34.23
C SER I 131 -22.48 -17.47 34.84
N LEU I 132 -23.15 -18.31 35.63
CA LEU I 132 -24.20 -17.85 36.54
C LEU I 132 -24.15 -18.69 37.80
N GLY I 133 -23.54 -18.17 38.85
CA GLY I 133 -23.21 -19.01 39.96
C GLY I 133 -21.97 -19.82 39.72
N LYS I 134 -21.20 -19.50 38.68
CA LYS I 134 -19.87 -20.04 38.51
C LYS I 134 -19.01 -19.73 39.71
N LEU I 135 -19.21 -18.56 40.28
CA LEU I 135 -18.55 -18.15 41.50
C LEU I 135 -19.01 -18.94 42.71
N ILE I 136 -20.19 -19.54 42.67
CA ILE I 136 -20.73 -20.27 43.80
C ILE I 136 -20.79 -21.76 43.51
N PHE I 137 -21.62 -22.16 42.56
CA PHE I 137 -21.89 -23.57 42.38
C PHE I 137 -20.84 -24.26 41.54
N GLY I 138 -19.94 -23.50 40.91
CA GLY I 138 -19.04 -24.09 39.96
C GLY I 138 -19.68 -24.47 38.64
N SER I 139 -20.88 -23.95 38.39
CA SER I 139 -21.62 -24.24 37.17
C SER I 139 -22.48 -23.05 36.87
N GLY I 140 -23.41 -23.23 35.94
CA GLY I 140 -24.28 -22.13 35.62
C GLY I 140 -25.38 -22.54 34.69
N ILE I 141 -26.33 -21.64 34.53
CA ILE I 141 -27.42 -21.78 33.59
C ILE I 141 -27.34 -20.60 32.63
N SER I 142 -27.49 -20.89 31.34
CA SER I 142 -27.39 -19.87 30.30
C SER I 142 -28.49 -18.85 30.47
N PHE I 143 -28.12 -17.65 30.86
CA PHE I 143 -29.05 -16.70 31.45
C PHE I 143 -28.99 -15.40 30.69
N ASP I 144 -30.14 -14.81 30.46
CA ASP I 144 -30.23 -13.54 29.75
C ASP I 144 -30.43 -12.45 30.78
N PRO I 145 -29.42 -11.68 31.10
CA PRO I 145 -29.51 -10.82 32.27
C PRO I 145 -30.29 -9.54 32.05
N TYR I 146 -30.95 -9.39 30.92
CA TYR I 146 -31.84 -8.26 30.71
C TYR I 146 -33.28 -8.69 30.59
N MET I 147 -33.56 -9.84 29.98
CA MET I 147 -34.85 -10.46 30.16
C MET I 147 -35.00 -11.14 31.50
N ASN I 148 -33.90 -11.37 32.21
CA ASN I 148 -33.85 -11.90 33.57
C ASN I 148 -34.41 -13.32 33.62
N LEU I 149 -34.33 -14.05 32.53
CA LEU I 149 -34.85 -15.41 32.44
C LEU I 149 -33.83 -16.31 31.76
N PRO I 150 -33.67 -17.54 32.23
CA PRO I 150 -32.72 -18.46 31.59
C PRO I 150 -33.22 -18.85 30.23
N TYR I 151 -32.30 -19.09 29.31
CA TYR I 151 -32.75 -19.26 27.94
C TYR I 151 -31.88 -20.31 27.27
N ILE I 152 -32.39 -20.82 26.16
CA ILE I 152 -31.58 -21.65 25.29
C ILE I 152 -31.10 -20.73 24.18
N PRO I 153 -29.83 -20.72 23.86
CA PRO I 153 -29.38 -19.92 22.73
C PRO I 153 -29.86 -20.53 21.43
N ALA I 154 -30.06 -19.68 20.43
CA ALA I 154 -30.51 -20.16 19.14
C ALA I 154 -29.44 -20.97 18.44
N SER I 155 -28.18 -20.73 18.77
CA SER I 155 -27.11 -21.50 18.17
C SER I 155 -27.12 -22.95 18.64
N GLU I 156 -27.61 -23.22 19.85
CA GLU I 156 -27.80 -24.61 20.23
C GLU I 156 -28.92 -25.22 19.43
N ILE I 157 -30.02 -24.49 19.27
CA ILE I 157 -31.16 -25.03 18.54
C ILE I 157 -30.80 -25.24 17.08
N LYS I 158 -30.00 -24.35 16.52
CA LYS I 158 -29.57 -24.59 15.16
C LYS I 158 -28.51 -25.67 15.12
N GLY I 159 -27.69 -25.76 16.16
CA GLY I 159 -26.69 -26.80 16.19
C GLY I 159 -27.28 -28.18 16.35
N ILE I 160 -28.39 -28.28 17.09
CA ILE I 160 -28.98 -29.59 17.31
C ILE I 160 -29.81 -30.01 16.12
N VAL I 161 -30.49 -29.06 15.49
CA VAL I 161 -31.23 -29.37 14.27
C VAL I 161 -30.28 -29.76 13.15
N ARG I 162 -29.19 -29.02 12.97
CA ARG I 162 -28.30 -29.28 11.86
C ARG I 162 -27.56 -30.60 12.04
N SER I 163 -27.27 -30.98 13.29
CA SER I 163 -26.64 -32.27 13.52
C SER I 163 -27.61 -33.40 13.24
N TYR I 164 -28.90 -33.13 13.33
CA TYR I 164 -29.88 -34.16 12.99
C TYR I 164 -30.04 -34.27 11.48
N ILE I 165 -30.03 -33.13 10.79
CA ILE I 165 -30.23 -33.17 9.35
C ILE I 165 -29.02 -33.76 8.64
N GLU I 166 -27.81 -33.51 9.17
CA GLU I 166 -26.63 -34.14 8.59
C GLU I 166 -26.62 -35.63 8.85
N GLY I 167 -27.26 -36.06 9.92
CA GLY I 167 -27.41 -37.48 10.14
C GLY I 167 -28.46 -38.12 9.25
N LYS I 168 -29.31 -37.31 8.64
CA LYS I 168 -30.50 -37.79 7.95
C LYS I 168 -30.48 -37.47 6.47
N LEU I 169 -29.99 -36.29 6.09
CA LEU I 169 -30.09 -35.85 4.71
C LEU I 169 -28.75 -35.54 4.08
N GLY I 170 -27.66 -35.95 4.71
CA GLY I 170 -26.35 -35.81 4.12
C GLY I 170 -25.81 -34.39 4.16
N GLU I 171 -24.50 -34.29 3.93
CA GLU I 171 -23.83 -32.99 4.01
C GLU I 171 -24.18 -32.12 2.82
N GLN I 172 -24.64 -32.72 1.72
CA GLN I 172 -24.98 -31.96 0.54
C GLN I 172 -26.24 -31.13 0.77
N GLU I 173 -27.16 -31.64 1.58
CA GLU I 173 -28.44 -30.95 1.71
C GLU I 173 -28.42 -29.95 2.85
N ALA I 174 -27.84 -30.32 3.99
CA ALA I 174 -27.82 -29.44 5.15
C ALA I 174 -27.07 -28.15 4.86
N GLU I 175 -26.10 -28.21 3.95
CA GLU I 175 -25.47 -27.01 3.45
C GLU I 175 -26.36 -26.22 2.51
N GLU I 176 -27.42 -26.81 1.98
CA GLU I 176 -28.35 -26.03 1.16
C GLU I 176 -29.51 -25.51 1.98
N ILE I 177 -29.65 -25.99 3.20
CA ILE I 177 -30.60 -25.42 4.15
C ILE I 177 -29.93 -24.40 5.05
N PHE I 178 -28.86 -24.80 5.71
CA PHE I 178 -28.21 -23.98 6.72
C PHE I 178 -27.06 -23.17 6.18
N GLY I 179 -26.75 -23.28 4.90
CA GLY I 179 -25.65 -22.53 4.33
C GLY I 179 -24.31 -23.12 4.69
N ASN I 180 -23.28 -22.56 4.07
CA ASN I 180 -21.92 -23.03 4.26
C ASN I 180 -21.02 -21.82 4.35
N GLU I 181 -19.73 -22.02 4.15
CA GLU I 181 -18.82 -20.91 4.14
C GLU I 181 -18.96 -20.02 2.92
N GLU I 182 -19.73 -20.43 1.91
CA GLU I 182 -19.96 -19.60 0.74
C GLU I 182 -21.40 -19.14 0.63
N ARG I 183 -22.32 -19.69 1.42
CA ARG I 183 -23.70 -19.29 1.30
C ARG I 183 -24.26 -18.99 2.68
N GLU I 184 -25.19 -18.05 2.75
CA GLU I 184 -25.83 -17.75 4.02
C GLU I 184 -26.95 -18.75 4.26
N GLY I 185 -27.35 -18.82 5.52
CA GLY I 185 -28.41 -19.75 5.88
C GLY I 185 -29.75 -19.30 5.34
N ASN I 186 -30.55 -20.27 4.90
CA ASN I 186 -31.91 -20.01 4.49
C ASN I 186 -32.88 -20.02 5.66
N VAL I 187 -32.44 -20.42 6.84
CA VAL I 187 -33.31 -20.68 7.97
C VAL I 187 -32.77 -19.93 9.18
N ASN I 188 -33.60 -19.13 9.82
CA ASN I 188 -33.20 -18.28 10.92
C ASN I 188 -33.92 -18.71 12.19
N PHE I 189 -33.22 -18.71 13.30
CA PHE I 189 -33.79 -19.10 14.58
C PHE I 189 -33.75 -17.93 15.55
N THR I 190 -34.51 -18.04 16.64
CA THR I 190 -34.34 -17.17 17.78
C THR I 190 -34.14 -17.97 19.05
N ASP I 191 -33.89 -17.26 20.13
CA ASP I 191 -33.63 -17.91 21.40
C ASP I 191 -34.93 -18.39 22.00
N ALA I 192 -34.82 -19.21 23.04
CA ALA I 192 -35.99 -19.81 23.65
C ALA I 192 -36.10 -19.37 25.10
N TYR I 193 -37.20 -18.72 25.44
CA TYR I 193 -37.43 -18.22 26.78
C TYR I 193 -38.61 -18.95 27.42
N PRO I 194 -38.64 -19.05 28.75
CA PRO I 194 -39.74 -19.78 29.40
C PRO I 194 -40.99 -18.92 29.51
N THR I 195 -41.99 -19.24 28.70
CA THR I 195 -43.26 -18.54 28.82
C THR I 195 -43.99 -18.88 30.09
N ARG I 196 -44.40 -20.13 30.29
CA ARG I 196 -45.15 -20.46 31.48
C ARG I 196 -44.52 -21.67 32.14
N SER I 197 -44.82 -21.84 33.41
CA SER I 197 -44.24 -22.89 34.21
C SER I 197 -45.32 -23.49 35.08
N LYS I 198 -45.36 -24.82 35.10
CA LYS I 198 -46.33 -25.50 35.94
C LYS I 198 -45.92 -25.50 37.40
N ASP I 199 -44.67 -25.16 37.67
CA ASP I 199 -44.09 -25.33 38.99
C ASP I 199 -42.91 -24.38 39.06
N PHE I 200 -41.94 -24.65 39.94
CA PHE I 200 -40.74 -23.84 40.11
C PHE I 200 -39.95 -23.70 38.81
N LEU I 201 -39.00 -22.78 38.81
CA LEU I 201 -38.13 -22.57 37.65
C LEU I 201 -36.75 -23.19 37.83
N PHE I 202 -36.02 -22.81 38.87
CA PHE I 202 -34.75 -23.41 39.18
C PHE I 202 -34.93 -24.39 40.34
N VAL I 203 -34.36 -25.58 40.22
CA VAL I 203 -34.32 -26.52 41.33
C VAL I 203 -32.90 -27.03 41.52
N PRO I 204 -32.48 -27.23 42.76
CA PRO I 204 -31.11 -27.66 43.00
C PRO I 204 -30.95 -29.12 42.66
N ASP I 205 -29.76 -29.47 42.21
CA ASP I 205 -29.46 -30.85 41.91
C ASP I 205 -27.98 -31.05 42.09
N VAL I 206 -27.60 -32.24 42.53
CA VAL I 206 -26.22 -32.50 42.90
C VAL I 206 -25.67 -33.52 41.91
N ILE I 207 -24.37 -33.47 41.69
CA ILE I 207 -23.65 -34.51 40.99
C ILE I 207 -22.36 -34.75 41.75
N THR I 208 -22.02 -36.00 41.96
CA THR I 208 -20.98 -36.34 42.93
C THR I 208 -20.09 -37.41 42.37
N PRO I 209 -18.99 -37.06 41.72
CA PRO I 209 -18.10 -38.08 41.19
C PRO I 209 -17.27 -38.70 42.30
N HIS I 210 -16.99 -39.98 42.14
CA HIS I 210 -16.06 -40.67 43.03
C HIS I 210 -14.88 -41.11 42.21
N TYR I 211 -15.14 -41.48 40.96
CA TYR I 211 -14.21 -42.27 40.18
C TYR I 211 -13.88 -41.61 38.86
N ASN I 212 -13.98 -40.29 38.78
CA ASN I 212 -13.66 -39.58 37.55
C ASN I 212 -12.19 -39.20 37.59
N GLY I 213 -11.38 -39.90 36.81
CA GLY I 213 -9.96 -39.62 36.79
C GLY I 213 -9.26 -40.11 38.04
N LYS I 214 -9.59 -41.32 38.48
CA LYS I 214 -8.97 -41.91 39.65
C LYS I 214 -8.27 -43.18 39.23
N LYS I 215 -7.07 -43.41 39.75
CA LYS I 215 -6.35 -44.64 39.44
C LYS I 215 -7.03 -45.85 40.01
N SER I 216 -7.51 -45.76 41.24
CA SER I 216 -7.92 -46.97 41.95
C SER I 216 -8.81 -46.56 43.10
N GLU I 217 -9.21 -47.55 43.89
CA GLU I 217 -10.06 -47.29 45.05
C GLU I 217 -9.30 -46.58 46.15
N ALA I 218 -7.98 -46.48 46.05
CA ALA I 218 -7.22 -45.71 47.02
C ALA I 218 -7.45 -44.22 46.83
N ASP I 219 -7.85 -43.81 45.63
CA ASP I 219 -8.14 -42.42 45.37
C ASP I 219 -9.62 -42.12 45.40
N ALA I 220 -10.42 -42.97 46.02
CA ALA I 220 -11.87 -42.82 46.03
C ALA I 220 -12.25 -41.80 47.08
N GLU I 221 -12.94 -40.74 46.66
CA GLU I 221 -13.37 -39.73 47.57
C GLU I 221 -14.48 -38.93 46.91
N PRO I 222 -15.67 -38.88 47.49
CA PRO I 222 -16.74 -38.10 46.88
C PRO I 222 -16.48 -36.62 47.01
N ARG I 223 -16.81 -35.88 45.96
CA ARG I 223 -16.64 -34.44 45.94
C ARG I 223 -17.95 -33.87 45.43
N PRO I 224 -18.89 -33.57 46.31
CA PRO I 224 -20.25 -33.22 45.88
C PRO I 224 -20.32 -31.83 45.29
N VAL I 225 -21.16 -31.66 44.29
CA VAL I 225 -21.28 -30.43 43.55
C VAL I 225 -22.75 -30.05 43.55
N ILE I 226 -23.13 -29.10 44.39
CA ILE I 226 -24.48 -28.56 44.32
C ILE I 226 -24.58 -27.64 43.11
N HIS I 227 -25.62 -27.78 42.32
CA HIS I 227 -25.81 -26.84 41.22
C HIS I 227 -27.29 -26.70 40.93
N LEU I 228 -27.62 -25.68 40.17
CA LEU I 228 -28.99 -25.42 39.77
C LEU I 228 -29.26 -26.04 38.42
N THR I 229 -30.48 -26.51 38.23
CA THR I 229 -30.96 -26.91 36.91
C THR I 229 -32.22 -26.12 36.64
N ILE I 230 -32.92 -26.50 35.60
CA ILE I 230 -34.22 -25.93 35.31
C ILE I 230 -35.25 -27.02 35.53
N ALA I 231 -36.25 -26.72 36.35
CA ALA I 231 -37.24 -27.66 36.83
C ALA I 231 -38.06 -28.23 35.69
N PRO I 232 -38.62 -29.44 35.82
CA PRO I 232 -39.46 -29.97 34.75
C PRO I 232 -40.79 -29.24 34.69
N LYS I 233 -41.49 -29.46 33.57
CA LYS I 233 -42.77 -28.84 33.25
C LYS I 233 -42.65 -27.33 33.22
N VAL I 234 -41.62 -26.84 32.56
CA VAL I 234 -41.42 -25.41 32.30
C VAL I 234 -41.42 -25.22 30.80
N THR I 235 -42.45 -24.55 30.30
CA THR I 235 -42.66 -24.45 28.86
C THR I 235 -41.80 -23.33 28.29
N PHE I 236 -40.98 -23.66 27.31
CA PHE I 236 -40.21 -22.65 26.61
C PHE I 236 -40.95 -22.27 25.33
N ARG I 237 -40.33 -21.40 24.55
CA ARG I 237 -40.91 -20.94 23.29
C ARG I 237 -39.85 -20.29 22.43
N PHE I 238 -39.80 -20.64 21.15
CA PHE I 238 -38.95 -19.89 20.26
C PHE I 238 -39.60 -19.78 18.90
N LEU I 239 -38.95 -19.04 18.02
CA LEU I 239 -39.44 -18.77 16.68
C LEU I 239 -38.49 -19.35 15.65
N ILE I 240 -39.02 -19.59 14.45
CA ILE I 240 -38.26 -20.03 13.29
C ILE I 240 -38.83 -19.29 12.10
N TYR I 241 -38.01 -18.59 11.36
CA TYR I 241 -38.51 -17.75 10.29
C TYR I 241 -37.52 -17.72 9.15
N TYR I 242 -38.03 -17.44 7.96
CA TYR I 242 -37.28 -17.60 6.73
C TYR I 242 -38.02 -16.87 5.61
N LYS I 243 -37.36 -16.71 4.48
CA LYS I 243 -37.99 -16.14 3.31
C LYS I 243 -38.38 -17.16 2.27
N ARG I 244 -37.64 -18.26 2.15
CA ARG I 244 -37.91 -19.26 1.15
C ARG I 244 -38.75 -20.37 1.77
N GLU I 245 -40.00 -20.47 1.37
CA GLU I 245 -40.97 -21.41 1.92
C GLU I 245 -40.72 -22.84 1.51
N ASP I 246 -39.73 -23.09 0.66
CA ASP I 246 -39.41 -24.41 0.14
C ASP I 246 -38.55 -25.21 1.12
N VAL I 247 -38.35 -24.71 2.33
CA VAL I 247 -37.37 -25.26 3.25
C VAL I 247 -37.95 -25.47 4.65
N GLY I 248 -39.20 -25.07 4.90
CA GLY I 248 -39.79 -25.37 6.18
C GLY I 248 -40.24 -26.81 6.32
N LYS I 249 -40.13 -27.59 5.24
CA LYS I 249 -40.54 -28.99 5.28
C LYS I 249 -39.64 -29.86 6.16
N PRO I 250 -38.31 -29.76 6.15
CA PRO I 250 -37.56 -30.51 7.16
C PRO I 250 -37.73 -29.99 8.58
N ILE I 251 -38.17 -28.74 8.74
CA ILE I 251 -38.41 -28.22 10.08
C ILE I 251 -39.64 -28.89 10.68
N CYS I 252 -40.65 -29.13 9.86
CA CYS I 252 -41.77 -29.98 10.24
C CYS I 252 -41.30 -31.41 10.54
N ASP I 253 -40.22 -31.82 9.90
CA ASP I 253 -39.66 -33.16 10.05
C ASP I 253 -38.69 -33.24 11.22
N SER I 254 -37.82 -32.25 11.38
CA SER I 254 -36.72 -32.41 12.32
C SER I 254 -37.12 -32.10 13.74
N MET I 255 -38.19 -31.34 13.94
CA MET I 255 -38.48 -30.83 15.28
C MET I 255 -38.92 -31.88 16.29
N PRO I 256 -39.88 -32.78 16.01
CA PRO I 256 -40.37 -33.62 17.12
C PRO I 256 -39.39 -34.67 17.61
N ILE I 257 -38.44 -35.09 16.78
CA ILE I 257 -37.57 -36.20 17.15
C ILE I 257 -36.48 -35.74 18.11
N ILE I 258 -35.88 -34.58 17.82
CA ILE I 258 -34.75 -34.09 18.61
C ILE I 258 -35.16 -33.59 19.98
N LEU I 259 -36.45 -33.39 20.22
CA LEU I 259 -36.87 -32.94 21.53
C LEU I 259 -37.01 -34.10 22.49
N ILE I 260 -37.33 -35.29 21.97
CA ILE I 260 -37.20 -36.51 22.75
C ILE I 260 -35.77 -36.69 23.21
N ARG I 261 -34.83 -36.43 22.32
CA ARG I 261 -33.43 -36.53 22.67
C ARG I 261 -32.99 -35.30 23.45
N GLY I 262 -31.70 -35.22 23.74
CA GLY I 262 -31.18 -34.13 24.52
C GLY I 262 -31.18 -32.83 23.76
N LEU I 263 -31.50 -31.76 24.47
CA LEU I 263 -31.43 -30.45 23.86
C LEU I 263 -30.56 -29.59 24.75
N GLY I 264 -29.58 -30.21 25.40
CA GLY I 264 -28.78 -29.47 26.34
C GLY I 264 -27.73 -30.34 26.99
N ALA I 265 -27.35 -29.97 28.21
CA ALA I 265 -26.15 -30.52 28.80
C ALA I 265 -26.43 -31.86 29.45
N ARG I 266 -25.40 -32.70 29.47
CA ARG I 266 -25.32 -34.08 29.96
C ARG I 266 -26.58 -34.89 29.69
N SER I 267 -26.97 -34.93 28.43
CA SER I 267 -28.09 -35.71 27.94
C SER I 267 -27.91 -37.20 28.14
N SER I 268 -26.68 -37.68 28.26
CA SER I 268 -26.41 -39.10 28.33
C SER I 268 -26.75 -39.72 29.67
N VAL I 269 -27.14 -38.93 30.66
CA VAL I 269 -27.82 -39.50 31.80
C VAL I 269 -29.30 -39.16 31.78
N GLY I 270 -29.81 -38.69 30.65
CA GLY I 270 -31.21 -38.36 30.56
C GLY I 270 -31.61 -37.11 31.31
N TYR I 271 -30.87 -36.00 31.14
CA TYR I 271 -31.28 -34.74 31.75
C TYR I 271 -32.09 -33.83 30.85
N SER I 272 -31.49 -33.32 29.78
CA SER I 272 -32.17 -32.26 29.05
C SER I 272 -33.17 -32.85 28.09
N LEU I 273 -34.25 -33.38 28.63
CA LEU I 273 -35.21 -34.12 27.83
C LEU I 273 -36.48 -33.32 27.73
N PHE I 274 -36.87 -32.97 26.52
CA PHE I 274 -37.97 -32.05 26.33
C PHE I 274 -39.16 -32.76 25.72
N GLU I 275 -40.23 -32.01 25.54
CA GLU I 275 -41.41 -32.42 24.79
C GLU I 275 -41.65 -31.41 23.68
N LEU I 276 -42.60 -31.72 22.82
CA LEU I 276 -43.14 -30.73 21.90
C LEU I 276 -44.54 -30.37 22.34
N ARG I 277 -44.77 -29.12 22.69
CA ARG I 277 -46.11 -28.78 23.10
C ARG I 277 -46.92 -28.24 21.94
N LYS I 278 -46.31 -27.47 21.06
CA LYS I 278 -47.07 -26.79 20.03
C LYS I 278 -46.18 -26.42 18.87
N ILE I 279 -46.71 -26.53 17.66
CA ILE I 279 -46.17 -25.88 16.48
C ILE I 279 -47.35 -25.23 15.76
N GLU I 280 -47.21 -23.94 15.41
CA GLU I 280 -48.04 -23.37 14.37
C GLU I 280 -47.11 -22.89 13.26
N VAL I 281 -47.59 -22.97 12.03
CA VAL I 281 -46.88 -22.43 10.88
C VAL I 281 -47.69 -21.25 10.37
N ILE I 282 -47.04 -20.09 10.26
CA ILE I 282 -47.71 -18.86 9.88
C ILE I 282 -47.07 -18.40 8.58
N LYS I 283 -47.85 -18.35 7.52
CA LYS I 283 -47.33 -17.96 6.23
C LYS I 283 -47.32 -16.45 6.08
N ALA I 284 -46.28 -15.93 5.43
CA ALA I 284 -46.32 -14.55 4.98
C ALA I 284 -47.08 -14.44 3.68
N ALA I 285 -46.59 -15.07 2.63
CA ALA I 285 -47.38 -15.31 1.44
C ALA I 285 -47.58 -16.82 1.33
N GLU J 2 -29.97 -42.68 18.73
CA GLU J 2 -30.15 -43.18 17.38
C GLU J 2 -30.99 -44.43 17.40
N GLU J 3 -30.72 -45.34 18.32
CA GLU J 3 -31.44 -46.59 18.37
C GLU J 3 -31.62 -47.01 19.82
N LEU J 4 -32.87 -47.22 20.20
CA LEU J 4 -33.16 -47.89 21.46
C LEU J 4 -32.65 -49.32 21.42
N LEU J 5 -31.86 -49.68 22.41
CA LEU J 5 -31.18 -50.97 22.46
C LEU J 5 -31.98 -52.00 23.24
N MET J 6 -32.24 -51.73 24.51
CA MET J 6 -33.00 -52.68 25.31
C MET J 6 -33.84 -51.94 26.34
N SER J 7 -34.77 -52.68 26.95
CA SER J 7 -35.77 -52.14 27.86
C SER J 7 -35.87 -53.07 29.05
N LEU J 8 -35.76 -52.53 30.26
CA LEU J 8 -35.55 -53.36 31.44
C LEU J 8 -36.46 -52.88 32.56
N LYS J 9 -37.61 -53.50 32.72
CA LYS J 9 -38.45 -53.25 33.88
C LYS J 9 -37.73 -53.79 35.10
N LEU J 10 -37.28 -52.92 35.98
CA LEU J 10 -36.54 -53.38 37.14
C LEU J 10 -37.28 -52.99 38.41
N LYS J 11 -36.80 -53.55 39.51
CA LYS J 11 -37.45 -53.33 40.80
C LYS J 11 -36.37 -53.32 41.86
N ALA J 12 -36.22 -52.22 42.55
CA ALA J 12 -35.27 -52.09 43.65
C ALA J 12 -36.02 -51.89 44.94
N LEU J 13 -35.94 -52.87 45.82
CA LEU J 13 -36.67 -52.85 47.08
C LEU J 13 -35.88 -52.03 48.07
N TYR J 14 -36.58 -51.18 48.81
CA TYR J 14 -36.05 -50.25 49.80
C TYR J 14 -34.86 -49.43 49.33
N PRO J 15 -35.00 -48.54 48.35
CA PRO J 15 -33.85 -47.73 47.96
C PRO J 15 -33.59 -46.66 49.00
N LEU J 16 -32.39 -46.11 48.97
CA LEU J 16 -32.01 -45.00 49.84
C LEU J 16 -31.32 -43.90 49.07
N THR J 17 -31.86 -43.54 47.91
CA THR J 17 -31.21 -42.59 47.03
C THR J 17 -31.21 -41.19 47.65
N GLY J 18 -30.06 -40.54 47.65
CA GLY J 18 -29.97 -39.20 48.17
C GLY J 18 -30.04 -38.17 47.06
N GLY J 19 -30.40 -36.95 47.45
CA GLY J 19 -30.39 -35.81 46.55
C GLY J 19 -29.38 -34.78 47.00
N TYR J 20 -29.68 -33.51 46.79
CA TYR J 20 -28.80 -32.48 47.31
C TYR J 20 -28.92 -32.36 48.82
N ASN J 21 -30.08 -32.67 49.38
CA ASN J 21 -30.21 -32.78 50.82
C ASN J 21 -30.00 -34.19 51.30
N ARG J 22 -29.53 -35.08 50.42
CA ARG J 22 -29.22 -36.48 50.71
C ARG J 22 -30.45 -37.27 51.09
N HIS J 23 -31.58 -36.96 50.46
CA HIS J 23 -32.77 -37.77 50.67
C HIS J 23 -33.50 -37.94 49.35
N SER J 24 -34.44 -38.88 49.32
CA SER J 24 -35.12 -39.19 48.08
C SER J 24 -36.14 -38.16 47.71
N ILE J 25 -36.48 -37.26 48.63
CA ILE J 25 -37.46 -36.23 48.35
C ILE J 25 -36.97 -34.94 49.00
N ASN J 26 -37.35 -33.82 48.40
CA ASN J 26 -36.89 -32.51 48.81
C ASN J 26 -38.08 -31.58 48.65
N PRO J 27 -37.95 -30.28 49.00
CA PRO J 27 -39.07 -29.38 48.71
C PRO J 27 -39.45 -29.18 47.25
N PHE J 28 -38.71 -29.73 46.32
CA PHE J 28 -39.00 -29.43 44.94
C PHE J 28 -39.41 -30.63 44.13
N TYR J 29 -38.80 -31.79 44.36
CA TYR J 29 -39.09 -32.94 43.51
C TYR J 29 -38.83 -34.23 44.26
N GLU J 30 -39.34 -35.31 43.71
CA GLU J 30 -39.06 -36.64 44.22
C GLU J 30 -38.26 -37.38 43.18
N GLU J 31 -37.13 -37.94 43.59
CA GLU J 31 -36.40 -38.76 42.64
C GLU J 31 -35.79 -39.95 43.36
N LEU J 32 -36.39 -41.11 43.17
CA LEU J 32 -36.00 -42.29 43.91
C LEU J 32 -34.92 -43.08 43.19
N VAL J 33 -34.82 -42.91 41.88
CA VAL J 33 -33.83 -43.59 41.07
C VAL J 33 -33.08 -42.54 40.27
N ARG J 34 -31.88 -42.20 40.70
CA ARG J 34 -31.14 -41.22 39.95
C ARG J 34 -30.43 -41.91 38.81
N PRO J 35 -30.60 -41.44 37.57
CA PRO J 35 -29.94 -42.13 36.44
C PRO J 35 -28.45 -41.94 36.43
N THR J 36 -27.96 -40.92 37.12
CA THR J 36 -26.53 -40.73 37.23
C THR J 36 -25.89 -41.83 38.04
N GLU J 37 -26.60 -42.34 39.04
CA GLU J 37 -26.09 -43.46 39.83
C GLU J 37 -26.01 -44.73 39.01
N ILE J 38 -27.01 -44.95 38.16
CA ILE J 38 -27.01 -46.15 37.34
C ILE J 38 -25.88 -46.09 36.33
N LYS J 39 -25.60 -44.90 35.81
CA LYS J 39 -24.43 -44.76 34.96
C LYS J 39 -23.16 -44.87 35.78
N GLY J 40 -23.19 -44.35 37.02
CA GLY J 40 -22.00 -44.38 37.82
C GLY J 40 -21.69 -45.77 38.34
N LEU J 41 -22.71 -46.56 38.65
CA LEU J 41 -22.47 -47.89 39.18
C LEU J 41 -22.16 -48.87 38.08
N TRP J 42 -22.82 -48.71 36.92
CA TRP J 42 -22.56 -49.63 35.82
C TRP J 42 -21.19 -49.40 35.21
N ARG J 43 -20.66 -48.19 35.36
CA ARG J 43 -19.24 -48.02 35.11
C ARG J 43 -18.42 -48.73 36.16
N TRP J 44 -18.86 -48.74 37.41
CA TRP J 44 -18.06 -49.34 38.46
C TRP J 44 -18.11 -50.85 38.40
N TRP J 45 -19.27 -51.41 38.02
CA TRP J 45 -19.31 -52.84 37.87
C TRP J 45 -18.59 -53.29 36.62
N ASN J 46 -18.41 -52.40 35.65
CA ASN J 46 -17.55 -52.72 34.53
C ASN J 46 -16.10 -52.76 34.94
N ARG J 47 -15.72 -51.92 35.90
CA ARG J 47 -14.32 -51.88 36.32
C ARG J 47 -14.05 -52.93 37.39
N VAL J 48 -15.08 -53.57 37.89
CA VAL J 48 -14.88 -54.76 38.70
C VAL J 48 -14.86 -55.99 37.81
N LEU J 49 -15.69 -56.00 36.79
CA LEU J 49 -15.84 -57.19 35.97
C LEU J 49 -14.71 -57.35 34.98
N PHE J 50 -14.14 -56.25 34.51
CA PHE J 50 -13.02 -56.36 33.60
C PHE J 50 -11.79 -56.88 34.33
N ASN J 51 -11.61 -56.48 35.59
CA ASN J 51 -10.51 -57.05 36.35
C ASN J 51 -10.78 -58.50 36.71
N THR J 52 -12.05 -58.91 36.73
CA THR J 52 -12.36 -60.33 36.88
C THR J 52 -11.95 -61.10 35.64
N LEU J 53 -12.05 -60.46 34.48
CA LEU J 53 -11.60 -61.08 33.25
C LEU J 53 -10.08 -61.18 33.21
N ALA J 54 -9.39 -60.06 33.39
CA ALA J 54 -7.95 -60.02 33.13
C ALA J 54 -7.13 -60.61 34.26
N TYR J 55 -7.78 -61.01 35.34
CA TYR J 55 -7.09 -61.77 36.37
C TYR J 55 -7.27 -63.26 36.21
N SER J 56 -8.49 -63.70 35.92
CA SER J 56 -8.77 -65.11 35.78
C SER J 56 -8.15 -65.73 34.55
N THR J 57 -7.81 -64.92 33.55
CA THR J 57 -7.07 -65.43 32.41
C THR J 57 -5.59 -65.08 32.49
N LYS J 58 -5.27 -63.81 32.63
CA LYS J 58 -3.91 -63.34 32.52
C LYS J 58 -3.20 -63.21 33.86
N GLY J 59 -3.93 -63.04 34.95
CA GLY J 59 -3.27 -62.74 36.20
C GLY J 59 -2.78 -61.32 36.20
N LYS J 60 -3.56 -60.44 35.59
CA LYS J 60 -3.25 -59.02 35.52
C LYS J 60 -4.37 -58.22 36.16
N LEU J 61 -4.02 -57.02 36.59
CA LEU J 61 -4.99 -56.05 37.11
C LEU J 61 -4.66 -54.70 36.51
N TYR J 62 -5.65 -53.98 36.05
CA TYR J 62 -5.41 -52.73 35.36
C TYR J 62 -6.10 -51.58 36.07
N THR J 63 -5.46 -50.42 36.01
CA THR J 63 -5.92 -49.24 36.73
C THR J 63 -7.26 -48.76 36.19
N TYR J 64 -8.03 -48.09 37.05
CA TYR J 64 -9.36 -47.62 36.68
C TYR J 64 -9.32 -46.58 35.56
N GLU J 65 -8.25 -45.80 35.50
CA GLU J 65 -8.11 -44.84 34.42
C GLU J 65 -7.95 -45.55 33.09
N SER J 66 -7.09 -46.57 33.07
CA SER J 66 -6.78 -47.28 31.84
C SER J 66 -7.96 -48.12 31.38
N ILE J 67 -8.81 -48.58 32.29
CA ILE J 67 -9.99 -49.33 31.90
C ILE J 67 -10.97 -48.45 31.15
N ASP J 68 -11.29 -47.29 31.74
CA ASP J 68 -12.24 -46.39 31.08
C ASP J 68 -11.63 -45.76 29.85
N ARG J 69 -10.30 -45.66 29.81
CA ARG J 69 -9.63 -45.24 28.60
C ARG J 69 -9.79 -46.26 27.49
N LEU J 70 -9.90 -47.54 27.86
CA LEU J 70 -10.31 -48.53 26.88
C LEU J 70 -11.77 -48.38 26.51
N PHE J 71 -12.65 -48.16 27.49
CA PHE J 71 -14.08 -48.16 27.24
C PHE J 71 -14.63 -46.80 26.87
N GLU J 72 -13.83 -45.91 26.29
CA GLU J 72 -14.32 -44.57 26.00
C GLU J 72 -15.28 -44.55 24.83
N ASP J 73 -15.36 -45.63 24.05
CA ASP J 73 -16.32 -45.64 22.95
C ASP J 73 -17.73 -45.85 23.47
N VAL J 74 -17.88 -46.44 24.65
CA VAL J 74 -19.21 -46.78 25.12
C VAL J 74 -19.63 -45.97 26.32
N PHE J 75 -18.73 -45.72 27.25
CA PHE J 75 -19.09 -45.00 28.46
C PHE J 75 -18.54 -43.59 28.51
N GLY J 76 -17.99 -43.09 27.42
CA GLY J 76 -17.58 -41.71 27.37
C GLY J 76 -16.34 -41.36 28.15
N SER J 77 -15.77 -40.21 27.82
CA SER J 77 -14.71 -39.60 28.60
C SER J 77 -14.79 -38.11 28.31
N GLU J 78 -13.72 -37.40 28.67
CA GLU J 78 -13.59 -36.02 28.19
C GLU J 78 -13.43 -35.97 26.69
N ASN J 79 -12.84 -36.99 26.10
CA ASN J 79 -12.50 -36.96 24.69
C ASN J 79 -13.63 -37.41 23.80
N LYS J 80 -14.64 -38.07 24.33
CA LYS J 80 -15.66 -38.63 23.48
C LYS J 80 -16.96 -38.76 24.25
N LYS J 81 -18.06 -38.41 23.62
CA LYS J 81 -19.37 -38.60 24.23
C LYS J 81 -19.74 -40.07 24.21
N SER J 82 -20.28 -40.54 25.32
CA SER J 82 -20.72 -41.91 25.47
C SER J 82 -21.82 -42.25 24.47
N ALA J 83 -21.76 -43.47 23.95
CA ALA J 83 -22.71 -43.91 22.95
C ALA J 83 -23.99 -44.48 23.55
N VAL J 84 -24.04 -44.69 24.85
CA VAL J 84 -25.26 -45.14 25.50
C VAL J 84 -25.95 -43.92 26.07
N ARG J 85 -27.24 -44.04 26.36
CA ARG J 85 -27.99 -42.93 26.91
C ARG J 85 -29.14 -43.47 27.74
N LEU J 86 -29.02 -43.37 29.06
CA LEU J 86 -29.93 -44.04 29.97
C LEU J 86 -31.25 -43.30 30.06
N GLU J 87 -32.30 -44.02 30.47
CA GLU J 87 -33.66 -43.47 30.56
C GLU J 87 -34.35 -44.13 31.76
N VAL J 88 -34.32 -43.48 32.91
CA VAL J 88 -35.09 -43.97 34.04
C VAL J 88 -36.48 -43.37 33.98
N ILE J 89 -37.48 -44.24 33.83
CA ILE J 89 -38.88 -43.82 33.80
C ILE J 89 -39.52 -44.46 35.03
N THR J 90 -39.55 -43.72 36.12
CA THR J 90 -40.21 -44.22 37.32
C THR J 90 -41.69 -43.93 37.19
N ASP J 91 -42.45 -44.91 36.74
CA ASP J 91 -43.90 -44.81 36.62
C ASP J 91 -44.53 -44.91 37.99
N GLU J 92 -45.73 -44.31 38.11
CA GLU J 92 -46.42 -44.06 39.39
C GLU J 92 -45.52 -43.29 40.36
N GLY J 93 -44.66 -42.44 39.81
CA GLY J 93 -43.61 -41.76 40.53
C GLY J 93 -43.52 -40.31 40.10
N ASN J 94 -44.67 -39.71 39.79
CA ASN J 94 -44.72 -38.32 39.37
C ASN J 94 -44.58 -37.40 40.59
N ASP J 95 -44.84 -36.11 40.36
CA ASP J 95 -44.27 -35.07 41.21
C ASP J 95 -44.83 -35.09 42.63
N ASN J 96 -44.07 -35.70 43.52
CA ASN J 96 -44.28 -35.51 44.94
C ASN J 96 -43.16 -34.62 45.41
N ARG J 97 -43.43 -33.89 46.46
CA ARG J 97 -42.42 -33.05 47.05
C ARG J 97 -42.81 -32.81 48.48
N PHE J 98 -41.84 -32.54 49.31
CA PHE J 98 -42.11 -32.42 50.73
C PHE J 98 -42.73 -31.07 51.03
N GLU J 99 -44.04 -31.06 51.18
CA GLU J 99 -44.79 -29.85 51.48
C GLU J 99 -45.16 -29.88 52.95
N LEU J 100 -44.32 -29.29 53.78
CA LEU J 100 -44.55 -29.23 55.23
C LEU J 100 -45.64 -28.21 55.47
N SER J 101 -46.83 -28.69 55.84
CA SER J 101 -47.97 -27.79 55.96
C SER J 101 -47.87 -26.89 57.18
N TYR J 102 -47.69 -27.45 58.36
CA TYR J 102 -47.48 -26.62 59.54
C TYR J 102 -46.71 -27.43 60.56
N VAL J 103 -45.90 -26.72 61.33
CA VAL J 103 -45.27 -27.28 62.52
C VAL J 103 -45.53 -26.33 63.67
N GLU J 104 -45.98 -26.94 64.76
CA GLU J 104 -46.39 -26.16 65.93
C GLU J 104 -45.22 -25.99 66.89
N LEU J 105 -44.45 -24.92 66.67
CA LEU J 105 -43.37 -24.48 67.53
C LEU J 105 -43.90 -23.55 68.62
N ASP J 106 -43.00 -22.71 69.12
CA ASP J 106 -43.22 -21.53 69.97
C ASP J 106 -43.37 -21.91 71.42
N LYS J 107 -43.44 -23.21 71.69
CA LYS J 107 -43.50 -23.70 73.09
C LYS J 107 -42.08 -24.20 73.32
N VAL J 108 -41.54 -24.77 72.25
CA VAL J 108 -40.14 -25.28 72.21
C VAL J 108 -39.23 -24.07 72.30
N ILE J 109 -39.49 -23.08 71.43
CA ILE J 109 -38.68 -21.83 71.33
C ILE J 109 -38.40 -21.26 72.72
N ASP J 110 -39.44 -21.08 73.53
CA ASP J 110 -39.27 -20.50 74.89
C ASP J 110 -38.23 -21.31 75.69
N CYS J 111 -38.29 -22.63 75.65
CA CYS J 111 -37.33 -23.45 76.43
C CYS J 111 -35.91 -23.17 75.96
N LEU J 112 -35.71 -23.06 74.66
CA LEU J 112 -34.36 -22.89 74.07
C LEU J 112 -33.73 -21.54 74.40
N ARG J 113 -34.52 -20.51 74.71
CA ARG J 113 -33.93 -19.17 74.92
C ARG J 113 -32.95 -19.12 76.11
N ASN J 114 -31.90 -18.30 75.97
CA ASN J 114 -30.96 -18.04 77.03
C ASN J 114 -30.30 -19.33 77.50
N TYR J 115 -30.19 -20.34 76.65
CA TYR J 115 -29.47 -21.56 76.94
C TYR J 115 -28.75 -22.05 75.69
N LYS J 116 -27.86 -23.01 75.87
CA LYS J 116 -27.10 -23.62 74.78
C LYS J 116 -27.40 -25.11 74.77
N ARG J 117 -28.37 -25.51 73.97
CA ARG J 117 -28.77 -26.93 74.07
C ARG J 117 -28.57 -27.64 72.74
N LYS J 118 -28.60 -28.95 72.81
CA LYS J 118 -28.54 -29.86 71.66
C LYS J 118 -29.92 -30.46 71.47
N VAL J 119 -30.73 -29.83 70.64
CA VAL J 119 -32.11 -30.22 70.42
C VAL J 119 -32.11 -31.45 69.53
N SER J 120 -32.50 -32.58 70.09
CA SER J 120 -32.69 -33.73 69.23
C SER J 120 -34.17 -33.95 68.97
N LEU J 121 -34.45 -34.58 67.84
CA LEU J 121 -35.78 -35.08 67.56
C LEU J 121 -35.78 -36.58 67.72
N ASP J 122 -36.98 -37.14 67.87
CA ASP J 122 -37.18 -38.56 67.72
C ASP J 122 -38.65 -38.78 67.44
N PHE J 123 -38.92 -39.66 66.49
CA PHE J 123 -40.28 -39.87 66.01
C PHE J 123 -40.89 -41.12 66.60
N ILE J 124 -40.38 -41.59 67.73
CA ILE J 124 -40.81 -42.86 68.30
C ILE J 124 -42.24 -42.75 68.83
N ASP J 125 -43.03 -43.78 68.54
CA ASP J 125 -44.40 -44.07 68.93
C ASP J 125 -45.38 -43.19 68.19
N ASN J 126 -45.17 -42.94 66.88
CA ASN J 126 -46.06 -42.22 65.98
C ASN J 126 -46.27 -40.77 66.40
N THR J 127 -45.37 -40.25 67.22
CA THR J 127 -45.45 -38.91 67.78
C THR J 127 -44.11 -38.23 67.54
N LEU J 128 -44.15 -36.94 67.26
CA LEU J 128 -42.92 -36.19 67.03
C LEU J 128 -42.55 -35.45 68.30
N ILE J 129 -41.61 -36.00 69.05
CA ILE J 129 -41.19 -35.39 70.28
C ILE J 129 -39.79 -34.81 70.09
N ALA J 130 -39.61 -33.60 70.62
CA ALA J 130 -38.39 -32.82 70.43
C ALA J 130 -37.62 -32.89 71.73
N GLU J 131 -36.76 -33.89 71.83
CA GLU J 131 -36.04 -34.14 73.07
C GLU J 131 -34.87 -33.19 73.21
N ILE J 132 -35.02 -32.20 74.08
CA ILE J 132 -33.94 -31.30 74.43
C ILE J 132 -33.01 -32.07 75.34
N GLU J 133 -31.70 -31.87 75.19
CA GLU J 133 -30.76 -32.57 76.04
C GLU J 133 -30.79 -32.03 77.46
N GLY J 134 -31.28 -30.80 77.64
CA GLY J 134 -31.44 -30.21 78.95
C GLY J 134 -32.69 -30.65 79.69
N SER J 135 -32.88 -31.97 79.75
CA SER J 135 -33.86 -32.65 80.59
C SER J 135 -35.30 -32.23 80.34
N THR J 136 -35.74 -32.25 79.08
CA THR J 136 -37.16 -32.14 78.78
C THR J 136 -37.45 -32.80 77.45
N LYS J 137 -38.73 -33.06 77.21
CA LYS J 137 -39.22 -33.49 75.92
C LYS J 137 -40.46 -32.64 75.63
N ILE J 138 -40.78 -32.51 74.35
CA ILE J 138 -41.99 -31.74 73.97
C ILE J 138 -42.65 -32.40 72.76
N PRO J 139 -43.84 -33.01 72.89
CA PRO J 139 -44.48 -33.60 71.74
C PRO J 139 -44.78 -32.41 70.83
N ILE J 140 -44.34 -32.47 69.59
CA ILE J 140 -44.56 -31.34 68.64
C ILE J 140 -45.53 -31.83 67.57
N SER J 141 -46.70 -31.22 67.46
CA SER J 141 -47.63 -31.68 66.41
C SER J 141 -47.19 -31.10 65.06
N PHE J 142 -47.58 -31.75 63.97
CA PHE J 142 -47.21 -31.26 62.65
C PHE J 142 -48.17 -31.88 61.66
N LYS J 143 -47.98 -31.54 60.39
CA LYS J 143 -48.55 -32.31 59.30
C LYS J 143 -47.70 -32.12 58.06
N SER J 144 -47.13 -33.21 57.59
CA SER J 144 -46.30 -33.26 56.41
C SER J 144 -47.17 -33.47 55.18
N ASN J 145 -46.52 -33.84 54.09
CA ASN J 145 -47.21 -34.32 52.92
C ASN J 145 -47.25 -35.84 52.83
N LEU J 146 -46.31 -36.52 53.46
CA LEU J 146 -46.03 -37.91 53.15
C LEU J 146 -46.54 -38.86 54.24
N ASP J 147 -46.76 -40.10 53.85
CA ASP J 147 -47.32 -41.14 54.70
C ASP J 147 -46.21 -41.96 55.33
N ILE J 148 -46.09 -41.89 56.64
CA ILE J 148 -45.08 -42.63 57.38
C ILE J 148 -45.79 -43.81 58.03
N ASP J 149 -45.72 -44.98 57.40
CA ASP J 149 -46.73 -46.01 57.51
C ASP J 149 -46.38 -47.14 58.47
N LYS J 150 -45.56 -46.87 59.49
CA LYS J 150 -45.35 -47.67 60.70
C LYS J 150 -44.60 -48.98 60.43
N ILE J 151 -44.53 -49.44 59.18
CA ILE J 151 -43.44 -50.31 58.80
C ILE J 151 -42.17 -49.49 58.76
N ILE J 152 -42.27 -48.25 58.27
CA ILE J 152 -41.11 -47.44 57.94
C ILE J 152 -40.43 -46.93 59.20
N LYS J 153 -41.22 -46.55 60.19
CA LYS J 153 -40.65 -46.13 61.48
C LYS J 153 -39.90 -47.27 62.13
N ASP J 154 -40.50 -48.45 62.14
CA ASP J 154 -39.87 -49.57 62.84
C ASP J 154 -38.70 -50.10 62.04
N LEU J 155 -38.76 -50.00 60.71
CA LEU J 155 -37.62 -50.31 59.87
C LEU J 155 -36.43 -49.45 60.22
N VAL J 156 -36.69 -48.19 60.53
CA VAL J 156 -35.61 -47.34 61.01
C VAL J 156 -35.20 -47.71 62.44
N HIS J 157 -36.17 -47.88 63.34
CA HIS J 157 -35.82 -48.07 64.74
C HIS J 157 -35.26 -49.45 65.03
N ASN J 158 -35.74 -50.49 64.35
CA ASN J 158 -35.23 -51.82 64.66
C ASN J 158 -33.89 -52.09 63.99
N ASN J 159 -33.76 -51.79 62.71
CA ASN J 159 -32.49 -51.94 62.00
C ASN J 159 -31.53 -50.87 62.48
N LYS J 160 -30.46 -51.31 63.15
CA LYS J 160 -29.48 -50.39 63.71
C LYS J 160 -28.49 -49.87 62.68
N LEU J 161 -28.74 -50.06 61.39
CA LEU J 161 -27.99 -49.31 60.41
C LEU J 161 -28.68 -47.99 60.12
N LEU J 162 -29.97 -48.04 59.83
CA LEU J 162 -30.71 -46.83 59.50
C LEU J 162 -30.82 -45.91 60.70
N SER J 163 -30.96 -46.47 61.89
CA SER J 163 -30.97 -45.62 63.06
C SER J 163 -29.58 -45.15 63.44
N PHE J 164 -28.54 -45.65 62.78
CA PHE J 164 -27.23 -45.07 62.96
C PHE J 164 -26.97 -43.91 62.01
N GLU J 165 -27.38 -44.04 60.74
CA GLU J 165 -27.17 -42.88 59.88
C GLU J 165 -28.26 -41.86 60.02
N LEU J 166 -29.17 -42.04 60.97
CA LEU J 166 -30.10 -41.00 61.38
C LEU J 166 -29.42 -39.92 62.20
N LEU J 167 -28.31 -40.24 62.88
CA LEU J 167 -27.68 -39.36 63.84
C LEU J 167 -27.24 -38.02 63.26
N GLY J 168 -26.73 -38.01 62.04
CA GLY J 168 -26.43 -36.73 61.43
C GLY J 168 -27.64 -35.94 61.01
N PHE J 169 -28.79 -36.59 60.94
CA PHE J 169 -30.02 -35.95 60.48
C PHE J 169 -30.93 -35.60 61.62
N LYS J 170 -30.45 -35.74 62.85
CA LYS J 170 -31.34 -35.77 64.00
C LYS J 170 -31.17 -34.57 64.91
N SER J 171 -29.96 -34.16 65.20
CA SER J 171 -29.72 -33.19 66.24
C SER J 171 -29.08 -31.94 65.65
N VAL J 172 -29.47 -30.79 66.19
CA VAL J 172 -28.74 -29.55 65.99
C VAL J 172 -28.29 -29.09 67.35
N GLU J 173 -27.40 -28.11 67.38
CA GLU J 173 -27.02 -27.51 68.64
C GLU J 173 -27.30 -26.03 68.54
N ILE J 174 -28.40 -25.63 69.16
CA ILE J 174 -28.85 -24.25 69.14
C ILE J 174 -28.25 -23.52 70.32
N ASP J 175 -27.64 -22.37 70.06
CA ASP J 175 -27.13 -21.51 71.12
C ASP J 175 -27.86 -20.18 71.09
N ALA J 176 -28.67 -19.93 72.11
CA ALA J 176 -29.31 -18.64 72.31
C ALA J 176 -28.70 -17.90 73.49
N THR J 177 -27.40 -18.08 73.73
CA THR J 177 -26.73 -17.34 74.80
C THR J 177 -26.75 -15.84 74.52
N LYS J 178 -26.36 -15.45 73.30
CA LYS J 178 -26.56 -14.10 72.81
C LYS J 178 -27.99 -13.96 72.29
N ILE J 179 -28.19 -12.89 71.51
CA ILE J 179 -29.50 -12.48 71.01
C ILE J 179 -30.13 -13.58 70.15
N SER J 180 -31.46 -13.67 70.20
CA SER J 180 -32.19 -14.77 69.61
C SER J 180 -33.62 -14.35 69.35
N ASP J 181 -33.98 -14.22 68.09
CA ASP J 181 -35.35 -13.93 67.69
C ASP J 181 -36.09 -15.24 67.47
N LYS J 182 -37.40 -15.18 67.67
CA LYS J 182 -38.24 -16.36 67.52
C LYS J 182 -38.48 -16.67 66.06
N LYS J 183 -38.45 -15.65 65.21
CA LYS J 183 -38.74 -15.81 63.80
C LYS J 183 -37.62 -16.57 63.09
N ILE J 184 -36.42 -16.58 63.65
CA ILE J 184 -35.34 -17.33 63.05
C ILE J 184 -35.12 -18.65 63.78
N LEU J 185 -35.43 -18.73 65.07
CA LEU J 185 -35.42 -20.02 65.74
C LEU J 185 -36.61 -20.85 65.29
N LYS J 186 -37.65 -20.21 64.78
CA LYS J 186 -38.63 -20.95 64.00
C LYS J 186 -37.96 -21.54 62.76
N GLU J 187 -37.08 -20.78 62.12
CA GLU J 187 -36.51 -21.24 60.86
C GLU J 187 -35.52 -22.37 61.05
N ILE J 188 -34.77 -22.36 62.14
CA ILE J 188 -33.83 -23.45 62.40
C ILE J 188 -34.59 -24.72 62.77
N LEU J 189 -35.58 -24.59 63.65
CA LEU J 189 -36.31 -25.77 64.08
C LEU J 189 -37.24 -26.27 63.00
N ARG J 190 -37.63 -25.42 62.05
CA ARG J 190 -38.47 -25.90 60.96
C ARG J 190 -37.69 -26.78 60.01
N ASP J 191 -36.57 -26.30 59.50
CA ASP J 191 -35.93 -27.05 58.43
C ASP J 191 -35.14 -28.22 58.97
N LEU J 192 -34.87 -28.23 60.28
CA LEU J 192 -34.44 -29.45 60.95
C LEU J 192 -35.48 -30.56 60.80
N ILE J 193 -36.74 -30.22 61.01
CA ILE J 193 -37.82 -31.19 60.89
C ILE J 193 -37.95 -31.66 59.45
N THR J 194 -37.78 -30.75 58.49
CA THR J 194 -37.78 -31.15 57.09
C THR J 194 -36.58 -32.02 56.79
N ASN J 195 -35.46 -31.73 57.44
CA ASN J 195 -34.27 -32.55 57.27
C ASN J 195 -34.47 -33.91 57.91
N TYR J 196 -35.32 -33.97 58.93
CA TYR J 196 -35.58 -35.24 59.59
C TYR J 196 -36.63 -36.05 58.85
N LEU J 197 -37.70 -35.40 58.42
CA LEU J 197 -38.86 -36.13 57.91
C LEU J 197 -38.66 -36.68 56.51
N GLU J 198 -37.85 -36.01 55.68
CA GLU J 198 -37.64 -36.49 54.32
C GLU J 198 -36.85 -37.79 54.32
N TYR J 199 -36.10 -38.05 55.39
CA TYR J 199 -35.40 -39.31 55.55
C TYR J 199 -36.33 -40.50 55.62
N PHE J 200 -37.57 -40.30 56.07
CA PHE J 200 -38.53 -41.40 56.21
C PHE J 200 -39.35 -41.48 54.94
N ASN J 201 -38.70 -41.51 53.79
CA ASN J 201 -39.41 -41.70 52.55
C ASN J 201 -38.91 -42.95 51.84
N ILE J 202 -38.85 -44.05 52.55
CA ILE J 202 -38.40 -45.28 51.92
C ILE J 202 -39.62 -46.03 51.40
N LYS J 203 -39.57 -46.40 50.14
CA LYS J 203 -40.71 -47.10 49.53
C LYS J 203 -40.21 -48.37 48.89
N GLN J 204 -40.68 -49.51 49.38
CA GLN J 204 -40.23 -50.77 48.84
C GLN J 204 -40.80 -50.99 47.45
N GLU J 205 -40.05 -51.77 46.65
CA GLU J 205 -40.46 -52.24 45.32
C GLU J 205 -40.78 -51.10 44.37
N VAL J 206 -39.82 -50.21 44.18
CA VAL J 206 -39.94 -49.16 43.19
C VAL J 206 -39.79 -49.77 41.81
N THR J 207 -40.85 -49.72 41.03
CA THR J 207 -40.82 -50.28 39.68
C THR J 207 -40.47 -49.17 38.72
N PHE J 208 -39.52 -49.42 37.83
CA PHE J 208 -39.18 -48.46 36.81
C PHE J 208 -38.67 -49.19 35.59
N THR J 209 -38.56 -48.46 34.50
CA THR J 209 -38.01 -48.97 33.26
C THR J 209 -36.67 -48.30 33.04
N LEU J 210 -35.66 -49.08 32.75
CA LEU J 210 -34.37 -48.56 32.35
C LEU J 210 -34.24 -48.78 30.86
N ASN J 211 -34.57 -47.77 30.07
CA ASN J 211 -34.29 -47.84 28.65
C ASN J 211 -32.87 -47.39 28.41
N ILE J 212 -32.25 -47.94 27.37
CA ILE J 212 -30.91 -47.56 26.99
C ILE J 212 -30.90 -47.35 25.50
N TYR J 213 -30.58 -46.15 25.06
CA TYR J 213 -30.43 -45.97 23.64
C TYR J 213 -28.96 -46.10 23.29
N LEU J 214 -28.69 -46.87 22.25
CA LEU J 214 -27.36 -46.90 21.69
C LEU J 214 -27.32 -46.00 20.47
N ASP J 215 -26.42 -45.04 20.49
CA ASP J 215 -26.24 -44.16 19.35
C ASP J 215 -25.36 -44.86 18.32
N LYS J 216 -25.95 -45.23 17.18
CA LYS J 216 -25.29 -46.04 16.17
C LYS J 216 -24.33 -45.27 15.29
N SER J 217 -24.20 -43.96 15.51
CA SER J 217 -23.40 -43.10 14.65
C SER J 217 -21.91 -43.26 14.88
N ARG J 218 -21.51 -44.08 15.84
CA ARG J 218 -20.11 -44.26 16.19
C ARG J 218 -19.70 -45.64 15.73
N GLU J 219 -18.99 -45.69 14.61
CA GLU J 219 -18.71 -46.93 13.91
C GLU J 219 -17.61 -47.73 14.62
N HIS J 220 -17.69 -49.05 14.42
CA HIS J 220 -16.79 -50.04 14.99
C HIS J 220 -15.36 -49.76 14.58
N LYS J 221 -14.50 -49.44 15.55
CA LYS J 221 -13.11 -49.14 15.20
C LYS J 221 -12.34 -50.41 14.91
N GLN J 222 -12.06 -51.20 15.95
CA GLN J 222 -11.65 -52.58 15.75
C GLN J 222 -12.21 -53.51 16.82
N ASN J 223 -12.67 -52.94 17.93
CA ASN J 223 -13.10 -53.78 19.04
C ASN J 223 -14.33 -53.21 19.74
N PHE J 224 -14.91 -52.16 19.15
CA PHE J 224 -16.07 -51.48 19.72
C PHE J 224 -17.24 -52.41 19.98
N GLU J 225 -17.51 -53.35 19.08
CA GLU J 225 -18.59 -54.28 19.34
C GLU J 225 -18.21 -55.26 20.44
N ASP J 226 -16.94 -55.61 20.52
CA ASP J 226 -16.46 -56.44 21.61
C ASP J 226 -16.45 -55.66 22.92
N LYS J 227 -16.25 -54.33 22.84
CA LYS J 227 -16.42 -53.49 24.01
C LYS J 227 -17.87 -53.48 24.46
N LEU J 228 -18.78 -53.41 23.50
CA LEU J 228 -20.19 -53.17 23.83
C LEU J 228 -20.85 -54.39 24.44
N LYS J 229 -20.61 -55.57 23.86
CA LYS J 229 -21.25 -56.77 24.38
C LYS J 229 -20.69 -57.14 25.73
N PHE J 230 -19.44 -56.79 26.00
CA PHE J 230 -18.93 -56.94 27.36
C PHE J 230 -19.52 -55.89 28.27
N ALA J 231 -19.85 -54.72 27.72
CA ALA J 231 -20.41 -53.65 28.54
C ALA J 231 -21.84 -53.98 28.98
N LEU J 232 -22.58 -54.69 28.14
CA LEU J 232 -23.91 -55.11 28.54
C LEU J 232 -23.85 -56.21 29.59
N TYR J 233 -22.74 -56.95 29.64
CA TYR J 233 -22.58 -57.92 30.73
C TYR J 233 -22.38 -57.21 32.04
N SER J 234 -21.72 -56.05 32.01
CA SER J 234 -21.50 -55.28 33.22
C SER J 234 -22.81 -54.79 33.80
N LEU J 235 -23.78 -54.52 32.94
CA LEU J 235 -25.11 -54.16 33.42
C LEU J 235 -25.78 -55.37 34.05
N LEU J 236 -25.59 -56.53 33.44
CA LEU J 236 -26.32 -57.69 33.87
C LEU J 236 -25.70 -58.28 35.14
N VAL J 237 -24.46 -57.92 35.43
CA VAL J 237 -23.88 -58.27 36.72
C VAL J 237 -24.34 -57.29 37.79
N PHE J 238 -24.32 -56.01 37.44
CA PHE J 238 -24.76 -54.92 38.31
C PHE J 238 -26.20 -55.12 38.78
N ILE J 239 -27.08 -55.53 37.87
CA ILE J 239 -28.45 -55.78 38.29
C ILE J 239 -28.52 -57.02 39.16
N LEU J 240 -27.63 -57.98 38.93
CA LEU J 240 -27.74 -59.26 39.61
C LEU J 240 -26.66 -59.47 40.66
N LEU J 241 -25.80 -58.49 40.91
CA LEU J 241 -24.93 -58.54 42.08
C LEU J 241 -24.89 -57.27 42.90
N GLY J 242 -25.48 -56.18 42.43
CA GLY J 242 -25.40 -54.90 43.11
C GLY J 242 -26.75 -54.22 43.21
N GLY J 243 -26.79 -53.18 44.04
CA GLY J 243 -27.99 -52.37 44.15
C GLY J 243 -27.72 -50.91 43.86
N ILE J 244 -28.66 -50.03 44.20
CA ILE J 244 -28.50 -48.59 44.02
C ILE J 244 -28.69 -47.92 45.37
N GLY J 245 -28.35 -46.64 45.42
CA GLY J 245 -28.60 -45.88 46.61
C GLY J 245 -27.59 -46.16 47.71
N ARG J 246 -27.88 -45.62 48.88
CA ARG J 246 -27.02 -45.78 50.03
C ARG J 246 -27.05 -47.21 50.52
N LYS J 247 -25.89 -47.71 50.95
CA LYS J 247 -25.69 -49.04 51.48
C LYS J 247 -26.18 -50.14 50.55
N THR J 248 -25.60 -50.22 49.36
CA THR J 248 -25.76 -51.42 48.57
C THR J 248 -25.01 -52.59 49.19
N SER J 249 -24.01 -52.30 50.02
CA SER J 249 -23.25 -53.31 50.73
C SER J 249 -24.02 -53.93 51.88
N ARG J 250 -25.22 -53.46 52.17
CA ARG J 250 -26.04 -54.06 53.21
C ARG J 250 -27.41 -54.42 52.66
N GLY J 251 -27.54 -54.44 51.33
CA GLY J 251 -28.73 -55.00 50.72
C GLY J 251 -29.77 -54.01 50.27
N PHE J 252 -29.63 -52.75 50.65
CA PHE J 252 -30.61 -51.73 50.29
C PHE J 252 -30.49 -51.41 48.81
N GLY J 253 -31.62 -51.12 48.19
CA GLY J 253 -31.62 -50.82 46.78
C GLY J 253 -31.42 -52.00 45.86
N SER J 254 -31.52 -53.23 46.39
CA SER J 254 -31.15 -54.42 45.62
C SER J 254 -32.11 -54.64 44.46
N LEU J 255 -31.54 -54.90 43.30
CA LEU J 255 -32.25 -54.88 42.04
C LEU J 255 -32.83 -56.24 41.71
N SER J 256 -34.03 -56.23 41.14
CA SER J 256 -34.69 -57.45 40.71
C SER J 256 -35.32 -57.22 39.35
N ILE J 257 -35.28 -58.22 38.50
CA ILE J 257 -35.74 -58.06 37.13
C ILE J 257 -37.21 -58.41 37.04
N ILE J 258 -37.96 -57.63 36.26
CA ILE J 258 -39.33 -57.92 35.91
C ILE J 258 -39.47 -58.28 34.44
N ASP J 259 -38.77 -57.58 33.56
CA ASP J 259 -38.71 -57.95 32.16
C ASP J 259 -37.46 -57.36 31.55
N VAL J 260 -36.90 -58.03 30.55
CA VAL J 260 -35.83 -57.50 29.71
C VAL J 260 -36.15 -57.84 28.26
N LYS J 261 -36.23 -56.84 27.40
CA LYS J 261 -36.65 -57.07 26.02
C LYS J 261 -35.71 -56.31 25.08
N CYS J 262 -34.88 -57.05 24.37
CA CYS J 262 -34.03 -56.41 23.39
C CYS J 262 -34.82 -55.98 22.17
N TYR J 263 -34.33 -54.91 21.55
CA TYR J 263 -34.86 -54.40 20.31
C TYR J 263 -33.82 -54.43 19.20
N ASP J 264 -32.66 -55.05 19.43
CA ASP J 264 -31.60 -55.16 18.44
C ASP J 264 -30.95 -56.53 18.64
N ASN J 265 -31.36 -57.48 17.79
CA ASN J 265 -30.92 -58.86 17.96
C ASN J 265 -29.56 -59.11 17.37
N SER J 266 -28.97 -58.10 16.71
CA SER J 266 -27.59 -58.21 16.27
C SER J 266 -26.62 -58.28 17.43
N ILE J 267 -26.97 -57.71 18.57
CA ILE J 267 -26.04 -57.56 19.68
C ILE J 267 -26.49 -58.34 20.90
N CYS J 268 -27.66 -58.01 21.43
CA CYS J 268 -27.98 -58.35 22.80
C CYS J 268 -28.94 -59.51 22.96
N LYS J 269 -29.19 -60.29 21.91
CA LYS J 269 -30.10 -61.41 22.09
C LYS J 269 -29.50 -62.53 22.94
N LYS J 270 -28.20 -62.54 23.20
CA LYS J 270 -27.62 -63.42 24.19
C LYS J 270 -27.75 -62.84 25.61
N ILE J 271 -27.85 -61.53 25.75
CA ILE J 271 -28.09 -60.92 27.05
C ILE J 271 -29.57 -61.00 27.41
N GLU J 272 -30.44 -60.88 26.41
CA GLU J 272 -31.89 -60.92 26.58
C GLU J 272 -32.36 -62.21 27.23
N ASP J 273 -32.10 -63.34 26.57
CA ASP J 273 -32.56 -64.63 27.09
C ASP J 273 -31.83 -65.02 28.36
N LEU J 274 -30.59 -64.56 28.52
CA LEU J 274 -29.86 -64.80 29.76
C LEU J 274 -30.41 -63.94 30.91
N ALA J 275 -31.15 -62.89 30.58
CA ALA J 275 -31.94 -62.20 31.57
C ALA J 275 -33.36 -62.74 31.71
N LYS J 276 -33.85 -63.46 30.69
CA LYS J 276 -35.10 -64.18 30.83
C LYS J 276 -34.95 -65.34 31.81
N ASN J 277 -33.72 -65.82 31.98
CA ASN J 277 -33.34 -66.89 32.90
C ASN J 277 -33.52 -66.49 34.36
N PHE J 278 -33.69 -65.22 34.67
CA PHE J 278 -33.83 -64.78 36.05
C PHE J 278 -35.24 -64.35 36.39
N LEU J 279 -36.16 -64.45 35.44
CA LEU J 279 -37.54 -64.04 35.67
C LEU J 279 -38.28 -65.03 36.55
N LYS J 280 -37.88 -66.29 36.54
CA LYS J 280 -38.53 -67.33 37.32
C LYS J 280 -37.45 -68.14 38.01
N ILE J 281 -37.48 -68.12 39.35
CA ILE J 281 -36.52 -68.87 40.16
C ILE J 281 -37.30 -69.82 41.05
N SER J 282 -36.98 -71.10 40.99
CA SER J 282 -37.61 -72.08 41.86
C SER J 282 -36.83 -72.33 43.14
N SER J 283 -35.50 -72.21 43.11
CA SER J 283 -34.69 -72.48 44.28
C SER J 283 -33.36 -71.75 44.17
N GLY J 284 -32.67 -71.66 45.30
CA GLY J 284 -31.48 -70.82 45.37
C GLY J 284 -30.27 -71.44 44.72
N ASN J 285 -30.15 -72.76 44.80
CA ASN J 285 -29.01 -73.40 44.16
C ASN J 285 -29.23 -73.50 42.67
N GLU J 286 -30.50 -73.49 42.24
CA GLU J 286 -30.82 -73.23 40.86
C GLU J 286 -30.42 -71.81 40.47
N LEU J 287 -30.62 -70.86 41.38
CA LEU J 287 -30.17 -69.51 41.14
C LEU J 287 -28.65 -69.42 41.19
N LYS J 288 -28.04 -70.09 42.18
CA LYS J 288 -26.61 -69.90 42.44
C LYS J 288 -25.75 -70.34 41.28
N SER J 289 -26.05 -71.50 40.68
CA SER J 289 -25.28 -72.00 39.56
C SER J 289 -25.35 -71.05 38.35
N LYS J 290 -26.46 -70.30 38.22
CA LYS J 290 -26.55 -69.30 37.17
C LYS J 290 -25.59 -68.14 37.45
N ILE J 291 -25.34 -67.87 38.73
CA ILE J 291 -24.44 -66.78 39.10
C ILE J 291 -22.99 -67.20 38.85
N GLU J 292 -22.72 -68.50 38.77
CA GLU J 292 -21.42 -68.89 38.26
C GLU J 292 -21.49 -69.19 36.77
N SER J 293 -22.68 -69.43 36.23
CA SER J 293 -22.82 -69.51 34.78
C SER J 293 -22.55 -68.16 34.15
N ILE J 294 -23.02 -67.08 34.79
CA ILE J 294 -22.87 -65.75 34.23
C ILE J 294 -21.41 -65.33 34.27
N LEU J 295 -20.65 -65.80 35.25
CA LEU J 295 -19.27 -65.36 35.35
C LEU J 295 -18.37 -66.17 34.43
N ASP J 296 -18.65 -67.47 34.30
CA ASP J 296 -17.88 -68.29 33.38
C ASP J 296 -18.19 -67.91 31.94
N CYS J 297 -19.37 -67.34 31.70
CA CYS J 297 -19.65 -66.70 30.42
C CYS J 297 -18.66 -65.58 30.15
N ILE J 298 -18.44 -64.73 31.16
CA ILE J 298 -17.57 -63.58 31.01
C ILE J 298 -16.11 -63.98 30.89
N LYS J 299 -15.66 -64.90 31.72
CA LYS J 299 -14.24 -65.21 31.82
C LYS J 299 -13.74 -65.92 30.58
N ASN J 300 -14.28 -67.06 30.28
CA ASN J 300 -13.54 -67.89 29.35
C ASN J 300 -14.38 -68.45 28.21
N SER J 301 -15.61 -68.88 28.48
CA SER J 301 -16.43 -69.55 27.47
C SER J 301 -16.85 -68.64 26.34
N CYS J 302 -17.03 -67.36 26.60
CA CYS J 302 -17.41 -66.41 25.56
C CYS J 302 -16.27 -65.44 25.41
N ILE J 303 -16.51 -64.34 24.70
CA ILE J 303 -15.53 -63.34 24.27
C ILE J 303 -14.55 -62.92 25.36
N ASP J 304 -13.30 -62.72 24.96
CA ASP J 304 -12.16 -62.98 25.83
C ASP J 304 -10.93 -62.13 25.49
N THR J 305 -9.76 -62.63 25.84
CA THR J 305 -8.51 -61.88 25.73
C THR J 305 -8.12 -61.73 24.27
N LEU J 306 -8.75 -60.79 23.56
CA LEU J 306 -8.32 -60.50 22.20
C LEU J 306 -8.18 -58.99 22.00
N TYR J 307 -8.68 -58.24 22.98
CA TYR J 307 -8.49 -56.81 23.01
C TYR J 307 -7.81 -56.40 24.31
N ILE J 308 -7.58 -57.36 25.18
CA ILE J 308 -6.77 -57.17 26.38
C ILE J 308 -5.33 -56.89 25.96
N GLU J 309 -4.92 -57.52 24.87
CA GLU J 309 -3.55 -57.38 24.36
C GLU J 309 -3.32 -56.07 23.62
N ASN J 310 -4.28 -55.14 23.62
CA ASN J 310 -4.09 -53.82 23.03
C ASN J 310 -3.15 -53.04 23.93
N ASN J 311 -2.38 -52.12 23.33
CA ASN J 311 -1.35 -51.39 24.06
C ASN J 311 -1.89 -50.04 24.53
N ILE J 312 -3.06 -50.09 25.16
CA ILE J 312 -3.68 -48.90 25.73
C ILE J 312 -3.83 -49.01 27.24
N LEU J 313 -3.64 -50.21 27.80
CA LEU J 313 -3.82 -50.43 29.21
C LEU J 313 -2.58 -50.04 29.99
N SER J 314 -2.62 -50.32 31.28
CA SER J 314 -1.49 -50.13 32.17
C SER J 314 -1.69 -51.02 33.37
N GLU J 315 -0.78 -51.96 33.58
CA GLU J 315 -0.79 -52.79 34.77
C GLU J 315 -0.62 -51.91 36.01
N ILE J 316 -1.34 -52.25 37.08
CA ILE J 316 -1.30 -51.45 38.29
C ILE J 316 0.06 -51.57 38.96
N ASP J 317 0.34 -50.67 39.85
CA ASP J 317 1.32 -50.99 40.86
C ASP J 317 0.61 -51.63 42.03
N PRO J 318 0.81 -52.92 42.27
CA PRO J 318 0.06 -53.61 43.34
C PRO J 318 0.52 -53.27 44.74
N LYS J 319 1.41 -52.29 44.91
CA LYS J 319 1.79 -51.81 46.22
C LYS J 319 1.01 -50.57 46.61
N LYS J 320 0.52 -49.80 45.64
CA LYS J 320 -0.10 -48.52 45.97
C LYS J 320 -1.45 -48.28 45.30
N ASN J 321 -2.05 -49.26 44.66
CA ASN J 321 -3.38 -49.10 44.07
C ASN J 321 -4.25 -50.21 44.61
N VAL J 322 -5.55 -49.94 44.73
CA VAL J 322 -6.50 -50.96 45.18
C VAL J 322 -7.60 -51.08 44.14
N VAL J 323 -7.70 -52.25 43.53
CA VAL J 323 -8.81 -52.51 42.64
C VAL J 323 -9.57 -53.71 43.20
N TYR J 324 -10.82 -53.84 42.80
CA TYR J 324 -11.63 -54.98 43.20
C TYR J 324 -12.01 -55.79 41.97
N PHE J 325 -12.26 -57.07 42.18
CA PHE J 325 -12.72 -57.96 41.12
C PHE J 325 -13.46 -59.11 41.76
N ILE J 326 -14.40 -59.67 41.03
CA ILE J 326 -15.23 -60.75 41.56
C ILE J 326 -14.41 -62.03 41.59
N ASN J 327 -14.46 -62.74 42.71
CA ASN J 327 -14.06 -64.13 42.74
C ASN J 327 -15.34 -64.93 42.52
N SER J 328 -15.26 -65.98 41.70
CA SER J 328 -16.48 -66.70 41.33
C SER J 328 -16.91 -67.70 42.38
N ASP J 329 -16.27 -67.71 43.55
CA ASP J 329 -16.48 -68.79 44.50
C ASP J 329 -17.52 -68.45 45.54
N LEU J 330 -17.57 -67.20 45.97
CA LEU J 330 -18.03 -66.88 47.31
C LEU J 330 -19.49 -66.42 47.30
N PHE J 331 -20.41 -67.29 46.90
CA PHE J 331 -21.77 -66.85 46.55
C PHE J 331 -22.85 -67.57 47.36
N GLU J 332 -22.71 -67.50 48.68
CA GLU J 332 -23.67 -68.11 49.58
C GLU J 332 -25.06 -67.50 49.45
N VAL J 333 -26.03 -68.35 49.09
CA VAL J 333 -27.40 -67.92 48.83
C VAL J 333 -28.34 -68.73 49.73
N LYS J 334 -29.26 -68.04 50.41
CA LYS J 334 -30.31 -68.69 51.20
C LYS J 334 -31.65 -68.07 50.84
N ARG J 335 -32.73 -68.63 51.38
CA ARG J 335 -34.08 -68.14 51.06
C ARG J 335 -34.64 -67.27 52.18
N ILE J 336 -35.24 -66.13 51.81
CA ILE J 336 -35.43 -65.02 52.73
C ILE J 336 -36.59 -65.19 53.71
N ASN J 337 -37.85 -65.21 53.23
CA ASN J 337 -39.06 -65.20 54.06
C ASN J 337 -39.16 -64.00 55.00
N ASP J 338 -39.75 -62.88 54.51
CA ASP J 338 -39.95 -61.58 55.18
C ASP J 338 -38.66 -60.78 55.34
N LYS J 339 -38.26 -60.18 54.21
CA LYS J 339 -37.08 -59.33 54.00
C LYS J 339 -36.83 -58.31 55.11
N GLU J 340 -37.87 -57.74 55.71
CA GLU J 340 -37.69 -56.68 56.69
C GLU J 340 -37.05 -57.20 57.97
N LYS J 341 -37.25 -58.48 58.27
CA LYS J 341 -36.46 -59.13 59.31
C LYS J 341 -34.99 -59.15 58.93
N VAL J 342 -34.71 -59.43 57.65
CA VAL J 342 -33.37 -59.78 57.22
C VAL J 342 -32.45 -58.57 57.26
N LEU J 343 -32.97 -57.40 56.86
CA LEU J 343 -32.15 -56.19 56.85
C LEU J 343 -31.78 -55.75 58.26
N ALA J 344 -32.54 -56.18 59.27
CA ALA J 344 -32.11 -55.93 60.63
C ALA J 344 -31.11 -56.97 61.10
N ASN J 345 -31.07 -58.14 60.45
CA ASN J 345 -30.13 -59.18 60.85
C ASN J 345 -28.71 -58.89 60.41
N ILE J 346 -28.51 -57.91 59.52
CA ILE J 346 -27.19 -57.69 58.95
C ILE J 346 -26.27 -57.04 59.96
N TYR J 347 -26.84 -56.19 60.84
CA TYR J 347 -26.06 -55.51 61.87
C TYR J 347 -25.45 -56.48 62.86
N LYS J 348 -26.08 -57.63 63.04
CA LYS J 348 -25.49 -58.70 63.82
C LYS J 348 -24.26 -59.27 63.14
N ALA J 349 -24.21 -59.18 61.81
CA ALA J 349 -23.14 -59.84 61.06
C ALA J 349 -21.96 -58.91 60.83
N VAL J 350 -22.20 -57.61 60.72
CA VAL J 350 -21.15 -56.69 60.30
C VAL J 350 -20.61 -55.85 61.44
N SER J 351 -21.18 -55.95 62.64
CA SER J 351 -20.68 -55.19 63.78
C SER J 351 -19.74 -56.05 64.61
N SER J 352 -18.72 -55.41 65.16
CA SER J 352 -17.72 -56.07 65.98
C SER J 352 -18.28 -56.60 67.30
N GLU J 353 -19.46 -56.14 67.70
CA GLU J 353 -20.17 -56.70 68.84
C GLU J 353 -21.46 -57.36 68.40
N GLY J 354 -21.39 -58.20 67.36
CA GLY J 354 -22.59 -58.82 66.84
C GLY J 354 -23.09 -59.97 67.69
N CYS J 355 -23.83 -60.87 67.08
CA CYS J 355 -24.12 -62.14 67.72
C CYS J 355 -23.93 -63.21 66.67
N CYS J 356 -23.90 -62.79 65.41
CA CYS J 356 -23.54 -63.68 64.33
C CYS J 356 -22.03 -63.81 64.22
N ILE J 357 -21.33 -62.71 63.94
CA ILE J 357 -19.88 -62.77 63.84
C ILE J 357 -19.24 -62.89 65.22
N LYS J 358 -19.96 -62.53 66.29
CA LYS J 358 -19.49 -62.79 67.65
C LYS J 358 -19.39 -64.28 67.90
N SER J 359 -20.36 -65.04 67.41
CA SER J 359 -20.41 -66.47 67.62
C SER J 359 -19.60 -67.24 66.60
N ILE J 360 -18.88 -66.56 65.70
CA ILE J 360 -18.05 -67.22 64.71
C ILE J 360 -16.59 -66.86 64.92
N ILE J 361 -16.25 -65.59 64.80
CA ILE J 361 -14.87 -65.14 64.86
C ILE J 361 -14.69 -64.38 66.18
N THR J 362 -13.68 -64.77 66.95
CA THR J 362 -13.72 -64.54 68.40
C THR J 362 -12.44 -63.95 68.99
N ASP J 363 -12.45 -64.00 70.32
CA ASP J 363 -11.47 -63.78 71.38
C ASP J 363 -11.12 -62.31 71.64
N LYS J 364 -10.87 -61.48 70.62
CA LYS J 364 -11.65 -60.32 70.21
C LYS J 364 -11.09 -59.88 68.87
N TYR J 365 -9.88 -60.35 68.55
CA TYR J 365 -9.00 -59.58 67.68
C TYR J 365 -9.15 -59.99 66.22
N VAL J 366 -9.27 -61.30 65.95
CA VAL J 366 -9.61 -61.70 64.59
C VAL J 366 -11.02 -61.28 64.25
N ARG J 367 -11.87 -61.10 65.27
CA ARG J 367 -13.20 -60.53 65.06
C ARG J 367 -13.08 -59.10 64.55
N LYS J 368 -12.09 -58.36 65.04
CA LYS J 368 -11.84 -57.03 64.49
C LYS J 368 -11.10 -57.13 63.17
N SER J 369 -10.18 -58.09 63.06
CA SER J 369 -9.26 -58.09 61.93
C SER J 369 -9.92 -58.66 60.68
N PHE J 370 -11.00 -59.42 60.86
CA PHE J 370 -11.77 -59.84 59.69
C PHE J 370 -12.53 -58.67 59.12
N LEU J 371 -12.99 -57.76 59.97
CA LEU J 371 -13.86 -56.69 59.53
C LEU J 371 -13.12 -55.68 58.67
N ILE J 372 -11.97 -55.21 59.14
CA ILE J 372 -11.28 -54.12 58.47
C ILE J 372 -10.69 -54.60 57.16
N ALA J 373 -10.44 -55.90 57.04
CA ALA J 373 -10.10 -56.46 55.75
C ALA J 373 -11.27 -56.50 54.79
N PHE J 374 -12.50 -56.65 55.29
CA PHE J 374 -13.62 -56.89 54.40
C PHE J 374 -14.80 -55.95 54.56
N GLY J 375 -15.02 -55.39 55.74
CA GLY J 375 -16.24 -54.65 55.94
C GLY J 375 -16.05 -53.14 55.87
N GLY J 376 -15.09 -52.68 55.07
CA GLY J 376 -14.98 -51.25 54.94
C GLY J 376 -14.31 -50.61 56.14
N TYR J 377 -14.34 -49.27 56.13
CA TYR J 377 -13.58 -48.51 57.10
C TYR J 377 -14.20 -48.57 58.49
N ARG J 378 -13.36 -48.67 59.50
CA ARG J 378 -13.78 -48.57 60.89
C ARG J 378 -12.94 -47.55 61.62
N LYS J 379 -13.59 -46.83 62.54
CA LYS J 379 -12.86 -45.93 63.42
C LYS J 379 -12.08 -46.74 64.44
N VAL J 380 -10.76 -46.71 64.34
CA VAL J 380 -9.91 -47.43 65.29
C VAL J 380 -8.71 -46.55 65.65
N GLU J 381 -8.30 -46.62 66.92
CA GLU J 381 -7.38 -45.68 67.54
C GLU J 381 -7.03 -46.25 68.90
N LYS J 382 -5.86 -45.86 69.43
CA LYS J 382 -5.37 -46.46 70.66
C LYS J 382 -6.13 -45.95 71.88
N ASP J 383 -6.76 -46.90 72.57
CA ASP J 383 -7.18 -46.68 73.95
C ASP J 383 -6.73 -47.86 74.80
N LYS J 384 -6.80 -49.07 74.23
CA LYS J 384 -6.45 -50.31 74.93
C LYS J 384 -5.41 -51.13 74.18
N GLY J 385 -4.75 -50.56 73.18
CA GLY J 385 -3.90 -51.35 72.32
C GLY J 385 -4.64 -52.02 71.19
N LEU J 386 -5.76 -51.44 70.76
CA LEU J 386 -6.47 -51.89 69.59
C LEU J 386 -5.97 -51.22 68.32
N ASP J 387 -4.91 -50.44 68.41
CA ASP J 387 -4.38 -49.71 67.26
C ASP J 387 -2.98 -50.24 67.02
N ILE J 388 -2.38 -50.74 68.07
CA ILE J 388 -1.03 -51.28 68.05
C ILE J 388 -1.10 -52.75 68.46
N GLY J 389 -0.45 -53.60 67.67
CA GLY J 389 -0.24 -54.96 68.13
C GLY J 389 -1.12 -55.99 67.46
N PHE J 390 -2.10 -56.51 68.21
CA PHE J 390 -2.76 -57.76 67.85
C PHE J 390 -3.58 -57.60 66.57
N ILE J 391 -4.02 -56.37 66.31
CA ILE J 391 -4.71 -56.12 65.06
C ILE J 391 -3.70 -55.72 63.98
N LYS J 392 -2.52 -55.23 64.37
CA LYS J 392 -1.49 -54.95 63.39
C LYS J 392 -0.82 -56.24 62.94
N ASN J 393 -0.82 -57.26 63.81
CA ASN J 393 -0.17 -58.53 63.50
C ASN J 393 -0.90 -59.26 62.38
N TYR J 394 -2.22 -59.34 62.46
CA TYR J 394 -2.96 -60.28 61.62
C TYR J 394 -3.06 -59.84 60.20
N LEU J 395 -2.62 -58.63 59.87
CA LEU J 395 -2.70 -58.12 58.51
C LEU J 395 -1.33 -58.01 57.85
N CYS J 396 -0.24 -58.21 58.58
CA CYS J 396 1.08 -58.07 57.97
C CYS J 396 1.33 -59.23 57.02
N GLU J 397 2.05 -58.92 55.93
CA GLU J 397 2.16 -59.85 54.82
C GLU J 397 3.05 -61.05 55.20
N THR J 398 4.10 -60.79 55.95
CA THR J 398 4.93 -61.79 56.58
C THR J 398 4.32 -62.08 57.94
N CYS J 399 5.14 -62.61 58.86
CA CYS J 399 4.99 -62.46 60.31
C CYS J 399 3.66 -62.87 60.94
N GLU J 400 2.81 -63.58 60.20
CA GLU J 400 1.62 -64.18 60.76
C GLU J 400 1.18 -65.30 59.83
N THR J 401 0.70 -66.38 60.43
CA THR J 401 0.13 -67.51 59.71
C THR J 401 -1.19 -67.96 60.33
N VAL J 402 -1.59 -67.33 61.44
CA VAL J 402 -2.71 -67.82 62.25
C VAL J 402 -4.06 -67.58 61.61
N SER J 403 -4.14 -66.75 60.58
CA SER J 403 -5.36 -66.58 59.81
C SER J 403 -4.97 -66.59 58.34
N SER J 404 -5.92 -66.19 57.51
CA SER J 404 -5.77 -66.36 56.07
C SER J 404 -5.41 -65.07 55.36
N PHE J 405 -5.73 -63.93 55.95
CA PHE J 405 -5.70 -62.66 55.23
C PHE J 405 -4.36 -61.96 55.43
N ASN J 406 -3.81 -61.44 54.34
CA ASN J 406 -2.59 -60.65 54.37
C ASN J 406 -2.76 -59.45 53.45
N ILE J 407 -2.19 -58.33 53.85
CA ILE J 407 -2.26 -57.10 53.08
C ILE J 407 -0.86 -56.83 52.54
N VAL J 408 -0.77 -56.35 51.30
CA VAL J 408 0.45 -56.44 50.51
C VAL J 408 1.57 -55.59 51.10
N ASP J 409 1.31 -54.32 51.37
CA ASP J 409 2.39 -53.41 51.68
C ASP J 409 2.22 -52.94 53.13
N PHE J 410 1.89 -53.86 54.01
CA PHE J 410 1.37 -53.54 55.34
C PHE J 410 2.46 -53.79 56.38
N LEU J 411 3.33 -52.82 56.59
CA LEU J 411 4.50 -53.01 57.42
C LEU J 411 4.17 -52.73 58.87
N LEU J 412 4.97 -53.32 59.77
CA LEU J 412 4.82 -53.09 61.20
C LEU J 412 5.23 -51.68 61.58
N SER J 413 4.22 -50.82 61.81
CA SER J 413 4.35 -49.42 62.27
C SER J 413 5.07 -48.55 61.25
N GLU J 414 5.24 -49.07 60.04
CA GLU J 414 6.09 -48.48 59.02
C GLU J 414 5.43 -48.63 57.66
N GLY J 415 4.20 -49.13 57.64
CA GLY J 415 3.44 -49.25 56.41
C GLY J 415 3.09 -47.87 55.92
N SER J 416 3.81 -47.40 54.92
CA SER J 416 3.70 -46.00 54.55
C SER J 416 2.44 -45.78 53.74
N PHE J 417 2.00 -46.77 52.99
CA PHE J 417 0.80 -46.57 52.20
C PHE J 417 -0.39 -47.36 52.72
N MET J 418 -0.26 -48.69 52.81
CA MET J 418 -1.44 -49.51 53.09
C MET J 418 -1.82 -49.49 54.56
N SER J 419 -0.88 -49.31 55.47
CA SER J 419 -1.26 -49.14 56.87
C SER J 419 -1.97 -47.81 57.07
N ASP J 420 -1.62 -46.82 56.25
CA ASP J 420 -2.37 -45.57 56.28
C ASP J 420 -3.67 -45.69 55.50
N TYR J 421 -3.68 -46.54 54.47
CA TYR J 421 -4.91 -46.69 53.69
C TYR J 421 -5.95 -47.47 54.46
N ILE J 422 -5.56 -48.59 55.05
CA ILE J 422 -6.54 -49.44 55.70
C ILE J 422 -7.03 -48.83 57.01
N LEU J 423 -6.15 -48.16 57.75
CA LEU J 423 -6.52 -47.66 59.06
C LEU J 423 -7.03 -46.22 59.07
N GLN J 424 -6.73 -45.41 58.07
CA GLN J 424 -7.05 -44.00 58.21
C GLN J 424 -7.97 -43.48 57.12
N TYR J 425 -8.04 -44.14 55.98
CA TYR J 425 -8.77 -43.58 54.85
C TYR J 425 -10.25 -43.86 55.02
N GLU J 426 -11.05 -42.79 55.13
CA GLU J 426 -12.43 -42.91 55.58
C GLU J 426 -13.32 -43.56 54.53
N HIS J 427 -13.23 -43.13 53.28
CA HIS J 427 -14.11 -43.68 52.25
C HIS J 427 -13.48 -44.93 51.68
N ARG J 428 -13.97 -46.09 52.08
CA ARG J 428 -13.43 -47.35 51.59
C ARG J 428 -14.57 -48.34 51.54
N ASN J 429 -14.85 -48.89 50.36
CA ASN J 429 -16.01 -49.76 50.20
C ASN J 429 -15.82 -51.09 50.91
N SER J 430 -16.92 -51.57 51.49
CA SER J 430 -16.92 -52.90 52.08
C SER J 430 -16.92 -53.95 50.99
N LEU J 431 -16.29 -55.08 51.31
CA LEU J 431 -16.22 -56.20 50.38
C LEU J 431 -17.36 -57.18 50.59
N LEU J 432 -17.74 -57.39 51.84
CA LEU J 432 -18.86 -58.26 52.14
C LEU J 432 -20.17 -57.59 51.75
N ARG J 433 -20.84 -58.14 50.76
CA ARG J 433 -21.99 -57.49 50.16
C ARG J 433 -23.19 -58.43 50.21
N PHE J 434 -24.34 -57.88 50.54
CA PHE J 434 -25.57 -58.64 50.60
C PHE J 434 -26.52 -58.11 49.54
N LYS J 435 -27.51 -58.92 49.16
CA LYS J 435 -28.40 -58.55 48.07
C LYS J 435 -29.65 -59.41 48.13
N LEU J 436 -30.80 -58.76 48.03
CA LEU J 436 -32.08 -59.43 48.18
C LEU J 436 -32.76 -59.50 46.83
N ILE J 437 -33.23 -60.68 46.44
CA ILE J 437 -33.69 -60.90 45.07
C ILE J 437 -35.04 -61.59 45.11
N SER J 438 -36.02 -60.99 44.45
CA SER J 438 -37.26 -61.69 44.12
C SER J 438 -37.40 -61.73 42.62
N ASP J 439 -38.51 -62.26 42.15
CA ASP J 439 -38.75 -62.41 40.71
C ASP J 439 -40.23 -62.14 40.44
N ASN J 440 -40.71 -62.61 39.28
CA ASN J 440 -42.13 -62.63 39.00
C ASN J 440 -42.91 -63.44 40.04
N SER J 441 -42.36 -64.55 40.50
CA SER J 441 -42.93 -65.26 41.63
C SER J 441 -42.57 -64.56 42.94
N ASN J 442 -42.87 -65.19 44.05
CA ASN J 442 -42.53 -64.64 45.35
C ASN J 442 -41.35 -65.36 45.99
N ASN J 443 -40.34 -65.68 45.19
CA ASN J 443 -39.21 -66.44 45.65
C ASN J 443 -38.07 -65.49 46.01
N SER J 444 -37.74 -65.43 47.29
CA SER J 444 -36.92 -64.35 47.83
C SER J 444 -35.62 -64.90 48.36
N TYR J 445 -34.50 -64.39 47.84
CA TYR J 445 -33.21 -64.97 48.17
C TYR J 445 -32.20 -63.90 48.53
N LEU J 446 -31.49 -64.13 49.63
CA LEU J 446 -30.33 -63.33 49.99
C LEU J 446 -29.17 -63.89 49.19
N ILE J 447 -28.43 -63.03 48.53
CA ILE J 447 -27.07 -63.35 48.09
C ILE J 447 -26.11 -62.72 49.06
N GLY J 448 -25.22 -63.51 49.62
CA GLY J 448 -24.12 -62.91 50.34
C GLY J 448 -22.86 -63.17 49.55
N TYR J 449 -22.03 -62.16 49.33
CA TYR J 449 -20.78 -62.39 48.63
C TYR J 449 -19.72 -61.40 49.06
N ILE J 450 -18.48 -61.73 48.71
CA ILE J 450 -17.33 -60.92 49.03
C ILE J 450 -16.60 -60.62 47.74
N LEU J 451 -16.39 -59.34 47.46
CA LEU J 451 -15.54 -58.95 46.36
C LEU J 451 -14.09 -59.22 46.72
N HIS J 452 -13.35 -59.74 45.76
CA HIS J 452 -11.98 -60.16 46.00
C HIS J 452 -11.04 -59.04 45.59
N SER J 453 -10.40 -58.43 46.58
CA SER J 453 -9.65 -57.22 46.32
C SER J 453 -8.27 -57.54 45.75
N SER J 454 -7.47 -56.49 45.63
CA SER J 454 -6.12 -56.59 45.11
C SER J 454 -5.07 -56.54 46.19
N TYR J 455 -5.36 -55.92 47.33
CA TYR J 455 -4.40 -55.87 48.42
C TYR J 455 -4.34 -57.20 49.16
N PHE J 456 -5.28 -58.09 48.93
CA PHE J 456 -5.22 -59.40 49.55
C PHE J 456 -4.16 -60.22 48.86
N LYS J 457 -3.05 -60.41 49.55
CA LYS J 457 -2.07 -61.39 49.16
C LYS J 457 -2.38 -62.65 49.94
N LYS J 458 -2.39 -63.79 49.25
CA LYS J 458 -2.29 -65.12 49.87
C LYS J 458 -3.51 -65.41 50.76
N ILE J 459 -4.67 -64.94 50.34
CA ILE J 459 -5.92 -65.16 51.04
C ILE J 459 -6.41 -66.57 50.76
N ASP J 460 -6.83 -67.28 51.80
CA ASP J 460 -7.30 -68.64 51.66
C ASP J 460 -8.77 -68.65 51.25
N ILE J 461 -9.04 -69.27 50.10
CA ILE J 461 -10.40 -69.33 49.49
C ILE J 461 -11.29 -70.34 50.23
N LYS J 462 -10.79 -71.00 51.27
CA LYS J 462 -11.64 -71.97 51.99
C LYS J 462 -12.12 -71.34 53.30
N TYR J 463 -11.17 -70.97 54.13
CA TYR J 463 -11.38 -70.35 55.47
C TYR J 463 -12.50 -69.31 55.39
N VAL J 464 -12.33 -68.32 54.51
CA VAL J 464 -13.34 -67.23 54.38
C VAL J 464 -14.62 -67.81 53.80
N ARG J 465 -14.53 -68.81 52.91
CA ARG J 465 -15.74 -69.43 52.32
C ARG J 465 -16.47 -70.19 53.43
N CYS J 466 -15.72 -70.81 54.34
CA CYS J 466 -16.31 -71.53 55.50
C CYS J 466 -16.85 -70.48 56.49
N ILE J 467 -16.26 -69.29 56.52
CA ILE J 467 -16.79 -68.19 57.39
C ILE J 467 -17.94 -67.51 56.65
N LEU J 468 -17.99 -67.67 55.33
CA LEU J 468 -19.03 -67.00 54.52
C LEU J 468 -20.40 -67.63 54.78
N GLU J 469 -20.65 -68.82 54.21
CA GLU J 469 -21.98 -69.47 54.33
C GLU J 469 -22.47 -69.55 55.77
N LYS J 470 -21.59 -69.92 56.72
CA LYS J 470 -21.95 -70.02 58.15
C LYS J 470 -22.69 -68.74 58.56
N LEU J 471 -22.08 -67.58 58.30
CA LEU J 471 -22.73 -66.28 58.63
C LEU J 471 -24.11 -66.26 57.99
N THR J 472 -24.14 -66.50 56.68
CA THR J 472 -25.36 -66.38 55.90
C THR J 472 -26.49 -67.19 56.50
N TYR J 473 -26.18 -68.30 57.17
CA TYR J 473 -27.21 -69.00 57.94
C TYR J 473 -27.61 -68.20 59.16
N CYS J 474 -26.70 -67.41 59.71
CA CYS J 474 -27.01 -66.68 60.93
C CYS J 474 -27.92 -65.49 60.65
N VAL J 475 -27.84 -64.92 59.45
CA VAL J 475 -28.63 -63.75 59.12
C VAL J 475 -29.99 -64.14 58.57
N ILE J 476 -30.25 -65.43 58.40
CA ILE J 476 -31.47 -65.81 57.73
C ILE J 476 -32.16 -66.94 58.50
N PHE K 10 9.96 32.28 -101.45
CA PHE K 10 9.03 33.32 -101.04
C PHE K 10 8.06 32.79 -99.97
N LEU K 11 7.66 33.66 -99.04
CA LEU K 11 6.76 33.28 -97.96
C LEU K 11 5.94 34.50 -97.52
N ASP K 12 5.40 34.40 -96.29
CA ASP K 12 4.50 35.33 -95.61
C ASP K 12 3.13 35.36 -96.24
N TYR K 13 2.83 34.36 -97.07
CA TYR K 13 1.48 34.08 -97.54
C TYR K 13 0.90 32.85 -96.88
N LYS K 14 1.48 32.40 -95.76
CA LYS K 14 1.23 31.10 -95.11
C LYS K 14 -0.16 30.97 -94.52
N ILE K 15 -1.07 31.94 -94.67
CA ILE K 15 -2.42 31.80 -94.15
C ILE K 15 -3.12 30.65 -94.83
N ILE K 16 -2.98 30.56 -96.16
CA ILE K 16 -3.48 29.41 -96.89
C ILE K 16 -2.70 28.14 -96.57
N ALA K 17 -1.43 28.28 -96.15
CA ALA K 17 -0.70 27.12 -95.65
C ALA K 17 -1.18 26.74 -94.26
N LEU K 18 -1.58 27.74 -93.47
CA LEU K 18 -2.19 27.48 -92.18
C LEU K 18 -3.60 26.93 -92.38
N LEU K 19 -4.43 27.68 -93.10
CA LEU K 19 -5.83 27.30 -93.35
C LEU K 19 -5.89 26.42 -94.60
N HIS K 20 -5.07 25.37 -94.58
CA HIS K 20 -5.14 24.32 -95.60
C HIS K 20 -6.40 23.49 -95.45
N ASP K 21 -6.94 23.46 -94.25
CA ASP K 21 -8.19 22.81 -93.91
C ASP K 21 -9.13 23.89 -93.39
N PRO K 22 -10.43 23.65 -93.40
CA PRO K 22 -11.34 24.54 -92.70
C PRO K 22 -11.20 24.37 -91.20
N PRO K 23 -11.57 25.38 -90.42
CA PRO K 23 -11.58 25.22 -88.96
C PRO K 23 -12.86 24.57 -88.45
N ASN K 24 -13.68 24.09 -89.37
CA ASN K 24 -14.87 23.30 -89.06
C ASN K 24 -14.63 21.83 -89.38
N LYS K 25 -13.45 21.31 -89.03
CA LYS K 25 -12.96 20.04 -89.58
C LYS K 25 -13.68 18.84 -88.97
N ALA K 26 -14.38 19.02 -87.84
CA ALA K 26 -15.15 17.94 -87.24
C ALA K 26 -16.58 17.86 -87.76
N TRP K 27 -16.91 18.62 -88.79
CA TRP K 27 -18.22 18.55 -89.42
C TRP K 27 -18.06 18.33 -90.93
N VAL K 28 -16.85 17.94 -91.34
CA VAL K 28 -16.49 17.81 -92.74
C VAL K 28 -15.99 16.42 -93.09
N ILE K 29 -15.06 15.85 -92.32
CA ILE K 29 -14.40 14.60 -92.69
C ILE K 29 -15.40 13.47 -92.51
N THR K 30 -16.04 13.10 -93.61
CA THR K 30 -16.82 11.88 -93.75
C THR K 30 -17.98 11.82 -92.74
N GLY K 31 -18.98 12.67 -92.96
CA GLY K 31 -20.21 12.57 -92.21
C GLY K 31 -20.40 13.70 -91.21
N ARG K 32 -21.55 13.62 -90.53
CA ARG K 32 -22.02 14.57 -89.52
C ARG K 32 -22.11 15.97 -90.14
N ALA K 33 -23.07 16.13 -91.05
CA ALA K 33 -23.41 17.44 -91.57
C ALA K 33 -24.19 18.22 -90.52
N ALA K 53 -13.33 19.64 -97.37
CA ALA K 53 -13.04 21.06 -97.38
C ALA K 53 -14.27 21.87 -97.75
N LYS K 54 -15.15 22.05 -96.76
CA LYS K 54 -16.48 22.66 -96.96
C LYS K 54 -16.35 24.09 -97.48
N TYR K 55 -15.44 24.86 -96.91
CA TYR K 55 -14.98 26.15 -97.40
C TYR K 55 -13.47 26.08 -97.55
N ILE K 56 -12.92 26.84 -98.48
CA ILE K 56 -11.47 26.85 -98.62
C ILE K 56 -10.90 28.23 -98.32
N ILE K 57 -11.21 29.23 -99.15
CA ILE K 57 -10.50 30.51 -99.09
C ILE K 57 -11.37 31.60 -99.72
N ASN K 58 -11.32 32.80 -99.13
CA ASN K 58 -12.14 33.92 -99.59
C ASN K 58 -11.35 35.22 -99.54
N GLN K 59 -10.05 35.15 -99.26
CA GLN K 59 -9.22 36.34 -99.38
C GLN K 59 -7.86 36.06 -100.00
N LEU K 60 -7.63 34.87 -100.55
CA LEU K 60 -6.40 34.57 -101.27
C LEU K 60 -6.73 33.44 -102.24
N PHE K 61 -5.72 32.94 -102.94
CA PHE K 61 -5.90 31.81 -103.84
C PHE K 61 -6.06 30.51 -103.07
N GLY K 62 -6.21 29.42 -103.82
CA GLY K 62 -6.18 28.10 -103.21
C GLY K 62 -4.81 27.77 -102.65
N LYS K 63 -4.78 26.78 -101.74
CA LYS K 63 -3.61 26.52 -100.91
C LYS K 63 -2.43 26.05 -101.74
N ASN K 64 -1.24 26.47 -101.33
CA ASN K 64 -0.03 26.30 -102.10
C ASN K 64 0.42 24.86 -102.01
N TYR K 65 0.16 24.08 -103.06
CA TYR K 65 0.75 22.76 -103.13
C TYR K 65 0.94 22.37 -104.58
N SER K 66 2.06 21.72 -104.83
CA SER K 66 2.12 20.58 -105.72
C SER K 66 2.33 19.31 -104.92
N GLU K 67 3.22 19.34 -103.92
CA GLU K 67 3.26 18.37 -102.85
C GLU K 67 3.63 19.07 -101.54
N LYS K 68 3.55 20.41 -101.52
CA LYS K 68 4.23 21.20 -100.50
C LYS K 68 3.46 21.26 -99.19
N VAL K 69 2.27 21.87 -99.19
CA VAL K 69 1.49 21.97 -97.95
C VAL K 69 0.87 20.65 -97.57
N ASP K 70 0.79 19.72 -98.52
CA ASP K 70 0.24 18.40 -98.24
C ASP K 70 1.20 17.57 -97.42
N ASN K 71 2.49 17.56 -97.79
CA ASN K 71 3.52 16.96 -96.94
C ASN K 71 3.69 17.75 -95.66
N ALA K 72 3.43 19.06 -95.70
CA ALA K 72 3.45 19.87 -94.49
C ALA K 72 2.30 19.52 -93.56
N ASP K 73 1.24 18.91 -94.10
CA ASP K 73 0.20 18.38 -93.24
C ASP K 73 0.58 16.99 -92.72
N LYS K 74 1.23 16.19 -93.57
CA LYS K 74 1.52 14.81 -93.18
C LYS K 74 2.73 14.69 -92.25
N LEU K 75 3.52 15.74 -92.07
CA LEU K 75 4.58 15.70 -91.08
C LEU K 75 4.25 16.46 -89.80
N ALA K 76 3.01 16.92 -89.66
CA ALA K 76 2.73 17.85 -88.57
C ALA K 76 2.23 17.13 -87.32
N SER K 77 1.58 15.97 -87.48
CA SER K 77 0.93 15.33 -86.35
C SER K 77 1.29 13.85 -86.30
N SER K 78 1.17 13.26 -85.11
CA SER K 78 1.48 11.86 -84.89
C SER K 78 0.32 10.94 -85.25
N ILE K 79 -0.83 11.49 -85.62
CA ILE K 79 -1.92 10.71 -86.18
C ILE K 79 -1.57 10.21 -87.57
N ASP K 80 -0.58 10.83 -88.21
CA ASP K 80 -0.24 10.58 -89.60
C ASP K 80 0.46 9.26 -89.80
N ARG K 81 0.92 8.62 -88.73
CA ARG K 81 1.42 7.26 -88.80
C ARG K 81 0.87 6.37 -87.70
N TYR K 82 0.14 6.93 -86.74
CA TYR K 82 -0.68 6.18 -85.81
C TYR K 82 -1.62 5.24 -86.56
N LEU K 83 -2.32 5.78 -87.56
CA LEU K 83 -3.21 5.04 -88.43
C LEU K 83 -2.68 4.92 -89.85
N GLY K 84 -1.37 5.09 -90.06
CA GLY K 84 -0.80 5.03 -91.39
C GLY K 84 -0.92 6.36 -92.12
N SER K 85 -0.14 6.47 -93.20
CA SER K 85 -0.01 7.74 -93.92
C SER K 85 -1.22 8.06 -94.78
N ILE K 86 -1.68 7.11 -95.59
CA ILE K 86 -2.70 7.39 -96.58
C ILE K 86 -4.10 7.37 -95.99
N VAL K 87 -4.30 6.70 -94.86
CA VAL K 87 -5.58 6.74 -94.15
C VAL K 87 -5.80 8.12 -93.54
N TYR K 88 -4.73 8.85 -93.26
CA TYR K 88 -4.83 10.26 -92.92
C TYR K 88 -5.35 11.12 -94.07
N LYS K 89 -5.16 10.69 -95.32
CA LYS K 89 -5.66 11.46 -96.45
C LYS K 89 -6.80 10.78 -97.20
N GLU K 90 -7.02 9.47 -97.01
CA GLU K 90 -8.19 8.85 -97.61
C GLU K 90 -9.46 9.23 -96.86
N ARG K 91 -9.32 9.62 -95.60
CA ARG K 91 -10.35 10.25 -94.73
C ARG K 91 -11.63 9.43 -94.56
N SER K 92 -11.58 8.16 -94.99
CA SER K 92 -12.61 7.19 -94.64
C SER K 92 -12.08 5.76 -94.76
N LEU K 93 -11.65 5.18 -93.64
CA LEU K 93 -11.39 3.74 -93.58
C LEU K 93 -12.00 3.18 -92.31
N PHE K 94 -12.08 4.02 -91.29
CA PHE K 94 -12.72 3.63 -90.04
C PHE K 94 -13.52 4.83 -89.54
N GLU K 95 -14.32 5.42 -90.42
CA GLU K 95 -14.89 6.74 -90.18
C GLU K 95 -15.93 6.71 -89.06
N ASN K 96 -16.27 7.88 -88.55
CA ASN K 96 -17.19 8.04 -87.44
C ASN K 96 -18.05 9.28 -87.65
N ARG K 97 -19.31 9.19 -87.24
CA ARG K 97 -20.20 10.34 -87.19
C ARG K 97 -20.74 10.58 -85.79
N SER K 98 -20.15 9.97 -84.77
CA SER K 98 -20.41 10.31 -83.36
C SER K 98 -19.10 10.80 -82.77
N ILE K 99 -19.05 12.08 -82.42
CA ILE K 99 -17.76 12.75 -82.26
C ILE K 99 -17.53 13.08 -80.80
N PHE K 100 -16.42 12.58 -80.27
CA PHE K 100 -15.92 12.87 -78.94
C PHE K 100 -14.65 13.71 -79.07
N LEU K 101 -13.97 13.90 -77.93
CA LEU K 101 -12.72 14.64 -77.89
C LEU K 101 -11.90 14.16 -76.70
N LYS K 102 -10.58 14.11 -76.89
CA LYS K 102 -9.71 13.56 -75.86
C LYS K 102 -8.63 14.57 -75.50
N ASN K 103 -7.93 14.28 -74.42
CA ASN K 103 -6.74 15.02 -74.03
C ASN K 103 -5.52 14.39 -74.69
N ILE K 104 -4.49 15.20 -74.90
CA ILE K 104 -3.34 14.75 -75.68
C ILE K 104 -2.43 13.90 -74.81
N LEU K 105 -2.25 14.28 -73.57
CA LEU K 105 -1.42 13.49 -72.67
C LEU K 105 -2.11 12.22 -72.19
N LEU K 106 -3.41 12.28 -71.91
CA LEU K 106 -4.09 11.18 -71.26
C LEU K 106 -5.48 11.04 -71.86
N SER K 107 -5.68 9.95 -72.61
CA SER K 107 -6.90 9.75 -73.38
C SER K 107 -7.89 8.84 -72.68
N ASN K 108 -7.88 8.83 -71.35
CA ASN K 108 -8.96 8.25 -70.57
C ASN K 108 -10.03 9.27 -70.24
N ILE K 109 -9.97 10.45 -70.85
CA ILE K 109 -10.88 11.55 -70.54
C ILE K 109 -11.61 11.92 -71.81
N GLN K 110 -12.88 11.53 -71.92
CA GLN K 110 -13.71 11.77 -73.08
C GLN K 110 -14.41 13.11 -72.93
N ARG K 111 -14.33 13.94 -73.95
CA ARG K 111 -14.99 15.24 -73.93
C ARG K 111 -15.94 15.32 -75.12
N ASP K 112 -17.10 15.91 -74.90
CA ASP K 112 -18.18 15.90 -75.87
C ASP K 112 -18.34 17.27 -76.52
N ILE K 113 -18.68 17.27 -77.80
CA ILE K 113 -19.03 18.49 -78.52
C ILE K 113 -20.42 18.42 -79.18
N GLY K 114 -20.92 17.23 -79.51
CA GLY K 114 -22.32 17.00 -79.80
C GLY K 114 -22.86 17.66 -81.07
N ASN K 115 -24.13 18.09 -80.98
CA ASN K 115 -24.89 18.69 -82.08
C ASN K 115 -24.46 20.10 -82.41
N LEU K 116 -23.78 20.79 -81.50
CA LEU K 116 -23.52 22.21 -81.69
C LEU K 116 -22.29 22.42 -82.56
N PHE K 117 -22.45 23.33 -83.52
CA PHE K 117 -21.38 23.83 -84.37
C PHE K 117 -21.67 25.29 -84.62
N PRO K 118 -20.64 26.10 -84.95
CA PRO K 118 -20.91 27.49 -85.35
C PRO K 118 -21.79 27.52 -86.59
N LYS K 119 -22.61 28.57 -86.68
CA LYS K 119 -24.04 28.47 -86.99
C LYS K 119 -24.34 28.16 -88.45
N ASP K 120 -25.60 28.46 -88.82
CA ASP K 120 -26.29 28.06 -90.05
C ASP K 120 -25.49 28.25 -91.35
N LYS K 121 -25.86 27.44 -92.35
CA LYS K 121 -25.05 27.25 -93.55
C LYS K 121 -25.01 28.52 -94.41
N SER K 122 -25.94 29.45 -94.19
CA SER K 122 -25.91 30.75 -94.84
C SER K 122 -25.31 31.85 -93.97
N LYS K 123 -25.09 31.60 -92.67
CA LYS K 123 -24.28 32.48 -91.83
C LYS K 123 -22.98 31.78 -91.43
N LEU K 124 -22.63 30.70 -92.13
CA LEU K 124 -21.40 29.94 -91.96
C LEU K 124 -20.17 30.75 -92.35
N ASP K 125 -20.33 31.76 -93.19
CA ASP K 125 -19.23 32.56 -93.73
C ASP K 125 -19.24 34.01 -93.26
N ASN K 126 -20.14 34.39 -92.34
CA ASN K 126 -20.03 35.69 -91.69
C ASN K 126 -18.75 35.77 -90.87
N LEU K 127 -18.41 34.68 -90.17
CA LEU K 127 -17.18 34.56 -89.41
C LEU K 127 -15.96 34.51 -90.32
N ILE K 128 -16.13 34.17 -91.59
CA ILE K 128 -15.08 34.36 -92.57
C ILE K 128 -14.97 35.83 -92.95
N LEU K 129 -16.11 36.53 -93.01
CA LEU K 129 -16.08 37.97 -93.29
C LEU K 129 -15.64 38.77 -92.07
N GLU K 130 -15.80 38.22 -90.86
CA GLU K 130 -15.32 38.93 -89.68
C GLU K 130 -13.81 38.75 -89.48
N TYR K 131 -13.15 37.94 -90.31
CA TYR K 131 -11.72 38.16 -90.57
C TYR K 131 -11.47 39.54 -91.14
N LYS K 132 -12.37 39.99 -92.03
CA LYS K 132 -12.10 41.08 -92.95
C LYS K 132 -12.60 42.42 -92.43
N LYS K 133 -12.63 42.61 -91.11
CA LYS K 133 -12.95 43.91 -90.54
C LYS K 133 -11.73 44.81 -90.39
N LEU K 134 -10.53 44.24 -90.39
CA LEU K 134 -9.34 45.09 -90.38
C LEU K 134 -8.41 44.66 -91.51
N LEU K 135 -8.40 43.36 -91.83
CA LEU K 135 -7.43 42.83 -92.78
C LEU K 135 -7.85 43.07 -94.23
N ASN K 136 -9.03 43.65 -94.45
CA ASN K 136 -9.38 44.22 -95.74
C ASN K 136 -9.98 45.63 -95.61
N VAL K 137 -9.65 46.35 -94.55
CA VAL K 137 -9.65 47.81 -94.60
C VAL K 137 -8.26 48.36 -94.83
N ILE K 138 -7.23 47.56 -94.56
CA ILE K 138 -5.84 47.90 -94.82
C ILE K 138 -5.40 47.08 -96.02
N ASN K 139 -4.58 47.68 -96.87
CA ASN K 139 -4.19 47.11 -98.15
C ASN K 139 -3.35 45.85 -98.00
N LYS K 140 -3.58 44.89 -98.89
CA LYS K 140 -2.92 43.59 -98.84
C LYS K 140 -1.62 43.57 -99.63
N THR K 141 -1.05 44.74 -99.93
CA THR K 141 0.15 44.78 -100.77
C THR K 141 1.37 44.21 -100.06
N ASN K 142 1.55 44.55 -98.79
CA ASN K 142 2.62 44.00 -97.98
C ASN K 142 2.12 42.82 -97.16
N LEU K 143 3.01 41.86 -96.90
CA LEU K 143 2.65 40.62 -96.23
C LEU K 143 3.32 40.50 -94.87
N ILE K 144 4.02 41.55 -94.43
CA ILE K 144 4.63 41.57 -93.10
C ILE K 144 3.71 42.16 -92.05
N LEU K 145 2.56 42.69 -92.46
CA LEU K 145 1.59 43.24 -91.54
C LEU K 145 0.36 42.37 -91.41
N LYS K 146 0.05 41.55 -92.43
CA LYS K 146 -1.12 40.68 -92.36
C LYS K 146 -0.86 39.46 -91.50
N TYR K 147 0.20 38.72 -91.81
CA TYR K 147 0.56 37.42 -91.23
C TYR K 147 0.80 37.49 -89.73
N GLN K 148 1.13 38.68 -89.22
CA GLN K 148 1.31 38.88 -87.79
C GLN K 148 0.04 39.33 -87.09
N LEU K 149 -0.81 40.07 -87.79
CA LEU K 149 -2.03 40.54 -87.15
C LEU K 149 -3.10 39.47 -87.22
N PHE K 150 -2.94 38.51 -88.13
CA PHE K 150 -3.92 37.44 -88.24
C PHE K 150 -3.68 36.35 -87.20
N TYR K 151 -2.44 36.21 -86.72
CA TYR K 151 -2.10 35.08 -85.85
C TYR K 151 -2.70 35.24 -84.45
N LEU K 152 -2.64 36.44 -83.90
CA LEU K 152 -3.03 36.63 -82.50
C LEU K 152 -4.53 36.55 -82.28
N ILE K 153 -5.32 37.20 -83.15
CA ILE K 153 -6.76 37.26 -82.98
C ILE K 153 -7.49 36.11 -83.67
N TYR K 154 -6.77 35.07 -84.07
CA TYR K 154 -7.35 33.99 -84.86
C TYR K 154 -8.27 33.11 -84.02
N GLU K 155 -7.79 32.62 -82.88
CA GLU K 155 -8.69 31.91 -81.97
C GLU K 155 -9.71 32.84 -81.35
N LEU K 156 -9.33 34.09 -81.08
CA LEU K 156 -10.13 34.98 -80.27
C LEU K 156 -11.42 35.42 -80.96
N VAL K 157 -11.41 35.53 -82.30
CA VAL K 157 -12.64 35.86 -83.01
C VAL K 157 -13.51 34.62 -83.26
N TRP K 158 -12.92 33.43 -83.22
CA TRP K 158 -13.70 32.21 -83.45
C TRP K 158 -14.37 31.72 -82.18
N ILE K 159 -13.71 31.88 -81.03
CA ILE K 159 -14.27 31.43 -79.77
C ILE K 159 -15.50 32.22 -79.36
N ASP K 160 -15.66 33.44 -79.88
CA ASP K 160 -16.83 34.23 -79.51
C ASP K 160 -18.05 33.83 -80.31
N SER K 161 -17.90 32.90 -81.26
CA SER K 161 -19.00 32.19 -81.88
C SER K 161 -19.04 30.71 -81.50
N LYS K 162 -18.16 30.29 -80.58
CA LYS K 162 -18.34 29.10 -79.77
C LYS K 162 -18.36 27.77 -80.55
N TYR K 163 -17.21 27.40 -81.11
CA TYR K 163 -17.02 26.20 -81.93
C TYR K 163 -16.59 24.96 -81.14
N GLU K 164 -16.19 25.13 -79.87
CA GLU K 164 -15.97 24.04 -78.89
C GLU K 164 -14.74 23.19 -79.24
N ASN K 165 -13.68 23.87 -79.73
CA ASN K 165 -12.32 23.39 -79.97
C ASN K 165 -12.23 21.99 -80.57
N THR K 166 -12.71 21.85 -81.80
CA THR K 166 -12.92 20.56 -82.40
C THR K 166 -11.59 19.86 -82.70
N PRO K 167 -11.57 18.52 -82.72
CA PRO K 167 -10.31 17.83 -83.05
C PRO K 167 -9.92 17.93 -84.50
N SER K 168 -8.67 17.60 -84.80
CA SER K 168 -8.22 17.56 -86.17
C SER K 168 -8.73 16.31 -86.87
N ASP K 169 -8.50 15.15 -86.27
CA ASP K 169 -8.89 13.87 -86.86
C ASP K 169 -10.04 13.27 -86.08
N THR K 170 -11.09 12.86 -86.79
CA THR K 170 -12.26 12.26 -86.18
C THR K 170 -11.99 10.86 -85.66
N ARG K 171 -11.20 10.07 -86.37
CA ARG K 171 -10.80 8.73 -85.95
C ARG K 171 -9.91 8.76 -84.71
N ASN K 172 -9.14 9.84 -84.53
CA ASN K 172 -8.23 9.99 -83.40
C ASN K 172 -8.32 11.41 -82.86
N PRO K 173 -9.25 11.71 -81.96
CA PRO K 173 -9.42 13.09 -81.50
C PRO K 173 -8.46 13.51 -80.38
N THR K 174 -7.16 13.27 -80.58
CA THR K 174 -6.13 13.59 -79.60
C THR K 174 -5.23 14.73 -80.07
N HIS K 175 -5.78 15.70 -80.82
CA HIS K 175 -5.10 16.92 -81.20
C HIS K 175 -6.16 17.99 -81.39
N THR K 176 -6.03 19.10 -80.68
CA THR K 176 -6.88 20.23 -81.04
C THR K 176 -6.41 20.81 -82.36
N ILE K 177 -7.35 21.43 -83.08
CA ILE K 177 -7.14 21.72 -84.50
C ILE K 177 -6.17 22.88 -84.68
N PHE K 178 -6.25 23.90 -83.82
CA PHE K 178 -5.34 25.03 -83.89
C PHE K 178 -3.91 24.61 -83.60
N ASP K 179 -3.73 23.63 -82.73
CA ASP K 179 -2.42 23.04 -82.47
C ASP K 179 -1.92 22.21 -83.63
N HIS K 180 -2.79 21.80 -84.55
CA HIS K 180 -2.39 21.29 -85.84
C HIS K 180 -2.41 22.36 -86.91
N LEU K 181 -3.29 23.37 -86.78
CA LEU K 181 -3.25 24.50 -87.70
C LEU K 181 -2.01 25.36 -87.47
N TYR K 182 -1.68 25.65 -86.23
CA TYR K 182 -0.47 26.43 -86.01
C TYR K 182 0.79 25.61 -86.24
N ALA K 183 0.71 24.28 -86.21
CA ALA K 183 1.86 23.48 -86.56
C ALA K 183 2.10 23.47 -88.06
N THR K 184 1.03 23.38 -88.86
CA THR K 184 1.20 23.21 -90.30
C THR K 184 1.60 24.51 -90.99
N ALA K 185 1.61 25.61 -90.27
CA ALA K 185 2.23 26.84 -90.74
C ALA K 185 3.56 27.11 -90.09
N ALA K 186 3.82 26.52 -88.92
CA ALA K 186 5.12 26.67 -88.30
C ALA K 186 6.18 25.91 -89.08
N MET K 187 5.93 24.63 -89.34
CA MET K 187 6.89 23.87 -90.12
C MET K 187 6.74 24.09 -91.62
N MET K 188 5.89 25.05 -92.03
CA MET K 188 5.96 25.57 -93.39
C MET K 188 7.24 26.37 -93.59
N ASN K 189 7.85 26.83 -92.50
CA ASN K 189 9.18 27.45 -92.57
C ASN K 189 10.24 26.43 -92.97
N TRP K 190 9.99 25.14 -92.76
CA TRP K 190 10.87 24.14 -93.35
C TRP K 190 10.50 23.82 -94.79
N ILE K 191 9.22 23.95 -95.14
CA ILE K 191 8.81 23.62 -96.50
C ILE K 191 9.27 24.71 -97.47
N LEU K 192 9.14 25.96 -97.07
CA LEU K 192 9.50 27.05 -97.96
C LEU K 192 10.98 27.38 -97.86
N SER K 193 11.72 26.71 -96.98
CA SER K 193 13.17 26.83 -96.99
C SER K 193 13.83 25.77 -97.85
N LEU K 194 13.12 24.70 -98.17
CA LEU K 194 13.63 23.65 -99.04
C LEU K 194 13.33 23.91 -100.52
N GLU K 195 13.01 25.15 -100.88
CA GLU K 195 12.64 25.46 -102.23
C GLU K 195 13.61 26.43 -102.91
N LYS K 196 14.84 26.53 -102.43
CA LYS K 196 15.91 27.16 -103.21
C LYS K 196 16.92 26.14 -103.68
N GLU K 197 17.65 25.49 -102.79
CA GLU K 197 18.12 24.14 -103.08
C GLU K 197 17.94 23.18 -101.90
N ALA K 198 18.43 23.57 -100.71
CA ALA K 198 18.30 22.83 -99.47
C ALA K 198 18.78 23.67 -98.28
N LYS K 199 17.88 24.01 -97.35
CA LYS K 199 18.24 24.64 -96.08
C LYS K 199 17.23 24.18 -95.04
N GLY K 200 17.16 24.92 -93.95
CA GLY K 200 16.18 24.64 -92.91
C GLY K 200 16.88 24.44 -91.59
N TYR K 201 16.23 24.87 -90.51
CA TYR K 201 16.91 25.00 -89.23
C TYR K 201 15.96 24.83 -88.05
N LEU K 202 16.52 24.28 -86.98
CA LEU K 202 16.03 24.46 -85.60
C LEU K 202 17.08 25.27 -84.86
N LEU K 203 16.64 26.11 -83.95
CA LEU K 203 17.55 26.92 -83.16
C LEU K 203 16.98 27.12 -81.76
N GLY K 204 17.58 26.45 -80.78
CA GLY K 204 17.16 26.58 -79.41
C GLY K 204 18.09 27.48 -78.62
N ILE K 205 17.53 28.39 -77.84
CA ILE K 205 18.30 29.34 -77.05
C ILE K 205 17.99 29.12 -75.58
N ASP K 206 19.03 28.99 -74.76
CA ASP K 206 18.86 28.94 -73.32
C ASP K 206 19.80 29.93 -72.69
N THR K 207 19.35 30.62 -71.64
CA THR K 207 20.24 31.45 -70.86
C THR K 207 21.14 30.60 -69.97
N ILE K 208 22.21 31.21 -69.48
CA ILE K 208 23.26 30.47 -68.78
C ILE K 208 22.78 29.99 -67.42
N GLY K 209 22.47 30.91 -66.52
CA GLY K 209 21.94 30.53 -65.23
C GLY K 209 21.02 31.59 -64.70
N VAL K 210 19.77 31.20 -64.45
CA VAL K 210 18.75 32.17 -64.11
C VAL K 210 18.85 32.60 -62.67
N ALA K 211 18.65 31.63 -61.76
CA ALA K 211 18.25 31.88 -60.39
C ALA K 211 19.34 32.55 -59.57
N ASP K 212 20.61 32.33 -59.90
CA ASP K 212 21.67 33.00 -59.17
C ASP K 212 21.72 34.47 -59.54
N PHE K 213 21.43 34.79 -60.79
CA PHE K 213 21.28 36.20 -61.17
C PHE K 213 20.04 36.81 -60.53
N ILE K 214 18.93 36.06 -60.51
CA ILE K 214 17.68 36.56 -59.94
C ILE K 214 17.84 36.86 -58.48
N SER K 215 18.57 36.00 -57.76
CA SER K 215 18.82 36.17 -56.34
C SER K 215 19.56 37.46 -56.02
N LYS K 216 20.39 37.94 -56.94
CA LYS K 216 21.09 39.19 -56.76
C LYS K 216 20.12 40.36 -56.69
N GLY K 217 20.11 41.02 -55.53
CA GLY K 217 19.11 42.05 -55.28
C GLY K 217 18.82 42.27 -53.81
N ARG K 218 18.56 43.52 -53.43
CA ARG K 218 18.55 43.89 -52.03
C ARG K 218 17.25 44.51 -51.54
N LYS K 219 16.28 44.80 -52.41
CA LYS K 219 15.12 45.56 -52.01
C LYS K 219 13.79 44.96 -52.45
N THR K 220 13.84 43.90 -53.31
CA THR K 220 12.81 43.32 -54.20
C THR K 220 12.63 44.24 -55.41
N ARG K 221 13.17 45.45 -55.33
CA ARG K 221 13.19 46.37 -56.46
C ARG K 221 14.10 45.86 -57.54
N ASP K 222 15.19 45.20 -57.15
CA ASP K 222 16.03 44.50 -58.10
C ASP K 222 15.47 43.14 -58.49
N LEU K 223 14.85 42.43 -57.54
CA LEU K 223 14.41 41.05 -57.76
C LEU K 223 13.33 40.97 -58.80
N TRP K 224 12.47 41.99 -58.86
CA TRP K 224 11.39 41.98 -59.83
C TRP K 224 11.90 42.26 -61.24
N ILE K 225 12.83 43.20 -61.38
CA ILE K 225 13.28 43.54 -62.73
C ILE K 225 14.37 42.60 -63.20
N SER K 226 15.06 41.92 -62.29
CA SER K 226 16.06 40.95 -62.70
C SER K 226 15.38 39.75 -63.34
N SER K 227 14.18 39.41 -62.87
CA SER K 227 13.33 38.50 -63.62
C SER K 227 12.94 39.10 -64.95
N TYR K 228 12.78 40.41 -64.99
CA TYR K 228 12.33 41.05 -66.21
C TYR K 228 13.47 41.17 -67.23
N LEU K 229 14.68 41.44 -66.77
CA LEU K 229 15.82 41.49 -67.68
C LEU K 229 16.14 40.13 -68.28
N VAL K 230 15.74 39.05 -67.62
CA VAL K 230 15.82 37.74 -68.27
C VAL K 230 14.84 37.68 -69.42
N SER K 231 13.60 38.08 -69.18
CA SER K 231 12.58 37.90 -70.18
C SER K 231 12.68 38.95 -71.28
N ALA K 232 12.96 40.20 -70.91
CA ALA K 232 12.89 41.27 -71.89
C ALA K 232 14.07 41.29 -72.84
N LEU K 233 15.28 41.00 -72.35
CA LEU K 233 16.41 40.80 -73.25
C LEU K 233 16.17 39.61 -74.17
N LEU K 234 15.52 38.58 -73.68
CA LEU K 234 15.14 37.50 -74.57
C LEU K 234 13.91 37.86 -75.38
N TRP K 235 13.10 38.81 -74.89
CA TRP K 235 12.00 39.31 -75.71
C TRP K 235 12.48 40.22 -76.83
N TYR K 236 13.57 40.96 -76.60
CA TYR K 236 14.14 41.83 -77.62
C TYR K 236 14.54 41.05 -78.87
N VAL K 237 15.33 39.99 -78.67
CA VAL K 237 15.94 39.28 -79.78
C VAL K 237 14.91 38.49 -80.58
N ILE K 238 13.74 38.22 -80.01
CA ILE K 238 12.70 37.52 -80.75
C ILE K 238 11.70 38.47 -81.37
N THR K 239 11.89 39.77 -81.22
CA THR K 239 11.20 40.70 -82.11
C THR K 239 11.96 40.84 -83.42
N TRP K 240 13.27 40.59 -83.37
CA TRP K 240 14.11 40.62 -84.56
C TRP K 240 13.64 39.59 -85.58
N PHE K 241 13.11 38.47 -85.12
CA PHE K 241 12.63 37.44 -86.03
C PHE K 241 11.24 37.75 -86.55
N ILE K 242 10.30 38.05 -85.66
CA ILE K 242 8.90 38.17 -86.06
C ILE K 242 8.61 39.44 -86.85
N GLU K 243 9.46 40.44 -86.78
CA GLU K 243 9.39 41.56 -87.72
C GLU K 243 10.02 41.23 -89.06
N GLU K 244 10.57 40.03 -89.22
CA GLU K 244 11.26 39.69 -90.45
C GLU K 244 10.91 38.30 -90.93
N TYR K 245 10.35 37.47 -90.06
CA TYR K 245 9.89 36.15 -90.46
C TYR K 245 8.44 35.90 -90.08
N GLY K 246 7.81 36.85 -89.39
CA GLY K 246 6.45 36.68 -88.97
C GLY K 246 6.35 35.78 -87.76
N PRO K 247 5.17 35.68 -87.19
CA PRO K 247 4.95 34.78 -86.05
C PRO K 247 4.84 33.34 -86.50
N ASP K 248 4.44 32.51 -85.53
CA ASP K 248 4.28 31.07 -85.67
C ASP K 248 5.64 30.48 -86.06
N VAL K 249 6.70 31.05 -85.49
CA VAL K 249 8.06 30.66 -85.82
C VAL K 249 8.83 30.22 -84.57
N ILE K 250 8.36 30.58 -83.38
CA ILE K 250 8.82 29.98 -82.13
C ILE K 250 7.76 29.00 -81.66
N LEU K 251 8.10 27.71 -81.66
CA LEU K 251 7.27 26.70 -81.05
C LEU K 251 7.15 26.91 -79.55
N PHE K 252 8.29 27.08 -78.89
CA PHE K 252 8.42 26.98 -77.46
C PHE K 252 9.12 28.25 -76.99
N PRO K 253 8.40 29.20 -76.37
CA PRO K 253 6.99 29.20 -75.96
C PRO K 253 6.05 29.54 -77.11
N SER K 254 4.76 29.29 -76.94
CA SER K 254 3.81 29.66 -77.99
C SER K 254 3.50 31.15 -77.91
N LEU K 255 3.40 31.79 -79.07
CA LEU K 255 3.06 33.20 -79.14
C LEU K 255 1.56 33.32 -79.33
N ARG K 256 0.79 32.55 -78.58
CA ARG K 256 -0.65 32.53 -78.77
C ARG K 256 -1.30 33.26 -77.61
N PHE K 257 -0.76 33.05 -76.41
CA PHE K 257 -1.23 33.69 -75.20
C PHE K 257 -0.08 34.38 -74.46
N ASN K 258 0.89 34.93 -75.17
CA ASN K 258 1.98 35.63 -74.50
C ASN K 258 1.54 37.04 -74.14
N GLN K 259 1.61 37.36 -72.84
CA GLN K 259 1.28 38.69 -72.36
C GLN K 259 2.27 39.74 -72.83
N PHE K 260 3.50 39.33 -73.14
CA PHE K 260 4.41 40.22 -73.85
C PHE K 260 3.95 40.44 -75.29
N TYR K 261 3.32 39.45 -75.89
CA TYR K 261 2.95 39.59 -77.29
C TYR K 261 1.66 40.39 -77.44
N ALA K 262 0.91 40.55 -76.36
CA ALA K 262 -0.27 41.41 -76.42
C ALA K 262 0.07 42.83 -76.01
N PHE K 263 1.33 43.09 -75.63
CA PHE K 263 1.76 44.47 -75.55
C PHE K 263 2.65 44.85 -76.73
N TYR K 264 3.41 43.90 -77.26
CA TYR K 264 4.25 44.20 -78.41
C TYR K 264 3.40 44.43 -79.66
N LEU K 265 2.39 43.59 -79.87
CA LEU K 265 1.52 43.77 -81.02
C LEU K 265 0.60 44.97 -80.81
N LEU K 266 0.35 45.34 -79.55
CA LEU K 266 -0.52 46.47 -79.25
C LEU K 266 0.12 47.78 -79.64
N GLU K 267 1.45 47.84 -79.60
CA GLU K 267 2.15 49.03 -80.05
C GLU K 267 2.61 48.94 -81.50
N LYS K 268 2.48 47.79 -82.17
CA LYS K 268 2.68 47.78 -83.61
C LYS K 268 1.52 48.48 -84.30
N LEU K 269 0.30 48.22 -83.84
CA LEU K 269 -0.87 48.93 -84.33
C LEU K 269 -0.89 50.38 -83.90
N ARG K 270 -0.44 50.68 -82.68
CA ARG K 270 -0.48 52.05 -82.20
C ARG K 270 0.58 52.91 -82.87
N LYS K 271 1.66 52.28 -83.35
CA LYS K 271 2.62 52.99 -84.18
C LYS K 271 2.01 53.39 -85.52
N GLU K 272 1.09 52.56 -86.04
CA GLU K 272 0.53 52.77 -87.36
C GLU K 272 -0.32 54.02 -87.45
N GLY K 273 -1.20 54.26 -86.49
CA GLY K 273 -1.96 55.50 -86.44
C GLY K 273 -3.44 55.36 -86.65
N VAL K 274 -4.00 54.17 -86.48
CA VAL K 274 -5.45 53.99 -86.60
C VAL K 274 -6.13 54.56 -85.36
N SER K 275 -7.45 54.71 -85.44
CA SER K 275 -8.23 55.25 -84.33
C SER K 275 -8.21 54.31 -83.14
N GLU K 276 -8.37 54.86 -81.93
CA GLU K 276 -8.45 54.01 -80.74
C GLU K 276 -9.83 53.39 -80.58
N ASP K 277 -10.79 53.79 -81.43
CA ASP K 277 -12.06 53.08 -81.50
C ASP K 277 -11.91 51.80 -82.32
N VAL K 278 -11.10 51.86 -83.37
CA VAL K 278 -10.94 50.72 -84.28
C VAL K 278 -10.20 49.59 -83.58
N ILE K 279 -9.29 49.94 -82.67
CA ILE K 279 -8.48 48.96 -81.97
C ILE K 279 -9.28 48.30 -80.85
N ASP K 280 -10.46 48.84 -80.53
CA ASP K 280 -11.30 48.22 -79.52
C ASP K 280 -11.94 46.93 -80.01
N GLU K 281 -12.01 46.74 -81.33
CA GLU K 281 -12.27 45.43 -81.90
C GLU K 281 -11.12 44.46 -81.63
N ILE K 282 -9.91 44.97 -81.40
CA ILE K 282 -8.76 44.16 -81.06
C ILE K 282 -8.48 44.16 -79.56
N LYS K 283 -8.54 45.33 -78.93
CA LYS K 283 -8.04 45.47 -77.55
C LYS K 283 -8.95 44.79 -76.54
N GLU K 284 -10.24 45.06 -76.63
CA GLU K 284 -11.18 44.37 -75.76
C GLU K 284 -11.63 43.03 -76.33
N LEU K 285 -11.09 42.64 -77.48
CA LEU K 285 -11.04 41.23 -77.81
C LEU K 285 -10.00 40.52 -76.96
N ILE K 286 -8.88 41.19 -76.70
CA ILE K 286 -7.82 40.62 -75.88
C ILE K 286 -8.19 40.67 -74.40
N THR K 287 -8.87 41.75 -73.99
CA THR K 287 -8.87 42.19 -72.60
C THR K 287 -9.56 41.21 -71.66
N LYS K 288 -10.72 40.69 -72.07
CA LYS K 288 -11.48 39.79 -71.19
C LYS K 288 -10.80 38.43 -71.05
N TYR K 289 -9.93 38.04 -71.98
CA TYR K 289 -9.23 36.77 -71.91
C TYR K 289 -7.82 36.89 -71.33
N ILE K 290 -6.95 37.62 -72.01
CA ILE K 290 -5.60 37.88 -71.53
C ILE K 290 -5.64 39.26 -70.88
N PHE K 291 -4.90 39.43 -69.78
CA PHE K 291 -4.97 40.59 -68.89
C PHE K 291 -6.38 40.76 -68.32
N ASN K 292 -6.78 39.80 -67.47
CA ASN K 292 -8.16 39.71 -67.02
C ASN K 292 -8.60 40.86 -66.10
N GLY K 293 -7.68 41.46 -65.36
CA GLY K 293 -8.00 42.59 -64.51
C GLY K 293 -8.09 43.87 -65.29
N ASP K 294 -8.31 44.98 -64.57
CA ASP K 294 -8.37 46.30 -65.18
C ASP K 294 -6.97 46.88 -65.38
N ASP K 295 -6.00 46.41 -64.60
CA ASP K 295 -4.60 46.67 -64.89
C ASP K 295 -4.26 45.87 -66.14
N LEU K 296 -4.08 46.58 -67.24
CA LEU K 296 -3.89 45.98 -68.54
C LEU K 296 -2.46 46.22 -68.99
N PHE K 297 -2.19 45.85 -70.25
CA PHE K 297 -1.00 46.31 -70.96
C PHE K 297 -1.03 47.80 -71.22
N GLU K 298 -2.19 48.44 -71.12
CA GLU K 298 -2.33 49.88 -71.19
C GLU K 298 -3.21 50.39 -70.05
N ASN K 299 -2.88 49.97 -68.83
CA ASN K 299 -3.26 50.75 -67.66
C ASN K 299 -2.00 51.32 -67.04
N LEU K 300 -1.05 50.44 -66.72
CA LEU K 300 0.26 50.85 -66.25
C LEU K 300 1.27 50.99 -67.37
N LYS K 301 0.84 50.71 -68.61
CA LYS K 301 1.54 50.98 -69.87
C LYS K 301 2.71 50.03 -70.11
N ILE K 302 2.87 49.03 -69.25
CA ILE K 302 3.80 47.91 -69.48
C ILE K 302 3.06 46.62 -69.14
N PRO K 303 3.55 45.48 -69.64
CA PRO K 303 3.14 44.21 -69.07
C PRO K 303 3.55 44.15 -67.61
N PRO K 304 2.71 43.57 -66.77
CA PRO K 304 3.05 43.54 -65.34
C PRO K 304 4.12 42.51 -65.03
N TYR K 305 4.06 41.38 -65.72
CA TYR K 305 4.67 40.15 -65.23
C TYR K 305 5.65 39.61 -66.26
N PRO K 306 6.91 39.40 -65.89
CA PRO K 306 7.86 38.77 -66.82
C PRO K 306 7.46 37.33 -67.08
N ILE K 307 7.34 36.97 -68.35
CA ILE K 307 6.66 35.72 -68.67
C ILE K 307 7.47 34.75 -69.52
N ILE K 308 8.42 35.25 -70.30
CA ILE K 308 9.22 34.37 -71.17
C ILE K 308 10.18 33.54 -70.33
N PRO K 309 10.22 32.22 -70.49
CA PRO K 309 11.19 31.41 -69.76
C PRO K 309 12.60 31.61 -70.29
N GLY K 310 13.58 31.01 -69.63
CA GLY K 310 14.94 31.11 -70.11
C GLY K 310 15.29 30.17 -71.24
N ARG K 311 14.44 29.16 -71.51
CA ARG K 311 14.71 28.15 -72.52
C ARG K 311 13.69 28.27 -73.64
N ILE K 312 14.15 28.61 -74.84
CA ILE K 312 13.27 28.78 -75.99
C ILE K 312 13.85 28.00 -77.17
N THR K 313 12.97 27.65 -78.12
CA THR K 313 13.37 27.01 -79.37
C THR K 313 12.77 27.75 -80.54
N LEU K 314 13.55 27.86 -81.61
CA LEU K 314 13.05 28.41 -82.86
C LEU K 314 13.15 27.32 -83.93
N ILE K 315 12.06 27.16 -84.68
CA ILE K 315 12.12 26.51 -85.98
C ILE K 315 12.33 27.58 -87.05
N LEU K 316 13.43 27.49 -87.78
CA LEU K 316 13.79 28.58 -88.65
C LEU K 316 14.01 28.15 -90.09
N PRO K 317 13.61 28.98 -91.06
CA PRO K 317 13.96 28.72 -92.44
C PRO K 317 15.42 29.10 -92.68
N GLY K 318 15.90 28.77 -93.87
CA GLY K 318 17.22 29.18 -94.28
C GLY K 318 17.30 30.52 -94.97
N LEU K 319 16.42 31.47 -94.66
CA LEU K 319 16.29 32.64 -95.51
C LEU K 319 16.83 33.90 -94.84
N ILE K 320 17.12 34.89 -95.68
CA ILE K 320 17.62 36.21 -95.29
C ILE K 320 16.88 37.23 -96.14
N ARG K 321 16.19 38.16 -95.49
CA ARG K 321 15.32 39.09 -96.21
C ARG K 321 16.13 40.26 -96.77
N GLU K 322 15.93 40.55 -98.06
CA GLU K 322 16.47 41.78 -98.65
C GLU K 322 15.39 42.75 -99.10
N GLY K 323 14.15 42.58 -98.64
CA GLY K 323 13.04 43.42 -99.02
C GLY K 323 12.04 42.69 -99.89
N GLU K 324 11.00 42.15 -99.27
CA GLU K 324 9.84 41.41 -99.81
C GLU K 324 10.24 40.02 -100.33
N GLU K 325 11.54 39.74 -100.49
CA GLU K 325 12.03 38.52 -101.09
C GLU K 325 13.25 38.07 -100.31
N TYR K 326 13.50 36.77 -100.33
CA TYR K 326 14.43 36.14 -99.42
C TYR K 326 15.51 35.43 -100.22
N LYS K 327 16.76 35.60 -99.81
CA LYS K 327 17.86 34.83 -100.33
C LYS K 327 18.40 33.94 -99.21
N LYS K 328 19.16 32.93 -99.57
CA LYS K 328 19.83 32.12 -98.58
C LYS K 328 21.32 32.31 -98.66
N VAL K 329 21.97 32.07 -97.53
CA VAL K 329 23.40 31.81 -97.48
C VAL K 329 23.56 30.44 -96.82
N GLN K 330 24.57 29.70 -97.28
CA GLN K 330 24.67 28.30 -96.92
C GLN K 330 25.35 28.04 -95.59
N ASP K 331 26.18 28.96 -95.09
CA ASP K 331 26.99 28.70 -93.91
C ASP K 331 26.13 28.75 -92.65
N ASP K 332 26.28 27.71 -91.83
CA ASP K 332 25.51 27.48 -90.62
C ASP K 332 25.71 28.57 -89.59
N ASN K 333 26.86 29.23 -89.60
CA ASN K 333 27.25 30.22 -88.61
C ASN K 333 26.62 31.58 -88.82
N CYS K 334 25.65 31.69 -89.71
CA CYS K 334 24.96 32.94 -89.99
C CYS K 334 24.10 33.41 -88.82
N PHE K 335 23.73 32.51 -87.91
CA PHE K 335 22.89 32.90 -86.79
C PHE K 335 23.64 33.06 -85.48
N ILE K 336 24.38 32.05 -85.02
CA ILE K 336 24.98 32.04 -83.68
C ILE K 336 25.97 33.16 -83.43
N SER K 337 26.49 33.79 -84.49
CA SER K 337 27.13 35.08 -84.35
C SER K 337 26.13 36.22 -84.38
N LYS K 338 25.19 36.20 -85.31
CA LYS K 338 24.33 37.34 -85.56
C LYS K 338 23.05 37.31 -84.75
N VAL K 339 22.79 36.24 -84.02
CA VAL K 339 21.77 36.27 -82.97
C VAL K 339 22.33 36.92 -81.70
N LYS K 340 23.54 36.55 -81.32
CA LYS K 340 24.11 37.01 -80.06
C LYS K 340 24.46 38.50 -80.12
N GLU K 341 24.71 39.03 -81.32
CA GLU K 341 24.94 40.46 -81.38
C GLU K 341 23.65 41.24 -81.26
N ARG K 342 22.54 40.65 -81.70
CA ARG K 342 21.23 41.25 -81.42
C ARG K 342 20.95 41.23 -79.92
N TYR K 343 21.45 40.20 -79.25
CA TYR K 343 21.39 40.14 -77.79
C TYR K 343 22.31 41.18 -77.17
N ASN K 344 23.45 41.48 -77.82
CA ASN K 344 24.21 42.67 -77.45
C ASN K 344 23.49 43.95 -77.84
N GLU K 345 22.81 43.95 -79.00
CA GLU K 345 22.19 45.16 -79.52
C GLU K 345 21.08 45.65 -78.61
N GLY K 346 20.46 44.73 -77.87
CA GLY K 346 19.57 45.13 -76.80
C GLY K 346 20.27 45.79 -75.65
N TRP K 347 21.35 45.18 -75.14
CA TRP K 347 22.01 45.71 -73.96
C TRP K 347 22.70 47.03 -74.23
N ARG K 348 23.20 47.23 -75.45
CA ARG K 348 23.66 48.56 -75.85
C ARG K 348 22.54 49.58 -75.83
N LYS K 349 21.45 49.31 -76.54
CA LYS K 349 20.33 50.24 -76.60
C LYS K 349 19.55 50.32 -75.30
N LEU K 350 19.71 49.34 -74.41
CA LEU K 350 19.13 49.49 -73.08
C LEU K 350 19.89 50.49 -72.24
N ILE K 351 21.22 50.47 -72.31
CA ILE K 351 21.96 51.35 -71.40
C ILE K 351 22.17 52.73 -72.01
N GLU K 352 22.09 52.86 -73.33
CA GLU K 352 22.30 54.18 -73.92
C GLU K 352 21.03 55.02 -73.86
N GLY K 353 19.86 54.39 -73.92
CA GLY K 353 18.64 55.11 -73.60
C GLY K 353 18.56 55.40 -72.12
N LEU K 354 19.16 54.55 -71.31
CA LEU K 354 19.27 54.82 -69.88
C LEU K 354 20.27 55.93 -69.58
N ARG K 355 21.26 56.15 -70.47
CA ARG K 355 22.07 57.36 -70.36
C ARG K 355 21.25 58.61 -70.57
N CYS K 356 20.22 58.51 -71.42
CA CYS K 356 19.44 59.69 -71.77
C CYS K 356 18.59 60.18 -70.61
N TYR K 357 17.92 59.27 -69.89
CA TYR K 357 17.01 59.65 -68.83
C TYR K 357 17.72 60.39 -67.70
N SER K 358 18.90 59.92 -67.32
CA SER K 358 19.68 60.65 -66.32
C SER K 358 20.45 61.80 -66.93
N GLU K 359 20.36 61.98 -68.25
CA GLU K 359 20.85 63.20 -68.88
C GLU K 359 19.72 64.20 -69.06
N ARG K 360 18.52 63.71 -69.41
CA ARG K 360 17.35 64.58 -69.50
C ARG K 360 16.91 65.08 -68.13
N LYS K 361 16.89 64.20 -67.13
CA LYS K 361 16.51 64.54 -65.77
C LYS K 361 17.70 64.70 -64.84
N ARG K 362 18.80 65.30 -65.33
CA ARG K 362 20.04 65.27 -64.59
C ARG K 362 20.00 66.23 -63.41
N GLU K 363 19.14 67.24 -63.46
CA GLU K 363 19.05 68.17 -62.35
C GLU K 363 18.17 67.67 -61.21
N ASP K 364 17.59 66.48 -61.32
CA ASP K 364 16.64 66.02 -60.32
C ASP K 364 17.29 65.31 -59.14
N GLY K 365 18.44 64.67 -59.32
CA GLY K 365 19.08 64.00 -58.21
C GLY K 365 18.76 62.52 -58.16
N PHE K 366 19.79 61.75 -57.70
CA PHE K 366 20.03 60.31 -57.77
C PHE K 366 20.40 59.90 -59.20
N TRP K 367 20.19 60.80 -60.15
CA TRP K 367 20.48 60.53 -61.54
C TRP K 367 21.68 61.30 -62.01
N ASN K 368 22.05 62.34 -61.27
CA ASN K 368 23.40 62.88 -61.32
C ASN K 368 24.44 61.81 -61.01
N LEU K 369 24.10 60.85 -60.15
CA LEU K 369 25.03 59.78 -59.81
C LEU K 369 25.06 58.71 -60.90
N VAL K 370 23.90 58.39 -61.47
CA VAL K 370 23.86 57.36 -62.49
C VAL K 370 24.40 57.90 -63.82
N CYS K 371 24.20 59.19 -64.09
CA CYS K 371 24.79 59.78 -65.28
C CYS K 371 26.30 59.95 -65.12
N ARG K 372 26.79 59.96 -63.89
CA ARG K 372 28.21 60.15 -63.67
C ARG K 372 29.00 58.88 -63.97
N VAL K 373 28.50 57.73 -63.52
CA VAL K 373 29.19 56.46 -63.78
C VAL K 373 29.11 56.05 -65.25
N LEU K 374 28.00 56.33 -65.92
CA LEU K 374 27.85 56.00 -67.32
C LEU K 374 28.69 56.90 -68.21
N LYS K 375 29.17 58.03 -67.68
CA LYS K 375 30.24 58.80 -68.30
C LYS K 375 31.61 58.25 -67.97
N LEU K 376 31.74 57.50 -66.86
CA LEU K 376 33.04 56.91 -66.53
C LEU K 376 33.23 55.56 -67.19
N THR K 377 32.39 54.59 -66.85
CA THR K 377 32.64 53.20 -67.20
C THR K 377 31.92 52.81 -68.48
N GLU K 378 32.55 53.08 -69.61
CA GLU K 378 32.00 52.64 -70.88
C GLU K 378 32.90 51.58 -71.50
N ASP K 379 33.78 51.00 -70.70
CA ASP K 379 34.53 49.85 -71.15
C ASP K 379 33.86 48.58 -70.66
N LEU K 380 33.34 48.63 -69.44
CA LEU K 380 32.86 47.45 -68.75
C LEU K 380 31.41 47.12 -69.06
N LEU K 381 30.66 48.05 -69.62
CA LEU K 381 29.22 47.87 -69.68
C LEU K 381 28.73 47.54 -71.07
N GLN K 382 29.63 47.38 -72.02
CA GLN K 382 29.28 46.92 -73.36
C GLN K 382 29.08 45.41 -73.41
N THR K 383 29.26 44.73 -72.28
CA THR K 383 28.95 43.31 -72.17
C THR K 383 27.70 43.14 -71.35
N THR K 384 26.94 42.11 -71.68
CA THR K 384 25.65 41.86 -71.06
C THR K 384 25.82 41.16 -69.71
N PRO K 385 24.95 41.45 -68.73
CA PRO K 385 25.06 40.79 -67.43
C PRO K 385 24.47 39.40 -67.40
N LEU K 386 23.93 38.93 -68.51
CA LEU K 386 23.43 37.57 -68.65
C LEU K 386 23.87 37.08 -70.00
N ASN K 387 24.16 35.80 -70.13
CA ASN K 387 24.48 35.30 -71.45
C ASN K 387 23.51 34.19 -71.83
N ILE K 388 23.56 33.78 -73.10
CA ILE K 388 22.65 32.79 -73.63
C ILE K 388 23.42 31.75 -74.44
N ARG K 389 23.03 30.50 -74.27
CA ARG K 389 23.53 29.42 -75.12
C ARG K 389 22.60 29.25 -76.30
N VAL K 390 23.13 29.48 -77.49
CA VAL K 390 22.38 29.37 -78.72
C VAL K 390 22.91 28.17 -79.47
N LYS K 391 22.18 27.06 -79.44
CA LYS K 391 22.56 25.86 -80.15
C LYS K 391 21.68 25.68 -81.37
N GLN K 392 22.27 25.13 -82.43
CA GLN K 392 21.68 25.22 -83.76
C GLN K 392 21.88 23.92 -84.50
N VAL K 393 20.79 23.33 -84.98
CA VAL K 393 20.85 22.18 -85.88
C VAL K 393 20.08 22.52 -87.14
N SER K 394 20.29 21.72 -88.18
CA SER K 394 19.79 22.03 -89.51
C SER K 394 19.05 20.84 -90.10
N VAL K 395 18.52 21.06 -91.30
CA VAL K 395 17.93 20.00 -92.09
C VAL K 395 18.27 20.27 -93.55
N THR K 396 18.37 19.19 -94.33
CA THR K 396 18.77 19.22 -95.74
C THR K 396 17.64 18.64 -96.58
N GLU K 397 17.93 18.37 -97.86
CA GLU K 397 16.96 17.63 -98.68
C GLU K 397 16.94 16.16 -98.31
N ASP K 398 18.04 15.65 -97.76
CA ASP K 398 18.09 14.26 -97.33
C ASP K 398 17.15 14.04 -96.14
N GLU K 399 16.72 12.78 -96.00
CA GLU K 399 15.91 12.26 -94.89
C GLU K 399 14.49 12.83 -94.84
N ILE K 400 14.15 13.70 -95.78
CA ILE K 400 12.82 14.28 -95.86
C ILE K 400 12.29 14.10 -97.28
N PHE K 401 13.20 14.00 -98.24
CA PHE K 401 12.83 13.83 -99.63
C PHE K 401 13.72 12.80 -100.32
N ASN K 402 13.09 11.97 -101.16
CA ASN K 402 13.76 10.82 -101.75
C ASN K 402 13.96 10.99 -103.26
N ASN K 403 12.91 11.37 -103.98
CA ASN K 403 13.09 11.86 -105.34
C ASN K 403 12.70 13.33 -105.40
N ASN K 404 11.43 13.64 -105.10
CA ASN K 404 11.08 14.98 -104.63
C ASN K 404 9.90 14.91 -103.64
N LYS K 405 9.47 13.73 -103.23
CA LYS K 405 8.35 13.56 -102.31
C LYS K 405 8.86 12.85 -101.06
N LEU K 406 7.94 12.39 -100.22
CA LEU K 406 8.34 11.79 -98.95
C LEU K 406 9.06 10.45 -99.13
N ARG K 407 9.92 10.14 -98.17
CA ARG K 407 10.51 8.81 -98.07
C ARG K 407 9.88 8.04 -96.93
N SER K 408 10.37 6.82 -96.73
CA SER K 408 9.90 6.01 -95.62
C SER K 408 10.45 6.54 -94.30
N ASP K 409 9.55 6.76 -93.34
CA ASP K 409 9.81 7.41 -92.06
C ASP K 409 10.48 8.77 -92.22
N SER K 410 9.73 9.72 -92.77
CA SER K 410 10.16 11.12 -92.80
C SER K 410 9.79 11.83 -91.51
N TRP K 411 9.13 11.15 -90.59
CA TRP K 411 8.72 11.65 -89.29
C TRP K 411 9.70 11.29 -88.19
N LYS K 412 10.72 10.47 -88.49
CA LYS K 412 11.68 10.00 -87.50
C LYS K 412 12.76 11.04 -87.25
N ILE K 413 12.76 12.12 -88.03
CA ILE K 413 13.85 13.08 -87.96
C ILE K 413 13.51 14.21 -86.99
N TYR K 414 12.22 14.57 -86.92
CA TYR K 414 11.83 15.82 -86.27
C TYR K 414 12.04 15.75 -84.77
N ASP K 415 11.66 14.64 -84.15
CA ASP K 415 12.06 14.37 -82.78
C ASP K 415 13.56 14.17 -82.65
N ASN K 416 14.20 13.61 -83.67
CA ASN K 416 15.62 13.32 -83.58
C ASN K 416 16.43 14.61 -83.71
N LYS K 417 15.96 15.55 -84.53
CA LYS K 417 16.53 16.89 -84.50
C LYS K 417 16.28 17.58 -83.17
N TYR K 418 15.12 17.39 -82.57
CA TYR K 418 14.91 17.86 -81.21
C TYR K 418 15.82 17.13 -80.24
N ARG K 419 16.05 15.83 -80.48
CA ARG K 419 17.07 15.12 -79.73
C ARG K 419 18.48 15.53 -80.14
N GLN K 420 18.68 16.06 -81.36
CA GLN K 420 19.97 16.68 -81.65
C GLN K 420 20.11 17.99 -80.90
N LEU K 421 19.04 18.78 -80.83
CA LEU K 421 19.13 20.10 -80.23
C LEU K 421 19.28 20.03 -78.71
N VAL K 422 18.49 19.16 -78.06
CA VAL K 422 18.54 19.08 -76.61
C VAL K 422 19.84 18.44 -76.14
N SER K 423 20.39 17.50 -76.92
CA SER K 423 21.72 16.98 -76.66
C SER K 423 22.80 18.05 -76.69
N GLU K 424 22.66 19.02 -77.59
CA GLU K 424 23.54 20.17 -77.56
C GLU K 424 23.35 21.01 -76.30
N PHE K 425 22.11 21.14 -75.82
CA PHE K 425 21.92 21.70 -74.49
C PHE K 425 22.40 20.77 -73.41
N LYS K 426 22.21 19.46 -73.60
CA LYS K 426 22.72 18.49 -72.63
C LYS K 426 24.24 18.50 -72.60
N LYS K 427 24.89 18.76 -73.73
CA LYS K 427 26.34 18.78 -73.75
C LYS K 427 26.90 20.04 -73.08
N SER K 428 26.38 21.20 -73.44
CA SER K 428 26.98 22.46 -73.01
C SER K 428 26.40 22.97 -71.69
N LYS K 429 25.51 22.22 -71.06
CA LYS K 429 25.06 22.59 -69.73
C LYS K 429 26.13 22.38 -68.69
N LEU K 430 27.00 21.39 -68.90
CA LEU K 430 28.00 20.98 -67.93
C LEU K 430 29.10 22.02 -67.74
N VAL K 431 29.20 22.99 -68.63
CA VAL K 431 30.06 24.14 -68.44
C VAL K 431 29.21 25.38 -68.34
N LYS K 432 29.08 25.92 -67.13
CA LYS K 432 28.42 27.19 -66.94
C LYS K 432 29.46 28.27 -66.75
N VAL K 433 29.58 29.13 -67.75
CA VAL K 433 30.52 30.24 -67.73
C VAL K 433 29.75 31.44 -67.23
N THR K 434 30.08 31.89 -66.03
CA THR K 434 29.32 32.94 -65.37
C THR K 434 29.53 34.27 -66.08
N PRO K 435 28.48 35.11 -66.12
CA PRO K 435 28.55 36.36 -66.90
C PRO K 435 29.50 37.40 -66.35
N GLU K 436 29.96 37.27 -65.11
CA GLU K 436 31.02 38.14 -64.63
C GLU K 436 32.33 37.87 -65.32
N SER K 437 32.54 36.64 -65.77
CA SER K 437 33.82 36.18 -66.25
C SER K 437 34.17 36.69 -67.64
N ARG K 438 33.25 37.38 -68.30
CA ARG K 438 33.53 37.87 -69.64
C ARG K 438 34.25 39.21 -69.61
N LEU K 439 34.22 39.92 -68.50
CA LEU K 439 34.92 41.20 -68.39
C LEU K 439 36.43 41.01 -68.38
N LYS K 440 37.13 42.05 -68.81
CA LYS K 440 38.59 42.11 -68.73
C LYS K 440 38.94 43.02 -67.58
N LEU K 441 39.35 42.44 -66.46
CA LEU K 441 39.60 43.20 -65.24
C LEU K 441 41.02 43.08 -64.73
N PHE K 442 41.92 42.43 -65.48
CA PHE K 442 43.25 42.19 -64.97
C PHE K 442 44.05 43.49 -64.84
N GLU K 443 44.09 44.28 -65.92
CA GLU K 443 44.84 45.53 -65.89
C GLU K 443 44.18 46.56 -64.98
N LEU K 444 42.88 46.42 -64.75
CA LEU K 444 42.17 47.34 -63.88
C LEU K 444 42.44 47.06 -62.41
N THR K 445 43.00 45.89 -62.10
CA THR K 445 43.33 45.52 -60.73
C THR K 445 44.82 45.32 -60.50
N LYS K 446 45.56 44.89 -61.51
CA LYS K 446 47.02 44.94 -61.43
C LYS K 446 47.50 46.37 -61.26
N PHE K 447 46.98 47.28 -62.08
CA PHE K 447 47.21 48.71 -61.92
C PHE K 447 45.89 49.35 -61.52
N ASP K 448 45.96 50.34 -60.63
CA ASP K 448 44.76 50.99 -60.12
C ASP K 448 44.19 51.88 -61.21
N LYS K 449 43.41 51.28 -62.10
CA LYS K 449 42.68 52.07 -63.08
C LYS K 449 41.19 51.97 -62.82
N LEU K 450 40.78 51.72 -61.59
CA LEU K 450 39.37 51.60 -61.29
C LEU K 450 38.79 52.98 -60.98
N PRO K 451 37.79 53.44 -61.72
CA PRO K 451 37.09 54.66 -61.31
C PRO K 451 36.16 54.39 -60.16
N GLN K 452 36.10 55.30 -59.19
CA GLN K 452 35.30 55.10 -57.99
C GLN K 452 34.56 56.38 -57.62
N ILE K 453 33.59 56.24 -56.73
CA ILE K 453 32.81 57.35 -56.19
C ILE K 453 32.68 57.15 -54.69
N GLY K 454 33.05 58.16 -53.91
CA GLY K 454 32.93 58.11 -52.48
C GLY K 454 34.27 58.00 -51.80
N GLU K 455 34.40 57.05 -50.89
CA GLU K 455 35.71 56.79 -50.30
C GLU K 455 36.60 56.08 -51.32
N LYS K 456 37.91 56.26 -51.14
CA LYS K 456 38.90 55.59 -51.94
C LYS K 456 39.32 54.33 -51.20
N SER K 457 39.46 53.23 -51.93
CA SER K 457 39.70 51.94 -51.31
C SER K 457 41.10 51.85 -50.73
N LYS K 458 41.16 51.59 -49.43
CA LYS K 458 42.38 51.24 -48.74
C LYS K 458 42.87 49.85 -49.09
N ARG K 459 41.98 49.00 -49.60
CA ARG K 459 42.32 47.65 -50.01
C ARG K 459 42.42 47.46 -51.52
N GLY K 460 42.73 48.50 -52.26
CA GLY K 460 42.82 48.35 -53.71
C GLY K 460 41.50 48.51 -54.43
N TYR K 461 40.52 47.69 -54.07
CA TYR K 461 39.15 47.85 -54.52
C TYR K 461 38.23 47.12 -53.57
N GLU K 462 36.94 47.35 -53.71
CA GLU K 462 35.96 46.88 -52.76
C GLU K 462 34.91 46.05 -53.48
N PHE K 463 34.53 44.93 -52.87
CA PHE K 463 33.57 44.02 -53.46
C PHE K 463 32.18 44.64 -53.49
N CYS K 464 31.44 44.28 -54.54
CA CYS K 464 30.04 44.66 -54.61
C CYS K 464 29.26 43.88 -53.58
N THR K 465 28.18 44.48 -53.11
CA THR K 465 27.36 43.87 -52.08
C THR K 465 26.04 43.35 -52.62
N SER K 466 25.80 43.47 -53.92
CA SER K 466 24.56 43.00 -54.51
C SER K 466 24.73 42.01 -55.64
N CYS K 467 25.94 41.85 -56.18
CA CYS K 467 26.26 40.61 -56.89
C CYS K 467 27.06 39.74 -55.94
N GLY K 468 28.10 40.32 -55.35
CA GLY K 468 28.87 39.61 -54.35
C GLY K 468 30.29 39.33 -54.77
N VAL K 469 30.61 39.50 -56.05
CA VAL K 469 31.92 39.12 -56.57
C VAL K 469 32.63 40.31 -57.20
N LEU K 470 31.90 41.25 -57.77
CA LEU K 470 32.48 42.26 -58.63
C LEU K 470 33.03 43.42 -57.81
N PRO K 471 33.99 44.16 -58.34
CA PRO K 471 34.41 45.39 -57.66
C PRO K 471 33.31 46.44 -57.66
N ALA K 472 33.44 47.40 -56.77
CA ALA K 472 32.44 48.46 -56.67
C ALA K 472 32.98 49.77 -57.24
N VAL K 473 32.05 50.62 -57.67
CA VAL K 473 32.38 51.96 -58.11
C VAL K 473 31.66 52.95 -57.21
N VAL K 474 30.70 52.45 -56.45
CA VAL K 474 30.04 53.20 -55.39
C VAL K 474 30.63 52.73 -54.07
N ILE K 475 31.17 53.66 -53.30
CA ILE K 475 31.64 53.38 -51.95
C ILE K 475 30.93 54.40 -51.06
N MET K 476 30.00 53.92 -50.25
CA MET K 476 29.11 54.81 -49.51
C MET K 476 29.27 54.60 -48.02
N PRO K 477 29.21 55.65 -47.20
CA PRO K 477 29.19 55.45 -45.75
C PRO K 477 27.92 54.74 -45.30
N LYS K 478 28.00 54.10 -44.15
CA LYS K 478 26.78 53.50 -43.55
C LYS K 478 26.20 54.62 -42.68
N GLU K 479 27.06 55.23 -41.86
CA GLU K 479 26.66 56.36 -40.98
C GLU K 479 27.85 57.30 -40.75
N ASP K 480 28.36 57.35 -39.50
CA ASP K 480 29.46 58.25 -39.02
C ASP K 480 28.91 59.69 -38.94
N GLU K 481 28.74 60.35 -40.08
CA GLU K 481 28.13 61.71 -40.17
C GLU K 481 27.29 61.75 -41.45
N LEU K 482 26.65 60.61 -41.77
CA LEU K 482 25.78 60.30 -42.93
C LEU K 482 25.68 61.40 -43.97
N GLU K 483 24.56 62.14 -43.96
CA GLU K 483 24.23 63.15 -44.99
C GLU K 483 25.31 64.24 -45.14
N LYS K 484 26.06 64.54 -44.08
CA LYS K 484 27.01 65.64 -44.24
C LYS K 484 28.24 65.21 -45.03
N LYS K 485 28.85 64.10 -44.64
CA LYS K 485 30.20 63.79 -45.11
C LYS K 485 30.19 63.12 -46.48
N LEU K 486 29.02 62.67 -46.92
CA LEU K 486 28.91 62.14 -48.28
C LEU K 486 29.13 63.22 -49.33
N ILE K 487 28.83 64.47 -48.99
CA ILE K 487 28.98 65.58 -49.93
C ILE K 487 30.42 65.87 -50.31
N ASP K 488 31.34 65.88 -49.34
CA ASP K 488 32.73 66.23 -49.58
C ASP K 488 33.54 65.09 -50.19
N LEU K 489 32.89 63.96 -50.48
CA LEU K 489 33.50 62.89 -51.25
C LEU K 489 33.08 62.91 -52.70
N GLY K 490 32.06 63.70 -53.06
CA GLY K 490 31.67 63.85 -54.43
C GLY K 490 30.38 63.16 -54.84
N ILE K 491 29.45 62.95 -53.92
CA ILE K 491 28.20 62.29 -54.29
C ILE K 491 27.03 63.28 -54.30
N ALA K 492 27.18 64.45 -53.67
CA ALA K 492 26.06 65.36 -53.53
C ALA K 492 26.49 66.79 -53.83
N ARG K 493 25.66 67.46 -54.65
CA ARG K 493 25.81 68.88 -54.93
C ARG K 493 24.87 69.74 -54.10
N ASP K 494 24.00 69.12 -53.29
CA ASP K 494 23.08 69.82 -52.39
C ASP K 494 22.58 68.82 -51.36
N GLU K 495 21.53 69.20 -50.63
CA GLU K 495 21.01 68.33 -49.58
C GLU K 495 19.83 67.51 -50.07
N LYS K 496 18.96 68.10 -50.90
CA LYS K 496 17.68 67.49 -51.22
C LYS K 496 17.81 66.29 -52.15
N ASP K 497 18.90 66.20 -52.91
CA ASP K 497 19.11 65.07 -53.81
C ASP K 497 19.61 63.83 -53.09
N VAL K 498 20.03 63.99 -51.83
CA VAL K 498 20.47 62.85 -51.04
C VAL K 498 19.28 61.98 -50.67
N ARG K 499 18.10 62.60 -50.52
CA ARG K 499 16.89 61.87 -50.16
C ARG K 499 16.48 60.89 -51.24
N SER K 500 16.71 61.24 -52.50
CA SER K 500 16.58 60.30 -53.61
C SER K 500 17.74 59.32 -53.67
N ILE K 501 18.93 59.72 -53.21
CA ILE K 501 20.04 58.78 -53.11
C ILE K 501 19.80 57.82 -51.95
N LYS K 502 19.33 58.34 -50.83
CA LYS K 502 18.94 57.51 -49.69
C LYS K 502 17.67 56.70 -49.97
N ASN K 503 16.89 57.09 -50.99
CA ASN K 503 15.67 56.36 -51.36
C ASN K 503 16.00 54.97 -51.85
N MET K 504 16.70 54.87 -52.99
CA MET K 504 16.96 53.57 -53.59
C MET K 504 18.29 52.97 -53.15
N ILE K 505 19.24 53.76 -52.68
CA ILE K 505 20.49 53.22 -52.15
C ILE K 505 20.49 53.40 -50.64
N SER K 506 20.49 52.28 -49.93
CA SER K 506 20.67 52.33 -48.50
C SER K 506 22.12 52.65 -48.18
N PRO K 507 22.42 53.35 -47.11
CA PRO K 507 23.80 53.74 -46.83
C PRO K 507 24.61 52.55 -46.32
N GLY K 508 25.90 52.57 -46.63
CA GLY K 508 26.77 51.44 -46.38
C GLY K 508 26.81 50.41 -47.48
N GLU K 509 25.97 50.58 -48.51
CA GLU K 509 25.99 49.64 -49.62
C GLU K 509 26.99 50.07 -50.67
N ARG K 510 27.63 49.08 -51.28
CA ARG K 510 28.60 49.28 -52.34
C ARG K 510 28.20 48.41 -53.52
N LEU K 511 28.20 49.00 -54.71
CA LEU K 511 27.52 48.41 -55.86
C LEU K 511 28.47 48.24 -57.02
N CYS K 512 28.33 47.13 -57.74
CA CYS K 512 29.01 46.96 -59.00
C CYS K 512 28.37 47.86 -60.05
N PRO K 513 29.02 48.08 -61.19
CA PRO K 513 28.36 48.83 -62.26
C PRO K 513 27.12 48.16 -62.81
N TRP K 514 27.06 46.83 -62.80
CA TRP K 514 25.88 46.13 -63.28
C TRP K 514 24.67 46.24 -62.37
N CYS K 515 24.83 46.16 -61.06
CA CYS K 515 23.69 46.40 -60.19
C CYS K 515 23.29 47.86 -60.15
N LEU K 516 24.23 48.77 -60.36
CA LEU K 516 23.91 50.18 -60.35
C LEU K 516 23.10 50.56 -61.59
N VAL K 517 23.22 49.78 -62.66
CA VAL K 517 22.24 49.85 -63.73
C VAL K 517 20.89 49.36 -63.24
N LYS K 518 20.88 48.24 -62.53
CA LYS K 518 19.62 47.61 -62.14
C LYS K 518 18.91 48.41 -61.06
N ARG K 519 19.64 48.94 -60.09
CA ARG K 519 19.02 49.77 -59.08
C ARG K 519 18.54 51.10 -59.66
N ALA K 520 19.15 51.55 -60.75
CA ALA K 520 18.59 52.66 -61.50
C ALA K 520 17.38 52.21 -62.31
N LEU K 521 17.39 50.98 -62.83
CA LEU K 521 16.23 50.49 -63.57
C LEU K 521 15.04 50.20 -62.66
N GLY K 522 15.28 49.89 -61.39
CA GLY K 522 14.15 49.67 -60.50
C GLY K 522 13.38 50.94 -60.19
N ALA K 523 14.09 52.08 -60.16
CA ALA K 523 13.43 53.36 -59.95
C ALA K 523 12.53 53.73 -61.12
N GLU K 524 12.99 53.52 -62.34
CA GLU K 524 12.16 53.72 -63.52
C GLU K 524 12.02 52.40 -64.26
N PRO K 525 11.15 51.50 -63.81
CA PRO K 525 10.95 50.23 -64.52
C PRO K 525 10.22 50.37 -65.84
N ARG K 526 9.60 51.52 -66.10
CA ARG K 526 8.99 51.78 -67.39
C ARG K 526 10.01 52.05 -68.47
N LEU K 527 11.27 52.26 -68.10
CA LEU K 527 12.34 52.57 -69.03
C LEU K 527 12.67 51.41 -69.97
N MET K 528 12.36 50.18 -69.57
CA MET K 528 12.67 49.03 -70.41
C MET K 528 11.75 48.88 -71.62
N ARG K 529 10.82 49.80 -71.84
CA ARG K 529 10.05 49.80 -73.08
C ARG K 529 10.92 50.09 -74.30
N ILE K 530 12.14 50.61 -74.08
CA ILE K 530 13.18 50.52 -75.09
C ILE K 530 13.40 49.07 -75.50
N LEU K 531 13.80 48.25 -74.54
CA LEU K 531 14.09 46.84 -74.76
C LEU K 531 12.85 46.04 -75.09
N LEU K 532 11.73 46.35 -74.44
CA LEU K 532 10.49 45.61 -74.60
C LEU K 532 9.91 45.76 -76.00
N LEU K 533 10.06 46.94 -76.59
CA LEU K 533 9.52 47.14 -77.93
C LEU K 533 10.49 46.72 -79.02
N GLY K 534 11.70 46.27 -78.66
CA GLY K 534 12.67 45.92 -79.67
C GLY K 534 13.17 47.09 -80.48
N ASP K 535 13.06 48.30 -79.91
CA ASP K 535 13.15 49.57 -80.63
C ASP K 535 12.27 49.56 -81.88
N LEU K 536 10.98 49.30 -81.64
CA LEU K 536 9.98 49.43 -82.69
C LEU K 536 9.88 50.87 -83.18
N TYR K 537 10.09 51.81 -82.27
CA TYR K 537 10.20 53.22 -82.59
C TYR K 537 11.67 53.55 -82.85
N SER K 538 12.02 54.82 -82.85
CA SER K 538 13.43 55.15 -82.72
C SER K 538 13.85 55.04 -81.26
N VAL K 539 15.14 55.31 -81.01
CA VAL K 539 15.62 55.27 -79.64
C VAL K 539 15.06 56.43 -78.82
N GLU K 540 14.75 57.55 -79.47
CA GLU K 540 14.26 58.70 -78.72
C GLU K 540 12.74 58.73 -78.69
N LYS K 541 12.10 58.07 -79.65
CA LYS K 541 10.65 58.08 -79.70
C LYS K 541 10.05 57.20 -78.59
N ILE K 542 10.80 56.20 -78.14
CA ILE K 542 10.36 55.40 -77.00
C ILE K 542 10.49 56.19 -75.71
N VAL K 543 11.69 56.72 -75.45
CA VAL K 543 12.02 57.23 -74.12
C VAL K 543 11.32 58.55 -73.84
N ASN K 544 10.99 59.32 -74.88
CA ASN K 544 10.39 60.63 -74.68
C ASN K 544 8.93 60.57 -74.22
N GLU K 545 8.31 59.40 -74.25
CA GLU K 545 6.99 59.26 -73.65
C GLU K 545 7.06 59.41 -72.14
N ILE K 546 7.99 58.70 -71.51
CA ILE K 546 8.12 58.70 -70.07
C ILE K 546 9.20 59.65 -69.59
N VAL K 547 9.79 60.42 -70.51
CA VAL K 547 10.39 61.69 -70.13
C VAL K 547 9.31 62.61 -69.55
N SER K 548 8.12 62.58 -70.14
CA SER K 548 7.04 63.48 -69.76
C SER K 548 6.41 63.08 -68.42
N ARG K 549 5.83 61.88 -68.37
CA ARG K 549 5.02 61.47 -67.23
C ARG K 549 5.87 61.23 -66.00
N ASP K 550 5.23 61.28 -64.82
CA ASP K 550 5.90 61.05 -63.54
C ASP K 550 5.05 60.12 -62.68
N VAL K 551 4.52 59.06 -63.28
CA VAL K 551 3.70 58.08 -62.58
C VAL K 551 4.58 57.25 -61.67
N LYS K 552 4.39 57.42 -60.36
CA LYS K 552 5.16 56.66 -59.38
C LYS K 552 4.62 55.23 -59.32
N ILE K 553 5.53 54.25 -59.23
CA ILE K 553 5.20 52.83 -59.23
C ILE K 553 5.63 52.24 -57.90
N GLU K 554 4.76 51.44 -57.30
CA GLU K 554 5.09 50.75 -56.06
C GLU K 554 5.39 49.29 -56.31
N ILE K 555 6.51 48.82 -55.79
CA ILE K 555 6.74 47.40 -55.58
C ILE K 555 6.47 47.16 -54.10
N PRO K 556 5.71 46.14 -53.73
CA PRO K 556 5.49 45.88 -52.30
C PRO K 556 6.73 45.38 -51.61
N SER K 557 6.88 45.78 -50.35
CA SER K 557 8.01 45.34 -49.56
C SER K 557 7.68 44.05 -48.84
N THR K 558 8.60 43.62 -48.00
CA THR K 558 8.37 42.40 -47.23
C THR K 558 7.47 42.67 -46.04
N SER K 559 7.55 43.86 -45.44
CA SER K 559 6.61 44.20 -44.40
C SER K 559 5.23 44.53 -44.96
N ASP K 560 5.12 44.77 -46.26
CA ASP K 560 3.82 44.86 -46.91
C ASP K 560 3.11 43.51 -46.90
N ILE K 561 3.80 42.47 -47.38
CA ILE K 561 3.21 41.15 -47.52
C ILE K 561 2.92 40.54 -46.16
N ALA K 562 3.78 40.79 -45.18
CA ALA K 562 3.58 40.27 -43.84
C ALA K 562 2.43 40.93 -43.11
N SER K 563 2.00 42.10 -43.57
CA SER K 563 0.96 42.85 -42.87
C SER K 563 -0.22 43.11 -43.79
N ILE K 564 -0.58 42.10 -44.59
CA ILE K 564 -1.80 42.20 -45.39
C ILE K 564 -3.02 42.24 -44.48
N LYS K 565 -3.07 41.34 -43.50
CA LYS K 565 -4.20 41.34 -42.57
C LYS K 565 -4.17 42.49 -41.59
N THR K 566 -3.10 43.29 -41.59
CA THR K 566 -3.22 44.62 -41.02
C THR K 566 -4.06 45.51 -41.93
N PHE K 567 -3.76 45.50 -43.24
CA PHE K 567 -4.53 46.35 -44.13
C PHE K 567 -5.91 45.77 -44.39
N GLU K 568 -6.08 44.46 -44.21
CA GLU K 568 -7.40 43.88 -44.38
C GLU K 568 -8.33 44.25 -43.24
N GLU K 569 -7.77 44.60 -42.09
CA GLU K 569 -8.62 44.94 -40.96
C GLU K 569 -8.81 46.44 -40.82
N MET K 570 -7.83 47.23 -41.29
CA MET K 570 -8.02 48.66 -41.40
C MET K 570 -9.07 49.05 -42.43
N ILE K 571 -9.31 48.21 -43.43
CA ILE K 571 -10.43 48.45 -44.33
C ILE K 571 -11.75 48.23 -43.62
N GLU K 572 -11.86 47.15 -42.84
CA GLU K 572 -13.14 46.77 -42.28
C GLU K 572 -13.51 47.66 -41.10
N LYS K 573 -12.62 47.77 -40.12
CA LYS K 573 -12.76 48.73 -39.05
C LYS K 573 -12.06 50.00 -39.50
N LYS K 574 -12.78 50.84 -40.26
CA LYS K 574 -12.15 51.80 -41.16
C LYS K 574 -11.52 52.98 -40.44
N ASN K 575 -12.34 53.79 -39.78
CA ASN K 575 -11.86 55.02 -39.17
C ASN K 575 -12.19 55.09 -37.70
N GLU K 576 -12.98 54.13 -37.20
CA GLU K 576 -13.42 54.15 -35.82
C GLU K 576 -12.28 53.73 -34.89
N ILE K 577 -11.26 53.07 -35.43
CA ILE K 577 -10.05 52.76 -34.68
C ILE K 577 -8.91 53.69 -35.07
N CYS K 578 -9.16 54.61 -36.02
CA CYS K 578 -8.13 55.49 -36.55
C CYS K 578 -8.55 56.94 -36.29
N GLU K 579 -8.24 57.44 -35.11
CA GLU K 579 -8.36 58.86 -34.82
C GLU K 579 -7.05 59.44 -34.29
N ASP K 580 -6.30 58.66 -33.52
CA ASP K 580 -4.96 59.01 -33.09
C ASP K 580 -3.95 58.80 -34.20
N LEU K 581 -4.38 58.22 -35.31
CA LEU K 581 -3.55 57.88 -36.45
C LEU K 581 -3.89 58.74 -37.67
N LYS K 582 -4.65 59.82 -37.47
CA LYS K 582 -5.04 60.72 -38.54
C LYS K 582 -3.99 61.79 -38.82
N GLU K 583 -2.77 61.54 -38.35
CA GLU K 583 -1.66 62.46 -38.47
C GLU K 583 -0.44 61.68 -38.93
N GLU K 584 -0.62 60.35 -39.04
CA GLU K 584 0.49 59.42 -39.24
C GLU K 584 0.48 58.79 -40.62
N GLU K 585 -0.17 59.44 -41.60
CA GLU K 585 -0.26 59.04 -43.03
C GLU K 585 -0.57 57.56 -43.25
N VAL K 586 -1.44 57.01 -42.40
CA VAL K 586 -1.95 55.66 -42.59
C VAL K 586 -3.43 55.75 -42.93
N CYS K 587 -4.09 56.81 -42.48
CA CYS K 587 -5.47 57.08 -42.83
C CYS K 587 -5.61 58.36 -43.61
N GLU K 588 -4.52 59.00 -43.99
CA GLU K 588 -4.55 60.20 -44.81
C GLU K 588 -4.76 59.82 -46.27
N LYS K 589 -4.69 60.82 -47.12
CA LYS K 589 -5.16 60.63 -48.47
C LYS K 589 -4.16 59.83 -49.30
N PRO K 590 -4.64 58.85 -50.05
CA PRO K 590 -3.86 58.31 -51.16
C PRO K 590 -3.53 59.42 -52.14
N SER K 591 -2.24 59.74 -52.24
CA SER K 591 -1.82 61.06 -52.70
C SER K 591 -1.69 61.20 -54.20
N GLU K 592 -0.77 60.48 -54.85
CA GLU K 592 -0.36 61.01 -56.15
C GLU K 592 -1.15 60.44 -57.32
N SER K 593 -0.83 59.22 -57.73
CA SER K 593 -1.68 58.42 -58.59
C SER K 593 -1.39 56.95 -58.34
N VAL K 594 -0.64 56.66 -57.28
CA VAL K 594 0.32 55.55 -57.25
C VAL K 594 -0.38 54.21 -57.33
N LEU K 595 0.07 53.39 -58.28
CA LEU K 595 -0.65 52.19 -58.66
C LEU K 595 0.36 51.20 -59.23
N SER K 596 0.19 49.94 -58.86
CA SER K 596 1.24 48.94 -58.96
C SER K 596 0.92 47.86 -59.99
N MET K 597 1.82 46.90 -60.05
CA MET K 597 1.63 45.65 -60.79
C MET K 597 0.97 44.57 -59.95
N TRP K 598 0.50 44.93 -58.75
CA TRP K 598 0.05 43.96 -57.77
C TRP K 598 -1.44 44.15 -57.52
N GLN K 599 -2.25 43.14 -57.87
CA GLN K 599 -3.64 43.41 -58.23
C GLN K 599 -4.52 43.63 -57.00
N TRP K 600 -4.22 42.98 -55.87
CA TRP K 600 -4.89 43.23 -54.60
C TRP K 600 -4.86 44.69 -54.20
N PHE K 601 -3.67 45.26 -54.12
CA PHE K 601 -3.45 46.70 -54.06
C PHE K 601 -4.24 47.46 -55.12
N ASN K 602 -4.20 47.00 -56.37
CA ASN K 602 -4.72 47.75 -57.50
C ASN K 602 -6.23 47.75 -57.62
N LYS K 603 -6.94 47.20 -56.64
CA LYS K 603 -8.37 47.41 -56.63
C LYS K 603 -8.83 47.62 -55.21
N ASN K 604 -7.89 47.87 -54.31
CA ASN K 604 -8.21 48.20 -52.93
C ASN K 604 -7.35 49.33 -52.38
N TYR K 605 -6.64 50.06 -53.24
CA TYR K 605 -5.85 51.19 -52.78
C TYR K 605 -6.74 52.38 -52.42
N TYR K 606 -7.84 52.57 -53.15
CA TYR K 606 -8.74 53.69 -52.92
C TYR K 606 -9.93 53.25 -52.07
N ASN K 607 -9.64 52.93 -50.81
CA ASN K 607 -10.68 52.67 -49.84
C ASN K 607 -10.74 53.74 -48.77
N GLY K 608 -9.83 54.71 -48.84
CA GLY K 608 -9.54 55.60 -47.73
C GLY K 608 -8.28 55.27 -46.99
N ILE K 609 -7.44 54.38 -47.53
CA ILE K 609 -6.21 53.95 -46.88
C ILE K 609 -5.09 54.02 -47.90
N ASN K 610 -4.08 54.83 -47.63
CA ASN K 610 -2.89 54.79 -48.47
C ASN K 610 -2.14 53.50 -48.23
N LEU K 611 -1.58 52.93 -49.29
CA LEU K 611 -0.82 51.70 -49.20
C LEU K 611 0.53 51.83 -49.89
N THR K 612 1.00 53.06 -50.14
CA THR K 612 2.31 53.25 -50.75
C THR K 612 3.40 53.21 -49.72
N ILE K 613 3.03 53.24 -48.44
CA ILE K 613 3.95 53.43 -47.33
C ILE K 613 4.80 52.19 -47.09
N ASP K 614 5.98 52.37 -46.51
CA ASP K 614 6.86 51.27 -46.14
C ASP K 614 6.76 51.11 -44.63
N PRO K 615 6.02 50.11 -44.13
CA PRO K 615 5.66 50.08 -42.69
C PRO K 615 6.74 49.46 -41.80
N GLU K 616 7.99 49.82 -42.06
CA GLU K 616 9.09 49.51 -41.16
C GLU K 616 9.28 50.61 -40.13
N GLU K 617 8.45 51.64 -40.18
CA GLU K 617 8.52 52.76 -39.26
C GLU K 617 7.21 52.93 -38.48
N TYR K 618 6.12 52.34 -38.94
CA TYR K 618 4.86 52.53 -38.23
C TYR K 618 4.69 51.44 -37.20
N TRP K 619 4.50 50.21 -37.66
CA TRP K 619 4.34 49.06 -36.78
C TRP K 619 5.45 48.03 -36.99
N PHE K 620 6.56 48.42 -37.62
CA PHE K 620 7.77 47.63 -37.52
C PHE K 620 8.98 48.51 -37.22
N SER K 621 8.76 49.62 -36.53
CA SER K 621 9.82 50.29 -35.79
C SER K 621 9.87 49.68 -34.40
N GLU K 622 10.50 50.35 -33.44
CA GLU K 622 10.35 49.93 -32.06
C GLU K 622 10.05 51.11 -31.15
N LYS K 623 10.17 52.33 -31.66
CA LYS K 623 9.84 53.50 -30.86
C LYS K 623 8.32 53.63 -30.78
N ARG K 624 7.68 53.88 -31.92
CA ARG K 624 6.22 53.99 -31.99
C ARG K 624 5.57 52.71 -32.50
N ARG K 625 6.11 51.55 -32.13
CA ARG K 625 5.47 50.29 -32.49
C ARG K 625 4.68 49.74 -31.32
N ARG K 626 5.23 49.86 -30.11
CA ARG K 626 4.52 49.52 -28.88
C ARG K 626 3.30 50.39 -28.68
N TYR K 627 3.40 51.67 -29.05
CA TYR K 627 2.26 52.58 -28.99
C TYR K 627 1.18 52.17 -29.98
N TYR K 628 1.57 51.64 -31.13
CA TYR K 628 0.54 51.20 -32.06
C TYR K 628 -0.10 49.92 -31.59
N PHE K 629 0.63 49.10 -30.85
CA PHE K 629 0.00 47.98 -30.18
C PHE K 629 -0.85 48.42 -29.01
N SER K 630 -0.66 49.62 -28.48
CA SER K 630 -1.63 50.17 -27.53
C SER K 630 -2.92 50.58 -28.22
N VAL K 631 -2.88 50.82 -29.53
CA VAL K 631 -4.10 51.11 -30.28
C VAL K 631 -4.87 49.84 -30.56
N PHE K 632 -4.18 48.80 -31.01
CA PHE K 632 -4.84 47.61 -31.53
C PHE K 632 -5.50 46.79 -30.42
N ARG K 633 -5.00 46.90 -29.19
CA ARG K 633 -5.52 46.11 -28.09
C ARG K 633 -6.80 46.70 -27.52
N ARG K 634 -7.00 48.01 -27.66
CA ARG K 634 -8.28 48.56 -27.23
C ARG K 634 -9.35 48.35 -28.29
N HIS K 635 -8.95 48.00 -29.51
CA HIS K 635 -9.91 47.74 -30.57
C HIS K 635 -9.99 46.27 -30.93
N ARG K 636 -9.10 45.44 -30.38
CA ARG K 636 -9.20 43.97 -30.36
C ARG K 636 -9.16 43.37 -31.78
N ILE K 637 -8.08 43.67 -32.50
CA ILE K 637 -7.85 43.17 -33.83
C ILE K 637 -6.67 42.21 -33.77
N THR K 638 -6.32 41.63 -34.91
CA THR K 638 -5.16 40.77 -35.01
C THR K 638 -3.92 41.61 -35.28
N PHE K 639 -2.84 41.32 -34.56
CA PHE K 639 -1.58 42.02 -34.70
C PHE K 639 -0.95 41.75 -36.06
N PRO K 640 -0.04 42.63 -36.51
CA PRO K 640 0.80 42.26 -37.65
C PRO K 640 1.65 41.05 -37.33
N SER K 641 1.72 40.13 -38.28
CA SER K 641 2.47 38.91 -38.13
C SER K 641 3.78 39.04 -38.88
N PRO K 642 4.94 38.91 -38.24
CA PRO K 642 6.19 39.25 -38.92
C PRO K 642 6.72 38.16 -39.84
N TYR K 643 5.88 37.56 -40.68
CA TYR K 643 6.31 36.46 -41.53
C TYR K 643 5.52 36.50 -42.83
N TYR K 644 6.21 36.58 -43.96
CA TYR K 644 5.59 36.42 -45.25
C TYR K 644 5.79 34.98 -45.71
N ALA K 645 5.49 34.69 -46.97
CA ALA K 645 5.72 33.36 -47.52
C ALA K 645 6.18 33.45 -48.96
N LEU K 646 7.37 32.93 -49.24
CA LEU K 646 7.86 32.82 -50.62
C LEU K 646 7.47 31.46 -51.17
N VAL K 647 6.90 31.44 -52.38
CA VAL K 647 6.48 30.21 -53.01
C VAL K 647 7.17 30.09 -54.35
N ARG K 648 7.84 28.97 -54.58
CA ARG K 648 8.42 28.66 -55.88
C ARG K 648 7.74 27.41 -56.40
N ALA K 649 7.67 27.28 -57.72
CA ALA K 649 7.15 26.07 -58.32
C ALA K 649 8.16 25.54 -59.32
N ASP K 650 7.83 24.40 -59.91
CA ASP K 650 8.62 23.80 -60.97
C ASP K 650 7.76 22.84 -61.76
N SER K 651 7.99 22.75 -63.06
CA SER K 651 7.42 21.65 -63.82
C SER K 651 8.29 20.42 -63.66
N ASP K 652 7.64 19.30 -63.39
CA ASP K 652 8.33 18.05 -63.10
C ASP K 652 8.40 17.20 -64.36
N TYR K 653 9.63 16.89 -64.78
CA TYR K 653 9.92 16.17 -66.03
C TYR K 653 9.24 16.85 -67.23
N LEU K 654 9.62 18.09 -67.51
CA LEU K 654 8.95 18.77 -68.60
C LEU K 654 9.60 18.44 -69.94
N GLY K 655 10.90 18.66 -70.04
CA GLY K 655 11.56 18.63 -71.35
C GLY K 655 11.61 17.25 -71.96
N ASP K 656 11.70 16.23 -71.12
CA ASP K 656 11.65 14.87 -71.63
C ASP K 656 10.25 14.44 -72.04
N LEU K 657 9.21 15.07 -71.48
CA LEU K 657 7.89 14.93 -72.09
C LEU K 657 7.88 15.59 -73.46
N LEU K 658 8.50 16.76 -73.56
CA LEU K 658 8.64 17.40 -74.85
C LEU K 658 9.67 16.68 -75.72
N GLU K 659 10.52 15.84 -75.12
CA GLU K 659 11.31 14.89 -75.89
C GLU K 659 10.55 13.59 -76.08
N GLY K 660 9.47 13.40 -75.34
CA GLY K 660 8.61 12.27 -75.60
C GLY K 660 8.84 11.10 -74.68
N LYS K 661 9.59 11.30 -73.61
CA LYS K 661 9.88 10.24 -72.66
C LYS K 661 8.71 10.05 -71.71
N LEU K 662 8.64 8.86 -71.13
CA LEU K 662 7.50 8.47 -70.31
C LEU K 662 7.83 8.52 -68.82
N THR K 663 8.87 9.24 -68.44
CA THR K 663 9.10 9.52 -67.02
C THR K 663 7.99 10.32 -66.32
N PRO K 664 7.36 11.38 -66.88
CA PRO K 664 6.39 12.10 -66.04
C PRO K 664 5.10 11.34 -65.78
N TYR K 665 4.87 10.25 -66.52
CA TYR K 665 3.76 9.36 -66.21
C TYR K 665 4.09 8.48 -65.00
N LEU K 666 5.34 8.05 -64.90
CA LEU K 666 5.79 7.10 -63.89
C LEU K 666 6.96 7.71 -63.12
N ALA K 667 6.75 8.93 -62.62
CA ALA K 667 7.79 9.72 -61.96
C ALA K 667 8.32 9.03 -60.72
N GLY K 668 9.60 8.67 -60.75
CA GLY K 668 10.21 7.89 -59.71
C GLY K 668 10.13 6.39 -59.90
N ILE K 669 9.14 5.91 -60.64
CA ILE K 669 9.11 4.50 -61.02
C ILE K 669 10.20 4.18 -62.02
N ILE K 670 10.32 5.01 -63.06
CA ILE K 670 11.37 4.86 -64.05
C ILE K 670 11.85 6.26 -64.45
N ASP K 671 13.02 6.63 -63.96
CA ASP K 671 13.57 7.94 -64.27
C ASP K 671 14.22 7.91 -65.66
N SER K 672 14.71 9.08 -66.09
CA SER K 672 15.20 9.24 -67.45
C SER K 672 16.52 8.51 -67.68
N GLY K 673 17.28 8.26 -66.62
CA GLY K 673 18.52 7.52 -66.74
C GLY K 673 18.34 6.05 -67.05
N ASP K 674 17.12 5.52 -66.90
CA ASP K 674 16.85 4.14 -67.23
C ASP K 674 16.60 3.93 -68.72
N TYR K 675 16.69 4.97 -69.53
CA TYR K 675 16.54 4.85 -70.97
C TYR K 675 17.79 4.34 -71.67
N ALA K 676 18.79 3.84 -70.94
CA ALA K 676 19.86 3.12 -71.58
C ALA K 676 19.44 1.72 -72.00
N ASN K 677 18.88 0.94 -71.06
CA ASN K 677 18.49 -0.45 -71.32
C ASN K 677 17.03 -0.60 -70.90
N ILE K 678 16.13 -0.34 -71.86
CA ILE K 678 14.70 -0.46 -71.62
C ILE K 678 14.21 -1.89 -71.77
N SER K 679 15.08 -2.80 -72.22
CA SER K 679 14.74 -4.20 -72.44
C SER K 679 14.86 -5.04 -71.17
N GLU K 680 14.92 -4.41 -70.01
CA GLU K 680 14.77 -5.06 -68.71
C GLU K 680 13.75 -4.32 -67.85
N LYS K 681 13.56 -3.04 -68.11
CA LYS K 681 12.45 -2.27 -67.54
C LYS K 681 11.21 -2.30 -68.41
N LYS K 682 11.09 -3.32 -69.27
CA LYS K 682 10.03 -3.39 -70.26
C LYS K 682 8.65 -3.72 -69.68
N GLU K 683 8.56 -3.91 -68.36
CA GLU K 683 7.35 -4.44 -67.76
C GLU K 683 6.22 -3.42 -67.80
N GLU K 684 6.41 -2.29 -67.10
CA GLU K 684 5.31 -1.35 -66.94
C GLU K 684 5.29 -0.30 -68.05
N VAL K 685 6.43 -0.09 -68.72
CA VAL K 685 6.45 0.90 -69.80
C VAL K 685 5.69 0.38 -71.02
N ASN K 686 5.83 -0.90 -71.35
CA ASN K 686 5.11 -1.48 -72.46
C ASN K 686 3.68 -1.79 -72.10
N LYS K 687 3.32 -1.66 -70.84
CA LYS K 687 1.94 -1.55 -70.42
C LYS K 687 1.42 -0.12 -70.54
N LEU K 688 2.30 0.88 -70.38
CA LEU K 688 1.86 2.26 -70.21
C LEU K 688 1.40 2.88 -71.53
N LEU K 689 2.28 2.92 -72.52
CA LEU K 689 1.91 3.48 -73.83
C LEU K 689 0.93 2.60 -74.56
N GLU K 690 0.89 1.32 -74.23
CA GLU K 690 -0.10 0.40 -74.77
C GLU K 690 -1.51 0.84 -74.41
N GLU K 691 -1.79 0.96 -73.11
CA GLU K 691 -3.15 1.32 -72.68
C GLU K 691 -3.46 2.79 -72.92
N TYR K 692 -2.46 3.61 -73.25
CA TYR K 692 -2.78 4.96 -73.67
C TYR K 692 -3.25 5.04 -75.11
N LEU K 693 -2.46 4.49 -76.04
CA LEU K 693 -2.74 4.69 -77.46
C LEU K 693 -3.98 3.93 -77.90
N VAL K 694 -4.29 2.82 -77.23
CA VAL K 694 -5.54 2.13 -77.53
C VAL K 694 -6.72 2.88 -76.92
N ASN K 695 -6.48 3.70 -75.90
CA ASN K 695 -7.49 4.61 -75.37
C ASN K 695 -7.58 5.89 -76.17
N ALA K 696 -6.73 6.08 -77.19
CA ALA K 696 -6.74 7.31 -77.96
C ALA K 696 -7.69 7.21 -79.14
N GLY K 697 -8.05 5.99 -79.54
CA GLY K 697 -8.93 5.83 -80.68
C GLY K 697 -10.40 5.92 -80.30
N SER K 698 -11.24 5.88 -81.33
CA SER K 698 -12.68 5.88 -81.13
C SER K 698 -13.32 4.97 -82.17
N GLY K 699 -14.03 3.96 -81.68
CA GLY K 699 -14.82 3.12 -82.57
C GLY K 699 -14.04 1.97 -83.17
N SER K 700 -14.15 1.81 -84.49
CA SER K 700 -13.53 0.70 -85.18
C SER K 700 -12.02 0.83 -85.34
N ILE K 701 -11.48 2.04 -85.15
CA ILE K 701 -10.03 2.24 -85.17
C ILE K 701 -9.37 1.75 -83.89
N VAL K 702 -10.16 1.49 -82.84
CA VAL K 702 -9.61 1.01 -81.58
C VAL K 702 -9.04 -0.39 -81.74
N ASP K 703 -9.76 -1.27 -82.46
CA ASP K 703 -9.30 -2.63 -82.69
C ASP K 703 -8.14 -2.69 -83.66
N TYR K 704 -7.98 -1.66 -84.51
CA TYR K 704 -6.99 -1.65 -85.57
C TYR K 704 -5.58 -1.56 -85.02
N VAL K 705 -5.42 -1.01 -83.82
CA VAL K 705 -4.10 -0.87 -83.22
C VAL K 705 -3.83 -1.91 -82.14
N LYS K 706 -4.85 -2.61 -81.64
CA LYS K 706 -4.63 -3.42 -80.45
C LYS K 706 -4.12 -4.82 -80.74
N THR K 707 -3.84 -5.18 -82.00
CA THR K 707 -3.16 -6.43 -82.29
C THR K 707 -1.89 -6.24 -83.11
N VAL K 708 -1.75 -5.13 -83.82
CA VAL K 708 -0.53 -4.80 -84.54
C VAL K 708 0.58 -4.37 -83.58
N LEU K 709 0.21 -3.88 -82.40
CA LEU K 709 1.14 -3.33 -81.42
C LEU K 709 1.76 -4.42 -80.56
N LYS K 710 1.04 -5.51 -80.32
CA LYS K 710 1.46 -6.46 -79.30
C LYS K 710 2.44 -7.49 -79.86
N CYS K 711 2.43 -7.70 -81.17
CA CYS K 711 3.31 -8.69 -81.77
C CYS K 711 4.69 -8.11 -82.10
N ILE K 712 5.53 -7.98 -81.08
CA ILE K 712 6.90 -7.47 -81.30
C ILE K 712 7.94 -8.49 -80.84
N ARG K 713 7.73 -9.05 -79.64
CA ARG K 713 8.47 -10.22 -79.18
C ARG K 713 7.43 -11.23 -78.70
N GLU K 714 6.32 -11.28 -79.45
CA GLU K 714 5.23 -12.21 -79.21
C GLU K 714 5.15 -13.21 -80.36
N ASN K 715 4.99 -12.71 -81.58
CA ASN K 715 4.95 -13.54 -82.77
C ASN K 715 6.36 -13.65 -83.32
N LEU K 716 6.51 -14.16 -84.54
CA LEU K 716 7.76 -14.39 -85.23
C LEU K 716 8.38 -13.12 -85.86
N ASN K 717 7.98 -11.94 -85.37
CA ASN K 717 8.70 -10.66 -85.44
C ASN K 717 8.69 -9.99 -86.81
N LYS K 718 8.23 -10.68 -87.85
CA LYS K 718 8.17 -10.04 -89.15
C LYS K 718 6.72 -9.66 -89.46
N CYS K 719 6.44 -9.33 -90.72
CA CYS K 719 5.07 -9.13 -91.16
C CYS K 719 4.22 -10.39 -91.04
N SER K 720 2.93 -10.23 -91.32
CA SER K 720 1.86 -11.20 -91.05
C SER K 720 1.81 -11.60 -89.58
N CYS K 721 2.04 -10.64 -88.67
CA CYS K 721 1.58 -10.79 -87.29
C CYS K 721 0.29 -10.01 -87.08
N ALA K 722 -0.15 -9.26 -88.08
CA ALA K 722 -1.33 -8.41 -87.96
C ALA K 722 -2.13 -8.36 -89.25
N GLU K 723 -2.13 -9.43 -90.03
CA GLU K 723 -2.90 -9.40 -91.27
C GLU K 723 -4.37 -9.72 -91.00
N LYS K 724 -4.66 -10.25 -89.80
CA LYS K 724 -6.01 -10.68 -89.45
C LYS K 724 -6.99 -9.52 -89.36
N ILE K 725 -6.50 -8.31 -89.09
CA ILE K 725 -7.36 -7.15 -88.94
C ILE K 725 -7.58 -6.45 -90.27
N TYR K 726 -7.18 -7.09 -91.38
CA TYR K 726 -7.62 -6.61 -92.67
C TYR K 726 -9.07 -6.96 -92.96
N SER K 727 -9.60 -8.01 -92.33
CA SER K 727 -10.93 -8.56 -92.58
C SER K 727 -12.05 -7.57 -92.28
N ASN K 728 -11.81 -6.56 -91.46
CA ASN K 728 -12.77 -5.51 -91.19
C ASN K 728 -12.27 -4.15 -91.65
N GLU K 729 -10.98 -4.05 -91.99
CA GLU K 729 -10.42 -2.96 -92.76
C GLU K 729 -11.02 -2.88 -94.16
N VAL K 730 -11.41 -4.02 -94.73
CA VAL K 730 -11.98 -4.10 -96.06
C VAL K 730 -13.40 -3.56 -96.12
N ALA K 731 -14.04 -3.33 -94.97
CA ALA K 731 -15.44 -2.91 -94.88
C ALA K 731 -15.66 -1.46 -95.30
N LYS K 732 -14.61 -0.75 -95.72
CA LYS K 732 -14.76 0.65 -96.11
C LYS K 732 -13.99 0.98 -97.39
N VAL K 733 -13.24 0.03 -97.96
CA VAL K 733 -12.29 0.36 -99.02
C VAL K 733 -12.95 0.57 -100.38
N MET K 734 -14.02 -0.15 -100.70
CA MET K 734 -14.75 0.04 -101.96
C MET K 734 -16.07 0.68 -101.57
N PHE K 735 -16.04 2.00 -101.37
CA PHE K 735 -17.18 2.74 -100.82
C PHE K 735 -17.58 3.88 -101.75
N ARG K 736 -16.59 4.67 -102.16
CA ARG K 736 -16.81 5.88 -102.95
C ARG K 736 -15.72 6.01 -104.01
N VAL K 737 -15.41 4.91 -104.72
CA VAL K 737 -14.06 4.47 -105.07
C VAL K 737 -13.11 5.56 -105.55
N ASN K 738 -11.99 5.65 -104.85
CA ASN K 738 -10.94 6.63 -105.11
C ASN K 738 -9.57 6.04 -104.85
N VAL K 739 -9.51 4.74 -104.54
CA VAL K 739 -8.29 4.05 -104.14
C VAL K 739 -7.62 3.48 -105.37
N GLU K 740 -6.29 3.59 -105.40
CA GLU K 740 -5.54 3.31 -106.62
C GLU K 740 -5.05 1.87 -106.70
N LYS K 741 -5.60 0.96 -105.91
CA LYS K 741 -4.96 -0.33 -105.70
C LYS K 741 -5.93 -1.37 -105.16
N ALA K 742 -5.50 -2.63 -105.22
CA ALA K 742 -6.19 -3.74 -104.59
C ALA K 742 -5.29 -4.51 -103.62
N ASN K 743 -4.08 -4.02 -103.36
CA ASN K 743 -3.11 -4.70 -102.51
C ASN K 743 -2.74 -3.83 -101.32
N VAL K 744 -2.90 -4.38 -100.11
CA VAL K 744 -2.44 -3.76 -98.88
C VAL K 744 -1.44 -4.72 -98.23
N GLU K 745 -0.17 -4.53 -98.54
CA GLU K 745 0.94 -5.28 -97.97
C GLU K 745 1.83 -4.22 -97.35
N GLU K 746 1.49 -2.97 -97.61
CA GLU K 746 2.28 -1.82 -97.23
C GLU K 746 1.64 -0.96 -96.15
N GLU K 747 0.31 -0.92 -96.04
CA GLU K 747 -0.30 -0.17 -94.94
C GLU K 747 -0.43 -0.99 -93.67
N VAL K 748 0.03 -2.23 -93.66
CA VAL K 748 0.09 -3.02 -92.43
C VAL K 748 1.58 -3.29 -92.23
N LYS K 749 2.41 -2.44 -92.82
CA LYS K 749 3.85 -2.53 -92.62
C LYS K 749 4.42 -1.19 -92.19
N ASN K 750 3.92 -0.11 -92.78
CA ASN K 750 4.39 1.21 -92.36
C ASN K 750 3.71 1.64 -91.07
N SER K 751 2.53 1.10 -90.80
CA SER K 751 1.99 1.15 -89.47
C SER K 751 2.80 0.32 -88.49
N LEU K 752 3.33 -0.81 -88.94
CA LEU K 752 4.15 -1.65 -88.09
C LEU K 752 5.51 -1.04 -87.77
N GLU K 753 6.11 -0.31 -88.72
CA GLU K 753 7.41 0.32 -88.44
C GLU K 753 7.25 1.51 -87.50
N TYR K 754 6.07 2.13 -87.46
CA TYR K 754 5.80 3.20 -86.52
C TYR K 754 5.79 2.67 -85.09
N PHE K 755 5.09 1.56 -84.88
CA PHE K 755 5.10 0.94 -83.57
C PHE K 755 6.33 0.07 -83.35
N GLU K 756 7.14 -0.15 -84.39
CA GLU K 756 8.48 -0.66 -84.18
C GLU K 756 9.35 0.39 -83.50
N THR K 757 9.10 1.67 -83.81
CA THR K 757 9.84 2.74 -83.15
C THR K 757 9.39 2.92 -81.71
N ILE K 758 8.09 3.11 -81.49
CA ILE K 758 7.59 3.55 -80.20
C ILE K 758 7.31 2.40 -79.25
N LEU K 759 7.75 1.19 -79.59
CA LEU K 759 7.90 0.17 -78.57
C LEU K 759 9.34 -0.23 -78.31
N ASN K 760 10.16 -0.41 -79.33
CA ASN K 760 11.54 -0.82 -79.08
C ASN K 760 12.35 0.37 -78.58
N GLU K 761 11.89 1.59 -78.85
CA GLU K 761 12.25 2.76 -78.07
C GLU K 761 11.00 3.27 -77.36
N GLY K 762 11.11 3.46 -76.05
CA GLY K 762 10.00 3.90 -75.24
C GLY K 762 9.59 5.34 -75.42
N ARG K 763 10.37 6.13 -76.14
CA ARG K 763 10.00 7.49 -76.45
C ARG K 763 8.74 7.52 -77.30
N ILE K 764 7.95 8.57 -77.12
CA ILE K 764 6.83 8.86 -78.00
C ILE K 764 7.26 9.97 -78.93
N ILE K 765 6.66 10.01 -80.13
CA ILE K 765 7.21 10.82 -81.20
C ILE K 765 6.84 12.27 -81.01
N VAL K 766 7.83 13.14 -81.14
CA VAL K 766 7.66 14.57 -81.05
C VAL K 766 7.36 15.12 -82.43
N THR K 767 6.19 15.71 -82.58
CA THR K 767 5.72 16.26 -83.83
C THR K 767 5.77 17.78 -83.72
N PRO K 768 5.54 18.53 -84.80
CA PRO K 768 5.31 19.97 -84.63
C PRO K 768 4.09 20.28 -83.79
N ALA K 769 3.02 19.51 -83.95
CA ALA K 769 1.82 19.70 -83.15
C ALA K 769 2.03 19.33 -81.69
N TRP K 770 3.07 18.53 -81.40
CA TRP K 770 3.39 18.16 -80.03
C TRP K 770 3.76 19.38 -79.20
N HIS K 771 4.72 20.18 -79.66
CA HIS K 771 5.15 21.34 -78.89
C HIS K 771 4.09 22.43 -78.86
N VAL K 772 3.35 22.61 -79.95
CA VAL K 772 2.33 23.65 -80.00
C VAL K 772 1.21 23.33 -79.02
N SER K 773 0.91 22.03 -78.84
CA SER K 773 -0.17 21.64 -77.94
C SER K 773 0.20 21.88 -76.48
N ILE K 774 1.41 21.52 -76.09
CA ILE K 774 1.82 21.71 -74.70
C ILE K 774 2.04 23.19 -74.41
N SER K 775 2.74 23.90 -75.30
CA SER K 775 3.11 25.29 -75.02
C SER K 775 1.89 26.21 -75.01
N SER K 776 0.85 25.86 -75.75
CA SER K 776 -0.39 26.61 -75.62
C SER K 776 -1.07 26.33 -74.29
N ALA K 777 -0.95 25.11 -73.78
CA ALA K 777 -1.43 24.81 -72.44
C ALA K 777 -0.52 25.38 -71.36
N LEU K 778 0.79 25.47 -71.64
CA LEU K 778 1.69 26.21 -70.77
C LEU K 778 1.31 27.67 -70.66
N ASN K 779 1.01 28.31 -71.80
CA ASN K 779 0.58 29.70 -71.81
C ASN K 779 -0.78 29.88 -71.16
N ARG K 780 -1.67 28.90 -71.27
CA ARG K 780 -2.92 28.98 -70.53
C ARG K 780 -2.72 28.66 -69.07
N GLY K 781 -1.83 27.70 -68.77
CA GLY K 781 -1.44 27.46 -67.39
C GLY K 781 -0.73 28.62 -66.76
N LEU K 782 -0.03 29.42 -67.57
CA LEU K 782 0.60 30.65 -67.12
C LEU K 782 -0.42 31.64 -66.60
N LEU K 783 -1.34 32.08 -67.45
CA LEU K 783 -2.26 33.15 -67.10
C LEU K 783 -3.29 32.74 -66.07
N VAL K 784 -3.62 31.45 -65.99
CA VAL K 784 -4.51 31.04 -64.92
C VAL K 784 -3.76 31.06 -63.61
N GLU K 785 -2.45 30.89 -63.65
CA GLU K 785 -1.69 30.90 -62.42
C GLU K 785 -1.45 32.33 -61.96
N LEU K 786 -1.43 33.26 -62.90
CA LEU K 786 -1.40 34.67 -62.57
C LEU K 786 -2.70 35.14 -61.96
N GLU K 787 -3.82 34.49 -62.29
CA GLU K 787 -5.10 34.84 -61.70
C GLU K 787 -5.35 34.10 -60.40
N LEU K 788 -4.83 32.89 -60.27
CA LEU K 788 -4.94 32.15 -59.02
C LEU K 788 -4.20 32.83 -57.88
N VAL K 789 -3.03 33.41 -58.18
CA VAL K 789 -2.20 33.96 -57.12
C VAL K 789 -2.81 35.25 -56.57
N ASN K 790 -3.52 36.00 -57.40
CA ASN K 790 -4.15 37.20 -56.90
C ASN K 790 -5.66 37.07 -56.78
N LYS K 791 -6.20 35.86 -56.92
CA LYS K 791 -7.42 35.55 -56.19
C LYS K 791 -7.13 35.45 -54.71
N HIS K 792 -5.91 35.05 -54.37
CA HIS K 792 -5.33 35.24 -53.05
C HIS K 792 -4.74 36.64 -52.99
N LYS K 793 -3.87 36.92 -52.03
CA LYS K 793 -3.30 38.25 -51.95
C LYS K 793 -1.88 38.24 -52.49
N GLY K 794 -1.65 37.45 -53.54
CA GLY K 794 -0.30 37.12 -53.91
C GLY K 794 0.32 38.15 -54.84
N PHE K 795 1.64 38.06 -54.98
CA PHE K 795 2.44 38.94 -55.81
C PHE K 795 3.34 38.06 -56.65
N VAL K 796 3.59 38.47 -57.89
CA VAL K 796 4.43 37.67 -58.78
C VAL K 796 5.80 38.31 -58.88
N ILE K 797 6.84 37.50 -58.67
CA ILE K 797 8.21 37.90 -58.87
C ILE K 797 8.75 37.43 -60.21
N TYR K 798 8.79 36.12 -60.41
CA TYR K 798 9.08 35.54 -61.71
C TYR K 798 7.98 34.56 -62.05
N ALA K 799 7.55 34.56 -63.30
CA ALA K 799 6.59 33.56 -63.75
C ALA K 799 6.91 33.19 -65.20
N GLY K 800 7.75 32.18 -65.39
CA GLY K 800 8.02 31.72 -66.74
C GLY K 800 6.86 30.95 -67.32
N GLY K 801 6.07 30.31 -66.45
CA GLY K 801 4.95 29.50 -66.88
C GLY K 801 5.11 28.01 -66.62
N ASP K 802 6.27 27.45 -66.91
CA ASP K 802 6.59 26.09 -66.49
C ASP K 802 7.41 26.19 -65.20
N ASP K 803 7.83 27.41 -64.91
CA ASP K 803 8.46 27.78 -63.67
C ASP K 803 7.66 28.93 -63.06
N LEU K 804 7.88 29.17 -61.78
CA LEU K 804 7.14 30.18 -61.06
C LEU K 804 7.95 30.60 -59.85
N LEU K 805 7.79 31.87 -59.46
CA LEU K 805 8.30 32.35 -58.20
C LEU K 805 7.40 33.50 -57.74
N ALA K 806 6.59 33.25 -56.71
CA ALA K 806 5.60 34.20 -56.25
C ALA K 806 5.77 34.39 -54.74
N MET K 807 5.08 35.37 -54.19
CA MET K 807 5.21 35.67 -52.75
C MET K 807 3.83 35.91 -52.18
N LEU K 808 3.23 34.88 -51.60
CA LEU K 808 1.90 34.92 -51.04
C LEU K 808 1.96 35.37 -49.59
N PRO K 809 0.86 35.91 -49.05
CA PRO K 809 0.79 36.07 -47.60
C PRO K 809 0.73 34.72 -46.92
N VAL K 810 1.08 34.72 -45.64
CA VAL K 810 1.32 33.48 -44.91
C VAL K 810 0.09 32.60 -44.77
N ASP K 811 -1.11 33.17 -44.80
CA ASP K 811 -2.32 32.40 -44.63
C ASP K 811 -2.67 31.54 -45.83
N GLU K 812 -2.78 32.14 -47.00
CA GLU K 812 -3.45 31.53 -48.14
C GLU K 812 -2.54 30.63 -48.96
N VAL K 813 -1.46 30.13 -48.38
CA VAL K 813 -0.50 29.37 -49.16
C VAL K 813 -1.00 27.96 -49.45
N LEU K 814 -1.67 27.32 -48.50
CA LEU K 814 -1.97 25.90 -48.60
C LEU K 814 -3.08 25.63 -49.60
N ASP K 815 -4.19 26.35 -49.49
CA ASP K 815 -5.26 26.23 -50.45
C ASP K 815 -4.88 26.79 -51.81
N PHE K 816 -3.87 27.64 -51.88
CA PHE K 816 -3.25 27.95 -53.16
C PHE K 816 -2.60 26.73 -53.75
N ILE K 817 -1.64 26.15 -53.02
CA ILE K 817 -0.93 24.93 -53.42
C ILE K 817 -1.92 23.81 -53.73
N LYS K 818 -2.98 23.73 -52.93
CA LYS K 818 -4.06 22.81 -53.23
C LYS K 818 -4.71 23.11 -54.57
N GLU K 819 -4.95 24.38 -54.87
CA GLU K 819 -5.67 24.70 -56.08
C GLU K 819 -4.75 25.17 -57.20
N SER K 820 -3.45 25.30 -56.94
CA SER K 820 -2.50 25.52 -58.02
C SER K 820 -2.15 24.22 -58.69
N ARG K 821 -1.87 23.20 -57.87
CA ARG K 821 -1.63 21.86 -58.38
C ARG K 821 -2.90 21.30 -59.02
N ARG K 822 -4.07 21.72 -58.54
CA ARG K 822 -5.32 21.33 -59.19
C ARG K 822 -5.59 22.15 -60.44
N ALA K 823 -4.97 23.31 -60.58
CA ALA K 823 -5.14 24.05 -61.82
C ALA K 823 -4.09 23.69 -62.87
N PHE K 824 -2.86 23.40 -62.44
CA PHE K 824 -1.82 23.05 -63.40
C PHE K 824 -2.06 21.67 -63.97
N ALA K 825 -2.54 20.74 -63.14
CA ALA K 825 -3.07 19.51 -63.68
C ALA K 825 -4.39 19.73 -64.40
N GLY K 826 -5.20 20.67 -63.92
CA GLY K 826 -6.43 21.04 -64.59
C GLY K 826 -7.64 20.43 -63.93
N PHE K 827 -8.25 21.21 -63.03
CA PHE K 827 -9.39 20.81 -62.22
C PHE K 827 -9.92 22.06 -61.52
N GLY K 828 -11.21 22.33 -61.63
CA GLY K 828 -11.74 23.53 -61.03
C GLY K 828 -13.07 23.34 -60.34
N THR K 829 -13.37 24.20 -59.38
CA THR K 829 -14.66 24.27 -58.73
C THR K 829 -15.04 25.73 -58.53
N GLU K 830 -14.12 26.61 -58.91
CA GLU K 830 -14.22 28.03 -58.67
C GLU K 830 -14.10 28.74 -60.01
N LYS K 831 -14.91 29.77 -60.23
CA LYS K 831 -14.93 30.45 -61.51
C LYS K 831 -13.93 31.61 -61.49
N LEU K 832 -12.98 31.56 -62.43
CA LEU K 832 -11.94 32.57 -62.58
C LEU K 832 -12.45 33.75 -63.39
N GLY K 833 -11.51 34.53 -63.96
CA GLY K 833 -11.79 35.66 -64.82
C GLY K 833 -12.89 35.50 -65.85
N ASN K 834 -12.71 34.61 -66.83
CA ASN K 834 -13.85 34.18 -67.64
C ASN K 834 -13.76 32.71 -68.02
N MET K 835 -12.86 31.97 -67.38
CA MET K 835 -12.49 30.64 -67.85
C MET K 835 -13.05 29.56 -66.94
N CYS K 836 -13.59 28.51 -67.54
CA CYS K 836 -14.08 27.37 -66.78
C CYS K 836 -13.05 26.25 -66.83
N LEU K 837 -12.82 25.62 -65.69
CA LEU K 837 -11.72 24.69 -65.50
C LEU K 837 -12.29 23.31 -65.17
N GLU K 838 -12.16 22.37 -66.11
CA GLU K 838 -12.75 21.05 -65.99
C GLU K 838 -11.67 19.98 -65.82
N ASN K 839 -12.11 18.72 -65.83
CA ASN K 839 -11.27 17.58 -65.52
C ASN K 839 -10.35 17.28 -66.70
N GLY K 840 -9.09 17.67 -66.60
CA GLY K 840 -8.18 17.42 -67.68
C GLY K 840 -8.29 18.37 -68.86
N PHE K 841 -9.11 19.40 -68.75
CA PHE K 841 -9.29 20.39 -69.79
C PHE K 841 -9.46 21.77 -69.16
N VAL K 842 -9.74 22.75 -70.00
CA VAL K 842 -10.15 24.08 -69.56
C VAL K 842 -11.08 24.64 -70.63
N ARG K 843 -12.20 25.22 -70.21
CA ARG K 843 -13.25 25.67 -71.12
C ARG K 843 -13.30 27.20 -71.05
N ILE K 844 -13.05 27.85 -72.19
CA ILE K 844 -13.31 29.28 -72.24
C ILE K 844 -14.50 29.52 -73.16
N ASN K 845 -15.68 29.52 -72.55
CA ASN K 845 -17.01 29.88 -73.04
C ASN K 845 -17.63 28.90 -74.04
N ASN K 846 -16.82 28.08 -74.73
CA ASN K 846 -17.32 26.82 -75.25
C ASN K 846 -16.20 25.79 -75.29
N ALA K 847 -14.98 26.26 -75.48
CA ALA K 847 -13.93 25.48 -76.13
C ALA K 847 -13.07 24.78 -75.08
N TYR K 848 -13.10 23.47 -75.09
CA TYR K 848 -12.32 22.68 -74.15
C TYR K 848 -10.87 22.64 -74.60
N TYR K 849 -10.10 23.66 -74.21
CA TYR K 849 -8.66 23.54 -74.37
C TYR K 849 -8.10 22.52 -73.39
N PRO K 850 -7.10 21.74 -73.78
CA PRO K 850 -6.61 20.68 -72.90
C PRO K 850 -5.78 21.19 -71.73
N SER K 851 -5.19 20.25 -71.02
CA SER K 851 -4.40 20.55 -69.83
C SER K 851 -3.11 19.74 -69.77
N LEU K 852 -2.42 19.83 -68.64
CA LEU K 852 -1.23 19.03 -68.35
C LEU K 852 -1.52 18.21 -67.11
N PRO K 853 -2.30 17.13 -67.22
CA PRO K 853 -2.75 16.45 -65.99
C PRO K 853 -1.70 15.58 -65.34
N ILE K 854 -0.84 14.93 -66.12
CA ILE K 854 0.09 13.96 -65.56
C ILE K 854 1.41 14.61 -65.16
N VAL K 855 1.63 15.85 -65.54
CA VAL K 855 2.90 16.52 -65.29
C VAL K 855 2.83 17.21 -63.95
N GLY K 856 3.56 16.68 -62.97
CA GLY K 856 3.50 17.19 -61.63
C GLY K 856 4.13 18.56 -61.48
N ARG K 857 3.86 19.18 -60.34
CA ARG K 857 4.38 20.50 -60.09
C ARG K 857 4.94 20.56 -58.68
N SER K 858 6.26 20.56 -58.57
CA SER K 858 6.95 20.64 -57.30
C SER K 858 6.76 22.03 -56.70
N TYR K 859 7.00 22.12 -55.40
CA TYR K 859 6.94 23.41 -54.73
C TYR K 859 8.02 23.49 -53.68
N SER K 860 8.53 24.70 -53.47
CA SER K 860 9.40 24.98 -52.35
C SER K 860 8.84 26.21 -51.66
N VAL K 861 8.42 26.05 -50.43
CA VAL K 861 7.68 27.07 -49.72
C VAL K 861 8.47 27.49 -48.49
N ILE K 862 8.99 28.70 -48.51
CA ILE K 862 9.76 29.22 -47.39
C ILE K 862 8.90 30.20 -46.65
N ILE K 863 8.66 29.93 -45.37
CA ILE K 863 8.18 30.93 -44.44
C ILE K 863 9.40 31.74 -44.02
N ALA K 864 9.33 33.04 -44.21
CA ALA K 864 10.46 33.90 -43.89
C ALA K 864 10.00 35.10 -43.07
N HIS K 865 10.76 35.40 -42.03
CA HIS K 865 10.66 36.70 -41.40
C HIS K 865 11.10 37.76 -42.42
N TYR K 866 10.47 38.93 -42.34
CA TYR K 866 10.67 39.94 -43.37
C TYR K 866 12.08 40.55 -43.30
N ALA K 867 12.75 40.44 -42.15
CA ALA K 867 14.09 40.98 -41.96
C ALA K 867 15.18 39.96 -42.28
N ASP K 868 14.93 39.07 -43.23
CA ASP K 868 15.98 38.19 -43.70
C ASP K 868 16.81 38.87 -44.77
N PRO K 869 18.07 38.52 -44.91
CA PRO K 869 18.80 38.87 -46.13
C PRO K 869 18.23 38.12 -47.33
N LEU K 870 17.56 38.86 -48.21
CA LEU K 870 16.69 38.26 -49.19
C LEU K 870 17.43 37.65 -50.37
N PHE K 871 18.72 37.97 -50.54
CA PHE K 871 19.53 37.28 -51.53
C PHE K 871 19.58 35.78 -51.26
N PHE K 872 19.64 35.41 -49.99
CA PHE K 872 19.83 34.02 -49.65
C PHE K 872 18.51 33.29 -49.54
N VAL K 873 17.42 34.01 -49.30
CA VAL K 873 16.08 33.41 -49.38
C VAL K 873 15.79 32.95 -50.79
N ILE K 874 16.22 33.71 -51.78
CA ILE K 874 16.10 33.24 -53.16
C ILE K 874 17.14 32.16 -53.43
N ASN K 875 18.23 32.12 -52.67
CA ASN K 875 19.18 31.02 -52.83
C ASN K 875 18.58 29.71 -52.35
N ASP K 876 18.16 29.64 -51.09
CA ASP K 876 17.67 28.37 -50.57
C ASP K 876 16.21 28.12 -50.91
N SER K 877 15.64 28.83 -51.87
CA SER K 877 14.40 28.41 -52.47
C SER K 877 14.64 27.64 -53.76
N TYR K 878 15.75 27.92 -54.43
CA TYR K 878 16.14 27.09 -55.56
C TYR K 878 16.94 25.89 -55.08
N ASN K 879 17.83 26.13 -54.12
CA ASN K 879 18.70 25.07 -53.62
C ASN K 879 17.93 24.07 -52.75
N LEU K 880 16.82 24.49 -52.15
CA LEU K 880 15.91 23.54 -51.50
C LEU K 880 15.28 22.63 -52.52
N LEU K 881 14.92 23.18 -53.67
CA LEU K 881 14.14 22.44 -54.65
C LEU K 881 14.98 21.46 -55.44
N GLU K 882 16.25 21.76 -55.67
CA GLU K 882 17.06 20.92 -56.54
C GLU K 882 17.50 19.65 -55.82
N GLU K 883 17.69 19.71 -54.52
CA GLU K 883 17.92 18.50 -53.76
C GLU K 883 16.64 17.71 -53.55
N GLY K 884 15.49 18.38 -53.56
CA GLY K 884 14.24 17.67 -53.45
C GLY K 884 13.90 16.91 -54.72
N LYS K 885 14.42 17.38 -55.84
CA LYS K 885 14.16 16.71 -57.10
C LYS K 885 15.00 15.46 -57.27
N GLU K 886 15.95 15.22 -56.36
CA GLU K 886 16.88 14.12 -56.59
C GLU K 886 16.83 13.05 -55.51
N ILE K 887 16.56 13.43 -54.27
CA ILE K 887 16.77 12.50 -53.16
C ILE K 887 15.44 12.02 -52.59
N ILE K 888 14.45 12.90 -52.55
CA ILE K 888 13.23 12.63 -51.81
C ILE K 888 12.41 11.57 -52.53
N ARG K 889 12.25 10.43 -51.88
CA ARG K 889 11.51 9.29 -52.41
C ARG K 889 10.49 8.83 -51.39
N TYR K 890 9.33 8.38 -51.89
CA TYR K 890 8.25 7.95 -51.01
C TYR K 890 7.50 6.79 -51.62
N ARG K 891 7.06 5.88 -50.76
CA ARG K 891 6.40 4.67 -51.23
C ARG K 891 4.99 5.01 -51.71
N VAL K 892 4.73 4.75 -52.99
CA VAL K 892 3.54 5.21 -53.66
C VAL K 892 2.81 4.00 -54.25
N MET K 893 1.47 4.03 -54.15
CA MET K 893 0.63 2.91 -54.51
C MET K 893 0.57 2.78 -56.03
N TYR K 894 1.18 1.74 -56.56
CA TYR K 894 1.12 1.41 -57.98
C TYR K 894 0.48 0.04 -58.11
N ASN K 895 -0.72 -0.02 -58.70
CA ASN K 895 -1.47 -1.25 -58.95
C ASN K 895 -1.63 -2.16 -57.74
N GLY K 896 -1.87 -1.59 -56.57
CA GLY K 896 -2.01 -2.43 -55.39
C GLY K 896 -0.77 -2.64 -54.56
N GLU K 897 0.41 -2.68 -55.18
CA GLU K 897 1.64 -2.77 -54.42
C GLU K 897 2.28 -1.38 -54.28
N TYR K 898 3.23 -1.30 -53.36
CA TYR K 898 3.91 -0.04 -53.04
C TYR K 898 5.19 0.07 -53.88
N LYS K 899 5.15 0.91 -54.91
CA LYS K 899 6.36 1.33 -55.58
C LYS K 899 6.78 2.70 -55.06
N ASP K 900 7.80 3.30 -55.67
CA ASP K 900 8.40 4.52 -55.12
C ASP K 900 8.39 5.63 -56.15
N ALA K 901 8.18 6.87 -55.68
CA ALA K 901 8.25 8.04 -56.53
C ALA K 901 9.48 8.87 -56.20
N LYS K 902 9.69 9.93 -56.99
CA LYS K 902 10.77 10.87 -56.68
C LYS K 902 10.32 12.32 -56.68
N LYS K 903 9.35 12.66 -57.53
CA LYS K 903 8.91 14.04 -57.63
C LYS K 903 7.52 14.22 -57.03
N ASP K 904 6.95 15.41 -57.25
CA ASP K 904 5.67 15.94 -56.77
C ASP K 904 5.65 16.13 -55.27
N VAL K 905 6.64 16.85 -54.75
CA VAL K 905 6.70 17.17 -53.34
C VAL K 905 6.56 18.68 -53.17
N ALA K 906 6.05 19.08 -52.01
CA ALA K 906 5.78 20.48 -51.75
C ALA K 906 6.51 20.84 -50.45
N ILE K 907 7.77 21.19 -50.58
CA ILE K 907 8.65 21.30 -49.44
C ILE K 907 8.39 22.61 -48.71
N PHE K 908 8.17 22.52 -47.41
CA PHE K 908 7.98 23.68 -46.56
C PHE K 908 9.27 23.97 -45.79
N ARG K 909 9.41 25.20 -45.33
CA ARG K 909 10.47 25.52 -44.38
C ARG K 909 10.06 26.69 -43.51
N TYR K 910 10.01 26.47 -42.20
CA TYR K 910 9.69 27.54 -41.27
C TYR K 910 10.92 28.39 -41.01
N GLN K 911 11.93 27.83 -40.36
CA GLN K 911 13.26 28.39 -40.53
C GLN K 911 14.26 27.26 -40.77
N GLY K 912 14.10 26.16 -40.05
CA GLY K 912 14.89 24.96 -40.24
C GLY K 912 13.98 23.76 -40.18
N LEU K 913 12.77 24.00 -39.71
CA LEU K 913 11.71 23.01 -39.63
C LEU K 913 11.25 22.74 -41.05
N THR K 914 11.83 21.73 -41.68
CA THR K 914 11.55 21.42 -43.08
C THR K 914 10.54 20.28 -43.13
N SER K 915 9.56 20.39 -44.00
CA SER K 915 8.50 19.42 -44.10
C SER K 915 8.21 19.12 -45.57
N VAL K 916 8.11 17.84 -45.88
CA VAL K 916 7.98 17.39 -47.26
C VAL K 916 6.66 16.68 -47.40
N ILE K 917 5.83 17.13 -48.33
CA ILE K 917 4.50 16.60 -48.54
C ILE K 917 4.39 16.11 -49.98
N PRO K 918 4.23 14.81 -50.22
CA PRO K 918 3.89 14.32 -51.55
C PRO K 918 2.49 14.72 -51.95
N LEU K 919 2.26 14.71 -53.25
CA LEU K 919 1.03 15.27 -53.81
C LEU K 919 0.29 14.26 -54.69
N SER K 920 0.83 13.06 -54.83
CA SER K 920 0.33 12.17 -55.87
C SER K 920 -0.40 10.94 -55.35
N LEU K 921 0.32 10.09 -54.61
CA LEU K 921 -0.18 8.85 -54.03
C LEU K 921 -0.76 7.87 -55.05
N LYS K 922 -0.38 8.00 -56.32
CA LYS K 922 -0.77 7.05 -57.35
C LYS K 922 0.13 7.22 -58.55
N ARG K 923 0.54 6.12 -59.15
CA ARG K 923 1.32 6.13 -60.37
C ARG K 923 0.53 5.48 -61.50
N PRO K 924 0.17 6.21 -62.56
CA PRO K 924 0.32 7.66 -62.79
C PRO K 924 -0.62 8.49 -61.93
N ILE K 925 -0.58 9.82 -62.14
CA ILE K 925 -1.34 10.74 -61.31
C ILE K 925 -2.83 10.52 -61.49
N VAL K 926 -3.28 10.44 -62.74
CA VAL K 926 -4.68 10.29 -63.09
C VAL K 926 -4.82 9.05 -63.97
N SER K 927 -5.87 8.27 -63.74
CA SER K 927 -6.22 7.19 -64.64
C SER K 927 -7.72 7.08 -64.92
N SER K 928 -8.55 7.92 -64.31
CA SER K 928 -9.98 7.98 -64.60
C SER K 928 -10.49 9.34 -64.14
N VAL K 929 -11.78 9.57 -64.36
CA VAL K 929 -12.39 10.86 -64.06
C VAL K 929 -12.60 11.04 -62.56
N SER K 930 -12.61 9.94 -61.79
CA SER K 930 -12.83 9.99 -60.35
C SER K 930 -11.54 10.22 -59.58
N ASP K 931 -10.44 10.46 -60.27
CA ASP K 931 -9.12 10.51 -59.66
C ASP K 931 -8.63 11.94 -59.48
N PHE K 932 -9.26 12.90 -60.17
CA PHE K 932 -8.84 14.29 -60.15
C PHE K 932 -9.01 14.95 -58.80
N ASN K 933 -10.03 14.59 -58.05
CA ASN K 933 -10.34 15.25 -56.80
C ASN K 933 -9.51 14.73 -55.64
N GLU K 934 -8.43 13.99 -55.94
CA GLU K 934 -7.52 13.45 -54.94
C GLU K 934 -6.08 13.82 -55.23
N ILE K 935 -5.83 14.65 -56.24
CA ILE K 935 -4.52 15.24 -56.45
C ILE K 935 -4.35 16.35 -55.44
N ALA K 936 -3.29 16.26 -54.63
CA ALA K 936 -2.98 17.15 -53.53
C ALA K 936 -4.12 17.29 -52.54
N SER K 937 -4.92 16.24 -52.36
CA SER K 937 -5.89 16.22 -51.28
C SER K 937 -5.27 15.74 -49.98
N ILE K 938 -3.97 15.44 -50.01
CA ILE K 938 -3.20 15.27 -48.79
C ILE K 938 -3.26 16.54 -47.95
N ILE K 939 -3.01 17.69 -48.58
CA ILE K 939 -3.00 18.93 -47.84
C ILE K 939 -4.39 19.48 -47.62
N ASP K 940 -5.42 18.82 -48.15
CA ASP K 940 -6.77 19.14 -47.69
C ASP K 940 -7.02 18.56 -46.31
N VAL K 941 -6.45 17.37 -46.02
CA VAL K 941 -6.48 16.81 -44.69
C VAL K 941 -5.78 17.74 -43.71
N ILE K 942 -4.65 18.28 -44.12
CA ILE K 942 -3.98 19.34 -43.38
C ILE K 942 -4.88 20.55 -43.23
N LEU K 943 -5.58 20.91 -44.31
CA LEU K 943 -6.42 22.11 -44.27
C LEU K 943 -7.63 21.88 -43.39
N GLU K 944 -8.23 20.69 -43.47
CA GLU K 944 -9.38 20.40 -42.61
C GLU K 944 -8.97 20.23 -41.16
N LEU K 945 -7.73 19.80 -40.91
CA LEU K 945 -7.22 19.79 -39.55
C LEU K 945 -7.01 21.21 -39.05
N LYS K 946 -6.44 22.06 -39.90
CA LYS K 946 -6.35 23.49 -39.62
C LYS K 946 -7.74 24.12 -39.54
N LYS K 947 -8.71 23.56 -40.25
CA LYS K 947 -10.08 24.07 -40.19
C LYS K 947 -10.71 23.77 -38.84
N ARG K 948 -10.30 22.70 -38.19
CA ARG K 948 -10.93 22.31 -36.93
C ARG K 948 -10.08 22.59 -35.70
N ILE K 949 -8.94 23.25 -35.85
CA ILE K 949 -8.18 23.67 -34.67
C ILE K 949 -8.48 25.11 -34.34
N ASP K 950 -8.53 25.98 -35.35
CA ASP K 950 -8.77 27.39 -35.11
C ASP K 950 -10.18 27.70 -34.62
N GLU K 951 -11.12 26.77 -34.77
CA GLU K 951 -12.46 26.95 -34.24
C GLU K 951 -12.53 26.62 -32.76
N GLY K 952 -11.72 25.66 -32.30
CA GLY K 952 -11.89 25.12 -30.96
C GLY K 952 -12.67 23.83 -30.95
N ARG K 953 -12.61 23.06 -32.04
CA ARG K 953 -13.16 21.71 -32.04
C ARG K 953 -12.10 20.66 -31.77
N ILE K 954 -11.03 20.64 -32.56
CA ILE K 954 -9.85 19.87 -32.22
C ILE K 954 -8.93 20.80 -31.45
N SER K 955 -8.35 20.29 -30.38
CA SER K 955 -7.51 21.07 -29.48
C SER K 955 -6.21 21.49 -30.17
N VAL K 956 -5.60 22.55 -29.65
CA VAL K 956 -4.35 23.07 -30.20
C VAL K 956 -3.18 22.16 -29.87
N SER K 957 -3.17 21.59 -28.67
CA SER K 957 -2.09 20.71 -28.24
C SER K 957 -2.16 19.32 -28.84
N LEU K 958 -2.96 19.14 -29.90
CA LEU K 958 -2.89 17.96 -30.74
C LEU K 958 -1.49 17.76 -31.31
N LEU K 959 -0.91 18.82 -31.84
CA LEU K 959 0.35 18.77 -32.58
C LEU K 959 1.52 18.43 -31.70
N TYR K 960 1.44 18.75 -30.41
CA TYR K 960 2.53 18.53 -29.48
C TYR K 960 2.42 17.18 -28.82
N ASP K 961 1.22 16.65 -28.70
CA ASP K 961 1.00 15.31 -28.19
C ASP K 961 1.29 14.25 -29.25
N TYR K 962 1.64 14.66 -30.45
CA TYR K 962 1.87 13.71 -31.53
C TYR K 962 3.12 12.89 -31.34
N GLU K 963 4.19 13.48 -30.86
CA GLU K 963 5.50 12.82 -30.82
C GLU K 963 5.56 11.62 -29.88
N LYS K 964 4.52 11.39 -29.09
CA LYS K 964 4.35 10.14 -28.39
C LYS K 964 3.81 9.07 -29.31
N TYR K 965 2.92 9.43 -30.22
CA TYR K 965 2.29 8.48 -31.13
C TYR K 965 3.15 8.11 -32.32
N LYS K 966 4.22 8.86 -32.59
CA LYS K 966 4.97 8.63 -33.81
C LYS K 966 5.78 7.35 -33.74
N HIS K 967 6.30 6.99 -32.57
CA HIS K 967 7.19 5.85 -32.46
C HIS K 967 6.45 4.53 -32.55
N LEU K 968 5.13 4.56 -32.44
CA LEU K 968 4.36 3.34 -32.59
C LEU K 968 3.84 3.20 -34.01
N ILE K 969 3.33 4.30 -34.57
CA ILE K 969 2.78 4.28 -35.93
C ILE K 969 3.89 4.00 -36.93
N VAL K 970 5.10 4.47 -36.66
CA VAL K 970 6.25 4.06 -37.45
C VAL K 970 6.50 2.57 -37.29
N ALA K 971 6.52 2.09 -36.04
CA ALA K 971 6.82 0.68 -35.83
C ALA K 971 5.64 -0.23 -36.12
N SER K 972 4.45 0.32 -36.34
CA SER K 972 3.33 -0.48 -36.79
C SER K 972 3.58 -0.96 -38.22
N ASP K 973 3.01 -2.10 -38.58
CA ASP K 973 3.30 -2.70 -39.88
C ASP K 973 2.10 -2.84 -40.80
N GLU K 974 0.93 -3.20 -40.28
CA GLU K 974 -0.27 -3.29 -41.10
C GLU K 974 -1.29 -2.32 -40.55
N LYS K 975 -1.98 -1.62 -41.45
CA LYS K 975 -2.56 -0.33 -41.12
C LYS K 975 -3.82 -0.45 -40.27
N TYR K 976 -4.40 -1.65 -40.13
CA TYR K 976 -5.60 -1.81 -39.33
C TYR K 976 -5.39 -1.52 -37.85
N LEU K 977 -4.22 -1.84 -37.33
CA LEU K 977 -3.91 -1.51 -35.95
C LEU K 977 -3.44 -0.06 -35.85
N THR K 978 -3.03 0.51 -36.98
CA THR K 978 -2.64 1.90 -37.01
C THR K 978 -3.85 2.82 -36.98
N GLU K 979 -5.02 2.31 -37.40
CA GLU K 979 -6.23 3.13 -37.46
C GLU K 979 -6.63 3.65 -36.10
N PHE K 980 -6.44 2.85 -35.06
CA PHE K 980 -6.81 3.29 -33.74
C PHE K 980 -5.81 4.28 -33.18
N LEU K 981 -4.52 4.03 -33.42
CA LEU K 981 -3.47 4.91 -32.90
C LEU K 981 -3.54 6.29 -33.52
N VAL K 982 -3.99 6.37 -34.77
CA VAL K 982 -4.32 7.67 -35.34
C VAL K 982 -5.54 8.25 -34.66
N LYS K 983 -6.61 7.46 -34.54
CA LYS K 983 -7.86 7.97 -34.01
C LYS K 983 -7.76 8.26 -32.51
N ASP K 984 -6.89 7.53 -31.79
CA ASP K 984 -6.70 7.82 -30.37
C ASP K 984 -6.12 9.21 -30.18
N TRP K 985 -5.09 9.54 -30.95
CA TRP K 985 -4.45 10.84 -30.89
C TRP K 985 -5.41 11.97 -31.24
N ILE K 986 -6.32 11.74 -32.18
CA ILE K 986 -7.35 12.72 -32.47
C ILE K 986 -8.31 12.82 -31.30
N LYS K 987 -8.75 11.68 -30.77
CA LYS K 987 -9.74 11.66 -29.71
C LYS K 987 -9.22 12.20 -28.39
N ARG K 988 -7.98 11.85 -28.05
CA ARG K 988 -7.35 12.29 -26.80
C ARG K 988 -7.24 13.80 -26.69
N ASN K 989 -6.91 14.49 -27.78
CA ASN K 989 -6.93 15.94 -27.83
C ASN K 989 -8.18 16.33 -28.61
N SER K 990 -9.31 16.36 -27.93
CA SER K 990 -10.56 16.76 -28.56
C SER K 990 -11.39 17.51 -27.54
N LEU K 991 -11.66 18.78 -27.84
CA LEU K 991 -12.43 19.61 -26.93
C LEU K 991 -13.90 19.23 -26.90
N ARG K 992 -14.47 18.88 -28.04
CA ARG K 992 -15.78 18.26 -28.07
C ARG K 992 -15.57 16.78 -28.31
N LYS K 993 -16.56 15.98 -27.91
CA LYS K 993 -16.40 14.53 -27.99
C LYS K 993 -17.29 13.92 -29.07
N HIS K 994 -17.70 14.71 -30.05
CA HIS K 994 -18.53 14.21 -31.14
C HIS K 994 -17.97 14.72 -32.46
N VAL K 995 -17.04 15.67 -32.39
CA VAL K 995 -16.35 16.13 -33.59
C VAL K 995 -15.50 15.00 -34.17
N GLU K 996 -15.82 14.61 -35.38
CA GLU K 996 -15.15 13.49 -36.01
C GLU K 996 -14.35 13.99 -37.21
N PHE K 997 -13.17 13.42 -37.38
CA PHE K 997 -12.22 13.91 -38.37
C PHE K 997 -11.78 12.73 -39.22
N THR K 998 -12.06 12.81 -40.51
CA THR K 998 -11.94 11.68 -41.43
C THR K 998 -10.57 11.68 -42.07
N ILE K 999 -9.71 10.75 -41.64
CA ILE K 999 -8.36 10.64 -42.16
C ILE K 999 -8.31 9.44 -43.10
N ASP K 1000 -7.85 9.68 -44.32
CA ASP K 1000 -7.67 8.63 -45.31
C ASP K 1000 -6.64 7.61 -44.85
N GLU K 1001 -7.00 6.34 -44.98
CA GLU K 1001 -6.17 5.25 -44.48
C GLU K 1001 -5.01 4.92 -45.40
N LYS K 1002 -5.01 5.44 -46.62
CA LYS K 1002 -3.88 5.25 -47.52
C LYS K 1002 -2.79 6.28 -47.28
N LEU K 1003 -2.97 7.13 -46.28
CA LEU K 1003 -1.96 8.08 -45.83
C LEU K 1003 -1.00 7.47 -44.83
N TYR K 1004 -1.02 6.15 -44.68
CA TYR K 1004 -0.41 5.47 -43.54
C TYR K 1004 0.81 4.67 -43.90
N GLY K 1005 0.84 4.06 -45.08
CA GLY K 1005 1.94 3.20 -45.44
C GLY K 1005 3.07 3.94 -46.14
N VAL K 1006 2.94 5.23 -46.21
CA VAL K 1006 3.90 6.08 -46.89
C VAL K 1006 5.09 6.36 -45.98
N ARG K 1007 6.28 6.15 -46.51
CA ARG K 1007 7.49 6.41 -45.78
C ARG K 1007 8.47 7.13 -46.70
N LEU K 1008 9.22 8.07 -46.14
CA LEU K 1008 10.03 8.99 -46.95
C LEU K 1008 11.50 8.57 -46.90
N THR K 1009 12.06 8.29 -48.06
CA THR K 1009 13.47 7.96 -48.18
C THR K 1009 14.24 9.20 -48.61
N ILE K 1010 15.10 9.70 -47.73
CA ILE K 1010 16.03 10.79 -48.04
C ILE K 1010 17.39 10.35 -47.54
N GLU K 1011 18.24 9.89 -48.43
CA GLU K 1011 19.52 9.34 -48.04
C GLU K 1011 20.56 10.45 -48.09
N ASN K 1012 21.70 10.19 -47.42
CA ASN K 1012 23.00 10.85 -47.49
C ASN K 1012 22.96 12.38 -47.55
N TYR K 1013 21.94 13.01 -46.97
CA TYR K 1013 21.87 14.45 -47.07
C TYR K 1013 21.54 15.01 -45.70
N PRO K 1014 22.31 16.01 -45.23
CA PRO K 1014 22.37 16.29 -43.79
C PRO K 1014 21.13 16.90 -43.17
N ILE K 1015 20.14 17.33 -43.95
CA ILE K 1015 18.97 17.95 -43.36
C ILE K 1015 18.09 16.89 -42.71
N LYS K 1016 17.33 17.31 -41.71
CA LYS K 1016 16.49 16.42 -40.93
C LYS K 1016 15.09 16.42 -41.49
N ILE K 1017 14.69 15.31 -42.12
CA ILE K 1017 13.38 15.15 -42.70
C ILE K 1017 12.71 13.95 -42.03
N PRO K 1018 11.48 14.06 -41.62
CA PRO K 1018 10.78 12.90 -41.05
C PRO K 1018 10.49 11.82 -42.07
N ASN K 1019 10.42 10.57 -41.64
CA ASN K 1019 10.27 9.45 -42.58
C ASN K 1019 8.86 8.90 -42.67
N ASP K 1020 7.85 9.62 -42.20
CA ASP K 1020 6.49 9.24 -42.53
C ASP K 1020 5.67 10.51 -42.73
N LEU K 1021 4.61 10.38 -43.52
CA LEU K 1021 3.90 11.56 -43.97
C LEU K 1021 3.06 12.17 -42.87
N ILE K 1022 2.68 11.38 -41.86
CA ILE K 1022 1.85 11.89 -40.78
C ILE K 1022 2.64 12.85 -39.91
N SER K 1023 3.92 12.56 -39.67
CA SER K 1023 4.79 13.55 -39.04
C SER K 1023 4.97 14.77 -39.90
N ASN K 1024 4.93 14.60 -41.21
CA ASN K 1024 5.05 15.76 -42.08
C ASN K 1024 3.74 16.49 -42.26
N ILE K 1025 2.61 15.83 -42.01
CA ILE K 1025 1.37 16.57 -41.81
C ILE K 1025 1.46 17.42 -40.55
N VAL K 1026 1.95 16.84 -39.47
CA VAL K 1026 2.07 17.55 -38.20
C VAL K 1026 3.10 18.65 -38.31
N TYR K 1027 4.22 18.38 -38.97
CA TYR K 1027 5.21 19.43 -39.08
C TYR K 1027 4.85 20.47 -40.11
N THR K 1028 3.85 20.23 -40.96
CA THR K 1028 3.39 21.31 -41.82
C THR K 1028 2.59 22.33 -41.04
N LEU K 1029 1.67 21.86 -40.19
CA LEU K 1029 0.90 22.78 -39.36
C LEU K 1029 1.67 23.36 -38.19
N ARG K 1030 2.85 22.82 -37.86
CA ARG K 1030 3.72 23.54 -36.96
C ARG K 1030 4.27 24.79 -37.61
N ILE K 1031 4.42 24.76 -38.93
CA ILE K 1031 4.98 25.88 -39.67
C ILE K 1031 3.96 26.98 -39.84
N ILE K 1032 2.73 26.60 -40.18
CA ILE K 1032 1.73 27.55 -40.63
C ILE K 1032 1.21 28.39 -39.46
N TYR K 1033 0.84 27.71 -38.37
CA TYR K 1033 0.53 28.44 -37.16
C TYR K 1033 1.76 29.13 -36.59
N GLY K 1034 2.95 28.58 -36.83
CA GLY K 1034 4.16 29.33 -36.57
C GLY K 1034 4.34 30.51 -37.50
N GLY K 1035 3.70 30.50 -38.66
CA GLY K 1035 3.76 31.65 -39.53
C GLY K 1035 2.81 32.75 -39.09
N GLU K 1036 1.68 32.38 -38.51
CA GLU K 1036 0.71 33.35 -38.01
C GLU K 1036 1.08 33.78 -36.60
N LYS K 1037 1.58 35.00 -36.46
CA LYS K 1037 1.87 35.55 -35.13
C LYS K 1037 1.04 36.81 -34.88
N SER L 2 -37.03 47.40 19.85
CA SER L 2 -35.58 47.29 19.72
C SER L 2 -34.89 48.29 20.64
N THR L 3 -33.86 47.83 21.34
CA THR L 3 -33.08 48.70 22.21
C THR L 3 -32.20 49.57 21.35
N GLN L 4 -31.63 50.58 21.99
CA GLN L 4 -31.04 51.72 21.29
C GLN L 4 -29.53 51.62 21.37
N ARG L 5 -28.93 50.99 20.37
CA ARG L 5 -27.47 50.94 20.22
C ARG L 5 -27.04 52.12 19.36
N GLU L 6 -25.74 52.40 19.37
CA GLU L 6 -25.20 53.41 18.49
C GLU L 6 -23.72 53.12 18.25
N TYR L 7 -23.22 53.56 17.10
CA TYR L 7 -21.87 53.24 16.67
C TYR L 7 -20.92 54.32 17.16
N VAL L 8 -19.82 53.90 17.77
CA VAL L 8 -18.77 54.82 18.17
C VAL L 8 -17.64 54.72 17.14
N PHE L 9 -17.31 55.84 16.53
CA PHE L 9 -16.12 55.96 15.70
C PHE L 9 -14.87 55.77 16.55
N ILE L 10 -13.94 54.96 16.05
CA ILE L 10 -12.60 54.95 16.63
C ILE L 10 -11.54 55.20 15.55
N PRO L 11 -11.29 56.45 15.19
CA PRO L 11 -9.97 56.79 14.66
C PRO L 11 -9.07 57.26 15.79
N ILE L 12 -7.88 57.74 15.41
CA ILE L 12 -6.92 58.28 16.36
C ILE L 12 -7.35 59.66 16.85
N THR L 13 -8.27 60.29 16.12
CA THR L 13 -8.53 61.72 16.26
C THR L 13 -9.36 61.98 17.52
N ASN L 14 -9.19 63.17 18.09
CA ASN L 14 -9.95 63.62 19.25
C ASN L 14 -11.23 64.31 18.77
N SER L 15 -12.31 63.52 18.64
CA SER L 15 -13.66 64.06 18.48
C SER L 15 -14.63 63.36 19.43
N ILE L 16 -14.11 62.80 20.53
CA ILE L 16 -14.60 61.54 21.06
C ILE L 16 -15.36 61.67 22.37
N THR L 17 -15.36 62.84 23.02
CA THR L 17 -15.86 62.88 24.39
C THR L 17 -17.39 62.97 24.46
N ILE L 18 -17.97 64.04 23.96
CA ILE L 18 -19.39 64.33 24.13
C ILE L 18 -20.14 63.73 22.95
N ASP L 19 -20.59 62.48 23.09
CA ASP L 19 -21.16 61.80 21.94
C ASP L 19 -22.34 60.88 22.20
N VAL L 20 -22.83 60.77 23.44
CA VAL L 20 -23.93 59.87 23.76
C VAL L 20 -24.59 60.35 25.05
N LYS L 21 -25.84 59.93 25.25
CA LYS L 21 -26.58 60.28 26.45
C LYS L 21 -26.45 59.24 27.56
N ILE L 22 -26.71 57.97 27.26
CA ILE L 22 -26.65 56.90 28.25
C ILE L 22 -25.19 56.52 28.42
N THR L 23 -24.61 56.91 29.55
CA THR L 23 -23.21 56.57 29.79
C THR L 23 -23.04 55.09 30.12
N ILE L 24 -23.74 54.60 31.14
CA ILE L 24 -23.83 53.18 31.39
C ILE L 24 -25.30 52.81 31.44
N GLY L 25 -26.00 53.33 32.43
CA GLY L 25 -27.36 52.87 32.73
C GLY L 25 -27.36 51.39 33.09
N GLY L 26 -27.79 50.57 32.15
CA GLY L 26 -27.58 49.14 32.25
C GLY L 26 -26.48 48.66 31.33
N SER L 27 -26.00 47.45 31.60
CA SER L 27 -24.88 46.89 30.88
C SER L 27 -25.25 46.24 29.55
N ASP L 28 -26.39 46.58 28.96
CA ASP L 28 -26.70 46.02 27.65
C ASP L 28 -25.84 46.69 26.59
N HIS L 29 -24.64 46.16 26.43
CA HIS L 29 -23.76 46.64 25.38
C HIS L 29 -23.38 45.46 24.51
N ILE L 30 -23.33 45.70 23.21
CA ILE L 30 -22.75 44.69 22.33
C ILE L 30 -21.25 44.58 22.55
N THR L 31 -20.57 45.72 22.65
CA THR L 31 -19.14 45.69 22.91
C THR L 31 -18.85 45.28 24.36
N ASN L 32 -18.02 44.26 24.52
CA ASN L 32 -17.79 43.62 25.80
C ASN L 32 -16.33 43.74 26.21
N ILE L 33 -16.08 43.39 27.47
CA ILE L 33 -14.76 42.98 27.96
C ILE L 33 -15.04 41.75 28.81
N ASP L 34 -14.31 40.66 28.56
CA ASP L 34 -14.57 39.39 29.22
C ASP L 34 -13.31 38.78 29.83
N GLU L 35 -12.30 39.63 30.08
CA GLU L 35 -10.94 39.28 30.48
C GLU L 35 -10.32 38.34 29.44
N ARG L 36 -10.69 38.55 28.18
CA ARG L 36 -9.98 37.99 27.04
C ARG L 36 -9.83 39.05 25.97
N GLY L 37 -9.97 40.31 26.36
CA GLY L 37 -9.99 41.41 25.41
C GLY L 37 -11.40 41.82 25.02
N ILE L 38 -11.48 42.74 24.06
CA ILE L 38 -12.75 43.34 23.67
C ILE L 38 -13.49 42.41 22.72
N HIS L 39 -14.80 42.30 22.91
CA HIS L 39 -15.60 41.39 22.10
C HIS L 39 -16.64 42.16 21.30
N ASN L 40 -17.09 41.53 20.21
CA ASN L 40 -18.21 41.98 19.38
C ASN L 40 -17.99 43.37 18.79
N VAL L 41 -16.85 43.60 18.14
CA VAL L 41 -16.63 44.90 17.53
C VAL L 41 -17.32 44.93 16.18
N LEU L 42 -18.14 45.95 15.96
CA LEU L 42 -18.71 46.21 14.65
C LEU L 42 -17.64 46.84 13.77
N VAL L 43 -17.51 46.34 12.55
CA VAL L 43 -16.66 46.94 11.54
C VAL L 43 -17.54 47.29 10.35
N ILE L 44 -17.46 48.55 9.93
CA ILE L 44 -18.32 49.08 8.88
C ILE L 44 -17.49 49.27 7.63
N THR L 45 -17.83 48.52 6.59
CA THR L 45 -17.05 48.52 5.36
C THR L 45 -17.70 49.41 4.31
N GLY L 46 -16.87 50.00 3.46
CA GLY L 46 -17.33 50.94 2.47
C GLY L 46 -17.23 52.38 2.91
N TYR L 47 -17.00 52.64 4.18
CA TYR L 47 -16.99 54.01 4.70
C TYR L 47 -15.61 54.31 5.25
N ALA L 48 -15.10 55.50 4.99
CA ALA L 48 -13.84 55.96 5.55
C ALA L 48 -14.13 57.16 6.43
N VAL L 49 -13.08 57.83 6.91
CA VAL L 49 -13.29 58.81 7.96
C VAL L 49 -12.95 60.22 7.48
N ASP L 50 -13.47 61.21 8.19
CA ASP L 50 -13.46 62.63 7.85
C ASP L 50 -12.84 63.40 9.01
N GLU L 51 -11.60 63.01 9.36
CA GLU L 51 -10.93 63.10 10.65
C GLU L 51 -11.29 64.26 11.56
N LYS L 52 -11.21 65.49 11.06
CA LYS L 52 -11.64 66.66 11.83
C LYS L 52 -13.16 66.72 11.75
N ASN L 53 -13.82 66.58 12.91
CA ASN L 53 -15.16 66.01 13.02
C ASN L 53 -15.23 64.70 12.24
N GLY L 54 -14.46 63.74 12.73
CA GLY L 54 -14.35 62.43 12.12
C GLY L 54 -15.66 61.70 12.12
N ARG L 55 -16.28 61.69 10.95
CA ARG L 55 -17.54 61.04 10.75
C ARG L 55 -17.47 60.27 9.45
N LEU L 56 -18.27 59.22 9.35
CA LEU L 56 -18.05 58.19 8.34
C LEU L 56 -18.49 58.73 6.99
N VAL L 57 -17.53 59.25 6.23
CA VAL L 57 -17.80 59.70 4.88
C VAL L 57 -18.04 58.48 4.00
N PRO L 58 -19.14 58.45 3.24
CA PRO L 58 -19.43 57.28 2.43
C PRO L 58 -18.64 57.31 1.14
N THR L 59 -18.24 56.14 0.67
CA THR L 59 -17.81 55.93 -0.69
C THR L 59 -18.23 54.55 -1.15
N LEU L 60 -18.02 54.27 -2.42
CA LEU L 60 -18.45 53.01 -2.99
C LEU L 60 -17.31 52.01 -3.11
N ASP L 61 -16.30 52.14 -2.28
CA ASP L 61 -15.14 51.26 -2.37
C ASP L 61 -15.27 50.20 -1.30
N PRO L 62 -15.34 48.91 -1.67
CA PRO L 62 -15.41 47.86 -0.64
C PRO L 62 -14.14 47.69 0.16
N CYS L 63 -12.99 48.15 -0.33
CA CYS L 63 -11.76 48.04 0.42
C CYS L 63 -11.75 48.90 1.67
N ASP L 64 -12.57 49.95 1.69
CA ASP L 64 -12.50 50.89 2.79
C ASP L 64 -13.33 50.38 3.96
N TYR L 65 -12.82 50.54 5.18
CA TYR L 65 -13.54 50.08 6.34
C TYR L 65 -13.12 50.87 7.57
N VAL L 66 -13.99 50.88 8.57
CA VAL L 66 -13.77 51.56 9.84
C VAL L 66 -14.20 50.63 10.97
N LYS L 67 -13.33 50.48 11.98
CA LYS L 67 -13.58 49.63 13.13
C LYS L 67 -13.90 50.48 14.35
N GLY L 68 -14.96 50.11 15.07
CA GLY L 68 -15.31 50.85 16.26
C GLY L 68 -16.27 50.08 17.15
N ILE L 69 -16.19 50.41 18.41
CA ILE L 69 -16.99 49.77 19.45
C ILE L 69 -18.42 50.22 19.33
N LEU L 70 -19.32 49.39 19.85
CA LEU L 70 -20.76 49.54 19.64
C LEU L 70 -21.46 49.41 20.99
N VAL L 71 -21.93 50.53 21.51
CA VAL L 71 -22.55 50.58 22.83
C VAL L 71 -24.00 51.00 22.66
N ALA L 72 -24.76 50.90 23.74
CA ALA L 72 -26.15 51.34 23.72
C ALA L 72 -26.21 52.86 23.79
N GLY L 73 -27.37 53.41 23.45
CA GLY L 73 -27.62 54.82 23.70
C GLY L 73 -28.35 55.47 22.54
N THR L 74 -28.65 56.74 22.72
CA THR L 74 -29.22 57.61 21.72
C THR L 74 -28.30 58.83 21.67
N PRO L 75 -27.80 59.21 20.50
CA PRO L 75 -26.59 60.05 20.46
C PRO L 75 -26.82 61.51 20.79
N GLN L 76 -26.47 61.91 22.02
CA GLN L 76 -26.26 63.29 22.48
C GLN L 76 -27.56 64.14 22.48
N GLN L 77 -28.67 63.62 21.92
CA GLN L 77 -29.96 64.26 21.71
C GLN L 77 -29.80 65.62 21.03
N ALA L 78 -28.89 65.67 20.05
CA ALA L 78 -28.76 66.82 19.18
C ALA L 78 -28.76 66.27 17.77
N GLN L 79 -29.18 65.02 17.66
CA GLN L 79 -29.05 64.21 16.46
C GLN L 79 -30.43 63.81 15.95
N SER L 80 -30.42 62.83 15.03
CA SER L 80 -31.41 62.60 14.00
C SER L 80 -31.51 63.88 13.19
N ASN L 81 -30.33 64.44 12.87
CA ASN L 81 -30.21 65.60 12.00
C ASN L 81 -29.18 65.38 10.89
N ASP L 82 -28.13 64.59 11.13
CA ASP L 82 -27.16 64.29 10.09
C ASP L 82 -26.63 62.86 10.13
N PHE L 83 -27.12 62.05 11.07
CA PHE L 83 -26.68 60.67 11.18
C PHE L 83 -27.52 59.78 10.27
N LEU L 84 -27.04 58.56 10.09
CA LEU L 84 -27.84 57.52 9.45
C LEU L 84 -28.43 56.63 10.53
N THR L 85 -29.74 56.61 10.62
CA THR L 85 -30.43 55.73 11.55
C THR L 85 -30.94 54.51 10.80
N LEU L 86 -30.64 53.33 11.34
CA LEU L 86 -30.93 52.09 10.66
C LEU L 86 -31.63 51.13 11.60
N LYS L 87 -32.53 50.32 11.07
CA LYS L 87 -33.12 49.23 11.83
C LYS L 87 -32.57 47.94 11.24
N LEU L 88 -31.65 47.32 11.95
CA LEU L 88 -30.93 46.19 11.39
C LEU L 88 -31.39 44.90 12.04
N PRO L 89 -31.47 43.80 11.27
CA PRO L 89 -31.78 42.50 11.86
C PRO L 89 -30.64 41.84 12.63
N ALA L 90 -29.57 42.58 12.94
CA ALA L 90 -28.57 42.26 13.94
C ALA L 90 -27.68 41.05 13.63
N ASN L 91 -27.95 40.34 12.53
CA ASN L 91 -27.00 39.38 12.01
C ASN L 91 -26.17 39.97 10.89
N LYS L 92 -26.73 40.89 10.12
CA LYS L 92 -26.03 41.57 9.04
C LYS L 92 -24.93 42.49 9.52
N LEU L 93 -24.88 42.79 10.81
CA LEU L 93 -23.76 43.48 11.42
C LEU L 93 -22.50 42.65 11.26
N TYR L 94 -21.52 43.21 10.57
CA TYR L 94 -20.24 42.54 10.35
C TYR L 94 -19.45 42.64 11.66
N LEU L 95 -19.76 41.74 12.60
CA LEU L 95 -19.13 41.74 13.91
C LEU L 95 -17.84 40.95 13.89
N ILE L 96 -16.86 41.43 14.64
CA ILE L 96 -15.58 40.77 14.84
C ILE L 96 -15.45 40.43 16.31
N ARG L 97 -14.88 39.25 16.60
CA ARG L 97 -14.78 38.67 17.93
C ARG L 97 -16.16 38.45 18.53
N LYS L 98 -16.92 37.55 17.91
CA LYS L 98 -18.29 37.25 18.30
C LYS L 98 -18.37 36.53 19.64
N LYS L 99 -18.76 37.23 20.70
CA LYS L 99 -19.16 36.57 21.94
C LYS L 99 -20.21 37.39 22.66
N GLY L 100 -21.48 37.12 22.40
CA GLY L 100 -22.52 37.98 22.95
C GLY L 100 -23.89 37.62 22.44
N ASN L 101 -24.81 38.55 22.62
CA ASN L 101 -26.23 38.31 22.45
C ASN L 101 -26.75 39.03 21.20
N ILE L 102 -27.54 38.32 20.42
CA ILE L 102 -28.17 38.86 19.22
C ILE L 102 -29.67 38.93 19.46
N SER L 103 -30.18 40.15 19.64
CA SER L 103 -31.61 40.35 19.83
C SER L 103 -32.36 40.48 18.52
N ASP L 104 -31.69 40.21 17.39
CA ASP L 104 -32.30 39.89 16.09
C ASP L 104 -32.97 41.10 15.43
N ASP L 105 -33.02 42.25 16.10
CA ASP L 105 -33.51 43.49 15.52
C ASP L 105 -33.01 44.66 16.34
N LEU L 106 -32.15 45.49 15.77
CA LEU L 106 -31.58 46.58 16.55
C LEU L 106 -31.55 47.87 15.75
N LYS L 107 -31.30 48.95 16.47
CA LYS L 107 -31.25 50.29 15.91
C LYS L 107 -29.92 50.91 16.31
N ILE L 108 -29.18 51.43 15.33
CA ILE L 108 -27.79 51.86 15.50
C ILE L 108 -27.65 53.24 14.87
N TYR L 109 -26.91 54.14 15.53
CA TYR L 109 -26.70 55.49 15.06
C TYR L 109 -25.25 55.64 14.59
N ILE L 110 -25.05 56.29 13.45
CA ILE L 110 -23.76 56.31 12.77
C ILE L 110 -23.28 57.75 12.58
N PRO L 111 -22.06 58.10 13.02
CA PRO L 111 -21.51 59.43 12.75
C PRO L 111 -21.22 59.65 11.28
N TYR L 112 -22.04 60.46 10.63
CA TYR L 112 -22.07 60.58 9.18
C TYR L 112 -21.63 61.97 8.75
N SER L 113 -20.90 62.04 7.64
CA SER L 113 -20.32 63.31 7.21
C SER L 113 -20.69 63.63 5.76
N SER L 114 -19.99 64.62 5.23
CA SER L 114 -20.25 65.21 3.93
C SER L 114 -19.81 64.29 2.80
N PRO L 115 -20.52 64.32 1.67
CA PRO L 115 -20.04 63.55 0.52
C PRO L 115 -18.86 64.20 -0.18
N ASP L 116 -18.76 65.54 -0.14
CA ASP L 116 -17.61 66.34 -0.56
C ASP L 116 -17.24 66.12 -2.02
N ALA L 117 -18.10 66.59 -2.94
CA ALA L 117 -17.95 66.36 -4.37
C ALA L 117 -16.89 67.20 -5.05
N ARG L 118 -16.02 67.89 -4.29
CA ARG L 118 -15.05 68.76 -4.91
C ARG L 118 -13.61 68.34 -4.65
N ASN L 119 -13.37 67.44 -3.71
CA ASN L 119 -12.04 66.95 -3.42
C ASN L 119 -11.96 65.50 -3.87
N SER L 120 -10.95 65.20 -4.68
CA SER L 120 -10.77 63.84 -5.16
C SER L 120 -10.34 62.94 -4.02
N MET L 121 -11.28 62.10 -3.56
CA MET L 121 -11.12 61.35 -2.33
C MET L 121 -10.09 60.23 -2.51
N LYS L 122 -8.87 60.53 -2.08
CA LYS L 122 -7.97 59.44 -1.77
C LYS L 122 -8.35 58.88 -0.40
N THR L 123 -8.13 57.59 -0.23
CA THR L 123 -8.25 56.98 1.08
C THR L 123 -6.91 56.37 1.44
N LYS L 124 -6.43 56.70 2.63
CA LYS L 124 -5.15 56.20 2.99
C LYS L 124 -5.34 55.26 4.17
N PRO L 125 -4.62 54.15 4.20
CA PRO L 125 -4.71 53.25 5.35
C PRO L 125 -3.99 53.82 6.55
N VAL L 126 -4.70 53.85 7.67
CA VAL L 126 -4.17 54.42 8.91
C VAL L 126 -4.39 53.42 10.04
N SER L 127 -3.31 53.03 10.69
CA SER L 127 -3.37 52.12 11.81
C SER L 127 -3.47 52.89 13.11
N ILE L 128 -3.40 52.16 14.22
CA ILE L 128 -3.26 52.77 15.53
C ILE L 128 -1.91 52.38 16.11
N SER L 129 -1.18 53.40 16.55
CA SER L 129 0.14 53.27 17.14
C SER L 129 0.28 54.43 18.12
N ASP L 130 1.52 54.82 18.41
CA ASP L 130 1.82 56.15 18.93
C ASP L 130 1.21 56.41 20.30
N ASP L 131 1.81 55.83 21.35
CA ASP L 131 1.33 55.62 22.72
C ASP L 131 0.56 56.78 23.35
N THR L 132 0.80 58.01 22.86
CA THR L 132 -0.03 59.15 23.22
C THR L 132 -1.48 58.96 22.81
N ILE L 133 -1.73 58.31 21.67
CA ILE L 133 -3.09 58.11 21.19
C ILE L 133 -3.82 57.11 22.08
N VAL L 134 -3.13 56.05 22.49
CA VAL L 134 -3.84 54.98 23.17
C VAL L 134 -4.00 55.25 24.66
N ASN L 135 -3.42 56.33 25.17
CA ASN L 135 -3.49 56.55 26.61
C ASN L 135 -4.58 57.54 26.99
N ASN L 136 -4.94 58.45 26.08
CA ASN L 136 -6.12 59.24 26.35
C ASN L 136 -7.40 58.61 25.80
N ILE L 137 -7.27 57.59 24.95
CA ILE L 137 -8.47 56.87 24.50
C ILE L 137 -9.07 56.06 25.65
N ILE L 138 -8.27 55.73 26.66
CA ILE L 138 -8.75 54.87 27.73
C ILE L 138 -9.63 55.65 28.69
N LYS L 139 -9.11 56.73 29.26
CA LYS L 139 -9.87 57.42 30.30
C LYS L 139 -10.99 58.25 29.71
N GLU L 140 -10.86 58.71 28.46
CA GLU L 140 -11.94 59.44 27.85
C GLU L 140 -13.06 58.56 27.35
N VAL L 141 -12.75 57.31 26.95
CA VAL L 141 -13.77 56.43 26.40
C VAL L 141 -13.90 55.16 27.22
N PHE L 142 -12.81 54.39 27.29
CA PHE L 142 -12.87 53.04 27.84
C PHE L 142 -13.20 53.03 29.32
N ASP L 143 -12.46 53.76 30.14
CA ASP L 143 -12.79 53.90 31.55
C ASP L 143 -14.11 54.63 31.77
N LYS L 144 -14.52 55.46 30.81
CA LYS L 144 -15.70 56.29 31.00
C LYS L 144 -16.97 55.50 30.71
N ILE L 145 -17.02 54.80 29.58
CA ILE L 145 -18.15 53.95 29.26
C ILE L 145 -18.16 52.69 30.10
N TYR L 146 -16.98 52.14 30.43
CA TYR L 146 -16.87 51.05 31.38
C TYR L 146 -16.32 51.63 32.67
N ASN L 147 -17.19 52.16 33.51
CA ASN L 147 -16.78 52.68 34.81
C ASN L 147 -16.28 51.60 35.75
N ILE L 148 -16.67 50.35 35.50
CA ILE L 148 -16.20 49.21 36.29
C ILE L 148 -14.81 48.76 35.85
N THR L 149 -14.25 49.36 34.80
CA THR L 149 -12.81 49.25 34.58
C THR L 149 -12.10 50.08 35.65
N GLN L 150 -11.02 49.49 36.20
CA GLN L 150 -10.37 49.85 37.47
C GLN L 150 -11.32 49.66 38.67
N LYS L 151 -12.29 48.76 38.51
CA LYS L 151 -13.09 48.26 39.62
C LYS L 151 -13.12 46.74 39.55
N GLU L 152 -12.83 46.20 38.37
CA GLU L 152 -12.71 44.77 38.17
C GLU L 152 -11.50 44.47 37.30
N LYS L 153 -10.99 45.49 36.61
CA LYS L 153 -10.11 45.29 35.47
C LYS L 153 -8.77 45.98 35.71
N VAL L 154 -7.81 45.21 36.20
CA VAL L 154 -6.44 45.70 36.32
C VAL L 154 -5.64 44.83 35.34
N LYS L 155 -6.34 44.26 34.35
CA LYS L 155 -5.71 43.62 33.20
C LYS L 155 -5.80 44.51 31.98
N ILE L 156 -5.75 45.83 32.19
CA ILE L 156 -5.90 46.80 31.11
C ILE L 156 -4.69 46.85 30.20
N GLU L 157 -3.57 46.30 30.62
CA GLU L 157 -2.42 46.21 29.72
C GLU L 157 -2.65 45.19 28.64
N LYS L 158 -3.49 44.18 28.88
CA LYS L 158 -3.93 43.32 27.80
C LYS L 158 -4.97 44.01 26.93
N VAL L 159 -5.71 44.96 27.48
CA VAL L 159 -6.72 45.70 26.73
C VAL L 159 -6.09 46.63 25.70
N LYS L 160 -5.08 47.41 26.10
CA LYS L 160 -4.47 48.41 25.21
C LYS L 160 -3.79 47.74 24.02
N GLU L 161 -3.34 46.50 24.20
CA GLU L 161 -2.76 45.74 23.10
C GLU L 161 -3.80 45.47 22.03
N ASP L 162 -4.99 45.01 22.42
CA ASP L 162 -5.98 44.67 21.41
C ASP L 162 -6.78 45.89 20.97
N ILE L 163 -6.58 47.04 21.59
CA ILE L 163 -6.96 48.28 20.94
C ILE L 163 -6.03 48.54 19.76
N LYS L 164 -4.74 48.21 19.92
CA LYS L 164 -3.80 48.33 18.82
C LYS L 164 -3.94 47.17 17.84
N GLU L 165 -4.12 45.96 18.36
CA GLU L 165 -4.08 44.75 17.54
C GLU L 165 -5.26 44.64 16.61
N LEU L 166 -6.38 45.29 16.91
CA LEU L 166 -7.62 45.10 16.18
C LEU L 166 -7.96 46.32 15.33
N PHE L 167 -8.10 47.50 15.94
CA PHE L 167 -8.73 48.63 15.26
C PHE L 167 -7.81 49.22 14.22
N SER L 168 -8.24 49.15 12.96
CA SER L 168 -7.55 49.81 11.87
C SER L 168 -8.61 50.27 10.89
N TYR L 169 -8.34 51.37 10.22
CA TYR L 169 -9.37 52.03 9.44
C TYR L 169 -8.69 52.71 8.27
N TYR L 170 -9.49 53.26 7.36
CA TYR L 170 -8.95 54.03 6.26
C TYR L 170 -9.35 55.48 6.44
N ALA L 171 -8.41 56.38 6.22
CA ALA L 171 -8.62 57.81 6.44
C ALA L 171 -8.39 58.59 5.16
N LEU L 172 -8.66 59.88 5.23
CA LEU L 172 -8.62 60.79 4.09
C LEU L 172 -7.56 61.87 4.20
N GLU L 173 -7.07 62.12 5.43
CA GLU L 173 -6.19 63.22 5.81
C GLU L 173 -6.83 64.55 5.39
N GLN L 174 -8.07 64.76 5.82
CA GLN L 174 -8.86 65.91 5.38
C GLN L 174 -9.67 66.46 6.56
N SER M 2 16.21 60.25 25.27
CA SER M 2 15.77 58.88 25.48
C SER M 2 16.97 57.99 25.76
N THR M 3 17.05 56.87 25.07
CA THR M 3 18.21 56.01 25.18
C THR M 3 19.25 56.48 24.19
N GLN M 4 20.50 56.51 24.64
CA GLN M 4 21.59 57.11 23.89
C GLN M 4 22.57 56.03 23.47
N ARG M 5 22.78 55.91 22.17
CA ARG M 5 23.67 54.89 21.64
C ARG M 5 24.73 55.55 20.79
N GLU M 6 25.97 55.47 21.23
CA GLU M 6 27.08 56.17 20.61
C GLU M 6 27.74 55.22 19.61
N TYR M 7 28.23 55.79 18.51
CA TYR M 7 28.80 55.01 17.43
C TYR M 7 30.32 55.14 17.44
N VAL M 8 31.00 54.04 17.74
CA VAL M 8 32.44 53.97 17.58
C VAL M 8 32.72 53.31 16.25
N PHE M 9 33.38 54.03 15.35
CA PHE M 9 33.87 53.41 14.13
C PHE M 9 35.25 52.81 14.38
N ILE M 10 35.60 51.82 13.56
CA ILE M 10 36.80 51.01 13.75
C ILE M 10 37.71 51.23 12.54
N PRO M 11 38.66 52.15 12.61
CA PRO M 11 39.58 52.36 11.50
C PRO M 11 40.90 51.64 11.71
N ILE M 12 41.80 51.75 10.75
CA ILE M 12 43.18 51.34 11.01
C ILE M 12 43.94 52.55 11.55
N THR M 13 43.32 53.73 11.50
CA THR M 13 43.99 54.91 12.02
C THR M 13 43.83 54.96 13.53
N ASN M 14 44.85 55.50 14.18
CA ASN M 14 44.94 55.48 15.63
C ASN M 14 44.87 56.92 16.14
N SER M 15 43.65 57.41 16.34
CA SER M 15 43.44 58.75 16.87
C SER M 15 42.35 58.70 17.94
N ILE M 16 41.96 57.50 18.35
CA ILE M 16 40.85 57.30 19.26
C ILE M 16 41.40 56.83 20.59
N THR M 17 41.43 57.73 21.57
CA THR M 17 41.81 57.35 22.92
C THR M 17 40.61 57.50 23.86
N ILE M 18 40.14 58.73 24.04
CA ILE M 18 38.87 59.01 24.70
C ILE M 18 38.12 59.94 23.77
N ASP M 19 37.39 59.36 22.82
CA ASP M 19 36.36 60.11 22.13
C ASP M 19 35.03 59.94 22.82
N VAL M 20 34.83 58.84 23.54
CA VAL M 20 33.68 58.61 24.38
C VAL M 20 34.16 58.14 25.75
N LYS M 21 33.89 58.94 26.78
CA LYS M 21 34.31 58.59 28.13
C LYS M 21 33.50 57.44 28.70
N ILE M 22 32.18 57.53 28.60
CA ILE M 22 31.28 56.60 29.27
C ILE M 22 31.16 55.34 28.43
N THR M 23 31.79 54.26 28.92
CA THR M 23 31.79 52.97 28.26
C THR M 23 30.82 51.99 28.91
N ILE M 24 29.97 52.46 29.82
CA ILE M 24 28.90 51.66 30.38
C ILE M 24 27.60 52.11 29.75
N GLY M 25 27.23 53.37 30.00
CA GLY M 25 26.01 53.91 29.47
C GLY M 25 24.80 53.26 30.12
N GLY M 26 24.12 52.41 29.36
CA GLY M 26 23.13 51.51 29.91
C GLY M 26 23.78 50.29 30.53
N SER M 27 23.00 49.24 30.67
CA SER M 27 23.49 48.02 31.27
C SER M 27 24.06 47.06 30.23
N ASP M 28 24.40 47.54 29.03
CA ASP M 28 24.74 46.69 27.91
C ASP M 28 25.42 47.50 26.82
N HIS M 29 25.56 46.88 25.66
CA HIS M 29 25.90 47.54 24.41
C HIS M 29 25.00 46.94 23.34
N ILE M 30 24.84 47.62 22.21
CA ILE M 30 24.10 46.99 21.11
C ILE M 30 24.94 45.91 20.48
N THR M 31 26.13 46.27 20.03
CA THR M 31 27.01 45.31 19.38
C THR M 31 27.62 44.35 20.38
N ASN M 32 27.36 43.06 20.17
CA ASN M 32 27.65 42.05 21.17
C ASN M 32 28.59 41.00 20.61
N ILE M 33 29.18 40.22 21.51
CA ILE M 33 30.13 39.18 21.17
C ILE M 33 29.64 37.87 21.76
N ASP M 34 29.03 37.02 20.93
CA ASP M 34 28.32 35.87 21.49
C ASP M 34 28.64 34.58 20.74
N GLU M 35 29.93 34.34 20.51
CA GLU M 35 30.49 33.01 20.25
C GLU M 35 30.00 32.36 18.96
N ARG M 36 29.43 33.15 18.07
CA ARG M 36 29.42 32.83 16.65
C ARG M 36 30.05 34.01 15.94
N GLY M 37 30.38 35.02 16.72
CA GLY M 37 31.05 36.21 16.20
C GLY M 37 30.56 37.44 16.92
N ILE M 38 31.14 38.56 16.55
CA ILE M 38 30.59 39.87 16.86
C ILE M 38 29.29 40.01 16.11
N HIS M 39 28.24 40.45 16.79
CA HIS M 39 26.96 40.64 16.13
C HIS M 39 26.41 42.03 16.40
N ASN M 40 25.43 42.41 15.57
CA ASN M 40 24.80 43.72 15.52
C ASN M 40 25.82 44.83 15.23
N VAL M 41 26.36 44.80 14.02
CA VAL M 41 27.31 45.79 13.56
C VAL M 41 26.62 46.76 12.62
N LEU M 42 26.76 48.06 12.89
CA LEU M 42 26.13 49.08 12.09
C LEU M 42 27.04 49.56 10.96
N VAL M 43 26.49 49.58 9.76
CA VAL M 43 27.18 50.08 8.59
C VAL M 43 26.46 51.34 8.13
N ILE M 44 27.21 52.36 7.76
CA ILE M 44 26.64 53.64 7.38
C ILE M 44 27.03 53.93 5.95
N THR M 45 26.09 53.80 5.03
CA THR M 45 26.40 53.98 3.62
C THR M 45 26.51 55.45 3.30
N GLY M 46 27.18 55.74 2.20
CA GLY M 46 27.35 57.12 1.79
C GLY M 46 28.50 57.85 2.43
N TYR M 47 29.12 57.32 3.48
CA TYR M 47 30.14 58.06 4.21
C TYR M 47 31.46 57.31 4.15
N ALA M 48 32.55 58.07 4.02
CA ALA M 48 33.90 57.54 4.09
C ALA M 48 34.52 58.01 5.40
N VAL M 49 35.82 57.79 5.57
CA VAL M 49 36.49 58.21 6.78
C VAL M 49 37.71 59.05 6.42
N ASP M 50 37.97 60.07 7.24
CA ASP M 50 39.23 60.77 7.29
C ASP M 50 40.13 60.06 8.28
N GLU M 51 41.39 59.86 7.90
CA GLU M 51 42.33 59.15 8.74
C GLU M 51 43.09 60.06 9.69
N LYS M 52 43.25 61.33 9.34
CA LYS M 52 44.20 62.22 10.01
C LYS M 52 43.44 63.04 11.03
N ASN M 53 43.46 62.57 12.28
CA ASN M 53 42.66 63.10 13.40
C ASN M 53 41.17 63.08 13.06
N GLY M 54 40.79 62.05 12.31
CA GLY M 54 39.59 62.15 11.50
C GLY M 54 38.43 61.41 12.10
N ARG M 55 37.25 61.69 11.54
CA ARG M 55 36.00 61.04 11.87
C ARG M 55 35.35 60.71 10.54
N LEU M 56 34.04 60.49 10.55
CA LEU M 56 33.30 60.31 9.31
C LEU M 56 33.37 61.58 8.49
N VAL M 57 33.40 61.42 7.18
CA VAL M 57 33.16 62.55 6.28
C VAL M 57 31.90 62.27 5.46
N PRO M 58 30.98 63.22 5.35
CA PRO M 58 29.82 62.99 4.50
C PRO M 58 30.21 63.15 3.05
N THR M 59 29.68 62.26 2.24
CA THR M 59 29.68 62.42 0.81
C THR M 59 28.43 61.76 0.26
N LEU M 60 28.26 61.81 -1.04
CA LEU M 60 27.00 61.40 -1.63
C LEU M 60 27.15 60.21 -2.55
N ASP M 61 28.27 59.51 -2.45
CA ASP M 61 28.47 58.27 -3.18
C ASP M 61 27.84 57.13 -2.38
N PRO M 62 26.82 56.45 -2.90
CA PRO M 62 26.23 55.35 -2.15
C PRO M 62 27.11 54.12 -2.11
N CYS M 63 28.21 54.08 -2.87
CA CYS M 63 29.11 52.94 -2.77
C CYS M 63 29.94 53.00 -1.49
N ASP M 64 29.98 54.15 -0.83
CA ASP M 64 30.81 54.28 0.34
C ASP M 64 30.09 53.69 1.55
N TYR M 65 30.87 53.32 2.56
CA TYR M 65 30.34 52.71 3.77
C TYR M 65 31.41 52.77 4.85
N VAL M 66 30.95 52.84 6.10
CA VAL M 66 31.82 52.74 7.27
C VAL M 66 31.15 51.82 8.27
N LYS M 67 31.88 50.83 8.75
CA LYS M 67 31.36 49.85 9.68
C LYS M 67 31.96 50.09 11.06
N GLY M 68 31.09 50.16 12.07
CA GLY M 68 31.57 50.33 13.42
C GLY M 68 30.60 49.71 14.40
N ILE M 69 30.83 49.96 15.67
CA ILE M 69 30.02 49.36 16.71
C ILE M 69 29.12 50.41 17.33
N LEU M 70 28.21 49.96 18.18
CA LEU M 70 27.27 50.81 18.88
C LEU M 70 27.33 50.50 20.36
N VAL M 71 28.02 51.35 21.10
CA VAL M 71 28.03 51.24 22.55
C VAL M 71 26.85 52.03 23.09
N ALA M 72 26.55 51.80 24.36
CA ALA M 72 25.58 52.61 25.09
C ALA M 72 26.30 53.76 25.78
N GLY M 73 25.81 54.98 25.57
CA GLY M 73 26.35 56.09 26.32
C GLY M 73 26.52 57.39 25.55
N THR M 74 27.37 58.27 26.08
CA THR M 74 27.54 59.62 25.59
C THR M 74 29.03 59.97 25.54
N PRO M 75 29.45 60.76 24.56
CA PRO M 75 30.89 60.96 24.35
C PRO M 75 31.59 62.05 25.17
N GLN M 76 32.49 61.63 26.07
CA GLN M 76 33.64 62.41 26.56
C GLN M 76 33.27 63.57 27.50
N GLN M 77 31.98 63.92 27.60
CA GLN M 77 31.42 64.97 28.48
C GLN M 77 31.92 66.39 28.14
N ALA M 78 32.66 66.53 27.04
CA ALA M 78 33.23 67.82 26.65
C ALA M 78 32.88 68.09 25.19
N GLN M 79 32.73 67.00 24.45
CA GLN M 79 32.23 66.99 23.09
C GLN M 79 30.70 66.96 23.11
N SER M 80 30.14 66.46 22.00
CA SER M 80 28.77 66.65 21.49
C SER M 80 28.68 68.10 21.03
N ASN M 81 29.76 68.56 20.40
CA ASN M 81 29.82 69.86 19.76
C ASN M 81 29.88 69.76 18.24
N ASP M 82 30.55 68.74 17.70
CA ASP M 82 30.68 68.58 16.26
C ASP M 82 30.01 67.31 15.78
N PHE M 83 29.30 66.62 16.67
CA PHE M 83 28.74 65.33 16.33
C PHE M 83 27.35 65.44 15.71
N LEU M 84 26.97 64.43 14.96
CA LEU M 84 25.59 64.30 14.55
C LEU M 84 24.87 63.51 15.63
N THR M 85 24.17 64.20 16.52
CA THR M 85 23.25 63.53 17.42
C THR M 85 21.88 63.56 16.75
N LEU M 86 21.25 62.40 16.66
CA LEU M 86 20.01 62.28 15.90
C LEU M 86 19.29 61.02 16.34
N LYS M 87 17.96 61.08 16.31
CA LYS M 87 17.12 59.97 16.73
C LYS M 87 16.35 59.44 15.53
N LEU M 88 16.33 58.11 15.39
CA LEU M 88 15.76 57.41 14.27
C LEU M 88 15.08 56.17 14.84
N PRO M 89 14.14 55.55 14.13
CA PRO M 89 13.34 54.49 14.75
C PRO M 89 14.04 53.14 14.91
N ALA M 90 15.37 53.08 14.81
CA ALA M 90 16.23 51.93 15.14
C ALA M 90 16.01 50.72 14.24
N ASN M 91 15.21 50.88 13.19
CA ASN M 91 15.12 49.91 12.12
C ASN M 91 15.31 50.58 10.78
N LYS M 92 15.59 51.88 10.78
CA LYS M 92 16.24 52.55 9.66
C LYS M 92 17.75 52.45 9.74
N LEU M 93 18.26 51.68 10.69
CA LEU M 93 19.68 51.37 10.76
C LEU M 93 20.01 50.38 9.66
N TYR M 94 21.11 50.63 8.97
CA TYR M 94 21.62 49.62 8.06
C TYR M 94 22.54 48.73 8.87
N LEU M 95 21.95 47.83 9.66
CA LEU M 95 22.68 46.92 10.49
C LEU M 95 23.01 45.65 9.72
N ILE M 96 24.10 45.00 10.13
CA ILE M 96 24.41 43.65 9.71
C ILE M 96 24.78 42.84 10.93
N ARG M 97 24.93 41.53 10.73
CA ARG M 97 25.12 40.53 11.78
C ARG M 97 24.03 40.63 12.84
N LYS M 98 22.78 40.55 12.41
CA LYS M 98 21.68 40.81 13.33
C LYS M 98 21.30 39.57 14.12
N LYS M 99 21.72 39.54 15.37
CA LYS M 99 21.33 38.45 16.26
C LYS M 99 20.54 38.98 17.45
N GLY M 100 21.06 40.00 18.11
CA GLY M 100 20.42 40.55 19.29
C GLY M 100 19.14 41.32 19.02
N ASN M 101 18.55 41.86 20.07
CA ASN M 101 17.25 42.51 19.95
C ASN M 101 17.37 43.99 20.32
N ILE M 102 16.42 44.79 19.84
CA ILE M 102 16.45 46.24 19.96
C ILE M 102 15.18 46.71 20.66
N SER M 103 15.35 47.65 21.60
CA SER M 103 14.29 48.13 22.48
C SER M 103 13.38 49.15 21.81
N ASP M 104 13.90 50.32 21.44
CA ASP M 104 13.07 51.39 20.88
C ASP M 104 13.97 52.30 20.06
N ASP M 105 13.50 53.52 19.75
CA ASP M 105 14.24 54.44 18.90
C ASP M 105 15.52 54.90 19.58
N LEU M 106 16.52 55.23 18.78
CA LEU M 106 17.86 55.47 19.28
C LEU M 106 18.33 56.85 18.90
N LYS M 107 18.58 57.68 19.90
CA LYS M 107 19.30 58.94 19.71
C LYS M 107 20.78 58.60 19.57
N ILE M 108 21.32 58.79 18.37
CA ILE M 108 22.60 58.21 18.00
C ILE M 108 23.64 59.31 17.83
N TYR M 109 24.71 59.22 18.61
CA TYR M 109 25.87 60.09 18.47
C TYR M 109 26.70 59.62 17.30
N ILE M 110 27.02 60.53 16.40
CA ILE M 110 27.80 60.16 15.22
C ILE M 110 29.05 61.04 15.15
N PRO M 111 30.25 60.43 15.13
CA PRO M 111 31.46 61.19 14.83
C PRO M 111 31.37 61.79 13.44
N TYR M 112 31.66 63.08 13.35
CA TYR M 112 31.31 63.83 12.16
C TYR M 112 32.38 64.85 11.85
N SER M 113 32.49 65.20 10.57
CA SER M 113 33.41 66.23 10.16
C SER M 113 32.77 67.07 9.06
N SER M 114 33.46 68.16 8.71
CA SER M 114 33.02 69.07 7.68
C SER M 114 33.24 68.45 6.30
N PRO M 115 32.51 68.93 5.27
CA PRO M 115 32.73 68.39 3.93
C PRO M 115 34.02 68.87 3.26
N ASP M 116 34.62 69.95 3.76
CA ASP M 116 36.02 70.32 3.46
C ASP M 116 36.32 70.58 1.99
N ALA M 117 35.80 71.67 1.41
CA ALA M 117 35.94 71.91 -0.02
C ALA M 117 37.32 72.41 -0.46
N ARG M 118 38.37 72.30 0.35
CA ARG M 118 39.71 72.73 -0.03
C ARG M 118 40.32 71.87 -1.12
N ASN M 119 39.84 70.64 -1.29
CA ASN M 119 40.21 69.78 -2.41
C ASN M 119 39.12 68.71 -2.54
N SER M 120 39.10 68.03 -3.69
CA SER M 120 38.09 67.03 -3.98
C SER M 120 38.21 65.82 -3.08
N MET M 121 37.18 64.98 -3.09
CA MET M 121 37.15 63.78 -2.27
C MET M 121 37.30 62.58 -3.19
N LYS M 122 38.45 61.92 -3.08
CA LYS M 122 38.75 60.69 -3.80
C LYS M 122 39.11 59.63 -2.78
N THR M 123 38.39 58.52 -2.78
CA THR M 123 38.49 57.51 -1.73
C THR M 123 39.05 56.20 -2.27
N LYS M 124 39.71 55.46 -1.39
CA LYS M 124 40.31 54.18 -1.72
C LYS M 124 39.67 53.09 -0.86
N PRO M 125 39.35 51.93 -1.44
CA PRO M 125 38.71 50.87 -0.67
C PRO M 125 39.67 50.24 0.33
N VAL M 126 39.45 50.52 1.60
CA VAL M 126 40.35 50.07 2.64
C VAL M 126 39.67 48.92 3.38
N SER M 127 40.15 47.72 3.14
CA SER M 127 39.74 46.57 3.91
C SER M 127 40.89 46.21 4.83
N ILE M 128 40.55 45.79 6.05
CA ILE M 128 41.59 45.59 7.05
C ILE M 128 42.35 44.31 6.77
N SER M 129 43.66 44.44 6.65
CA SER M 129 44.62 43.36 6.65
C SER M 129 45.58 43.66 7.79
N ASP M 130 46.74 43.00 7.79
CA ASP M 130 47.87 43.33 8.66
C ASP M 130 47.55 43.18 10.14
N ASP M 131 47.49 41.92 10.60
CA ASP M 131 47.09 41.53 11.95
C ASP M 131 47.75 42.27 13.11
N THR M 132 48.88 42.93 12.87
CA THR M 132 49.42 43.86 13.85
C THR M 132 48.42 44.98 14.16
N ILE M 133 47.64 45.40 13.16
CA ILE M 133 46.73 46.52 13.34
C ILE M 133 45.44 46.06 14.03
N VAL M 134 45.23 44.75 14.13
CA VAL M 134 44.06 44.33 14.89
C VAL M 134 44.48 43.81 16.27
N ASN M 135 45.72 43.35 16.43
CA ASN M 135 46.13 42.80 17.71
C ASN M 135 46.34 43.89 18.75
N ASN M 136 46.47 45.14 18.31
CA ASN M 136 46.44 46.25 19.24
C ASN M 136 45.04 46.83 19.37
N ILE M 137 44.19 46.63 18.36
CA ILE M 137 42.87 47.24 18.44
C ILE M 137 41.95 46.40 19.31
N ILE M 138 42.29 45.13 19.54
CA ILE M 138 41.54 44.32 20.48
C ILE M 138 41.93 44.69 21.91
N LYS M 139 43.07 45.35 22.06
CA LYS M 139 43.48 45.84 23.37
C LYS M 139 43.01 47.27 23.60
N GLU M 140 42.99 48.08 22.54
CA GLU M 140 42.88 49.52 22.76
C GLU M 140 41.42 49.99 22.77
N VAL M 141 40.50 49.26 22.16
CA VAL M 141 39.07 49.54 22.31
C VAL M 141 38.31 48.34 22.88
N PHE M 142 38.64 47.12 22.42
CA PHE M 142 37.80 45.98 22.79
C PHE M 142 37.93 45.60 24.26
N ASP M 143 39.13 45.67 24.82
CA ASP M 143 39.22 45.50 26.26
C ASP M 143 38.67 46.71 26.99
N LYS M 144 38.65 47.87 26.34
CA LYS M 144 38.08 49.08 26.91
C LYS M 144 36.58 49.17 26.74
N ILE M 145 35.98 48.29 25.94
CA ILE M 145 34.53 48.24 25.83
C ILE M 145 34.02 46.92 26.39
N TYR M 146 34.61 45.81 25.95
CA TYR M 146 34.07 44.49 26.26
C TYR M 146 34.89 43.80 27.34
N ASN M 147 34.26 42.80 27.96
CA ASN M 147 34.86 42.08 29.07
C ASN M 147 34.72 40.57 28.98
N ILE M 148 33.92 40.05 28.04
CA ILE M 148 33.77 38.61 27.88
C ILE M 148 35.07 38.01 27.37
N THR M 149 35.88 38.80 26.67
CA THR M 149 37.22 38.38 26.32
C THR M 149 38.12 38.41 27.55
N GLN M 150 39.21 37.64 27.47
CA GLN M 150 40.29 37.41 28.43
C GLN M 150 39.87 36.53 29.59
N LYS M 151 38.59 36.26 29.79
CA LYS M 151 38.13 35.40 30.88
C LYS M 151 37.28 34.25 30.39
N GLU M 152 36.50 34.45 29.34
CA GLU M 152 35.60 33.44 28.83
C GLU M 152 35.87 33.25 27.34
N LYS M 153 36.39 34.28 26.70
CA LYS M 153 36.77 34.21 25.29
C LYS M 153 38.29 34.19 25.20
N VAL M 154 38.87 32.99 25.27
CA VAL M 154 40.21 32.76 24.77
C VAL M 154 40.18 32.59 23.24
N LYS M 155 38.99 32.59 22.64
CA LYS M 155 38.81 32.49 21.19
C LYS M 155 39.10 33.85 20.55
N ILE M 156 40.36 34.26 20.66
CA ILE M 156 40.75 35.60 20.24
C ILE M 156 40.70 35.73 18.74
N GLU M 157 41.02 34.64 18.04
CA GLU M 157 40.94 34.60 16.58
C GLU M 157 39.51 34.72 16.08
N LYS M 158 38.53 34.30 16.90
CA LYS M 158 37.14 34.34 16.49
C LYS M 158 36.63 35.77 16.52
N VAL M 159 37.08 36.55 17.49
CA VAL M 159 36.83 37.99 17.48
C VAL M 159 37.89 38.72 16.67
N LYS M 160 38.85 37.99 16.08
CA LYS M 160 39.79 38.60 15.16
C LYS M 160 39.46 38.31 13.70
N GLU M 161 39.12 37.06 13.36
CA GLU M 161 38.86 36.71 11.97
C GLU M 161 37.68 37.46 11.38
N ASP M 162 36.69 37.80 12.20
CA ASP M 162 35.59 38.60 11.69
C ASP M 162 36.05 40.01 11.34
N ILE M 163 36.94 40.58 12.16
CA ILE M 163 37.49 41.91 11.89
C ILE M 163 38.30 41.88 10.59
N LYS M 164 38.92 40.74 10.30
CA LYS M 164 39.61 40.58 9.04
C LYS M 164 38.66 40.60 7.85
N GLU M 165 37.44 40.08 8.03
CA GLU M 165 36.55 39.88 6.88
C GLU M 165 35.15 40.46 7.09
N LEU M 166 34.95 41.29 8.11
CA LEU M 166 33.71 42.05 8.16
C LEU M 166 33.91 43.55 8.15
N PHE M 167 34.77 44.11 8.98
CA PHE M 167 34.98 45.55 9.05
C PHE M 167 35.83 45.97 7.86
N SER M 168 35.20 46.63 6.90
CA SER M 168 35.89 47.35 5.86
C SER M 168 35.28 48.74 5.82
N TYR M 169 35.89 49.62 5.03
CA TYR M 169 35.40 51.00 4.87
C TYR M 169 36.08 51.61 3.66
N TYR M 170 35.79 52.86 3.41
CA TYR M 170 36.53 53.67 2.47
C TYR M 170 37.21 54.79 3.24
N ALA M 171 38.48 55.03 2.94
CA ALA M 171 39.20 56.14 3.52
C ALA M 171 39.59 57.11 2.41
N LEU M 172 40.02 58.31 2.80
CA LEU M 172 40.29 59.38 1.84
C LEU M 172 41.72 59.24 1.35
N GLU M 173 42.71 59.14 2.24
CA GLU M 173 44.14 59.01 1.96
C GLU M 173 44.71 60.17 1.16
N GLN M 174 44.17 61.38 1.33
CA GLN M 174 44.84 62.56 0.79
C GLN M 174 45.43 63.40 1.91
N SER N 2 80.73 55.05 -30.06
CA SER N 2 79.64 54.39 -29.35
C SER N 2 78.63 55.42 -28.86
N THR N 3 77.42 54.96 -28.57
CA THR N 3 76.34 55.82 -28.09
C THR N 3 75.73 55.27 -26.80
N GLN N 4 75.34 56.19 -25.92
CA GLN N 4 74.81 55.85 -24.61
C GLN N 4 73.55 56.66 -24.35
N ARG N 5 72.42 55.98 -24.22
CA ARG N 5 71.12 56.64 -24.08
C ARG N 5 70.43 56.15 -22.83
N GLU N 6 70.16 57.05 -21.89
CA GLU N 6 69.76 56.68 -20.53
C GLU N 6 68.25 56.51 -20.42
N TYR N 7 67.82 55.98 -19.28
CA TYR N 7 66.41 55.71 -19.00
C TYR N 7 65.92 56.60 -17.87
N VAL N 8 64.67 57.06 -17.97
CA VAL N 8 64.02 57.82 -16.92
C VAL N 8 62.57 57.35 -16.79
N PHE N 9 62.18 57.05 -15.55
CA PHE N 9 60.83 56.65 -15.18
C PHE N 9 59.96 57.88 -15.03
N ILE N 10 58.66 57.71 -15.28
CA ILE N 10 57.74 58.85 -15.21
C ILE N 10 56.71 58.60 -14.13
N PRO N 11 56.95 59.05 -12.90
CA PRO N 11 55.91 59.02 -11.87
C PRO N 11 55.14 60.33 -11.91
N ILE N 12 54.21 60.54 -10.98
CA ILE N 12 53.63 61.87 -10.85
C ILE N 12 54.61 62.84 -10.22
N THR N 13 55.65 62.36 -9.54
CA THR N 13 56.62 63.23 -8.90
C THR N 13 57.73 63.58 -9.87
N ASN N 14 58.54 64.55 -9.47
CA ASN N 14 59.48 65.20 -10.37
C ASN N 14 60.91 64.94 -9.92
N SER N 15 61.69 64.32 -10.81
CA SER N 15 63.15 64.30 -10.76
C SER N 15 63.63 64.49 -12.19
N ILE N 16 62.68 64.79 -13.08
CA ILE N 16 62.83 64.75 -14.53
C ILE N 16 63.22 66.11 -15.09
N THR N 17 63.12 67.17 -14.26
CA THR N 17 63.25 68.55 -14.75
C THR N 17 64.69 68.86 -15.19
N ILE N 18 65.66 68.66 -14.30
CA ILE N 18 67.08 68.72 -14.64
C ILE N 18 67.78 67.56 -13.95
N ASP N 19 68.14 66.53 -14.72
CA ASP N 19 68.94 65.45 -14.16
C ASP N 19 69.97 64.90 -15.14
N VAL N 20 70.29 65.65 -16.19
CA VAL N 20 71.28 65.24 -17.17
C VAL N 20 71.89 66.49 -17.81
N LYS N 21 73.19 66.43 -18.12
CA LYS N 21 73.83 67.44 -18.93
C LYS N 21 73.62 67.21 -20.42
N ILE N 22 73.32 65.98 -20.82
CA ILE N 22 73.07 65.66 -22.22
C ILE N 22 71.63 65.99 -22.54
N THR N 23 71.44 67.18 -23.13
CA THR N 23 70.17 67.59 -23.68
C THR N 23 70.00 67.13 -25.12
N ILE N 24 70.96 67.46 -25.99
CA ILE N 24 71.04 66.81 -27.29
C ILE N 24 72.10 65.72 -27.19
N GLY N 25 73.35 66.12 -26.97
CA GLY N 25 74.45 65.17 -26.97
C GLY N 25 74.62 64.50 -28.31
N GLY N 26 74.20 63.23 -28.38
CA GLY N 26 74.09 62.55 -29.65
C GLY N 26 72.97 63.13 -30.48
N SER N 27 72.95 62.83 -31.78
CA SER N 27 72.01 63.49 -32.68
C SER N 27 70.57 63.04 -32.50
N ASP N 28 70.34 61.90 -31.86
CA ASP N 28 69.01 61.33 -31.83
C ASP N 28 68.73 60.70 -30.47
N HIS N 29 67.46 60.71 -30.08
CA HIS N 29 66.95 60.01 -28.90
C HIS N 29 66.09 58.87 -29.44
N ILE N 30 65.95 57.80 -28.66
CA ILE N 30 65.11 56.70 -29.11
C ILE N 30 63.64 57.07 -28.99
N THR N 31 63.22 57.61 -27.85
CA THR N 31 61.91 58.21 -27.74
C THR N 31 61.83 59.41 -28.66
N ASN N 32 60.90 59.38 -29.61
CA ASN N 32 60.74 60.47 -30.54
C ASN N 32 59.28 60.81 -30.68
N ILE N 33 58.98 62.10 -30.64
CA ILE N 33 57.63 62.60 -30.76
C ILE N 33 57.43 62.77 -32.25
N ASP N 34 56.59 61.93 -32.85
CA ASP N 34 56.31 62.00 -34.28
C ASP N 34 55.11 62.88 -34.57
N GLU N 35 54.81 63.83 -33.68
CA GLU N 35 53.64 64.72 -33.62
C GLU N 35 52.31 64.03 -33.88
N ARG N 36 52.23 62.75 -33.53
CA ARG N 36 51.01 61.98 -33.42
C ARG N 36 50.92 61.34 -32.04
N GLY N 37 51.73 61.81 -31.10
CA GLY N 37 51.92 61.21 -29.81
C GLY N 37 53.38 60.89 -29.55
N ILE N 38 53.60 60.22 -28.42
CA ILE N 38 54.93 59.74 -28.08
C ILE N 38 55.14 58.40 -28.75
N HIS N 39 56.37 58.12 -29.20
CA HIS N 39 56.64 56.91 -29.95
C HIS N 39 57.95 56.29 -29.50
N ASN N 40 58.10 54.99 -29.81
CA ASN N 40 59.22 54.15 -29.41
C ASN N 40 59.41 54.14 -27.89
N VAL N 41 58.29 53.99 -27.19
CA VAL N 41 58.29 54.05 -25.74
C VAL N 41 58.77 52.72 -25.17
N LEU N 42 59.78 52.78 -24.32
CA LEU N 42 60.37 51.60 -23.70
C LEU N 42 59.73 51.30 -22.36
N VAL N 43 59.40 50.03 -22.15
CA VAL N 43 58.75 49.57 -20.94
C VAL N 43 59.58 48.42 -20.38
N ILE N 44 59.80 48.41 -19.07
CA ILE N 44 60.62 47.40 -18.41
C ILE N 44 59.75 46.66 -17.42
N THR N 45 59.82 45.33 -17.45
CA THR N 45 59.06 44.49 -16.52
C THR N 45 59.90 44.17 -15.29
N GLY N 46 59.21 43.77 -14.21
CA GLY N 46 59.86 43.23 -13.03
C GLY N 46 60.34 44.24 -12.00
N TYR N 47 60.47 45.50 -12.38
CA TYR N 47 61.05 46.53 -11.52
C TYR N 47 59.94 47.41 -10.96
N ALA N 48 60.18 47.99 -9.80
CA ALA N 48 59.12 48.67 -9.09
C ALA N 48 59.56 50.05 -8.64
N VAL N 49 58.60 50.96 -8.54
CA VAL N 49 58.84 52.36 -8.18
C VAL N 49 58.91 52.47 -6.66
N ASP N 50 59.97 53.11 -6.16
CA ASP N 50 60.09 53.51 -4.76
C ASP N 50 60.31 55.02 -4.76
N GLU N 51 59.27 55.79 -4.37
CA GLU N 51 59.30 57.23 -4.59
C GLU N 51 60.24 57.97 -3.65
N LYS N 52 60.46 57.48 -2.44
CA LYS N 52 61.55 57.95 -1.59
C LYS N 52 62.69 56.96 -1.75
N ASN N 53 63.92 57.45 -1.63
CA ASN N 53 65.08 56.89 -2.33
C ASN N 53 64.70 56.69 -3.80
N GLY N 54 64.41 57.84 -4.44
CA GLY N 54 63.47 57.92 -5.54
C GLY N 54 63.93 57.30 -6.84
N ARG N 55 64.05 55.98 -6.85
CA ARG N 55 64.50 55.25 -8.03
C ARG N 55 63.64 54.01 -8.19
N LEU N 56 64.12 53.08 -9.00
CA LEU N 56 63.36 51.92 -9.41
C LEU N 56 63.90 50.66 -8.75
N VAL N 57 63.21 50.18 -7.73
CA VAL N 57 63.73 49.03 -6.96
C VAL N 57 63.39 47.74 -7.70
N PRO N 58 64.33 46.79 -7.78
CA PRO N 58 64.03 45.50 -8.38
C PRO N 58 63.30 44.56 -7.46
N THR N 59 62.16 44.09 -7.90
CA THR N 59 61.51 42.94 -7.28
C THR N 59 62.04 41.66 -7.90
N LEU N 60 61.34 40.58 -7.65
CA LEU N 60 61.46 39.38 -8.46
C LEU N 60 60.21 39.12 -9.28
N ASP N 61 59.25 40.05 -9.24
CA ASP N 61 57.88 39.79 -9.66
C ASP N 61 57.76 39.69 -11.18
N PRO N 62 56.93 38.80 -11.70
CA PRO N 62 56.70 38.77 -13.15
C PRO N 62 55.91 39.97 -13.63
N CYS N 63 54.88 40.35 -12.89
CA CYS N 63 54.29 41.67 -13.00
C CYS N 63 55.12 42.67 -12.26
N ASP N 64 54.51 43.82 -11.97
CA ASP N 64 55.16 45.01 -11.46
C ASP N 64 56.22 45.46 -12.46
N TYR N 65 55.73 45.93 -13.60
CA TYR N 65 56.54 46.56 -14.63
C TYR N 65 56.68 48.04 -14.33
N VAL N 66 57.69 48.67 -14.92
CA VAL N 66 57.80 50.12 -14.93
C VAL N 66 57.65 50.61 -16.35
N LYS N 67 56.84 51.65 -16.52
CA LYS N 67 56.76 52.35 -17.79
C LYS N 67 57.49 53.68 -17.68
N GLY N 68 58.00 54.15 -18.82
CA GLY N 68 58.78 55.37 -18.84
C GLY N 68 59.32 55.63 -20.22
N ILE N 69 60.28 56.55 -20.29
CA ILE N 69 60.88 57.00 -21.54
C ILE N 69 62.39 56.94 -21.43
N LEU N 70 63.05 57.05 -22.56
CA LEU N 70 64.50 57.08 -22.59
C LEU N 70 64.95 58.23 -23.47
N VAL N 71 66.07 58.86 -23.09
CA VAL N 71 66.73 59.83 -23.94
C VAL N 71 68.21 59.48 -23.98
N ALA N 72 68.91 60.08 -24.93
CA ALA N 72 70.36 60.14 -24.89
C ALA N 72 70.78 60.86 -23.63
N GLY N 73 71.59 60.20 -22.82
CA GLY N 73 71.99 60.79 -21.57
C GLY N 73 72.97 59.88 -20.87
N THR N 74 73.88 60.52 -20.15
CA THR N 74 74.71 59.90 -19.14
C THR N 74 74.47 60.68 -17.86
N PRO N 75 74.42 60.01 -16.73
CA PRO N 75 74.25 60.75 -15.48
C PRO N 75 75.51 61.53 -15.14
N GLN N 76 75.61 62.71 -15.75
CA GLN N 76 76.51 63.82 -15.41
C GLN N 76 78.00 63.52 -15.59
N GLN N 77 78.37 62.30 -16.01
CA GLN N 77 79.73 61.74 -15.89
C GLN N 77 80.22 61.83 -14.43
N ALA N 78 79.28 61.68 -13.49
CA ALA N 78 79.60 61.71 -12.07
C ALA N 78 78.97 60.51 -11.39
N GLN N 79 77.77 60.16 -11.82
CA GLN N 79 77.02 59.05 -11.29
C GLN N 79 77.30 57.80 -12.11
N SER N 80 76.38 56.82 -11.97
CA SER N 80 76.38 55.44 -12.42
C SER N 80 77.40 54.67 -11.60
N ASN N 81 77.66 55.16 -10.39
CA ASN N 81 78.38 54.44 -9.36
C ASN N 81 77.57 53.29 -8.77
N ASP N 82 76.25 53.28 -8.96
CA ASP N 82 75.42 52.16 -8.54
C ASP N 82 74.36 51.79 -9.56
N PHE N 83 74.36 52.45 -10.72
CA PHE N 83 73.27 52.26 -11.67
C PHE N 83 73.41 50.94 -12.39
N LEU N 84 72.27 50.42 -12.85
CA LEU N 84 72.25 49.18 -13.62
C LEU N 84 72.37 49.51 -15.10
N THR N 85 73.59 49.45 -15.63
CA THR N 85 73.81 49.84 -17.01
C THR N 85 74.28 48.63 -17.80
N LEU N 86 74.00 48.63 -19.10
CA LEU N 86 74.23 47.47 -19.95
C LEU N 86 74.40 47.90 -21.40
N LYS N 87 75.11 47.08 -22.16
CA LYS N 87 75.46 47.38 -23.53
C LYS N 87 74.98 46.25 -24.43
N LEU N 88 74.06 46.56 -25.33
CA LEU N 88 73.46 45.56 -26.21
C LEU N 88 72.84 46.25 -27.42
N PRO N 89 72.76 45.56 -28.57
CA PRO N 89 72.32 46.23 -29.81
C PRO N 89 70.83 46.44 -29.95
N ALA N 90 70.05 46.38 -28.86
CA ALA N 90 68.67 46.85 -28.71
C ALA N 90 67.62 46.00 -29.43
N ASN N 91 67.96 44.85 -29.97
CA ASN N 91 66.95 43.90 -30.42
C ASN N 91 66.51 42.96 -29.30
N LYS N 92 66.87 43.27 -28.07
CA LYS N 92 66.43 42.52 -26.91
C LYS N 92 65.68 43.37 -25.90
N LEU N 93 65.27 44.58 -26.27
CA LEU N 93 64.60 45.48 -25.34
C LEU N 93 63.12 45.59 -25.67
N TYR N 94 62.30 45.68 -24.61
CA TYR N 94 60.85 45.75 -24.74
C TYR N 94 60.46 47.21 -24.93
N LEU N 95 60.35 47.64 -26.18
CA LEU N 95 59.80 48.94 -26.51
C LEU N 95 58.37 48.77 -27.01
N ILE N 96 57.54 49.78 -26.81
CA ILE N 96 56.20 49.75 -27.36
C ILE N 96 56.05 50.93 -28.31
N ARG N 97 55.09 50.80 -29.24
CA ARG N 97 54.82 51.74 -30.32
C ARG N 97 56.08 52.05 -31.11
N LYS N 98 56.66 51.01 -31.69
CA LYS N 98 57.85 51.17 -32.51
C LYS N 98 57.50 51.83 -33.83
N LYS N 99 57.68 53.14 -33.90
CA LYS N 99 57.41 53.87 -35.13
C LYS N 99 58.73 54.43 -35.64
N GLY N 100 59.22 53.86 -36.73
CA GLY N 100 60.59 54.10 -37.13
C GLY N 100 61.47 53.04 -36.51
N ASN N 101 62.22 52.31 -37.34
CA ASN N 101 63.05 51.23 -36.85
C ASN N 101 64.23 51.78 -36.05
N ILE N 102 64.79 50.93 -35.21
CA ILE N 102 65.90 51.31 -34.36
C ILE N 102 67.19 51.26 -35.18
N SER N 103 68.17 52.06 -34.75
CA SER N 103 69.47 52.10 -35.41
C SER N 103 70.40 51.02 -34.89
N ASP N 104 69.86 50.07 -34.10
CA ASP N 104 70.39 48.73 -33.87
C ASP N 104 71.63 48.70 -32.97
N ASP N 105 71.86 49.73 -32.14
CA ASP N 105 72.92 49.67 -31.15
C ASP N 105 72.66 50.63 -29.99
N LEU N 106 72.88 50.18 -28.75
CA LEU N 106 72.63 50.99 -27.55
C LEU N 106 73.49 50.60 -26.36
N LYS N 107 73.69 51.58 -25.48
CA LYS N 107 74.00 51.36 -24.06
C LYS N 107 73.04 52.21 -23.24
N ILE N 108 72.48 51.63 -22.18
CA ILE N 108 71.42 52.26 -21.41
C ILE N 108 71.93 52.51 -20.00
N TYR N 109 71.59 53.67 -19.43
CA TYR N 109 71.71 53.93 -18.01
C TYR N 109 70.33 53.86 -17.38
N ILE N 110 70.20 53.07 -16.32
CA ILE N 110 68.92 52.87 -15.66
C ILE N 110 69.07 53.33 -14.22
N PRO N 111 68.08 54.07 -13.67
CA PRO N 111 68.11 54.36 -12.23
C PRO N 111 68.01 53.11 -11.38
N TYR N 112 68.46 53.19 -10.14
CA TYR N 112 68.48 52.02 -9.28
C TYR N 112 68.45 52.48 -7.82
N SER N 113 67.74 51.72 -6.99
CA SER N 113 67.65 52.00 -5.57
C SER N 113 68.05 50.75 -4.80
N SER N 114 68.10 50.90 -3.48
CA SER N 114 68.62 49.85 -2.61
C SER N 114 67.69 48.64 -2.60
N PRO N 115 68.19 47.43 -2.34
CA PRO N 115 67.31 46.25 -2.26
C PRO N 115 66.33 46.27 -1.10
N ASP N 116 66.65 47.02 -0.03
CA ASP N 116 65.70 47.39 1.03
C ASP N 116 65.15 46.18 1.78
N ALA N 117 66.04 45.44 2.46
CA ALA N 117 65.68 44.22 3.19
C ALA N 117 65.23 44.59 4.60
N ARG N 118 64.21 45.43 4.69
CA ARG N 118 63.69 45.85 5.98
C ARG N 118 62.17 45.90 5.95
N ASN N 119 61.59 45.85 4.75
CA ASN N 119 60.14 45.95 4.59
C ASN N 119 59.69 44.97 3.50
N SER N 120 58.44 44.49 3.62
CA SER N 120 57.86 43.60 2.62
C SER N 120 57.29 44.42 1.48
N MET N 121 57.61 44.03 0.26
CA MET N 121 57.47 44.93 -0.88
C MET N 121 56.22 44.63 -1.71
N LYS N 122 55.31 45.59 -1.77
CA LYS N 122 54.01 45.41 -2.41
C LYS N 122 53.61 46.73 -3.06
N THR N 123 53.41 46.70 -4.37
CA THR N 123 53.29 47.92 -5.13
C THR N 123 51.84 48.35 -5.21
N LYS N 124 51.60 49.39 -6.00
CA LYS N 124 50.28 49.95 -6.19
C LYS N 124 50.11 50.48 -7.61
N PRO N 125 49.14 49.99 -8.37
CA PRO N 125 48.94 50.48 -9.74
C PRO N 125 48.31 51.87 -9.75
N VAL N 126 49.14 52.87 -10.05
CA VAL N 126 48.70 54.26 -10.16
C VAL N 126 49.21 54.81 -11.48
N SER N 127 48.31 55.37 -12.27
CA SER N 127 48.67 56.01 -13.53
C SER N 127 48.73 57.52 -13.36
N ILE N 128 49.30 58.16 -14.37
CA ILE N 128 49.47 59.61 -14.37
C ILE N 128 48.11 60.26 -14.56
N SER N 129 47.66 61.00 -13.55
CA SER N 129 46.37 61.65 -13.60
C SER N 129 46.56 63.10 -13.22
N ASP N 130 45.43 63.84 -13.21
CA ASP N 130 45.37 65.23 -12.75
C ASP N 130 46.29 66.16 -13.55
N ASP N 131 45.83 66.52 -14.75
CA ASP N 131 46.52 67.16 -15.86
C ASP N 131 47.54 68.25 -15.54
N THR N 132 47.44 68.91 -14.39
CA THR N 132 48.52 69.79 -13.96
C THR N 132 49.80 69.01 -13.69
N ILE N 133 49.68 67.71 -13.37
CA ILE N 133 50.84 66.85 -13.30
C ILE N 133 51.29 66.46 -14.70
N VAL N 134 50.36 66.45 -15.67
CA VAL N 134 50.74 66.31 -17.06
C VAL N 134 51.30 67.64 -17.58
N ASN N 135 50.89 68.75 -16.95
CA ASN N 135 51.30 70.05 -17.46
C ASN N 135 52.74 70.39 -17.10
N ASN N 136 53.29 69.82 -16.03
CA ASN N 136 54.66 70.19 -15.69
C ASN N 136 55.68 69.37 -16.48
N ILE N 137 55.36 68.11 -16.78
CA ILE N 137 56.29 67.20 -17.46
C ILE N 137 56.53 67.63 -18.91
N ILE N 138 55.66 68.47 -19.47
CA ILE N 138 55.87 69.02 -20.80
C ILE N 138 57.11 69.89 -20.81
N LYS N 139 57.35 70.62 -19.72
CA LYS N 139 58.56 71.41 -19.62
C LYS N 139 59.74 70.57 -19.13
N GLU N 140 59.49 69.41 -18.55
CA GLU N 140 60.53 68.66 -17.84
C GLU N 140 61.29 67.72 -18.76
N VAL N 141 60.62 67.16 -19.76
CA VAL N 141 61.29 66.43 -20.83
C VAL N 141 60.93 66.99 -22.20
N PHE N 142 59.65 67.25 -22.47
CA PHE N 142 59.22 67.62 -23.81
C PHE N 142 59.63 69.03 -24.21
N ASP N 143 60.17 69.84 -23.31
CA ASP N 143 60.73 71.13 -23.67
C ASP N 143 62.14 71.31 -23.12
N LYS N 144 62.48 70.60 -22.05
CA LYS N 144 63.87 70.58 -21.60
C LYS N 144 64.74 69.86 -22.63
N ILE N 145 64.30 68.68 -23.07
CA ILE N 145 65.03 67.99 -24.12
C ILE N 145 64.57 68.54 -25.46
N TYR N 146 63.27 68.48 -25.71
CA TYR N 146 62.74 68.68 -27.06
C TYR N 146 62.46 70.15 -27.32
N ASN N 147 63.42 70.82 -27.94
CA ASN N 147 63.19 72.14 -28.50
C ASN N 147 62.22 72.12 -29.66
N ILE N 148 62.13 71.00 -30.37
CA ILE N 148 61.26 70.87 -31.54
C ILE N 148 59.79 70.93 -31.14
N THR N 149 59.46 70.61 -29.89
CA THR N 149 58.13 70.91 -29.38
C THR N 149 57.99 72.41 -29.20
N GLN N 150 56.83 72.94 -29.64
CA GLN N 150 56.51 74.37 -29.69
C GLN N 150 57.44 75.10 -30.66
N LYS N 151 57.96 74.35 -31.63
CA LYS N 151 58.75 74.84 -32.74
C LYS N 151 58.12 74.24 -34.00
N GLU N 152 57.58 73.04 -33.83
CA GLU N 152 56.72 72.39 -34.81
C GLU N 152 55.41 72.02 -34.14
N LYS N 153 55.49 71.70 -32.85
CA LYS N 153 54.36 71.18 -32.10
C LYS N 153 53.44 72.31 -31.67
N VAL N 154 52.36 72.50 -32.42
CA VAL N 154 51.15 73.09 -31.89
C VAL N 154 50.31 72.04 -31.17
N LYS N 155 50.60 70.76 -31.43
CA LYS N 155 49.79 69.64 -30.96
C LYS N 155 50.19 69.21 -29.57
N ILE N 156 50.20 70.15 -28.62
CA ILE N 156 50.18 69.81 -27.21
C ILE N 156 48.89 69.04 -26.88
N GLU N 157 47.80 69.36 -27.59
CA GLU N 157 46.47 68.79 -27.37
C GLU N 157 46.44 67.28 -27.51
N LYS N 158 47.37 66.67 -28.26
CA LYS N 158 47.33 65.21 -28.31
C LYS N 158 48.15 64.58 -27.19
N VAL N 159 49.32 65.13 -26.87
CA VAL N 159 50.18 64.54 -25.85
C VAL N 159 49.64 64.81 -24.44
N LYS N 160 48.61 65.64 -24.30
CA LYS N 160 47.98 65.88 -23.01
C LYS N 160 47.34 64.61 -22.45
N GLU N 161 46.74 63.81 -23.32
CA GLU N 161 46.16 62.56 -22.84
C GLU N 161 47.07 61.38 -23.13
N ASP N 162 48.09 61.55 -23.99
CA ASP N 162 48.98 60.45 -24.31
C ASP N 162 49.81 60.05 -23.11
N ILE N 163 50.19 61.03 -22.28
CA ILE N 163 50.85 60.70 -21.02
C ILE N 163 49.85 60.14 -20.04
N LYS N 164 48.58 60.55 -20.14
CA LYS N 164 47.54 59.97 -19.31
C LYS N 164 47.25 58.53 -19.72
N GLU N 165 47.06 58.29 -21.01
CA GLU N 165 46.50 57.00 -21.43
C GLU N 165 47.56 55.94 -21.67
N LEU N 166 48.84 56.32 -21.67
CA LEU N 166 49.87 55.30 -21.81
C LEU N 166 50.52 54.97 -20.47
N PHE N 167 51.11 55.96 -19.82
CA PHE N 167 52.09 55.69 -18.78
C PHE N 167 51.45 55.29 -17.46
N SER N 168 52.13 54.39 -16.75
CA SER N 168 51.70 53.94 -15.44
C SER N 168 52.93 53.48 -14.66
N TYR N 169 52.85 53.59 -13.34
CA TYR N 169 53.97 53.28 -12.46
C TYR N 169 53.42 52.54 -11.26
N TYR N 170 54.21 51.61 -10.73
CA TYR N 170 53.76 50.80 -9.61
C TYR N 170 54.62 51.11 -8.40
N ALA N 171 54.07 51.89 -7.48
CA ALA N 171 54.80 52.47 -6.38
C ALA N 171 54.59 51.65 -5.11
N LEU N 172 55.67 51.45 -4.37
CA LEU N 172 55.59 50.76 -3.08
C LEU N 172 54.91 51.62 -2.02
N GLU N 173 55.43 52.84 -1.80
CA GLU N 173 55.01 53.77 -0.73
C GLU N 173 55.11 53.09 0.63
N GLN N 174 56.26 52.52 0.93
CA GLN N 174 56.40 51.63 2.09
C GLN N 174 57.62 51.97 2.92
N SER O 2 -44.64 31.19 -26.31
CA SER O 2 -43.75 30.21 -25.70
C SER O 2 -44.12 28.79 -26.14
N THR O 3 -43.47 27.80 -25.55
CA THR O 3 -43.51 26.42 -26.00
C THR O 3 -44.46 25.60 -25.14
N GLN O 4 -45.20 24.70 -25.80
CA GLN O 4 -46.26 23.92 -25.18
C GLN O 4 -46.10 22.44 -25.52
N ARG O 5 -46.11 21.59 -24.49
CA ARG O 5 -45.97 20.15 -24.65
C ARG O 5 -47.24 19.45 -24.18
N GLU O 6 -47.44 18.21 -24.63
CA GLU O 6 -48.51 17.36 -24.16
C GLU O 6 -47.96 16.06 -23.60
N TYR O 7 -48.30 15.77 -22.36
CA TYR O 7 -47.85 14.56 -21.69
C TYR O 7 -48.80 13.42 -21.99
N VAL O 8 -48.27 12.34 -22.55
CA VAL O 8 -49.00 11.11 -22.77
C VAL O 8 -48.23 9.97 -22.11
N PHE O 9 -48.86 9.35 -21.12
CA PHE O 9 -48.13 8.40 -20.29
C PHE O 9 -48.00 7.04 -20.98
N ILE O 10 -47.46 6.08 -20.23
CA ILE O 10 -47.17 4.75 -20.74
C ILE O 10 -48.08 3.75 -20.02
N PRO O 11 -49.17 3.32 -20.62
CA PRO O 11 -49.86 2.12 -20.12
C PRO O 11 -49.39 0.87 -20.84
N ILE O 12 -50.00 -0.27 -20.53
CA ILE O 12 -50.11 -1.36 -21.49
C ILE O 12 -51.56 -1.70 -21.82
N THR O 13 -52.52 -0.95 -21.28
CA THR O 13 -53.91 -1.10 -21.71
C THR O 13 -54.07 -0.47 -23.08
N ASN O 14 -55.15 -0.83 -23.77
CA ASN O 14 -55.37 -0.39 -25.14
C ASN O 14 -56.60 0.52 -25.17
N SER O 15 -56.39 1.79 -24.84
CA SER O 15 -57.40 2.83 -24.94
C SER O 15 -56.74 4.11 -25.43
N ILE O 16 -55.46 4.00 -25.75
CA ILE O 16 -54.59 5.16 -25.99
C ILE O 16 -54.23 5.32 -27.46
N THR O 17 -55.01 4.75 -28.38
CA THR O 17 -54.67 4.86 -29.80
C THR O 17 -55.02 6.23 -30.37
N ILE O 18 -55.87 7.00 -29.71
CA ILE O 18 -56.10 8.41 -30.04
C ILE O 18 -56.13 9.19 -28.73
N ASP O 19 -55.05 9.92 -28.45
CA ASP O 19 -55.08 10.92 -27.38
C ASP O 19 -54.64 12.26 -27.95
N VAL O 20 -53.97 12.23 -29.10
CA VAL O 20 -53.47 13.43 -29.75
C VAL O 20 -53.38 13.16 -31.24
N LYS O 21 -53.94 14.10 -32.02
CA LYS O 21 -54.00 13.96 -33.47
C LYS O 21 -52.78 14.52 -34.20
N ILE O 22 -51.77 15.01 -33.49
CA ILE O 22 -50.75 15.87 -34.08
C ILE O 22 -49.45 15.08 -34.19
N THR O 23 -48.81 15.18 -35.37
CA THR O 23 -47.57 14.46 -35.60
C THR O 23 -46.40 15.06 -34.82
N ILE O 24 -46.24 16.38 -34.88
CA ILE O 24 -45.20 17.03 -34.10
C ILE O 24 -45.79 18.12 -33.20
N GLY O 25 -46.34 19.16 -33.80
CA GLY O 25 -46.78 20.30 -33.03
C GLY O 25 -45.70 21.32 -32.73
N GLY O 26 -44.54 21.19 -33.36
CA GLY O 26 -43.39 22.04 -33.12
C GLY O 26 -42.30 21.63 -34.09
N SER O 27 -41.06 21.46 -33.61
CA SER O 27 -40.07 20.84 -34.47
C SER O 27 -39.32 19.70 -33.76
N ASP O 28 -39.07 19.84 -32.46
CA ASP O 28 -38.37 18.85 -31.66
C ASP O 28 -39.11 18.62 -30.36
N HIS O 29 -38.79 17.51 -29.70
CA HIS O 29 -39.49 17.12 -28.48
C HIS O 29 -38.46 16.85 -27.39
N ILE O 30 -38.96 16.80 -26.16
CA ILE O 30 -38.09 16.64 -24.99
C ILE O 30 -37.51 15.23 -24.95
N THR O 31 -38.31 14.23 -25.26
CA THR O 31 -37.83 12.87 -25.32
C THR O 31 -37.36 12.55 -26.74
N ASN O 32 -36.08 12.18 -26.87
CA ASN O 32 -35.51 11.75 -28.13
C ASN O 32 -34.65 10.52 -27.90
N ILE O 33 -34.36 9.81 -29.00
CA ILE O 33 -33.73 8.50 -28.94
C ILE O 33 -32.45 8.59 -29.77
N ASP O 34 -31.31 8.26 -29.16
CA ASP O 34 -30.02 8.24 -29.85
C ASP O 34 -29.46 6.85 -30.06
N GLU O 35 -30.33 5.83 -30.19
CA GLU O 35 -30.00 4.41 -30.10
C GLU O 35 -29.22 4.08 -28.83
N ARG O 36 -29.53 4.77 -27.74
CA ARG O 36 -29.06 4.40 -26.41
C ARG O 36 -30.25 4.07 -25.53
N GLY O 37 -31.44 4.11 -26.10
CA GLY O 37 -32.65 4.08 -25.33
C GLY O 37 -33.18 5.48 -25.08
N ILE O 38 -34.40 5.53 -24.58
CA ILE O 38 -35.07 6.79 -24.36
C ILE O 38 -34.52 7.44 -23.09
N HIS O 39 -34.27 8.74 -23.16
CA HIS O 39 -33.86 9.52 -22.01
C HIS O 39 -34.86 10.62 -21.78
N ASN O 40 -34.63 11.40 -20.71
CA ASN O 40 -35.37 12.63 -20.39
C ASN O 40 -36.86 12.37 -20.22
N VAL O 41 -37.18 11.30 -19.50
CA VAL O 41 -38.55 10.82 -19.34
C VAL O 41 -39.19 11.49 -18.14
N LEU O 42 -40.33 12.15 -18.36
CA LEU O 42 -41.07 12.79 -17.28
C LEU O 42 -41.79 11.73 -16.46
N VAL O 43 -41.53 11.72 -15.16
CA VAL O 43 -42.19 10.81 -14.25
C VAL O 43 -43.01 11.66 -13.31
N ILE O 44 -44.32 11.59 -13.45
CA ILE O 44 -45.23 12.34 -12.59
C ILE O 44 -45.60 11.46 -11.41
N THR O 45 -45.34 11.95 -10.21
CA THR O 45 -45.63 11.25 -8.98
C THR O 45 -46.87 11.84 -8.32
N GLY O 46 -47.40 11.13 -7.34
CA GLY O 46 -48.64 11.51 -6.69
C GLY O 46 -49.89 11.25 -7.49
N TYR O 47 -49.77 10.71 -8.70
CA TYR O 47 -50.88 10.46 -9.59
C TYR O 47 -50.87 8.99 -9.96
N ALA O 48 -52.03 8.50 -10.40
CA ALA O 48 -52.15 7.12 -10.82
C ALA O 48 -52.97 7.07 -12.10
N VAL O 49 -52.62 6.14 -12.97
CA VAL O 49 -53.26 6.02 -14.26
C VAL O 49 -54.64 5.42 -14.04
N ASP O 50 -55.50 5.61 -15.02
CA ASP O 50 -56.92 5.28 -14.91
C ASP O 50 -57.34 4.51 -16.16
N GLU O 51 -56.67 3.36 -16.36
CA GLU O 51 -56.62 2.58 -17.60
C GLU O 51 -57.96 2.42 -18.33
N LYS O 52 -59.08 2.39 -17.60
CA LYS O 52 -60.36 2.52 -18.28
C LYS O 52 -60.53 3.96 -18.79
N ASN O 53 -60.33 4.14 -20.11
CA ASN O 53 -60.20 5.45 -20.75
C ASN O 53 -59.06 6.24 -20.08
N GLY O 54 -57.84 5.78 -20.34
CA GLY O 54 -56.62 6.22 -19.68
C GLY O 54 -56.31 7.69 -19.54
N ARG O 55 -56.36 8.16 -18.29
CA ARG O 55 -55.97 9.51 -17.88
C ARG O 55 -55.16 9.36 -16.60
N LEU O 56 -55.01 10.46 -15.87
CA LEU O 56 -54.54 10.39 -14.49
C LEU O 56 -55.63 10.85 -13.55
N VAL O 57 -55.47 10.46 -12.28
CA VAL O 57 -56.35 10.90 -11.21
C VAL O 57 -55.46 11.20 -10.01
N PRO O 58 -55.67 12.31 -9.33
CA PRO O 58 -54.81 12.63 -8.18
C PRO O 58 -55.12 11.75 -6.98
N THR O 59 -54.17 10.90 -6.62
CA THR O 59 -54.07 10.42 -5.25
C THR O 59 -53.24 11.45 -4.49
N LEU O 60 -52.98 11.20 -3.20
CA LEU O 60 -52.02 12.03 -2.50
C LEU O 60 -50.80 11.25 -2.06
N ASP O 61 -50.72 9.99 -2.43
CA ASP O 61 -49.61 9.11 -2.10
C ASP O 61 -48.38 9.52 -2.88
N PRO O 62 -47.31 9.96 -2.20
CA PRO O 62 -46.03 10.15 -2.89
C PRO O 62 -45.31 8.86 -3.21
N CYS O 63 -45.81 7.72 -2.74
CA CYS O 63 -45.37 6.41 -3.20
C CYS O 63 -46.13 5.95 -4.42
N ASP O 64 -46.76 6.86 -5.15
CA ASP O 64 -47.28 6.61 -6.48
C ASP O 64 -46.43 7.35 -7.49
N TYR O 65 -46.34 6.82 -8.70
CA TYR O 65 -45.72 7.55 -9.78
C TYR O 65 -46.30 7.07 -11.10
N VAL O 66 -46.22 7.94 -12.09
CA VAL O 66 -46.67 7.66 -13.44
C VAL O 66 -45.57 8.08 -14.39
N LYS O 67 -45.11 7.14 -15.22
CA LYS O 67 -44.07 7.41 -16.19
C LYS O 67 -44.66 7.60 -17.59
N GLY O 68 -44.00 8.43 -18.38
CA GLY O 68 -44.43 8.67 -19.74
C GLY O 68 -43.55 9.71 -20.40
N ILE O 69 -43.82 9.94 -21.68
CA ILE O 69 -42.97 10.74 -22.54
C ILE O 69 -43.57 12.13 -22.69
N LEU O 70 -42.71 13.09 -23.07
CA LEU O 70 -43.11 14.46 -23.33
C LEU O 70 -43.02 14.75 -24.82
N VAL O 71 -44.16 15.03 -25.43
CA VAL O 71 -44.26 15.38 -26.84
C VAL O 71 -44.98 16.73 -26.91
N ALA O 72 -44.64 17.54 -27.90
CA ALA O 72 -45.41 18.74 -28.17
C ALA O 72 -46.74 18.37 -28.83
N GLY O 73 -47.70 19.27 -28.74
CA GLY O 73 -48.99 19.07 -29.37
C GLY O 73 -50.11 19.51 -28.45
N THR O 74 -51.28 19.66 -29.05
CA THR O 74 -52.50 19.91 -28.29
C THR O 74 -53.32 18.61 -28.27
N PRO O 75 -54.12 18.39 -27.23
CA PRO O 75 -54.84 17.12 -27.12
C PRO O 75 -56.01 16.94 -28.08
N GLN O 76 -55.75 16.29 -29.23
CA GLN O 76 -56.75 15.56 -30.02
C GLN O 76 -57.63 16.54 -30.80
N GLN O 77 -57.21 17.80 -30.91
CA GLN O 77 -57.81 18.82 -31.78
C GLN O 77 -59.24 19.20 -31.37
N ALA O 78 -59.66 18.81 -30.17
CA ALA O 78 -60.94 19.26 -29.64
C ALA O 78 -60.87 19.58 -28.15
N GLN O 79 -59.83 19.10 -27.46
CA GLN O 79 -59.72 19.19 -26.01
C GLN O 79 -58.96 20.42 -25.54
N SER O 80 -58.47 20.31 -24.30
CA SER O 80 -57.97 21.35 -23.39
C SER O 80 -59.12 22.23 -22.91
N ASN O 81 -60.14 21.60 -22.36
CA ASN O 81 -61.12 22.29 -21.52
C ASN O 81 -61.24 21.60 -20.16
N ASP O 82 -60.80 20.32 -20.09
CA ASP O 82 -60.96 19.53 -18.87
C ASP O 82 -59.68 18.80 -18.48
N PHE O 83 -58.52 19.27 -18.94
CA PHE O 83 -57.24 18.67 -18.61
C PHE O 83 -56.47 19.64 -17.72
N LEU O 84 -55.57 19.09 -16.90
CA LEU O 84 -54.68 19.95 -16.14
C LEU O 84 -53.63 20.54 -17.06
N THR O 85 -53.62 21.86 -17.14
CA THR O 85 -52.66 22.62 -17.93
C THR O 85 -51.90 23.53 -16.99
N LEU O 86 -50.59 23.64 -17.24
CA LEU O 86 -49.71 24.39 -16.35
C LEU O 86 -48.44 24.73 -17.12
N LYS O 87 -47.98 25.98 -16.97
CA LYS O 87 -46.74 26.43 -17.57
C LYS O 87 -45.69 26.63 -16.49
N LEU O 88 -44.44 26.38 -16.86
CA LEU O 88 -43.42 26.08 -15.87
C LEU O 88 -42.10 26.74 -16.24
N PRO O 89 -41.20 26.90 -15.27
CA PRO O 89 -39.81 27.23 -15.59
C PRO O 89 -38.94 26.04 -15.96
N ALA O 90 -39.53 24.84 -16.10
CA ALA O 90 -38.96 23.67 -16.77
C ALA O 90 -37.73 23.06 -16.12
N ASN O 91 -37.27 23.62 -15.00
CA ASN O 91 -36.39 22.91 -14.09
C ASN O 91 -37.17 22.34 -12.93
N LYS O 92 -38.47 22.14 -13.13
CA LYS O 92 -39.36 21.53 -12.16
C LYS O 92 -39.88 20.21 -12.69
N LEU O 93 -39.43 19.80 -13.88
CA LEU O 93 -39.81 18.54 -14.48
C LEU O 93 -39.00 17.42 -13.86
N TYR O 94 -39.67 16.50 -13.19
CA TYR O 94 -39.01 15.33 -12.63
C TYR O 94 -38.65 14.42 -13.80
N LEU O 95 -37.43 14.55 -14.31
CA LEU O 95 -36.97 13.79 -15.47
C LEU O 95 -36.02 12.70 -15.01
N ILE O 96 -35.88 11.69 -15.81
CA ILE O 96 -34.92 10.62 -15.57
C ILE O 96 -33.92 10.63 -16.71
N ARG O 97 -32.63 10.47 -16.34
CA ARG O 97 -31.50 10.47 -17.27
C ARG O 97 -31.39 11.82 -17.97
N LYS O 98 -31.18 12.87 -17.18
CA LYS O 98 -31.09 14.24 -17.68
C LYS O 98 -29.84 14.42 -18.52
N LYS O 99 -29.99 15.10 -19.65
CA LYS O 99 -28.88 15.37 -20.56
C LYS O 99 -28.86 16.84 -20.98
N GLY O 100 -29.16 17.75 -20.06
CA GLY O 100 -29.24 19.16 -20.34
C GLY O 100 -30.68 19.65 -20.38
N ASN O 101 -30.83 20.97 -20.46
CA ASN O 101 -32.15 21.55 -20.67
C ASN O 101 -32.42 21.68 -22.16
N ILE O 102 -33.65 22.07 -22.50
CA ILE O 102 -34.09 22.18 -23.89
C ILE O 102 -34.53 23.61 -24.23
N SER O 103 -35.57 24.10 -23.55
CA SER O 103 -36.11 25.40 -23.90
C SER O 103 -36.54 26.23 -22.69
N ASP O 104 -36.30 25.72 -21.48
CA ASP O 104 -36.32 26.45 -20.21
C ASP O 104 -37.66 27.02 -19.76
N ASP O 105 -38.72 26.87 -20.56
CA ASP O 105 -40.10 27.19 -20.20
C ASP O 105 -41.04 26.29 -20.98
N LEU O 106 -41.73 25.38 -20.28
CA LEU O 106 -42.58 24.42 -20.97
C LEU O 106 -43.95 24.40 -20.29
N LYS O 107 -44.99 24.41 -21.12
CA LYS O 107 -46.37 24.21 -20.67
C LYS O 107 -46.79 22.78 -21.04
N ILE O 108 -47.36 22.06 -20.07
CA ILE O 108 -47.61 20.63 -20.19
C ILE O 108 -49.09 20.34 -19.98
N TYR O 109 -49.69 19.61 -20.92
CA TYR O 109 -51.04 19.06 -20.79
C TYR O 109 -50.99 17.79 -19.96
N ILE O 110 -51.97 17.60 -19.09
CA ILE O 110 -52.05 16.37 -18.30
C ILE O 110 -53.42 15.72 -18.50
N PRO O 111 -53.48 14.44 -18.90
CA PRO O 111 -54.78 13.75 -18.99
C PRO O 111 -55.40 13.56 -17.62
N TYR O 112 -56.43 14.34 -17.33
CA TYR O 112 -57.05 14.38 -16.01
C TYR O 112 -58.35 13.60 -16.08
N SER O 113 -58.46 12.54 -15.31
CA SER O 113 -59.72 11.86 -15.11
C SER O 113 -60.46 12.52 -13.95
N SER O 114 -61.78 12.47 -14.03
CA SER O 114 -62.59 12.92 -12.91
C SER O 114 -62.48 11.90 -11.77
N PRO O 115 -62.01 12.32 -10.57
CA PRO O 115 -61.90 11.38 -9.45
C PRO O 115 -63.25 10.87 -9.02
N ASP O 116 -64.14 11.78 -8.63
CA ASP O 116 -65.56 11.55 -8.39
C ASP O 116 -65.78 10.44 -7.36
N ALA O 117 -65.08 10.57 -6.23
CA ALA O 117 -64.92 9.48 -5.28
C ALA O 117 -66.19 9.26 -4.48
N ARG O 118 -66.62 7.99 -4.43
CA ARG O 118 -67.65 7.56 -3.49
C ARG O 118 -67.28 6.30 -2.74
N ASN O 119 -66.41 5.45 -3.28
CA ASN O 119 -65.81 4.34 -2.55
C ASN O 119 -64.31 4.59 -2.46
N SER O 120 -63.59 3.58 -1.98
CA SER O 120 -62.16 3.76 -1.74
C SER O 120 -61.37 3.73 -3.04
N MET O 121 -60.08 3.99 -2.92
CA MET O 121 -59.18 3.96 -4.06
C MET O 121 -58.18 2.83 -3.93
N LYS O 122 -57.96 2.12 -5.02
CA LYS O 122 -57.02 1.01 -5.08
C LYS O 122 -55.73 1.50 -5.70
N THR O 123 -54.61 0.88 -5.32
CA THR O 123 -53.37 1.08 -6.05
C THR O 123 -52.77 -0.28 -6.34
N LYS O 124 -51.96 -0.33 -7.41
CA LYS O 124 -51.23 -1.53 -7.77
C LYS O 124 -49.90 -1.15 -8.39
N PRO O 125 -48.83 -1.81 -8.01
CA PRO O 125 -47.63 -1.80 -8.85
C PRO O 125 -47.88 -2.56 -10.15
N VAL O 126 -47.98 -1.81 -11.24
CA VAL O 126 -48.25 -2.40 -12.55
C VAL O 126 -46.93 -2.42 -13.30
N SER O 127 -46.34 -3.61 -13.42
CA SER O 127 -45.13 -3.81 -14.20
C SER O 127 -45.47 -3.84 -15.67
N ILE O 128 -44.49 -3.53 -16.50
CA ILE O 128 -44.61 -3.73 -17.94
C ILE O 128 -43.85 -5.00 -18.32
N SER O 129 -44.59 -5.99 -18.79
CA SER O 129 -44.05 -7.23 -19.32
C SER O 129 -44.86 -7.55 -20.56
N ASP O 130 -44.79 -8.82 -21.00
CA ASP O 130 -45.45 -9.31 -22.21
C ASP O 130 -45.00 -8.52 -23.43
N ASP O 131 -43.76 -8.74 -23.89
CA ASP O 131 -43.22 -7.97 -25.02
C ASP O 131 -44.03 -8.05 -26.31
N THR O 132 -44.84 -9.10 -26.47
CA THR O 132 -45.75 -9.15 -27.61
C THR O 132 -46.92 -8.19 -27.44
N ILE O 133 -47.22 -7.78 -26.20
CA ILE O 133 -48.06 -6.61 -26.00
C ILE O 133 -47.23 -5.35 -26.15
N VAL O 134 -45.96 -5.40 -25.75
CA VAL O 134 -45.08 -4.25 -25.91
C VAL O 134 -44.64 -4.10 -27.37
N ASN O 135 -44.91 -5.12 -28.19
CA ASN O 135 -44.89 -4.88 -29.64
C ASN O 135 -45.93 -3.85 -30.02
N ASN O 136 -47.22 -4.16 -29.87
CA ASN O 136 -48.23 -3.19 -30.27
C ASN O 136 -48.53 -2.16 -29.19
N ILE O 137 -47.66 -2.05 -28.18
CA ILE O 137 -47.49 -0.77 -27.49
C ILE O 137 -46.65 0.16 -28.35
N ILE O 138 -45.48 -0.29 -28.79
CA ILE O 138 -44.61 0.53 -29.62
C ILE O 138 -45.18 0.66 -31.03
N LYS O 139 -45.88 -0.38 -31.48
CA LYS O 139 -46.41 -0.38 -32.84
C LYS O 139 -47.70 0.42 -32.98
N GLU O 140 -47.98 1.35 -32.08
CA GLU O 140 -49.08 2.29 -32.25
C GLU O 140 -48.70 3.75 -32.03
N VAL O 141 -47.76 4.05 -31.12
CA VAL O 141 -47.50 5.41 -30.68
C VAL O 141 -46.08 5.87 -31.00
N PHE O 142 -45.10 4.97 -30.89
CA PHE O 142 -43.73 5.40 -31.15
C PHE O 142 -43.33 5.22 -32.61
N ASP O 143 -43.97 4.27 -33.30
CA ASP O 143 -43.69 4.12 -34.72
C ASP O 143 -44.38 5.21 -35.56
N LYS O 144 -45.57 5.65 -35.16
CA LYS O 144 -46.33 6.61 -35.96
C LYS O 144 -45.90 8.05 -35.72
N ILE O 145 -45.47 8.38 -34.50
CA ILE O 145 -45.08 9.76 -34.21
C ILE O 145 -43.61 9.99 -34.50
N TYR O 146 -42.76 9.07 -34.09
CA TYR O 146 -41.35 9.13 -34.41
C TYR O 146 -41.11 8.46 -35.75
N ASN O 147 -40.66 9.24 -36.72
CA ASN O 147 -39.97 8.71 -37.88
C ASN O 147 -38.48 8.55 -37.60
N ILE O 148 -38.03 8.94 -36.40
CA ILE O 148 -36.80 8.40 -35.84
C ILE O 148 -36.90 6.88 -35.74
N THR O 149 -38.04 6.39 -35.25
CA THR O 149 -38.33 4.96 -35.29
C THR O 149 -38.61 4.53 -36.73
N GLN O 150 -38.21 3.27 -37.02
CA GLN O 150 -38.56 2.52 -38.24
C GLN O 150 -37.80 3.02 -39.48
N LYS O 151 -37.08 4.13 -39.36
CA LYS O 151 -36.26 4.61 -40.45
C LYS O 151 -34.78 4.57 -40.08
N GLU O 152 -34.43 5.28 -39.01
CA GLU O 152 -33.11 5.17 -38.41
C GLU O 152 -32.99 3.96 -37.50
N LYS O 153 -34.10 3.28 -37.19
CA LYS O 153 -34.11 2.23 -36.20
C LYS O 153 -34.57 0.92 -36.84
N VAL O 154 -33.66 -0.06 -36.87
CA VAL O 154 -33.95 -1.42 -37.26
C VAL O 154 -33.69 -2.40 -36.12
N LYS O 155 -32.80 -2.05 -35.20
CA LYS O 155 -32.64 -2.81 -33.97
C LYS O 155 -33.76 -2.43 -33.00
N ILE O 156 -34.93 -3.01 -33.29
CA ILE O 156 -36.14 -2.75 -32.52
C ILE O 156 -36.06 -3.25 -31.10
N GLU O 157 -35.17 -4.21 -30.82
CA GLU O 157 -35.04 -4.78 -29.49
C GLU O 157 -34.52 -3.78 -28.48
N LYS O 158 -33.80 -2.75 -28.93
CA LYS O 158 -33.01 -1.91 -28.03
C LYS O 158 -33.90 -1.06 -27.15
N VAL O 159 -35.04 -0.62 -27.68
CA VAL O 159 -35.95 0.14 -26.84
C VAL O 159 -36.89 -0.80 -26.09
N LYS O 160 -37.17 -1.99 -26.64
CA LYS O 160 -38.13 -2.90 -26.02
C LYS O 160 -37.57 -3.52 -24.76
N GLU O 161 -36.28 -3.87 -24.77
CA GLU O 161 -35.60 -4.30 -23.56
C GLU O 161 -35.31 -3.13 -22.63
N ASP O 162 -35.52 -1.89 -23.08
CA ASP O 162 -35.35 -0.74 -22.22
C ASP O 162 -36.70 -0.23 -21.71
N ILE O 163 -37.76 -0.35 -22.53
CA ILE O 163 -39.10 0.03 -22.07
C ILE O 163 -39.56 -0.88 -20.95
N LYS O 164 -39.25 -2.17 -21.03
CA LYS O 164 -39.63 -3.16 -20.02
C LYS O 164 -38.96 -2.96 -18.67
N GLU O 165 -38.04 -2.01 -18.51
CA GLU O 165 -37.35 -1.87 -17.23
C GLU O 165 -37.26 -0.42 -16.79
N LEU O 166 -37.29 0.52 -17.73
CA LEU O 166 -37.25 1.93 -17.39
C LEU O 166 -38.63 2.56 -17.23
N PHE O 167 -39.67 1.88 -17.71
CA PHE O 167 -41.04 2.37 -17.66
C PHE O 167 -41.86 1.47 -16.75
N SER O 168 -42.42 2.05 -15.70
CA SER O 168 -43.44 1.40 -14.90
C SER O 168 -44.39 2.48 -14.40
N TYR O 169 -45.55 2.05 -13.91
CA TYR O 169 -46.65 2.96 -13.67
C TYR O 169 -47.64 2.26 -12.76
N TYR O 170 -48.44 3.04 -12.04
CA TYR O 170 -49.35 2.51 -11.04
C TYR O 170 -50.78 2.84 -11.42
N ALA O 171 -51.70 1.91 -11.20
CA ALA O 171 -53.08 2.05 -11.62
C ALA O 171 -54.02 1.95 -10.42
N LEU O 172 -55.29 2.21 -10.66
CA LEU O 172 -56.34 1.93 -9.66
C LEU O 172 -56.88 0.52 -9.87
N GLU O 173 -57.47 0.28 -11.04
CA GLU O 173 -58.09 -1.00 -11.43
C GLU O 173 -59.22 -1.40 -10.46
N GLN O 174 -60.30 -0.63 -10.46
CA GLN O 174 -61.55 -1.08 -9.86
C GLN O 174 -62.66 -1.14 -10.90
N SER P 2 -51.97 -37.47 -18.42
CA SER P 2 -51.11 -36.32 -18.69
C SER P 2 -49.86 -36.37 -17.81
N THR P 3 -50.00 -35.97 -16.56
CA THR P 3 -48.90 -36.00 -15.59
C THR P 3 -49.22 -37.03 -14.53
N GLN P 4 -48.45 -38.11 -14.52
CA GLN P 4 -48.45 -39.04 -13.40
C GLN P 4 -47.08 -39.69 -13.27
N ARG P 5 -46.56 -39.71 -12.04
CA ARG P 5 -45.25 -40.24 -11.72
C ARG P 5 -45.41 -41.51 -10.89
N GLU P 6 -44.28 -42.04 -10.40
CA GLU P 6 -44.32 -43.22 -9.55
C GLU P 6 -43.08 -43.25 -8.66
N TYR P 7 -43.26 -43.69 -7.42
CA TYR P 7 -42.19 -43.78 -6.42
C TYR P 7 -41.62 -45.18 -6.32
N VAL P 8 -40.31 -45.30 -6.33
CA VAL P 8 -39.62 -46.56 -6.11
C VAL P 8 -38.78 -46.47 -4.84
N PHE P 9 -39.04 -47.39 -3.91
CA PHE P 9 -38.24 -47.52 -2.71
C PHE P 9 -36.84 -48.02 -3.06
N ILE P 10 -35.83 -47.41 -2.44
CA ILE P 10 -34.43 -47.79 -2.68
C ILE P 10 -33.79 -48.21 -1.37
N PRO P 11 -33.96 -49.44 -0.93
CA PRO P 11 -33.17 -49.95 0.19
C PRO P 11 -31.93 -50.62 -0.35
N ILE P 12 -31.17 -51.28 0.52
CA ILE P 12 -30.19 -52.25 0.04
C ILE P 12 -30.85 -53.52 -0.46
N THR P 13 -32.08 -53.81 -0.03
CA THR P 13 -32.82 -54.99 -0.46
C THR P 13 -33.76 -54.67 -1.62
N ASN P 14 -33.20 -54.48 -2.81
CA ASN P 14 -34.00 -54.03 -3.94
C ASN P 14 -34.74 -55.19 -4.61
N SER P 15 -35.88 -54.85 -5.21
CA SER P 15 -36.49 -55.61 -6.30
C SER P 15 -36.63 -54.61 -7.46
N ILE P 16 -35.58 -53.82 -7.64
CA ILE P 16 -35.63 -52.58 -8.40
C ILE P 16 -35.45 -52.81 -9.89
N THR P 17 -35.22 -54.07 -10.31
CA THR P 17 -34.97 -54.38 -11.71
C THR P 17 -36.17 -54.06 -12.59
N ILE P 18 -37.28 -54.77 -12.42
CA ILE P 18 -38.48 -54.55 -13.20
C ILE P 18 -39.67 -54.48 -12.26
N ASP P 19 -40.21 -53.27 -12.09
CA ASP P 19 -41.47 -53.08 -11.36
C ASP P 19 -42.42 -52.28 -12.24
N VAL P 20 -41.87 -51.41 -13.07
CA VAL P 20 -42.65 -50.63 -14.02
C VAL P 20 -42.13 -50.95 -15.43
N LYS P 21 -43.02 -50.75 -16.41
CA LYS P 21 -42.76 -51.15 -17.78
C LYS P 21 -42.44 -49.98 -18.69
N ILE P 22 -42.44 -48.75 -18.17
CA ILE P 22 -42.54 -47.55 -19.00
C ILE P 22 -41.26 -46.75 -18.85
N THR P 23 -40.68 -46.34 -19.98
CA THR P 23 -39.48 -45.52 -20.05
C THR P 23 -39.85 -44.08 -20.45
N ILE P 24 -41.01 -43.90 -21.09
CA ILE P 24 -41.33 -42.64 -21.71
C ILE P 24 -42.19 -41.79 -20.77
N GLY P 25 -43.40 -42.24 -20.50
CA GLY P 25 -44.38 -41.40 -19.84
C GLY P 25 -44.72 -40.20 -20.69
N GLY P 26 -44.27 -39.02 -20.26
CA GLY P 26 -44.45 -37.79 -20.99
C GLY P 26 -43.16 -37.10 -21.35
N SER P 27 -42.93 -35.95 -20.72
CA SER P 27 -41.79 -35.09 -21.04
C SER P 27 -40.57 -35.37 -20.20
N ASP P 28 -40.74 -35.75 -18.94
CA ASP P 28 -39.59 -35.79 -18.05
C ASP P 28 -39.88 -36.67 -16.86
N HIS P 29 -38.89 -36.73 -15.97
CA HIS P 29 -38.95 -37.49 -14.74
C HIS P 29 -38.43 -36.59 -13.64
N ILE P 30 -38.82 -36.85 -12.39
CA ILE P 30 -38.55 -35.89 -11.32
C ILE P 30 -37.07 -35.93 -10.93
N THR P 31 -36.53 -37.12 -10.70
CA THR P 31 -35.16 -37.24 -10.25
C THR P 31 -34.18 -36.97 -11.39
N ASN P 32 -33.36 -35.94 -11.24
CA ASN P 32 -32.42 -35.53 -12.27
C ASN P 32 -31.00 -35.95 -11.91
N ILE P 33 -30.12 -35.89 -12.90
CA ILE P 33 -28.67 -35.91 -12.70
C ILE P 33 -28.10 -34.85 -13.63
N ASP P 34 -27.65 -33.72 -13.07
CA ASP P 34 -26.88 -32.73 -13.83
C ASP P 34 -25.58 -32.44 -13.11
N GLU P 35 -24.50 -33.07 -13.56
CA GLU P 35 -23.12 -32.59 -13.40
C GLU P 35 -22.58 -32.65 -11.98
N ARG P 36 -23.44 -32.91 -10.98
CA ARG P 36 -23.12 -32.65 -9.59
C ARG P 36 -23.52 -33.79 -8.66
N GLY P 37 -24.54 -34.57 -9.03
CA GLY P 37 -25.08 -35.58 -8.17
C GLY P 37 -26.55 -35.81 -8.47
N ILE P 38 -27.16 -36.68 -7.67
CA ILE P 38 -28.57 -36.99 -7.82
C ILE P 38 -29.39 -35.91 -7.11
N HIS P 39 -30.51 -35.51 -7.72
CA HIS P 39 -31.32 -34.41 -7.22
C HIS P 39 -32.79 -34.77 -7.22
N ASN P 40 -33.60 -33.90 -6.59
CA ASN P 40 -35.06 -34.04 -6.45
C ASN P 40 -35.45 -35.35 -5.77
N VAL P 41 -34.75 -35.71 -4.70
CA VAL P 41 -35.03 -36.98 -4.02
C VAL P 41 -36.11 -36.76 -2.97
N LEU P 42 -37.14 -37.59 -3.02
CA LEU P 42 -38.22 -37.54 -2.04
C LEU P 42 -37.92 -38.45 -0.87
N VAL P 43 -38.01 -37.88 0.32
CA VAL P 43 -38.01 -38.64 1.55
C VAL P 43 -39.46 -38.74 2.01
N ILE P 44 -39.88 -39.95 2.33
CA ILE P 44 -41.21 -40.20 2.87
C ILE P 44 -41.02 -40.65 4.30
N THR P 45 -41.50 -39.86 5.25
CA THR P 45 -41.21 -40.09 6.65
C THR P 45 -42.36 -40.78 7.36
N GLY P 46 -42.05 -41.34 8.52
CA GLY P 46 -43.01 -42.14 9.25
C GLY P 46 -43.19 -43.54 8.74
N TYR P 47 -42.54 -43.89 7.64
CA TYR P 47 -42.78 -45.15 6.96
C TYR P 47 -41.49 -45.94 6.87
N ALA P 48 -41.61 -47.26 6.98
CA ALA P 48 -40.46 -48.16 7.02
C ALA P 48 -40.76 -49.43 6.22
N VAL P 49 -39.87 -49.72 5.27
CA VAL P 49 -40.03 -50.87 4.38
C VAL P 49 -39.57 -52.15 5.08
N ASP P 50 -39.78 -53.29 4.43
CA ASP P 50 -39.44 -54.60 4.97
C ASP P 50 -38.51 -55.26 3.96
N GLU P 51 -38.32 -56.58 4.11
CA GLU P 51 -37.52 -57.37 3.18
C GLU P 51 -38.28 -58.53 2.56
N LYS P 52 -39.26 -59.11 3.26
CA LYS P 52 -40.16 -60.04 2.62
C LYS P 52 -41.21 -59.23 1.88
N ASN P 53 -40.97 -58.99 0.58
CA ASN P 53 -41.73 -58.08 -0.28
C ASN P 53 -41.81 -56.71 0.38
N GLY P 54 -40.67 -56.04 0.50
CA GLY P 54 -40.60 -54.81 1.25
C GLY P 54 -41.33 -53.63 0.66
N ARG P 55 -42.48 -53.31 1.24
CA ARG P 55 -43.27 -52.17 0.82
C ARG P 55 -43.42 -51.24 2.02
N LEU P 56 -43.86 -50.02 1.75
CA LEU P 56 -43.90 -48.98 2.77
C LEU P 56 -44.98 -49.30 3.79
N VAL P 57 -44.56 -49.91 4.89
CA VAL P 57 -45.45 -50.34 5.96
C VAL P 57 -45.71 -49.15 6.87
N PRO P 58 -46.97 -48.83 7.18
CA PRO P 58 -47.25 -47.59 7.90
C PRO P 58 -46.89 -47.62 9.37
N THR P 59 -46.08 -46.65 9.80
CA THR P 59 -45.78 -46.53 11.21
C THR P 59 -46.15 -45.11 11.62
N LEU P 60 -46.20 -44.83 12.91
CA LEU P 60 -46.56 -43.50 13.39
C LEU P 60 -45.45 -42.89 14.23
N ASP P 61 -44.28 -43.50 14.19
CA ASP P 61 -43.08 -42.82 14.68
C ASP P 61 -42.57 -41.88 13.58
N PRO P 62 -42.48 -40.58 13.83
CA PRO P 62 -41.84 -39.69 12.86
C PRO P 62 -40.33 -39.86 12.75
N CYS P 63 -39.70 -40.67 13.60
CA CYS P 63 -38.30 -41.03 13.40
C CYS P 63 -38.10 -41.82 12.12
N ASP P 64 -39.08 -42.63 11.71
CA ASP P 64 -38.95 -43.53 10.57
C ASP P 64 -39.00 -42.74 9.28
N TYR P 65 -38.18 -43.14 8.31
CA TYR P 65 -38.23 -42.56 6.98
C TYR P 65 -37.65 -43.57 6.01
N VAL P 66 -38.05 -43.47 4.75
CA VAL P 66 -37.54 -44.32 3.67
C VAL P 66 -37.35 -43.45 2.44
N LYS P 67 -36.14 -43.46 1.89
CA LYS P 67 -35.81 -42.64 0.75
C LYS P 67 -36.02 -43.40 -0.54
N GLY P 68 -36.25 -42.65 -1.61
CA GLY P 68 -36.32 -43.21 -2.95
C GLY P 68 -36.34 -42.09 -3.95
N ILE P 69 -36.44 -42.46 -5.21
CA ILE P 69 -36.47 -41.48 -6.29
C ILE P 69 -37.86 -41.44 -6.88
N LEU P 70 -38.15 -40.36 -7.60
CA LEU P 70 -39.44 -40.16 -8.23
C LEU P 70 -39.28 -40.09 -9.75
N VAL P 71 -40.08 -40.87 -10.45
CA VAL P 71 -39.93 -41.05 -11.89
C VAL P 71 -41.31 -41.28 -12.50
N ALA P 72 -41.46 -40.90 -13.77
CA ALA P 72 -42.77 -40.94 -14.42
C ALA P 72 -43.08 -42.34 -14.94
N GLY P 73 -44.36 -42.73 -14.80
CA GLY P 73 -44.84 -44.02 -15.25
C GLY P 73 -45.94 -44.62 -14.39
N THR P 74 -46.69 -45.58 -14.94
CA THR P 74 -47.65 -46.28 -14.10
C THR P 74 -47.26 -47.78 -14.01
N PRO P 75 -47.46 -48.43 -12.88
CA PRO P 75 -46.92 -49.80 -12.70
C PRO P 75 -47.87 -50.87 -13.21
N GLN P 76 -47.33 -51.79 -14.04
CA GLN P 76 -47.77 -53.18 -14.32
C GLN P 76 -49.29 -53.39 -14.35
N GLN P 77 -49.96 -52.64 -15.24
CA GLN P 77 -51.32 -52.19 -14.97
C GLN P 77 -52.38 -53.31 -14.96
N ALA P 78 -52.61 -53.81 -13.76
CA ALA P 78 -53.78 -54.57 -13.32
C ALA P 78 -54.04 -54.09 -11.90
N GLN P 79 -53.68 -52.83 -11.64
CA GLN P 79 -53.23 -52.37 -10.35
C GLN P 79 -54.16 -51.32 -9.76
N SER P 80 -53.62 -50.62 -8.75
CA SER P 80 -54.16 -49.53 -7.94
C SER P 80 -55.04 -50.06 -6.82
N ASN P 81 -55.28 -51.37 -6.81
CA ASN P 81 -55.98 -52.01 -5.71
C ASN P 81 -54.99 -52.49 -4.65
N ASP P 82 -53.70 -52.30 -4.91
CA ASP P 82 -52.65 -52.73 -4.02
C ASP P 82 -51.51 -51.73 -3.87
N PHE P 83 -51.53 -50.62 -4.60
CA PHE P 83 -50.58 -49.53 -4.43
C PHE P 83 -51.29 -48.27 -3.99
N LEU P 84 -50.73 -47.62 -2.98
CA LEU P 84 -51.30 -46.42 -2.41
C LEU P 84 -51.12 -45.27 -3.38
N THR P 85 -52.21 -44.58 -3.68
CA THR P 85 -52.27 -43.66 -4.80
C THR P 85 -52.70 -42.27 -4.32
N LEU P 86 -51.82 -41.30 -4.48
CA LEU P 86 -52.05 -39.94 -4.00
C LEU P 86 -51.95 -38.95 -5.14
N LYS P 87 -52.55 -37.78 -4.93
CA LYS P 87 -52.51 -36.71 -5.93
C LYS P 87 -52.28 -35.41 -5.16
N LEU P 88 -51.08 -34.85 -5.30
CA LEU P 88 -50.63 -33.74 -4.48
C LEU P 88 -50.16 -32.57 -5.36
N PRO P 89 -50.19 -31.34 -4.83
CA PRO P 89 -49.75 -30.19 -5.63
C PRO P 89 -48.25 -29.96 -5.63
N ALA P 90 -47.47 -30.88 -5.04
CA ALA P 90 -46.02 -31.00 -5.16
C ALA P 90 -45.22 -29.85 -4.56
N ASN P 91 -45.88 -28.80 -4.09
CA ASN P 91 -45.30 -27.82 -3.18
C ASN P 91 -45.50 -28.25 -1.74
N LYS P 92 -46.21 -29.36 -1.54
CA LYS P 92 -46.31 -30.04 -0.26
C LYS P 92 -45.74 -31.45 -0.33
N LEU P 93 -44.78 -31.67 -1.23
CA LEU P 93 -43.96 -32.87 -1.23
C LEU P 93 -42.61 -32.56 -0.58
N TYR P 94 -42.02 -33.58 0.03
CA TYR P 94 -40.82 -33.41 0.85
C TYR P 94 -39.58 -33.80 0.05
N LEU P 95 -39.29 -33.01 -0.98
CA LEU P 95 -38.16 -33.33 -1.83
C LEU P 95 -36.86 -32.86 -1.19
N ILE P 96 -35.76 -33.52 -1.55
CA ILE P 96 -34.42 -33.16 -1.12
C ILE P 96 -33.62 -32.81 -2.37
N ARG P 97 -32.79 -31.77 -2.27
CA ARG P 97 -31.87 -31.34 -3.32
C ARG P 97 -32.61 -30.94 -4.59
N LYS P 98 -33.55 -30.03 -4.48
CA LYS P 98 -34.14 -29.48 -5.69
C LYS P 98 -33.09 -28.67 -6.43
N LYS P 99 -33.08 -28.79 -7.76
CA LYS P 99 -32.24 -27.91 -8.56
C LYS P 99 -33.06 -27.30 -9.70
N GLY P 100 -34.34 -27.60 -9.73
CA GLY P 100 -35.19 -27.16 -10.81
C GLY P 100 -36.61 -26.89 -10.39
N ASN P 101 -37.54 -27.35 -11.22
CA ASN P 101 -38.96 -27.12 -11.06
C ASN P 101 -39.65 -28.48 -11.00
N ILE P 102 -40.97 -28.44 -10.86
CA ILE P 102 -41.85 -29.58 -11.03
C ILE P 102 -43.04 -29.12 -11.84
N SER P 103 -44.03 -29.99 -12.02
CA SER P 103 -45.18 -29.59 -12.82
C SER P 103 -46.40 -29.27 -11.96
N ASP P 104 -46.23 -29.10 -10.63
CA ASP P 104 -47.26 -28.71 -9.66
C ASP P 104 -48.44 -29.67 -9.54
N ASP P 105 -48.42 -30.80 -10.24
CA ASP P 105 -49.59 -31.64 -10.36
C ASP P 105 -49.13 -32.99 -10.87
N LEU P 106 -49.26 -34.02 -10.04
CA LEU P 106 -48.71 -35.34 -10.34
C LEU P 106 -49.29 -36.38 -9.41
N LYS P 107 -49.59 -37.55 -9.95
CA LYS P 107 -50.11 -38.67 -9.18
C LYS P 107 -48.97 -39.60 -8.80
N ILE P 108 -49.01 -40.12 -7.57
CA ILE P 108 -47.92 -40.89 -6.98
C ILE P 108 -48.43 -42.25 -6.53
N TYR P 109 -47.85 -43.31 -7.07
CA TYR P 109 -48.03 -44.66 -6.55
C TYR P 109 -46.85 -44.97 -5.65
N ILE P 110 -47.14 -45.35 -4.41
CA ILE P 110 -46.11 -45.83 -3.49
C ILE P 110 -46.44 -47.28 -3.12
N PRO P 111 -45.45 -48.13 -3.01
CA PRO P 111 -45.71 -49.53 -2.63
C PRO P 111 -46.12 -49.67 -1.18
N TYR P 112 -47.37 -50.01 -0.95
CA TYR P 112 -47.97 -50.06 0.36
C TYR P 112 -48.67 -51.39 0.54
N SER P 113 -48.83 -51.80 1.80
CA SER P 113 -49.65 -52.95 2.11
C SER P 113 -50.18 -52.78 3.53
N SER P 114 -51.05 -53.69 3.94
CA SER P 114 -51.52 -53.70 5.31
C SER P 114 -50.39 -54.16 6.24
N PRO P 115 -50.23 -53.57 7.42
CA PRO P 115 -49.06 -53.88 8.23
C PRO P 115 -49.10 -55.22 8.94
N ASP P 116 -50.26 -55.90 8.97
CA ASP P 116 -50.44 -57.27 9.46
C ASP P 116 -50.05 -57.43 10.92
N ALA P 117 -50.85 -56.84 11.82
CA ALA P 117 -50.59 -56.81 13.25
C ALA P 117 -50.79 -58.18 13.89
N ARG P 118 -49.80 -59.06 13.71
CA ARG P 118 -49.57 -60.18 14.62
C ARG P 118 -48.12 -60.36 14.97
N ASN P 119 -47.21 -59.58 14.38
CA ASN P 119 -45.85 -59.40 14.84
C ASN P 119 -45.66 -57.94 15.14
N SER P 120 -44.85 -57.64 16.17
CA SER P 120 -44.51 -56.27 16.48
C SER P 120 -43.67 -55.67 15.36
N MET P 121 -43.83 -54.37 15.15
CA MET P 121 -43.16 -53.70 14.03
C MET P 121 -42.02 -52.86 14.55
N LYS P 122 -40.80 -53.37 14.38
CA LYS P 122 -39.61 -52.94 15.09
C LYS P 122 -38.60 -52.43 14.08
N THR P 123 -38.63 -51.13 13.81
CA THR P 123 -37.77 -50.53 12.79
C THR P 123 -36.35 -50.46 13.30
N LYS P 124 -35.39 -50.64 12.37
CA LYS P 124 -33.99 -50.63 12.74
C LYS P 124 -33.20 -49.71 11.82
N PRO P 125 -32.24 -48.95 12.36
CA PRO P 125 -31.46 -48.03 11.53
C PRO P 125 -30.50 -48.74 10.61
N VAL P 126 -30.60 -48.43 9.32
CA VAL P 126 -29.76 -49.05 8.31
C VAL P 126 -29.09 -47.95 7.50
N SER P 127 -27.77 -48.05 7.33
CA SER P 127 -27.03 -47.25 6.36
C SER P 127 -26.57 -48.15 5.23
N ILE P 128 -25.95 -47.57 4.21
CA ILE P 128 -25.65 -48.30 2.99
C ILE P 128 -24.13 -48.41 2.80
N SER P 129 -23.65 -49.62 2.58
CA SER P 129 -22.26 -49.90 2.23
C SER P 129 -22.24 -50.99 1.18
N ASP P 130 -21.06 -51.62 1.01
CA ASP P 130 -20.86 -52.79 0.14
C ASP P 130 -21.21 -52.48 -1.31
N ASP P 131 -20.35 -51.72 -2.00
CA ASP P 131 -20.59 -51.14 -3.32
C ASP P 131 -21.11 -52.06 -4.42
N THR P 132 -21.10 -53.39 -4.21
CA THR P 132 -21.81 -54.30 -5.09
C THR P 132 -23.32 -54.22 -4.87
N ILE P 133 -23.76 -53.59 -3.78
CA ILE P 133 -25.14 -53.11 -3.69
C ILE P 133 -25.29 -51.85 -4.54
N VAL P 134 -24.20 -51.11 -4.71
CA VAL P 134 -24.25 -49.84 -5.43
C VAL P 134 -24.05 -50.07 -6.92
N ASN P 135 -23.23 -51.06 -7.29
CA ASN P 135 -22.88 -51.26 -8.70
C ASN P 135 -24.05 -51.80 -9.51
N ASN P 136 -24.81 -52.73 -8.93
CA ASN P 136 -25.79 -53.46 -9.73
C ASN P 136 -27.07 -52.66 -9.96
N ILE P 137 -27.30 -51.60 -9.19
CA ILE P 137 -28.54 -50.85 -9.34
C ILE P 137 -28.44 -49.78 -10.43
N ILE P 138 -27.23 -49.32 -10.77
CA ILE P 138 -27.04 -48.26 -11.76
C ILE P 138 -27.46 -48.72 -13.13
N LYS P 139 -27.27 -50.01 -13.41
CA LYS P 139 -27.75 -50.62 -14.65
C LYS P 139 -29.26 -50.69 -14.72
N GLU P 140 -29.97 -50.46 -13.62
CA GLU P 140 -31.36 -50.87 -13.50
C GLU P 140 -32.33 -49.70 -13.34
N VAL P 141 -31.88 -48.57 -12.80
CA VAL P 141 -32.75 -47.40 -12.69
C VAL P 141 -32.05 -46.13 -13.14
N PHE P 142 -30.73 -46.18 -13.23
CA PHE P 142 -29.94 -45.05 -13.65
C PHE P 142 -29.54 -45.14 -15.11
N ASP P 143 -29.58 -46.34 -15.67
CA ASP P 143 -29.21 -46.53 -17.07
C ASP P 143 -30.21 -47.46 -17.74
N LYS P 144 -31.28 -47.85 -17.07
CA LYS P 144 -32.37 -48.60 -17.68
C LYS P 144 -33.62 -47.75 -17.83
N ILE P 145 -33.78 -46.73 -17.00
CA ILE P 145 -34.80 -45.72 -17.19
C ILE P 145 -34.19 -44.61 -18.03
N TYR P 146 -33.14 -43.99 -17.51
CA TYR P 146 -32.49 -42.95 -18.26
C TYR P 146 -31.47 -43.55 -19.22
N ASN P 147 -30.80 -42.67 -19.96
CA ASN P 147 -29.69 -43.12 -20.82
C ASN P 147 -28.50 -42.17 -20.75
N ILE P 148 -28.17 -41.68 -19.56
CA ILE P 148 -27.22 -40.57 -19.44
C ILE P 148 -25.95 -41.04 -18.75
N THR P 149 -26.10 -41.86 -17.70
CA THR P 149 -24.96 -42.49 -17.05
C THR P 149 -24.37 -43.54 -17.98
N GLN P 150 -23.04 -43.46 -18.19
CA GLN P 150 -22.18 -44.33 -19.00
C GLN P 150 -22.41 -44.11 -20.50
N LYS P 151 -23.43 -43.34 -20.87
CA LYS P 151 -23.75 -43.13 -22.27
C LYS P 151 -23.53 -41.68 -22.67
N GLU P 152 -23.90 -40.75 -21.78
CA GLU P 152 -23.72 -39.32 -22.04
C GLU P 152 -22.82 -38.66 -21.00
N LYS P 153 -22.60 -39.31 -19.86
CA LYS P 153 -21.73 -38.75 -18.82
C LYS P 153 -20.56 -39.69 -18.59
N VAL P 154 -19.49 -39.13 -18.01
CA VAL P 154 -18.35 -39.89 -17.54
C VAL P 154 -18.35 -40.11 -16.05
N LYS P 155 -19.34 -39.57 -15.33
CA LYS P 155 -19.35 -39.55 -13.87
C LYS P 155 -19.76 -40.90 -13.29
N ILE P 156 -18.92 -41.89 -13.60
CA ILE P 156 -19.12 -43.25 -13.14
C ILE P 156 -18.83 -43.35 -11.65
N GLU P 157 -17.93 -42.50 -11.15
CA GLU P 157 -17.57 -42.57 -9.74
C GLU P 157 -18.42 -41.62 -8.90
N LYS P 158 -18.79 -40.47 -9.47
CA LYS P 158 -19.54 -39.49 -8.69
C LYS P 158 -20.99 -39.91 -8.48
N VAL P 159 -21.60 -40.57 -9.45
CA VAL P 159 -22.97 -41.05 -9.27
C VAL P 159 -23.05 -42.23 -8.31
N LYS P 160 -21.90 -42.85 -8.00
CA LYS P 160 -21.88 -43.87 -6.96
C LYS P 160 -21.73 -43.23 -5.58
N GLU P 161 -20.78 -42.31 -5.45
CA GLU P 161 -20.29 -41.82 -4.16
C GLU P 161 -21.31 -40.99 -3.40
N ASP P 162 -22.37 -40.56 -4.04
CA ASP P 162 -23.45 -39.85 -3.39
C ASP P 162 -24.64 -40.74 -3.02
N ILE P 163 -24.46 -42.05 -3.07
CA ILE P 163 -25.51 -42.97 -2.63
C ILE P 163 -25.26 -43.39 -1.19
N LYS P 164 -23.99 -43.59 -0.82
CA LYS P 164 -23.64 -43.91 0.56
C LYS P 164 -23.66 -42.70 1.48
N GLU P 165 -23.93 -41.50 0.97
CA GLU P 165 -24.25 -40.33 1.77
C GLU P 165 -25.73 -40.02 1.81
N LEU P 166 -26.36 -39.86 0.65
CA LEU P 166 -27.73 -39.38 0.59
C LEU P 166 -28.75 -40.39 1.09
N PHE P 167 -28.65 -41.65 0.67
CA PHE P 167 -29.71 -42.63 0.91
C PHE P 167 -29.51 -43.26 2.28
N SER P 168 -30.58 -43.31 3.05
CA SER P 168 -30.67 -44.03 4.32
C SER P 168 -32.15 -44.22 4.58
N TYR P 169 -32.48 -45.15 5.48
CA TYR P 169 -33.88 -45.50 5.73
C TYR P 169 -33.97 -46.21 7.08
N TYR P 170 -35.19 -46.54 7.49
CA TYR P 170 -35.43 -47.52 8.53
C TYR P 170 -36.17 -48.72 7.94
N ALA P 171 -35.85 -49.90 8.44
CA ALA P 171 -36.54 -51.12 8.08
C ALA P 171 -36.63 -52.03 9.30
N LEU P 172 -37.45 -53.08 9.18
CA LEU P 172 -37.64 -54.02 10.27
C LEU P 172 -36.50 -55.03 10.32
N GLU P 173 -36.30 -55.73 9.19
CA GLU P 173 -35.47 -56.93 9.06
C GLU P 173 -35.81 -57.95 10.15
N GLN P 174 -37.09 -58.29 10.23
CA GLN P 174 -37.57 -59.32 11.13
C GLN P 174 -37.59 -60.66 10.40
N SER Q 2 32.34 -32.85 -37.93
CA SER Q 2 33.19 -32.15 -36.98
C SER Q 2 33.41 -32.97 -35.73
N THR Q 3 33.43 -32.31 -34.57
CA THR Q 3 33.72 -33.01 -33.33
C THR Q 3 32.45 -33.22 -32.50
N GLN Q 4 32.27 -34.45 -32.06
CA GLN Q 4 31.17 -34.84 -31.19
C GLN Q 4 31.49 -34.49 -29.74
N ARG Q 5 30.46 -34.52 -28.90
CA ARG Q 5 30.61 -34.25 -27.49
C ARG Q 5 29.98 -35.38 -26.68
N GLU Q 6 30.12 -35.28 -25.36
CA GLU Q 6 29.65 -36.30 -24.46
C GLU Q 6 29.41 -35.68 -23.09
N TYR Q 7 28.16 -35.73 -22.64
CA TYR Q 7 27.77 -35.20 -21.35
C TYR Q 7 28.00 -36.27 -20.30
N VAL Q 8 28.76 -35.94 -19.27
CA VAL Q 8 29.05 -36.87 -18.19
C VAL Q 8 28.13 -36.55 -17.02
N PHE Q 9 27.52 -37.58 -16.45
CA PHE Q 9 26.75 -37.41 -15.23
C PHE Q 9 27.67 -37.23 -14.04
N ILE Q 10 27.36 -36.24 -13.20
CA ILE Q 10 28.16 -35.93 -12.02
C ILE Q 10 27.29 -36.11 -10.77
N PRO Q 11 27.19 -37.30 -10.20
CA PRO Q 11 26.45 -37.45 -8.95
C PRO Q 11 27.35 -37.45 -7.71
N ILE Q 12 26.72 -37.54 -6.54
CA ILE Q 12 27.40 -37.89 -5.28
C ILE Q 12 28.15 -39.21 -5.39
N THR Q 13 27.46 -40.25 -5.85
CA THR Q 13 28.03 -41.57 -5.93
C THR Q 13 29.04 -41.67 -7.06
N ASN Q 14 29.84 -42.75 -7.03
CA ASN Q 14 30.92 -42.94 -7.99
C ASN Q 14 30.78 -44.26 -8.73
N SER Q 15 30.52 -44.17 -10.03
CA SER Q 15 30.75 -45.29 -10.94
C SER Q 15 31.25 -44.78 -12.30
N ILE Q 16 32.01 -43.69 -12.34
CA ILE Q 16 32.25 -42.96 -13.56
C ILE Q 16 33.68 -43.18 -14.07
N THR Q 17 34.23 -44.38 -13.87
CA THR Q 17 35.58 -44.68 -14.35
C THR Q 17 35.64 -44.67 -15.86
N ILE Q 18 34.86 -45.53 -16.52
CA ILE Q 18 34.96 -45.73 -17.96
C ILE Q 18 33.67 -45.27 -18.64
N ASP Q 19 33.70 -44.03 -19.12
CA ASP Q 19 32.50 -43.50 -19.78
C ASP Q 19 32.86 -42.74 -21.06
N VAL Q 20 34.14 -42.70 -21.44
CA VAL Q 20 34.56 -42.14 -22.72
C VAL Q 20 35.41 -43.18 -23.41
N LYS Q 21 35.74 -42.91 -24.67
CA LYS Q 21 36.84 -43.59 -25.34
C LYS Q 21 37.84 -42.53 -25.78
N ILE Q 22 37.45 -41.26 -25.65
CA ILE Q 22 38.31 -40.14 -25.96
C ILE Q 22 38.39 -39.26 -24.72
N THR Q 23 39.61 -39.04 -24.23
CA THR Q 23 39.83 -38.11 -23.14
C THR Q 23 39.90 -36.68 -23.68
N ILE Q 24 40.85 -36.41 -24.58
CA ILE Q 24 40.87 -35.11 -25.25
C ILE Q 24 40.61 -35.27 -26.74
N GLY Q 25 41.51 -35.95 -27.45
CA GLY Q 25 41.46 -36.00 -28.89
C GLY Q 25 42.11 -34.79 -29.52
N GLY Q 26 41.40 -33.65 -29.51
CA GLY Q 26 41.94 -32.42 -30.06
C GLY Q 26 42.37 -31.45 -28.97
N SER Q 27 41.65 -30.34 -28.83
CA SER Q 27 41.84 -29.43 -27.71
C SER Q 27 40.53 -28.80 -27.26
N ASP Q 28 39.40 -29.40 -27.62
CA ASP Q 28 38.10 -28.75 -27.50
C ASP Q 28 37.29 -29.32 -26.36
N HIS Q 29 37.05 -28.51 -25.34
CA HIS Q 29 36.07 -28.81 -24.31
C HIS Q 29 35.37 -27.52 -23.94
N ILE Q 30 34.12 -27.38 -24.41
CA ILE Q 30 33.45 -26.09 -24.30
C ILE Q 30 32.98 -25.82 -22.89
N THR Q 31 32.93 -26.84 -22.02
CA THR Q 31 32.91 -26.58 -20.60
C THR Q 31 34.24 -26.00 -20.20
N ASN Q 32 34.23 -24.79 -19.67
CA ASN Q 32 35.45 -24.04 -19.49
C ASN Q 32 35.71 -23.81 -18.00
N ILE Q 33 36.98 -23.83 -17.64
CA ILE Q 33 37.42 -23.42 -16.31
C ILE Q 33 38.23 -22.15 -16.55
N ASP Q 34 37.57 -21.01 -16.35
CA ASP Q 34 38.10 -19.71 -16.74
C ASP Q 34 38.58 -18.89 -15.55
N GLU Q 35 39.25 -19.55 -14.60
CA GLU Q 35 39.96 -18.95 -13.46
C GLU Q 35 38.98 -18.34 -12.45
N ARG Q 36 37.71 -18.71 -12.57
CA ARG Q 36 36.68 -18.33 -11.62
C ARG Q 36 35.95 -19.52 -11.04
N GLY Q 37 35.89 -20.61 -11.77
CA GLY Q 37 35.02 -21.73 -11.47
C GLY Q 37 34.82 -22.57 -12.71
N ILE Q 38 33.63 -23.12 -12.84
CA ILE Q 38 33.27 -23.94 -13.99
C ILE Q 38 32.30 -23.14 -14.85
N HIS Q 39 32.49 -23.19 -16.16
CA HIS Q 39 31.70 -22.41 -17.09
C HIS Q 39 31.12 -23.30 -18.17
N ASN Q 40 29.97 -22.89 -18.72
CA ASN Q 40 29.17 -23.63 -19.69
C ASN Q 40 28.77 -25.01 -19.17
N VAL Q 41 27.89 -25.04 -18.17
CA VAL Q 41 27.39 -26.26 -17.55
C VAL Q 41 26.05 -26.63 -18.18
N LEU Q 42 25.87 -27.90 -18.55
CA LEU Q 42 24.67 -28.34 -19.25
C LEU Q 42 23.69 -29.01 -18.29
N VAL Q 43 22.40 -28.77 -18.54
CA VAL Q 43 21.29 -29.31 -17.75
C VAL Q 43 20.40 -30.13 -18.67
N ILE Q 44 20.12 -31.37 -18.27
CA ILE Q 44 19.22 -32.26 -18.99
C ILE Q 44 17.95 -32.41 -18.18
N THR Q 45 16.81 -32.09 -18.79
CA THR Q 45 15.54 -32.03 -18.08
C THR Q 45 14.68 -33.25 -18.39
N GLY Q 46 13.90 -33.67 -17.39
CA GLY Q 46 13.08 -34.86 -17.50
C GLY Q 46 13.81 -36.16 -17.27
N TYR Q 47 15.12 -36.12 -17.06
CA TYR Q 47 15.97 -37.28 -16.88
C TYR Q 47 16.61 -37.22 -15.51
N ALA Q 48 16.49 -38.33 -14.78
CA ALA Q 48 17.10 -38.45 -13.47
C ALA Q 48 17.97 -39.70 -13.46
N VAL Q 49 18.95 -39.75 -12.56
CA VAL Q 49 19.73 -40.97 -12.43
C VAL Q 49 19.11 -41.85 -11.35
N ASP Q 50 19.47 -43.13 -11.36
CA ASP Q 50 19.00 -43.96 -10.26
C ASP Q 50 19.91 -43.80 -9.05
N GLU Q 51 19.70 -44.66 -8.06
CA GLU Q 51 20.36 -44.48 -6.77
C GLU Q 51 21.85 -44.87 -6.84
N LYS Q 52 22.16 -45.88 -7.65
CA LYS Q 52 23.53 -46.39 -7.79
C LYS Q 52 23.72 -46.79 -9.24
N ASN Q 53 24.96 -46.66 -9.72
CA ASN Q 53 25.31 -46.69 -11.14
C ASN Q 53 24.43 -45.73 -11.92
N GLY Q 54 24.59 -44.44 -11.61
CA GLY Q 54 23.66 -43.41 -12.03
C GLY Q 54 23.58 -43.19 -13.52
N ARG Q 55 22.48 -43.63 -14.13
CA ARG Q 55 22.27 -43.43 -15.56
C ARG Q 55 20.85 -42.95 -15.77
N LEU Q 56 20.65 -42.28 -16.91
CA LEU Q 56 19.47 -41.42 -17.11
C LEU Q 56 18.17 -42.20 -17.19
N VAL Q 57 17.36 -42.06 -16.16
CA VAL Q 57 16.04 -42.66 -16.10
C VAL Q 57 15.03 -41.60 -16.49
N PRO Q 58 14.45 -41.66 -17.68
CA PRO Q 58 13.52 -40.61 -18.11
C PRO Q 58 12.17 -40.72 -17.41
N THR Q 59 11.64 -39.55 -17.06
CA THR Q 59 10.27 -39.40 -16.58
C THR Q 59 9.60 -38.36 -17.46
N LEU Q 60 8.44 -37.87 -17.01
CA LEU Q 60 7.84 -36.70 -17.62
C LEU Q 60 7.73 -35.55 -16.63
N ASP Q 61 8.17 -35.76 -15.39
CA ASP Q 61 8.15 -34.74 -14.35
C ASP Q 61 9.15 -33.66 -14.75
N PRO Q 62 8.70 -32.41 -14.94
CA PRO Q 62 9.64 -31.37 -15.38
C PRO Q 62 10.66 -30.98 -14.33
N CYS Q 63 10.39 -31.27 -13.05
CA CYS Q 63 11.36 -30.93 -12.02
C CYS Q 63 12.55 -31.86 -12.04
N ASP Q 64 12.42 -33.05 -12.65
CA ASP Q 64 13.54 -33.96 -12.79
C ASP Q 64 14.59 -33.38 -13.72
N TYR Q 65 15.77 -33.11 -13.17
CA TYR Q 65 16.87 -32.63 -14.00
C TYR Q 65 18.14 -33.37 -13.60
N VAL Q 66 19.23 -33.02 -14.27
CA VAL Q 66 20.56 -33.42 -13.85
C VAL Q 66 21.53 -32.32 -14.28
N LYS Q 67 22.58 -32.09 -13.49
CA LYS Q 67 23.53 -31.02 -13.75
C LYS Q 67 24.96 -31.54 -13.70
N GLY Q 68 25.71 -31.23 -14.75
CA GLY Q 68 27.08 -31.69 -14.90
C GLY Q 68 27.69 -31.01 -16.11
N ILE Q 69 28.88 -31.45 -16.47
CA ILE Q 69 29.68 -30.76 -17.47
C ILE Q 69 29.62 -31.52 -18.79
N LEU Q 70 30.17 -30.89 -19.83
CA LEU Q 70 30.13 -31.42 -21.19
C LEU Q 70 31.55 -31.51 -21.74
N VAL Q 71 31.94 -32.72 -22.18
CA VAL Q 71 33.26 -32.97 -22.72
C VAL Q 71 33.09 -33.71 -24.05
N ALA Q 72 34.21 -34.09 -24.63
CA ALA Q 72 34.22 -34.94 -25.82
C ALA Q 72 34.38 -36.40 -25.41
N GLY Q 73 34.15 -37.30 -26.35
CA GLY Q 73 34.30 -38.72 -26.10
C GLY Q 73 33.28 -39.54 -26.86
N THR Q 74 33.11 -40.78 -26.38
CA THR Q 74 32.22 -41.80 -26.93
C THR Q 74 32.07 -42.87 -25.86
N PRO Q 75 30.84 -43.23 -25.48
CA PRO Q 75 30.63 -43.94 -24.22
C PRO Q 75 31.08 -45.40 -24.18
N GLN Q 76 32.35 -45.62 -23.79
CA GLN Q 76 32.85 -46.83 -23.15
C GLN Q 76 33.05 -48.01 -24.11
N GLN Q 77 32.53 -47.86 -25.33
CA GLN Q 77 32.46 -48.91 -26.37
C GLN Q 77 31.90 -50.22 -25.79
N ALA Q 78 30.78 -50.09 -25.09
CA ALA Q 78 29.95 -51.23 -24.71
C ALA Q 78 28.47 -50.98 -24.88
N GLN Q 79 28.03 -49.73 -24.85
CA GLN Q 79 26.67 -49.34 -25.21
C GLN Q 79 26.78 -48.32 -26.33
N SER Q 80 25.69 -47.56 -26.48
CA SER Q 80 25.31 -46.66 -27.57
C SER Q 80 24.83 -47.50 -28.74
N ASN Q 81 24.59 -48.79 -28.45
CA ASN Q 81 23.59 -49.58 -29.15
C ASN Q 81 22.20 -49.26 -28.66
N ASP Q 82 22.06 -48.85 -27.39
CA ASP Q 82 20.80 -48.41 -26.82
C ASP Q 82 20.92 -47.15 -25.95
N PHE Q 83 22.13 -46.70 -25.60
CA PHE Q 83 22.29 -45.37 -25.02
C PHE Q 83 21.86 -44.29 -26.01
N LEU Q 84 21.17 -43.29 -25.49
CA LEU Q 84 20.65 -42.24 -26.34
C LEU Q 84 21.76 -41.32 -26.81
N THR Q 85 21.65 -40.92 -28.07
CA THR Q 85 22.67 -40.10 -28.70
C THR Q 85 22.06 -39.38 -29.89
N LEU Q 86 22.52 -38.15 -30.11
CA LEU Q 86 21.87 -37.26 -31.05
C LEU Q 86 22.78 -36.11 -31.38
N LYS Q 87 22.43 -35.41 -32.45
CA LYS Q 87 23.16 -34.23 -32.90
C LYS Q 87 22.27 -33.02 -32.69
N LEU Q 88 22.83 -31.98 -32.08
CA LEU Q 88 22.11 -30.77 -31.74
C LEU Q 88 22.58 -29.62 -32.60
N PRO Q 89 21.75 -28.58 -32.79
CA PRO Q 89 22.22 -27.39 -33.49
C PRO Q 89 23.01 -26.42 -32.63
N ALA Q 90 23.29 -26.79 -31.37
CA ALA Q 90 24.11 -26.04 -30.41
C ALA Q 90 23.58 -24.64 -30.12
N ASN Q 91 22.28 -24.43 -30.33
CA ASN Q 91 21.67 -23.18 -29.95
C ASN Q 91 20.27 -23.40 -29.39
N LYS Q 92 19.89 -24.66 -29.19
CA LYS Q 92 18.61 -25.04 -28.60
C LYS Q 92 18.83 -26.06 -27.49
N LEU Q 93 19.76 -25.77 -26.58
CA LEU Q 93 20.06 -26.64 -25.45
C LEU Q 93 20.23 -25.77 -24.22
N TYR Q 94 19.71 -26.23 -23.08
CA TYR Q 94 19.73 -25.41 -21.88
C TYR Q 94 21.04 -25.58 -21.12
N LEU Q 95 22.00 -24.70 -21.41
CA LEU Q 95 23.33 -24.68 -20.82
C LEU Q 95 23.40 -23.54 -19.82
N ILE Q 96 23.74 -23.85 -18.56
CA ILE Q 96 23.77 -22.86 -17.50
C ILE Q 96 25.22 -22.49 -17.19
N ARG Q 97 25.37 -21.41 -16.41
CA ARG Q 97 26.66 -20.89 -15.94
C ARG Q 97 27.60 -20.59 -17.10
N LYS Q 98 27.07 -20.03 -18.17
CA LYS Q 98 27.84 -19.83 -19.39
C LYS Q 98 28.90 -18.76 -19.21
N LYS Q 99 30.02 -18.94 -19.91
CA LYS Q 99 30.96 -17.85 -20.16
C LYS Q 99 31.35 -17.94 -21.64
N GLY Q 100 31.14 -19.11 -22.23
CA GLY Q 100 31.59 -19.32 -23.59
C GLY Q 100 30.51 -19.04 -24.61
N ASN Q 101 30.90 -19.15 -25.88
CA ASN Q 101 30.01 -18.97 -27.01
C ASN Q 101 29.71 -20.33 -27.63
N ILE Q 102 28.67 -20.37 -28.46
CA ILE Q 102 28.18 -21.61 -29.04
C ILE Q 102 28.99 -22.03 -30.25
N SER Q 103 29.07 -23.33 -30.49
CA SER Q 103 29.85 -23.88 -31.58
C SER Q 103 29.00 -24.33 -32.77
N ASP Q 104 27.69 -24.02 -32.77
CA ASP Q 104 26.77 -24.09 -33.91
C ASP Q 104 26.42 -25.51 -34.36
N ASP Q 105 27.07 -26.54 -33.80
CA ASP Q 105 26.68 -27.94 -33.94
C ASP Q 105 27.38 -28.83 -32.91
N LEU Q 106 26.59 -29.57 -32.14
CA LEU Q 106 27.14 -30.55 -31.22
C LEU Q 106 26.47 -31.88 -31.50
N LYS Q 107 27.21 -32.97 -31.38
CA LYS Q 107 26.59 -34.29 -31.43
C LYS Q 107 26.97 -35.02 -30.14
N ILE Q 108 25.99 -35.40 -29.36
CA ILE Q 108 26.25 -35.79 -27.97
C ILE Q 108 25.78 -37.21 -27.72
N TYR Q 109 26.23 -37.74 -26.57
CA TYR Q 109 26.01 -39.10 -26.15
C TYR Q 109 25.59 -39.09 -24.68
N ILE Q 110 24.40 -39.61 -24.40
CA ILE Q 110 23.94 -39.65 -23.02
C ILE Q 110 23.61 -41.08 -22.60
N PRO Q 111 23.91 -41.45 -21.37
CA PRO Q 111 23.49 -42.76 -20.87
C PRO Q 111 21.98 -42.86 -20.70
N TYR Q 112 21.52 -44.01 -20.25
CA TYR Q 112 20.10 -44.35 -20.27
C TYR Q 112 19.94 -45.62 -19.48
N SER Q 113 18.70 -45.90 -19.07
CA SER Q 113 18.42 -47.16 -18.41
C SER Q 113 17.03 -47.62 -18.82
N SER Q 114 16.71 -48.84 -18.38
CA SER Q 114 15.35 -49.32 -18.48
C SER Q 114 14.45 -48.46 -17.60
N PRO Q 115 13.32 -47.99 -18.11
CA PRO Q 115 12.43 -47.17 -17.28
C PRO Q 115 11.62 -47.94 -16.24
N ASP Q 116 11.98 -49.21 -15.99
CA ASP Q 116 11.73 -50.04 -14.80
C ASP Q 116 10.32 -49.90 -14.24
N ALA Q 117 9.36 -50.33 -15.05
CA ALA Q 117 7.94 -50.27 -14.74
C ALA Q 117 7.49 -51.37 -13.79
N ARG Q 118 8.42 -52.04 -13.12
CA ARG Q 118 8.11 -52.93 -12.01
C ARG Q 118 8.06 -52.14 -10.69
N ASN Q 119 8.81 -51.05 -10.65
CA ASN Q 119 8.91 -50.20 -9.46
C ASN Q 119 8.20 -48.87 -9.69
N SER Q 120 7.75 -48.28 -8.58
CA SER Q 120 7.28 -46.90 -8.60
C SER Q 120 8.47 -45.95 -8.50
N MET Q 121 8.51 -45.01 -9.42
CA MET Q 121 9.69 -44.15 -9.59
C MET Q 121 9.52 -42.91 -8.73
N LYS Q 122 9.55 -43.10 -7.41
CA LYS Q 122 9.45 -42.01 -6.46
C LYS Q 122 10.76 -41.24 -6.44
N THR Q 123 10.93 -40.39 -7.44
CA THR Q 123 12.17 -39.65 -7.64
C THR Q 123 12.42 -38.68 -6.50
N LYS Q 124 13.69 -38.58 -6.07
CA LYS Q 124 14.03 -37.72 -4.96
C LYS Q 124 15.32 -36.95 -5.26
N PRO Q 125 15.37 -35.67 -4.87
CA PRO Q 125 16.56 -34.87 -5.14
C PRO Q 125 17.74 -35.27 -4.28
N VAL Q 126 18.93 -35.19 -4.86
CA VAL Q 126 20.18 -35.22 -4.10
C VAL Q 126 21.07 -34.10 -4.61
N SER Q 127 21.25 -33.07 -3.80
CA SER Q 127 22.17 -31.99 -4.12
C SER Q 127 23.57 -32.39 -3.69
N ILE Q 128 24.57 -32.00 -4.47
CA ILE Q 128 25.95 -32.40 -4.19
C ILE Q 128 26.50 -31.56 -3.05
N SER Q 129 26.97 -32.23 -2.00
CA SER Q 129 27.55 -31.61 -0.83
C SER Q 129 28.59 -32.58 -0.29
N ASP Q 130 28.88 -32.44 1.02
CA ASP Q 130 29.74 -33.35 1.77
C ASP Q 130 31.17 -33.36 1.26
N ASP Q 131 31.89 -32.28 1.55
CA ASP Q 131 33.19 -31.83 1.03
C ASP Q 131 34.26 -32.90 0.86
N THR Q 132 34.24 -33.97 1.65
CA THR Q 132 35.20 -35.05 1.42
C THR Q 132 34.89 -35.85 0.16
N ILE Q 133 33.69 -35.74 -0.39
CA ILE Q 133 33.35 -36.49 -1.60
C ILE Q 133 33.47 -35.59 -2.83
N VAL Q 134 33.82 -34.32 -2.67
CA VAL Q 134 34.01 -33.51 -3.87
C VAL Q 134 35.48 -33.50 -4.28
N ASN Q 135 36.37 -34.08 -3.47
CA ASN Q 135 37.79 -34.00 -3.78
C ASN Q 135 38.28 -35.19 -4.58
N ASN Q 136 37.58 -36.33 -4.51
CA ASN Q 136 37.87 -37.39 -5.46
C ASN Q 136 37.16 -37.17 -6.79
N ILE Q 137 36.16 -36.30 -6.82
CA ILE Q 137 35.59 -35.84 -8.08
C ILE Q 137 36.59 -34.97 -8.84
N ILE Q 138 37.51 -34.33 -8.12
CA ILE Q 138 38.65 -33.67 -8.76
C ILE Q 138 39.52 -34.68 -9.47
N LYS Q 139 39.81 -35.81 -8.82
CA LYS Q 139 40.56 -36.88 -9.46
C LYS Q 139 39.79 -37.59 -10.56
N GLU Q 140 38.57 -38.04 -10.28
CA GLU Q 140 37.97 -39.05 -11.13
C GLU Q 140 37.34 -38.47 -12.40
N VAL Q 141 36.91 -37.21 -12.39
CA VAL Q 141 36.23 -36.63 -13.54
C VAL Q 141 36.82 -35.28 -13.93
N PHE Q 142 37.60 -34.67 -13.04
CA PHE Q 142 38.32 -33.47 -13.41
C PHE Q 142 39.81 -33.71 -13.69
N ASP Q 143 40.29 -34.94 -13.49
CA ASP Q 143 41.66 -35.27 -13.79
C ASP Q 143 41.83 -36.54 -14.62
N LYS Q 144 40.76 -37.28 -14.84
CA LYS Q 144 40.78 -38.29 -15.90
C LYS Q 144 40.33 -37.73 -17.23
N ILE Q 145 40.04 -36.42 -17.28
CA ILE Q 145 39.80 -35.69 -18.52
C ILE Q 145 40.79 -34.54 -18.58
N TYR Q 146 40.83 -33.71 -17.55
CA TYR Q 146 41.56 -32.46 -17.62
C TYR Q 146 42.89 -32.55 -16.89
N ASN Q 147 43.99 -32.28 -17.61
CA ASN Q 147 45.28 -32.12 -16.99
C ASN Q 147 45.81 -30.69 -17.02
N ILE Q 148 45.02 -29.73 -17.52
CA ILE Q 148 45.21 -28.35 -17.10
C ILE Q 148 44.92 -28.24 -15.61
N THR Q 149 43.90 -28.97 -15.16
CA THR Q 149 43.66 -29.17 -13.73
C THR Q 149 44.84 -29.90 -13.13
N GLN Q 150 45.23 -29.48 -11.91
CA GLN Q 150 46.36 -29.94 -11.09
C GLN Q 150 47.71 -29.45 -11.62
N LYS Q 151 47.77 -28.85 -12.81
CA LYS Q 151 49.09 -28.53 -13.33
C LYS Q 151 49.30 -27.04 -13.62
N GLU Q 152 48.23 -26.30 -13.87
CA GLU Q 152 48.33 -24.84 -14.02
C GLU Q 152 47.32 -24.10 -13.15
N LYS Q 153 46.60 -24.80 -12.29
CA LYS Q 153 45.55 -24.23 -11.46
C LYS Q 153 45.93 -24.38 -9.99
N VAL Q 154 46.30 -23.28 -9.35
CA VAL Q 154 46.39 -23.23 -7.90
C VAL Q 154 45.10 -22.78 -7.26
N LYS Q 155 44.12 -22.35 -8.05
CA LYS Q 155 42.80 -22.04 -7.54
C LYS Q 155 41.86 -23.22 -7.67
N ILE Q 156 42.30 -24.40 -7.21
CA ILE Q 156 41.41 -25.56 -7.19
C ILE Q 156 40.36 -25.37 -6.10
N GLU Q 157 40.73 -24.69 -5.01
CA GLU Q 157 39.78 -24.42 -3.93
C GLU Q 157 38.66 -23.48 -4.35
N LYS Q 158 38.84 -22.73 -5.44
CA LYS Q 158 37.78 -21.84 -5.89
C LYS Q 158 36.92 -22.51 -6.96
N VAL Q 159 37.45 -23.54 -7.61
CA VAL Q 159 36.67 -24.29 -8.59
C VAL Q 159 36.09 -25.52 -7.91
N LYS Q 160 36.31 -25.65 -6.60
CA LYS Q 160 35.66 -26.71 -5.84
C LYS Q 160 34.53 -26.20 -4.95
N GLU Q 161 34.47 -24.88 -4.69
CA GLU Q 161 33.34 -24.34 -3.94
C GLU Q 161 32.07 -24.49 -4.75
N ASP Q 162 32.13 -24.28 -6.06
CA ASP Q 162 30.95 -24.44 -6.88
C ASP Q 162 30.71 -25.91 -7.22
N ILE Q 163 31.66 -26.79 -6.88
CA ILE Q 163 31.32 -28.20 -6.83
C ILE Q 163 30.43 -28.46 -5.62
N LYS Q 164 30.67 -27.72 -4.53
CA LYS Q 164 29.86 -27.91 -3.34
C LYS Q 164 28.46 -27.31 -3.48
N GLU Q 165 28.22 -26.43 -4.45
CA GLU Q 165 26.93 -25.75 -4.46
C GLU Q 165 26.23 -25.57 -5.80
N LEU Q 166 26.90 -25.73 -6.94
CA LEU Q 166 26.17 -25.47 -8.19
C LEU Q 166 25.61 -26.72 -8.84
N PHE Q 167 26.11 -27.90 -8.50
CA PHE Q 167 25.70 -29.10 -9.20
C PHE Q 167 24.77 -29.92 -8.31
N SER Q 168 23.67 -30.37 -8.91
CA SER Q 168 22.69 -31.17 -8.17
C SER Q 168 21.96 -32.04 -9.17
N TYR Q 169 21.19 -32.99 -8.65
CA TYR Q 169 20.50 -33.95 -9.48
C TYR Q 169 19.36 -34.55 -8.68
N TYR Q 170 18.43 -35.18 -9.38
CA TYR Q 170 17.41 -35.96 -8.70
C TYR Q 170 17.76 -37.44 -8.85
N ALA Q 171 17.58 -38.20 -7.79
CA ALA Q 171 17.82 -39.63 -7.84
C ALA Q 171 16.50 -40.37 -7.81
N LEU Q 172 16.55 -41.64 -8.18
CA LEU Q 172 15.38 -42.51 -8.04
C LEU Q 172 15.14 -42.91 -6.59
N GLU Q 173 16.16 -43.52 -5.96
CA GLU Q 173 16.13 -43.96 -4.56
C GLU Q 173 14.95 -44.90 -4.29
N GLN Q 174 14.96 -46.04 -4.98
CA GLN Q 174 13.93 -47.05 -4.80
C GLN Q 174 14.22 -47.91 -3.57
N SER R 2 52.40 -15.96 18.78
CA SER R 2 50.96 -16.03 18.61
C SER R 2 50.24 -15.28 19.71
N THR R 3 48.92 -15.20 19.59
CA THR R 3 48.06 -14.64 20.61
C THR R 3 47.31 -15.78 21.30
N GLN R 4 46.94 -15.54 22.55
CA GLN R 4 46.10 -16.44 23.32
C GLN R 4 45.55 -15.67 24.51
N ARG R 5 44.35 -16.01 24.92
CA ARG R 5 43.79 -15.46 26.14
C ARG R 5 43.62 -16.57 27.16
N GLU R 6 42.99 -16.24 28.28
CA GLU R 6 42.71 -17.22 29.31
C GLU R 6 41.48 -16.78 30.07
N TYR R 7 40.41 -17.55 29.91
CA TYR R 7 39.13 -17.23 30.53
C TYR R 7 39.22 -17.33 32.04
N VAL R 8 38.72 -16.30 32.72
CA VAL R 8 38.60 -16.31 34.17
C VAL R 8 37.14 -16.04 34.51
N PHE R 9 36.49 -17.01 35.13
CA PHE R 9 35.10 -16.86 35.48
C PHE R 9 34.96 -16.14 36.82
N ILE R 10 33.74 -15.70 37.10
CA ILE R 10 33.43 -14.92 38.29
C ILE R 10 32.45 -15.73 39.13
N PRO R 11 32.93 -16.63 39.97
CA PRO R 11 32.04 -17.37 40.84
C PRO R 11 31.80 -16.55 42.09
N ILE R 12 31.14 -17.12 43.09
CA ILE R 12 31.04 -16.40 44.34
C ILE R 12 32.23 -16.72 45.24
N THR R 13 33.01 -17.75 44.91
CA THR R 13 34.07 -18.21 45.77
C THR R 13 35.46 -17.81 45.24
N ASN R 14 36.46 -18.09 46.06
CA ASN R 14 37.84 -17.63 45.85
C ASN R 14 38.70 -18.84 45.52
N SER R 15 38.79 -19.17 44.23
CA SER R 15 39.77 -20.14 43.78
C SER R 15 40.44 -19.61 42.52
N ILE R 16 39.88 -18.54 41.97
CA ILE R 16 40.46 -17.88 40.80
C ILE R 16 41.44 -16.78 41.18
N THR R 17 41.91 -16.76 42.43
CA THR R 17 42.97 -15.83 42.80
C THR R 17 44.26 -16.14 42.05
N ILE R 18 44.73 -17.37 42.15
CA ILE R 18 45.88 -17.83 41.35
C ILE R 18 45.41 -19.01 40.51
N ASP R 19 44.91 -18.71 39.31
CA ASP R 19 44.78 -19.71 38.26
C ASP R 19 45.47 -19.24 36.99
N VAL R 20 45.85 -17.96 36.90
CA VAL R 20 46.78 -17.47 35.91
C VAL R 20 47.96 -16.85 36.65
N LYS R 21 49.16 -17.23 36.24
CA LYS R 21 50.38 -16.67 36.81
C LYS R 21 50.80 -15.40 36.08
N ILE R 22 49.99 -14.91 35.15
CA ILE R 22 50.32 -13.75 34.34
C ILE R 22 49.28 -12.67 34.59
N THR R 23 49.76 -11.44 34.82
CA THR R 23 48.90 -10.28 35.07
C THR R 23 48.29 -9.72 33.80
N ILE R 24 49.12 -9.35 32.82
CA ILE R 24 48.63 -8.67 31.63
C ILE R 24 48.63 -9.63 30.44
N GLY R 25 49.76 -10.28 30.21
CA GLY R 25 49.90 -11.13 29.04
C GLY R 25 50.06 -10.33 27.78
N GLY R 26 49.05 -10.38 26.90
CA GLY R 26 49.03 -9.57 25.71
C GLY R 26 48.55 -8.16 26.02
N SER R 27 48.73 -7.28 25.04
CA SER R 27 48.42 -5.87 25.18
C SER R 27 46.94 -5.53 25.06
N ASP R 28 46.06 -6.53 25.24
CA ASP R 28 44.64 -6.33 25.06
C ASP R 28 43.87 -7.32 25.93
N HIS R 29 42.97 -6.79 26.75
CA HIS R 29 41.94 -7.62 27.34
C HIS R 29 40.76 -7.54 26.41
N ILE R 30 39.92 -8.60 26.40
CA ILE R 30 38.72 -8.56 25.59
C ILE R 30 37.56 -7.97 26.39
N THR R 31 37.35 -8.50 27.58
CA THR R 31 36.34 -7.98 28.48
C THR R 31 36.77 -6.61 28.98
N ASN R 32 36.25 -5.56 28.35
CA ASN R 32 36.76 -4.20 28.49
C ASN R 32 35.66 -3.30 29.03
N ILE R 33 36.06 -2.26 29.76
CA ILE R 33 35.17 -1.52 30.65
C ILE R 33 35.37 -0.04 30.35
N ASP R 34 34.29 0.72 30.21
CA ASP R 34 34.39 2.13 29.85
C ASP R 34 33.35 3.01 30.54
N GLU R 35 33.08 2.80 31.84
CA GLU R 35 32.03 3.45 32.60
C GLU R 35 30.63 3.36 31.96
N ARG R 36 30.33 2.22 31.34
CA ARG R 36 28.96 1.87 31.02
C ARG R 36 28.57 0.53 31.61
N GLY R 37 29.48 -0.16 32.29
CA GLY R 37 29.25 -1.52 32.73
C GLY R 37 30.33 -2.44 32.19
N ILE R 38 30.16 -3.74 32.41
CA ILE R 38 31.12 -4.71 31.89
C ILE R 38 30.68 -5.15 30.49
N HIS R 39 31.63 -5.21 29.57
CA HIS R 39 31.30 -5.50 28.18
C HIS R 39 32.06 -6.73 27.74
N ASN R 40 31.54 -7.39 26.71
CA ASN R 40 32.21 -8.50 26.01
C ASN R 40 32.51 -9.68 26.94
N VAL R 41 31.49 -10.13 27.66
CA VAL R 41 31.65 -11.18 28.67
C VAL R 41 31.26 -12.51 28.04
N LEU R 42 32.18 -13.46 28.05
CA LEU R 42 31.87 -14.80 27.59
C LEU R 42 30.94 -15.49 28.58
N VAL R 43 29.94 -16.17 28.05
CA VAL R 43 29.03 -16.97 28.84
C VAL R 43 29.18 -18.41 28.36
N ILE R 44 29.87 -19.21 29.17
CA ILE R 44 29.95 -20.65 28.93
C ILE R 44 28.57 -21.25 29.12
N THR R 45 28.12 -22.05 28.17
CA THR R 45 26.86 -22.75 28.33
C THR R 45 27.13 -24.21 28.69
N GLY R 46 26.17 -24.81 29.39
CA GLY R 46 26.22 -26.22 29.74
C GLY R 46 27.05 -26.58 30.94
N TYR R 47 28.18 -25.91 31.12
CA TYR R 47 29.12 -26.27 32.15
C TYR R 47 28.74 -25.64 33.47
N ALA R 48 28.89 -26.41 34.55
CA ALA R 48 28.51 -25.97 35.87
C ALA R 48 29.77 -25.94 36.72
N VAL R 49 29.88 -24.95 37.59
CA VAL R 49 31.06 -24.82 38.43
C VAL R 49 30.86 -25.58 39.73
N ASP R 50 31.91 -26.24 40.20
CA ASP R 50 31.96 -26.70 41.57
C ASP R 50 32.45 -25.54 42.42
N GLU R 51 31.72 -25.24 43.49
CA GLU R 51 31.96 -24.05 44.27
C GLU R 51 33.20 -24.13 45.15
N LYS R 52 33.82 -25.30 45.27
CA LYS R 52 35.00 -25.49 46.11
C LYS R 52 36.09 -26.05 45.20
N ASN R 53 37.24 -25.36 45.17
CA ASN R 53 38.24 -25.51 44.10
C ASN R 53 37.53 -25.26 42.80
N GLY R 54 37.17 -24.00 42.54
CA GLY R 54 36.31 -23.61 41.44
C GLY R 54 36.79 -24.08 40.08
N ARG R 55 36.12 -25.13 39.63
CA ARG R 55 36.43 -25.82 38.38
C ARG R 55 35.10 -26.14 37.74
N LEU R 56 35.11 -26.34 36.43
CA LEU R 56 33.86 -26.56 35.73
C LEU R 56 33.55 -28.04 35.62
N VAL R 57 32.26 -28.34 35.53
CA VAL R 57 31.77 -29.71 35.42
C VAL R 57 30.97 -29.79 34.13
N PRO R 58 31.23 -30.76 33.26
CA PRO R 58 30.38 -30.92 32.08
C PRO R 58 29.03 -31.51 32.46
N THR R 59 27.97 -30.76 32.18
CA THR R 59 26.61 -31.20 32.40
C THR R 59 25.82 -30.97 31.11
N LEU R 60 24.95 -31.93 30.79
CA LEU R 60 24.28 -31.94 29.50
C LEU R 60 22.99 -31.14 29.50
N ASP R 61 22.75 -30.33 30.52
CA ASP R 61 21.66 -29.37 30.51
C ASP R 61 22.09 -28.19 29.66
N PRO R 62 21.35 -27.84 28.61
CA PRO R 62 21.65 -26.60 27.90
C PRO R 62 21.25 -25.35 28.68
N CYS R 63 20.48 -25.48 29.76
CA CYS R 63 20.22 -24.33 30.62
C CYS R 63 21.42 -23.89 31.43
N ASP R 64 22.40 -24.77 31.63
CA ASP R 64 23.47 -24.47 32.56
C ASP R 64 24.42 -23.43 31.99
N TYR R 65 24.79 -22.47 32.84
CA TYR R 65 25.68 -21.43 32.36
C TYR R 65 26.54 -20.92 33.51
N VAL R 66 27.77 -20.55 33.17
CA VAL R 66 28.71 -19.90 34.06
C VAL R 66 29.30 -18.71 33.32
N LYS R 67 29.31 -17.55 33.95
CA LYS R 67 29.77 -16.32 33.32
C LYS R 67 31.08 -15.83 33.93
N GLY R 68 31.82 -15.05 33.14
CA GLY R 68 33.09 -14.50 33.59
C GLY R 68 33.85 -13.90 32.44
N ILE R 69 35.05 -13.41 32.77
CA ILE R 69 35.75 -12.46 31.93
C ILE R 69 36.86 -13.15 31.14
N LEU R 70 37.32 -12.48 30.08
CA LEU R 70 38.42 -12.96 29.25
C LEU R 70 39.64 -12.09 29.47
N VAL R 71 40.70 -12.67 30.03
CA VAL R 71 41.99 -12.01 30.21
C VAL R 71 43.04 -12.86 29.52
N ALA R 72 44.25 -12.33 29.45
CA ALA R 72 45.33 -13.08 28.82
C ALA R 72 46.16 -13.80 29.87
N GLY R 73 47.05 -14.68 29.39
CA GLY R 73 48.04 -15.27 30.27
C GLY R 73 48.25 -16.76 30.14
N THR R 74 49.05 -17.32 31.05
CA THR R 74 49.32 -18.75 31.07
C THR R 74 48.76 -19.37 32.33
N PRO R 75 48.14 -20.54 32.23
CA PRO R 75 47.44 -21.15 33.39
C PRO R 75 48.34 -21.86 34.38
N GLN R 76 49.03 -21.07 35.20
CA GLN R 76 49.72 -21.42 36.43
C GLN R 76 51.01 -22.23 36.16
N GLN R 77 51.22 -22.68 34.93
CA GLN R 77 52.35 -23.49 34.47
C GLN R 77 52.54 -24.73 35.36
N ALA R 78 51.41 -25.31 35.78
CA ALA R 78 51.42 -26.62 36.39
C ALA R 78 50.19 -27.39 35.94
N GLN R 79 49.41 -26.76 35.08
CA GLN R 79 48.07 -27.20 34.72
C GLN R 79 47.94 -27.32 33.21
N SER R 80 46.69 -27.45 32.77
CA SER R 80 46.26 -27.82 31.42
C SER R 80 46.83 -29.18 31.02
N ASN R 81 46.98 -30.04 32.02
CA ASN R 81 47.02 -31.48 31.82
C ASN R 81 45.62 -32.07 31.89
N ASP R 82 44.65 -31.30 32.41
CA ASP R 82 43.24 -31.65 32.33
C ASP R 82 42.34 -30.46 32.05
N PHE R 83 42.87 -29.24 31.92
CA PHE R 83 42.06 -28.07 31.61
C PHE R 83 41.89 -28.00 30.10
N LEU R 84 40.87 -27.28 29.65
CA LEU R 84 40.60 -27.21 28.22
C LEU R 84 41.52 -26.22 27.53
N THR R 85 42.44 -26.75 26.74
CA THR R 85 43.35 -25.96 25.94
C THR R 85 42.87 -26.02 24.49
N LEU R 86 42.42 -24.88 23.98
CA LEU R 86 41.78 -24.88 22.68
C LEU R 86 41.87 -23.49 22.06
N LYS R 87 42.10 -23.48 20.75
CA LYS R 87 42.11 -22.27 19.94
C LYS R 87 40.72 -22.07 19.35
N LEU R 88 40.33 -20.82 19.18
CA LEU R 88 39.02 -20.54 18.65
C LEU R 88 39.09 -19.83 17.32
N PRO R 89 38.08 -20.03 16.46
CA PRO R 89 37.88 -19.10 15.34
C PRO R 89 37.22 -17.80 15.76
N ALA R 90 36.89 -17.65 17.04
CA ALA R 90 36.60 -16.42 17.78
C ALA R 90 35.31 -15.72 17.34
N ASN R 91 34.65 -16.18 16.29
CA ASN R 91 33.26 -15.83 16.01
C ASN R 91 32.31 -16.63 16.88
N LYS R 92 32.81 -17.75 17.41
CA LYS R 92 32.02 -18.63 18.27
C LYS R 92 32.01 -18.14 19.70
N LEU R 93 32.65 -17.01 19.96
CA LEU R 93 32.62 -16.37 21.27
C LEU R 93 31.22 -15.85 21.53
N TYR R 94 30.48 -16.56 22.38
CA TYR R 94 29.20 -16.05 22.84
C TYR R 94 29.45 -15.00 23.91
N LEU R 95 29.63 -13.75 23.46
CA LEU R 95 29.91 -12.63 24.33
C LEU R 95 28.64 -11.81 24.54
N ILE R 96 28.46 -11.30 25.76
CA ILE R 96 27.28 -10.50 26.05
C ILE R 96 27.68 -9.04 26.20
N ARG R 97 26.75 -8.16 25.80
CA ARG R 97 26.97 -6.73 25.60
C ARG R 97 28.19 -6.48 24.72
N LYS R 98 28.08 -6.97 23.49
CA LYS R 98 29.17 -6.91 22.52
C LYS R 98 29.44 -5.48 22.11
N LYS R 99 30.51 -4.90 22.63
CA LYS R 99 30.88 -3.52 22.31
C LYS R 99 32.22 -3.39 21.61
N GLY R 100 33.20 -4.22 21.90
CA GLY R 100 34.52 -4.00 21.34
C GLY R 100 34.71 -4.62 19.97
N ASN R 101 35.68 -5.52 19.88
CA ASN R 101 36.15 -6.03 18.60
C ASN R 101 36.79 -7.39 18.88
N ILE R 102 36.92 -8.20 17.83
CA ILE R 102 37.40 -9.57 17.94
C ILE R 102 38.68 -9.72 17.12
N SER R 103 39.63 -10.52 17.60
CA SER R 103 40.84 -10.82 16.84
C SER R 103 40.67 -11.92 15.81
N ASP R 104 39.49 -12.56 15.77
CA ASP R 104 39.01 -13.51 14.76
C ASP R 104 39.76 -14.84 14.77
N ASP R 105 40.80 -14.98 15.58
CA ASP R 105 41.45 -16.24 15.95
C ASP R 105 42.18 -16.06 17.26
N LEU R 106 41.73 -16.73 18.30
CA LEU R 106 42.35 -16.62 19.62
C LEU R 106 42.25 -17.97 20.30
N LYS R 107 42.79 -18.03 21.51
CA LYS R 107 43.00 -19.30 22.18
C LYS R 107 42.75 -19.07 23.66
N ILE R 108 41.86 -19.86 24.24
CA ILE R 108 41.48 -19.68 25.64
C ILE R 108 41.70 -20.98 26.40
N TYR R 109 41.92 -20.82 27.70
CA TYR R 109 42.29 -21.89 28.60
C TYR R 109 41.28 -21.97 29.74
N ILE R 110 40.54 -23.07 29.76
CA ILE R 110 39.29 -23.12 30.51
C ILE R 110 39.43 -24.09 31.67
N PRO R 111 39.10 -23.67 32.89
CA PRO R 111 39.17 -24.57 34.05
C PRO R 111 38.16 -25.70 33.91
N TYR R 112 38.48 -26.83 34.54
CA TYR R 112 37.75 -28.05 34.24
C TYR R 112 37.95 -29.04 35.37
N SER R 113 36.99 -29.95 35.53
CA SER R 113 37.12 -31.03 36.49
C SER R 113 36.47 -32.30 35.94
N SER R 114 36.69 -33.39 36.65
CA SER R 114 36.08 -34.66 36.31
C SER R 114 34.56 -34.58 36.52
N PRO R 115 33.76 -35.30 35.74
CA PRO R 115 32.30 -35.26 35.91
C PRO R 115 31.85 -35.93 37.20
N ASP R 116 32.63 -36.90 37.70
CA ASP R 116 32.43 -37.53 39.01
C ASP R 116 31.06 -38.19 39.15
N ALA R 117 30.85 -39.33 38.48
CA ALA R 117 29.55 -39.99 38.42
C ALA R 117 29.15 -40.72 39.70
N ARG R 118 29.81 -40.41 40.82
CA ARG R 118 29.51 -41.01 42.11
C ARG R 118 28.32 -40.35 42.82
N ASN R 119 27.61 -39.45 42.15
CA ASN R 119 26.47 -38.77 42.74
C ASN R 119 25.55 -38.31 41.64
N SER R 120 24.28 -38.13 42.00
CA SER R 120 23.28 -37.48 41.15
C SER R 120 23.74 -36.06 40.86
N MET R 121 23.39 -35.53 39.68
CA MET R 121 23.68 -34.13 39.45
C MET R 121 22.47 -33.26 39.76
N LYS R 122 22.73 -32.24 40.57
CA LYS R 122 21.84 -31.12 40.80
C LYS R 122 22.60 -29.85 40.45
N THR R 123 21.89 -28.87 39.92
CA THR R 123 22.48 -27.56 39.70
C THR R 123 21.62 -26.51 40.37
N LYS R 124 22.26 -25.68 41.17
CA LYS R 124 21.55 -24.60 41.84
C LYS R 124 21.66 -23.33 41.03
N PRO R 125 20.53 -22.77 40.59
CA PRO R 125 20.56 -21.39 40.09
C PRO R 125 20.77 -20.42 41.23
N VAL R 126 21.98 -19.90 41.36
CA VAL R 126 22.31 -18.98 42.42
C VAL R 126 23.04 -17.78 41.82
N SER R 127 22.57 -16.59 42.20
CA SER R 127 23.18 -15.35 41.78
C SER R 127 24.21 -14.91 42.82
N ILE R 128 24.61 -13.64 42.72
CA ILE R 128 25.61 -13.07 43.62
C ILE R 128 25.05 -11.82 44.28
N SER R 129 25.22 -11.75 45.60
CA SER R 129 24.74 -10.66 46.45
C SER R 129 25.76 -10.46 47.55
N ASP R 130 25.32 -9.78 48.63
CA ASP R 130 26.10 -9.63 49.87
C ASP R 130 27.39 -8.87 49.62
N ASP R 131 27.26 -7.53 49.51
CA ASP R 131 28.25 -6.60 48.97
C ASP R 131 29.72 -6.86 49.35
N THR R 132 29.96 -7.38 50.56
CA THR R 132 31.31 -7.76 50.96
C THR R 132 31.87 -8.81 50.01
N ILE R 133 31.08 -9.85 49.72
CA ILE R 133 31.49 -10.86 48.76
C ILE R 133 31.47 -10.29 47.35
N VAL R 134 30.65 -9.26 47.11
CA VAL R 134 30.74 -8.57 45.83
C VAL R 134 32.02 -7.77 45.75
N ASN R 135 32.34 -7.02 46.80
CA ASN R 135 33.46 -6.09 46.72
C ASN R 135 34.80 -6.81 46.78
N ASN R 136 34.91 -7.90 47.55
CA ASN R 136 36.22 -8.52 47.69
C ASN R 136 36.65 -9.28 46.44
N ILE R 137 35.71 -9.91 45.74
CA ILE R 137 36.05 -10.57 44.48
C ILE R 137 36.36 -9.54 43.39
N ILE R 138 35.87 -8.29 43.53
CA ILE R 138 36.32 -7.23 42.65
C ILE R 138 37.78 -6.89 42.91
N LYS R 139 38.15 -6.73 44.17
CA LYS R 139 39.49 -6.25 44.49
C LYS R 139 40.56 -7.31 44.27
N GLU R 140 40.18 -8.54 43.99
CA GLU R 140 41.17 -9.57 43.69
C GLU R 140 41.53 -9.58 42.20
N VAL R 141 40.53 -9.52 41.33
CA VAL R 141 40.74 -9.69 39.90
C VAL R 141 40.31 -8.46 39.10
N PHE R 142 39.19 -7.82 39.46
CA PHE R 142 38.75 -6.64 38.71
C PHE R 142 39.60 -5.41 38.95
N ASP R 143 40.56 -5.45 39.87
CA ASP R 143 41.34 -4.28 40.19
C ASP R 143 42.84 -4.52 40.06
N LYS R 144 43.29 -5.75 40.37
CA LYS R 144 44.72 -5.99 40.44
C LYS R 144 45.36 -6.07 39.07
N ILE R 145 44.69 -6.73 38.13
CA ILE R 145 45.22 -6.77 36.78
C ILE R 145 44.60 -5.69 35.89
N TYR R 146 43.69 -4.88 36.44
CA TYR R 146 43.02 -3.88 35.64
C TYR R 146 43.53 -2.47 35.91
N ASN R 147 43.84 -1.76 34.82
CA ASN R 147 44.27 -0.38 34.86
C ASN R 147 43.18 0.54 34.33
N ILE R 148 41.98 0.02 34.08
CA ILE R 148 40.80 0.88 33.91
C ILE R 148 40.14 1.16 35.25
N THR R 149 40.07 0.15 36.13
CA THR R 149 39.58 0.40 37.48
C THR R 149 40.65 1.11 38.29
N GLN R 150 40.20 1.94 39.23
CA GLN R 150 40.95 2.88 40.07
C GLN R 150 41.94 3.74 39.30
N LYS R 151 41.72 3.99 38.00
CA LYS R 151 42.43 5.01 37.26
C LYS R 151 41.50 6.08 36.72
N GLU R 152 40.31 5.69 36.29
CA GLU R 152 39.21 6.58 35.96
C GLU R 152 37.89 6.18 36.59
N LYS R 153 37.79 4.98 37.14
CA LYS R 153 36.54 4.45 37.68
C LYS R 153 36.29 5.04 39.06
N VAL R 154 35.81 6.27 39.09
CA VAL R 154 35.10 6.82 40.23
C VAL R 154 33.62 6.50 40.14
N LYS R 155 33.22 5.79 39.10
CA LYS R 155 31.85 5.32 38.87
C LYS R 155 31.74 3.84 39.20
N ILE R 156 32.42 3.45 40.29
CA ILE R 156 32.32 2.09 40.83
C ILE R 156 30.88 1.77 41.20
N GLU R 157 30.16 2.75 41.74
CA GLU R 157 28.76 2.55 42.14
C GLU R 157 27.80 2.44 40.97
N LYS R 158 28.29 2.50 39.73
CA LYS R 158 27.59 1.95 38.59
C LYS R 158 27.94 0.48 38.40
N VAL R 159 29.24 0.16 38.47
CA VAL R 159 29.70 -1.18 38.18
C VAL R 159 29.66 -2.06 39.43
N LYS R 160 29.35 -1.46 40.59
CA LYS R 160 29.08 -2.24 41.79
C LYS R 160 27.88 -3.15 41.59
N GLU R 161 26.73 -2.56 41.24
CA GLU R 161 25.53 -3.34 41.00
C GLU R 161 25.60 -4.13 39.71
N ASP R 162 26.43 -3.70 38.76
CA ASP R 162 26.58 -4.44 37.50
C ASP R 162 27.45 -5.68 37.66
N ILE R 163 28.02 -5.89 38.85
CA ILE R 163 28.52 -7.22 39.15
C ILE R 163 27.35 -8.16 39.35
N LYS R 164 26.33 -7.74 40.12
CA LYS R 164 25.32 -8.66 40.61
C LYS R 164 24.32 -9.05 39.52
N GLU R 165 23.79 -8.06 38.80
CA GLU R 165 22.73 -8.34 37.84
C GLU R 165 23.24 -8.78 36.48
N LEU R 166 24.52 -8.62 36.20
CA LEU R 166 25.07 -8.94 34.89
C LEU R 166 25.92 -10.20 34.90
N PHE R 167 26.38 -10.64 36.06
CA PHE R 167 27.13 -11.88 36.17
C PHE R 167 26.31 -12.87 36.99
N SER R 168 26.19 -14.09 36.47
CA SER R 168 25.45 -15.16 37.13
C SER R 168 26.15 -16.48 36.81
N TYR R 169 25.73 -17.54 37.47
CA TYR R 169 26.38 -18.84 37.33
C TYR R 169 25.43 -19.88 37.91
N TYR R 170 25.71 -21.15 37.61
CA TYR R 170 25.02 -22.25 38.27
C TYR R 170 25.98 -23.06 39.13
N ALA R 171 25.75 -23.03 40.42
CA ALA R 171 26.47 -23.92 41.33
C ALA R 171 25.74 -25.24 41.40
N LEU R 172 26.35 -26.17 42.13
CA LEU R 172 25.97 -27.57 42.10
C LEU R 172 25.33 -28.06 43.39
N GLU R 173 25.62 -27.39 44.51
CA GLU R 173 25.36 -27.83 45.87
C GLU R 173 26.02 -29.20 46.09
N GLN R 174 27.34 -29.24 45.99
CA GLN R 174 28.11 -30.47 46.11
C GLN R 174 29.31 -30.23 47.00
N SER S 2 11.94 14.04 59.67
CA SER S 2 12.77 15.22 59.52
C SER S 2 12.18 16.37 60.29
N THR S 3 10.86 16.52 60.20
CA THR S 3 10.14 17.47 61.03
C THR S 3 9.54 16.68 62.19
N GLN S 4 9.74 17.20 63.40
CA GLN S 4 9.48 16.48 64.64
C GLN S 4 7.99 16.22 64.82
N ARG S 5 7.64 14.92 64.93
CA ARG S 5 6.27 14.48 64.91
C ARG S 5 5.95 13.70 66.18
N GLU S 6 4.65 13.44 66.37
CA GLU S 6 4.21 12.73 67.56
C GLU S 6 2.88 12.04 67.27
N TYR S 7 2.66 10.92 67.91
CA TYR S 7 1.48 10.08 67.73
C TYR S 7 0.72 9.98 69.05
N VAL S 8 -0.56 10.36 69.04
CA VAL S 8 -1.47 10.13 70.15
C VAL S 8 -2.47 9.05 69.73
N PHE S 9 -2.57 7.99 70.51
CA PHE S 9 -3.53 6.92 70.24
C PHE S 9 -4.94 7.39 70.59
N ILE S 10 -5.93 6.56 70.26
CA ILE S 10 -7.33 6.89 70.56
C ILE S 10 -7.86 5.95 71.64
N PRO S 11 -8.02 6.44 72.88
CA PRO S 11 -8.42 5.56 73.99
C PRO S 11 -9.92 5.48 74.22
N ILE S 12 -10.29 4.80 75.31
CA ILE S 12 -11.66 4.82 75.83
C ILE S 12 -11.86 5.84 76.95
N THR S 13 -11.17 5.71 78.07
CA THR S 13 -11.43 6.55 79.24
C THR S 13 -10.57 7.80 79.18
N ASN S 14 -10.54 8.51 80.31
CA ASN S 14 -9.78 9.75 80.39
C ASN S 14 -8.29 9.41 80.48
N SER S 15 -7.68 9.12 79.34
CA SER S 15 -6.39 8.44 79.36
C SER S 15 -5.24 9.24 78.76
N ILE S 16 -5.42 10.52 78.48
CA ILE S 16 -4.39 11.35 77.86
C ILE S 16 -4.00 12.45 78.83
N THR S 17 -2.80 12.36 79.41
CA THR S 17 -2.43 13.30 80.46
C THR S 17 -1.55 14.46 79.99
N ILE S 18 -0.33 14.19 79.50
CA ILE S 18 0.55 15.20 78.91
C ILE S 18 1.32 14.56 77.77
N ASP S 19 0.91 14.85 76.55
CA ASP S 19 1.62 14.34 75.39
C ASP S 19 1.64 15.38 74.28
N VAL S 20 1.18 16.59 74.61
CA VAL S 20 1.13 17.71 73.67
C VAL S 20 1.80 18.91 74.32
N LYS S 21 3.01 19.20 73.88
CA LYS S 21 3.63 20.49 74.11
C LYS S 21 3.10 21.41 73.02
N ILE S 22 2.86 20.82 71.86
CA ILE S 22 2.74 21.53 70.60
C ILE S 22 1.36 21.25 70.03
N THR S 23 0.45 22.20 70.15
CA THR S 23 -0.83 22.07 69.47
C THR S 23 -0.67 22.30 67.98
N ILE S 24 -0.01 23.39 67.60
CA ILE S 24 0.28 23.67 66.20
C ILE S 24 1.79 23.73 66.01
N GLY S 25 2.43 24.70 66.65
CA GLY S 25 3.86 24.93 66.43
C GLY S 25 4.13 25.48 65.05
N GLY S 26 4.69 24.63 64.18
CA GLY S 26 5.04 25.02 62.84
C GLY S 26 3.87 24.93 61.87
N SER S 27 4.22 24.87 60.59
CA SER S 27 3.24 24.80 59.51
C SER S 27 3.22 23.43 58.83
N ASP S 28 4.09 22.52 59.24
CA ASP S 28 4.14 21.18 58.66
C ASP S 28 3.28 20.26 59.50
N HIS S 29 2.10 19.91 58.98
CA HIS S 29 1.22 18.95 59.62
C HIS S 29 0.76 17.94 58.57
N ILE S 30 0.54 16.71 59.01
CA ILE S 30 0.24 15.59 58.14
C ILE S 30 -1.26 15.32 58.06
N THR S 31 -1.89 15.09 59.19
CA THR S 31 -3.29 14.68 59.21
C THR S 31 -4.20 15.84 58.80
N ASN S 32 -5.40 15.50 58.35
CA ASN S 32 -6.26 16.49 57.72
C ASN S 32 -7.70 16.29 58.15
N ILE S 33 -8.46 17.40 58.12
CA ILE S 33 -9.92 17.38 58.10
C ILE S 33 -10.35 18.23 56.92
N ASP S 34 -10.70 17.58 55.80
CA ASP S 34 -10.89 18.28 54.53
C ASP S 34 -12.30 18.07 53.96
N GLU S 35 -13.31 18.27 54.81
CA GLU S 35 -14.69 18.56 54.40
C GLU S 35 -15.37 17.33 53.79
N ARG S 36 -14.80 16.14 53.95
CA ARG S 36 -15.56 14.91 53.79
C ARG S 36 -15.10 13.85 54.80
N GLY S 37 -14.34 14.28 55.80
CA GLY S 37 -13.90 13.39 56.86
C GLY S 37 -12.40 13.42 57.05
N ILE S 38 -11.91 12.40 57.76
CA ILE S 38 -10.53 12.32 58.21
C ILE S 38 -9.69 11.61 57.16
N HIS S 39 -8.55 12.22 56.82
CA HIS S 39 -7.58 11.63 55.92
C HIS S 39 -6.21 11.66 56.59
N ASN S 40 -5.30 10.83 56.05
CA ASN S 40 -3.93 10.66 56.54
C ASN S 40 -3.92 10.25 58.01
N VAL S 41 -4.71 9.25 58.35
CA VAL S 41 -4.76 8.74 59.70
C VAL S 41 -3.92 7.47 59.78
N LEU S 42 -3.21 7.31 60.90
CA LEU S 42 -2.32 6.18 61.09
C LEU S 42 -2.98 5.12 61.97
N VAL S 43 -2.96 3.89 61.49
CA VAL S 43 -3.28 2.72 62.30
C VAL S 43 -2.00 1.90 62.38
N ILE S 44 -1.84 1.14 63.46
CA ILE S 44 -0.58 0.44 63.73
C ILE S 44 -0.90 -0.99 64.15
N THR S 45 -0.38 -1.95 63.40
CA THR S 45 -0.50 -3.35 63.74
C THR S 45 0.73 -3.77 64.53
N GLY S 46 0.74 -5.03 64.97
CA GLY S 46 1.84 -5.55 65.76
C GLY S 46 1.85 -5.12 67.20
N TYR S 47 0.87 -4.35 67.64
CA TYR S 47 0.73 -3.92 69.01
C TYR S 47 -0.70 -4.10 69.47
N ALA S 48 -0.88 -4.10 70.79
CA ALA S 48 -2.19 -4.09 71.40
C ALA S 48 -2.22 -2.98 72.44
N VAL S 49 -3.36 -2.33 72.55
CA VAL S 49 -3.50 -1.23 73.50
C VAL S 49 -3.79 -1.82 74.88
N ASP S 50 -3.32 -1.12 75.91
CA ASP S 50 -3.42 -1.56 77.30
C ASP S 50 -4.13 -0.46 78.09
N GLU S 51 -5.35 -0.13 77.61
CA GLU S 51 -6.03 1.16 77.84
C GLU S 51 -6.11 1.59 79.31
N LYS S 52 -6.12 0.65 80.24
CA LYS S 52 -5.99 1.02 81.64
C LYS S 52 -4.52 1.29 81.92
N ASN S 53 -4.19 2.57 82.18
CA ASN S 53 -2.86 3.14 81.99
C ASN S 53 -2.43 2.87 80.56
N GLY S 54 -3.13 3.50 79.62
CA GLY S 54 -3.05 3.21 78.20
C GLY S 54 -1.74 3.46 77.49
N ARG S 55 -1.08 2.37 77.09
CA ARG S 55 0.03 2.39 76.15
C ARG S 55 -0.12 1.19 75.24
N LEU S 56 0.97 0.84 74.54
CA LEU S 56 0.92 -0.20 73.50
C LEU S 56 1.82 -1.36 73.91
N VAL S 57 1.21 -2.54 74.09
CA VAL S 57 1.93 -3.76 74.38
C VAL S 57 2.05 -4.56 73.10
N PRO S 58 3.21 -5.12 72.79
CA PRO S 58 3.35 -5.91 71.55
C PRO S 58 2.62 -7.25 71.67
N THR S 59 2.34 -7.81 70.50
CA THR S 59 1.77 -9.15 70.39
C THR S 59 2.57 -9.92 69.36
N LEU S 60 2.15 -11.17 69.14
CA LEU S 60 2.72 -12.01 68.11
C LEU S 60 1.75 -12.28 66.98
N ASP S 61 0.38 -12.28 67.27
CA ASP S 61 -0.56 -12.46 66.17
C ASP S 61 -0.63 -11.20 65.32
N PRO S 62 -0.79 -11.35 64.01
CA PRO S 62 -0.76 -10.18 63.15
C PRO S 62 -2.11 -9.53 62.95
N CYS S 63 -3.07 -9.85 63.81
CA CYS S 63 -4.41 -9.28 63.69
C CYS S 63 -4.84 -8.53 64.93
N ASP S 64 -3.97 -7.67 65.47
CA ASP S 64 -4.31 -6.74 66.54
C ASP S 64 -3.79 -5.37 66.14
N TYR S 65 -4.69 -4.45 65.86
CA TYR S 65 -4.34 -3.10 65.45
C TYR S 65 -4.68 -2.10 66.55
N VAL S 66 -3.92 -1.01 66.60
CA VAL S 66 -4.22 0.12 67.47
C VAL S 66 -4.31 1.36 66.60
N LYS S 67 -5.19 2.28 66.98
CA LYS S 67 -5.48 3.43 66.14
C LYS S 67 -5.19 4.72 66.90
N GLY S 68 -4.86 5.74 66.13
CA GLY S 68 -4.51 7.05 66.67
C GLY S 68 -4.26 7.99 65.52
N ILE S 69 -3.74 9.17 65.85
CA ILE S 69 -3.42 10.15 64.84
C ILE S 69 -1.97 10.60 65.03
N LEU S 70 -1.38 11.08 63.93
CA LEU S 70 0.00 11.51 63.95
C LEU S 70 0.05 13.01 63.74
N VAL S 71 0.73 13.72 64.65
CA VAL S 71 0.73 15.18 64.67
C VAL S 71 2.16 15.65 64.93
N ALA S 72 2.34 16.97 64.80
CA ALA S 72 3.67 17.55 64.96
C ALA S 72 3.96 17.91 66.41
N GLY S 73 5.17 17.64 66.85
CA GLY S 73 5.61 18.06 68.16
C GLY S 73 6.29 16.92 68.90
N THR S 74 6.57 17.17 70.17
CA THR S 74 7.17 16.24 71.10
C THR S 74 6.28 16.17 72.34
N PRO S 75 6.19 15.00 73.03
CA PRO S 75 5.14 14.82 74.06
C PRO S 75 5.20 15.71 75.28
N GLN S 76 6.25 15.59 76.10
CA GLN S 76 6.44 16.59 77.14
C GLN S 76 7.92 16.94 77.32
N GLN S 77 8.79 15.92 77.09
CA GLN S 77 10.24 15.83 77.36
C GLN S 77 10.52 15.70 78.87
N ALA S 78 9.53 15.95 79.71
CA ALA S 78 9.48 15.38 81.05
C ALA S 78 8.94 13.95 81.00
N GLN S 79 8.25 13.61 79.92
CA GLN S 79 7.97 12.24 79.53
C GLN S 79 9.11 11.80 78.62
N SER S 80 8.87 10.71 77.88
CA SER S 80 9.78 10.12 76.89
C SER S 80 11.06 9.59 77.54
N ASN S 81 11.00 9.26 78.83
CA ASN S 81 11.87 8.27 79.44
C ASN S 81 11.28 6.88 79.37
N ASP S 82 9.95 6.78 79.22
CA ASP S 82 9.22 5.53 79.08
C ASP S 82 8.90 5.22 77.62
N PHE S 83 9.20 6.16 76.71
CA PHE S 83 8.85 5.99 75.30
C PHE S 83 10.12 5.64 74.53
N LEU S 84 9.97 4.80 73.53
CA LEU S 84 11.09 4.44 72.66
C LEU S 84 11.17 5.40 71.48
N THR S 85 12.36 5.95 71.26
CA THR S 85 12.59 6.87 70.17
C THR S 85 12.87 6.11 68.89
N LEU S 86 12.04 6.35 67.88
CA LEU S 86 12.12 5.56 66.66
C LEU S 86 11.97 6.49 65.46
N LYS S 87 12.94 6.37 64.56
CA LYS S 87 12.99 7.17 63.35
C LYS S 87 12.52 6.31 62.20
N LEU S 88 11.54 6.78 61.46
CA LEU S 88 11.05 6.02 60.33
C LEU S 88 11.58 6.61 59.04
N PRO S 89 11.83 5.79 58.01
CA PRO S 89 12.24 6.33 56.71
C PRO S 89 11.10 6.91 55.87
N ALA S 90 9.91 7.09 56.47
CA ALA S 90 8.72 7.67 55.87
C ALA S 90 8.26 6.90 54.65
N ASN S 91 8.42 5.58 54.69
CA ASN S 91 7.78 4.66 53.75
C ASN S 91 7.14 3.50 54.47
N LYS S 92 7.60 3.19 55.68
CA LYS S 92 6.99 2.17 56.51
C LYS S 92 5.81 2.71 57.32
N LEU S 93 5.34 3.92 57.00
CA LEU S 93 4.08 4.42 57.52
C LEU S 93 2.94 3.56 57.01
N TYR S 94 1.96 3.32 57.87
CA TYR S 94 0.85 2.43 57.58
C TYR S 94 -0.44 3.25 57.61
N LEU S 95 -0.41 4.37 56.90
CA LEU S 95 -1.49 5.34 56.90
C LEU S 95 -2.73 4.79 56.21
N ILE S 96 -3.87 5.37 56.56
CA ILE S 96 -5.18 5.01 55.99
C ILE S 96 -5.72 6.22 55.23
N ARG S 97 -6.12 5.97 53.98
CA ARG S 97 -6.70 6.96 53.06
C ARG S 97 -5.74 8.12 52.81
N LYS S 98 -4.47 7.78 52.62
CA LYS S 98 -3.38 8.75 52.53
C LYS S 98 -3.51 9.59 51.27
N LYS S 99 -3.23 10.89 51.39
CA LYS S 99 -3.29 11.75 50.21
C LYS S 99 -2.07 12.65 50.05
N GLY S 100 -1.31 12.94 51.10
CA GLY S 100 -0.30 13.96 51.02
C GLY S 100 1.09 13.41 50.72
N ASN S 101 2.09 14.19 51.11
CA ASN S 101 3.48 13.82 50.92
C ASN S 101 4.22 14.01 52.24
N ILE S 102 5.32 13.27 52.41
CA ILE S 102 6.12 13.29 53.62
C ILE S 102 7.56 13.50 53.19
N SER S 103 8.39 14.08 54.08
CA SER S 103 9.74 14.54 53.77
C SER S 103 10.79 13.44 53.77
N ASP S 104 10.37 12.17 53.63
CA ASP S 104 11.22 11.00 53.29
C ASP S 104 12.11 10.60 54.48
N ASP S 105 11.79 11.17 55.65
CA ASP S 105 12.36 10.79 56.94
C ASP S 105 11.44 11.38 57.99
N LEU S 106 11.28 10.71 59.13
CA LEU S 106 10.21 11.12 60.04
C LEU S 106 10.54 10.62 61.43
N LYS S 107 10.59 11.54 62.40
CA LYS S 107 10.72 11.14 63.79
C LYS S 107 9.37 11.19 64.48
N ILE S 108 8.90 10.04 64.95
CA ILE S 108 7.61 9.94 65.62
C ILE S 108 7.82 9.35 67.01
N TYR S 109 7.04 9.83 67.98
CA TYR S 109 7.13 9.44 69.37
C TYR S 109 5.85 8.75 69.82
N ILE S 110 5.96 7.48 70.17
CA ILE S 110 4.77 6.67 70.44
C ILE S 110 4.73 6.28 71.91
N PRO S 111 3.58 5.87 72.45
CA PRO S 111 3.58 5.19 73.74
C PRO S 111 4.07 3.76 73.61
N TYR S 112 4.52 3.20 74.73
CA TYR S 112 4.96 1.81 74.79
C TYR S 112 4.95 1.36 76.24
N SER S 113 4.16 0.33 76.53
CA SER S 113 4.06 -0.21 77.87
C SER S 113 5.08 -1.31 78.10
N SER S 114 4.89 -2.03 79.20
CA SER S 114 5.64 -3.25 79.44
C SER S 114 5.20 -4.31 78.45
N PRO S 115 6.01 -5.34 78.20
CA PRO S 115 5.50 -6.51 77.47
C PRO S 115 4.46 -7.31 78.27
N ASP S 116 4.38 -7.12 79.59
CA ASP S 116 3.31 -7.59 80.47
C ASP S 116 3.14 -9.11 80.46
N ALA S 117 4.09 -9.82 81.06
CA ALA S 117 3.99 -11.26 81.24
C ALA S 117 3.24 -11.64 82.52
N ARG S 118 2.31 -10.79 82.98
CA ARG S 118 1.64 -11.04 84.26
C ARG S 118 0.50 -12.02 84.13
N ASN S 119 -0.07 -12.18 82.94
CA ASN S 119 -1.10 -13.18 82.71
C ASN S 119 -1.10 -13.53 81.23
N SER S 120 -1.74 -14.66 80.90
CA SER S 120 -1.94 -15.04 79.51
C SER S 120 -2.85 -14.02 78.83
N MET S 121 -2.32 -13.34 77.82
CA MET S 121 -2.96 -12.17 77.24
C MET S 121 -4.06 -12.57 76.28
N LYS S 122 -5.20 -11.91 76.38
CA LYS S 122 -6.30 -12.03 75.44
C LYS S 122 -6.65 -10.64 74.92
N THR S 123 -7.39 -10.61 73.81
CA THR S 123 -7.80 -9.32 73.25
C THR S 123 -9.15 -9.49 72.55
N LYS S 124 -9.89 -8.38 72.47
CA LYS S 124 -11.28 -8.43 72.01
C LYS S 124 -11.59 -7.31 71.01
N PRO S 125 -12.51 -7.57 70.07
CA PRO S 125 -12.94 -6.51 69.17
C PRO S 125 -13.93 -5.58 69.85
N VAL S 126 -13.74 -4.28 69.62
CA VAL S 126 -14.59 -3.27 70.23
C VAL S 126 -15.20 -2.38 69.15
N SER S 127 -16.52 -2.39 69.10
CA SER S 127 -17.28 -1.44 68.29
C SER S 127 -17.75 -0.32 69.21
N ILE S 128 -17.41 0.91 68.85
CA ILE S 128 -17.67 2.07 69.68
C ILE S 128 -19.15 2.38 69.74
N SER S 129 -19.69 2.47 70.97
CA SER S 129 -21.08 2.84 71.24
C SER S 129 -21.10 3.76 72.44
N ASP S 130 -22.31 4.18 72.84
CA ASP S 130 -22.57 5.12 73.95
C ASP S 130 -21.85 6.45 73.71
N ASP S 131 -22.35 7.24 72.76
CA ASP S 131 -21.62 8.36 72.15
C ASP S 131 -21.12 9.43 73.12
N THR S 132 -21.53 9.39 74.40
CA THR S 132 -20.90 10.25 75.40
C THR S 132 -19.42 9.92 75.56
N ILE S 133 -19.02 8.69 75.27
CA ILE S 133 -17.60 8.38 75.11
C ILE S 133 -17.03 9.10 73.89
N VAL S 134 -17.75 9.10 72.75
CA VAL S 134 -17.16 9.73 71.56
C VAL S 134 -17.36 11.24 71.61
N ASN S 135 -18.25 11.73 72.48
CA ASN S 135 -18.23 13.15 72.80
C ASN S 135 -16.91 13.53 73.46
N ASN S 136 -16.37 12.65 74.31
CA ASN S 136 -15.05 12.87 74.87
C ASN S 136 -13.96 12.72 73.81
N ILE S 137 -14.19 11.88 72.81
CA ILE S 137 -13.15 11.67 71.78
C ILE S 137 -12.99 12.92 70.92
N ILE S 138 -14.06 13.69 70.72
CA ILE S 138 -13.93 15.00 70.10
C ILE S 138 -13.29 15.98 71.08
N LYS S 139 -13.39 15.69 72.39
CA LYS S 139 -12.82 16.60 73.38
C LYS S 139 -11.40 16.23 73.78
N GLU S 140 -11.12 14.93 74.01
CA GLU S 140 -9.86 14.51 74.61
C GLU S 140 -8.66 14.77 73.70
N VAL S 141 -8.88 14.71 72.38
CA VAL S 141 -7.83 15.01 71.40
C VAL S 141 -8.24 16.15 70.48
N PHE S 142 -9.40 16.04 69.85
CA PHE S 142 -9.80 17.00 68.83
C PHE S 142 -10.22 18.35 69.41
N ASP S 143 -10.40 18.45 70.72
CA ASP S 143 -10.46 19.75 71.38
C ASP S 143 -9.31 19.91 72.37
N LYS S 144 -8.25 19.12 72.21
CA LYS S 144 -6.97 19.36 72.86
C LYS S 144 -5.94 19.96 71.92
N ILE S 145 -5.78 19.40 70.73
CA ILE S 145 -4.85 19.93 69.73
C ILE S 145 -5.53 20.87 68.75
N TYR S 146 -6.75 21.30 69.02
CA TYR S 146 -7.43 22.26 68.18
C TYR S 146 -8.03 23.36 69.04
N ASN S 147 -7.56 24.59 68.84
CA ASN S 147 -8.32 25.79 69.17
C ASN S 147 -8.78 26.50 67.91
N ILE S 148 -8.45 25.93 66.75
CA ILE S 148 -8.80 26.46 65.44
C ILE S 148 -10.22 26.05 65.04
N THR S 149 -10.93 25.35 65.92
CA THR S 149 -12.33 25.01 65.70
C THR S 149 -13.19 26.28 65.76
N GLN S 150 -14.27 26.28 64.99
CA GLN S 150 -15.25 27.35 64.84
C GLN S 150 -14.62 28.68 64.44
N LYS S 151 -13.57 28.67 63.64
CA LYS S 151 -13.16 29.82 62.86
C LYS S 151 -13.18 29.54 61.37
N GLU S 152 -12.95 28.29 60.97
CA GLU S 152 -12.96 27.90 59.55
C GLU S 152 -13.86 26.68 59.38
N LYS S 153 -14.70 26.41 60.38
CA LYS S 153 -15.29 25.09 60.57
C LYS S 153 -16.81 25.19 60.76
N VAL S 154 -17.55 24.36 60.01
CA VAL S 154 -18.94 24.02 60.32
C VAL S 154 -19.08 22.50 60.28
N LYS S 155 -17.96 21.80 60.49
CA LYS S 155 -17.83 20.39 60.15
C LYS S 155 -17.71 19.49 61.37
N ILE S 156 -18.42 19.79 62.45
CA ILE S 156 -18.41 18.93 63.64
C ILE S 156 -19.17 17.62 63.38
N GLU S 157 -19.98 17.57 62.32
CA GLU S 157 -20.77 16.37 62.03
C GLU S 157 -19.94 15.31 61.35
N LYS S 158 -18.92 15.71 60.59
CA LYS S 158 -18.11 14.76 59.84
C LYS S 158 -17.16 14.02 60.76
N VAL S 159 -16.56 14.73 61.71
CA VAL S 159 -15.73 14.07 62.72
C VAL S 159 -16.61 13.31 63.72
N LYS S 160 -17.89 13.65 63.81
CA LYS S 160 -18.81 12.83 64.59
C LYS S 160 -19.10 11.53 63.87
N GLU S 161 -19.30 11.60 62.55
CA GLU S 161 -19.75 10.44 61.79
C GLU S 161 -18.61 9.48 61.49
N ASP S 162 -17.37 9.97 61.48
CA ASP S 162 -16.27 9.16 60.99
C ASP S 162 -15.70 8.23 62.06
N ILE S 163 -15.70 8.69 63.32
CA ILE S 163 -15.06 7.93 64.39
C ILE S 163 -15.83 6.66 64.70
N LYS S 164 -17.15 6.69 64.59
CA LYS S 164 -18.00 5.54 64.84
C LYS S 164 -17.78 4.41 63.84
N GLU S 165 -17.20 4.68 62.67
CA GLU S 165 -16.94 3.66 61.66
C GLU S 165 -15.50 3.58 61.21
N LEU S 166 -14.64 4.53 61.58
CA LEU S 166 -13.20 4.31 61.40
C LEU S 166 -12.57 3.79 62.68
N PHE S 167 -12.63 4.59 63.74
CA PHE S 167 -11.79 4.32 64.90
C PHE S 167 -12.32 3.16 65.71
N SER S 168 -11.43 2.21 66.00
CA SER S 168 -11.69 1.09 66.88
C SER S 168 -10.34 0.55 67.33
N TYR S 169 -10.36 -0.55 68.07
CA TYR S 169 -9.17 -1.07 68.71
C TYR S 169 -9.42 -2.50 69.16
N TYR S 170 -8.34 -3.22 69.37
CA TYR S 170 -8.40 -4.54 69.98
C TYR S 170 -7.78 -4.40 71.36
N ALA S 171 -8.62 -4.10 72.33
CA ALA S 171 -8.22 -3.85 73.71
C ALA S 171 -7.75 -5.13 74.37
N LEU S 172 -6.89 -4.97 75.37
CA LEU S 172 -6.33 -6.12 76.08
C LEU S 172 -7.19 -6.50 77.29
N GLU S 173 -8.29 -5.77 77.50
CA GLU S 173 -9.26 -5.88 78.61
C GLU S 173 -8.63 -6.07 79.99
N GLN S 174 -7.52 -5.36 80.24
CA GLN S 174 -6.98 -5.21 81.59
C GLN S 174 -6.52 -3.78 81.83
N SER T 2 -60.56 -12.36 86.84
CA SER T 2 -60.13 -13.57 86.17
C SER T 2 -61.30 -14.46 85.77
N THR T 3 -61.49 -14.62 84.47
CA THR T 3 -62.49 -15.56 84.01
C THR T 3 -61.95 -16.99 84.13
N GLN T 4 -62.71 -17.83 84.82
CA GLN T 4 -62.34 -19.21 85.05
C GLN T 4 -62.46 -20.01 83.77
N ARG T 5 -61.43 -20.80 83.47
CA ARG T 5 -61.49 -21.66 82.31
C ARG T 5 -61.56 -23.11 82.75
N GLU T 6 -62.07 -23.97 81.88
CA GLU T 6 -62.02 -25.39 82.14
C GLU T 6 -61.71 -26.16 80.86
N TYR T 7 -60.82 -27.13 80.99
CA TYR T 7 -60.42 -27.99 79.88
C TYR T 7 -61.43 -29.10 79.77
N VAL T 8 -61.95 -29.32 78.58
CA VAL T 8 -62.81 -30.46 78.33
C VAL T 8 -61.98 -31.56 77.70
N PHE T 9 -62.16 -32.79 78.19
CA PHE T 9 -61.55 -33.93 77.54
C PHE T 9 -62.35 -34.30 76.29
N ILE T 10 -61.72 -35.06 75.40
CA ILE T 10 -62.41 -35.47 74.18
C ILE T 10 -62.01 -36.90 73.80
N PRO T 11 -62.80 -37.89 74.19
CA PRO T 11 -62.54 -39.28 73.79
C PRO T 11 -63.24 -39.60 72.48
N ILE T 12 -63.13 -40.87 72.09
CA ILE T 12 -63.90 -41.39 70.97
C ILE T 12 -65.25 -41.93 71.43
N THR T 13 -65.63 -41.67 72.67
CA THR T 13 -66.87 -42.20 73.25
C THR T 13 -67.87 -41.07 73.48
N ASN T 14 -69.05 -41.45 73.98
CA ASN T 14 -70.05 -40.50 74.48
C ASN T 14 -69.99 -40.50 75.99
N SER T 15 -68.96 -39.85 76.54
CA SER T 15 -68.83 -39.66 77.98
C SER T 15 -68.79 -38.20 78.36
N ILE T 16 -69.12 -37.30 77.44
CA ILE T 16 -68.83 -35.89 77.60
C ILE T 16 -70.06 -35.11 78.05
N THR T 17 -70.98 -35.76 78.75
CA THR T 17 -72.18 -35.06 79.19
C THR T 17 -71.90 -34.17 80.40
N ILE T 18 -71.53 -34.76 81.53
CA ILE T 18 -71.41 -34.04 82.79
C ILE T 18 -69.99 -33.48 82.88
N ASP T 19 -69.80 -32.27 82.40
CA ASP T 19 -68.51 -31.60 82.48
C ASP T 19 -68.62 -30.10 82.72
N VAL T 20 -69.83 -29.57 82.83
CA VAL T 20 -70.02 -28.14 82.54
C VAL T 20 -71.07 -27.58 83.47
N LYS T 21 -70.90 -26.31 83.83
CA LYS T 21 -71.99 -25.43 84.22
C LYS T 21 -72.23 -24.30 83.23
N ILE T 22 -71.21 -23.87 82.51
CA ILE T 22 -71.28 -22.69 81.65
C ILE T 22 -70.94 -23.16 80.24
N THR T 23 -71.97 -23.30 79.39
CA THR T 23 -71.78 -23.81 78.04
C THR T 23 -71.09 -22.80 77.12
N ILE T 24 -71.64 -21.60 77.00
CA ILE T 24 -71.17 -20.63 76.01
C ILE T 24 -70.16 -19.66 76.61
N GLY T 25 -69.72 -19.88 77.84
CA GLY T 25 -68.96 -18.85 78.52
C GLY T 25 -69.92 -17.76 78.96
N GLY T 26 -69.32 -16.62 79.33
CA GLY T 26 -70.10 -15.39 79.35
C GLY T 26 -70.25 -14.82 77.95
N SER T 27 -69.16 -14.29 77.40
CA SER T 27 -69.13 -13.85 76.01
C SER T 27 -67.77 -14.17 75.41
N ASP T 28 -66.90 -14.82 76.17
CA ASP T 28 -65.50 -14.91 75.78
C ASP T 28 -64.91 -16.26 76.16
N HIS T 29 -63.93 -16.68 75.36
CA HIS T 29 -63.22 -17.93 75.54
C HIS T 29 -61.76 -17.67 75.23
N ILE T 30 -61.01 -18.73 75.00
CA ILE T 30 -59.74 -18.60 74.30
C ILE T 30 -59.78 -19.32 72.96
N THR T 31 -60.67 -20.29 72.82
CA THR T 31 -60.72 -21.10 71.61
C THR T 31 -61.78 -20.54 70.68
N ASN T 32 -61.36 -20.14 69.48
CA ASN T 32 -62.25 -19.47 68.55
C ASN T 32 -62.13 -20.13 67.18
N ILE T 33 -63.28 -20.29 66.54
CA ILE T 33 -63.36 -21.06 65.30
C ILE T 33 -63.71 -20.09 64.18
N ASP T 34 -62.70 -19.63 63.46
CA ASP T 34 -62.86 -18.62 62.43
C ASP T 34 -62.81 -19.20 61.03
N GLU T 35 -63.24 -20.46 60.87
CA GLU T 35 -63.11 -21.29 59.67
C GLU T 35 -61.65 -21.49 59.28
N ARG T 36 -60.73 -21.30 60.22
CA ARG T 36 -59.30 -21.39 59.95
C ARG T 36 -58.61 -22.38 60.88
N GLY T 37 -59.31 -23.42 61.31
CA GLY T 37 -58.77 -24.32 62.28
C GLY T 37 -59.03 -23.86 63.69
N ILE T 38 -58.89 -24.81 64.61
CA ILE T 38 -59.23 -24.56 66.01
C ILE T 38 -58.07 -23.85 66.69
N HIS T 39 -58.37 -22.70 67.30
CA HIS T 39 -57.34 -21.77 67.74
C HIS T 39 -57.10 -21.92 69.24
N ASN T 40 -55.84 -21.68 69.63
CA ASN T 40 -55.38 -21.61 71.01
C ASN T 40 -55.66 -22.87 71.82
N VAL T 41 -55.61 -24.04 71.19
CA VAL T 41 -55.95 -25.28 71.95
C VAL T 41 -54.81 -25.54 72.92
N LEU T 42 -55.12 -26.07 74.10
CA LEU T 42 -54.04 -26.40 75.07
C LEU T 42 -53.77 -27.90 74.97
N VAL T 43 -52.54 -28.33 75.23
CA VAL T 43 -52.24 -29.79 75.18
C VAL T 43 -51.56 -30.20 76.49
N ILE T 44 -52.34 -30.64 77.46
CA ILE T 44 -51.76 -31.08 78.73
C ILE T 44 -50.76 -32.18 78.42
N THR T 45 -49.51 -31.93 78.77
CA THR T 45 -48.47 -32.93 78.65
C THR T 45 -48.48 -33.74 79.94
N GLY T 46 -47.80 -34.88 79.93
CA GLY T 46 -47.56 -35.59 81.16
C GLY T 46 -48.70 -36.40 81.71
N TYR T 47 -49.90 -36.35 81.10
CA TYR T 47 -51.04 -37.09 81.58
C TYR T 47 -51.55 -38.02 80.50
N ALA T 48 -52.60 -38.77 80.83
CA ALA T 48 -53.39 -39.55 79.89
C ALA T 48 -54.82 -39.60 80.39
N VAL T 49 -55.74 -40.08 79.55
CA VAL T 49 -57.12 -40.15 79.98
C VAL T 49 -57.37 -41.47 80.70
N ASP T 50 -58.49 -41.52 81.41
CA ASP T 50 -59.00 -42.76 82.00
C ASP T 50 -59.65 -43.55 80.87
N GLU T 51 -59.73 -44.87 81.04
CA GLU T 51 -60.30 -45.72 79.99
C GLU T 51 -61.80 -45.48 79.83
N LYS T 52 -62.57 -45.80 80.86
CA LYS T 52 -63.99 -45.49 80.92
C LYS T 52 -64.20 -44.43 81.97
N ASN T 53 -65.20 -43.56 81.74
CA ASN T 53 -65.42 -42.32 82.49
C ASN T 53 -64.13 -41.53 82.44
N GLY T 54 -63.71 -41.14 81.24
CA GLY T 54 -62.38 -40.62 81.01
C GLY T 54 -62.10 -39.25 81.55
N ARG T 55 -61.27 -39.16 82.57
CA ARG T 55 -60.68 -37.91 83.02
C ARG T 55 -59.18 -38.12 83.14
N LEU T 56 -58.44 -37.02 83.23
CA LEU T 56 -56.98 -37.06 83.12
C LEU T 56 -56.39 -37.66 84.38
N VAL T 57 -55.87 -38.87 84.25
CA VAL T 57 -55.07 -39.49 85.30
C VAL T 57 -53.68 -38.88 85.24
N PRO T 58 -53.07 -38.51 86.36
CA PRO T 58 -51.67 -38.07 86.32
C PRO T 58 -50.72 -39.25 86.22
N THR T 59 -50.23 -39.47 85.02
CA THR T 59 -49.11 -40.40 84.84
C THR T 59 -47.80 -39.61 84.92
N LEU T 60 -46.68 -40.30 84.75
CA LEU T 60 -45.38 -39.68 84.95
C LEU T 60 -44.52 -39.97 83.74
N ASP T 61 -44.70 -39.18 82.69
CA ASP T 61 -43.96 -39.30 81.44
C ASP T 61 -44.11 -38.01 80.65
N PRO T 62 -43.02 -37.34 80.28
CA PRO T 62 -43.13 -36.19 79.38
C PRO T 62 -43.48 -36.55 77.95
N CYS T 63 -43.48 -37.84 77.61
CA CYS T 63 -43.94 -38.32 76.31
C CYS T 63 -45.45 -38.42 76.22
N ASP T 64 -46.17 -38.23 77.33
CA ASP T 64 -47.60 -38.44 77.35
C ASP T 64 -48.35 -37.11 77.25
N TYR T 65 -49.44 -37.12 76.49
CA TYR T 65 -50.05 -35.87 76.04
C TYR T 65 -51.50 -36.13 75.67
N VAL T 66 -52.33 -35.11 75.84
CA VAL T 66 -53.72 -35.12 75.42
C VAL T 66 -54.02 -33.79 74.74
N LYS T 67 -54.98 -33.80 73.82
CA LYS T 67 -55.32 -32.61 73.06
C LYS T 67 -56.81 -32.36 73.11
N GLY T 68 -57.19 -31.20 73.62
CA GLY T 68 -58.61 -30.86 73.73
C GLY T 68 -58.78 -29.38 73.98
N ILE T 69 -60.02 -28.99 74.28
CA ILE T 69 -60.41 -27.58 74.28
C ILE T 69 -60.40 -27.06 75.72
N LEU T 70 -59.89 -25.85 75.90
CA LEU T 70 -59.98 -25.12 77.17
C LEU T 70 -61.06 -24.05 77.01
N VAL T 71 -62.19 -24.24 77.71
CA VAL T 71 -63.37 -23.40 77.57
C VAL T 71 -63.55 -22.63 78.88
N ALA T 72 -63.96 -21.36 78.78
CA ALA T 72 -64.16 -20.55 79.98
C ALA T 72 -65.46 -20.93 80.69
N GLY T 73 -65.34 -21.36 81.95
CA GLY T 73 -66.48 -21.79 82.74
C GLY T 73 -66.04 -22.49 84.02
N THR T 74 -66.96 -23.25 84.59
CA THR T 74 -66.76 -23.95 85.85
C THR T 74 -67.47 -25.31 85.79
N PRO T 75 -66.85 -26.37 86.36
CA PRO T 75 -67.39 -27.73 86.14
C PRO T 75 -68.74 -28.06 86.76
N GLN T 76 -68.84 -28.02 88.10
CA GLN T 76 -70.11 -28.26 88.79
C GLN T 76 -70.34 -27.26 89.91
N GLN T 77 -69.37 -26.37 90.18
CA GLN T 77 -69.32 -25.24 91.11
C GLN T 77 -69.19 -25.71 92.56
N ALA T 78 -69.36 -27.01 92.80
CA ALA T 78 -68.95 -27.59 94.08
C ALA T 78 -67.67 -28.40 93.91
N GLN T 79 -67.25 -28.58 92.66
CA GLN T 79 -66.06 -29.37 92.36
C GLN T 79 -64.80 -28.53 92.50
N SER T 80 -63.70 -29.11 92.05
CA SER T 80 -62.31 -28.65 92.17
C SER T 80 -61.88 -28.58 93.63
N ASN T 81 -62.53 -29.37 94.48
CA ASN T 81 -61.93 -29.92 95.69
C ASN T 81 -61.40 -31.31 95.37
N ASP T 82 -61.51 -31.67 94.09
CA ASP T 82 -61.03 -32.91 93.50
C ASP T 82 -60.37 -32.66 92.15
N PHE T 83 -60.40 -31.41 91.68
CA PHE T 83 -59.72 -31.02 90.45
C PHE T 83 -58.63 -30.02 90.81
N LEU T 84 -58.02 -29.38 89.81
CA LEU T 84 -56.88 -28.48 90.05
C LEU T 84 -57.32 -27.03 89.91
N THR T 85 -57.21 -26.29 91.02
CA THR T 85 -57.52 -24.87 91.05
C THR T 85 -56.21 -24.10 91.00
N LEU T 86 -55.95 -23.43 89.88
CA LEU T 86 -54.64 -22.82 89.68
C LEU T 86 -54.75 -21.73 88.61
N LYS T 87 -54.07 -20.62 88.87
CA LYS T 87 -54.14 -19.44 88.01
C LYS T 87 -52.79 -19.24 87.34
N LEU T 88 -52.78 -19.12 86.01
CA LEU T 88 -51.53 -19.03 85.25
C LEU T 88 -51.62 -17.91 84.23
N PRO T 89 -50.48 -17.29 83.87
CA PRO T 89 -50.49 -16.22 82.85
C PRO T 89 -50.49 -16.69 81.41
N ALA T 90 -50.84 -17.95 81.16
CA ALA T 90 -51.20 -18.56 79.87
C ALA T 90 -50.08 -18.71 78.86
N ASN T 91 -48.89 -18.16 79.13
CA ASN T 91 -47.74 -18.41 78.28
C ASN T 91 -46.89 -19.52 78.86
N LYS T 92 -47.37 -20.06 79.98
CA LYS T 92 -46.70 -21.19 80.65
C LYS T 92 -47.56 -22.40 80.31
N LEU T 93 -48.12 -22.43 79.11
CA LEU T 93 -49.00 -23.56 78.74
C LEU T 93 -48.96 -23.82 77.23
N TYR T 94 -48.68 -25.08 76.87
CA TYR T 94 -48.62 -25.53 75.47
C TYR T 94 -49.86 -25.05 74.72
N LEU T 95 -49.67 -24.35 73.61
CA LEU T 95 -50.83 -23.84 72.84
C LEU T 95 -50.65 -24.07 71.33
N ILE T 96 -51.76 -24.27 70.62
CA ILE T 96 -51.70 -24.60 69.17
C ILE T 96 -52.56 -23.61 68.37
N ARG T 97 -52.06 -23.20 67.21
CA ARG T 97 -52.77 -22.30 66.29
C ARG T 97 -53.16 -21.01 66.99
N LYS T 98 -52.15 -20.33 67.53
CA LYS T 98 -52.37 -19.19 68.41
C LYS T 98 -52.97 -17.99 67.69
N LYS T 99 -53.36 -16.99 68.48
CA LYS T 99 -53.87 -15.75 67.93
C LYS T 99 -53.42 -14.57 68.79
N GLY T 100 -52.44 -14.78 69.66
CA GLY T 100 -51.81 -13.72 70.40
C GLY T 100 -52.16 -13.70 71.87
N ASN T 101 -51.62 -12.69 72.55
CA ASN T 101 -51.94 -12.41 73.94
C ASN T 101 -53.41 -12.03 74.08
N ILE T 102 -54.13 -12.86 74.82
CA ILE T 102 -55.56 -12.70 74.98
C ILE T 102 -55.82 -11.84 76.21
N SER T 103 -55.40 -12.33 77.37
CA SER T 103 -55.63 -11.61 78.62
C SER T 103 -54.39 -11.61 79.49
N ASP T 104 -53.41 -12.44 79.12
CA ASP T 104 -52.14 -12.66 79.83
C ASP T 104 -52.38 -13.20 81.24
N ASP T 105 -53.50 -13.89 81.45
CA ASP T 105 -53.82 -14.59 82.70
C ASP T 105 -54.99 -15.53 82.44
N LEU T 106 -54.87 -16.74 83.00
CA LEU T 106 -55.97 -17.70 82.96
C LEU T 106 -56.09 -18.36 84.32
N LYS T 107 -57.27 -18.87 84.59
CA LYS T 107 -57.55 -19.65 85.79
C LYS T 107 -58.28 -20.90 85.34
N ILE T 108 -57.61 -22.03 85.42
CA ILE T 108 -58.04 -23.23 84.69
C ILE T 108 -58.53 -24.29 85.66
N TYR T 109 -59.42 -25.15 85.17
CA TYR T 109 -60.01 -26.24 85.92
C TYR T 109 -60.08 -27.46 85.01
N ILE T 110 -59.02 -28.26 85.00
CA ILE T 110 -58.93 -29.44 84.14
C ILE T 110 -59.41 -30.63 84.95
N PRO T 111 -59.94 -31.69 84.32
CA PRO T 111 -60.39 -32.84 85.09
C PRO T 111 -59.22 -33.64 85.63
N TYR T 112 -58.90 -33.43 86.91
CA TYR T 112 -57.78 -34.08 87.54
C TYR T 112 -58.26 -35.32 88.29
N SER T 113 -57.72 -36.47 87.93
CA SER T 113 -58.08 -37.70 88.58
C SER T 113 -56.98 -38.08 89.58
N SER T 114 -57.11 -39.17 90.09
CA SER T 114 -56.23 -39.77 91.07
C SER T 114 -55.09 -40.51 90.39
N PRO T 115 -53.95 -40.70 91.08
CA PRO T 115 -52.86 -41.49 90.51
C PRO T 115 -53.18 -42.96 90.28
N ASP T 116 -54.17 -43.51 91.01
CA ASP T 116 -54.70 -44.86 90.83
C ASP T 116 -53.62 -45.94 90.99
N ALA T 117 -53.07 -46.07 92.20
CA ALA T 117 -51.79 -46.71 92.45
C ALA T 117 -51.70 -48.20 92.16
N ARG T 118 -52.81 -48.89 91.89
CA ARG T 118 -52.73 -50.33 91.63
C ARG T 118 -52.65 -50.63 90.14
N ASN T 119 -52.82 -49.62 89.30
CA ASN T 119 -52.73 -49.83 87.86
C ASN T 119 -51.29 -49.80 87.40
N SER T 120 -50.97 -50.66 86.44
CA SER T 120 -49.63 -50.77 85.88
C SER T 120 -49.79 -50.57 84.37
N MET T 121 -50.44 -49.46 84.02
CA MET T 121 -51.01 -49.25 82.71
C MET T 121 -49.96 -49.21 81.60
N LYS T 122 -50.41 -49.49 80.39
CA LYS T 122 -49.67 -49.23 79.17
C LYS T 122 -50.46 -48.21 78.38
N THR T 123 -49.87 -47.05 78.13
CA THR T 123 -50.55 -46.00 77.39
C THR T 123 -50.58 -46.37 75.92
N LYS T 124 -51.71 -46.12 75.28
CA LYS T 124 -51.84 -46.36 73.86
C LYS T 124 -52.44 -45.13 73.20
N PRO T 125 -51.87 -44.66 72.09
CA PRO T 125 -52.40 -43.47 71.43
C PRO T 125 -53.74 -43.75 70.78
N VAL T 126 -54.60 -42.74 70.80
CA VAL T 126 -55.93 -42.84 70.22
C VAL T 126 -56.08 -41.72 69.21
N SER T 127 -56.65 -42.03 68.05
CA SER T 127 -56.87 -41.05 66.99
C SER T 127 -58.36 -40.89 66.74
N ILE T 128 -58.75 -39.69 66.32
CA ILE T 128 -60.14 -39.45 65.95
C ILE T 128 -60.32 -39.77 64.47
N SER T 129 -61.15 -40.76 64.18
CA SER T 129 -61.48 -41.15 62.82
C SER T 129 -62.85 -41.80 62.87
N ASP T 130 -63.20 -42.52 61.79
CA ASP T 130 -64.39 -43.37 61.71
C ASP T 130 -65.68 -42.56 61.90
N ASP T 131 -66.09 -41.85 60.84
CA ASP T 131 -66.95 -40.67 60.77
C ASP T 131 -68.11 -40.59 61.77
N THR T 132 -68.65 -41.74 62.18
CA THR T 132 -69.70 -41.76 63.20
C THR T 132 -69.20 -41.25 64.55
N ILE T 133 -67.90 -41.30 64.78
CA ILE T 133 -67.34 -40.81 66.04
C ILE T 133 -67.31 -39.29 66.03
N VAL T 134 -66.58 -38.71 65.08
CA VAL T 134 -66.31 -37.28 65.02
C VAL T 134 -67.56 -36.46 64.77
N ASN T 135 -68.47 -36.94 63.92
CA ASN T 135 -69.68 -36.19 63.63
C ASN T 135 -70.62 -36.22 64.82
N ASN T 136 -70.57 -37.28 65.62
CA ASN T 136 -71.28 -37.28 66.89
C ASN T 136 -70.68 -36.24 67.84
N ILE T 137 -69.35 -36.07 67.78
CA ILE T 137 -68.67 -35.13 68.66
C ILE T 137 -69.00 -33.69 68.27
N ILE T 138 -69.30 -33.44 67.00
CA ILE T 138 -69.92 -32.18 66.59
C ILE T 138 -71.27 -32.02 67.29
N LYS T 139 -72.06 -33.09 67.30
CA LYS T 139 -73.38 -33.04 67.92
C LYS T 139 -73.28 -33.03 69.44
N GLU T 140 -72.22 -33.61 69.99
CA GLU T 140 -72.09 -33.82 71.44
C GLU T 140 -71.49 -32.63 72.18
N VAL T 141 -70.41 -32.03 71.66
CA VAL T 141 -69.64 -31.08 72.45
C VAL T 141 -69.29 -29.87 71.60
N PHE T 142 -69.71 -29.84 70.33
CA PHE T 142 -69.38 -28.68 69.51
C PHE T 142 -70.56 -27.83 69.10
N ASP T 143 -71.79 -28.34 69.21
CA ASP T 143 -72.97 -27.49 69.20
C ASP T 143 -73.58 -27.32 70.57
N LYS T 144 -73.43 -28.30 71.46
CA LYS T 144 -73.88 -28.21 72.84
C LYS T 144 -73.10 -27.18 73.64
N ILE T 145 -71.84 -26.95 73.30
CA ILE T 145 -71.01 -26.02 74.06
C ILE T 145 -71.05 -24.64 73.44
N TYR T 146 -70.58 -24.52 72.20
CA TYR T 146 -70.63 -23.22 71.55
C TYR T 146 -72.03 -22.96 71.02
N ASN T 147 -72.53 -21.75 71.23
CA ASN T 147 -73.71 -21.29 70.51
C ASN T 147 -73.36 -20.72 69.15
N ILE T 148 -72.14 -20.21 68.98
CA ILE T 148 -71.74 -19.57 67.73
C ILE T 148 -71.66 -20.58 66.59
N THR T 149 -71.40 -21.85 66.90
CA THR T 149 -71.48 -22.89 65.90
C THR T 149 -72.91 -23.04 65.41
N GLN T 150 -73.05 -23.23 64.09
CA GLN T 150 -74.30 -23.15 63.34
C GLN T 150 -75.00 -21.80 63.53
N LYS T 151 -74.18 -20.75 63.66
CA LYS T 151 -74.62 -19.36 63.50
C LYS T 151 -73.66 -18.64 62.56
N GLU T 152 -72.44 -19.17 62.46
CA GLU T 152 -71.43 -18.60 61.58
C GLU T 152 -70.69 -19.74 60.86
N LYS T 153 -70.94 -20.97 61.32
CA LYS T 153 -70.25 -22.14 60.79
C LYS T 153 -70.96 -22.66 59.53
N VAL T 154 -70.40 -22.32 58.36
CA VAL T 154 -70.90 -22.83 57.09
C VAL T 154 -70.04 -23.94 56.54
N LYS T 155 -68.74 -23.97 56.81
CA LYS T 155 -67.92 -25.11 56.45
C LYS T 155 -67.65 -26.00 57.65
N ILE T 156 -68.63 -26.80 58.07
CA ILE T 156 -68.37 -27.80 59.10
C ILE T 156 -67.55 -28.96 58.55
N GLU T 157 -67.53 -29.11 57.23
CA GLU T 157 -66.76 -30.16 56.56
C GLU T 157 -65.27 -29.97 56.76
N LYS T 158 -64.82 -28.73 57.00
CA LYS T 158 -63.45 -28.48 57.40
C LYS T 158 -63.20 -29.01 58.80
N VAL T 159 -64.18 -28.83 59.70
CA VAL T 159 -64.00 -29.18 61.10
C VAL T 159 -64.01 -30.71 61.26
N LYS T 160 -64.74 -31.39 60.37
CA LYS T 160 -64.69 -32.84 60.31
C LYS T 160 -63.29 -33.32 59.92
N GLU T 161 -62.58 -32.52 59.12
CA GLU T 161 -61.18 -32.82 58.84
C GLU T 161 -60.30 -32.34 59.97
N ASP T 162 -60.75 -31.33 60.73
CA ASP T 162 -59.93 -30.76 61.79
C ASP T 162 -59.81 -31.71 62.97
N ILE T 163 -60.90 -32.39 63.31
CA ILE T 163 -60.87 -33.23 64.52
C ILE T 163 -60.12 -34.53 64.23
N LYS T 164 -60.18 -35.00 62.98
CA LYS T 164 -59.25 -36.01 62.48
C LYS T 164 -57.80 -35.58 62.63
N GLU T 165 -57.45 -34.43 62.07
CA GLU T 165 -56.08 -33.94 62.01
C GLU T 165 -55.56 -33.51 63.37
N LEU T 166 -56.23 -32.59 64.05
CA LEU T 166 -55.72 -32.01 65.28
C LEU T 166 -55.72 -32.95 66.47
N PHE T 167 -56.73 -33.78 66.65
CA PHE T 167 -57.00 -34.38 67.96
C PHE T 167 -56.46 -35.80 68.06
N SER T 168 -55.64 -36.02 69.09
CA SER T 168 -55.18 -37.32 69.54
C SER T 168 -54.81 -37.18 71.00
N TYR T 169 -54.66 -38.32 71.67
CA TYR T 169 -54.39 -38.33 73.10
C TYR T 169 -53.83 -39.69 73.50
N TYR T 170 -53.54 -39.87 74.79
CA TYR T 170 -53.15 -41.15 75.33
C TYR T 170 -54.22 -41.69 76.26
N ALA T 171 -54.45 -43.00 76.15
CA ALA T 171 -55.45 -43.72 76.93
C ALA T 171 -54.76 -44.61 77.95
N LEU T 172 -55.49 -44.97 79.00
CA LEU T 172 -54.91 -45.76 80.07
C LEU T 172 -54.76 -47.21 79.64
N GLU T 173 -55.76 -47.73 78.91
CA GLU T 173 -55.92 -49.03 78.26
C GLU T 173 -56.19 -50.18 79.24
N GLN T 174 -55.94 -49.98 80.53
CA GLN T 174 -56.21 -51.02 81.53
C GLN T 174 -56.61 -50.41 82.86
N SER U 2 -15.97 -85.93 78.02
CA SER U 2 -16.39 -85.35 79.29
C SER U 2 -17.73 -85.93 79.72
N THR U 3 -18.79 -85.30 79.22
CA THR U 3 -20.17 -85.73 79.43
C THR U 3 -20.86 -85.84 78.07
N GLN U 4 -21.90 -86.68 78.03
CA GLN U 4 -22.67 -86.91 76.82
C GLN U 4 -23.83 -85.93 76.74
N ARG U 5 -24.34 -85.69 75.53
CA ARG U 5 -25.46 -84.76 75.33
C ARG U 5 -26.40 -85.33 74.29
N GLU U 6 -27.33 -84.47 73.85
CA GLU U 6 -28.39 -84.87 72.92
C GLU U 6 -28.98 -83.61 72.29
N TYR U 7 -29.20 -83.66 70.99
CA TYR U 7 -29.77 -82.55 70.24
C TYR U 7 -31.30 -82.67 70.21
N VAL U 8 -31.98 -81.81 70.96
CA VAL U 8 -33.43 -81.76 70.97
C VAL U 8 -33.88 -80.45 70.33
N PHE U 9 -34.71 -80.56 69.30
CA PHE U 9 -35.04 -79.37 68.52
C PHE U 9 -36.52 -79.05 68.61
N ILE U 10 -36.86 -77.85 68.12
CA ILE U 10 -38.18 -77.25 68.33
C ILE U 10 -38.83 -77.01 66.98
N PRO U 11 -39.69 -77.91 66.51
CA PRO U 11 -40.57 -77.57 65.38
C PRO U 11 -41.77 -76.76 65.84
N ILE U 12 -42.72 -76.51 64.92
CA ILE U 12 -43.96 -75.86 65.29
C ILE U 12 -44.83 -76.81 66.13
N THR U 13 -44.59 -78.11 65.99
CA THR U 13 -45.44 -79.10 66.63
C THR U 13 -44.92 -79.46 68.02
N ASN U 14 -45.85 -79.66 68.94
CA ASN U 14 -45.56 -80.19 70.27
C ASN U 14 -45.94 -81.66 70.26
N SER U 15 -45.08 -82.48 69.66
CA SER U 15 -45.21 -83.93 69.63
C SER U 15 -43.81 -84.52 69.71
N ILE U 16 -42.87 -83.71 70.20
CA ILE U 16 -41.44 -83.99 70.18
C ILE U 16 -40.82 -83.93 71.56
N THR U 17 -41.64 -83.80 72.61
CA THR U 17 -41.12 -83.47 73.93
C THR U 17 -40.57 -84.68 74.67
N ILE U 18 -41.14 -85.86 74.49
CA ILE U 18 -40.69 -87.06 75.19
C ILE U 18 -40.15 -88.02 74.13
N ASP U 19 -38.86 -87.93 73.89
CA ASP U 19 -38.10 -88.92 73.13
C ASP U 19 -36.80 -89.08 73.89
N VAL U 20 -36.76 -88.47 75.08
CA VAL U 20 -35.56 -88.41 75.89
C VAL U 20 -35.80 -89.16 77.18
N LYS U 21 -34.72 -89.59 77.82
CA LYS U 21 -34.79 -90.26 79.11
C LYS U 21 -34.06 -89.49 80.21
N ILE U 22 -32.79 -89.17 80.00
CA ILE U 22 -31.96 -88.54 81.02
C ILE U 22 -32.03 -87.03 80.85
N THR U 23 -32.54 -86.35 81.88
CA THR U 23 -32.81 -84.92 81.82
C THR U 23 -31.71 -84.05 82.39
N ILE U 24 -31.11 -84.43 83.52
CA ILE U 24 -30.09 -83.62 84.16
C ILE U 24 -28.76 -84.36 84.22
N GLY U 25 -28.71 -85.48 84.94
CA GLY U 25 -27.61 -86.42 84.83
C GLY U 25 -26.29 -85.92 85.38
N GLY U 26 -25.68 -84.99 84.66
CA GLY U 26 -24.44 -84.39 85.12
C GLY U 26 -24.62 -82.91 85.43
N SER U 27 -23.53 -82.29 85.86
CA SER U 27 -23.49 -80.87 86.17
C SER U 27 -22.83 -80.04 85.07
N ASP U 28 -22.94 -80.48 83.81
CA ASP U 28 -22.26 -79.79 82.72
C ASP U 28 -23.23 -79.71 81.55
N HIS U 29 -23.98 -78.61 81.47
CA HIS U 29 -24.77 -78.28 80.29
C HIS U 29 -24.06 -77.16 79.53
N ILE U 30 -24.46 -77.00 78.27
CA ILE U 30 -23.96 -75.91 77.45
C ILE U 30 -25.06 -74.93 77.09
N THR U 31 -26.29 -75.41 76.89
CA THR U 31 -27.39 -74.53 76.56
C THR U 31 -27.77 -73.68 77.77
N ASN U 32 -27.23 -72.46 77.81
CA ASN U 32 -27.39 -71.60 78.96
C ASN U 32 -28.46 -70.57 78.68
N ILE U 33 -29.12 -70.12 79.75
CA ILE U 33 -30.10 -69.04 79.69
C ILE U 33 -29.60 -67.98 80.68
N ASP U 34 -28.87 -67.00 80.19
CA ASP U 34 -28.23 -66.00 81.05
C ASP U 34 -28.55 -64.60 80.55
N GLU U 35 -29.61 -64.02 81.11
CA GLU U 35 -29.89 -62.58 81.26
C GLU U 35 -29.83 -61.73 79.99
N ARG U 36 -29.67 -62.34 78.81
CA ARG U 36 -29.81 -61.58 77.58
C ARG U 36 -30.53 -62.38 76.50
N GLY U 37 -30.52 -63.70 76.64
CA GLY U 37 -31.17 -64.57 75.68
C GLY U 37 -30.70 -66.00 75.88
N ILE U 38 -31.05 -66.85 74.91
CA ILE U 38 -30.57 -68.22 74.93
C ILE U 38 -29.09 -68.21 74.56
N HIS U 39 -28.30 -69.05 75.22
CA HIS U 39 -26.90 -69.16 74.89
C HIS U 39 -26.60 -70.55 74.35
N ASN U 40 -25.71 -70.58 73.33
CA ASN U 40 -25.22 -71.80 72.69
C ASN U 40 -26.35 -72.63 72.06
N VAL U 41 -26.96 -72.08 71.02
CA VAL U 41 -27.93 -72.78 70.20
C VAL U 41 -27.20 -73.47 69.06
N LEU U 42 -27.52 -74.74 68.82
CA LEU U 42 -26.95 -75.49 67.70
C LEU U 42 -27.89 -75.41 66.51
N VAL U 43 -27.33 -75.17 65.34
CA VAL U 43 -28.06 -75.25 64.07
C VAL U 43 -27.41 -76.34 63.25
N ILE U 44 -28.23 -77.24 62.72
CA ILE U 44 -27.77 -78.37 61.95
C ILE U 44 -28.27 -78.21 60.52
N THR U 45 -27.33 -78.15 59.57
CA THR U 45 -27.69 -77.92 58.18
C THR U 45 -27.96 -79.23 57.47
N GLY U 46 -28.61 -79.12 56.32
CA GLY U 46 -29.01 -80.27 55.52
C GLY U 46 -30.29 -80.95 55.96
N TYR U 47 -30.46 -81.12 57.26
CA TYR U 47 -31.55 -81.94 57.78
C TYR U 47 -32.82 -81.11 57.89
N ALA U 48 -33.96 -81.81 57.88
CA ALA U 48 -35.27 -81.18 57.84
C ALA U 48 -36.17 -81.83 58.89
N VAL U 49 -37.34 -81.25 59.11
CA VAL U 49 -38.29 -81.81 60.06
C VAL U 49 -39.37 -82.57 59.30
N ASP U 50 -39.80 -83.70 59.87
CA ASP U 50 -40.81 -84.58 59.28
C ASP U 50 -41.94 -84.74 60.30
N GLU U 51 -42.52 -83.57 60.67
CA GLU U 51 -43.06 -83.23 62.00
C GLU U 51 -43.86 -84.34 62.71
N LYS U 52 -44.51 -85.22 61.97
CA LYS U 52 -45.17 -86.38 62.57
C LYS U 52 -44.10 -87.37 63.05
N ASN U 53 -43.94 -87.44 64.38
CA ASN U 53 -42.75 -87.98 65.05
C ASN U 53 -41.55 -87.24 64.48
N GLY U 54 -41.47 -85.95 64.78
CA GLY U 54 -40.57 -85.05 64.07
C GLY U 54 -39.11 -85.34 64.33
N ARG U 55 -38.39 -85.77 63.29
CA ARG U 55 -36.98 -86.14 63.38
C ARG U 55 -36.26 -85.46 62.23
N LEU U 56 -35.04 -85.92 61.97
CA LEU U 56 -34.22 -85.30 60.92
C LEU U 56 -34.09 -86.26 59.74
N VAL U 57 -34.99 -86.12 58.78
CA VAL U 57 -34.87 -86.77 57.48
C VAL U 57 -33.70 -86.14 56.74
N PRO U 58 -32.70 -86.90 56.36
CA PRO U 58 -31.56 -86.33 55.63
C PRO U 58 -31.94 -85.94 54.21
N THR U 59 -32.07 -84.65 53.97
CA THR U 59 -32.16 -84.09 52.64
C THR U 59 -30.81 -83.48 52.28
N LEU U 60 -30.44 -83.57 51.01
CA LEU U 60 -29.11 -83.12 50.62
C LEU U 60 -29.14 -81.75 49.97
N ASP U 61 -29.99 -80.88 50.49
CA ASP U 61 -29.92 -79.45 50.19
C ASP U 61 -29.09 -78.79 51.27
N PRO U 62 -28.01 -78.09 50.93
CA PRO U 62 -27.29 -77.31 51.95
C PRO U 62 -28.07 -76.12 52.48
N CYS U 63 -29.06 -75.61 51.73
CA CYS U 63 -29.90 -74.51 52.19
C CYS U 63 -30.79 -74.90 53.36
N ASP U 64 -31.02 -76.20 53.57
CA ASP U 64 -31.84 -76.66 54.68
C ASP U 64 -31.10 -76.50 55.99
N TYR U 65 -31.87 -76.31 57.05
CA TYR U 65 -31.35 -76.16 58.40
C TYR U 65 -32.51 -76.37 59.36
N VAL U 66 -32.18 -76.79 60.57
CA VAL U 66 -33.13 -76.88 61.67
C VAL U 66 -32.46 -76.28 62.89
N LYS U 67 -33.15 -75.38 63.58
CA LYS U 67 -32.66 -74.79 64.81
C LYS U 67 -33.17 -75.57 66.00
N GLY U 68 -32.27 -75.89 66.93
CA GLY U 68 -32.65 -76.59 68.14
C GLY U 68 -31.66 -76.42 69.27
N ILE U 69 -31.93 -77.03 70.42
CA ILE U 69 -31.07 -76.89 71.58
C ILE U 69 -30.40 -78.23 71.88
N LEU U 70 -29.58 -78.24 72.91
CA LEU U 70 -28.81 -79.43 73.27
C LEU U 70 -28.80 -79.59 74.78
N VAL U 71 -29.24 -80.75 75.25
CA VAL U 71 -29.26 -81.07 76.68
C VAL U 71 -28.53 -82.39 76.86
N ALA U 72 -28.11 -82.64 78.10
CA ALA U 72 -27.27 -83.80 78.39
C ALA U 72 -28.12 -85.04 78.64
N GLY U 73 -27.57 -86.18 78.23
CA GLY U 73 -28.14 -87.47 78.60
C GLY U 73 -28.47 -88.36 77.41
N THR U 74 -28.62 -89.64 77.73
CA THR U 74 -28.98 -90.69 76.80
C THR U 74 -30.49 -90.74 76.66
N PRO U 75 -31.02 -90.56 75.46
CA PRO U 75 -32.47 -90.54 75.28
C PRO U 75 -33.06 -91.93 75.04
N GLN U 76 -34.27 -92.19 75.55
CA GLN U 76 -35.14 -93.27 75.08
C GLN U 76 -34.51 -94.65 75.21
N GLN U 77 -34.54 -95.24 76.41
CA GLN U 77 -33.71 -96.38 76.89
C GLN U 77 -33.55 -97.53 75.89
N ALA U 78 -34.45 -97.69 74.92
CA ALA U 78 -34.19 -98.53 73.77
C ALA U 78 -33.58 -97.69 72.64
N GLN U 79 -32.34 -97.24 72.85
CA GLN U 79 -31.76 -96.19 72.01
C GLN U 79 -30.90 -96.78 70.90
N SER U 80 -30.41 -95.87 70.04
CA SER U 80 -29.48 -96.15 68.94
C SER U 80 -30.07 -97.10 67.89
N ASN U 81 -31.39 -97.21 67.89
CA ASN U 81 -32.13 -97.99 66.91
C ASN U 81 -32.74 -97.11 65.82
N ASP U 82 -32.89 -95.82 66.09
CA ASP U 82 -33.31 -94.87 65.07
C ASP U 82 -32.61 -93.52 65.25
N PHE U 83 -31.48 -93.50 65.96
CA PHE U 83 -30.82 -92.22 66.21
C PHE U 83 -29.47 -92.16 65.52
N LEU U 84 -28.81 -91.01 65.68
CA LEU U 84 -27.44 -90.82 65.18
C LEU U 84 -26.58 -90.35 66.35
N THR U 85 -25.51 -91.07 66.61
CA THR U 85 -24.59 -90.75 67.69
C THR U 85 -23.18 -90.62 67.14
N LEU U 86 -22.46 -89.61 67.63
CA LEU U 86 -21.10 -89.31 67.21
C LEU U 86 -20.45 -88.39 68.23
N LYS U 87 -19.16 -88.60 68.48
CA LYS U 87 -18.39 -87.73 69.34
C LYS U 87 -17.40 -86.91 68.54
N LEU U 88 -17.24 -85.65 68.95
CA LEU U 88 -16.52 -84.62 68.23
C LEU U 88 -15.70 -83.82 69.22
N PRO U 89 -14.69 -83.07 68.76
CA PRO U 89 -14.04 -82.10 69.65
C PRO U 89 -14.77 -80.78 69.81
N ALA U 90 -16.02 -80.68 69.35
CA ALA U 90 -16.97 -79.59 69.55
C ALA U 90 -16.50 -78.25 68.99
N ASN U 91 -15.46 -78.21 68.14
CA ASN U 91 -15.11 -77.00 67.42
C ASN U 91 -15.80 -76.94 66.07
N LYS U 92 -16.08 -78.10 65.48
CA LYS U 92 -16.80 -78.18 64.22
C LYS U 92 -18.29 -78.04 64.38
N LEU U 93 -18.79 -77.89 65.60
CA LEU U 93 -20.21 -77.63 65.79
C LEU U 93 -20.53 -76.21 65.37
N TYR U 94 -21.56 -76.09 64.54
CA TYR U 94 -22.06 -74.77 64.15
C TYR U 94 -23.04 -74.26 65.21
N LEU U 95 -22.46 -73.61 66.21
CA LEU U 95 -23.17 -73.22 67.41
C LEU U 95 -23.35 -71.70 67.41
N ILE U 96 -24.60 -71.25 67.40
CA ILE U 96 -24.92 -69.83 67.36
C ILE U 96 -25.36 -69.38 68.74
N ARG U 97 -25.49 -68.06 68.89
CA ARG U 97 -25.68 -67.39 70.19
C ARG U 97 -24.65 -67.85 71.21
N LYS U 98 -23.37 -67.79 70.85
CA LYS U 98 -22.34 -68.41 71.65
C LYS U 98 -21.76 -67.42 72.67
N LYS U 99 -21.94 -67.71 73.95
CA LYS U 99 -21.26 -66.96 75.00
C LYS U 99 -20.31 -67.80 75.86
N GLY U 100 -20.76 -68.90 76.44
CA GLY U 100 -19.97 -69.62 77.42
C GLY U 100 -18.79 -70.35 76.82
N ASN U 101 -18.01 -70.97 77.70
CA ASN U 101 -16.85 -71.76 77.32
C ASN U 101 -17.26 -73.21 77.15
N ILE U 102 -16.88 -73.81 76.02
CA ILE U 102 -17.07 -75.25 75.87
C ILE U 102 -15.90 -75.99 76.49
N SER U 103 -16.16 -77.23 76.93
CA SER U 103 -15.09 -78.12 77.34
C SER U 103 -14.72 -79.11 76.25
N ASP U 104 -14.96 -78.74 74.98
CA ASP U 104 -14.52 -79.32 73.70
C ASP U 104 -14.59 -80.85 73.61
N ASP U 105 -15.52 -81.49 74.30
CA ASP U 105 -15.77 -82.93 74.17
C ASP U 105 -17.25 -83.17 74.41
N LEU U 106 -17.85 -84.00 73.55
CA LEU U 106 -19.27 -84.28 73.67
C LEU U 106 -19.59 -85.62 73.01
N LYS U 107 -20.69 -86.23 73.46
CA LYS U 107 -21.30 -87.38 72.82
C LYS U 107 -22.76 -87.03 72.61
N ILE U 108 -23.14 -86.74 71.38
CA ILE U 108 -24.45 -86.19 71.09
C ILE U 108 -25.30 -87.24 70.42
N TYR U 109 -26.60 -87.22 70.69
CA TYR U 109 -27.56 -88.11 70.07
C TYR U 109 -28.50 -87.29 69.20
N ILE U 110 -28.72 -87.74 67.97
CA ILE U 110 -29.40 -86.97 66.95
C ILE U 110 -30.63 -87.75 66.53
N PRO U 111 -31.83 -87.17 66.55
CA PRO U 111 -33.03 -87.87 66.05
C PRO U 111 -32.98 -88.09 64.55
N TYR U 112 -33.01 -89.34 64.12
CA TYR U 112 -32.91 -89.69 62.71
C TYR U 112 -34.17 -90.39 62.24
N SER U 113 -34.60 -90.06 61.02
CA SER U 113 -35.69 -90.77 60.39
C SER U 113 -35.20 -91.28 59.03
N SER U 114 -36.01 -92.14 58.43
CA SER U 114 -35.61 -92.73 57.16
C SER U 114 -35.72 -91.70 56.05
N PRO U 115 -34.84 -91.76 55.05
CA PRO U 115 -34.83 -90.72 54.02
C PRO U 115 -36.00 -90.75 53.05
N ASP U 116 -36.87 -91.78 53.12
CA ASP U 116 -38.14 -91.86 52.40
C ASP U 116 -37.97 -91.75 50.90
N ALA U 117 -37.36 -92.76 50.27
CA ALA U 117 -37.12 -92.76 48.85
C ALA U 117 -38.29 -93.30 48.04
N ARG U 118 -39.51 -93.22 48.60
CA ARG U 118 -40.67 -93.80 47.93
C ARG U 118 -41.33 -92.81 46.98
N ASN U 119 -41.35 -91.53 47.35
CA ASN U 119 -41.73 -90.45 46.45
C ASN U 119 -40.90 -89.23 46.82
N SER U 120 -40.90 -88.25 45.92
CA SER U 120 -39.97 -87.11 46.04
C SER U 120 -40.34 -86.20 47.20
N MET U 121 -39.46 -85.24 47.47
CA MET U 121 -39.51 -84.46 48.69
C MET U 121 -39.42 -82.97 48.37
N LYS U 122 -40.38 -82.18 48.89
CA LYS U 122 -40.36 -80.74 48.74
C LYS U 122 -40.71 -80.09 50.07
N THR U 123 -39.87 -79.15 50.50
CA THR U 123 -39.95 -78.60 51.85
C THR U 123 -40.66 -77.25 51.87
N LYS U 124 -40.62 -76.60 53.04
CA LYS U 124 -41.40 -75.41 53.32
C LYS U 124 -40.86 -74.71 54.56
N PRO U 125 -40.71 -73.39 54.52
CA PRO U 125 -40.22 -72.65 55.69
C PRO U 125 -41.29 -72.44 56.74
N VAL U 126 -40.94 -72.75 57.99
CA VAL U 126 -41.86 -72.57 59.10
C VAL U 126 -41.17 -71.72 60.17
N SER U 127 -41.80 -70.60 60.50
CA SER U 127 -41.47 -69.83 61.68
C SER U 127 -42.49 -70.16 62.76
N ILE U 128 -42.13 -69.86 64.00
CA ILE U 128 -42.96 -70.19 65.15
C ILE U 128 -43.49 -68.90 65.74
N SER U 129 -44.82 -68.75 65.72
CA SER U 129 -45.50 -67.54 66.14
C SER U 129 -46.83 -67.97 66.75
N ASP U 130 -47.79 -67.02 66.80
CA ASP U 130 -49.15 -67.25 67.29
C ASP U 130 -49.15 -67.69 68.74
N ASP U 131 -48.91 -66.73 69.66
CA ASP U 131 -48.50 -66.88 71.07
C ASP U 131 -49.13 -68.02 71.86
N THR U 132 -50.33 -68.47 71.47
CA THR U 132 -50.86 -69.74 71.94
C THR U 132 -49.92 -70.90 71.61
N ILE U 133 -49.18 -70.79 70.51
CA ILE U 133 -48.13 -71.74 70.18
C ILE U 133 -46.79 -71.27 70.75
N VAL U 134 -46.81 -70.38 71.72
CA VAL U 134 -45.61 -70.02 72.47
C VAL U 134 -45.75 -70.35 73.96
N ASN U 135 -46.97 -70.23 74.53
CA ASN U 135 -47.17 -70.45 75.97
C ASN U 135 -46.90 -71.89 76.36
N ASN U 136 -47.60 -72.82 75.70
CA ASN U 136 -47.51 -74.24 76.00
C ASN U 136 -46.15 -74.84 75.65
N ILE U 137 -45.40 -74.20 74.76
CA ILE U 137 -44.14 -74.77 74.30
C ILE U 137 -43.05 -74.67 75.37
N ILE U 138 -43.01 -73.57 76.11
CA ILE U 138 -41.90 -73.34 77.04
C ILE U 138 -42.04 -74.23 78.27
N LYS U 139 -43.27 -74.67 78.58
CA LYS U 139 -43.47 -75.62 79.68
C LYS U 139 -42.80 -76.95 79.39
N GLU U 140 -42.88 -77.41 78.14
CA GLU U 140 -42.35 -78.72 77.77
C GLU U 140 -40.92 -78.70 77.25
N VAL U 141 -40.23 -77.56 77.25
CA VAL U 141 -38.81 -77.55 76.95
C VAL U 141 -37.96 -76.99 78.10
N PHE U 142 -38.38 -75.89 78.74
CA PHE U 142 -37.50 -75.19 79.67
C PHE U 142 -37.94 -75.33 81.12
N ASP U 143 -39.05 -76.03 81.38
CA ASP U 143 -39.34 -76.53 82.72
C ASP U 143 -39.03 -78.01 82.85
N LYS U 144 -38.52 -78.64 81.78
CA LYS U 144 -38.22 -80.05 81.78
C LYS U 144 -36.77 -80.34 82.07
N ILE U 145 -35.88 -79.38 81.83
CA ILE U 145 -34.46 -79.54 82.14
C ILE U 145 -34.08 -78.48 83.15
N TYR U 146 -34.53 -77.26 82.90
CA TYR U 146 -34.23 -76.11 83.74
C TYR U 146 -35.45 -75.72 84.58
N ASN U 147 -35.22 -74.83 85.53
CA ASN U 147 -36.29 -74.29 86.35
C ASN U 147 -36.12 -72.80 86.61
N ILE U 148 -35.63 -72.05 85.63
CA ILE U 148 -35.49 -70.61 85.82
C ILE U 148 -36.86 -69.93 85.72
N THR U 149 -37.77 -70.49 84.93
CA THR U 149 -39.10 -69.93 84.70
C THR U 149 -39.91 -69.76 85.96
N GLN U 150 -40.30 -68.51 86.24
CA GLN U 150 -41.06 -68.04 87.41
C GLN U 150 -40.25 -68.19 88.71
N LYS U 151 -38.96 -68.50 88.63
CA LYS U 151 -38.20 -68.73 89.85
C LYS U 151 -36.97 -67.83 89.94
N GLU U 152 -36.26 -67.66 88.82
CA GLU U 152 -35.07 -66.82 88.82
C GLU U 152 -34.97 -65.92 87.59
N LYS U 153 -36.09 -65.37 87.12
CA LYS U 153 -36.09 -64.54 85.93
C LYS U 153 -37.12 -63.43 86.09
N VAL U 154 -36.83 -62.28 85.49
CA VAL U 154 -37.79 -61.18 85.47
C VAL U 154 -38.74 -61.26 84.28
N LYS U 155 -38.23 -61.44 83.06
CA LYS U 155 -39.06 -61.41 81.85
C LYS U 155 -39.07 -62.78 81.19
N ILE U 156 -40.19 -63.50 81.36
CA ILE U 156 -40.42 -64.72 80.61
C ILE U 156 -41.06 -64.44 79.26
N GLU U 157 -41.47 -63.20 79.01
CA GLU U 157 -41.78 -62.78 77.65
C GLU U 157 -40.52 -62.65 76.79
N LYS U 158 -39.36 -62.48 77.42
CA LYS U 158 -38.10 -62.43 76.69
C LYS U 158 -37.82 -63.75 75.99
N VAL U 159 -38.17 -64.86 76.64
CA VAL U 159 -38.03 -66.15 76.00
C VAL U 159 -39.31 -66.51 75.26
N LYS U 160 -40.29 -65.62 75.29
CA LYS U 160 -41.41 -65.75 74.37
C LYS U 160 -41.12 -65.02 73.07
N GLU U 161 -40.35 -63.93 73.14
CA GLU U 161 -40.09 -63.18 71.93
C GLU U 161 -38.89 -63.74 71.17
N ASP U 162 -37.96 -64.41 71.86
CA ASP U 162 -36.82 -64.96 71.15
C ASP U 162 -37.23 -66.20 70.34
N ILE U 163 -38.15 -66.99 70.89
CA ILE U 163 -38.60 -68.19 70.20
C ILE U 163 -39.46 -67.83 69.00
N LYS U 164 -40.00 -66.62 68.97
CA LYS U 164 -40.58 -66.08 67.75
C LYS U 164 -39.63 -65.11 67.05
N GLU U 165 -38.36 -65.11 67.42
CA GLU U 165 -37.32 -64.43 66.65
C GLU U 165 -36.18 -65.35 66.27
N LEU U 166 -35.91 -66.41 67.03
CA LEU U 166 -34.79 -67.27 66.69
C LEU U 166 -35.21 -68.44 65.83
N PHE U 167 -36.03 -69.33 66.36
CA PHE U 167 -36.11 -70.70 65.87
C PHE U 167 -36.89 -70.76 64.56
N SER U 168 -36.22 -71.22 63.51
CA SER U 168 -36.82 -71.42 62.22
C SER U 168 -36.13 -72.60 61.55
N TYR U 169 -36.80 -73.19 60.57
CA TYR U 169 -36.37 -74.44 59.96
C TYR U 169 -37.10 -74.63 58.65
N TYR U 170 -36.79 -75.74 57.97
CA TYR U 170 -37.57 -76.24 56.87
C TYR U 170 -38.20 -77.58 57.24
N ALA U 171 -39.52 -77.62 57.27
CA ALA U 171 -40.23 -78.87 57.46
C ALA U 171 -40.38 -79.56 56.12
N LEU U 172 -40.40 -80.89 56.16
CA LEU U 172 -40.64 -81.67 54.96
C LEU U 172 -42.12 -81.82 54.67
N GLU U 173 -42.89 -82.08 55.73
CA GLU U 173 -44.34 -81.86 55.84
C GLU U 173 -45.15 -82.43 54.68
N GLN U 174 -44.91 -83.72 54.41
CA GLN U 174 -45.76 -84.47 53.50
C GLN U 174 -46.82 -85.21 54.31
N SER V 2 -13.31 68.35 -14.98
CA SER V 2 -13.60 66.92 -14.90
C SER V 2 -14.89 66.57 -15.63
N THR V 3 -15.09 65.28 -15.85
CA THR V 3 -16.35 64.78 -16.39
C THR V 3 -17.19 64.19 -15.27
N GLN V 4 -18.47 64.02 -15.56
CA GLN V 4 -19.47 63.68 -14.57
C GLN V 4 -20.22 62.44 -15.04
N ARG V 5 -19.96 61.31 -14.39
CA ARG V 5 -20.58 60.03 -14.71
C ARG V 5 -21.79 59.83 -13.80
N GLU V 6 -22.91 59.46 -14.39
CA GLU V 6 -24.13 59.27 -13.61
C GLU V 6 -24.54 57.81 -13.62
N TYR V 7 -25.14 57.38 -12.53
CA TYR V 7 -25.36 55.97 -12.25
C TYR V 7 -26.80 55.59 -12.52
N VAL V 8 -27.02 54.82 -13.58
CA VAL V 8 -28.32 54.21 -13.80
C VAL V 8 -28.24 52.76 -13.32
N PHE V 9 -28.84 52.56 -12.15
CA PHE V 9 -29.06 51.23 -11.57
C PHE V 9 -29.87 50.37 -12.53
N ILE V 10 -29.64 49.07 -12.51
CA ILE V 10 -30.33 48.19 -13.44
C ILE V 10 -31.17 47.20 -12.66
N PRO V 11 -32.41 47.52 -12.35
CA PRO V 11 -33.29 46.56 -11.71
C PRO V 11 -34.05 45.78 -12.75
N ILE V 12 -35.00 44.95 -12.33
CA ILE V 12 -36.00 44.47 -13.26
C ILE V 12 -37.00 45.58 -13.57
N THR V 13 -37.23 46.46 -12.59
CA THR V 13 -38.34 47.40 -12.65
C THR V 13 -38.05 48.55 -13.60
N ASN V 14 -39.11 49.26 -13.98
CA ASN V 14 -39.02 50.46 -14.81
C ASN V 14 -39.05 51.69 -13.91
N SER V 15 -37.98 51.86 -13.12
CA SER V 15 -37.71 53.16 -12.51
C SER V 15 -36.55 53.76 -13.28
N ILE V 16 -36.24 53.14 -14.41
CA ILE V 16 -35.12 53.53 -15.26
C ILE V 16 -35.56 53.83 -16.69
N THR V 17 -36.73 54.43 -16.88
CA THR V 17 -37.08 54.97 -18.19
C THR V 17 -36.10 56.03 -18.62
N ILE V 18 -36.11 57.18 -17.95
CA ILE V 18 -35.07 58.20 -18.09
C ILE V 18 -35.06 59.05 -16.83
N ASP V 19 -33.86 59.27 -16.29
CA ASP V 19 -33.69 60.20 -15.19
C ASP V 19 -32.66 61.27 -15.50
N VAL V 20 -31.80 61.02 -16.48
CA VAL V 20 -30.73 61.93 -16.83
C VAL V 20 -31.19 62.81 -17.99
N LYS V 21 -30.78 64.09 -17.96
CA LYS V 21 -31.03 64.99 -19.08
C LYS V 21 -29.81 65.12 -19.98
N ILE V 22 -28.83 64.23 -19.86
CA ILE V 22 -27.66 64.21 -20.73
C ILE V 22 -27.52 62.81 -21.29
N THR V 23 -27.38 62.71 -22.62
CA THR V 23 -27.34 61.42 -23.29
C THR V 23 -26.05 61.15 -24.07
N ILE V 24 -25.02 61.99 -23.93
CA ILE V 24 -23.69 61.58 -24.36
C ILE V 24 -22.66 61.91 -23.27
N GLY V 25 -22.99 62.86 -22.40
CA GLY V 25 -22.05 63.33 -21.41
C GLY V 25 -20.81 63.95 -22.01
N GLY V 26 -19.71 63.23 -21.95
CA GLY V 26 -18.54 63.58 -22.74
C GLY V 26 -18.71 63.02 -24.15
N SER V 27 -17.69 62.35 -24.66
CA SER V 27 -17.84 61.57 -25.89
C SER V 27 -17.79 60.07 -25.61
N ASP V 28 -18.13 59.66 -24.40
CA ASP V 28 -17.91 58.29 -23.95
C ASP V 28 -18.91 57.92 -22.87
N HIS V 29 -18.90 56.63 -22.55
CA HIS V 29 -19.40 56.14 -21.28
C HIS V 29 -18.34 55.18 -20.77
N ILE V 30 -18.34 54.94 -19.47
CA ILE V 30 -17.46 53.91 -18.91
C ILE V 30 -17.92 52.54 -19.33
N THR V 31 -19.18 52.22 -19.05
CA THR V 31 -19.80 50.98 -19.46
C THR V 31 -19.95 50.98 -20.96
N ASN V 32 -19.58 49.87 -21.61
CA ASN V 32 -19.45 49.87 -23.04
C ASN V 32 -20.08 48.61 -23.61
N ILE V 33 -20.16 48.55 -24.93
CA ILE V 33 -20.52 47.35 -25.67
C ILE V 33 -19.48 47.19 -26.76
N ASP V 34 -18.52 46.29 -26.56
CA ASP V 34 -17.36 46.18 -27.42
C ASP V 34 -17.49 45.05 -28.43
N GLU V 35 -18.71 44.84 -28.96
CA GLU V 35 -19.08 43.80 -29.91
C GLU V 35 -18.80 42.39 -29.40
N ARG V 36 -18.62 42.24 -28.11
CA ARG V 36 -18.47 40.91 -27.51
C ARG V 36 -19.10 40.81 -26.13
N GLY V 37 -19.74 41.86 -25.64
CA GLY V 37 -20.30 41.86 -24.29
C GLY V 37 -20.19 43.21 -23.61
N ILE V 38 -20.89 43.35 -22.50
CA ILE V 38 -20.91 44.61 -21.78
C ILE V 38 -19.77 44.66 -20.77
N HIS V 39 -19.04 45.78 -20.78
CA HIS V 39 -17.83 45.91 -19.98
C HIS V 39 -18.00 46.97 -18.91
N ASN V 40 -17.06 46.99 -17.97
CA ASN V 40 -16.81 48.12 -17.05
C ASN V 40 -18.00 48.43 -16.16
N VAL V 41 -18.80 47.41 -15.86
CA VAL V 41 -20.01 47.62 -15.09
C VAL V 41 -19.65 47.86 -13.64
N LEU V 42 -20.11 48.97 -13.10
CA LEU V 42 -19.92 49.30 -11.69
C LEU V 42 -20.77 48.35 -10.87
N VAL V 43 -20.32 48.04 -9.67
CA VAL V 43 -21.13 47.30 -8.71
C VAL V 43 -21.10 48.06 -7.40
N ILE V 44 -22.27 48.46 -6.95
CA ILE V 44 -22.41 49.22 -5.72
C ILE V 44 -22.62 48.24 -4.58
N THR V 45 -21.80 48.37 -3.54
CA THR V 45 -21.74 47.41 -2.45
C THR V 45 -22.36 47.99 -1.19
N GLY V 46 -22.99 47.14 -0.40
CA GLY V 46 -23.56 47.56 0.86
C GLY V 46 -24.79 48.42 0.76
N TYR V 47 -25.35 48.59 -0.44
CA TYR V 47 -26.58 49.34 -0.62
C TYR V 47 -27.62 48.39 -1.20
N ALA V 48 -28.88 48.81 -1.23
CA ALA V 48 -29.94 47.95 -1.70
C ALA V 48 -31.03 48.74 -2.42
N VAL V 49 -31.69 48.06 -3.33
CA VAL V 49 -32.73 48.65 -4.17
C VAL V 49 -34.03 48.67 -3.40
N ASP V 50 -34.76 49.80 -3.48
CA ASP V 50 -36.05 49.95 -2.83
C ASP V 50 -37.08 50.34 -3.88
N GLU V 51 -37.25 49.46 -4.89
CA GLU V 51 -37.72 49.73 -6.26
C GLU V 51 -38.89 50.71 -6.41
N LYS V 52 -39.69 50.95 -5.36
CA LYS V 52 -40.74 51.95 -5.40
C LYS V 52 -40.08 53.34 -5.50
N ASN V 53 -40.00 53.84 -6.73
CA ASN V 53 -39.11 54.92 -7.15
C ASN V 53 -37.72 54.63 -6.57
N GLY V 54 -37.11 53.56 -7.06
CA GLY V 54 -35.96 52.96 -6.43
C GLY V 54 -34.71 53.80 -6.39
N ARG V 55 -34.28 54.13 -5.17
CA ARG V 55 -33.00 54.76 -4.93
C ARG V 55 -32.34 54.00 -3.78
N LEU V 56 -31.01 53.98 -3.80
CA LEU V 56 -30.27 52.93 -3.10
C LEU V 56 -30.10 53.25 -1.63
N VAL V 57 -30.70 52.42 -0.78
CA VAL V 57 -30.74 52.62 0.65
C VAL V 57 -29.44 52.08 1.23
N PRO V 58 -28.66 52.87 1.90
CA PRO V 58 -27.42 52.34 2.47
C PRO V 58 -27.64 51.51 3.71
N THR V 59 -27.50 50.19 3.57
CA THR V 59 -27.37 49.35 4.75
C THR V 59 -25.90 49.20 5.12
N LEU V 60 -25.62 48.30 6.05
CA LEU V 60 -24.25 48.12 6.51
C LEU V 60 -23.71 46.75 6.14
N ASP V 61 -24.51 45.93 5.51
CA ASP V 61 -24.15 44.55 5.21
C ASP V 61 -23.37 44.51 3.90
N PRO V 62 -22.10 44.13 3.92
CA PRO V 62 -21.31 44.07 2.70
C PRO V 62 -21.70 42.93 1.78
N CYS V 63 -22.47 41.97 2.27
CA CYS V 63 -23.07 40.95 1.44
C CYS V 63 -24.16 41.49 0.54
N ASP V 64 -24.63 42.72 0.80
CA ASP V 64 -25.64 43.33 -0.03
C ASP V 64 -24.97 44.15 -1.12
N TYR V 65 -25.48 44.03 -2.34
CA TYR V 65 -24.80 44.64 -3.46
C TYR V 65 -25.81 44.94 -4.56
N VAL V 66 -25.55 46.04 -5.27
CA VAL V 66 -26.37 46.49 -6.38
C VAL V 66 -25.47 46.58 -7.60
N LYS V 67 -25.94 46.07 -8.72
CA LYS V 67 -25.21 46.14 -9.97
C LYS V 67 -25.96 47.04 -10.96
N GLY V 68 -25.25 48.02 -11.52
CA GLY V 68 -25.79 48.89 -12.53
C GLY V 68 -24.65 49.70 -13.11
N ILE V 69 -24.92 50.44 -14.17
CA ILE V 69 -23.84 50.95 -14.99
C ILE V 69 -23.62 52.43 -14.76
N LEU V 70 -22.39 52.88 -14.98
CA LEU V 70 -22.08 54.29 -15.03
C LEU V 70 -22.14 54.77 -16.47
N VAL V 71 -22.86 55.85 -16.69
CA VAL V 71 -22.85 56.54 -17.96
C VAL V 71 -22.65 58.02 -17.69
N ALA V 72 -22.11 58.71 -18.67
CA ALA V 72 -21.72 60.10 -18.48
C ALA V 72 -22.95 61.00 -18.48
N GLY V 73 -23.09 61.80 -17.42
CA GLY V 73 -24.21 62.71 -17.34
C GLY V 73 -24.49 63.30 -15.96
N THR V 74 -25.66 63.92 -15.81
CA THR V 74 -26.10 64.64 -14.63
C THR V 74 -27.61 64.65 -14.70
N PRO V 75 -28.32 64.15 -13.65
CA PRO V 75 -29.70 63.71 -13.82
C PRO V 75 -30.75 64.76 -14.19
N GLN V 76 -31.11 65.59 -13.22
CA GLN V 76 -31.90 66.78 -13.48
C GLN V 76 -31.33 67.91 -12.65
N GLN V 77 -30.93 67.55 -11.44
CA GLN V 77 -30.52 68.40 -10.33
C GLN V 77 -31.47 69.57 -10.09
N ALA V 78 -32.76 69.30 -10.20
CA ALA V 78 -33.78 70.12 -9.57
C ALA V 78 -34.09 69.62 -8.17
N GLN V 79 -33.33 68.65 -7.68
CA GLN V 79 -33.62 67.96 -6.43
C GLN V 79 -32.57 68.25 -5.36
N SER V 80 -31.33 67.86 -5.60
CA SER V 80 -30.15 68.13 -4.76
C SER V 80 -30.34 67.70 -3.29
N ASN V 81 -31.09 66.62 -3.10
CA ASN V 81 -31.29 66.07 -1.76
C ASN V 81 -31.29 64.56 -1.79
N ASP V 82 -31.05 63.98 -2.97
CA ASP V 82 -31.12 62.54 -3.13
C ASP V 82 -30.06 62.02 -4.07
N PHE V 83 -28.88 62.63 -4.07
CA PHE V 83 -27.74 62.12 -4.80
C PHE V 83 -26.47 62.28 -3.99
N LEU V 84 -25.78 61.18 -3.75
CA LEU V 84 -24.49 61.21 -3.05
C LEU V 84 -23.44 61.72 -4.02
N THR V 85 -23.42 63.01 -4.26
CA THR V 85 -22.53 63.60 -5.23
C THR V 85 -21.12 63.62 -4.64
N LEU V 86 -20.20 62.95 -5.31
CA LEU V 86 -18.83 62.81 -4.81
C LEU V 86 -17.89 62.48 -5.96
N LYS V 87 -16.63 62.85 -5.78
CA LYS V 87 -15.57 62.71 -6.77
C LYS V 87 -14.69 61.53 -6.38
N LEU V 88 -14.32 60.71 -7.36
CA LEU V 88 -13.54 59.51 -7.09
C LEU V 88 -12.31 59.46 -7.98
N PRO V 89 -11.28 58.69 -7.58
CA PRO V 89 -10.14 58.45 -8.47
C PRO V 89 -10.27 57.23 -9.36
N ALA V 90 -11.44 56.58 -9.40
CA ALA V 90 -11.85 55.60 -10.42
C ALA V 90 -11.00 54.32 -10.47
N ASN V 91 -10.05 54.20 -9.55
CA ASN V 91 -9.56 52.86 -9.22
C ASN V 91 -10.32 52.30 -8.03
N LYS V 92 -11.16 53.13 -7.40
CA LYS V 92 -12.05 52.72 -6.33
C LYS V 92 -13.39 52.28 -6.88
N LEU V 93 -13.50 52.14 -8.20
CA LEU V 93 -14.71 51.66 -8.83
C LEU V 93 -14.65 50.15 -8.90
N TYR V 94 -15.52 49.49 -8.15
CA TYR V 94 -15.61 48.04 -8.12
C TYR V 94 -16.26 47.62 -9.43
N LEU V 95 -15.42 47.26 -10.40
CA LEU V 95 -15.87 47.05 -11.77
C LEU V 95 -15.92 45.59 -12.16
N ILE V 96 -16.69 45.30 -13.20
CA ILE V 96 -16.78 43.99 -13.81
C ILE V 96 -16.32 44.12 -15.25
N ARG V 97 -15.42 43.23 -15.68
CA ARG V 97 -14.94 43.15 -17.06
C ARG V 97 -14.27 44.46 -17.50
N LYS V 98 -13.15 44.79 -16.89
CA LYS V 98 -12.46 46.04 -17.19
C LYS V 98 -11.94 46.07 -18.63
N LYS V 99 -11.77 47.28 -19.16
CA LYS V 99 -11.05 47.45 -20.41
C LYS V 99 -9.59 47.76 -20.21
N GLY V 100 -9.26 48.66 -19.28
CA GLY V 100 -7.91 49.13 -19.14
C GLY V 100 -7.83 50.49 -18.49
N ASN V 101 -7.21 51.45 -19.17
CA ASN V 101 -7.01 52.78 -18.63
C ASN V 101 -8.33 53.52 -18.43
N ILE V 102 -8.50 54.03 -17.21
CA ILE V 102 -9.62 54.86 -16.81
C ILE V 102 -9.03 56.21 -16.42
N SER V 103 -9.79 57.29 -16.69
CA SER V 103 -9.28 58.65 -16.56
C SER V 103 -8.88 59.02 -15.14
N ASP V 104 -9.48 58.35 -14.15
CA ASP V 104 -9.04 58.36 -12.75
C ASP V 104 -9.19 59.73 -12.09
N ASP V 105 -10.25 60.44 -12.48
CA ASP V 105 -10.81 61.53 -11.70
C ASP V 105 -12.26 61.68 -12.09
N LEU V 106 -13.19 61.11 -11.33
CA LEU V 106 -14.56 60.99 -11.80
C LEU V 106 -15.55 61.33 -10.71
N LYS V 107 -16.61 62.01 -11.09
CA LYS V 107 -17.65 62.50 -10.20
C LYS V 107 -18.86 61.60 -10.32
N ILE V 108 -19.32 61.06 -9.20
CA ILE V 108 -20.34 60.01 -9.21
C ILE V 108 -21.57 60.52 -8.48
N TYR V 109 -22.73 60.37 -9.12
CA TYR V 109 -24.01 60.65 -8.50
C TYR V 109 -24.68 59.30 -8.23
N ILE V 110 -25.21 59.14 -7.02
CA ILE V 110 -25.79 57.89 -6.58
C ILE V 110 -27.28 58.10 -6.34
N PRO V 111 -28.16 57.31 -6.96
CA PRO V 111 -29.58 57.36 -6.61
C PRO V 111 -29.79 56.94 -5.17
N TYR V 112 -30.18 57.89 -4.32
CA TYR V 112 -30.02 57.76 -2.89
C TYR V 112 -31.35 57.93 -2.17
N SER V 113 -31.49 57.25 -1.03
CA SER V 113 -32.71 57.38 -0.24
C SER V 113 -32.37 57.66 1.21
N SER V 114 -33.37 58.10 1.94
CA SER V 114 -33.34 58.03 3.39
C SER V 114 -33.33 56.57 3.81
N PRO V 115 -32.80 56.25 4.99
CA PRO V 115 -32.81 54.84 5.41
C PRO V 115 -34.17 54.34 5.88
N ASP V 116 -35.06 55.23 6.31
CA ASP V 116 -36.43 54.92 6.75
C ASP V 116 -36.45 53.91 7.90
N ALA V 117 -35.98 54.33 9.07
CA ALA V 117 -35.74 53.44 10.20
C ALA V 117 -37.00 53.05 10.96
N ARG V 118 -38.18 53.22 10.37
CA ARG V 118 -39.41 52.69 10.93
C ARG V 118 -39.76 51.31 10.43
N ASN V 119 -38.79 50.59 9.84
CA ASN V 119 -39.06 49.31 9.19
C ASN V 119 -37.75 48.54 9.09
N SER V 120 -37.83 47.21 9.23
CA SER V 120 -36.64 46.38 9.27
C SER V 120 -36.17 46.04 7.87
N MET V 121 -34.87 46.19 7.63
CA MET V 121 -34.32 46.08 6.29
C MET V 121 -33.91 44.64 6.00
N LYS V 122 -34.90 43.79 5.74
CA LYS V 122 -34.67 42.39 5.41
C LYS V 122 -34.58 42.30 3.89
N THR V 123 -33.35 42.24 3.37
CA THR V 123 -33.12 42.29 1.94
C THR V 123 -33.11 40.90 1.34
N LYS V 124 -33.65 40.77 0.13
CA LYS V 124 -33.80 39.50 -0.52
C LYS V 124 -33.03 39.51 -1.84
N PRO V 125 -32.41 38.40 -2.21
CA PRO V 125 -31.63 38.37 -3.45
C PRO V 125 -32.51 38.28 -4.67
N VAL V 126 -32.36 39.25 -5.56
CA VAL V 126 -33.17 39.33 -6.76
C VAL V 126 -32.25 39.36 -7.97
N SER V 127 -32.44 38.45 -8.90
CA SER V 127 -31.73 38.46 -10.16
C SER V 127 -32.67 38.87 -11.27
N ILE V 128 -32.13 39.48 -12.31
CA ILE V 128 -32.93 39.88 -13.45
C ILE V 128 -33.28 38.64 -14.26
N SER V 129 -34.58 38.37 -14.35
CA SER V 129 -35.14 37.27 -15.12
C SER V 129 -36.39 37.81 -15.79
N ASP V 130 -37.29 36.89 -16.18
CA ASP V 130 -38.61 37.19 -16.71
C ASP V 130 -38.50 38.02 -17.99
N ASP V 131 -38.00 37.38 -19.05
CA ASP V 131 -37.55 38.05 -20.28
C ASP V 131 -38.64 38.77 -21.05
N THR V 132 -39.90 38.73 -20.62
CA THR V 132 -40.84 39.74 -21.05
C THR V 132 -40.40 41.13 -20.65
N ILE V 133 -40.00 41.32 -19.40
CA ILE V 133 -39.56 42.61 -18.92
C ILE V 133 -38.19 42.99 -19.48
N VAL V 134 -37.37 42.02 -19.92
CA VAL V 134 -36.05 42.40 -20.42
C VAL V 134 -36.16 43.08 -21.78
N ASN V 135 -37.33 43.01 -22.42
CA ASN V 135 -37.60 43.92 -23.52
C ASN V 135 -37.55 45.37 -23.05
N ASN V 136 -38.46 45.78 -22.17
CA ASN V 136 -38.46 47.20 -21.80
C ASN V 136 -37.43 47.52 -20.70
N ILE V 137 -36.47 46.63 -20.44
CA ILE V 137 -35.23 47.05 -19.81
C ILE V 137 -34.21 47.43 -20.87
N ILE V 138 -34.21 46.72 -22.00
CA ILE V 138 -33.39 47.12 -23.14
C ILE V 138 -33.89 48.44 -23.72
N LYS V 139 -35.19 48.52 -24.01
CA LYS V 139 -35.72 49.51 -24.93
C LYS V 139 -35.72 50.94 -24.40
N GLU V 140 -35.54 51.14 -23.10
CA GLU V 140 -35.66 52.48 -22.56
C GLU V 140 -34.33 53.07 -22.12
N VAL V 141 -33.32 52.23 -21.87
CA VAL V 141 -32.04 52.75 -21.38
C VAL V 141 -30.88 52.24 -22.22
N PHE V 142 -31.03 51.09 -22.89
CA PHE V 142 -29.98 50.60 -23.77
C PHE V 142 -30.19 51.05 -25.21
N ASP V 143 -31.18 51.91 -25.43
CA ASP V 143 -31.46 52.46 -26.75
C ASP V 143 -31.54 53.98 -26.74
N LYS V 144 -31.70 54.60 -25.57
CA LYS V 144 -31.55 56.05 -25.45
C LYS V 144 -30.12 56.45 -25.16
N ILE V 145 -29.52 55.89 -24.11
CA ILE V 145 -28.11 56.12 -23.83
C ILE V 145 -27.24 55.39 -24.84
N TYR V 146 -27.52 54.13 -25.09
CA TYR V 146 -26.85 53.39 -26.15
C TYR V 146 -27.76 53.46 -27.37
N ASN V 147 -28.04 54.68 -27.79
CA ASN V 147 -28.50 54.99 -29.14
C ASN V 147 -27.39 54.77 -30.14
N ILE V 148 -26.14 54.74 -29.67
CA ILE V 148 -25.01 54.17 -30.41
C ILE V 148 -25.26 52.71 -30.78
N THR V 149 -25.98 51.95 -29.95
CA THR V 149 -26.45 50.62 -30.30
C THR V 149 -27.88 50.74 -30.81
N GLN V 150 -28.44 49.59 -31.23
CA GLN V 150 -29.71 49.37 -31.93
C GLN V 150 -29.64 49.91 -33.37
N LYS V 151 -28.48 50.42 -33.76
CA LYS V 151 -28.24 51.00 -35.08
C LYS V 151 -27.23 50.19 -35.89
N GLU V 152 -26.56 49.22 -35.25
CA GLU V 152 -25.58 48.40 -35.94
C GLU V 152 -25.68 46.95 -35.50
N LYS V 153 -26.61 46.67 -34.59
CA LYS V 153 -26.60 45.41 -33.86
C LYS V 153 -26.96 44.21 -34.74
N VAL V 154 -26.04 43.25 -34.79
CA VAL V 154 -26.27 41.92 -35.33
C VAL V 154 -26.02 40.99 -34.14
N LYS V 155 -25.35 41.52 -33.13
CA LYS V 155 -25.03 40.80 -31.89
C LYS V 155 -26.13 41.03 -30.86
N ILE V 156 -27.36 40.72 -31.26
CA ILE V 156 -28.53 41.27 -30.58
C ILE V 156 -28.79 40.59 -29.25
N GLU V 157 -28.86 39.25 -29.24
CA GLU V 157 -29.16 38.55 -28.00
C GLU V 157 -27.94 38.52 -27.08
N LYS V 158 -26.78 38.88 -27.61
CA LYS V 158 -25.58 39.02 -26.79
C LYS V 158 -25.75 40.10 -25.73
N VAL V 159 -26.50 41.15 -26.06
CA VAL V 159 -26.67 42.21 -25.08
C VAL V 159 -27.86 41.93 -24.17
N LYS V 160 -28.65 40.89 -24.44
CA LYS V 160 -29.72 40.52 -23.53
C LYS V 160 -29.45 39.22 -22.78
N GLU V 161 -28.54 38.39 -23.28
CA GLU V 161 -28.19 37.18 -22.54
C GLU V 161 -27.46 37.52 -21.26
N ASP V 162 -26.66 38.58 -21.27
CA ASP V 162 -25.85 38.90 -20.11
C ASP V 162 -26.68 39.54 -19.02
N ILE V 163 -27.67 40.36 -19.40
CA ILE V 163 -28.50 41.07 -18.42
C ILE V 163 -29.29 40.08 -17.57
N LYS V 164 -29.63 38.93 -18.13
CA LYS V 164 -30.26 37.89 -17.34
C LYS V 164 -29.27 37.16 -16.44
N GLU V 165 -27.96 37.27 -16.70
CA GLU V 165 -26.97 36.56 -15.89
C GLU V 165 -25.70 37.33 -15.58
N LEU V 166 -25.69 38.65 -15.71
CA LEU V 166 -24.61 39.48 -15.18
C LEU V 166 -25.12 40.51 -14.20
N PHE V 167 -26.39 40.88 -14.28
CA PHE V 167 -26.97 41.87 -13.38
C PHE V 167 -27.75 41.15 -12.30
N SER V 168 -27.80 41.79 -11.13
CA SER V 168 -28.63 41.41 -10.01
C SER V 168 -28.58 42.56 -9.03
N TYR V 169 -29.30 42.41 -7.92
CA TYR V 169 -29.38 43.41 -6.88
C TYR V 169 -30.03 42.77 -5.68
N TYR V 170 -30.13 43.52 -4.60
CA TYR V 170 -30.96 43.13 -3.48
C TYR V 170 -32.09 44.13 -3.34
N ALA V 171 -33.32 43.61 -3.28
CA ALA V 171 -34.50 44.41 -2.97
C ALA V 171 -34.87 44.19 -1.52
N LEU V 172 -35.58 45.15 -0.93
CA LEU V 172 -35.98 45.01 0.46
C LEU V 172 -37.29 44.24 0.57
N GLU V 173 -38.14 44.36 -0.47
CA GLU V 173 -39.49 43.80 -0.53
C GLU V 173 -40.33 44.23 0.67
N GLN V 174 -40.58 45.53 0.76
CA GLN V 174 -41.38 46.08 1.82
C GLN V 174 -42.55 46.90 1.29
N SER W 2 30.02 76.73 -15.21
CA SER W 2 31.42 76.37 -15.13
C SER W 2 31.65 75.16 -14.23
N THR W 3 32.09 75.41 -12.99
CA THR W 3 32.50 74.34 -12.10
C THR W 3 31.79 74.34 -10.76
N GLN W 4 30.90 75.28 -10.49
CA GLN W 4 30.21 75.35 -9.22
C GLN W 4 28.72 75.16 -9.44
N ARG W 5 28.27 73.90 -9.41
CA ARG W 5 26.85 73.62 -9.59
C ARG W 5 26.19 73.52 -8.24
N GLU W 6 24.87 73.55 -8.22
CA GLU W 6 24.13 73.49 -6.98
C GLU W 6 23.02 72.47 -7.08
N TYR W 7 22.67 71.88 -5.95
CA TYR W 7 21.63 70.88 -5.88
C TYR W 7 20.33 71.56 -5.47
N VAL W 8 19.33 71.51 -6.34
CA VAL W 8 18.00 71.95 -6.00
C VAL W 8 17.06 70.76 -6.11
N PHE W 9 16.37 70.49 -5.01
CA PHE W 9 15.50 69.33 -4.92
C PHE W 9 14.07 69.69 -5.28
N ILE W 10 13.24 68.68 -5.43
CA ILE W 10 11.89 68.85 -5.96
C ILE W 10 10.91 68.34 -4.92
N PRO W 11 10.37 69.18 -4.05
CA PRO W 11 9.31 68.74 -3.13
C PRO W 11 7.94 68.90 -3.75
N ILE W 12 6.88 68.64 -2.99
CA ILE W 12 5.54 69.07 -3.40
C ILE W 12 5.25 70.50 -2.97
N THR W 13 6.10 71.08 -2.12
CA THR W 13 6.12 72.50 -1.88
C THR W 13 7.00 73.15 -2.94
N ASN W 14 7.19 74.46 -2.84
CA ASN W 14 8.04 75.17 -3.80
C ASN W 14 8.89 76.22 -3.12
N SER W 15 9.52 75.86 -2.00
CA SER W 15 10.35 76.86 -1.35
C SER W 15 11.78 76.32 -1.24
N ILE W 16 12.52 76.42 -2.35
CA ILE W 16 13.97 76.27 -2.33
C ILE W 16 14.65 77.25 -3.29
N THR W 17 13.90 77.76 -4.27
CA THR W 17 14.51 78.29 -5.48
C THR W 17 14.92 79.75 -5.38
N ILE W 18 15.16 80.26 -4.17
CA ILE W 18 15.49 81.66 -3.97
C ILE W 18 16.95 81.89 -4.33
N ASP W 19 17.83 81.06 -3.77
CA ASP W 19 19.28 81.27 -3.89
C ASP W 19 19.82 80.65 -5.18
N VAL W 20 19.30 81.12 -6.30
CA VAL W 20 19.71 80.64 -7.63
C VAL W 20 20.32 81.81 -8.37
N LYS W 21 21.65 81.82 -8.46
CA LYS W 21 22.32 83.05 -8.86
C LYS W 21 23.02 82.95 -10.21
N ILE W 22 23.94 81.99 -10.34
CA ILE W 22 24.81 81.95 -11.51
C ILE W 22 24.04 81.43 -12.72
N THR W 23 23.50 80.21 -12.61
CA THR W 23 22.34 79.70 -13.34
C THR W 23 22.64 79.41 -14.82
N ILE W 24 23.78 79.86 -15.35
CA ILE W 24 23.96 79.77 -16.80
C ILE W 24 25.23 79.00 -17.16
N GLY W 25 26.37 79.49 -16.70
CA GLY W 25 27.64 79.02 -17.25
C GLY W 25 27.80 79.44 -18.69
N GLY W 26 28.11 78.50 -19.57
CA GLY W 26 28.14 78.78 -20.99
C GLY W 26 26.82 78.45 -21.65
N SER W 27 26.81 77.40 -22.47
CA SER W 27 25.58 76.80 -22.97
C SER W 27 25.20 75.55 -22.17
N ASP W 28 25.72 75.41 -20.95
CA ASP W 28 25.75 74.11 -20.31
C ASP W 28 24.94 74.07 -19.02
N HIS W 29 24.44 72.88 -18.73
CA HIS W 29 23.88 72.53 -17.43
C HIS W 29 24.34 71.12 -17.11
N ILE W 30 23.69 70.52 -16.14
CA ILE W 30 23.74 69.08 -15.96
C ILE W 30 22.40 68.43 -16.29
N THR W 31 21.37 68.78 -15.54
CA THR W 31 20.04 68.28 -15.85
C THR W 31 19.50 69.01 -17.06
N ASN W 32 19.09 68.25 -18.07
CA ASN W 32 18.81 68.82 -19.37
C ASN W 32 17.44 68.36 -19.85
N ILE W 33 16.86 69.14 -20.75
CA ILE W 33 15.64 68.72 -21.42
C ILE W 33 15.89 68.77 -22.93
N ASP W 34 15.90 67.61 -23.55
CA ASP W 34 16.42 67.45 -24.90
C ASP W 34 15.50 66.54 -25.70
N GLU W 35 14.19 66.76 -25.56
CA GLU W 35 13.07 66.16 -26.32
C GLU W 35 13.12 64.62 -26.38
N ARG W 36 13.87 63.98 -25.50
CA ARG W 36 13.63 62.58 -25.14
C ARG W 36 13.12 62.50 -23.71
N GLY W 37 13.11 63.63 -23.01
CA GLY W 37 12.79 63.70 -21.60
C GLY W 37 13.90 64.36 -20.81
N ILE W 38 13.75 64.26 -19.49
CA ILE W 38 14.73 64.81 -18.58
C ILE W 38 15.98 63.93 -18.63
N HIS W 39 17.13 64.50 -18.28
CA HIS W 39 18.37 63.75 -18.26
C HIS W 39 19.18 64.09 -17.02
N ASN W 40 20.09 63.18 -16.68
CA ASN W 40 21.25 63.44 -15.83
C ASN W 40 20.85 63.87 -14.42
N VAL W 41 19.77 63.29 -13.90
CA VAL W 41 19.22 63.70 -12.63
C VAL W 41 19.99 63.04 -11.49
N LEU W 42 20.36 63.84 -10.49
CA LEU W 42 21.05 63.34 -9.32
C LEU W 42 20.04 62.87 -8.27
N VAL W 43 20.34 61.75 -7.62
CA VAL W 43 19.57 61.25 -6.51
C VAL W 43 20.48 61.17 -5.31
N ILE W 44 20.19 61.95 -4.28
CA ILE W 44 20.92 61.89 -3.04
C ILE W 44 20.23 60.90 -2.14
N THR W 45 20.96 59.85 -1.74
CA THR W 45 20.43 58.82 -0.87
C THR W 45 20.95 59.00 0.54
N GLY W 46 20.21 58.46 1.50
CA GLY W 46 20.57 58.62 2.88
C GLY W 46 19.99 59.86 3.53
N TYR W 47 19.58 60.85 2.75
CA TYR W 47 19.13 62.10 3.32
C TYR W 47 17.63 62.23 3.12
N ALA W 48 17.02 63.08 3.92
CA ALA W 48 15.57 63.21 3.95
C ALA W 48 15.18 64.66 4.14
N VAL W 49 14.00 65.02 3.61
CA VAL W 49 13.54 66.40 3.62
C VAL W 49 12.66 66.65 4.84
N ASP W 50 12.61 67.91 5.24
CA ASP W 50 11.66 68.41 6.21
C ASP W 50 11.28 69.81 5.75
N GLU W 51 10.17 69.93 5.02
CA GLU W 51 9.78 71.11 4.26
C GLU W 51 9.76 72.40 5.08
N LYS W 52 9.42 72.29 6.35
CA LYS W 52 9.60 73.35 7.34
C LYS W 52 11.09 73.59 7.45
N ASN W 53 11.54 74.70 6.86
CA ASN W 53 12.93 74.97 6.50
C ASN W 53 13.45 73.83 5.64
N GLY W 54 12.89 73.70 4.43
CA GLY W 54 13.15 72.56 3.58
C GLY W 54 14.60 72.36 3.16
N ARG W 55 15.26 71.40 3.79
CA ARG W 55 16.60 70.99 3.42
C ARG W 55 16.71 69.49 3.63
N LEU W 56 17.92 68.97 3.50
CA LEU W 56 18.17 67.53 3.58
C LEU W 56 18.70 67.19 4.95
N VAL W 57 17.83 66.73 5.83
CA VAL W 57 18.25 66.24 7.15
C VAL W 57 18.89 64.88 6.95
N PRO W 58 20.14 64.70 7.35
CA PRO W 58 20.84 63.44 7.08
C PRO W 58 20.36 62.32 7.98
N THR W 59 19.85 61.26 7.37
CA THR W 59 19.56 60.03 8.06
C THR W 59 20.67 59.03 7.70
N LEU W 60 20.56 57.80 8.17
CA LEU W 60 21.52 56.77 7.83
C LEU W 60 20.89 55.63 7.05
N ASP W 61 19.60 55.67 6.85
CA ASP W 61 18.89 54.67 6.06
C ASP W 61 19.28 54.83 4.60
N PRO W 62 19.77 53.78 3.94
CA PRO W 62 19.98 53.86 2.49
C PRO W 62 18.70 53.90 1.70
N CYS W 63 17.55 53.66 2.34
CA CYS W 63 16.29 53.75 1.63
C CYS W 63 15.83 55.19 1.50
N ASP W 64 16.31 56.06 2.37
CA ASP W 64 15.97 57.48 2.31
C ASP W 64 16.64 58.13 1.12
N TYR W 65 15.88 58.35 0.05
CA TYR W 65 16.45 59.03 -1.09
C TYR W 65 15.62 60.27 -1.38
N VAL W 66 16.30 61.32 -1.79
CA VAL W 66 15.66 62.56 -2.20
C VAL W 66 16.22 62.94 -3.56
N LYS W 67 15.34 63.08 -4.54
CA LYS W 67 15.74 63.37 -5.89
C LYS W 67 15.67 64.87 -6.13
N GLY W 68 16.56 65.38 -6.99
CA GLY W 68 16.58 66.76 -7.40
C GLY W 68 17.46 66.95 -8.62
N ILE W 69 17.61 68.16 -9.12
CA ILE W 69 18.39 68.40 -10.34
C ILE W 69 19.68 69.10 -9.95
N LEU W 70 20.59 69.21 -10.91
CA LEU W 70 21.79 70.03 -10.74
C LEU W 70 21.86 71.07 -11.85
N VAL W 71 21.97 72.34 -11.45
CA VAL W 71 22.37 73.43 -12.33
C VAL W 71 23.41 74.26 -11.60
N ALA W 72 24.00 75.23 -12.30
CA ALA W 72 25.07 76.05 -11.76
C ALA W 72 24.54 77.05 -10.75
N GLY W 73 25.23 77.20 -9.63
CA GLY W 73 24.83 78.20 -8.66
C GLY W 73 25.79 78.30 -7.49
N THR W 74 25.47 79.24 -6.61
CA THR W 74 26.18 79.60 -5.40
C THR W 74 25.14 80.41 -4.65
N PRO W 75 24.89 80.12 -3.35
CA PRO W 75 23.63 80.58 -2.74
C PRO W 75 23.44 82.09 -2.63
N GLN W 76 24.16 82.79 -1.75
CA GLN W 76 24.17 84.26 -1.79
C GLN W 76 25.53 84.83 -1.42
N GLN W 77 26.45 83.96 -0.97
CA GLN W 77 27.43 84.30 0.06
C GLN W 77 26.73 84.94 1.27
N ALA W 78 25.60 84.35 1.65
CA ALA W 78 24.97 84.58 2.95
C ALA W 78 24.69 83.25 3.62
N GLN W 79 25.13 82.15 3.01
CA GLN W 79 24.91 80.80 3.47
C GLN W 79 26.28 80.15 3.52
N SER W 80 26.30 78.81 3.64
CA SER W 80 27.38 77.90 4.05
C SER W 80 27.55 77.97 5.56
N ASN W 81 26.66 78.68 6.22
CA ASN W 81 26.32 78.40 7.60
C ASN W 81 25.30 77.29 7.71
N ASP W 82 24.63 76.96 6.60
CA ASP W 82 23.73 75.82 6.59
C ASP W 82 23.71 75.03 5.27
N PHE W 83 24.70 75.21 4.40
CA PHE W 83 24.75 74.45 3.15
C PHE W 83 26.01 73.61 3.09
N LEU W 84 25.97 72.53 2.30
CA LEU W 84 27.12 71.66 2.16
C LEU W 84 27.88 71.98 0.88
N THR W 85 29.07 72.56 1.03
CA THR W 85 29.99 72.75 -0.08
C THR W 85 30.97 71.58 -0.13
N LEU W 86 31.10 70.97 -1.30
CA LEU W 86 31.97 69.81 -1.48
C LEU W 86 32.32 69.59 -2.94
N LYS W 87 33.44 68.92 -3.17
CA LYS W 87 34.02 68.72 -4.49
C LYS W 87 34.21 67.22 -4.71
N LEU W 88 33.62 66.69 -5.77
CA LEU W 88 33.70 65.25 -6.01
C LEU W 88 33.76 64.95 -7.49
N PRO W 89 34.54 63.96 -7.90
CA PRO W 89 34.96 63.86 -9.31
C PRO W 89 33.95 63.26 -10.27
N ALA W 90 32.65 63.28 -9.93
CA ALA W 90 31.51 62.96 -10.81
C ALA W 90 31.37 61.48 -11.10
N ASN W 91 32.34 60.65 -10.75
CA ASN W 91 32.14 59.22 -10.61
C ASN W 91 31.75 58.88 -9.17
N LYS W 92 31.48 59.92 -8.37
CA LYS W 92 30.70 59.80 -7.14
C LYS W 92 29.31 60.35 -7.33
N LEU W 93 29.01 60.90 -8.51
CA LEU W 93 27.66 61.33 -8.83
C LEU W 93 26.80 60.13 -9.18
N TYR W 94 25.86 59.82 -8.31
CA TYR W 94 24.82 58.85 -8.60
C TYR W 94 23.79 59.54 -9.49
N LEU W 95 24.11 59.63 -10.77
CA LEU W 95 23.22 60.26 -11.72
C LEU W 95 22.33 59.22 -12.39
N ILE W 96 21.02 59.40 -12.24
CA ILE W 96 20.09 58.58 -12.98
C ILE W 96 19.72 59.36 -14.22
N ARG W 97 19.18 58.63 -15.21
CA ARG W 97 18.85 59.10 -16.55
C ARG W 97 20.05 59.75 -17.22
N LYS W 98 21.19 59.05 -17.30
CA LYS W 98 22.42 59.67 -17.76
C LYS W 98 22.36 59.99 -19.24
N LYS W 99 23.17 60.97 -19.65
CA LYS W 99 23.32 61.28 -21.07
C LYS W 99 24.76 61.13 -21.53
N GLY W 100 25.68 61.79 -20.85
CA GLY W 100 27.06 61.81 -21.31
C GLY W 100 28.05 61.86 -20.16
N ASN W 101 29.25 62.29 -20.50
CA ASN W 101 30.35 62.43 -19.56
C ASN W 101 30.35 63.84 -18.99
N ILE W 102 30.60 63.96 -17.71
CA ILE W 102 30.45 65.23 -17.01
C ILE W 102 31.85 65.74 -16.68
N SER W 103 31.95 66.98 -16.18
CA SER W 103 33.17 67.77 -16.21
C SER W 103 34.21 67.41 -15.17
N ASP W 104 34.05 66.32 -14.40
CA ASP W 104 35.17 65.66 -13.72
C ASP W 104 35.92 66.51 -12.68
N ASP W 105 35.46 66.46 -11.40
CA ASP W 105 35.63 67.37 -10.25
C ASP W 105 34.74 68.61 -10.30
N LEU W 106 33.45 68.38 -10.19
CA LEU W 106 32.48 69.43 -9.95
C LEU W 106 32.37 69.74 -8.47
N LYS W 107 31.91 70.95 -8.18
CA LYS W 107 31.59 71.41 -6.84
C LYS W 107 30.09 71.55 -6.72
N ILE W 108 29.53 71.05 -5.61
CA ILE W 108 28.08 70.99 -5.45
C ILE W 108 27.69 71.60 -4.11
N TYR W 109 26.68 72.46 -4.14
CA TYR W 109 26.07 73.03 -2.94
C TYR W 109 24.79 72.24 -2.62
N ILE W 110 24.61 71.91 -1.35
CA ILE W 110 23.53 71.04 -0.90
C ILE W 110 22.74 71.76 0.18
N PRO W 111 21.42 71.86 0.04
CA PRO W 111 20.59 72.35 1.15
C PRO W 111 20.63 71.41 2.33
N TYR W 112 21.12 71.90 3.46
CA TYR W 112 21.42 71.06 4.61
C TYR W 112 20.77 71.62 5.86
N SER W 113 20.46 70.75 6.81
CA SER W 113 19.93 71.19 8.09
C SER W 113 20.52 70.33 9.20
N SER W 114 20.12 70.65 10.41
CA SER W 114 20.62 69.95 11.58
C SER W 114 20.05 68.54 11.63
N PRO W 115 20.80 67.58 12.17
CA PRO W 115 20.21 66.29 12.49
C PRO W 115 19.09 66.42 13.50
N ASP W 116 19.29 67.30 14.48
CA ASP W 116 18.25 67.95 15.26
C ASP W 116 17.35 66.98 16.01
N ALA W 117 17.89 66.26 16.99
CA ALA W 117 17.19 65.15 17.64
C ALA W 117 16.04 65.61 18.53
N ARG W 118 15.05 66.25 17.91
CA ARG W 118 13.85 66.69 18.60
C ARG W 118 12.93 65.51 18.89
N ASN W 119 12.70 64.68 17.87
CA ASN W 119 11.98 63.42 18.00
C ASN W 119 12.44 62.54 16.86
N SER W 120 12.10 61.25 16.92
CA SER W 120 12.64 60.25 16.00
C SER W 120 12.15 60.48 14.57
N MET W 121 13.05 60.27 13.62
CA MET W 121 12.82 60.62 12.22
C MET W 121 12.16 59.47 11.49
N LYS W 122 10.83 59.49 11.44
CA LYS W 122 10.06 58.54 10.66
C LYS W 122 9.74 59.19 9.32
N THR W 123 10.33 58.68 8.25
CA THR W 123 10.16 59.27 6.94
C THR W 123 9.02 58.60 6.19
N LYS W 124 8.47 59.33 5.23
CA LYS W 124 7.34 58.87 4.46
C LYS W 124 7.61 59.18 3.00
N PRO W 125 7.38 58.24 2.10
CA PRO W 125 7.45 58.55 0.67
C PRO W 125 6.32 59.48 0.27
N VAL W 126 6.64 60.44 -0.60
CA VAL W 126 5.65 61.19 -1.34
C VAL W 126 6.09 61.22 -2.80
N SER W 127 5.44 60.43 -3.62
CA SER W 127 5.64 60.49 -5.05
C SER W 127 4.82 61.66 -5.60
N ILE W 128 5.48 62.53 -6.33
CA ILE W 128 4.86 63.78 -6.77
C ILE W 128 3.82 63.49 -7.83
N SER W 129 2.57 63.67 -7.46
CA SER W 129 1.42 63.53 -8.34
C SER W 129 0.56 64.75 -8.08
N ASP W 130 -0.71 64.66 -8.53
CA ASP W 130 -1.71 65.70 -8.35
C ASP W 130 -1.26 66.98 -9.05
N ASP W 131 -1.33 66.95 -10.39
CA ASP W 131 -0.56 67.77 -11.33
C ASP W 131 -0.61 69.28 -11.13
N THR W 132 -1.48 69.79 -10.25
CA THR W 132 -1.50 71.22 -9.96
C THR W 132 -0.17 71.70 -9.37
N ILE W 133 0.56 70.82 -8.67
CA ILE W 133 1.92 71.13 -8.26
C ILE W 133 2.84 71.03 -9.46
N VAL W 134 2.55 70.10 -10.36
CA VAL W 134 3.36 69.94 -11.56
C VAL W 134 3.04 71.07 -12.54
N ASN W 135 1.83 71.63 -12.43
CA ASN W 135 1.46 72.74 -13.29
C ASN W 135 2.28 73.99 -12.96
N ASN W 136 2.58 74.21 -11.68
CA ASN W 136 3.52 75.26 -11.36
C ASN W 136 4.90 74.72 -11.00
N ILE W 137 5.22 73.46 -11.33
CA ILE W 137 6.61 73.04 -11.14
C ILE W 137 7.47 73.59 -12.27
N ILE W 138 6.86 73.95 -13.40
CA ILE W 138 7.63 74.63 -14.43
C ILE W 138 7.53 76.14 -14.22
N LYS W 139 6.39 76.60 -13.69
CA LYS W 139 6.21 78.02 -13.44
C LYS W 139 7.12 78.50 -12.32
N GLU W 140 7.29 77.69 -11.28
CA GLU W 140 8.24 78.04 -10.24
C GLU W 140 9.68 77.86 -10.69
N VAL W 141 10.00 76.75 -11.34
CA VAL W 141 11.41 76.37 -11.40
C VAL W 141 11.94 76.49 -12.82
N PHE W 142 11.46 75.65 -13.73
CA PHE W 142 12.17 75.42 -14.98
C PHE W 142 12.14 76.61 -15.92
N ASP W 143 11.06 77.38 -15.89
CA ASP W 143 10.95 78.56 -16.73
C ASP W 143 11.96 79.63 -16.38
N LYS W 144 12.29 79.79 -15.10
CA LYS W 144 13.31 80.74 -14.72
C LYS W 144 14.69 80.12 -14.72
N ILE W 145 14.82 78.87 -15.17
CA ILE W 145 16.14 78.27 -15.35
C ILE W 145 16.38 78.04 -16.83
N TYR W 146 15.38 77.51 -17.53
CA TYR W 146 15.62 77.02 -18.87
C TYR W 146 15.00 77.95 -19.90
N ASN W 147 15.79 78.30 -20.92
CA ASN W 147 15.32 79.09 -22.05
C ASN W 147 14.83 78.23 -23.20
N ILE W 148 14.55 76.95 -22.94
CA ILE W 148 14.09 76.04 -23.98
C ILE W 148 12.61 75.69 -23.83
N THR W 149 12.12 75.61 -22.60
CA THR W 149 10.69 75.44 -22.33
C THR W 149 10.02 76.76 -22.67
N GLN W 150 8.93 76.69 -23.44
CA GLN W 150 8.06 77.82 -23.83
C GLN W 150 8.77 78.77 -24.80
N LYS W 151 9.98 78.41 -25.23
CA LYS W 151 10.77 79.24 -26.13
C LYS W 151 11.36 78.39 -27.24
N GLU W 152 11.33 77.07 -27.08
CA GLU W 152 11.70 76.17 -28.16
C GLU W 152 10.71 75.02 -28.29
N LYS W 153 10.04 74.66 -27.20
CA LYS W 153 9.41 73.35 -27.08
C LYS W 153 7.94 73.42 -27.46
N VAL W 154 7.56 72.61 -28.44
CA VAL W 154 6.17 72.39 -28.82
C VAL W 154 5.65 71.03 -28.37
N LYS W 155 6.42 70.31 -27.55
CA LYS W 155 6.08 69.01 -27.02
C LYS W 155 6.38 69.07 -25.51
N ILE W 156 5.81 70.08 -24.86
CA ILE W 156 6.01 70.27 -23.43
C ILE W 156 5.38 69.13 -22.62
N GLU W 157 4.36 68.48 -23.16
CA GLU W 157 3.72 67.39 -22.43
C GLU W 157 4.59 66.14 -22.35
N LYS W 158 5.63 66.06 -23.18
CA LYS W 158 6.69 65.07 -23.00
C LYS W 158 7.36 65.23 -21.65
N VAL W 159 7.80 66.45 -21.33
CA VAL W 159 8.53 66.63 -20.09
C VAL W 159 7.57 66.72 -18.90
N LYS W 160 6.32 67.10 -19.14
CA LYS W 160 5.35 67.20 -18.06
C LYS W 160 5.01 65.81 -17.53
N GLU W 161 4.95 64.82 -18.43
CA GLU W 161 4.74 63.44 -18.02
C GLU W 161 5.95 62.89 -17.27
N ASP W 162 7.13 63.43 -17.52
CA ASP W 162 8.32 62.90 -16.88
C ASP W 162 8.51 63.45 -15.48
N ILE W 163 8.02 64.66 -15.21
CA ILE W 163 8.08 65.17 -13.84
C ILE W 163 7.01 64.48 -13.00
N LYS W 164 5.96 63.96 -13.64
CA LYS W 164 4.89 63.23 -12.96
C LYS W 164 5.38 61.99 -12.24
N GLU W 165 6.52 61.45 -12.65
CA GLU W 165 6.91 60.11 -12.28
C GLU W 165 8.34 59.98 -11.79
N LEU W 166 9.24 60.86 -12.21
CA LEU W 166 10.65 60.68 -11.88
C LEU W 166 10.93 61.06 -10.44
N PHE W 167 10.60 62.28 -10.06
CA PHE W 167 10.97 62.77 -8.75
C PHE W 167 10.03 62.22 -7.68
N SER W 168 10.57 61.34 -6.86
CA SER W 168 9.94 60.96 -5.62
C SER W 168 10.97 61.14 -4.53
N TYR W 169 10.52 61.16 -3.29
CA TYR W 169 11.40 61.51 -2.19
C TYR W 169 10.81 60.95 -0.92
N TYR W 170 11.59 61.01 0.15
CA TYR W 170 11.10 60.65 1.46
C TYR W 170 11.03 61.90 2.31
N ALA W 171 9.89 62.06 2.98
CA ALA W 171 9.62 63.24 3.80
C ALA W 171 9.31 62.81 5.23
N LEU W 172 9.81 63.57 6.19
CA LEU W 172 9.52 63.33 7.59
C LEU W 172 8.08 63.66 7.93
N GLU W 173 7.72 64.94 7.75
CA GLU W 173 6.57 65.63 8.31
C GLU W 173 6.55 65.59 9.84
N GLN W 174 7.72 65.55 10.44
CA GLN W 174 7.85 65.79 11.87
C GLN W 174 8.92 66.85 12.02
N SER X 2 64.52 35.18 11.03
CA SER X 2 63.23 35.02 10.36
C SER X 2 63.15 33.74 9.58
N THR X 3 62.04 33.56 8.88
CA THR X 3 61.92 32.48 7.91
C THR X 3 62.67 32.89 6.65
N GLN X 4 63.59 32.04 6.21
CA GLN X 4 64.55 32.39 5.16
C GLN X 4 64.86 31.17 4.31
N ARG X 5 64.73 31.35 3.00
CA ARG X 5 65.19 30.37 2.03
C ARG X 5 66.10 31.07 1.05
N GLU X 6 66.47 30.37 0.00
CA GLU X 6 67.27 30.96 -1.07
C GLU X 6 66.89 30.31 -2.39
N TYR X 7 67.29 30.97 -3.48
CA TYR X 7 66.98 30.52 -4.82
C TYR X 7 68.20 29.84 -5.42
N VAL X 8 68.08 28.56 -5.72
CA VAL X 8 69.16 27.78 -6.32
C VAL X 8 68.72 27.28 -7.69
N PHE X 9 69.34 27.81 -8.73
CA PHE X 9 69.06 27.41 -10.09
C PHE X 9 69.77 26.11 -10.41
N ILE X 10 69.40 25.51 -11.55
CA ILE X 10 69.82 24.15 -11.86
C ILE X 10 70.61 24.17 -13.17
N PRO X 11 71.94 24.34 -13.14
CA PRO X 11 72.70 24.48 -14.39
C PRO X 11 73.32 23.19 -14.91
N ILE X 12 73.73 23.20 -16.18
CA ILE X 12 74.55 22.14 -16.75
C ILE X 12 76.02 22.38 -16.52
N THR X 13 76.39 23.49 -15.92
CA THR X 13 77.78 23.82 -15.62
C THR X 13 78.00 23.86 -14.10
N ASN X 14 79.26 23.97 -13.71
CA ASN X 14 79.67 23.82 -12.32
C ASN X 14 79.42 25.13 -11.57
N SER X 15 78.17 25.36 -11.17
CA SER X 15 77.87 26.44 -10.24
C SER X 15 76.83 25.97 -9.23
N ILE X 16 76.40 24.72 -9.36
CA ILE X 16 75.35 24.19 -8.50
C ILE X 16 75.92 23.75 -7.16
N THR X 17 77.24 23.62 -7.05
CA THR X 17 77.87 23.10 -5.84
C THR X 17 78.00 24.14 -4.74
N ILE X 18 78.29 25.39 -5.09
CA ILE X 18 78.57 26.40 -4.06
C ILE X 18 77.45 27.42 -4.07
N ASP X 19 76.40 27.16 -3.31
CA ASP X 19 75.32 28.11 -3.14
C ASP X 19 74.90 28.14 -1.67
N VAL X 20 75.25 27.08 -0.95
CA VAL X 20 74.69 26.82 0.37
C VAL X 20 75.57 25.77 1.05
N LYS X 21 75.78 25.94 2.35
CA LYS X 21 76.57 24.95 3.10
C LYS X 21 75.70 24.23 4.13
N ILE X 22 75.07 24.98 5.05
CA ILE X 22 74.29 24.36 6.11
C ILE X 22 72.86 24.12 5.60
N THR X 23 72.07 23.39 6.38
CA THR X 23 70.77 22.96 5.93
C THR X 23 69.65 23.95 6.24
N ILE X 24 69.63 24.56 7.42
CA ILE X 24 68.42 25.17 7.97
C ILE X 24 68.48 26.69 7.84
N GLY X 25 67.47 27.27 7.21
CA GLY X 25 67.23 28.71 7.25
C GLY X 25 65.84 29.06 7.74
N GLY X 26 64.88 28.15 7.52
CA GLY X 26 63.52 28.33 7.98
C GLY X 26 62.96 27.06 8.60
N SER X 27 61.74 26.67 8.22
CA SER X 27 61.18 25.39 8.67
C SER X 27 61.47 24.28 7.67
N ASP X 28 60.96 24.41 6.45
CA ASP X 28 61.20 23.40 5.41
C ASP X 28 61.23 24.02 4.03
N HIS X 29 61.01 23.19 3.02
CA HIS X 29 61.00 23.60 1.63
C HIS X 29 59.55 23.72 1.18
N ILE X 30 59.25 24.78 0.44
CA ILE X 30 58.02 24.79 -0.34
C ILE X 30 58.14 23.93 -1.58
N THR X 31 59.35 23.68 -2.05
CA THR X 31 59.66 22.76 -3.13
C THR X 31 59.38 21.36 -2.62
N ASN X 32 58.22 20.82 -2.94
CA ASN X 32 57.76 19.58 -2.34
C ASN X 32 57.48 18.56 -3.42
N ILE X 33 57.73 17.30 -3.08
CA ILE X 33 57.56 16.17 -3.99
C ILE X 33 56.51 15.26 -3.39
N ASP X 34 55.45 15.01 -4.15
CA ASP X 34 54.37 14.13 -3.75
C ASP X 34 54.21 13.04 -4.80
N GLU X 35 55.35 12.39 -5.08
CA GLU X 35 55.59 11.43 -6.17
C GLU X 35 54.98 11.89 -7.50
N ARG X 36 55.09 13.21 -7.78
CA ARG X 36 54.73 13.73 -9.09
C ARG X 36 55.74 14.77 -9.57
N GLY X 37 56.99 14.72 -9.10
CA GLY X 37 58.01 15.61 -9.60
C GLY X 37 58.31 16.73 -8.63
N ILE X 38 58.96 17.75 -9.17
CA ILE X 38 59.34 18.93 -8.39
C ILE X 38 58.24 19.97 -8.50
N HIS X 39 57.71 20.41 -7.37
CA HIS X 39 56.58 21.32 -7.35
C HIS X 39 56.95 22.61 -6.65
N ASN X 40 56.09 23.63 -6.80
CA ASN X 40 56.27 24.98 -6.27
C ASN X 40 57.58 25.60 -6.74
N VAL X 41 57.91 25.40 -8.01
CA VAL X 41 59.15 25.94 -8.56
C VAL X 41 58.96 27.42 -8.86
N LEU X 42 59.59 28.27 -8.06
CA LEU X 42 59.59 29.69 -8.35
C LEU X 42 60.44 29.95 -9.58
N VAL X 43 59.85 30.62 -10.56
CA VAL X 43 60.53 30.94 -11.80
C VAL X 43 60.61 32.46 -11.86
N ILE X 44 61.82 32.98 -11.87
CA ILE X 44 62.01 34.43 -11.92
C ILE X 44 62.39 34.83 -13.34
N THR X 45 61.66 35.79 -13.88
CA THR X 45 61.76 36.15 -15.28
C THR X 45 62.69 37.35 -15.46
N GLY X 46 63.31 37.42 -16.64
CA GLY X 46 64.23 38.50 -16.92
C GLY X 46 65.59 38.33 -16.26
N TYR X 47 66.02 37.09 -16.05
CA TYR X 47 67.30 36.77 -15.45
C TYR X 47 67.96 35.65 -16.23
N ALA X 48 69.28 35.66 -16.23
CA ALA X 48 70.04 34.75 -17.06
C ALA X 48 71.11 34.07 -16.23
N VAL X 49 71.59 32.91 -16.72
CA VAL X 49 72.70 32.26 -16.05
C VAL X 49 74.01 32.86 -16.55
N ASP X 50 74.79 33.37 -15.60
CA ASP X 50 76.14 33.87 -15.82
C ASP X 50 77.05 32.66 -15.78
N GLU X 51 77.36 32.10 -16.96
CA GLU X 51 77.97 30.78 -17.08
C GLU X 51 79.36 30.70 -16.45
N LYS X 52 80.14 31.77 -16.51
CA LYS X 52 81.32 31.94 -15.68
C LYS X 52 80.91 32.79 -14.49
N ASN X 53 81.52 32.53 -13.33
CA ASN X 53 81.13 33.09 -12.03
C ASN X 53 79.65 32.86 -11.78
N GLY X 54 79.26 31.59 -11.62
CA GLY X 54 77.85 31.23 -11.69
C GLY X 54 76.94 31.85 -10.65
N ARG X 55 76.25 32.88 -11.11
CA ARG X 55 75.31 33.68 -10.33
C ARG X 55 74.20 34.09 -11.28
N LEU X 56 73.39 35.06 -10.87
CA LEU X 56 72.27 35.51 -11.69
C LEU X 56 72.36 37.02 -11.89
N VAL X 57 72.80 37.42 -13.08
CA VAL X 57 72.87 38.83 -13.46
C VAL X 57 71.51 39.27 -14.01
N PRO X 58 70.98 40.42 -13.58
CA PRO X 58 69.71 40.90 -14.13
C PRO X 58 69.81 41.40 -15.55
N THR X 59 69.31 40.60 -16.48
CA THR X 59 69.15 41.05 -17.86
C THR X 59 67.78 41.68 -18.02
N LEU X 60 67.46 42.07 -19.24
CA LEU X 60 66.17 42.69 -19.55
C LEU X 60 65.58 42.04 -20.79
N ASP X 61 64.79 40.98 -20.59
CA ASP X 61 63.96 40.39 -21.63
C ASP X 61 62.85 39.60 -20.94
N PRO X 62 61.59 39.92 -21.24
CA PRO X 62 60.48 39.13 -20.67
C PRO X 62 60.45 37.69 -21.14
N CYS X 63 61.08 37.37 -22.27
CA CYS X 63 61.20 35.97 -22.66
C CYS X 63 62.24 35.25 -21.81
N ASP X 64 63.17 35.99 -21.21
CA ASP X 64 64.22 35.33 -20.45
C ASP X 64 63.77 35.04 -19.03
N TYR X 65 64.21 33.89 -18.52
CA TYR X 65 63.82 33.36 -17.22
C TYR X 65 64.76 32.23 -16.86
N VAL X 66 64.83 31.92 -15.57
CA VAL X 66 65.63 30.80 -15.06
C VAL X 66 64.80 30.06 -14.02
N LYS X 67 64.66 28.75 -14.16
CA LYS X 67 63.87 27.93 -13.26
C LYS X 67 64.77 27.34 -12.19
N GLY X 68 64.52 27.70 -10.93
CA GLY X 68 65.24 27.13 -9.80
C GLY X 68 64.29 26.88 -8.66
N ILE X 69 64.78 26.11 -7.68
CA ILE X 69 63.97 25.65 -6.56
C ILE X 69 64.31 26.48 -5.33
N LEU X 70 63.40 26.49 -4.37
CA LEU X 70 63.56 27.27 -3.15
C LEU X 70 63.77 26.31 -1.97
N VAL X 71 64.97 26.34 -1.41
CA VAL X 71 65.33 25.50 -0.28
C VAL X 71 65.91 26.39 0.81
N ALA X 72 65.90 25.88 2.04
CA ALA X 72 66.43 26.60 3.18
C ALA X 72 67.95 26.43 3.25
N GLY X 73 68.62 27.39 3.85
CA GLY X 73 70.05 27.29 4.09
C GLY X 73 70.71 28.65 3.97
N THR X 74 71.92 28.74 4.52
CA THR X 74 72.68 29.98 4.44
C THR X 74 73.65 29.93 3.28
N PRO X 75 73.82 31.06 2.58
CA PRO X 75 74.87 31.20 1.54
C PRO X 75 76.24 31.65 2.07
N GLN X 76 77.00 30.66 2.57
CA GLN X 76 78.45 30.66 2.79
C GLN X 76 78.94 31.57 3.92
N GLN X 77 78.06 32.47 4.41
CA GLN X 77 78.35 33.53 5.39
C GLN X 77 79.58 34.38 5.02
N ALA X 78 79.86 34.46 3.72
CA ALA X 78 80.90 35.32 3.16
C ALA X 78 80.36 35.94 1.89
N GLN X 79 79.15 35.51 1.52
CA GLN X 79 78.30 36.05 0.49
C GLN X 79 77.39 37.09 1.13
N SER X 80 76.30 37.44 0.44
CA SER X 80 75.16 38.22 0.97
C SER X 80 75.53 39.66 1.27
N ASN X 81 76.71 40.06 0.82
CA ASN X 81 77.12 41.45 0.76
C ASN X 81 77.34 41.85 -0.69
N ASP X 82 77.02 40.97 -1.62
CA ASP X 82 77.07 41.19 -3.06
C ASP X 82 75.79 40.65 -3.70
N PHE X 83 74.93 40.06 -2.86
CA PHE X 83 73.71 39.41 -3.29
C PHE X 83 72.55 40.38 -3.36
N LEU X 84 71.35 39.80 -3.47
CA LEU X 84 70.11 40.56 -3.51
C LEU X 84 69.15 39.96 -2.49
N THR X 85 69.28 40.37 -1.24
CA THR X 85 68.47 39.84 -0.15
C THR X 85 67.29 40.78 0.06
N LEU X 86 66.09 40.22 -0.01
CA LEU X 86 64.86 41.00 0.10
C LEU X 86 63.69 40.08 0.43
N LYS X 87 62.70 40.63 1.11
CA LYS X 87 61.49 39.88 1.44
C LYS X 87 60.34 40.29 0.52
N LEU X 88 59.47 39.34 0.25
CA LEU X 88 58.34 39.48 -0.64
C LEU X 88 57.10 38.98 0.06
N PRO X 89 55.91 39.42 -0.36
CA PRO X 89 54.70 38.72 0.08
C PRO X 89 54.49 37.42 -0.67
N ALA X 90 55.19 37.23 -1.79
CA ALA X 90 55.32 35.98 -2.56
C ALA X 90 54.03 35.48 -3.17
N ASN X 91 52.94 36.22 -3.05
CA ASN X 91 51.62 35.77 -3.47
C ASN X 91 51.20 36.34 -4.81
N LYS X 92 52.16 36.66 -5.68
CA LYS X 92 51.89 37.28 -6.96
C LYS X 92 52.79 36.70 -8.07
N LEU X 93 53.62 35.73 -7.74
CA LEU X 93 54.80 35.39 -8.53
C LEU X 93 54.48 34.41 -9.65
N TYR X 94 55.49 34.20 -10.49
CA TYR X 94 55.42 33.23 -11.59
C TYR X 94 56.02 31.93 -11.08
N LEU X 95 55.27 31.23 -10.24
CA LEU X 95 55.75 30.00 -9.65
C LEU X 95 54.86 28.83 -10.07
N ILE X 96 55.49 27.81 -10.62
CA ILE X 96 54.82 26.78 -11.39
C ILE X 96 54.66 25.54 -10.51
N ARG X 97 53.59 24.77 -10.79
CA ARG X 97 53.18 23.58 -10.05
C ARG X 97 52.91 23.89 -8.59
N LYS X 98 51.97 24.81 -8.36
CA LYS X 98 51.67 25.22 -7.00
C LYS X 98 50.87 24.14 -6.28
N LYS X 99 51.52 23.52 -5.30
CA LYS X 99 50.94 22.45 -4.50
C LYS X 99 51.03 22.81 -3.03
N GLY X 100 52.07 23.55 -2.66
CA GLY X 100 52.26 24.03 -1.31
C GLY X 100 51.46 25.28 -1.02
N ASN X 101 51.56 25.74 0.23
CA ASN X 101 50.76 26.85 0.71
C ASN X 101 51.63 28.08 0.84
N ILE X 102 51.00 29.26 0.77
CA ILE X 102 51.70 30.53 0.85
C ILE X 102 51.60 31.05 2.27
N SER X 103 52.74 31.10 2.96
CA SER X 103 52.82 31.67 4.29
C SER X 103 53.04 33.18 4.27
N ASP X 104 52.91 33.79 3.08
CA ASP X 104 52.60 35.21 2.87
C ASP X 104 53.81 36.11 3.14
N ASP X 105 54.93 35.53 3.58
CA ASP X 105 56.20 36.25 3.66
C ASP X 105 57.39 35.31 3.58
N LEU X 106 58.43 35.70 2.86
CA LEU X 106 59.68 34.95 2.89
C LEU X 106 60.82 35.88 2.53
N LYS X 107 61.90 35.76 3.28
CA LYS X 107 63.18 36.36 2.93
C LYS X 107 63.93 35.36 2.06
N ILE X 108 64.47 35.83 0.93
CA ILE X 108 65.15 34.94 -0.01
C ILE X 108 66.51 35.53 -0.36
N TYR X 109 67.54 34.71 -0.27
CA TYR X 109 68.88 35.06 -0.75
C TYR X 109 68.97 34.76 -2.24
N ILE X 110 69.39 35.75 -3.03
CA ILE X 110 69.38 35.68 -4.48
C ILE X 110 70.82 35.77 -4.97
N PRO X 111 71.29 34.86 -5.84
CA PRO X 111 72.61 35.02 -6.45
C PRO X 111 72.64 36.24 -7.36
N TYR X 112 73.73 37.00 -7.29
CA TYR X 112 73.76 38.30 -7.95
C TYR X 112 75.20 38.69 -8.26
N SER X 113 75.37 39.45 -9.34
CA SER X 113 76.60 40.16 -9.62
C SER X 113 76.28 41.39 -10.46
N SER X 114 77.32 42.14 -10.80
CA SER X 114 77.16 43.35 -11.60
C SER X 114 76.82 42.97 -13.05
N PRO X 115 76.12 43.85 -13.78
CA PRO X 115 75.84 43.57 -15.20
C PRO X 115 77.05 43.55 -16.14
N ASP X 116 78.24 43.98 -15.67
CA ASP X 116 79.51 43.93 -16.39
C ASP X 116 79.45 44.69 -17.71
N ALA X 117 79.28 46.02 -17.61
CA ALA X 117 78.75 46.86 -18.68
C ALA X 117 79.55 46.88 -19.97
N ARG X 118 80.85 46.60 -19.94
CA ARG X 118 81.65 46.62 -21.15
C ARG X 118 81.43 45.39 -22.03
N ASN X 119 80.71 44.38 -21.52
CA ASN X 119 80.36 43.18 -22.27
C ASN X 119 79.07 43.46 -23.02
N SER X 120 78.84 42.70 -24.08
CA SER X 120 77.54 42.67 -24.76
C SER X 120 76.80 41.45 -24.26
N MET X 121 75.54 41.64 -23.86
CA MET X 121 74.75 40.50 -23.42
C MET X 121 73.93 39.93 -24.58
N LYS X 122 74.00 38.61 -24.72
CA LYS X 122 73.34 37.89 -25.80
C LYS X 122 73.17 36.46 -25.35
N THR X 123 71.92 36.05 -25.17
CA THR X 123 71.61 34.81 -24.47
C THR X 123 71.19 33.71 -25.45
N LYS X 124 70.95 32.53 -24.89
CA LYS X 124 70.65 31.31 -25.63
C LYS X 124 69.56 30.50 -24.93
N PRO X 125 68.62 29.94 -25.68
CA PRO X 125 67.79 28.85 -25.12
C PRO X 125 68.65 27.65 -24.74
N VAL X 126 68.69 27.35 -23.44
CA VAL X 126 69.61 26.36 -22.87
C VAL X 126 68.80 25.30 -22.14
N SER X 127 69.00 24.04 -22.53
CA SER X 127 68.28 22.92 -21.96
C SER X 127 69.21 22.06 -21.12
N ILE X 128 68.62 21.30 -20.20
CA ILE X 128 69.36 20.39 -19.34
C ILE X 128 69.03 18.98 -19.79
N SER X 129 70.02 18.25 -20.29
CA SER X 129 69.74 16.96 -20.90
C SER X 129 70.91 16.01 -20.67
N ASP X 130 70.95 14.95 -21.48
CA ASP X 130 72.00 13.92 -21.50
C ASP X 130 72.11 13.28 -20.13
N ASP X 131 71.08 12.52 -19.74
CA ASP X 131 70.61 12.40 -18.35
C ASP X 131 71.61 11.80 -17.35
N THR X 132 72.85 11.50 -17.75
CA THR X 132 73.90 11.36 -16.75
C THR X 132 74.12 12.68 -16.01
N ILE X 133 73.95 13.80 -16.71
CA ILE X 133 74.00 15.11 -16.11
C ILE X 133 72.87 15.36 -15.12
N VAL X 134 71.72 14.74 -15.30
CA VAL X 134 70.60 15.03 -14.40
C VAL X 134 70.73 14.11 -13.19
N ASN X 135 71.50 13.04 -13.33
CA ASN X 135 71.61 12.09 -12.22
C ASN X 135 72.62 12.57 -11.18
N ASN X 136 73.77 13.08 -11.63
CA ASN X 136 74.79 13.48 -10.67
C ASN X 136 74.50 14.85 -10.06
N ILE X 137 73.47 15.54 -10.57
CA ILE X 137 73.00 16.72 -9.85
C ILE X 137 71.90 16.34 -8.86
N ILE X 138 71.20 15.22 -9.10
CA ILE X 138 70.38 14.65 -8.05
C ILE X 138 71.26 14.18 -6.89
N LYS X 139 72.38 13.53 -7.22
CA LYS X 139 73.25 12.94 -6.22
C LYS X 139 73.92 13.95 -5.32
N GLU X 140 74.10 15.19 -5.76
CA GLU X 140 74.78 16.15 -4.92
C GLU X 140 73.99 17.44 -4.68
N VAL X 141 72.73 17.48 -5.09
CA VAL X 141 71.81 18.51 -4.60
C VAL X 141 70.56 17.86 -4.05
N PHE X 142 69.89 17.07 -4.88
CA PHE X 142 68.61 16.50 -4.46
C PHE X 142 68.76 15.40 -3.48
N ASP X 143 69.95 14.83 -3.36
CA ASP X 143 70.30 14.06 -2.17
C ASP X 143 70.83 14.94 -1.06
N LYS X 144 71.59 15.97 -1.42
CA LYS X 144 72.14 16.92 -0.46
C LYS X 144 71.05 17.76 0.19
N ILE X 145 69.94 18.00 -0.49
CA ILE X 145 68.79 18.65 0.11
C ILE X 145 67.82 17.65 0.70
N TYR X 146 67.41 16.65 -0.08
CA TYR X 146 66.34 15.75 0.31
C TYR X 146 66.93 14.40 0.67
N ASN X 147 66.49 13.84 1.79
CA ASN X 147 66.76 12.45 2.10
C ASN X 147 65.57 11.55 1.82
N ILE X 148 64.45 12.11 1.34
CA ILE X 148 63.26 11.31 1.06
C ILE X 148 63.38 10.55 -0.26
N THR X 149 64.39 10.82 -1.06
CA THR X 149 64.77 9.85 -2.08
C THR X 149 65.90 8.98 -1.55
N GLN X 150 65.99 7.77 -2.11
CA GLN X 150 66.78 6.65 -1.59
C GLN X 150 66.34 6.28 -0.16
N LYS X 151 65.05 6.54 0.10
CA LYS X 151 64.30 5.77 1.08
C LYS X 151 62.92 5.46 0.54
N GLU X 152 62.43 6.30 -0.38
CA GLU X 152 61.08 6.11 -0.90
C GLU X 152 61.02 6.16 -2.42
N LYS X 153 61.82 7.02 -3.03
CA LYS X 153 61.65 7.30 -4.45
C LYS X 153 62.61 6.49 -5.29
N VAL X 154 62.05 5.64 -6.14
CA VAL X 154 62.77 4.97 -7.21
C VAL X 154 62.03 5.37 -8.48
N LYS X 155 60.97 6.16 -8.30
CA LYS X 155 60.20 6.73 -9.41
C LYS X 155 60.91 7.98 -9.93
N ILE X 156 62.11 7.74 -10.46
CA ILE X 156 63.00 8.83 -10.84
C ILE X 156 62.68 9.31 -12.25
N GLU X 157 61.82 8.57 -12.98
CA GLU X 157 61.46 8.95 -14.34
C GLU X 157 60.65 10.23 -14.38
N LYS X 158 59.95 10.56 -13.30
CA LYS X 158 59.25 11.83 -13.24
C LYS X 158 60.16 12.96 -12.80
N VAL X 159 61.22 12.66 -12.03
CA VAL X 159 62.26 13.63 -11.79
C VAL X 159 63.37 13.52 -12.82
N LYS X 160 63.26 12.59 -13.77
CA LYS X 160 63.90 12.75 -15.07
C LYS X 160 63.19 13.81 -15.90
N GLU X 161 61.92 13.56 -16.23
CA GLU X 161 61.03 14.24 -17.18
C GLU X 161 60.88 15.75 -16.91
N ASP X 162 61.16 16.22 -15.70
CA ASP X 162 61.02 17.65 -15.39
C ASP X 162 62.30 18.44 -15.63
N ILE X 163 63.46 17.86 -15.36
CA ILE X 163 64.68 18.64 -15.60
C ILE X 163 65.18 18.37 -17.02
N LYS X 164 64.57 17.41 -17.72
CA LYS X 164 64.93 17.17 -19.11
C LYS X 164 64.47 18.31 -20.03
N GLU X 165 63.16 18.57 -20.10
CA GLU X 165 62.71 19.63 -21.01
C GLU X 165 61.70 20.55 -20.33
N LEU X 166 61.44 20.32 -19.05
CA LEU X 166 60.41 21.08 -18.35
C LEU X 166 61.00 22.06 -17.35
N PHE X 167 62.23 21.80 -16.89
CA PHE X 167 63.14 22.82 -16.41
C PHE X 167 63.95 23.34 -17.59
N SER X 168 64.06 24.66 -17.69
CA SER X 168 64.88 25.28 -18.71
C SER X 168 65.30 26.65 -18.22
N TYR X 169 66.36 27.18 -18.81
CA TYR X 169 66.80 28.52 -18.48
C TYR X 169 67.47 29.10 -19.71
N TYR X 170 67.49 30.43 -19.76
CA TYR X 170 68.10 31.14 -20.88
C TYR X 170 69.41 31.73 -20.41
N ALA X 171 70.52 31.14 -20.84
CA ALA X 171 71.83 31.45 -20.30
C ALA X 171 72.61 32.34 -21.25
N LEU X 172 73.61 33.02 -20.69
CA LEU X 172 74.37 34.07 -21.34
C LEU X 172 75.39 33.57 -22.36
N GLU X 173 75.45 32.26 -22.60
CA GLU X 173 76.36 31.55 -23.52
C GLU X 173 77.82 32.01 -23.39
N GLN X 174 78.35 31.86 -22.17
CA GLN X 174 79.73 32.23 -21.86
C GLN X 174 80.55 31.02 -21.40
N SER Y 2 -69.95 6.77 6.07
CA SER Y 2 -68.59 7.28 6.07
C SER Y 2 -68.54 8.67 6.68
N THR Y 3 -67.34 9.10 7.05
CA THR Y 3 -67.14 10.41 7.67
C THR Y 3 -66.22 11.24 6.80
N GLN Y 4 -66.37 12.55 6.91
CA GLN Y 4 -65.84 13.49 5.94
C GLN Y 4 -64.81 14.38 6.64
N ARG Y 5 -63.55 14.28 6.24
CA ARG Y 5 -62.55 15.20 6.75
C ARG Y 5 -62.22 16.27 5.72
N GLU Y 6 -61.43 17.26 6.14
CA GLU Y 6 -61.01 18.31 5.23
C GLU Y 6 -59.67 18.86 5.70
N TYR Y 7 -58.75 19.03 4.76
CA TYR Y 7 -57.42 19.54 5.04
C TYR Y 7 -57.42 21.06 4.96
N VAL Y 8 -57.04 21.71 6.06
CA VAL Y 8 -56.85 23.15 6.07
C VAL Y 8 -55.35 23.43 6.09
N PHE Y 9 -54.90 24.15 5.07
CA PHE Y 9 -53.51 24.57 5.00
C PHE Y 9 -53.26 25.67 6.02
N ILE Y 10 -52.01 25.76 6.47
CA ILE Y 10 -51.67 26.75 7.50
C ILE Y 10 -50.64 27.72 6.93
N PRO Y 11 -51.08 28.85 6.41
CA PRO Y 11 -50.16 29.85 5.87
C PRO Y 11 -49.78 30.91 6.88
N ILE Y 12 -49.08 31.92 6.37
CA ILE Y 12 -48.79 33.13 7.13
C ILE Y 12 -49.79 34.24 6.84
N THR Y 13 -50.92 33.93 6.20
CA THR Y 13 -51.77 34.99 5.66
C THR Y 13 -53.10 35.09 6.39
N ASN Y 14 -53.95 35.96 5.85
CA ASN Y 14 -55.34 36.12 6.29
C ASN Y 14 -56.24 35.30 5.35
N SER Y 15 -55.92 34.01 5.27
CA SER Y 15 -56.65 33.07 4.43
C SER Y 15 -57.19 31.90 5.22
N ILE Y 16 -57.21 31.98 6.55
CA ILE Y 16 -57.78 30.95 7.40
C ILE Y 16 -58.98 31.61 8.06
N THR Y 17 -59.60 32.54 7.32
CA THR Y 17 -60.67 33.35 7.89
C THR Y 17 -61.94 32.55 8.13
N ILE Y 18 -62.57 32.08 7.04
CA ILE Y 18 -63.80 31.31 7.13
C ILE Y 18 -63.59 30.07 6.29
N ASP Y 19 -63.27 28.95 6.93
CA ASP Y 19 -62.98 27.72 6.20
C ASP Y 19 -63.60 26.50 6.87
N VAL Y 20 -64.34 26.71 7.96
CA VAL Y 20 -65.06 25.62 8.62
C VAL Y 20 -66.25 26.23 9.36
N LYS Y 21 -67.36 25.48 9.39
CA LYS Y 21 -68.51 25.84 10.20
C LYS Y 21 -68.65 24.94 11.41
N ILE Y 22 -67.90 23.84 11.44
CA ILE Y 22 -68.17 22.76 12.37
C ILE Y 22 -67.06 22.76 13.42
N THR Y 23 -67.43 22.48 14.67
CA THR Y 23 -66.48 22.44 15.76
C THR Y 23 -66.38 21.08 16.45
N ILE Y 24 -67.29 20.16 16.14
CA ILE Y 24 -67.21 18.81 16.69
C ILE Y 24 -66.82 17.91 15.54
N GLY Y 25 -66.74 18.46 14.34
CA GLY Y 25 -66.48 17.69 13.14
C GLY Y 25 -67.66 16.86 12.73
N GLY Y 26 -67.41 15.78 11.98
CA GLY Y 26 -68.42 14.77 11.78
C GLY Y 26 -68.78 14.08 13.08
N SER Y 27 -67.82 13.34 13.65
CA SER Y 27 -67.95 12.95 15.05
C SER Y 27 -66.60 13.00 15.77
N ASP Y 28 -65.51 13.23 15.03
CA ASP Y 28 -64.18 13.14 15.61
C ASP Y 28 -63.24 14.13 14.95
N HIS Y 29 -61.97 14.07 15.35
CA HIS Y 29 -60.91 14.85 14.73
C HIS Y 29 -59.65 13.99 14.76
N ILE Y 30 -59.03 13.83 13.59
CA ILE Y 30 -57.82 13.01 13.47
C ILE Y 30 -56.56 13.84 13.36
N THR Y 31 -56.64 15.13 13.63
CA THR Y 31 -55.48 15.87 14.12
C THR Y 31 -55.80 16.31 15.53
N ASN Y 32 -55.06 15.76 16.49
CA ASN Y 32 -55.37 16.00 17.90
C ASN Y 32 -54.27 16.81 18.56
N ILE Y 33 -54.45 17.03 19.86
CA ILE Y 33 -53.43 17.62 20.72
C ILE Y 33 -53.28 16.67 21.90
N ASP Y 34 -52.23 15.86 21.88
CA ASP Y 34 -51.97 14.90 22.94
C ASP Y 34 -50.93 15.40 23.93
N GLU Y 35 -50.95 16.70 24.25
CA GLU Y 35 -50.18 17.44 25.26
C GLU Y 35 -48.67 17.21 25.21
N ARG Y 36 -48.16 16.72 24.07
CA ARG Y 36 -46.73 16.80 23.82
C ARG Y 36 -46.48 17.46 22.47
N GLY Y 37 -47.52 18.01 21.86
CA GLY Y 37 -47.43 18.71 20.59
C GLY Y 37 -48.67 18.52 19.74
N ILE Y 38 -48.61 18.95 18.49
CA ILE Y 38 -49.68 18.73 17.53
C ILE Y 38 -49.29 17.51 16.71
N HIS Y 39 -50.24 16.57 16.57
CA HIS Y 39 -49.87 15.24 16.10
C HIS Y 39 -50.73 14.85 14.91
N ASN Y 40 -50.28 13.78 14.23
CA ASN Y 40 -50.94 13.15 13.08
C ASN Y 40 -51.11 14.15 11.93
N VAL Y 41 -50.16 15.07 11.82
CA VAL Y 41 -50.29 16.22 10.95
C VAL Y 41 -50.05 15.83 9.50
N LEU Y 42 -50.93 16.25 8.61
CA LEU Y 42 -50.82 15.96 7.19
C LEU Y 42 -49.94 16.96 6.48
N VAL Y 43 -49.11 16.46 5.57
CA VAL Y 43 -48.39 17.29 4.61
C VAL Y 43 -48.71 16.75 3.22
N ILE Y 44 -49.14 17.63 2.32
CA ILE Y 44 -49.56 17.20 0.98
C ILE Y 44 -48.51 17.64 -0.03
N THR Y 45 -47.95 16.67 -0.75
CA THR Y 45 -46.78 16.89 -1.58
C THR Y 45 -47.17 17.13 -3.03
N GLY Y 46 -46.31 17.85 -3.75
CA GLY Y 46 -46.53 18.15 -5.14
C GLY Y 46 -47.36 19.39 -5.40
N TYR Y 47 -47.87 20.03 -4.35
CA TYR Y 47 -48.76 21.16 -4.48
C TYR Y 47 -48.15 22.41 -3.87
N ALA Y 48 -48.31 23.53 -4.57
CA ALA Y 48 -47.99 24.85 -4.04
C ALA Y 48 -49.30 25.57 -3.72
N VAL Y 49 -49.21 26.76 -3.13
CA VAL Y 49 -50.41 27.55 -2.86
C VAL Y 49 -50.33 28.87 -3.60
N ASP Y 50 -51.51 29.40 -3.93
CA ASP Y 50 -51.69 30.82 -4.22
C ASP Y 50 -52.30 31.41 -2.95
N GLU Y 51 -51.60 32.36 -2.34
CA GLU Y 51 -52.05 32.91 -1.06
C GLU Y 51 -53.20 33.89 -1.21
N LYS Y 52 -53.56 34.26 -2.44
CA LYS Y 52 -54.84 34.91 -2.74
C LYS Y 52 -55.72 33.86 -3.39
N ASN Y 53 -56.99 33.81 -2.94
CA ASN Y 53 -57.93 32.72 -3.19
C ASN Y 53 -57.28 31.41 -2.78
N GLY Y 54 -57.02 31.28 -1.49
CA GLY Y 54 -56.17 30.25 -0.94
C GLY Y 54 -56.65 28.82 -1.11
N ARG Y 55 -55.98 28.10 -2.01
CA ARG Y 55 -56.17 26.66 -2.15
C ARG Y 55 -54.80 26.04 -2.34
N LEU Y 56 -54.79 24.81 -2.83
CA LEU Y 56 -53.57 24.16 -3.24
C LEU Y 56 -53.48 24.21 -4.77
N VAL Y 57 -52.35 24.68 -5.28
CA VAL Y 57 -52.19 24.81 -6.72
C VAL Y 57 -51.22 23.73 -7.17
N PRO Y 58 -51.61 22.86 -8.10
CA PRO Y 58 -50.79 21.70 -8.46
C PRO Y 58 -49.57 22.08 -9.29
N THR Y 59 -48.44 21.42 -9.02
CA THR Y 59 -47.21 21.49 -9.80
C THR Y 59 -46.68 20.08 -10.06
N LEU Y 60 -45.63 20.01 -10.89
CA LEU Y 60 -45.04 18.73 -11.26
C LEU Y 60 -43.77 18.41 -10.48
N ASP Y 61 -43.44 19.20 -9.47
CA ASP Y 61 -42.26 18.98 -8.65
C ASP Y 61 -42.69 18.37 -7.33
N PRO Y 62 -42.26 17.17 -6.98
CA PRO Y 62 -42.57 16.60 -5.67
C PRO Y 62 -41.84 17.24 -4.51
N CYS Y 63 -40.92 18.18 -4.77
CA CYS Y 63 -40.28 18.98 -3.73
C CYS Y 63 -41.20 20.07 -3.20
N ASP Y 64 -42.41 20.19 -3.74
CA ASP Y 64 -43.40 21.17 -3.31
C ASP Y 64 -44.31 20.47 -2.32
N TYR Y 65 -44.46 21.04 -1.13
CA TYR Y 65 -45.36 20.47 -0.14
C TYR Y 65 -46.01 21.58 0.67
N VAL Y 66 -47.13 21.25 1.31
CA VAL Y 66 -47.90 22.20 2.11
C VAL Y 66 -48.22 21.53 3.44
N LYS Y 67 -47.91 22.21 4.54
CA LYS Y 67 -48.09 21.69 5.88
C LYS Y 67 -49.27 22.37 6.55
N GLY Y 68 -50.24 21.58 7.00
CA GLY Y 68 -51.39 22.07 7.75
C GLY Y 68 -52.04 20.95 8.53
N ILE Y 69 -53.17 21.17 9.18
CA ILE Y 69 -53.85 20.12 9.93
C ILE Y 69 -55.07 19.65 9.17
N LEU Y 70 -55.68 18.58 9.67
CA LEU Y 70 -56.73 17.84 8.98
C LEU Y 70 -57.93 17.74 9.91
N VAL Y 71 -58.99 18.48 9.59
CA VAL Y 71 -60.17 18.54 10.44
C VAL Y 71 -61.32 17.81 9.77
N ALA Y 72 -62.27 17.36 10.57
CA ALA Y 72 -63.40 16.64 10.01
C ALA Y 72 -64.57 17.57 9.73
N GLY Y 73 -65.43 17.16 8.82
CA GLY Y 73 -66.61 17.93 8.47
C GLY Y 73 -66.61 18.31 7.01
N THR Y 74 -67.33 19.39 6.73
CA THR Y 74 -67.50 20.02 5.44
C THR Y 74 -67.18 21.52 5.55
N PRO Y 75 -66.24 22.01 4.74
CA PRO Y 75 -65.69 23.35 4.97
C PRO Y 75 -66.62 24.49 4.60
N GLN Y 76 -66.78 25.44 5.54
CA GLN Y 76 -67.26 26.81 5.33
C GLN Y 76 -68.75 26.90 5.00
N GLN Y 77 -69.36 25.78 4.61
CA GLN Y 77 -70.72 25.68 4.06
C GLN Y 77 -70.99 26.78 3.00
N ALA Y 78 -69.96 27.06 2.20
CA ALA Y 78 -70.06 28.03 1.13
C ALA Y 78 -69.26 27.51 -0.05
N GLN Y 79 -68.69 26.32 0.13
CA GLN Y 79 -67.72 25.76 -0.80
C GLN Y 79 -67.98 24.28 -0.97
N SER Y 80 -66.95 23.60 -1.49
CA SER Y 80 -66.84 22.16 -1.69
C SER Y 80 -67.79 21.68 -2.77
N ASN Y 81 -68.08 22.56 -3.73
CA ASN Y 81 -68.58 22.15 -5.03
C ASN Y 81 -67.44 22.02 -6.04
N ASP Y 82 -66.27 22.54 -5.71
CA ASP Y 82 -65.10 22.47 -6.57
C ASP Y 82 -63.88 22.02 -5.78
N PHE Y 83 -64.11 21.48 -4.59
CA PHE Y 83 -63.07 20.83 -3.81
C PHE Y 83 -62.97 19.36 -4.23
N LEU Y 84 -61.92 18.71 -3.78
CA LEU Y 84 -61.55 17.40 -4.31
C LEU Y 84 -62.10 16.30 -3.41
N THR Y 85 -62.97 15.47 -3.97
CA THR Y 85 -63.48 14.31 -3.27
C THR Y 85 -62.52 13.16 -3.47
N LEU Y 86 -61.94 12.67 -2.37
CA LEU Y 86 -61.08 11.51 -2.41
C LEU Y 86 -61.30 10.66 -1.16
N LYS Y 87 -61.55 9.37 -1.38
CA LYS Y 87 -61.64 8.40 -0.31
C LYS Y 87 -60.43 7.46 -0.40
N LEU Y 88 -59.40 7.77 0.38
CA LEU Y 88 -58.20 6.97 0.52
C LEU Y 88 -58.30 6.17 1.81
N PRO Y 89 -57.65 5.01 1.87
CA PRO Y 89 -57.65 4.25 3.13
C PRO Y 89 -56.64 4.75 4.16
N ALA Y 90 -56.06 5.92 3.92
CA ALA Y 90 -55.19 6.71 4.80
C ALA Y 90 -53.82 6.07 5.08
N ASN Y 91 -53.62 4.83 4.63
CA ASN Y 91 -52.29 4.27 4.47
C ASN Y 91 -51.83 4.44 3.03
N LYS Y 92 -52.52 5.31 2.28
CA LYS Y 92 -51.98 5.92 1.08
C LYS Y 92 -51.69 7.41 1.30
N LEU Y 93 -51.46 7.81 2.55
CA LEU Y 93 -51.13 9.19 2.88
C LEU Y 93 -49.73 9.33 3.46
N TYR Y 94 -49.48 10.51 4.03
CA TYR Y 94 -48.16 10.93 4.51
C TYR Y 94 -48.35 11.84 5.73
N LEU Y 95 -48.34 11.24 6.92
CA LEU Y 95 -48.65 11.97 8.13
C LEU Y 95 -47.41 12.14 8.99
N ILE Y 96 -47.23 13.35 9.53
CA ILE Y 96 -46.05 13.64 10.34
C ILE Y 96 -46.47 13.82 11.79
N ARG Y 97 -45.54 13.46 12.68
CA ARG Y 97 -45.77 13.24 14.11
C ARG Y 97 -47.01 12.39 14.38
N LYS Y 98 -46.99 11.14 13.92
CA LYS Y 98 -48.05 10.23 14.29
C LYS Y 98 -47.95 9.87 15.76
N LYS Y 99 -49.03 10.09 16.50
CA LYS Y 99 -49.06 9.57 17.87
C LYS Y 99 -50.37 8.83 18.10
N GLY Y 100 -51.43 9.23 17.41
CA GLY Y 100 -52.70 8.56 17.56
C GLY Y 100 -52.83 7.30 16.75
N ASN Y 101 -54.06 6.96 16.37
CA ASN Y 101 -54.31 5.85 15.48
C ASN Y 101 -55.27 6.33 14.41
N ILE Y 102 -55.28 5.64 13.28
CA ILE Y 102 -56.14 6.03 12.17
C ILE Y 102 -57.14 4.91 11.97
N SER Y 103 -58.43 5.25 11.95
CA SER Y 103 -59.50 4.27 11.78
C SER Y 103 -59.62 3.77 10.35
N ASP Y 104 -58.98 4.48 9.41
CA ASP Y 104 -58.89 4.14 7.98
C ASP Y 104 -60.27 4.01 7.34
N ASP Y 105 -61.17 4.91 7.71
CA ASP Y 105 -62.37 5.18 6.94
C ASP Y 105 -62.38 6.67 6.57
N LEU Y 106 -61.60 7.02 5.55
CA LEU Y 106 -61.22 8.40 5.29
C LEU Y 106 -61.75 8.87 3.96
N LYS Y 107 -62.57 9.92 3.98
CA LYS Y 107 -62.86 10.70 2.79
C LYS Y 107 -62.56 12.16 3.08
N ILE Y 108 -61.67 12.75 2.29
CA ILE Y 108 -61.13 14.08 2.57
C ILE Y 108 -61.45 15.01 1.40
N TYR Y 109 -62.00 16.18 1.72
CA TYR Y 109 -62.17 17.29 0.80
C TYR Y 109 -60.92 18.15 0.82
N ILE Y 110 -60.49 18.58 -0.36
CA ILE Y 110 -59.18 19.19 -0.54
C ILE Y 110 -59.36 20.53 -1.25
N PRO Y 111 -58.75 21.61 -0.77
CA PRO Y 111 -58.80 22.87 -1.54
C PRO Y 111 -57.99 22.74 -2.82
N TYR Y 112 -58.69 22.50 -3.91
CA TYR Y 112 -58.08 22.09 -5.17
C TYR Y 112 -58.29 23.21 -6.18
N SER Y 113 -57.20 23.68 -6.77
CA SER Y 113 -57.23 24.86 -7.61
C SER Y 113 -56.66 24.57 -8.99
N SER Y 114 -56.72 25.55 -9.84
CA SER Y 114 -56.20 25.49 -11.19
C SER Y 114 -54.88 26.25 -11.30
N PRO Y 115 -53.94 25.75 -12.09
CA PRO Y 115 -52.64 26.42 -12.20
C PRO Y 115 -52.71 27.73 -12.95
N ASP Y 116 -53.68 27.82 -13.87
CA ASP Y 116 -53.99 29.00 -14.67
C ASP Y 116 -52.78 29.46 -15.48
N ALA Y 117 -52.41 28.66 -16.49
CA ALA Y 117 -51.16 28.80 -17.21
C ALA Y 117 -51.16 29.98 -18.18
N ARG Y 118 -51.11 31.19 -17.65
CA ARG Y 118 -50.72 32.37 -18.39
C ARG Y 118 -49.46 33.02 -17.84
N ASN Y 119 -49.14 32.75 -16.57
CA ASN Y 119 -47.87 33.14 -15.98
C ASN Y 119 -47.34 31.97 -15.15
N SER Y 120 -46.09 31.60 -15.42
CA SER Y 120 -45.49 30.40 -14.85
C SER Y 120 -45.04 30.70 -13.43
N MET Y 121 -45.18 29.70 -12.56
CA MET Y 121 -44.87 29.89 -11.15
C MET Y 121 -43.39 29.64 -10.87
N LYS Y 122 -42.80 30.52 -10.08
CA LYS Y 122 -41.44 30.34 -9.56
C LYS Y 122 -41.59 30.24 -8.05
N THR Y 123 -41.47 29.02 -7.54
CA THR Y 123 -41.86 28.76 -6.16
C THR Y 123 -40.73 29.09 -5.19
N LYS Y 124 -41.09 29.68 -4.06
CA LYS Y 124 -40.12 29.96 -3.01
C LYS Y 124 -40.60 29.35 -1.69
N PRO Y 125 -39.68 28.92 -0.83
CA PRO Y 125 -40.09 28.33 0.45
C PRO Y 125 -40.55 29.38 1.44
N VAL Y 126 -41.55 29.02 2.23
CA VAL Y 126 -42.14 29.89 3.23
C VAL Y 126 -42.05 29.15 4.56
N SER Y 127 -41.71 29.87 5.62
CA SER Y 127 -41.95 29.41 6.98
C SER Y 127 -42.90 30.37 7.67
N ILE Y 128 -43.21 30.08 8.94
CA ILE Y 128 -44.23 30.85 9.65
C ILE Y 128 -43.60 31.65 10.80
N SER Y 129 -43.87 32.96 10.81
CA SER Y 129 -43.36 33.89 11.81
C SER Y 129 -44.36 35.03 11.97
N ASP Y 130 -43.87 36.17 12.51
CA ASP Y 130 -44.67 37.32 12.95
C ASP Y 130 -45.66 36.88 14.02
N ASP Y 131 -45.16 36.76 15.26
CA ASP Y 131 -45.86 36.21 16.43
C ASP Y 131 -47.33 36.63 16.59
N THR Y 132 -47.72 37.82 16.14
CA THR Y 132 -49.14 38.20 16.18
C THR Y 132 -49.94 37.49 15.10
N ILE Y 133 -49.36 37.29 13.92
CA ILE Y 133 -49.98 36.41 12.93
C ILE Y 133 -49.98 34.98 13.44
N VAL Y 134 -48.94 34.60 14.20
CA VAL Y 134 -48.83 33.26 14.76
C VAL Y 134 -49.95 33.01 15.78
N ASN Y 135 -50.19 34.00 16.64
CA ASN Y 135 -51.24 33.84 17.64
C ASN Y 135 -52.63 33.93 17.02
N ASN Y 136 -52.73 34.56 15.85
CA ASN Y 136 -54.01 34.71 15.17
C ASN Y 136 -54.52 33.39 14.63
N ILE Y 137 -53.64 32.39 14.45
CA ILE Y 137 -54.05 31.12 13.84
C ILE Y 137 -54.93 30.34 14.82
N ILE Y 138 -54.75 30.57 16.12
CA ILE Y 138 -55.54 29.88 17.14
C ILE Y 138 -57.00 30.26 17.04
N LYS Y 139 -57.28 31.54 16.90
CA LYS Y 139 -58.63 32.00 16.66
C LYS Y 139 -59.02 31.92 15.19
N GLU Y 140 -58.20 31.28 14.36
CA GLU Y 140 -58.56 30.95 12.99
C GLU Y 140 -58.62 29.45 12.73
N VAL Y 141 -57.87 28.62 13.45
CA VAL Y 141 -58.15 27.18 13.32
C VAL Y 141 -58.21 26.45 14.67
N PHE Y 142 -57.55 26.96 15.71
CA PHE Y 142 -57.44 26.13 16.93
C PHE Y 142 -58.37 26.56 18.06
N ASP Y 143 -59.18 27.59 17.85
CA ASP Y 143 -60.33 27.84 18.70
C ASP Y 143 -61.59 27.32 18.05
N LYS Y 144 -61.53 27.02 16.76
CA LYS Y 144 -62.64 26.46 16.03
C LYS Y 144 -62.71 24.95 16.16
N ILE Y 145 -61.65 24.32 16.68
CA ILE Y 145 -61.64 22.88 16.88
C ILE Y 145 -61.44 22.60 18.36
N TYR Y 146 -60.75 23.50 19.07
CA TYR Y 146 -60.34 23.22 20.43
C TYR Y 146 -60.75 24.34 21.37
N ASN Y 147 -61.38 23.96 22.47
CA ASN Y 147 -61.60 24.87 23.58
C ASN Y 147 -61.08 24.25 24.86
N ILE Y 148 -60.94 22.92 24.86
CA ILE Y 148 -60.31 22.20 25.95
C ILE Y 148 -58.83 22.53 26.05
N THR Y 149 -58.20 22.98 24.96
CA THR Y 149 -56.86 23.54 24.99
C THR Y 149 -56.95 24.89 25.68
N GLN Y 150 -55.91 25.25 26.43
CA GLN Y 150 -55.63 26.55 27.06
C GLN Y 150 -56.67 26.96 28.09
N LYS Y 151 -57.58 26.06 28.48
CA LYS Y 151 -58.51 26.35 29.54
C LYS Y 151 -58.43 25.32 30.67
N GLU Y 152 -57.77 24.19 30.41
CA GLU Y 152 -57.28 23.30 31.45
C GLU Y 152 -55.75 23.31 31.42
N LYS Y 153 -55.22 23.25 30.21
CA LYS Y 153 -53.80 23.14 29.92
C LYS Y 153 -53.02 24.35 30.41
N VAL Y 154 -51.74 24.12 30.68
CA VAL Y 154 -50.79 25.20 30.92
C VAL Y 154 -49.64 25.18 29.93
N LYS Y 155 -49.58 24.20 29.03
CA LYS Y 155 -48.55 24.11 27.99
C LYS Y 155 -49.11 24.76 26.72
N ILE Y 156 -49.57 26.00 26.88
CA ILE Y 156 -50.06 26.79 25.76
C ILE Y 156 -48.89 27.39 24.98
N GLU Y 157 -47.75 27.59 25.64
CA GLU Y 157 -46.54 28.01 24.94
C GLU Y 157 -46.01 26.89 24.06
N LYS Y 158 -46.38 25.65 24.38
CA LYS Y 158 -45.98 24.49 23.59
C LYS Y 158 -46.76 24.44 22.29
N VAL Y 159 -48.04 24.79 22.34
CA VAL Y 159 -48.88 24.62 21.17
C VAL Y 159 -48.77 25.86 20.28
N LYS Y 160 -48.06 26.90 20.73
CA LYS Y 160 -47.74 28.02 19.85
C LYS Y 160 -46.52 27.72 18.99
N GLU Y 161 -45.43 27.28 19.62
CA GLU Y 161 -44.13 27.17 18.95
C GLU Y 161 -44.10 26.14 17.84
N ASP Y 162 -44.93 25.11 17.89
CA ASP Y 162 -44.95 24.08 16.87
C ASP Y 162 -45.81 24.43 15.67
N ILE Y 163 -46.27 25.67 15.57
CA ILE Y 163 -46.81 26.13 14.31
C ILE Y 163 -45.79 27.01 13.58
N LYS Y 164 -44.86 27.60 14.33
CA LYS Y 164 -43.69 28.22 13.74
C LYS Y 164 -42.71 27.15 13.27
N GLU Y 165 -42.59 26.07 14.02
CA GLU Y 165 -41.63 25.02 13.74
C GLU Y 165 -42.11 24.00 12.74
N LEU Y 166 -43.24 23.35 13.00
CA LEU Y 166 -43.59 22.16 12.25
C LEU Y 166 -44.36 22.43 10.97
N PHE Y 167 -44.40 23.67 10.50
CA PHE Y 167 -45.24 24.02 9.36
C PHE Y 167 -44.45 24.92 8.42
N SER Y 168 -44.41 24.54 7.15
CA SER Y 168 -43.68 25.26 6.11
C SER Y 168 -44.18 24.78 4.76
N TYR Y 169 -44.08 25.63 3.75
CA TYR Y 169 -44.73 25.36 2.48
C TYR Y 169 -44.12 26.23 1.38
N TYR Y 170 -44.62 26.06 0.15
CA TYR Y 170 -44.22 26.88 -0.97
C TYR Y 170 -45.40 27.72 -1.45
N ALA Y 171 -45.09 28.81 -2.15
CA ALA Y 171 -46.07 29.66 -2.80
C ALA Y 171 -45.77 29.73 -4.29
N LEU Y 172 -46.68 30.33 -5.07
CA LEU Y 172 -46.51 30.33 -6.53
C LEU Y 172 -45.65 31.51 -7.00
N GLU Y 173 -45.60 32.58 -6.19
CA GLU Y 173 -45.08 33.94 -6.40
C GLU Y 173 -46.02 34.76 -7.30
N GLN Y 174 -47.09 34.16 -7.80
CA GLN Y 174 -48.15 34.94 -8.46
C GLN Y 174 -49.17 35.46 -7.46
N SER Z 2 -55.72 -59.27 26.57
CA SER Z 2 -54.60 -58.58 25.94
C SER Z 2 -54.77 -57.07 26.08
N THR Z 3 -54.14 -56.32 25.18
CA THR Z 3 -54.17 -54.86 25.21
C THR Z 3 -54.48 -54.30 23.83
N GLN Z 4 -55.49 -53.42 23.76
CA GLN Z 4 -55.79 -52.69 22.53
C GLN Z 4 -56.48 -51.38 22.88
N ARG Z 5 -56.13 -50.32 22.15
CA ARG Z 5 -56.79 -49.03 22.30
C ARG Z 5 -57.06 -48.43 20.94
N GLU Z 6 -57.99 -47.48 20.91
CA GLU Z 6 -58.63 -47.02 19.70
C GLU Z 6 -58.33 -45.54 19.51
N TYR Z 7 -58.11 -45.13 18.26
CA TYR Z 7 -57.76 -43.74 18.00
C TYR Z 7 -59.00 -42.87 18.01
N VAL Z 8 -58.89 -41.71 18.64
CA VAL Z 8 -59.92 -40.68 18.65
C VAL Z 8 -59.27 -39.42 18.12
N PHE Z 9 -59.67 -38.98 16.93
CA PHE Z 9 -59.28 -37.65 16.51
C PHE Z 9 -60.26 -36.65 17.09
N ILE Z 10 -59.77 -35.44 17.36
CA ILE Z 10 -60.57 -34.40 17.96
C ILE Z 10 -60.69 -33.25 16.97
N PRO Z 11 -61.74 -33.22 16.17
CA PRO Z 11 -61.96 -32.13 15.22
C PRO Z 11 -62.65 -30.95 15.89
N ILE Z 12 -63.12 -29.99 15.09
CA ILE Z 12 -64.17 -29.11 15.57
C ILE Z 12 -65.56 -29.64 15.25
N THR Z 13 -65.64 -30.82 14.63
CA THR Z 13 -66.90 -31.25 14.01
C THR Z 13 -67.65 -32.26 14.87
N ASN Z 14 -68.90 -32.50 14.46
CA ASN Z 14 -69.80 -33.46 15.08
C ASN Z 14 -69.75 -34.75 14.26
N SER Z 15 -68.62 -35.45 14.30
CA SER Z 15 -68.48 -36.71 13.57
C SER Z 15 -67.76 -37.76 14.39
N ILE Z 16 -67.67 -37.55 15.70
CA ILE Z 16 -66.96 -38.46 16.59
C ILE Z 16 -67.93 -39.14 17.57
N THR Z 17 -69.18 -39.32 17.17
CA THR Z 17 -70.14 -40.05 17.98
C THR Z 17 -70.04 -41.55 17.74
N ILE Z 18 -69.43 -41.95 16.63
CA ILE Z 18 -69.46 -43.34 16.17
C ILE Z 18 -68.03 -43.84 16.24
N ASP Z 19 -67.30 -43.43 17.28
CA ASP Z 19 -65.95 -43.91 17.54
C ASP Z 19 -65.91 -45.20 18.35
N VAL Z 20 -66.80 -45.37 19.32
CA VAL Z 20 -66.89 -46.64 20.06
C VAL Z 20 -68.33 -47.10 20.07
N LYS Z 21 -68.51 -48.36 20.48
CA LYS Z 21 -69.82 -48.96 20.64
C LYS Z 21 -69.85 -49.57 22.04
N ILE Z 22 -68.67 -49.94 22.53
CA ILE Z 22 -68.43 -50.22 23.95
C ILE Z 22 -67.24 -49.35 24.36
N THR Z 23 -67.41 -48.56 25.42
CA THR Z 23 -66.40 -47.58 25.77
C THR Z 23 -65.25 -48.21 26.56
N ILE Z 24 -65.39 -49.47 26.97
CA ILE Z 24 -64.37 -50.15 27.76
C ILE Z 24 -63.88 -51.29 26.87
N GLY Z 25 -62.91 -52.08 27.34
CA GLY Z 25 -62.52 -53.27 26.61
C GLY Z 25 -61.04 -53.60 26.66
N GLY Z 26 -60.19 -52.61 26.93
CA GLY Z 26 -58.76 -52.81 26.99
C GLY Z 26 -58.30 -53.27 28.35
N SER Z 27 -57.08 -52.87 28.70
CA SER Z 27 -56.63 -52.97 30.09
C SER Z 27 -57.01 -51.71 30.85
N ASP Z 28 -56.80 -50.54 30.24
CA ASP Z 28 -57.13 -49.25 30.84
C ASP Z 28 -57.16 -48.19 29.74
N HIS Z 29 -57.48 -46.96 30.14
CA HIS Z 29 -57.35 -45.81 29.25
C HIS Z 29 -55.89 -45.35 29.26
N ILE Z 30 -55.38 -45.01 28.07
CA ILE Z 30 -54.05 -44.41 28.00
C ILE Z 30 -54.09 -42.98 28.52
N THR Z 31 -54.87 -42.13 27.88
CA THR Z 31 -55.02 -40.74 28.30
C THR Z 31 -55.79 -40.70 29.61
N ASN Z 32 -55.28 -39.90 30.56
CA ASN Z 32 -55.94 -39.73 31.84
C ASN Z 32 -56.11 -38.25 32.15
N ILE Z 33 -56.98 -37.97 33.11
CA ILE Z 33 -57.17 -36.65 33.68
C ILE Z 33 -57.30 -36.80 35.19
N ASP Z 34 -56.37 -36.19 35.94
CA ASP Z 34 -56.41 -36.24 37.40
C ASP Z 34 -56.42 -34.83 37.95
N GLU Z 35 -57.30 -33.99 37.39
CA GLU Z 35 -57.26 -32.52 37.43
C GLU Z 35 -55.84 -31.97 37.29
N ARG Z 36 -55.10 -32.56 36.36
CA ARG Z 36 -53.82 -32.01 35.91
C ARG Z 36 -53.82 -31.82 34.41
N GLY Z 37 -54.99 -31.76 33.78
CA GLY Z 37 -55.04 -31.74 32.34
C GLY Z 37 -54.89 -33.14 31.77
N ILE Z 38 -54.85 -33.19 30.45
CA ILE Z 38 -54.65 -34.40 29.67
C ILE Z 38 -53.27 -34.99 29.89
N HIS Z 39 -53.07 -36.23 29.45
CA HIS Z 39 -51.76 -36.85 29.40
C HIS Z 39 -51.73 -37.73 28.15
N ASN Z 40 -50.51 -38.05 27.71
CA ASN Z 40 -50.22 -39.16 26.78
C ASN Z 40 -50.94 -38.99 25.44
N VAL Z 41 -51.07 -37.74 25.02
CA VAL Z 41 -51.86 -37.37 23.86
C VAL Z 41 -51.07 -37.66 22.60
N LEU Z 42 -51.66 -38.42 21.68
CA LEU Z 42 -50.98 -38.91 20.50
C LEU Z 42 -50.80 -37.81 19.47
N VAL Z 43 -49.69 -37.84 18.75
CA VAL Z 43 -49.48 -37.07 17.53
C VAL Z 43 -49.23 -38.05 16.40
N ILE Z 44 -49.90 -37.86 15.28
CA ILE Z 44 -49.69 -38.66 14.08
C ILE Z 44 -49.29 -37.71 12.96
N THR Z 45 -48.10 -37.90 12.41
CA THR Z 45 -47.61 -37.03 11.35
C THR Z 45 -47.98 -37.59 9.99
N GLY Z 46 -48.04 -36.70 9.00
CA GLY Z 46 -48.28 -37.10 7.63
C GLY Z 46 -49.72 -37.38 7.28
N TYR Z 47 -50.65 -37.25 8.23
CA TYR Z 47 -52.05 -37.49 7.96
C TYR Z 47 -52.83 -36.20 8.11
N ALA Z 48 -53.95 -36.11 7.41
CA ALA Z 48 -54.87 -34.97 7.51
C ALA Z 48 -56.30 -35.48 7.58
N VAL Z 49 -57.11 -34.84 8.43
CA VAL Z 49 -58.50 -35.28 8.58
C VAL Z 49 -59.33 -34.79 7.40
N ASP Z 50 -60.52 -35.37 7.28
CA ASP Z 50 -61.44 -35.08 6.19
C ASP Z 50 -62.80 -34.70 6.78
N GLU Z 51 -62.75 -33.69 7.66
CA GLU Z 51 -63.69 -33.37 8.74
C GLU Z 51 -65.20 -33.46 8.44
N LYS Z 52 -65.61 -33.32 7.18
CA LYS Z 52 -66.99 -33.66 6.82
C LYS Z 52 -67.06 -35.19 6.84
N ASN Z 53 -67.60 -35.73 7.94
CA ASN Z 53 -67.57 -37.14 8.32
C ASN Z 53 -66.12 -37.61 8.32
N GLY Z 54 -65.32 -37.01 9.20
CA GLY Z 54 -63.87 -37.09 9.15
C GLY Z 54 -63.21 -38.43 9.40
N ARG Z 55 -62.27 -38.79 8.54
CA ARG Z 55 -61.32 -39.87 8.78
C ARG Z 55 -59.95 -39.34 8.36
N LEU Z 56 -58.90 -40.01 8.80
CA LEU Z 56 -57.54 -39.60 8.46
C LEU Z 56 -57.26 -39.91 7.00
N VAL Z 57 -56.82 -38.89 6.27
CA VAL Z 57 -56.54 -39.01 4.85
C VAL Z 57 -55.06 -38.69 4.65
N PRO Z 58 -54.26 -39.62 4.13
CA PRO Z 58 -52.82 -39.44 4.12
C PRO Z 58 -52.36 -38.50 3.03
N THR Z 59 -51.40 -37.66 3.40
CA THR Z 59 -50.55 -36.97 2.47
C THR Z 59 -49.14 -37.49 2.65
N LEU Z 60 -48.25 -37.15 1.73
CA LEU Z 60 -46.83 -37.33 1.99
C LEU Z 60 -46.20 -36.01 2.43
N ASP Z 61 -47.04 -35.08 2.89
CA ASP Z 61 -46.64 -33.78 3.41
C ASP Z 61 -46.28 -33.95 4.87
N PRO Z 62 -45.02 -33.77 5.26
CA PRO Z 62 -44.63 -33.99 6.65
C PRO Z 62 -45.09 -32.90 7.62
N CYS Z 63 -45.65 -31.81 7.14
CA CYS Z 63 -46.17 -30.78 8.03
C CYS Z 63 -47.56 -31.11 8.53
N ASP Z 64 -48.30 -31.97 7.83
CA ASP Z 64 -49.62 -32.40 8.24
C ASP Z 64 -49.51 -33.24 9.51
N TYR Z 65 -50.26 -32.86 10.54
CA TYR Z 65 -50.19 -33.62 11.77
C TYR Z 65 -51.56 -33.59 12.42
N VAL Z 66 -51.89 -34.69 13.11
CA VAL Z 66 -53.20 -34.86 13.72
C VAL Z 66 -53.01 -35.29 15.16
N LYS Z 67 -53.62 -34.55 16.08
CA LYS Z 67 -53.57 -34.85 17.49
C LYS Z 67 -54.86 -35.52 17.94
N GLY Z 68 -54.78 -36.20 19.07
CA GLY Z 68 -55.95 -36.86 19.63
C GLY Z 68 -55.54 -37.85 20.69
N ILE Z 69 -56.54 -38.51 21.28
CA ILE Z 69 -56.30 -39.42 22.39
C ILE Z 69 -56.55 -40.85 21.95
N LEU Z 70 -56.06 -41.79 22.76
CA LEU Z 70 -56.17 -43.22 22.51
C LEU Z 70 -56.95 -43.85 23.65
N VAL Z 71 -58.23 -44.11 23.44
CA VAL Z 71 -59.05 -44.80 24.45
C VAL Z 71 -59.13 -46.26 24.10
N ALA Z 72 -59.36 -47.08 25.12
CA ALA Z 72 -59.64 -48.49 24.90
C ALA Z 72 -61.04 -48.65 24.33
N GLY Z 73 -61.27 -49.73 23.59
CA GLY Z 73 -62.64 -50.03 23.18
C GLY Z 73 -62.81 -50.59 21.79
N THR Z 74 -64.01 -51.09 21.50
CA THR Z 74 -64.33 -51.59 20.17
C THR Z 74 -64.99 -50.48 19.34
N PRO Z 75 -64.64 -50.34 18.07
CA PRO Z 75 -65.16 -49.22 17.26
C PRO Z 75 -66.66 -49.27 17.00
N GLN Z 76 -67.19 -50.34 16.40
CA GLN Z 76 -68.62 -50.46 16.16
C GLN Z 76 -69.06 -51.90 16.39
N GLN Z 77 -68.10 -52.75 16.73
CA GLN Z 77 -68.08 -54.18 16.40
C GLN Z 77 -68.38 -54.35 14.90
N ALA Z 78 -67.71 -53.50 14.11
CA ALA Z 78 -67.68 -53.58 12.66
C ALA Z 78 -66.30 -53.20 12.16
N GLN Z 79 -65.25 -53.62 12.88
CA GLN Z 79 -63.89 -53.24 12.55
C GLN Z 79 -63.16 -54.40 11.89
N SER Z 80 -61.89 -54.12 11.55
CA SER Z 80 -60.96 -55.04 10.86
C SER Z 80 -61.48 -55.46 9.49
N ASN Z 81 -62.33 -54.62 8.90
CA ASN Z 81 -62.73 -54.78 7.50
C ASN Z 81 -62.82 -53.43 6.81
N ASP Z 82 -62.63 -52.36 7.58
CA ASP Z 82 -62.82 -51.01 7.06
C ASP Z 82 -61.79 -50.01 7.57
N PHE Z 83 -60.93 -50.43 8.49
CA PHE Z 83 -60.00 -49.51 9.15
C PHE Z 83 -58.56 -49.98 8.91
N LEU Z 84 -57.61 -49.39 9.64
CA LEU Z 84 -56.21 -49.83 9.62
C LEU Z 84 -55.79 -50.22 11.02
N THR Z 85 -55.52 -51.50 11.21
CA THR Z 85 -55.01 -52.03 12.47
C THR Z 85 -53.49 -52.06 12.45
N LEU Z 86 -52.87 -51.91 13.63
CA LEU Z 86 -51.42 -52.01 13.73
C LEU Z 86 -50.98 -52.34 15.15
N LYS Z 87 -49.88 -53.10 15.25
CA LYS Z 87 -49.27 -53.49 16.51
C LYS Z 87 -47.87 -52.88 16.62
N LEU Z 88 -47.64 -52.14 17.69
CA LEU Z 88 -46.40 -51.42 17.87
C LEU Z 88 -45.67 -51.97 19.08
N PRO Z 89 -44.36 -51.72 19.20
CA PRO Z 89 -43.65 -52.12 20.42
C PRO Z 89 -43.75 -51.12 21.56
N ALA Z 90 -44.72 -50.19 21.49
CA ALA Z 90 -45.16 -49.26 22.53
C ALA Z 90 -44.22 -48.07 22.73
N ASN Z 91 -43.08 -48.03 22.05
CA ASN Z 91 -42.18 -46.89 22.11
C ASN Z 91 -42.39 -45.91 20.98
N LYS Z 92 -42.81 -46.38 19.82
CA LYS Z 92 -42.92 -45.57 18.61
C LYS Z 92 -44.13 -44.64 18.59
N LEU Z 93 -44.89 -44.58 19.68
CA LEU Z 93 -45.91 -43.55 19.85
C LEU Z 93 -45.19 -42.21 20.00
N TYR Z 94 -45.82 -41.14 19.55
CA TYR Z 94 -45.29 -39.81 19.81
C TYR Z 94 -46.32 -39.08 20.67
N LEU Z 95 -46.10 -39.09 21.97
CA LEU Z 95 -47.11 -38.68 22.94
C LEU Z 95 -46.71 -37.36 23.58
N ILE Z 96 -47.54 -36.34 23.39
CA ILE Z 96 -47.46 -35.15 24.24
C ILE Z 96 -47.87 -35.52 25.65
N ARG Z 97 -47.12 -35.01 26.63
CA ARG Z 97 -47.35 -35.23 28.08
C ARG Z 97 -47.27 -36.71 28.43
N LYS Z 98 -46.10 -37.29 28.20
CA LYS Z 98 -45.87 -38.67 28.59
C LYS Z 98 -45.86 -38.79 30.11
N LYS Z 99 -46.98 -39.27 30.66
CA LYS Z 99 -47.09 -39.42 32.10
C LYS Z 99 -46.76 -40.80 32.62
N GLY Z 100 -47.44 -41.84 32.18
CA GLY Z 100 -47.33 -43.15 32.78
C GLY Z 100 -46.26 -44.02 32.17
N ASN Z 101 -46.68 -45.17 31.66
CA ASN Z 101 -45.75 -46.21 31.26
C ASN Z 101 -46.34 -46.94 30.08
N ILE Z 102 -45.51 -47.74 29.42
CA ILE Z 102 -45.91 -48.50 28.25
C ILE Z 102 -46.01 -49.97 28.60
N SER Z 103 -46.79 -50.73 27.82
CA SER Z 103 -47.11 -52.11 28.16
C SER Z 103 -46.61 -53.14 27.16
N ASP Z 104 -45.60 -52.79 26.35
CA ASP Z 104 -44.87 -53.67 25.40
C ASP Z 104 -45.69 -54.15 24.21
N ASP Z 105 -46.99 -53.87 24.15
CA ASP Z 105 -47.85 -54.43 23.12
C ASP Z 105 -49.11 -53.60 22.99
N LEU Z 106 -49.26 -52.85 21.90
CA LEU Z 106 -50.46 -52.05 21.72
C LEU Z 106 -51.02 -52.28 20.33
N LYS Z 107 -52.31 -52.63 20.29
CA LYS Z 107 -53.05 -52.76 19.05
C LYS Z 107 -53.84 -51.47 18.84
N ILE Z 108 -53.64 -50.85 17.69
CA ILE Z 108 -54.19 -49.54 17.39
C ILE Z 108 -54.97 -49.63 16.09
N TYR Z 109 -56.21 -49.13 16.12
CA TYR Z 109 -57.04 -49.06 14.93
C TYR Z 109 -57.22 -47.58 14.63
N ILE Z 110 -56.99 -47.18 13.38
CA ILE Z 110 -57.16 -45.76 13.05
C ILE Z 110 -58.22 -45.58 11.98
N PRO Z 111 -58.96 -44.47 12.00
CA PRO Z 111 -59.82 -44.14 10.85
C PRO Z 111 -58.98 -43.80 9.64
N TYR Z 112 -59.56 -44.04 8.46
CA TYR Z 112 -58.83 -43.98 7.21
C TYR Z 112 -59.82 -44.04 6.04
N SER Z 113 -59.49 -43.34 4.96
CA SER Z 113 -60.29 -43.42 3.74
C SER Z 113 -59.35 -43.32 2.54
N SER Z 114 -59.94 -43.17 1.34
CA SER Z 114 -59.16 -43.09 0.13
C SER Z 114 -58.39 -41.77 0.08
N PRO Z 115 -57.25 -41.73 -0.63
CA PRO Z 115 -56.47 -40.48 -0.66
C PRO Z 115 -56.97 -39.44 -1.66
N ASP Z 116 -58.16 -39.63 -2.25
CA ASP Z 116 -58.73 -38.78 -3.31
C ASP Z 116 -57.76 -38.69 -4.48
N ALA Z 117 -57.52 -39.82 -5.16
CA ALA Z 117 -56.53 -39.91 -6.21
C ALA Z 117 -56.96 -39.27 -7.53
N ARG Z 118 -58.09 -38.56 -7.54
CA ARG Z 118 -58.59 -37.91 -8.74
C ARG Z 118 -58.42 -36.40 -8.72
N ASN Z 119 -58.36 -35.79 -7.53
CA ASN Z 119 -58.24 -34.34 -7.43
C ASN Z 119 -57.03 -33.99 -6.57
N SER Z 120 -56.42 -32.85 -6.87
CA SER Z 120 -55.40 -32.29 -6.01
C SER Z 120 -56.03 -31.90 -4.68
N MET Z 121 -55.31 -32.13 -3.60
CA MET Z 121 -55.80 -31.82 -2.28
C MET Z 121 -54.87 -30.86 -1.55
N LYS Z 122 -55.46 -29.77 -1.07
CA LYS Z 122 -54.77 -28.82 -0.23
C LYS Z 122 -55.05 -29.19 1.21
N THR Z 123 -54.46 -28.42 2.12
CA THR Z 123 -54.67 -28.64 3.53
C THR Z 123 -54.44 -27.33 4.27
N LYS Z 124 -55.11 -27.19 5.40
CA LYS Z 124 -55.11 -25.94 6.15
C LYS Z 124 -55.02 -26.27 7.63
N PRO Z 125 -54.32 -25.43 8.40
CA PRO Z 125 -54.23 -25.66 9.84
C PRO Z 125 -55.49 -25.23 10.58
N VAL Z 126 -56.00 -26.16 11.38
CA VAL Z 126 -57.19 -25.90 12.18
C VAL Z 126 -56.89 -26.17 13.64
N SER Z 127 -57.05 -25.17 14.50
CA SER Z 127 -56.92 -25.33 15.92
C SER Z 127 -58.30 -25.44 16.56
N ILE Z 128 -58.31 -25.70 17.85
CA ILE Z 128 -59.53 -25.60 18.64
C ILE Z 128 -59.39 -24.41 19.58
N SER Z 129 -60.24 -23.41 19.40
CA SER Z 129 -60.31 -22.27 20.29
C SER Z 129 -61.77 -21.88 20.38
N ASP Z 130 -62.03 -20.71 20.98
CA ASP Z 130 -63.39 -20.17 21.16
C ASP Z 130 -64.26 -21.14 21.93
N ASP Z 131 -64.10 -21.15 23.27
CA ASP Z 131 -64.60 -22.15 24.22
C ASP Z 131 -66.08 -22.56 24.08
N THR Z 132 -66.88 -21.84 23.28
CA THR Z 132 -68.22 -22.33 22.96
C THR Z 132 -68.19 -23.66 22.22
N ILE Z 133 -67.14 -23.92 21.43
CA ILE Z 133 -67.04 -25.20 20.73
C ILE Z 133 -66.36 -26.23 21.63
N VAL Z 134 -65.93 -25.80 22.83
CA VAL Z 134 -65.47 -26.76 23.83
C VAL Z 134 -66.66 -27.33 24.59
N ASN Z 135 -67.72 -26.52 24.75
CA ASN Z 135 -68.93 -26.94 25.44
C ASN Z 135 -69.61 -28.13 24.77
N ASN Z 136 -69.66 -28.16 23.45
CA ASN Z 136 -70.18 -29.34 22.79
C ASN Z 136 -69.10 -30.37 22.49
N ILE Z 137 -67.88 -30.17 22.99
CA ILE Z 137 -66.91 -31.26 22.93
C ILE Z 137 -66.60 -31.77 24.35
N ILE Z 138 -66.88 -30.97 25.38
CA ILE Z 138 -66.87 -31.50 26.75
C ILE Z 138 -67.99 -32.51 26.91
N LYS Z 139 -69.18 -32.15 26.41
CA LYS Z 139 -70.30 -33.06 26.29
C LYS Z 139 -69.93 -34.32 25.52
N GLU Z 140 -69.34 -34.14 24.34
CA GLU Z 140 -69.23 -35.21 23.35
C GLU Z 140 -68.25 -36.30 23.78
N VAL Z 141 -67.07 -35.91 24.28
CA VAL Z 141 -66.01 -36.90 24.46
C VAL Z 141 -65.56 -37.07 25.92
N PHE Z 142 -65.92 -36.16 26.82
CA PHE Z 142 -65.48 -36.29 28.20
C PHE Z 142 -66.54 -36.87 29.12
N ASP Z 143 -67.79 -36.42 29.02
CA ASP Z 143 -68.85 -37.07 29.78
C ASP Z 143 -69.58 -38.09 28.91
N LYS Z 144 -68.84 -38.72 28.01
CA LYS Z 144 -69.26 -39.95 27.34
C LYS Z 144 -68.23 -41.06 27.44
N ILE Z 145 -66.95 -40.74 27.62
CA ILE Z 145 -65.90 -41.74 27.80
C ILE Z 145 -65.39 -41.82 29.24
N TYR Z 146 -64.89 -40.73 29.81
CA TYR Z 146 -64.33 -40.76 31.15
C TYR Z 146 -65.41 -40.54 32.19
N ASN Z 147 -65.50 -41.48 33.12
CA ASN Z 147 -66.35 -41.26 34.28
C ASN Z 147 -65.54 -40.81 35.49
N ILE Z 148 -64.30 -40.40 35.31
CA ILE Z 148 -63.63 -39.51 36.26
C ILE Z 148 -64.09 -38.08 36.01
N THR Z 149 -64.50 -37.79 34.77
CA THR Z 149 -64.95 -36.46 34.36
C THR Z 149 -66.26 -36.07 35.07
N GLN Z 150 -66.23 -34.86 35.67
CA GLN Z 150 -67.32 -34.12 36.31
C GLN Z 150 -67.67 -34.70 37.68
N LYS Z 151 -67.12 -35.87 38.02
CA LYS Z 151 -67.57 -36.56 39.22
C LYS Z 151 -66.51 -36.58 40.31
N GLU Z 152 -65.30 -37.01 39.99
CA GLU Z 152 -64.14 -36.86 40.89
C GLU Z 152 -63.29 -35.69 40.39
N LYS Z 153 -63.87 -34.48 40.42
CA LYS Z 153 -63.27 -33.33 39.75
C LYS Z 153 -63.64 -32.08 40.52
N VAL Z 154 -62.71 -31.14 40.65
CA VAL Z 154 -62.96 -29.85 41.26
C VAL Z 154 -62.93 -28.72 40.22
N LYS Z 155 -61.79 -28.54 39.56
CA LYS Z 155 -61.66 -27.53 38.52
C LYS Z 155 -62.18 -28.10 37.22
N ILE Z 156 -63.36 -27.64 36.80
CA ILE Z 156 -63.97 -28.11 35.55
C ILE Z 156 -63.31 -27.49 34.32
N GLU Z 157 -63.01 -26.19 34.34
CA GLU Z 157 -62.32 -25.57 33.21
C GLU Z 157 -60.83 -25.84 33.18
N LYS Z 158 -60.34 -26.79 33.99
CA LYS Z 158 -59.01 -27.34 33.79
C LYS Z 158 -58.93 -28.06 32.44
N VAL Z 159 -60.03 -28.67 32.01
CA VAL Z 159 -60.07 -29.28 30.69
C VAL Z 159 -60.34 -28.22 29.62
N LYS Z 160 -60.68 -26.99 30.01
CA LYS Z 160 -60.84 -25.94 29.02
C LYS Z 160 -59.49 -25.47 28.50
N GLU Z 161 -58.52 -25.32 29.40
CA GLU Z 161 -57.24 -24.71 28.99
C GLU Z 161 -56.40 -25.64 28.13
N ASP Z 162 -56.39 -26.93 28.42
CA ASP Z 162 -55.50 -27.83 27.69
C ASP Z 162 -56.03 -28.21 26.31
N ILE Z 163 -57.26 -27.81 26.01
CA ILE Z 163 -57.75 -28.00 24.64
C ILE Z 163 -57.49 -26.76 23.81
N LYS Z 164 -57.70 -25.58 24.38
CA LYS Z 164 -57.73 -24.33 23.63
C LYS Z 164 -56.39 -23.91 23.06
N GLU Z 165 -55.28 -24.49 23.50
CA GLU Z 165 -53.96 -24.05 23.06
C GLU Z 165 -53.18 -25.23 22.48
N LEU Z 166 -53.78 -26.42 22.51
CA LEU Z 166 -53.01 -27.62 22.20
C LEU Z 166 -53.53 -28.38 20.99
N PHE Z 167 -54.81 -28.76 20.98
CA PHE Z 167 -55.32 -29.74 20.02
C PHE Z 167 -55.47 -29.10 18.63
N SER Z 168 -54.34 -28.96 17.98
CA SER Z 168 -54.30 -28.48 16.61
C SER Z 168 -54.22 -29.67 15.67
N TYR Z 169 -54.61 -29.44 14.42
CA TYR Z 169 -54.43 -30.42 13.35
C TYR Z 169 -54.42 -29.66 12.04
N TYR Z 170 -54.01 -30.34 10.97
CA TYR Z 170 -54.20 -29.80 9.64
C TYR Z 170 -55.38 -30.51 8.99
N ALA Z 171 -56.21 -29.73 8.32
CA ALA Z 171 -57.41 -30.27 7.70
C ALA Z 171 -57.48 -29.76 6.27
N LEU Z 172 -58.20 -30.49 5.42
CA LEU Z 172 -58.24 -30.14 4.00
C LEU Z 172 -59.00 -28.85 3.73
N GLU Z 173 -60.09 -28.63 4.50
CA GLU Z 173 -61.03 -27.51 4.31
C GLU Z 173 -61.54 -27.44 2.88
N GLN Z 174 -62.25 -28.48 2.47
CA GLN Z 174 -62.70 -28.59 1.09
C GLN Z 174 -64.21 -28.76 1.00
N SER AA 2 -4.14 -53.43 -10.92
CA SER AA 2 -2.98 -52.79 -11.52
C SER AA 2 -3.41 -51.93 -12.70
N THR AA 3 -3.54 -50.62 -12.45
CA THR AA 3 -3.97 -49.69 -13.47
C THR AA 3 -2.86 -49.45 -14.48
N GLN AA 4 -3.17 -49.73 -15.74
CA GLN AA 4 -2.21 -49.66 -16.84
C GLN AA 4 -2.84 -48.81 -17.93
N ARG AA 5 -2.24 -47.65 -18.20
CA ARG AA 5 -2.88 -46.60 -18.98
C ARG AA 5 -2.00 -46.18 -20.16
N GLU AA 6 -2.60 -45.50 -21.14
CA GLU AA 6 -1.98 -45.33 -22.45
C GLU AA 6 -2.00 -43.86 -22.89
N TYR AA 7 -0.94 -43.44 -23.57
CA TYR AA 7 -0.78 -42.06 -23.99
C TYR AA 7 -0.83 -41.92 -25.51
N VAL AA 8 -1.55 -40.90 -25.98
CA VAL AA 8 -1.58 -40.61 -27.41
C VAL AA 8 -1.63 -39.11 -27.69
N PHE AA 9 -0.68 -38.64 -28.48
CA PHE AA 9 -0.60 -37.22 -28.83
C PHE AA 9 -1.63 -36.90 -29.90
N ILE AA 10 -1.62 -35.66 -30.35
CA ILE AA 10 -2.52 -35.22 -31.41
C ILE AA 10 -1.69 -34.64 -32.55
N PRO AA 11 -1.60 -35.32 -33.69
CA PRO AA 11 -0.90 -34.77 -34.84
C PRO AA 11 -1.83 -34.03 -35.80
N ILE AA 12 -1.23 -33.11 -36.57
CA ILE AA 12 -1.90 -32.53 -37.72
C ILE AA 12 -1.98 -33.51 -38.88
N THR AA 13 -1.19 -34.59 -38.85
CA THR AA 13 -1.30 -35.68 -39.80
C THR AA 13 -2.17 -36.73 -39.10
N ASN AA 14 -2.31 -37.93 -39.67
CA ASN AA 14 -3.04 -39.00 -39.01
C ASN AA 14 -2.10 -40.17 -38.74
N SER AA 15 -1.46 -40.16 -37.57
CA SER AA 15 -0.43 -41.13 -37.23
C SER AA 15 -0.77 -41.90 -35.96
N ILE AA 16 -2.04 -41.90 -35.54
CA ILE AA 16 -2.42 -42.33 -34.20
C ILE AA 16 -3.58 -43.32 -34.20
N THR AA 17 -3.94 -43.86 -35.37
CA THR AA 17 -5.16 -44.67 -35.44
C THR AA 17 -4.93 -46.11 -34.97
N ILE AA 18 -4.10 -46.87 -35.69
CA ILE AA 18 -3.79 -48.24 -35.30
C ILE AA 18 -2.38 -48.27 -34.71
N ASP AA 19 -2.31 -48.01 -33.40
CA ASP AA 19 -1.07 -48.12 -32.65
C ASP AA 19 -1.40 -48.86 -31.37
N VAL AA 20 -2.69 -49.13 -31.17
CA VAL AA 20 -3.25 -49.47 -29.88
C VAL AA 20 -4.24 -50.62 -30.09
N LYS AA 21 -4.44 -51.42 -29.03
CA LYS AA 21 -5.48 -52.43 -29.03
C LYS AA 21 -6.44 -52.31 -27.85
N ILE AA 22 -6.13 -51.49 -26.85
CA ILE AA 22 -7.05 -51.26 -25.73
C ILE AA 22 -7.33 -49.77 -25.68
N THR AA 23 -8.57 -49.39 -25.96
CA THR AA 23 -8.96 -48.00 -26.07
C THR AA 23 -9.76 -47.49 -24.87
N ILE AA 24 -10.55 -48.35 -24.22
CA ILE AA 24 -11.20 -47.98 -22.97
C ILE AA 24 -10.77 -48.92 -21.86
N GLY AA 25 -11.07 -50.21 -22.01
CA GLY AA 25 -10.51 -51.21 -21.12
C GLY AA 25 -11.13 -51.25 -19.74
N GLY AA 26 -10.80 -50.28 -18.90
CA GLY AA 26 -11.26 -50.25 -17.53
C GLY AA 26 -12.54 -49.47 -17.33
N SER AA 27 -12.83 -49.14 -16.07
CA SER AA 27 -14.02 -48.37 -15.70
C SER AA 27 -13.54 -46.99 -15.29
N ASP AA 28 -12.29 -46.69 -15.61
CA ASP AA 28 -11.61 -45.51 -15.12
C ASP AA 28 -10.74 -44.96 -16.23
N HIS AA 29 -10.43 -43.65 -16.15
CA HIS AA 29 -9.58 -42.99 -17.13
C HIS AA 29 -8.79 -41.85 -16.47
N ILE AA 30 -8.09 -41.06 -17.28
CA ILE AA 30 -7.51 -39.81 -16.77
C ILE AA 30 -8.05 -38.61 -17.57
N THR AA 31 -7.91 -38.65 -18.89
CA THR AA 31 -8.54 -37.66 -19.76
C THR AA 31 -10.06 -37.78 -19.65
N ASN AA 32 -10.76 -36.65 -19.64
CA ASN AA 32 -12.21 -36.67 -19.48
C ASN AA 32 -12.86 -35.56 -20.28
N ILE AA 33 -14.18 -35.68 -20.42
CA ILE AA 33 -15.06 -34.64 -20.93
C ILE AA 33 -16.13 -34.41 -19.88
N ASP AA 34 -16.27 -33.17 -19.40
CA ASP AA 34 -17.24 -32.86 -18.38
C ASP AA 34 -18.19 -31.75 -18.81
N GLU AA 35 -18.32 -31.50 -20.12
CA GLU AA 35 -19.10 -30.43 -20.75
C GLU AA 35 -18.63 -29.06 -20.22
N ARG AA 36 -17.33 -28.97 -19.92
CA ARG AA 36 -16.62 -27.72 -19.66
C ARG AA 36 -15.33 -27.68 -20.47
N GLY AA 37 -15.35 -28.25 -21.66
CA GLY AA 37 -14.14 -28.45 -22.44
C GLY AA 37 -13.47 -29.77 -22.10
N ILE AA 38 -12.25 -29.91 -22.59
CA ILE AA 38 -11.46 -31.11 -22.31
C ILE AA 38 -10.65 -30.89 -21.05
N HIS AA 39 -10.59 -31.92 -20.20
CA HIS AA 39 -9.98 -31.84 -18.89
C HIS AA 39 -8.82 -32.82 -18.79
N ASN AA 40 -7.85 -32.49 -17.93
CA ASN AA 40 -6.78 -33.38 -17.48
C ASN AA 40 -5.91 -33.87 -18.64
N VAL AA 41 -5.21 -32.92 -19.23
CA VAL AA 41 -4.35 -33.18 -20.39
C VAL AA 41 -2.90 -33.17 -19.94
N LEU AA 42 -2.12 -34.10 -20.47
CA LEU AA 42 -0.73 -34.29 -20.08
C LEU AA 42 0.19 -33.47 -20.96
N VAL AA 43 1.14 -32.77 -20.35
CA VAL AA 43 2.14 -32.00 -21.06
C VAL AA 43 3.50 -32.59 -20.79
N ILE AA 44 4.18 -33.00 -21.85
CA ILE AA 44 5.49 -33.63 -21.76
C ILE AA 44 6.55 -32.55 -21.93
N THR AA 45 7.52 -32.53 -21.02
CA THR AA 45 8.68 -31.66 -21.18
C THR AA 45 9.80 -32.38 -21.92
N GLY AA 46 10.55 -31.62 -22.72
CA GLY AA 46 11.77 -32.10 -23.35
C GLY AA 46 11.63 -33.25 -24.33
N TYR AA 47 10.56 -33.28 -25.12
CA TYR AA 47 10.39 -34.30 -26.14
C TYR AA 47 9.78 -33.68 -27.38
N ALA AA 48 10.02 -34.31 -28.52
CA ALA AA 48 9.61 -33.77 -29.80
C ALA AA 48 8.57 -34.68 -30.45
N VAL AA 49 8.11 -34.28 -31.64
CA VAL AA 49 7.08 -34.98 -32.39
C VAL AA 49 7.49 -35.05 -33.86
N ASP AA 50 7.59 -36.27 -34.37
CA ASP AA 50 7.78 -36.53 -35.79
C ASP AA 50 6.48 -36.24 -36.52
N GLU AA 51 6.59 -35.82 -37.77
CA GLU AA 51 5.40 -35.56 -38.58
C GLU AA 51 5.13 -36.63 -39.62
N LYS AA 52 5.96 -37.65 -39.72
CA LYS AA 52 5.76 -38.75 -40.66
C LYS AA 52 5.66 -40.03 -39.85
N ASN AA 53 4.43 -40.49 -39.61
CA ASN AA 53 4.08 -41.55 -38.67
C ASN AA 53 4.72 -41.22 -37.32
N GLY AA 54 4.23 -40.15 -36.70
CA GLY AA 54 4.95 -39.52 -35.61
C GLY AA 54 4.87 -40.30 -34.31
N ARG AA 55 5.90 -40.06 -33.49
CA ARG AA 55 6.07 -40.58 -32.14
C ARG AA 55 6.85 -39.52 -31.37
N LEU AA 56 7.43 -39.93 -30.24
CA LEU AA 56 8.23 -39.00 -29.43
C LEU AA 56 9.70 -39.13 -29.78
N VAL AA 57 10.37 -37.99 -29.92
CA VAL AA 57 11.82 -37.91 -30.14
C VAL AA 57 12.44 -37.15 -28.99
N PRO AA 58 13.51 -37.66 -28.35
CA PRO AA 58 14.11 -36.96 -27.21
C PRO AA 58 14.95 -35.77 -27.66
N THR AA 59 14.51 -34.58 -27.31
CA THR AA 59 15.28 -33.37 -27.54
C THR AA 59 15.53 -32.67 -26.22
N LEU AA 60 16.77 -32.20 -26.06
CA LEU AA 60 17.21 -31.66 -24.77
C LEU AA 60 17.01 -30.15 -24.69
N ASP AA 61 16.07 -29.62 -25.45
CA ASP AA 61 15.54 -28.29 -25.24
C ASP AA 61 14.32 -28.43 -24.34
N PRO AA 62 14.38 -27.99 -23.08
CA PRO AA 62 13.19 -28.04 -22.22
C PRO AA 62 12.10 -27.08 -22.63
N CYS AA 63 12.36 -26.19 -23.57
CA CYS AA 63 11.32 -25.40 -24.20
C CYS AA 63 10.48 -26.21 -25.19
N ASP AA 64 10.91 -27.41 -25.55
CA ASP AA 64 10.17 -28.24 -26.50
C ASP AA 64 9.20 -29.13 -25.74
N TYR AA 65 7.92 -29.01 -26.05
CA TYR AA 65 6.92 -29.70 -25.27
C TYR AA 65 5.87 -30.29 -26.20
N VAL AA 66 5.17 -31.29 -25.69
CA VAL AA 66 4.13 -32.01 -26.43
C VAL AA 66 2.87 -32.04 -25.56
N LYS AA 67 1.73 -31.75 -26.16
CA LYS AA 67 0.45 -31.81 -25.46
C LYS AA 67 -0.45 -32.86 -26.10
N GLY AA 68 -0.72 -33.94 -25.37
CA GLY AA 68 -1.45 -35.07 -25.90
C GLY AA 68 -2.39 -35.67 -24.89
N ILE AA 69 -3.03 -36.77 -25.31
CA ILE AA 69 -4.10 -37.39 -24.54
C ILE AA 69 -3.59 -38.62 -23.81
N LEU AA 70 -3.99 -38.79 -22.56
CA LEU AA 70 -3.64 -39.94 -21.73
C LEU AA 70 -4.92 -40.71 -21.41
N VAL AA 71 -5.03 -41.91 -21.95
CA VAL AA 71 -6.21 -42.75 -21.76
C VAL AA 71 -5.82 -43.98 -20.96
N ALA AA 72 -6.80 -44.75 -20.53
CA ALA AA 72 -6.51 -45.96 -19.78
C ALA AA 72 -6.52 -47.17 -20.70
N GLY AA 73 -5.41 -47.89 -20.74
CA GLY AA 73 -5.30 -49.07 -21.58
C GLY AA 73 -3.89 -49.53 -21.87
N THR AA 74 -3.75 -50.48 -22.80
CA THR AA 74 -2.44 -50.99 -23.17
C THR AA 74 -2.37 -51.17 -24.68
N PRO AA 75 -1.36 -50.60 -25.33
CA PRO AA 75 -1.34 -50.57 -26.81
C PRO AA 75 -0.64 -51.75 -27.46
N GLN AA 76 -1.36 -52.50 -28.31
CA GLN AA 76 -0.85 -53.40 -29.34
C GLN AA 76 -0.17 -54.65 -28.78
N GLN AA 77 0.08 -54.68 -27.47
CA GLN AA 77 0.81 -55.71 -26.73
C GLN AA 77 2.14 -56.09 -27.37
N ALA AA 78 2.80 -55.10 -27.98
CA ALA AA 78 4.15 -55.22 -28.50
C ALA AA 78 4.97 -54.02 -28.03
N GLN AA 79 4.90 -53.70 -26.73
CA GLN AA 79 5.53 -52.51 -26.17
C GLN AA 79 6.97 -52.76 -25.76
N SER AA 80 7.58 -51.70 -25.20
CA SER AA 80 8.99 -51.61 -24.81
C SER AA 80 9.94 -51.89 -25.97
N ASN AA 81 9.50 -51.59 -27.20
CA ASN AA 81 10.36 -51.64 -28.37
C ASN AA 81 10.27 -50.37 -29.21
N ASP AA 82 9.07 -49.82 -29.39
CA ASP AA 82 8.86 -48.50 -29.94
C ASP AA 82 7.82 -47.81 -29.07
N PHE AA 83 7.70 -48.31 -27.86
CA PHE AA 83 6.89 -47.75 -26.78
C PHE AA 83 7.81 -47.58 -25.58
N LEU AA 84 7.50 -46.66 -24.69
CA LEU AA 84 8.23 -46.58 -23.44
C LEU AA 84 7.30 -46.77 -22.26
N THR AA 85 7.58 -47.76 -21.43
CA THR AA 85 6.74 -48.09 -20.31
C THR AA 85 7.19 -47.30 -19.07
N LEU AA 86 6.23 -46.79 -18.32
CA LEU AA 86 6.54 -45.79 -17.30
C LEU AA 86 5.60 -45.94 -16.12
N LYS AA 87 6.13 -46.32 -14.96
CA LYS AA 87 5.33 -46.35 -13.74
C LYS AA 87 5.65 -45.09 -12.94
N LEU AA 88 4.97 -44.00 -13.28
CA LEU AA 88 4.99 -42.76 -12.50
C LEU AA 88 3.69 -42.68 -11.72
N PRO AA 89 3.74 -42.79 -10.41
CA PRO AA 89 2.53 -43.08 -9.64
C PRO AA 89 1.56 -41.91 -9.45
N ALA AA 90 1.19 -41.24 -10.55
CA ALA AA 90 0.02 -40.37 -10.64
C ALA AA 90 0.08 -39.16 -9.71
N ASN AA 91 1.30 -38.78 -9.32
CA ASN AA 91 1.52 -37.61 -8.48
C ASN AA 91 2.68 -36.80 -9.03
N LYS AA 92 3.59 -37.47 -9.74
CA LYS AA 92 4.67 -36.86 -10.48
C LYS AA 92 4.24 -36.42 -11.87
N LEU AA 93 2.96 -36.56 -12.18
CA LEU AA 93 2.43 -36.26 -13.51
C LEU AA 93 2.12 -34.79 -13.57
N TYR AA 94 2.30 -34.20 -14.76
CA TYR AA 94 1.94 -32.82 -14.98
C TYR AA 94 0.66 -32.80 -15.82
N LEU AA 95 -0.47 -32.87 -15.14
CA LEU AA 95 -1.76 -32.67 -15.78
C LEU AA 95 -2.18 -31.22 -15.67
N ILE AA 96 -2.80 -30.70 -16.71
CA ILE AA 96 -3.28 -29.33 -16.70
C ILE AA 96 -4.79 -29.36 -16.60
N ARG AA 97 -5.34 -28.30 -15.99
CA ARG AA 97 -6.75 -28.19 -15.60
C ARG AA 97 -7.17 -29.39 -14.76
N LYS AA 98 -6.53 -29.57 -13.62
CA LYS AA 98 -6.77 -30.76 -12.81
C LYS AA 98 -8.12 -30.69 -12.11
N LYS AA 99 -9.10 -31.42 -12.65
CA LYS AA 99 -10.41 -31.49 -12.03
C LYS AA 99 -10.49 -32.69 -11.10
N GLY AA 100 -10.05 -33.85 -11.57
CA GLY AA 100 -10.24 -35.06 -10.81
C GLY AA 100 -9.03 -35.43 -9.96
N ASN AA 101 -9.28 -36.34 -9.03
CA ASN AA 101 -8.25 -37.01 -8.26
C ASN AA 101 -8.03 -38.40 -8.82
N ILE AA 102 -6.83 -38.91 -8.62
CA ILE AA 102 -6.39 -40.16 -9.22
C ILE AA 102 -6.22 -41.17 -8.08
N SER AA 103 -6.29 -42.46 -8.43
CA SER AA 103 -6.04 -43.54 -7.48
C SER AA 103 -4.56 -43.75 -7.18
N ASP AA 104 -3.68 -42.85 -7.64
CA ASP AA 104 -2.29 -42.71 -7.24
C ASP AA 104 -1.45 -43.91 -7.66
N ASP AA 105 -1.90 -44.61 -8.70
CA ASP AA 105 -1.19 -45.75 -9.25
C ASP AA 105 -1.35 -45.69 -10.76
N LEU AA 106 -0.24 -45.83 -11.47
CA LEU AA 106 -0.28 -45.52 -12.90
C LEU AA 106 0.85 -46.16 -13.68
N LYS AA 107 0.56 -46.52 -14.92
CA LYS AA 107 1.54 -46.99 -15.88
C LYS AA 107 1.27 -46.27 -17.19
N ILE AA 108 2.33 -45.85 -17.90
CA ILE AA 108 2.19 -45.02 -19.08
C ILE AA 108 2.95 -45.67 -20.23
N TYR AA 109 2.33 -45.71 -21.41
CA TYR AA 109 2.98 -46.18 -22.63
C TYR AA 109 2.94 -45.07 -23.66
N ILE AA 110 4.12 -44.60 -24.07
CA ILE AA 110 4.21 -43.47 -24.98
C ILE AA 110 4.83 -43.91 -26.30
N PRO AA 111 4.26 -43.51 -27.42
CA PRO AA 111 4.86 -43.84 -28.72
C PRO AA 111 6.19 -43.13 -28.88
N TYR AA 112 7.24 -43.91 -29.14
CA TYR AA 112 8.60 -43.41 -29.10
C TYR AA 112 9.39 -43.89 -30.30
N SER AA 113 10.17 -42.99 -30.88
CA SER AA 113 11.03 -43.28 -32.01
C SER AA 113 12.47 -43.06 -31.59
N SER AA 114 13.36 -43.07 -32.58
CA SER AA 114 14.80 -43.01 -32.40
C SER AA 114 15.24 -41.72 -31.72
N PRO AA 115 16.47 -41.69 -31.19
CA PRO AA 115 17.03 -40.39 -30.79
C PRO AA 115 17.56 -39.60 -31.97
N ASP AA 116 17.47 -40.18 -33.18
CA ASP AA 116 17.80 -39.56 -34.46
C ASP AA 116 19.26 -39.15 -34.47
N ALA AA 117 20.16 -40.13 -34.39
CA ALA AA 117 21.60 -39.90 -34.35
C ALA AA 117 22.20 -39.74 -35.74
N ARG AA 118 21.39 -39.37 -36.74
CA ARG AA 118 21.91 -39.01 -38.05
C ARG AA 118 21.38 -37.67 -38.56
N ASN AA 119 20.48 -37.02 -37.83
CA ASN AA 119 19.81 -35.85 -38.37
C ASN AA 119 19.66 -34.79 -37.29
N SER AA 120 20.05 -33.55 -37.62
CA SER AA 120 20.05 -32.46 -36.66
C SER AA 120 18.65 -31.87 -36.50
N MET AA 121 18.43 -31.24 -35.35
CA MET AA 121 17.09 -30.91 -34.89
C MET AA 121 16.77 -29.44 -35.12
N LYS AA 122 15.71 -29.18 -35.87
CA LYS AA 122 15.18 -27.82 -36.04
C LYS AA 122 13.68 -27.89 -35.71
N THR AA 123 13.35 -27.76 -34.43
CA THR AA 123 11.96 -27.89 -34.02
C THR AA 123 11.16 -26.67 -34.46
N LYS AA 124 9.89 -26.89 -34.75
CA LYS AA 124 8.98 -25.81 -35.07
C LYS AA 124 7.82 -25.80 -34.08
N PRO AA 125 7.51 -24.65 -33.50
CA PRO AA 125 6.31 -24.54 -32.66
C PRO AA 125 5.04 -24.67 -33.50
N VAL AA 126 4.26 -25.70 -33.19
CA VAL AA 126 3.10 -26.05 -33.99
C VAL AA 126 1.84 -25.88 -33.14
N SER AA 127 0.89 -25.14 -33.67
CA SER AA 127 -0.44 -25.05 -33.10
C SER AA 127 -1.44 -25.62 -34.11
N ILE AA 128 -2.27 -26.53 -33.64
CA ILE AA 128 -3.22 -27.21 -34.52
C ILE AA 128 -4.34 -26.24 -34.88
N SER AA 129 -4.60 -26.10 -36.17
CA SER AA 129 -5.56 -25.14 -36.68
C SER AA 129 -6.16 -25.71 -37.96
N ASP AA 130 -6.74 -24.82 -38.78
CA ASP AA 130 -7.36 -25.13 -40.06
C ASP AA 130 -8.51 -26.11 -39.85
N ASP AA 131 -9.62 -25.61 -39.28
CA ASP AA 131 -10.60 -26.40 -38.53
C ASP AA 131 -11.15 -27.65 -39.23
N THR AA 132 -10.95 -27.79 -40.55
CA THR AA 132 -11.14 -29.08 -41.21
C THR AA 132 -10.21 -30.14 -40.60
N ILE AA 133 -9.04 -29.72 -40.14
CA ILE AA 133 -8.17 -30.63 -39.38
C ILE AA 133 -8.79 -30.96 -38.02
N VAL AA 134 -9.32 -29.98 -37.31
CA VAL AA 134 -9.73 -30.27 -35.94
C VAL AA 134 -11.10 -30.94 -35.88
N ASN AA 135 -11.83 -31.02 -36.99
CA ASN AA 135 -13.14 -31.64 -36.95
C ASN AA 135 -13.07 -33.16 -36.83
N ASN AA 136 -12.00 -33.78 -37.34
CA ASN AA 136 -11.96 -35.24 -37.26
C ASN AA 136 -11.40 -35.73 -35.94
N ILE AA 137 -10.51 -34.95 -35.31
CA ILE AA 137 -9.95 -35.28 -34.00
C ILE AA 137 -11.05 -35.40 -32.96
N ILE AA 138 -12.11 -34.60 -33.13
CA ILE AA 138 -13.36 -34.77 -32.41
C ILE AA 138 -13.88 -36.20 -32.53
N LYS AA 139 -13.85 -36.77 -33.75
CA LYS AA 139 -14.42 -38.11 -33.90
C LYS AA 139 -13.34 -39.19 -33.98
N GLU AA 140 -12.15 -38.87 -34.48
CA GLU AA 140 -11.13 -39.91 -34.60
C GLU AA 140 -10.34 -40.08 -33.33
N VAL AA 141 -10.63 -39.28 -32.31
CA VAL AA 141 -10.13 -39.60 -30.98
C VAL AA 141 -11.32 -39.71 -30.03
N PHE AA 142 -12.06 -38.61 -29.85
CA PHE AA 142 -13.04 -38.58 -28.77
C PHE AA 142 -14.43 -39.01 -29.21
N ASP AA 143 -14.55 -39.69 -30.34
CA ASP AA 143 -15.58 -40.69 -30.53
C ASP AA 143 -15.00 -42.09 -30.52
N LYS AA 144 -13.71 -42.24 -30.77
CA LYS AA 144 -13.06 -43.52 -30.68
C LYS AA 144 -12.58 -43.85 -29.27
N ILE AA 145 -12.58 -42.87 -28.37
CA ILE AA 145 -12.24 -43.08 -26.96
C ILE AA 145 -13.45 -42.83 -26.06
N TYR AA 146 -14.19 -41.76 -26.33
CA TYR AA 146 -15.37 -41.46 -25.53
C TYR AA 146 -16.64 -41.51 -26.37
N ASN AA 147 -17.66 -42.11 -25.77
CA ASN AA 147 -19.03 -42.01 -26.28
C ASN AA 147 -19.72 -40.72 -25.83
N ILE AA 148 -18.96 -39.71 -25.42
CA ILE AA 148 -19.55 -38.54 -24.82
C ILE AA 148 -19.73 -37.44 -25.86
N THR AA 149 -18.84 -37.41 -26.84
CA THR AA 149 -19.00 -36.51 -27.98
C THR AA 149 -19.97 -37.15 -28.97
N GLN AA 150 -20.76 -36.33 -29.69
CA GLN AA 150 -21.79 -36.75 -30.64
C GLN AA 150 -22.83 -37.67 -30.03
N LYS AA 151 -23.07 -37.50 -28.74
CA LYS AA 151 -24.14 -38.19 -28.04
C LYS AA 151 -24.83 -37.13 -27.18
N GLU AA 152 -24.08 -36.08 -26.87
CA GLU AA 152 -24.51 -35.08 -25.91
C GLU AA 152 -24.51 -33.67 -26.50
N LYS AA 153 -23.46 -33.31 -27.23
CA LYS AA 153 -23.22 -31.91 -27.55
C LYS AA 153 -24.09 -31.43 -28.71
N VAL AA 154 -24.92 -30.43 -28.43
CA VAL AA 154 -25.36 -29.47 -29.43
C VAL AA 154 -24.37 -28.33 -29.54
N LYS AA 155 -23.41 -28.27 -28.61
CA LYS AA 155 -22.30 -27.32 -28.67
C LYS AA 155 -21.04 -28.15 -28.90
N ILE AA 156 -20.81 -28.49 -30.16
CA ILE AA 156 -19.62 -29.21 -30.57
C ILE AA 156 -18.39 -28.31 -30.48
N GLU AA 157 -18.58 -26.99 -30.53
CA GLU AA 157 -17.45 -26.05 -30.49
C GLU AA 157 -16.84 -25.94 -29.11
N LYS AA 158 -17.40 -26.61 -28.10
CA LYS AA 158 -16.76 -26.66 -26.79
C LYS AA 158 -15.45 -27.43 -26.87
N VAL AA 159 -15.40 -28.46 -27.69
CA VAL AA 159 -14.16 -29.18 -27.93
C VAL AA 159 -13.58 -28.94 -29.31
N LYS AA 160 -14.33 -28.29 -30.21
CA LYS AA 160 -13.84 -28.04 -31.56
C LYS AA 160 -12.87 -26.88 -31.58
N GLU AA 161 -13.05 -25.89 -30.70
CA GLU AA 161 -12.09 -24.80 -30.60
C GLU AA 161 -11.01 -25.13 -29.57
N ASP AA 162 -11.29 -26.05 -28.64
CA ASP AA 162 -10.38 -26.40 -27.57
C ASP AA 162 -9.14 -27.12 -28.12
N ILE AA 163 -9.30 -27.80 -29.26
CA ILE AA 163 -8.15 -28.38 -29.95
C ILE AA 163 -7.23 -27.26 -30.46
N LYS AA 164 -7.81 -26.25 -31.11
CA LYS AA 164 -7.03 -25.10 -31.54
C LYS AA 164 -6.50 -24.31 -30.36
N GLU AA 165 -7.20 -24.35 -29.23
CA GLU AA 165 -6.78 -23.60 -28.05
C GLU AA 165 -5.63 -24.29 -27.33
N LEU AA 166 -5.69 -25.61 -27.22
CA LEU AA 166 -4.78 -26.24 -26.26
C LEU AA 166 -3.61 -26.95 -26.92
N PHE AA 167 -3.88 -27.82 -27.88
CA PHE AA 167 -2.98 -28.93 -28.21
C PHE AA 167 -1.82 -28.46 -29.05
N SER AA 168 -1.00 -27.58 -28.48
CA SER AA 168 0.19 -27.17 -29.20
C SER AA 168 1.35 -28.10 -28.83
N TYR AA 169 2.00 -28.59 -29.86
CA TYR AA 169 3.15 -29.48 -29.71
C TYR AA 169 4.27 -28.89 -30.53
N TYR AA 170 5.46 -29.43 -30.41
CA TYR AA 170 6.52 -28.99 -31.29
C TYR AA 170 6.86 -30.12 -32.24
N ALA AA 171 6.90 -29.80 -33.53
CA ALA AA 171 7.26 -30.77 -34.54
C ALA AA 171 8.67 -30.50 -35.01
N LEU AA 172 9.39 -31.58 -35.27
CA LEU AA 172 10.76 -31.51 -35.75
C LEU AA 172 10.87 -31.00 -37.17
N GLU AA 173 9.76 -31.08 -37.93
CA GLU AA 173 9.61 -30.99 -39.39
C GLU AA 173 10.26 -32.17 -40.12
N GLN AA 174 10.85 -33.11 -39.38
CA GLN AA 174 11.43 -34.32 -39.94
C GLN AA 174 11.13 -35.48 -39.01
N SER BA 2 21.67 -48.20 40.05
CA SER BA 2 20.89 -48.43 38.84
C SER BA 2 21.74 -49.06 37.75
N THR BA 3 21.44 -48.68 36.51
CA THR BA 3 22.25 -49.07 35.37
C THR BA 3 22.68 -47.82 34.63
N GLN BA 4 23.38 -48.02 33.52
CA GLN BA 4 24.15 -46.98 32.87
C GLN BA 4 23.73 -46.85 31.41
N ARG BA 5 23.81 -45.63 30.89
CA ARG BA 5 23.57 -45.40 29.47
C ARG BA 5 24.83 -44.89 28.77
N GLU BA 6 24.84 -45.01 27.45
CA GLU BA 6 25.92 -44.51 26.62
C GLU BA 6 25.32 -43.77 25.45
N TYR BA 7 25.90 -42.62 25.12
CA TYR BA 7 25.39 -41.78 24.04
C TYR BA 7 25.92 -42.23 22.70
N VAL BA 8 25.01 -42.50 21.77
CA VAL BA 8 25.39 -42.85 20.41
C VAL BA 8 24.96 -41.68 19.53
N PHE BA 9 25.93 -40.85 19.17
CA PHE BA 9 25.79 -39.90 18.08
C PHE BA 9 25.53 -40.62 16.77
N ILE BA 10 24.92 -39.92 15.82
CA ILE BA 10 24.61 -40.47 14.50
C ILE BA 10 25.24 -39.56 13.45
N PRO BA 11 26.35 -39.93 12.85
CA PRO BA 11 26.93 -39.15 11.77
C PRO BA 11 26.55 -39.70 10.41
N ILE BA 12 26.97 -39.02 9.34
CA ILE BA 12 27.15 -39.70 8.06
C ILE BA 12 28.59 -40.12 7.86
N THR BA 13 29.43 -39.98 8.87
CA THR BA 13 30.83 -40.43 8.84
C THR BA 13 30.96 -41.43 9.99
N ASN BA 14 30.59 -42.67 9.73
CA ASN BA 14 30.16 -43.56 10.80
C ASN BA 14 31.33 -44.21 11.54
N SER BA 15 31.24 -44.13 12.87
CA SER BA 15 32.06 -44.95 13.76
C SER BA 15 31.24 -45.47 14.93
N ILE BA 16 30.02 -45.95 14.67
CA ILE BA 16 29.01 -46.12 15.72
C ILE BA 16 28.67 -47.58 15.97
N THR BA 17 29.06 -48.48 15.08
CA THR BA 17 28.85 -49.89 15.37
C THR BA 17 29.87 -50.44 16.36
N ILE BA 18 30.96 -49.71 16.60
CA ILE BA 18 31.93 -50.06 17.62
C ILE BA 18 32.03 -48.86 18.55
N ASP BA 19 31.17 -48.80 19.56
CA ASP BA 19 31.29 -47.82 20.62
C ASP BA 19 30.88 -48.44 21.96
N VAL BA 20 30.21 -49.59 21.89
CA VAL BA 20 29.74 -50.33 23.06
C VAL BA 20 29.68 -51.80 22.66
N LYS BA 21 30.09 -52.68 23.58
CA LYS BA 21 29.90 -54.11 23.38
C LYS BA 21 28.50 -54.53 23.78
N ILE BA 22 27.91 -53.90 24.78
CA ILE BA 22 26.59 -54.25 25.28
C ILE BA 22 25.56 -53.79 24.25
N THR BA 23 24.89 -54.77 23.64
CA THR BA 23 23.88 -54.45 22.63
C THR BA 23 22.59 -53.99 23.29
N ILE BA 24 21.98 -54.84 24.11
CA ILE BA 24 20.65 -54.55 24.64
C ILE BA 24 20.74 -54.46 26.15
N GLY BA 25 21.71 -55.15 26.76
CA GLY BA 25 21.69 -55.29 28.20
C GLY BA 25 20.69 -56.34 28.59
N GLY BA 26 19.54 -55.89 29.08
CA GLY BA 26 18.42 -56.77 29.32
C GLY BA 26 17.42 -56.68 28.19
N SER BA 27 16.34 -55.92 28.39
CA SER BA 27 15.41 -55.68 27.30
C SER BA 27 14.92 -54.23 27.29
N ASP BA 28 15.80 -53.26 27.54
CA ASP BA 28 15.35 -51.87 27.63
C ASP BA 28 16.30 -50.96 26.87
N HIS BA 29 15.72 -49.94 26.25
CA HIS BA 29 16.46 -48.81 25.73
C HIS BA 29 15.61 -47.56 25.89
N ILE BA 30 16.30 -46.42 25.86
CA ILE BA 30 15.62 -45.12 25.90
C ILE BA 30 14.92 -44.88 24.57
N THR BA 31 15.61 -45.15 23.49
CA THR BA 31 15.12 -44.85 22.15
C THR BA 31 14.08 -45.87 21.71
N ASN BA 32 12.91 -45.36 21.31
CA ASN BA 32 11.80 -46.23 20.95
C ASN BA 32 11.26 -45.85 19.58
N ILE BA 33 10.92 -46.87 18.80
CA ILE BA 33 10.40 -46.69 17.45
C ILE BA 33 9.23 -47.66 17.28
N ASP BA 34 8.01 -47.12 17.25
CA ASP BA 34 6.84 -47.96 17.05
C ASP BA 34 5.86 -47.31 16.09
N GLU BA 35 6.38 -46.87 14.93
CA GLU BA 35 5.66 -46.22 13.82
C GLU BA 35 5.04 -44.89 14.24
N ARG BA 36 5.52 -44.34 15.35
CA ARG BA 36 5.43 -42.94 15.68
C ARG BA 36 6.82 -42.32 15.64
N GLY BA 37 7.67 -42.89 14.79
CA GLY BA 37 9.02 -42.45 14.65
C GLY BA 37 9.82 -42.74 15.90
N ILE BA 38 10.90 -41.98 16.03
CA ILE BA 38 11.86 -42.17 17.11
C ILE BA 38 11.37 -41.42 18.35
N HIS BA 39 11.90 -41.81 19.52
CA HIS BA 39 11.46 -41.17 20.75
C HIS BA 39 12.63 -41.04 21.70
N ASN BA 40 12.60 -39.95 22.49
CA ASN BA 40 13.51 -39.68 23.61
C ASN BA 40 14.97 -39.64 23.16
N VAL BA 41 15.22 -38.87 22.11
CA VAL BA 41 16.57 -38.69 21.57
C VAL BA 41 17.24 -37.56 22.34
N LEU BA 42 18.51 -37.74 22.66
CA LEU BA 42 19.30 -36.73 23.35
C LEU BA 42 19.92 -35.77 22.36
N VAL BA 43 19.99 -34.50 22.74
CA VAL BA 43 20.65 -33.46 21.96
C VAL BA 43 21.70 -32.80 22.81
N ILE BA 44 22.95 -32.88 22.37
CA ILE BA 44 24.05 -32.24 23.07
C ILE BA 44 24.39 -30.95 22.33
N THR BA 45 24.28 -29.84 23.03
CA THR BA 45 24.63 -28.54 22.49
C THR BA 45 26.00 -28.11 22.99
N GLY BA 46 26.68 -27.31 22.18
CA GLY BA 46 28.02 -26.89 22.50
C GLY BA 46 29.11 -27.80 21.98
N TYR BA 47 28.76 -28.92 21.35
CA TYR BA 47 29.75 -29.85 20.84
C TYR BA 47 29.61 -30.01 19.34
N ALA BA 48 30.69 -30.48 18.71
CA ALA BA 48 30.67 -30.91 17.33
C ALA BA 48 31.21 -32.33 17.29
N VAL BA 49 31.38 -32.88 16.09
CA VAL BA 49 31.95 -34.21 15.96
C VAL BA 49 33.40 -34.09 15.53
N ASP BA 50 34.16 -35.13 15.82
CA ASP BA 50 35.51 -35.34 15.31
C ASP BA 50 35.45 -36.57 14.45
N GLU BA 51 35.05 -36.39 13.17
CA GLU BA 51 34.62 -37.48 12.29
C GLU BA 51 35.66 -38.57 12.13
N LYS BA 52 36.92 -38.20 12.04
CA LYS BA 52 38.02 -39.14 12.11
C LYS BA 52 38.05 -39.71 13.51
N ASN BA 53 37.67 -40.99 13.64
CA ASN BA 53 37.35 -41.64 14.91
C ASN BA 53 36.27 -40.85 15.63
N GLY BA 54 35.03 -40.92 15.11
CA GLY BA 54 33.87 -40.15 15.54
C GLY BA 54 33.66 -40.00 17.02
N ARG BA 55 33.83 -38.76 17.50
CA ARG BA 55 33.86 -38.45 18.92
C ARG BA 55 33.37 -37.01 19.10
N LEU BA 56 32.88 -36.72 20.30
CA LEU BA 56 32.31 -35.40 20.58
C LEU BA 56 33.37 -34.47 21.13
N VAL BA 57 33.49 -33.30 20.51
CA VAL BA 57 34.54 -32.33 20.87
C VAL BA 57 33.95 -31.20 21.70
N PRO BA 58 34.55 -30.86 22.83
CA PRO BA 58 33.99 -29.79 23.64
C PRO BA 58 34.32 -28.40 23.13
N THR BA 59 33.36 -27.76 22.49
CA THR BA 59 33.44 -26.35 22.20
C THR BA 59 32.61 -25.61 23.23
N LEU BA 60 32.54 -24.29 23.11
CA LEU BA 60 31.62 -23.53 23.94
C LEU BA 60 30.59 -22.81 23.10
N ASP BA 61 30.63 -22.96 21.80
CA ASP BA 61 29.67 -22.31 20.94
C ASP BA 61 28.30 -22.96 21.14
N PRO BA 62 27.31 -22.25 21.69
CA PRO BA 62 26.01 -22.89 21.98
C PRO BA 62 25.23 -23.28 20.74
N CYS BA 63 25.55 -22.74 19.57
CA CYS BA 63 24.89 -23.17 18.35
C CYS BA 63 25.25 -24.60 17.96
N ASP BA 64 26.40 -25.09 18.39
CA ASP BA 64 26.91 -26.38 17.94
C ASP BA 64 26.16 -27.50 18.64
N TYR BA 65 25.14 -28.03 17.98
CA TYR BA 65 24.34 -29.12 18.54
C TYR BA 65 24.77 -30.44 17.95
N VAL BA 66 24.59 -31.52 18.70
CA VAL BA 66 24.74 -32.88 18.21
C VAL BA 66 23.56 -33.70 18.70
N LYS BA 67 22.85 -34.36 17.79
CA LYS BA 67 21.65 -35.12 18.12
C LYS BA 67 21.93 -36.60 17.94
N GLY BA 68 21.65 -37.41 18.98
CA GLY BA 68 21.94 -38.83 18.90
C GLY BA 68 21.17 -39.63 19.93
N ILE BA 69 21.08 -40.93 19.67
CA ILE BA 69 20.27 -41.83 20.47
C ILE BA 69 21.01 -42.20 21.73
N LEU BA 70 20.30 -42.85 22.64
CA LEU BA 70 20.86 -43.34 23.89
C LEU BA 70 20.60 -44.83 24.01
N VAL BA 71 21.66 -45.57 24.33
CA VAL BA 71 21.56 -47.01 24.58
C VAL BA 71 21.95 -47.28 26.02
N ALA BA 72 21.22 -48.19 26.65
CA ALA BA 72 21.58 -48.63 27.98
C ALA BA 72 22.65 -49.70 27.90
N GLY BA 73 23.79 -49.42 28.51
CA GLY BA 73 24.91 -50.33 28.53
C GLY BA 73 26.25 -49.61 28.51
N THR BA 74 27.20 -50.19 29.24
CA THR BA 74 28.51 -49.62 29.48
C THR BA 74 29.44 -49.90 28.31
N PRO BA 75 30.28 -48.94 27.92
CA PRO BA 75 30.88 -48.99 26.58
C PRO BA 75 32.12 -49.88 26.52
N GLN BA 76 32.17 -50.71 25.46
CA GLN BA 76 33.37 -51.29 24.86
C GLN BA 76 34.08 -52.34 25.70
N GLN BA 77 33.71 -52.47 26.98
CA GLN BA 77 34.29 -53.37 27.97
C GLN BA 77 35.82 -53.33 28.06
N ALA BA 78 36.42 -52.18 27.71
CA ALA BA 78 37.85 -51.97 27.91
C ALA BA 78 38.09 -50.56 28.42
N GLN BA 79 37.16 -49.67 28.10
CA GLN BA 79 37.28 -48.23 28.19
C GLN BA 79 36.77 -47.73 29.54
N SER BA 80 36.32 -46.45 29.54
CA SER BA 80 35.95 -45.53 30.61
C SER BA 80 37.18 -44.85 31.18
N ASN BA 81 38.26 -44.85 30.40
CA ASN BA 81 39.42 -44.01 30.64
C ASN BA 81 39.55 -42.92 29.58
N ASP BA 82 38.70 -42.96 28.56
CA ASP BA 82 38.77 -41.97 27.48
C ASP BA 82 37.43 -41.28 27.22
N PHE BA 83 36.38 -41.59 27.98
CA PHE BA 83 35.05 -41.06 27.79
C PHE BA 83 34.72 -40.15 28.97
N LEU BA 84 33.53 -39.54 28.91
CA LEU BA 84 33.01 -38.77 30.04
C LEU BA 84 31.93 -39.60 30.73
N THR BA 85 32.04 -39.71 32.04
CA THR BA 85 31.13 -40.56 32.81
C THR BA 85 30.41 -39.73 33.86
N LEU BA 86 29.09 -39.63 33.72
CA LEU BA 86 28.33 -38.70 34.55
C LEU BA 86 26.92 -39.21 34.75
N LYS BA 87 26.27 -38.68 35.79
CA LYS BA 87 24.99 -39.15 36.28
C LYS BA 87 23.96 -38.02 36.28
N LEU BA 88 23.02 -38.09 35.35
CA LEU BA 88 21.94 -37.13 35.22
C LEU BA 88 20.68 -37.73 35.82
N PRO BA 89 19.87 -36.92 36.48
CA PRO BA 89 18.64 -37.43 37.11
C PRO BA 89 17.46 -37.61 36.16
N ALA BA 90 17.74 -37.73 34.86
CA ALA BA 90 16.79 -38.04 33.79
C ALA BA 90 15.78 -36.92 33.60
N ASN BA 91 16.11 -35.72 34.08
CA ASN BA 91 15.32 -34.55 33.73
C ASN BA 91 16.18 -33.31 33.50
N LYS BA 92 17.50 -33.43 33.53
CA LYS BA 92 18.42 -32.31 33.33
C LYS BA 92 19.12 -32.44 31.99
N LEU BA 93 18.38 -32.89 30.99
CA LEU BA 93 18.94 -33.19 29.69
C LEU BA 93 17.85 -32.96 28.65
N TYR BA 94 18.29 -32.67 27.44
CA TYR BA 94 17.40 -32.13 26.42
C TYR BA 94 16.96 -33.28 25.52
N LEU BA 95 15.73 -33.75 25.75
CA LEU BA 95 15.21 -34.95 25.11
C LEU BA 95 14.09 -34.59 24.15
N ILE BA 96 14.12 -35.22 22.98
CA ILE BA 96 13.26 -34.86 21.87
C ILE BA 96 12.33 -36.02 21.59
N ARG BA 97 11.10 -35.70 21.16
CA ARG BA 97 10.04 -36.66 20.85
C ARG BA 97 9.68 -37.48 22.08
N LYS BA 98 9.37 -36.82 23.19
CA LYS BA 98 9.18 -37.52 24.45
C LYS BA 98 7.94 -38.40 24.42
N LYS BA 99 8.13 -39.66 24.77
CA LYS BA 99 7.09 -40.66 24.72
C LYS BA 99 6.74 -41.12 26.12
N GLY BA 100 7.74 -41.60 26.86
CA GLY BA 100 7.53 -42.05 28.21
C GLY BA 100 8.61 -41.56 29.15
N ASN BA 101 8.27 -41.57 30.43
CA ASN BA 101 9.11 -41.04 31.49
C ASN BA 101 10.34 -41.93 31.69
N ILE BA 102 11.38 -41.32 32.25
CA ILE BA 102 12.69 -41.96 32.38
C ILE BA 102 12.94 -42.14 33.88
N SER BA 103 13.95 -42.95 34.24
CA SER BA 103 14.03 -43.56 35.56
C SER BA 103 15.14 -43.01 36.44
N ASP BA 104 15.36 -41.68 36.47
CA ASP BA 104 15.77 -41.00 37.71
C ASP BA 104 17.12 -41.40 38.31
N ASP BA 105 18.21 -40.73 37.87
CA ASP BA 105 19.64 -40.98 38.11
C ASP BA 105 20.19 -42.18 37.37
N LEU BA 106 20.22 -42.08 36.05
CA LEU BA 106 20.98 -43.01 35.23
C LEU BA 106 22.36 -42.41 35.02
N LYS BA 107 23.31 -43.24 34.58
CA LYS BA 107 24.69 -42.81 34.35
C LYS BA 107 24.98 -42.80 32.85
N ILE BA 108 25.65 -41.75 32.39
CA ILE BA 108 25.81 -41.47 30.97
C ILE BA 108 27.28 -41.58 30.61
N TYR BA 109 27.57 -42.30 29.53
CA TYR BA 109 28.89 -42.30 28.90
C TYR BA 109 28.82 -41.54 27.59
N ILE BA 110 29.93 -40.92 27.20
CA ILE BA 110 29.98 -39.99 26.08
C ILE BA 110 31.26 -40.20 25.29
N PRO BA 111 31.20 -40.45 23.99
CA PRO BA 111 32.42 -40.55 23.19
C PRO BA 111 33.09 -39.19 23.06
N TYR BA 112 34.22 -39.03 23.74
CA TYR BA 112 34.76 -37.70 23.99
C TYR BA 112 36.02 -37.49 23.15
N SER BA 113 36.11 -36.35 22.49
CA SER BA 113 37.26 -36.03 21.66
C SER BA 113 38.36 -35.42 22.49
N SER BA 114 39.50 -35.28 21.87
CA SER BA 114 40.51 -34.39 22.39
C SER BA 114 40.11 -32.95 22.11
N PRO BA 115 40.55 -32.00 22.94
CA PRO BA 115 40.39 -30.59 22.56
C PRO BA 115 41.26 -30.17 21.39
N ASP BA 116 42.24 -31.02 20.99
CA ASP BA 116 43.10 -30.82 19.82
C ASP BA 116 43.91 -29.53 19.90
N ALA BA 117 44.92 -29.50 20.76
CA ALA BA 117 45.72 -28.31 20.97
C ALA BA 117 46.64 -28.04 19.78
N ARG BA 118 46.05 -27.80 18.60
CA ARG BA 118 46.81 -27.29 17.47
C ARG BA 118 46.06 -26.21 16.69
N ASN BA 119 44.73 -26.29 16.65
CA ASN BA 119 43.96 -25.59 15.62
C ASN BA 119 42.74 -24.93 16.23
N SER BA 120 42.37 -23.81 15.61
CA SER BA 120 41.06 -23.20 15.86
C SER BA 120 39.97 -24.06 15.24
N MET BA 121 39.11 -24.62 16.09
CA MET BA 121 38.20 -25.67 15.67
C MET BA 121 37.00 -25.04 14.97
N LYS BA 122 36.97 -25.18 13.65
CA LYS BA 122 35.97 -24.58 12.78
C LYS BA 122 35.01 -25.64 12.28
N THR BA 123 33.72 -25.38 12.44
CA THR BA 123 32.68 -26.37 12.19
C THR BA 123 31.91 -26.02 10.92
N LYS BA 124 31.08 -26.97 10.49
CA LYS BA 124 30.21 -26.79 9.33
C LYS BA 124 28.80 -27.22 9.67
N PRO BA 125 27.80 -26.51 9.18
CA PRO BA 125 26.43 -27.01 9.29
C PRO BA 125 26.16 -28.16 8.34
N VAL BA 126 26.14 -29.38 8.87
CA VAL BA 126 25.95 -30.58 8.06
C VAL BA 126 24.73 -31.32 8.57
N SER BA 127 24.34 -32.35 7.85
CA SER BA 127 23.15 -33.13 8.19
C SER BA 127 23.27 -34.54 7.65
N ILE BA 128 22.12 -35.20 7.55
CA ILE BA 128 22.02 -36.52 6.94
C ILE BA 128 21.26 -36.38 5.64
N SER BA 129 21.82 -36.89 4.55
CA SER BA 129 21.15 -36.92 3.25
C SER BA 129 21.48 -38.25 2.58
N ASP BA 130 20.95 -38.43 1.36
CA ASP BA 130 21.42 -39.45 0.41
C ASP BA 130 21.27 -40.89 0.90
N ASP BA 131 20.06 -41.46 0.76
CA ASP BA 131 19.62 -42.77 1.27
C ASP BA 131 20.61 -43.94 1.19
N THR BA 132 21.57 -43.87 0.27
CA THR BA 132 22.67 -44.83 0.29
C THR BA 132 23.47 -44.75 1.59
N ILE BA 133 23.57 -43.55 2.17
CA ILE BA 133 24.27 -43.40 3.44
C ILE BA 133 23.45 -44.02 4.57
N VAL BA 134 22.12 -43.92 4.51
CA VAL BA 134 21.32 -44.43 5.61
C VAL BA 134 21.11 -45.93 5.46
N ASN BA 135 21.54 -46.51 4.34
CA ASN BA 135 21.40 -47.95 4.13
C ASN BA 135 22.26 -48.76 5.10
N ASN BA 136 23.47 -48.31 5.38
CA ASN BA 136 24.25 -49.04 6.39
C ASN BA 136 24.03 -48.49 7.80
N ILE BA 137 23.43 -47.32 7.95
CA ILE BA 137 23.10 -46.79 9.27
C ILE BA 137 22.03 -47.63 9.94
N ILE BA 138 20.96 -47.93 9.21
CA ILE BA 138 19.97 -48.88 9.68
C ILE BA 138 20.50 -50.30 9.69
N LYS BA 139 21.62 -50.55 8.99
CA LYS BA 139 22.32 -51.81 9.13
C LYS BA 139 23.29 -51.80 10.31
N GLU BA 140 23.94 -50.66 10.55
CA GLU BA 140 24.87 -50.64 11.69
C GLU BA 140 24.14 -50.59 13.02
N VAL BA 141 23.44 -49.51 13.32
CA VAL BA 141 22.97 -49.29 14.69
C VAL BA 141 21.52 -49.75 14.87
N PHE BA 142 20.72 -49.77 13.80
CA PHE BA 142 19.33 -50.16 14.00
C PHE BA 142 19.10 -51.65 13.77
N ASP BA 143 20.09 -52.37 13.25
CA ASP BA 143 19.98 -53.82 13.26
C ASP BA 143 20.40 -54.40 14.60
N LYS BA 144 21.63 -54.10 15.04
CA LYS BA 144 22.23 -54.84 16.14
C LYS BA 144 21.61 -54.45 17.48
N ILE BA 145 20.93 -53.31 17.54
CA ILE BA 145 20.33 -52.88 18.80
C ILE BA 145 18.83 -53.16 18.79
N TYR BA 146 18.23 -53.30 17.61
CA TYR BA 146 16.79 -53.49 17.50
C TYR BA 146 16.46 -54.62 16.53
N ASN BA 147 15.86 -55.69 17.04
CA ASN BA 147 15.31 -56.78 16.23
C ASN BA 147 13.84 -56.53 15.88
N ILE BA 148 13.55 -55.34 15.37
CA ILE BA 148 12.23 -55.03 14.89
C ILE BA 148 12.24 -54.59 13.43
N THR BA 149 13.43 -54.32 12.89
CA THR BA 149 13.64 -54.10 11.46
C THR BA 149 13.17 -55.31 10.66
N GLN BA 150 12.26 -55.06 9.72
CA GLN BA 150 11.50 -56.02 8.93
C GLN BA 150 10.71 -57.01 9.76
N LYS BA 151 10.44 -56.74 11.04
CA LYS BA 151 9.67 -57.65 11.88
C LYS BA 151 8.26 -57.17 12.17
N GLU BA 152 8.10 -55.99 12.76
CA GLU BA 152 6.80 -55.34 12.88
C GLU BA 152 6.91 -54.02 12.15
N LYS BA 153 8.10 -53.43 12.17
CA LYS BA 153 8.36 -52.20 11.45
C LYS BA 153 8.47 -52.57 9.98
N VAL BA 154 7.32 -52.64 9.31
CA VAL BA 154 7.30 -52.84 7.87
C VAL BA 154 7.44 -51.51 7.14
N LYS BA 155 6.85 -50.45 7.68
CA LYS BA 155 6.87 -49.13 7.03
C LYS BA 155 8.15 -48.40 7.42
N ILE BA 156 9.29 -48.99 7.03
CA ILE BA 156 10.59 -48.41 7.33
C ILE BA 156 10.94 -47.22 6.46
N GLU BA 157 10.01 -46.77 5.59
CA GLU BA 157 10.21 -45.51 4.87
C GLU BA 157 10.22 -44.32 5.82
N LYS BA 158 9.55 -44.46 6.97
CA LYS BA 158 9.56 -43.37 7.94
C LYS BA 158 10.95 -43.17 8.52
N VAL BA 159 11.48 -44.19 9.21
CA VAL BA 159 12.69 -44.04 9.99
C VAL BA 159 13.93 -43.87 9.12
N LYS BA 160 13.90 -44.32 7.86
CA LYS BA 160 15.02 -44.00 6.99
C LYS BA 160 14.94 -42.58 6.48
N GLU BA 161 13.75 -41.97 6.51
CA GLU BA 161 13.64 -40.53 6.24
C GLU BA 161 13.61 -39.72 7.52
N ASP BA 162 13.18 -40.32 8.63
CA ASP BA 162 13.01 -39.55 9.86
C ASP BA 162 14.33 -39.15 10.47
N ILE BA 163 15.37 -39.97 10.33
CA ILE BA 163 16.71 -39.54 10.71
C ILE BA 163 17.28 -38.54 9.71
N LYS BA 164 16.73 -38.47 8.49
CA LYS BA 164 17.27 -37.55 7.49
C LYS BA 164 16.87 -36.11 7.77
N GLU BA 165 15.92 -35.88 8.67
CA GLU BA 165 15.55 -34.53 9.08
C GLU BA 165 15.76 -34.29 10.57
N LEU BA 166 15.55 -35.31 11.41
CA LEU BA 166 15.79 -35.13 12.83
C LEU BA 166 17.27 -35.05 13.12
N PHE BA 167 18.00 -36.12 12.82
CA PHE BA 167 19.38 -36.24 13.24
C PHE BA 167 20.27 -35.34 12.41
N SER BA 168 20.95 -34.42 13.08
CA SER BA 168 21.98 -33.63 12.45
C SER BA 168 22.97 -33.22 13.52
N TYR BA 169 23.97 -32.49 13.11
CA TYR BA 169 25.12 -32.15 13.95
C TYR BA 169 25.94 -31.14 13.18
N TYR BA 170 26.98 -30.64 13.82
CA TYR BA 170 27.98 -29.83 13.14
C TYR BA 170 29.29 -30.61 13.09
N ALA BA 171 29.96 -30.54 11.95
CA ALA BA 171 31.13 -31.36 11.72
C ALA BA 171 32.36 -30.49 11.53
N LEU BA 172 33.48 -30.99 12.06
CA LEU BA 172 34.76 -30.35 11.81
C LEU BA 172 35.30 -30.75 10.45
N GLU BA 173 35.11 -32.02 10.08
CA GLU BA 173 35.84 -32.73 9.02
C GLU BA 173 37.35 -32.51 9.11
N GLN BA 174 37.91 -32.61 10.32
CA GLN BA 174 39.34 -32.51 10.52
C GLN BA 174 39.86 -33.78 11.18
N SER CA 2 5.91 -22.65 84.85
CA SER CA 2 5.28 -23.00 83.58
C SER CA 2 6.33 -23.46 82.60
N THR CA 3 5.99 -23.41 81.31
CA THR CA 3 6.91 -23.77 80.24
C THR CA 3 7.62 -22.51 79.77
N GLN CA 4 8.92 -22.63 79.52
CA GLN CA 4 9.69 -21.56 78.88
C GLN CA 4 10.08 -22.01 77.49
N ARG CA 5 9.67 -21.23 76.50
CA ARG CA 5 9.97 -21.52 75.09
C ARG CA 5 10.55 -20.27 74.47
N GLU CA 6 11.88 -20.15 74.55
CA GLU CA 6 12.59 -18.98 74.07
C GLU CA 6 12.72 -19.01 72.55
N TYR CA 7 12.42 -17.88 71.92
CA TYR CA 7 12.48 -17.81 70.46
C TYR CA 7 13.92 -17.71 70.02
N VAL CA 8 14.18 -18.14 68.79
CA VAL CA 8 15.50 -17.95 68.20
C VAL CA 8 15.36 -17.64 66.72
N PHE CA 9 16.01 -16.57 66.29
CA PHE CA 9 15.94 -16.01 64.95
C PHE CA 9 16.96 -16.70 64.04
N ILE CA 10 16.82 -16.48 62.73
CA ILE CA 10 17.74 -17.05 61.76
C ILE CA 10 18.34 -15.97 60.86
N PRO CA 11 19.62 -15.62 61.06
CA PRO CA 11 20.32 -14.72 60.14
C PRO CA 11 21.06 -15.48 59.05
N ILE CA 12 21.81 -14.74 58.23
CA ILE CA 12 22.85 -15.31 57.37
C ILE CA 12 24.23 -15.21 58.03
N THR CA 13 24.27 -14.69 59.27
CA THR CA 13 25.48 -14.14 59.84
C THR CA 13 25.77 -14.92 61.13
N ASN CA 14 26.93 -14.67 61.74
CA ASN CA 14 27.31 -15.24 63.02
C ASN CA 14 27.10 -14.14 64.07
N SER CA 15 25.85 -14.00 64.51
CA SER CA 15 25.49 -13.04 65.56
C SER CA 15 24.56 -13.75 66.54
N ILE CA 16 24.63 -15.07 66.54
CA ILE CA 16 23.77 -15.94 67.31
C ILE CA 16 24.58 -16.66 68.40
N THR CA 17 25.72 -16.07 68.74
CA THR CA 17 26.78 -16.65 69.56
C THR CA 17 26.35 -16.96 70.99
N ILE CA 18 26.09 -15.95 71.82
CA ILE CA 18 25.80 -16.20 73.23
C ILE CA 18 24.43 -15.63 73.60
N ASP CA 19 23.42 -16.47 73.52
CA ASP CA 19 22.05 -16.12 73.82
C ASP CA 19 21.34 -17.18 74.65
N VAL CA 20 21.82 -18.41 74.64
CA VAL CA 20 21.14 -19.55 75.25
C VAL CA 20 22.11 -20.27 76.15
N LYS CA 21 21.66 -20.59 77.37
CA LYS CA 21 22.41 -21.46 78.27
C LYS CA 21 21.73 -22.79 78.55
N ILE CA 22 20.59 -23.08 77.94
CA ILE CA 22 19.82 -24.29 78.20
C ILE CA 22 19.71 -25.05 76.90
N THR CA 23 20.40 -26.20 76.82
CA THR CA 23 20.63 -26.84 75.52
C THR CA 23 19.82 -28.12 75.31
N ILE CA 24 18.95 -28.49 76.24
CA ILE CA 24 18.01 -29.57 75.94
C ILE CA 24 16.62 -29.17 76.44
N GLY CA 25 16.56 -28.14 77.28
CA GLY CA 25 15.29 -27.73 77.86
C GLY CA 25 14.80 -28.74 78.88
N GLY CA 26 13.50 -29.00 78.85
CA GLY CA 26 12.94 -30.03 79.71
C GLY CA 26 12.52 -31.27 78.97
N SER CA 27 13.34 -31.71 78.01
CA SER CA 27 13.03 -32.74 77.01
C SER CA 27 11.75 -32.39 76.25
N ASP CA 28 11.71 -31.17 75.71
CA ASP CA 28 10.51 -30.66 75.04
C ASP CA 28 10.92 -29.82 73.83
N HIS CA 29 10.02 -29.75 72.84
CA HIS CA 29 10.24 -29.01 71.61
C HIS CA 29 8.92 -28.47 71.07
N ILE CA 30 8.92 -27.24 70.54
CA ILE CA 30 7.78 -26.79 69.74
C ILE CA 30 8.04 -27.02 68.26
N THR CA 31 9.14 -26.48 67.75
CA THR CA 31 9.50 -26.66 66.36
C THR CA 31 10.26 -27.97 66.19
N ASN CA 32 9.52 -29.03 65.90
CA ASN CA 32 10.11 -30.35 65.72
C ASN CA 32 10.78 -30.43 64.36
N ILE CA 33 11.61 -31.45 64.20
CA ILE CA 33 12.21 -31.78 62.92
C ILE CA 33 11.94 -33.27 62.65
N ASP CA 34 10.88 -33.55 61.90
CA ASP CA 34 10.32 -34.89 61.78
C ASP CA 34 10.60 -35.56 60.43
N GLU CA 35 11.73 -35.22 59.79
CA GLU CA 35 12.14 -35.71 58.47
C GLU CA 35 11.10 -35.42 57.40
N ARG CA 36 10.42 -34.28 57.52
CA ARG CA 36 9.62 -33.73 56.44
C ARG CA 36 10.08 -32.33 56.09
N GLY CA 37 11.01 -31.79 56.85
CA GLY CA 37 11.19 -30.36 56.97
C GLY CA 37 10.84 -29.89 58.38
N ILE CA 38 11.35 -28.72 58.73
CA ILE CA 38 11.08 -28.17 60.05
C ILE CA 38 9.71 -27.50 60.04
N HIS CA 39 8.99 -27.60 61.15
CA HIS CA 39 7.62 -27.13 61.24
C HIS CA 39 7.44 -26.23 62.46
N ASN CA 40 6.19 -25.78 62.64
CA ASN CA 40 5.75 -24.90 63.73
C ASN CA 40 6.55 -23.59 63.78
N VAL CA 41 6.98 -23.12 62.61
CA VAL CA 41 7.85 -21.95 62.49
C VAL CA 41 7.03 -20.70 62.78
N LEU CA 42 7.57 -19.80 63.61
CA LEU CA 42 6.90 -18.56 63.95
C LEU CA 42 7.45 -17.42 63.11
N VAL CA 43 6.55 -16.61 62.55
CA VAL CA 43 6.90 -15.44 61.76
C VAL CA 43 6.32 -14.23 62.49
N ILE CA 44 7.13 -13.20 62.72
CA ILE CA 44 6.66 -11.96 63.31
C ILE CA 44 6.54 -10.97 62.16
N THR CA 45 5.46 -10.20 62.11
CA THR CA 45 5.33 -9.13 61.12
C THR CA 45 5.57 -7.80 61.80
N GLY CA 46 6.77 -7.26 61.62
CA GLY CA 46 7.04 -5.92 62.11
C GLY CA 46 8.43 -5.74 62.66
N TYR CA 47 9.19 -6.81 62.80
CA TYR CA 47 10.48 -6.71 63.46
C TYR CA 47 11.59 -6.91 62.44
N ALA CA 48 12.79 -6.47 62.78
CA ALA CA 48 13.92 -6.50 61.87
C ALA CA 48 15.16 -6.96 62.61
N VAL CA 49 16.05 -7.63 61.88
CA VAL CA 49 17.26 -8.21 62.47
C VAL CA 49 18.35 -7.16 62.50
N ASP CA 50 19.39 -7.43 63.28
CA ASP CA 50 20.24 -6.40 63.86
C ASP CA 50 21.72 -6.77 63.69
N GLU CA 51 22.17 -6.95 62.44
CA GLU CA 51 23.43 -7.65 62.16
C GLU CA 51 24.72 -6.95 62.59
N LYS CA 52 24.80 -6.62 63.87
CA LYS CA 52 26.03 -6.28 64.57
C LYS CA 52 25.93 -6.99 65.91
N ASN CA 53 24.68 -7.20 66.34
CA ASN CA 53 24.29 -8.06 67.44
C ASN CA 53 22.86 -8.47 67.17
N GLY CA 54 22.65 -9.66 66.60
CA GLY CA 54 21.39 -10.04 66.00
C GLY CA 54 20.21 -10.10 66.95
N ARG CA 55 19.27 -9.17 66.78
CA ARG CA 55 18.14 -9.03 67.68
C ARG CA 55 16.90 -8.72 66.85
N LEU CA 56 15.85 -8.21 67.49
CA LEU CA 56 14.63 -7.85 66.78
C LEU CA 56 14.22 -6.42 67.14
N VAL CA 57 14.38 -5.51 66.20
CA VAL CA 57 14.02 -4.10 66.37
C VAL CA 57 12.59 -3.92 65.90
N PRO CA 58 11.68 -3.44 66.74
CA PRO CA 58 10.30 -3.25 66.27
C PRO CA 58 10.18 -2.03 65.38
N THR CA 59 9.25 -2.13 64.42
CA THR CA 59 8.80 -1.00 63.63
C THR CA 59 7.37 -1.25 63.18
N LEU CA 60 6.89 -0.38 62.30
CA LEU CA 60 5.45 -0.22 62.10
C LEU CA 60 4.97 -0.82 60.78
N ASP CA 61 5.85 -1.40 59.99
CA ASP CA 61 5.43 -2.01 58.72
C ASP CA 61 4.90 -3.42 58.98
N PRO CA 62 3.70 -3.74 58.51
CA PRO CA 62 3.29 -5.15 58.51
C PRO CA 62 4.02 -5.97 57.46
N CYS CA 63 4.55 -5.32 56.43
CA CYS CA 63 5.29 -6.05 55.41
C CYS CA 63 6.65 -6.51 55.90
N ASP CA 64 7.20 -5.89 56.95
CA ASP CA 64 8.47 -6.33 57.51
C ASP CA 64 8.24 -7.63 58.27
N TYR CA 65 8.74 -8.74 57.73
CA TYR CA 65 8.52 -10.04 58.33
C TYR CA 65 9.86 -10.69 58.62
N VAL CA 66 9.87 -11.55 59.63
CA VAL CA 66 11.08 -12.20 60.10
C VAL CA 66 10.71 -13.49 60.82
N LYS CA 67 11.44 -14.57 60.54
CA LYS CA 67 11.06 -15.89 61.01
C LYS CA 67 12.24 -16.66 61.57
N GLY CA 68 11.98 -17.42 62.61
CA GLY CA 68 12.93 -18.34 63.19
C GLY CA 68 12.12 -19.39 63.92
N ILE CA 69 12.77 -20.21 64.73
CA ILE CA 69 12.08 -21.32 65.39
C ILE CA 69 12.04 -21.07 66.89
N LEU CA 70 11.29 -21.92 67.59
CA LEU CA 70 11.17 -21.87 69.05
C LEU CA 70 12.00 -23.00 69.66
N VAL CA 71 12.78 -22.67 70.69
CA VAL CA 71 13.52 -23.65 71.47
C VAL CA 71 13.19 -23.48 72.94
N ALA CA 72 13.55 -24.46 73.75
CA ALA CA 72 13.20 -24.44 75.16
C ALA CA 72 14.35 -23.88 76.00
N GLY CA 73 14.00 -23.11 77.04
CA GLY CA 73 15.01 -22.66 77.97
C GLY CA 73 14.94 -21.22 78.41
N THR CA 74 15.86 -20.83 79.32
CA THR CA 74 16.06 -19.48 79.85
C THR CA 74 17.44 -18.98 79.44
N PRO CA 75 17.55 -17.75 78.90
CA PRO CA 75 18.82 -17.30 78.29
C PRO CA 75 20.05 -17.16 79.18
N GLN CA 76 20.01 -16.29 80.19
CA GLN CA 76 21.22 -16.05 80.98
C GLN CA 76 20.93 -15.96 82.47
N GLN CA 77 19.65 -16.08 82.85
CA GLN CA 77 19.13 -15.72 84.18
C GLN CA 77 19.50 -14.30 84.57
N ALA CA 78 19.53 -13.36 83.62
CA ALA CA 78 19.86 -11.97 83.89
C ALA CA 78 19.04 -11.00 83.04
N GLN CA 79 17.99 -11.50 82.42
CA GLN CA 79 17.30 -10.79 81.35
C GLN CA 79 16.27 -9.77 81.85
N SER CA 80 15.38 -9.35 80.94
CA SER CA 80 14.31 -8.34 81.02
C SER CA 80 14.88 -6.94 80.96
N ASN CA 81 16.15 -6.83 80.62
CA ASN CA 81 16.72 -5.61 80.10
C ASN CA 81 17.15 -5.73 78.64
N ASP CA 82 17.18 -6.94 78.09
CA ASP CA 82 17.58 -7.16 76.71
C ASP CA 82 16.63 -8.09 75.95
N PHE CA 83 15.92 -8.98 76.63
CA PHE CA 83 14.98 -9.90 76.02
C PHE CA 83 13.61 -9.63 76.60
N LEU CA 84 12.58 -9.83 75.78
CA LEU CA 84 11.21 -9.49 76.17
C LEU CA 84 10.44 -10.77 76.44
N THR CA 85 9.61 -10.74 77.48
CA THR CA 85 8.83 -11.89 77.89
C THR CA 85 7.36 -11.57 77.81
N LEU CA 86 6.56 -12.55 77.43
CA LEU CA 86 5.11 -12.44 77.50
C LEU CA 86 4.49 -13.83 77.61
N LYS CA 87 3.24 -13.84 78.07
CA LYS CA 87 2.49 -15.07 78.28
C LYS CA 87 1.43 -15.16 77.19
N LEU CA 88 1.63 -16.06 76.25
CA LEU CA 88 0.58 -16.28 75.26
C LEU CA 88 -0.03 -17.65 75.45
N PRO CA 89 -1.35 -17.78 75.21
CA PRO CA 89 -2.01 -19.10 75.35
C PRO CA 89 -1.88 -19.98 74.11
N ALA CA 90 -0.92 -19.63 73.23
CA ALA CA 90 -0.55 -20.41 72.03
C ALA CA 90 -1.72 -20.55 71.06
N ASN CA 91 -2.59 -19.55 71.05
CA ASN CA 91 -3.68 -19.48 70.09
C ASN CA 91 -3.49 -18.18 69.32
N LYS CA 92 -2.42 -17.46 69.67
CA LYS CA 92 -2.02 -16.23 69.01
C LYS CA 92 -0.71 -16.40 68.27
N LEU CA 93 -0.05 -17.54 68.43
CA LEU CA 93 1.22 -17.80 67.77
C LEU CA 93 0.96 -18.09 66.31
N TYR CA 94 1.35 -17.15 65.46
CA TYR CA 94 1.12 -17.25 64.02
C TYR CA 94 2.12 -18.23 63.44
N LEU CA 95 1.85 -19.52 63.65
CA LEU CA 95 2.78 -20.58 63.34
C LEU CA 95 2.47 -21.14 61.96
N ILE CA 96 3.40 -20.94 61.02
CA ILE CA 96 3.26 -21.59 59.74
C ILE CA 96 3.65 -23.07 59.86
N ARG CA 97 3.08 -23.88 58.97
CA ARG CA 97 3.30 -25.33 58.85
C ARG CA 97 3.04 -26.09 60.15
N LYS CA 98 1.98 -25.76 60.88
CA LYS CA 98 1.63 -26.49 62.08
C LYS CA 98 1.17 -27.90 61.73
N LYS CA 99 1.57 -28.88 62.55
CA LYS CA 99 1.04 -30.23 62.38
C LYS CA 99 0.76 -30.86 63.75
N GLY CA 100 1.09 -30.15 64.83
CA GLY CA 100 0.96 -30.68 66.17
C GLY CA 100 -0.14 -30.03 66.98
N ASN CA 101 0.03 -30.07 68.29
CA ASN CA 101 -0.95 -29.54 69.23
C ASN CA 101 -0.21 -28.63 70.21
N ILE CA 102 -0.88 -27.59 70.68
CA ILE CA 102 -0.24 -26.56 71.48
C ILE CA 102 -0.54 -26.75 72.95
N SER CA 103 0.32 -26.18 73.81
CA SER CA 103 0.33 -26.42 75.24
C SER CA 103 -0.43 -25.38 76.05
N ASP CA 104 -1.20 -24.51 75.39
CA ASP CA 104 -2.00 -23.42 75.98
C ASP CA 104 -1.18 -22.41 76.78
N ASP CA 105 0.14 -22.43 76.60
CA ASP CA 105 1.11 -21.54 77.24
C ASP CA 105 2.47 -21.77 76.61
N LEU CA 106 3.22 -20.69 76.43
CA LEU CA 106 4.68 -20.73 76.30
C LEU CA 106 5.21 -19.35 76.63
N LYS CA 107 6.04 -19.29 77.67
CA LYS CA 107 6.63 -18.05 78.16
C LYS CA 107 7.85 -17.80 77.29
N ILE CA 108 7.79 -16.76 76.47
CA ILE CA 108 8.74 -16.62 75.39
C ILE CA 108 9.88 -15.71 75.83
N TYR CA 109 11.01 -15.82 75.13
CA TYR CA 109 12.12 -14.88 75.24
C TYR CA 109 12.47 -14.46 73.82
N ILE CA 110 12.18 -13.21 73.49
CA ILE CA 110 12.37 -12.69 72.15
C ILE CA 110 13.41 -11.58 72.21
N PRO CA 111 14.38 -11.55 71.29
CA PRO CA 111 15.39 -10.48 71.31
C PRO CA 111 14.80 -9.11 70.99
N TYR CA 112 15.54 -8.08 71.40
CA TYR CA 112 15.09 -6.69 71.36
C TYR CA 112 16.30 -5.77 71.39
N SER CA 113 16.24 -4.71 70.58
CA SER CA 113 17.24 -3.65 70.60
C SER CA 113 16.55 -2.31 70.83
N SER CA 114 17.33 -1.34 71.29
CA SER CA 114 16.91 0.05 71.29
C SER CA 114 16.66 0.49 69.85
N PRO CA 115 15.65 1.32 69.59
CA PRO CA 115 15.13 1.43 68.21
C PRO CA 115 15.96 2.26 67.25
N ASP CA 116 17.11 2.83 67.69
CA ASP CA 116 18.07 3.52 66.83
C ASP CA 116 17.44 4.70 66.08
N ALA CA 117 17.05 5.75 66.81
CA ALA CA 117 16.50 6.96 66.20
C ALA CA 117 17.59 7.88 65.65
N ARG CA 118 18.85 7.46 65.69
CA ARG CA 118 19.97 8.20 65.14
C ARG CA 118 20.09 8.01 63.63
N ASN CA 119 19.32 7.08 63.05
CA ASN CA 119 19.31 6.88 61.61
C ASN CA 119 17.96 6.30 61.23
N SER CA 120 17.58 6.49 59.97
CA SER CA 120 16.40 5.83 59.43
C SER CA 120 16.76 4.45 58.91
N MET CA 121 15.86 3.50 59.15
CA MET CA 121 16.08 2.11 58.79
C MET CA 121 15.90 1.96 57.29
N LYS CA 122 16.93 2.25 56.51
CA LYS CA 122 16.93 1.98 55.09
C LYS CA 122 17.08 0.49 54.90
N THR CA 123 15.96 -0.21 54.90
CA THR CA 123 15.98 -1.67 54.97
C THR CA 123 15.77 -2.22 53.57
N LYS CA 124 16.04 -3.51 53.42
CA LYS CA 124 16.01 -4.17 52.12
C LYS CA 124 15.46 -5.59 52.28
N PRO CA 125 14.89 -6.15 51.22
CA PRO CA 125 14.48 -7.56 51.27
C PRO CA 125 15.68 -8.48 51.19
N VAL CA 126 15.74 -9.42 52.14
CA VAL CA 126 16.86 -10.35 52.26
C VAL CA 126 16.33 -11.77 52.19
N SER CA 127 16.80 -12.53 51.22
CA SER CA 127 16.54 -13.95 51.13
C SER CA 127 17.86 -14.70 51.17
N ILE CA 128 17.88 -15.87 51.79
CA ILE CA 128 19.15 -16.53 52.07
C ILE CA 128 19.64 -17.29 50.85
N SER CA 129 20.96 -17.22 50.63
CA SER CA 129 21.60 -17.76 49.43
C SER CA 129 23.01 -18.19 49.79
N ASP CA 130 23.82 -18.40 48.74
CA ASP CA 130 25.27 -18.67 48.83
C ASP CA 130 25.55 -19.91 49.67
N ASP CA 131 25.23 -21.09 49.13
CA ASP CA 131 24.93 -22.35 49.83
C ASP CA 131 25.82 -22.71 51.01
N THR CA 132 27.06 -22.21 51.02
CA THR CA 132 27.89 -22.33 52.21
C THR CA 132 27.36 -21.47 53.35
N ILE CA 133 26.58 -20.43 53.03
CA ILE CA 133 25.91 -19.67 54.08
C ILE CA 133 24.71 -20.47 54.59
N VAL CA 134 24.12 -21.30 53.74
CA VAL CA 134 23.15 -22.28 54.21
C VAL CA 134 23.85 -23.38 55.01
N ASN CA 135 25.11 -23.66 54.67
CA ASN CA 135 25.89 -24.61 55.46
C ASN CA 135 26.23 -24.07 56.84
N ASN CA 136 26.20 -22.76 57.04
CA ASN CA 136 26.35 -22.19 58.36
C ASN CA 136 25.14 -22.49 59.24
N ILE CA 137 23.96 -22.57 58.62
CA ILE CA 137 22.73 -22.82 59.35
C ILE CA 137 22.70 -24.25 59.89
N ILE CA 138 23.20 -25.20 59.10
CA ILE CA 138 23.25 -26.58 59.55
C ILE CA 138 24.40 -26.78 60.54
N LYS CA 139 25.29 -25.79 60.64
CA LYS CA 139 26.43 -25.90 61.55
C LYS CA 139 26.13 -25.34 62.93
N GLU CA 140 25.65 -24.09 63.01
CA GLU CA 140 25.56 -23.39 64.28
C GLU CA 140 24.43 -23.88 65.18
N VAL CA 141 23.20 -23.80 64.71
CA VAL CA 141 22.02 -23.87 65.55
C VAL CA 141 21.51 -25.29 65.71
N PHE CA 142 21.40 -26.04 64.61
CA PHE CA 142 20.80 -27.37 64.70
C PHE CA 142 21.75 -28.40 65.26
N ASP CA 143 23.06 -28.15 65.20
CA ASP CA 143 24.00 -29.07 65.83
C ASP CA 143 24.03 -28.90 67.34
N LYS CA 144 24.01 -27.66 67.82
CA LYS CA 144 24.14 -27.41 69.24
C LYS CA 144 22.91 -27.81 70.03
N ILE CA 145 21.73 -27.79 69.42
CA ILE CA 145 20.49 -28.09 70.11
C ILE CA 145 20.07 -29.54 69.91
N TYR CA 146 20.09 -29.98 68.67
CA TYR CA 146 19.55 -31.29 68.31
C TYR CA 146 20.69 -32.29 68.29
N ASN CA 147 20.58 -33.30 69.15
CA ASN CA 147 21.53 -34.40 69.23
C ASN CA 147 21.00 -35.68 68.60
N ILE CA 148 19.89 -35.61 67.87
CA ILE CA 148 19.36 -36.73 67.13
C ILE CA 148 19.75 -36.67 65.66
N THR CA 149 20.15 -35.49 65.16
CA THR CA 149 20.68 -35.33 63.82
C THR CA 149 22.01 -36.06 63.68
N GLN CA 150 22.26 -36.58 62.48
CA GLN CA 150 23.36 -37.45 62.00
C GLN CA 150 23.19 -38.87 62.54
N LYS CA 151 22.23 -39.12 63.43
CA LYS CA 151 21.83 -40.46 63.85
C LYS CA 151 20.48 -40.82 63.24
N GLU CA 152 19.60 -39.85 63.08
CA GLU CA 152 18.38 -40.06 62.32
C GLU CA 152 18.51 -39.59 60.88
N LYS CA 153 19.45 -38.71 60.56
CA LYS CA 153 19.49 -38.04 59.27
C LYS CA 153 20.21 -38.91 58.26
N VAL CA 154 19.45 -39.75 57.57
CA VAL CA 154 19.86 -40.30 56.29
C VAL CA 154 19.46 -39.23 55.30
N LYS CA 155 18.42 -38.48 55.66
CA LYS CA 155 17.89 -37.38 54.87
C LYS CA 155 18.38 -36.07 55.47
N ILE CA 156 19.66 -35.80 55.29
CA ILE CA 156 20.34 -34.72 55.99
C ILE CA 156 20.30 -33.42 55.20
N GLU CA 157 20.41 -33.48 53.88
CA GLU CA 157 20.49 -32.26 53.10
C GLU CA 157 19.26 -32.03 52.23
N LYS CA 158 18.31 -32.95 52.24
CA LYS CA 158 17.01 -32.71 51.62
C LYS CA 158 16.18 -31.72 52.42
N VAL CA 159 16.43 -31.62 53.73
CA VAL CA 159 15.81 -30.59 54.56
C VAL CA 159 16.51 -29.25 54.38
N LYS CA 160 17.75 -29.28 53.87
CA LYS CA 160 18.48 -28.03 53.66
C LYS CA 160 17.90 -27.22 52.51
N GLU CA 161 17.14 -27.88 51.62
CA GLU CA 161 16.33 -27.11 50.66
C GLU CA 161 15.24 -26.34 51.37
N ASP CA 162 14.51 -26.96 52.28
CA ASP CA 162 13.50 -26.30 53.09
C ASP CA 162 14.08 -25.24 54.01
N ILE CA 163 15.36 -25.39 54.37
CA ILE CA 163 16.09 -24.27 54.96
C ILE CA 163 16.25 -23.16 53.93
N LYS CA 164 16.69 -23.51 52.73
CA LYS CA 164 17.10 -22.54 51.73
C LYS CA 164 15.89 -21.87 51.09
N GLU CA 165 14.74 -22.53 51.13
CA GLU CA 165 13.55 -22.05 50.43
C GLU CA 165 12.79 -20.98 51.21
N LEU CA 166 12.41 -21.27 52.45
CA LEU CA 166 11.34 -20.52 53.10
C LEU CA 166 11.82 -19.43 54.05
N PHE CA 167 13.01 -19.55 54.62
CA PHE CA 167 13.45 -18.64 55.68
C PHE CA 167 13.97 -17.34 55.08
N SER CA 168 13.38 -16.23 55.49
CA SER CA 168 13.82 -14.91 55.07
C SER CA 168 13.46 -13.86 56.13
N TYR CA 169 13.96 -12.65 55.92
CA TYR CA 169 13.79 -11.54 56.85
C TYR CA 169 14.12 -10.25 56.13
N TYR CA 170 13.92 -9.12 56.81
CA TYR CA 170 14.34 -7.82 56.33
C TYR CA 170 15.32 -7.22 57.33
N ALA CA 171 16.51 -6.80 56.85
CA ALA CA 171 17.58 -6.32 57.71
C ALA CA 171 17.70 -4.81 57.58
N LEU CA 172 18.25 -4.17 58.62
CA LEU CA 172 18.22 -2.71 58.76
C LEU CA 172 19.50 -2.01 58.34
N GLU CA 173 20.55 -2.73 57.94
CA GLU CA 173 21.82 -2.19 57.47
C GLU CA 173 22.56 -1.26 58.44
N GLN CA 174 22.43 -1.49 59.74
CA GLN CA 174 23.38 -0.89 60.69
C GLN CA 174 23.96 -1.96 61.62
N SER DA 2 -43.93 -52.98 92.22
CA SER DA 2 -43.92 -53.39 93.61
C SER DA 2 -42.62 -52.98 94.28
N THR DA 3 -41.57 -52.79 93.49
CA THR DA 3 -40.31 -52.31 94.06
C THR DA 3 -40.46 -50.84 94.43
N GLN DA 4 -40.41 -50.58 95.73
CA GLN DA 4 -40.72 -49.27 96.27
C GLN DA 4 -39.55 -48.33 96.02
N ARG DA 5 -39.78 -47.26 95.28
CA ARG DA 5 -38.77 -46.24 95.06
C ARG DA 5 -39.30 -44.93 95.61
N GLU DA 6 -38.41 -43.96 95.79
CA GLU DA 6 -38.86 -42.69 96.32
C GLU DA 6 -38.20 -41.57 95.53
N TYR DA 7 -38.69 -40.36 95.73
CA TYR DA 7 -38.17 -39.19 95.05
C TYR DA 7 -37.71 -38.16 96.06
N VAL DA 8 -36.45 -37.75 95.91
CA VAL DA 8 -35.94 -36.57 96.60
C VAL DA 8 -35.22 -35.73 95.55
N PHE DA 9 -35.39 -34.43 95.62
CA PHE DA 9 -34.86 -33.57 94.58
C PHE DA 9 -33.59 -32.89 95.06
N ILE DA 10 -33.01 -32.10 94.18
CA ILE DA 10 -31.80 -31.35 94.47
C ILE DA 10 -32.17 -29.87 94.48
N PRO DA 11 -32.34 -29.27 95.65
CA PRO DA 11 -32.64 -27.83 95.69
C PRO DA 11 -31.41 -26.96 95.75
N ILE DA 12 -31.64 -25.65 95.85
CA ILE DA 12 -30.64 -24.75 96.42
C ILE DA 12 -30.88 -24.51 97.90
N THR DA 13 -32.02 -24.94 98.44
CA THR DA 13 -32.42 -24.68 99.80
C THR DA 13 -32.06 -25.86 100.71
N ASN DA 14 -32.45 -25.74 101.98
CA ASN DA 14 -32.28 -26.83 102.95
C ASN DA 14 -33.57 -27.66 103.03
N SER DA 15 -34.03 -28.08 101.85
CA SER DA 15 -35.26 -28.86 101.75
C SER DA 15 -35.01 -30.36 101.79
N ILE DA 16 -33.85 -30.79 102.27
CA ILE DA 16 -33.46 -32.19 102.32
C ILE DA 16 -32.97 -32.59 103.70
N THR DA 17 -33.19 -31.75 104.71
CA THR DA 17 -32.75 -32.06 106.07
C THR DA 17 -33.44 -33.28 106.67
N ILE DA 18 -34.71 -33.48 106.36
CA ILE DA 18 -35.45 -34.69 106.71
C ILE DA 18 -36.02 -35.27 105.43
N ASP DA 19 -36.05 -36.60 105.34
CA ASP DA 19 -36.29 -37.28 104.07
C ASP DA 19 -36.85 -38.68 104.27
N VAL DA 20 -36.70 -39.51 103.24
CA VAL DA 20 -37.26 -40.87 103.16
C VAL DA 20 -36.89 -41.70 104.39
N LYS DA 21 -37.90 -42.40 104.95
CA LYS DA 21 -37.69 -43.15 106.18
C LYS DA 21 -36.89 -44.43 105.94
N ILE DA 22 -36.83 -44.88 104.69
CA ILE DA 22 -36.12 -46.11 104.34
C ILE DA 22 -35.00 -45.75 103.37
N THR DA 23 -33.76 -45.78 103.87
CA THR DA 23 -32.59 -45.54 103.05
C THR DA 23 -31.78 -46.81 102.80
N ILE DA 24 -32.24 -47.96 103.29
CA ILE DA 24 -31.47 -49.19 103.11
C ILE DA 24 -31.67 -49.76 101.71
N GLY DA 25 -32.85 -49.59 101.14
CA GLY DA 25 -33.17 -50.12 99.83
C GLY DA 25 -33.17 -51.65 99.75
N GLY DA 26 -33.28 -52.14 98.53
CA GLY DA 26 -33.18 -53.56 98.27
C GLY DA 26 -31.86 -53.91 97.63
N SER DA 27 -31.89 -54.19 96.33
CA SER DA 27 -30.65 -54.51 95.62
C SER DA 27 -29.77 -53.28 95.44
N ASP DA 28 -30.28 -52.24 94.78
CA ASP DA 28 -29.52 -51.04 94.47
C ASP DA 28 -30.49 -49.91 94.11
N HIS DA 29 -30.09 -48.69 94.42
CA HIS DA 29 -30.89 -47.51 94.13
C HIS DA 29 -30.65 -47.09 92.70
N ILE DA 30 -31.72 -46.67 92.02
CA ILE DA 30 -31.64 -46.44 90.57
C ILE DA 30 -30.78 -45.23 90.24
N THR DA 31 -30.79 -44.22 91.08
CA THR DA 31 -29.76 -43.18 91.03
C THR DA 31 -28.42 -43.81 91.38
N ASN DA 32 -27.54 -43.87 90.40
CA ASN DA 32 -26.31 -44.63 90.54
C ASN DA 32 -25.10 -43.71 90.43
N ILE DA 33 -24.27 -43.71 91.47
CA ILE DA 33 -22.90 -43.26 91.36
C ILE DA 33 -22.12 -44.49 90.92
N ASP DA 34 -21.45 -44.38 89.78
CA ASP DA 34 -20.68 -45.47 89.23
C ASP DA 34 -19.20 -45.14 89.14
N GLU DA 35 -18.64 -44.52 90.18
CA GLU DA 35 -17.24 -44.11 90.33
C GLU DA 35 -16.77 -43.16 89.23
N ARG DA 36 -17.70 -42.48 88.57
CA ARG DA 36 -17.41 -41.60 87.44
C ARG DA 36 -18.20 -40.31 87.49
N GLY DA 37 -19.14 -40.20 88.41
CA GLY DA 37 -20.21 -39.24 88.35
C GLY DA 37 -21.53 -39.99 88.32
N ILE DA 38 -22.62 -39.27 88.54
CA ILE DA 38 -23.91 -39.88 88.82
C ILE DA 38 -24.58 -40.25 87.52
N HIS DA 39 -25.08 -41.48 87.44
CA HIS DA 39 -25.79 -41.97 86.27
C HIS DA 39 -27.23 -42.24 86.63
N ASN DA 40 -28.08 -42.31 85.60
CA ASN DA 40 -29.51 -42.64 85.70
C ASN DA 40 -30.27 -41.70 86.62
N VAL DA 41 -30.35 -40.43 86.26
CA VAL DA 41 -31.01 -39.42 87.08
C VAL DA 41 -32.40 -39.18 86.53
N LEU DA 42 -33.41 -39.30 87.39
CA LEU DA 42 -34.78 -39.08 86.95
C LEU DA 42 -35.09 -37.58 86.91
N VAL DA 43 -35.89 -37.18 85.92
CA VAL DA 43 -36.39 -35.83 85.79
C VAL DA 43 -37.91 -35.90 85.65
N ILE DA 44 -38.61 -35.10 86.45
CA ILE DA 44 -40.05 -34.93 86.31
C ILE DA 44 -40.25 -33.66 85.50
N THR DA 45 -40.59 -33.81 84.24
CA THR DA 45 -40.75 -32.67 83.36
C THR DA 45 -42.21 -32.26 83.29
N GLY DA 46 -42.46 -30.98 83.52
CA GLY DA 46 -43.81 -30.48 83.47
C GLY DA 46 -44.36 -30.02 84.79
N TYR DA 47 -43.60 -30.12 85.87
CA TYR DA 47 -44.03 -29.72 87.20
C TYR DA 47 -43.08 -28.68 87.77
N ALA DA 48 -43.64 -27.80 88.58
CA ALA DA 48 -42.87 -26.79 89.30
C ALA DA 48 -42.50 -27.31 90.68
N VAL DA 49 -41.39 -26.81 91.21
CA VAL DA 49 -40.98 -27.23 92.54
C VAL DA 49 -41.60 -26.30 93.58
N ASP DA 50 -41.62 -26.75 94.83
CA ASP DA 50 -41.88 -25.88 95.98
C ASP DA 50 -40.54 -25.62 96.65
N GLU DA 51 -40.07 -24.38 96.56
CA GLU DA 51 -38.79 -23.99 97.12
C GLU DA 51 -38.85 -23.75 98.62
N LYS DA 52 -40.03 -23.73 99.22
CA LYS DA 52 -40.19 -23.52 100.65
C LYS DA 52 -41.02 -24.66 101.20
N ASN DA 53 -40.47 -25.40 102.18
CA ASN DA 53 -41.04 -26.62 102.74
C ASN DA 53 -41.26 -27.61 101.60
N GLY DA 54 -40.15 -28.10 101.04
CA GLY DA 54 -40.05 -28.72 99.73
C GLY DA 54 -41.08 -29.74 99.28
N ARG DA 55 -41.80 -29.37 98.22
CA ARG DA 55 -42.82 -30.19 97.60
C ARG DA 55 -42.70 -29.97 96.09
N LEU DA 56 -43.70 -30.43 95.34
CA LEU DA 56 -43.74 -30.27 93.88
C LEU DA 56 -45.09 -29.69 93.49
N VAL DA 57 -45.06 -28.55 92.81
CA VAL DA 57 -46.29 -27.86 92.39
C VAL DA 57 -46.63 -28.27 90.97
N PRO DA 58 -47.81 -28.84 90.71
CA PRO DA 58 -48.13 -29.31 89.35
C PRO DA 58 -48.54 -28.16 88.44
N THR DA 59 -47.63 -27.73 87.58
CA THR DA 59 -47.97 -26.82 86.50
C THR DA 59 -48.27 -27.62 85.25
N LEU DA 60 -48.72 -26.92 84.20
CA LEU DA 60 -49.05 -27.63 82.95
C LEU DA 60 -48.20 -27.05 81.82
N ASP DA 61 -46.90 -27.02 82.06
CA ASP DA 61 -45.95 -26.46 81.10
C ASP DA 61 -44.92 -27.50 80.73
N PRO DA 62 -44.71 -27.97 79.39
CA PRO DA 62 -43.59 -28.97 78.59
C PRO DA 62 -42.26 -28.21 78.76
N CYS DA 63 -42.06 -27.36 79.79
CA CYS DA 63 -40.76 -26.67 79.74
C CYS DA 63 -40.18 -26.68 81.16
N ASP DA 64 -41.05 -26.65 82.16
CA ASP DA 64 -40.66 -26.60 83.55
C ASP DA 64 -40.29 -28.00 83.99
N TYR DA 65 -39.29 -28.11 84.85
CA TYR DA 65 -38.80 -29.42 85.23
C TYR DA 65 -38.05 -29.33 86.55
N VAL DA 66 -37.62 -30.49 87.02
CA VAL DA 66 -36.84 -30.64 88.24
C VAL DA 66 -36.09 -31.95 88.16
N LYS DA 67 -34.79 -31.90 88.45
CA LYS DA 67 -33.91 -33.05 88.30
C LYS DA 67 -33.70 -33.68 89.67
N GLY DA 68 -34.29 -34.84 89.88
CA GLY DA 68 -34.33 -35.39 91.22
C GLY DA 68 -33.63 -36.71 91.32
N ILE DA 69 -33.57 -37.21 92.56
CA ILE DA 69 -32.86 -38.44 92.88
C ILE DA 69 -33.88 -39.53 93.13
N LEU DA 70 -33.59 -40.71 92.59
CA LEU DA 70 -34.49 -41.86 92.67
C LEU DA 70 -33.82 -42.95 93.50
N VAL DA 71 -34.14 -43.02 94.78
CA VAL DA 71 -33.69 -44.11 95.64
C VAL DA 71 -34.92 -44.81 96.19
N ALA DA 72 -34.70 -45.85 96.99
CA ALA DA 72 -35.75 -46.80 97.31
C ALA DA 72 -36.20 -46.66 98.76
N GLY DA 73 -37.50 -46.48 98.98
CA GLY DA 73 -38.04 -46.47 100.32
C GLY DA 73 -39.32 -45.66 100.44
N THR DA 74 -39.71 -45.43 101.70
CA THR DA 74 -40.96 -44.78 102.12
C THR DA 74 -40.68 -43.40 102.69
N PRO DA 75 -41.29 -42.32 102.16
CA PRO DA 75 -40.87 -40.96 102.49
C PRO DA 75 -41.07 -40.52 103.93
N GLN DA 76 -42.30 -40.53 104.40
CA GLN DA 76 -42.61 -40.06 105.73
C GLN DA 76 -43.48 -41.00 106.53
N GLN DA 77 -44.20 -41.92 105.86
CA GLN DA 77 -44.96 -43.06 106.39
C GLN DA 77 -46.26 -42.63 107.09
N ALA DA 78 -46.41 -41.33 107.34
CA ALA DA 78 -47.72 -40.78 107.69
C ALA DA 78 -48.22 -39.90 106.56
N GLN DA 79 -47.30 -39.42 105.72
CA GLN DA 79 -47.63 -38.75 104.48
C GLN DA 79 -47.89 -39.77 103.38
N SER DA 80 -47.90 -39.25 102.14
CA SER DA 80 -48.36 -39.87 100.87
C SER DA 80 -49.88 -40.04 100.88
N ASN DA 81 -50.53 -39.47 101.89
CA ASN DA 81 -51.92 -39.08 101.81
C ASN DA 81 -52.14 -37.96 100.81
N ASP DA 82 -51.11 -37.15 100.58
CA ASP DA 82 -51.05 -36.11 99.55
C ASP DA 82 -50.02 -36.41 98.48
N PHE DA 83 -48.87 -36.99 98.83
CA PHE DA 83 -47.79 -37.21 97.87
C PHE DA 83 -48.19 -38.25 96.85
N LEU DA 84 -47.68 -38.12 95.64
CA LEU DA 84 -48.11 -38.97 94.55
C LEU DA 84 -47.51 -40.36 94.71
N THR DA 85 -48.36 -41.36 94.87
CA THR DA 85 -47.95 -42.74 94.86
C THR DA 85 -48.63 -43.46 93.69
N LEU DA 86 -47.84 -44.21 92.94
CA LEU DA 86 -48.26 -44.76 91.66
C LEU DA 86 -47.26 -45.81 91.20
N LYS DA 87 -47.77 -46.75 90.40
CA LYS DA 87 -47.06 -47.96 90.01
C LYS DA 87 -46.88 -47.95 88.51
N LEU DA 88 -45.67 -48.22 88.04
CA LEU DA 88 -45.32 -47.98 86.65
C LEU DA 88 -44.86 -49.26 85.95
N PRO DA 89 -44.88 -49.29 84.61
CA PRO DA 89 -44.20 -50.36 83.89
C PRO DA 89 -42.71 -50.13 83.72
N ALA DA 90 -42.18 -49.02 84.26
CA ALA DA 90 -40.76 -48.72 84.38
C ALA DA 90 -40.02 -48.63 83.04
N ASN DA 91 -40.71 -48.18 82.01
CA ASN DA 91 -40.04 -47.72 80.80
C ASN DA 91 -40.72 -46.45 80.35
N LYS DA 92 -41.67 -45.99 81.16
CA LYS DA 92 -42.34 -44.71 80.97
C LYS DA 92 -41.70 -43.58 81.75
N LEU DA 93 -40.65 -43.84 82.52
CA LEU DA 93 -39.93 -42.78 83.19
C LEU DA 93 -38.88 -42.19 82.26
N TYR DA 94 -38.36 -41.01 82.62
CA TYR DA 94 -37.39 -40.29 81.82
C TYR DA 94 -36.12 -40.08 82.63
N LEU DA 95 -35.10 -40.85 82.31
CA LEU DA 95 -33.80 -40.75 82.93
C LEU DA 95 -32.85 -39.96 82.06
N ILE DA 96 -31.75 -39.51 82.65
CA ILE DA 96 -30.63 -38.98 81.88
C ILE DA 96 -29.37 -39.69 82.34
N ARG DA 97 -28.37 -39.69 81.46
CA ARG DA 97 -27.08 -40.35 81.68
C ARG DA 97 -27.25 -41.82 82.02
N LYS DA 98 -27.77 -42.60 81.07
CA LYS DA 98 -27.94 -44.01 81.30
C LYS DA 98 -26.59 -44.74 81.23
N LYS DA 99 -26.28 -45.45 82.31
CA LYS DA 99 -25.15 -46.38 82.33
C LYS DA 99 -25.66 -47.73 82.85
N GLY DA 100 -26.69 -47.68 83.69
CA GLY DA 100 -27.30 -48.88 84.22
C GLY DA 100 -28.59 -49.23 83.50
N ASN DA 101 -29.32 -50.16 84.12
CA ASN DA 101 -30.59 -50.64 83.59
C ASN DA 101 -31.61 -50.60 84.72
N ILE DA 102 -32.84 -51.00 84.39
CA ILE DA 102 -33.94 -50.97 85.34
C ILE DA 102 -34.35 -52.41 85.64
N SER DA 103 -34.77 -52.65 86.89
CA SER DA 103 -35.39 -53.90 87.28
C SER DA 103 -36.84 -54.02 86.82
N ASP DA 104 -37.31 -53.06 86.01
CA ASP DA 104 -38.50 -53.19 85.17
C ASP DA 104 -39.79 -53.25 85.99
N ASP DA 105 -39.77 -52.57 87.13
CA ASP DA 105 -40.99 -52.25 87.86
C ASP DA 105 -40.75 -51.00 88.69
N LEU DA 106 -41.78 -50.19 88.88
CA LEU DA 106 -41.68 -49.02 89.74
C LEU DA 106 -42.94 -48.93 90.59
N LYS DA 107 -42.76 -48.49 91.82
CA LYS DA 107 -43.86 -48.02 92.65
C LYS DA 107 -43.33 -46.79 93.36
N ILE DA 108 -43.53 -45.63 92.74
CA ILE DA 108 -42.78 -44.43 93.09
C ILE DA 108 -43.61 -43.56 94.02
N TYR DA 109 -42.92 -42.98 94.99
CA TYR DA 109 -43.53 -41.97 95.84
C TYR DA 109 -42.98 -40.61 95.43
N ILE DA 110 -43.88 -39.75 94.98
CA ILE DA 110 -43.50 -38.47 94.41
C ILE DA 110 -44.08 -37.38 95.30
N PRO DA 111 -43.27 -36.47 95.83
CA PRO DA 111 -43.82 -35.33 96.57
C PRO DA 111 -44.68 -34.44 95.70
N TYR DA 112 -45.63 -33.79 96.34
CA TYR DA 112 -46.71 -33.10 95.65
C TYR DA 112 -47.07 -31.87 96.48
N SER DA 113 -47.61 -30.84 95.81
CA SER DA 113 -48.10 -29.67 96.53
C SER DA 113 -49.47 -29.27 96.00
N SER DA 114 -50.22 -28.61 96.85
CA SER DA 114 -51.49 -28.04 96.45
C SER DA 114 -51.23 -26.86 95.51
N PRO DA 115 -52.04 -26.70 94.45
CA PRO DA 115 -51.74 -25.64 93.46
C PRO DA 115 -51.88 -24.22 93.98
N ASP DA 116 -52.69 -23.98 95.03
CA ASP DA 116 -52.69 -22.74 95.80
C ASP DA 116 -53.03 -21.50 94.94
N ALA DA 117 -54.27 -21.41 94.45
CA ALA DA 117 -54.63 -20.44 93.43
C ALA DA 117 -54.85 -19.02 93.96
N ARG DA 118 -54.39 -18.72 95.18
CA ARG DA 118 -54.39 -17.36 95.67
C ARG DA 118 -53.41 -16.46 94.93
N ASN DA 119 -52.41 -17.03 94.28
CA ASN DA 119 -51.37 -16.23 93.65
C ASN DA 119 -50.99 -16.95 92.36
N SER DA 120 -50.96 -16.21 91.25
CA SER DA 120 -50.68 -16.84 89.96
C SER DA 120 -49.21 -17.21 89.85
N MET DA 121 -48.94 -18.27 89.10
CA MET DA 121 -47.57 -18.80 89.00
C MET DA 121 -46.70 -17.91 88.12
N LYS DA 122 -45.48 -17.66 88.57
CA LYS DA 122 -44.48 -17.01 87.74
C LYS DA 122 -43.13 -17.67 88.02
N THR DA 123 -42.81 -18.71 87.29
CA THR DA 123 -41.64 -19.50 87.67
C THR DA 123 -40.36 -18.91 87.08
N LYS DA 124 -39.23 -19.26 87.70
CA LYS DA 124 -37.97 -18.60 87.43
C LYS DA 124 -36.84 -19.60 87.22
N PRO DA 125 -35.80 -19.25 86.44
CA PRO DA 125 -34.66 -20.15 86.27
C PRO DA 125 -33.85 -20.28 87.55
N VAL DA 126 -33.96 -21.43 88.20
CA VAL DA 126 -33.26 -21.69 89.44
C VAL DA 126 -32.17 -22.72 89.15
N SER DA 127 -30.99 -22.24 88.80
CA SER DA 127 -29.84 -23.10 88.64
C SER DA 127 -29.17 -23.26 90.00
N ILE DA 128 -28.24 -24.22 90.11
CA ILE DA 128 -27.53 -24.45 91.35
C ILE DA 128 -26.10 -23.98 91.13
N SER DA 129 -25.81 -22.76 91.57
CA SER DA 129 -24.47 -22.19 91.52
C SER DA 129 -24.13 -21.73 92.93
N ASP DA 130 -23.01 -20.99 93.04
CA ASP DA 130 -22.50 -20.45 94.30
C ASP DA 130 -22.26 -21.59 95.29
N ASP DA 131 -21.25 -22.41 95.03
CA ASP DA 131 -21.14 -23.76 95.60
C ASP DA 131 -21.02 -23.83 97.12
N THR DA 132 -21.08 -22.70 97.84
CA THR DA 132 -21.40 -22.73 99.26
C THR DA 132 -22.82 -23.25 99.48
N ILE DA 133 -23.69 -23.12 98.47
CA ILE DA 133 -24.97 -23.80 98.47
C ILE DA 133 -24.76 -25.31 98.37
N VAL DA 134 -23.72 -25.74 97.68
CA VAL DA 134 -23.44 -27.17 97.58
C VAL DA 134 -22.63 -27.63 98.79
N ASN DA 135 -21.80 -26.75 99.35
CA ASN DA 135 -20.82 -27.09 100.38
C ASN DA 135 -21.42 -27.62 101.68
N ASN DA 136 -22.66 -27.25 102.00
CA ASN DA 136 -23.30 -27.89 103.14
C ASN DA 136 -24.12 -29.11 102.73
N ILE DA 137 -24.85 -29.01 101.60
CA ILE DA 137 -25.81 -30.02 101.18
C ILE DA 137 -25.12 -31.34 100.79
N ILE DA 138 -23.83 -31.28 100.48
CA ILE DA 138 -23.06 -32.50 100.23
C ILE DA 138 -22.93 -33.41 101.44
N LYS DA 139 -23.26 -32.93 102.64
CA LYS DA 139 -23.21 -33.77 103.83
C LYS DA 139 -24.56 -34.30 104.28
N GLU DA 140 -25.68 -33.72 103.82
CA GLU DA 140 -26.95 -34.22 104.33
C GLU DA 140 -27.71 -35.07 103.31
N VAL DA 141 -27.49 -34.89 102.01
CA VAL DA 141 -28.10 -35.74 101.01
C VAL DA 141 -27.06 -36.52 100.21
N PHE DA 142 -25.84 -36.00 100.10
CA PHE DA 142 -24.78 -36.70 99.39
C PHE DA 142 -23.91 -37.51 100.34
N ASP DA 143 -24.19 -37.45 101.64
CA ASP DA 143 -23.53 -38.33 102.60
C ASP DA 143 -24.52 -39.10 103.46
N LYS DA 144 -25.62 -38.48 103.88
CA LYS DA 144 -26.53 -39.21 104.75
C LYS DA 144 -27.46 -40.13 103.98
N ILE DA 145 -27.37 -40.12 102.66
CA ILE DA 145 -27.91 -41.19 101.82
C ILE DA 145 -26.78 -41.98 101.15
N TYR DA 146 -25.73 -41.29 100.73
CA TYR DA 146 -24.53 -41.95 100.25
C TYR DA 146 -23.44 -41.93 101.32
N ASN DA 147 -23.63 -42.71 102.38
CA ASN DA 147 -22.55 -43.07 103.28
C ASN DA 147 -21.89 -44.39 102.87
N ILE DA 148 -22.47 -45.07 101.88
CA ILE DA 148 -21.75 -46.13 101.18
C ILE DA 148 -20.63 -45.50 100.34
N THR DA 149 -20.77 -44.23 99.99
CA THR DA 149 -19.66 -43.43 99.49
C THR DA 149 -18.77 -43.08 100.70
N GLN DA 150 -17.48 -42.82 100.42
CA GLN DA 150 -16.39 -42.51 101.35
C GLN DA 150 -15.96 -43.73 102.17
N LYS DA 151 -16.45 -44.91 101.78
CA LYS DA 151 -15.83 -46.16 102.19
C LYS DA 151 -15.80 -47.14 101.02
N GLU DA 152 -16.37 -46.73 99.89
CA GLU DA 152 -16.15 -47.41 98.61
C GLU DA 152 -15.72 -46.47 97.49
N LYS DA 153 -16.27 -45.27 97.40
CA LYS DA 153 -15.89 -44.23 96.46
C LYS DA 153 -15.33 -43.04 97.22
N VAL DA 154 -14.16 -42.58 96.82
CA VAL DA 154 -13.42 -41.62 97.63
C VAL DA 154 -13.43 -40.23 97.00
N LYS DA 155 -13.58 -40.15 95.66
CA LYS DA 155 -13.49 -38.88 94.96
C LYS DA 155 -14.77 -38.07 95.17
N ILE DA 156 -14.72 -37.20 96.18
CA ILE DA 156 -15.81 -36.24 96.40
C ILE DA 156 -15.72 -35.11 95.37
N GLU DA 157 -14.55 -34.87 94.80
CA GLU DA 157 -14.41 -33.81 93.81
C GLU DA 157 -14.99 -34.24 92.47
N LYS DA 158 -15.22 -35.54 92.31
CA LYS DA 158 -15.72 -36.06 91.04
C LYS DA 158 -17.24 -36.01 91.01
N VAL DA 159 -17.86 -35.78 92.17
CA VAL DA 159 -19.30 -35.60 92.26
C VAL DA 159 -19.66 -34.14 92.48
N LYS DA 160 -18.76 -33.35 93.06
CA LYS DA 160 -18.90 -31.90 93.17
C LYS DA 160 -18.89 -31.26 91.79
N GLU DA 161 -18.06 -31.78 90.90
CA GLU DA 161 -18.05 -31.32 89.51
C GLU DA 161 -19.30 -31.79 88.78
N ASP DA 162 -19.94 -32.86 89.26
CA ASP DA 162 -21.14 -33.35 88.62
C ASP DA 162 -22.35 -32.48 88.98
N ILE DA 163 -22.34 -31.91 90.18
CA ILE DA 163 -23.47 -31.12 90.66
C ILE DA 163 -23.55 -29.79 89.93
N LYS DA 164 -22.41 -29.13 89.76
CA LYS DA 164 -22.34 -27.78 89.22
C LYS DA 164 -22.75 -27.68 87.76
N GLU DA 165 -22.85 -28.79 87.06
CA GLU DA 165 -23.07 -28.71 85.63
C GLU DA 165 -24.32 -29.45 85.18
N LEU DA 166 -24.87 -30.34 86.02
CA LEU DA 166 -26.04 -31.10 85.60
C LEU DA 166 -27.34 -30.44 86.03
N PHE DA 167 -27.52 -30.26 87.33
CA PHE DA 167 -28.81 -30.01 87.93
C PHE DA 167 -29.28 -28.58 87.72
N SER DA 168 -30.55 -28.43 87.32
CA SER DA 168 -31.24 -27.14 87.30
C SER DA 168 -32.74 -27.42 87.36
N TYR DA 169 -33.51 -26.42 87.80
CA TYR DA 169 -34.95 -26.57 87.97
C TYR DA 169 -35.58 -25.17 88.03
N TYR DA 170 -36.90 -25.16 88.20
CA TYR DA 170 -37.70 -23.94 88.18
C TYR DA 170 -38.57 -23.87 89.44
N ALA DA 171 -38.56 -22.71 90.11
CA ALA DA 171 -39.38 -22.48 91.29
C ALA DA 171 -40.42 -21.41 90.98
N LEU DA 172 -41.64 -21.60 91.46
CA LEU DA 172 -42.79 -20.86 90.95
C LEU DA 172 -42.93 -19.45 91.53
N GLU DA 173 -42.03 -19.06 92.43
CA GLU DA 173 -41.97 -17.74 93.09
C GLU DA 173 -43.22 -17.53 93.94
N GLN DA 174 -43.73 -18.63 94.51
CA GLN DA 174 -44.70 -18.59 95.60
C GLN DA 174 -44.34 -19.62 96.66
N SER EA 2 -39.08 -96.02 37.14
CA SER EA 2 -38.35 -94.81 37.51
C SER EA 2 -36.94 -94.84 36.96
N THR EA 3 -36.24 -93.71 37.08
CA THR EA 3 -34.85 -93.59 36.64
C THR EA 3 -33.96 -93.22 37.82
N GLN EA 4 -32.95 -94.04 38.07
CA GLN EA 4 -32.07 -93.81 39.22
C GLN EA 4 -30.81 -93.10 38.76
N ARG EA 5 -30.21 -92.34 39.66
CA ARG EA 5 -28.87 -91.79 39.46
C ARG EA 5 -28.01 -92.16 40.67
N GLU EA 6 -26.70 -92.02 40.50
CA GLU EA 6 -25.76 -92.63 41.43
C GLU EA 6 -24.64 -91.66 41.75
N TYR EA 7 -24.20 -91.66 43.01
CA TYR EA 7 -23.14 -90.76 43.44
C TYR EA 7 -21.83 -91.53 43.61
N VAL EA 8 -20.73 -90.93 43.16
CA VAL EA 8 -19.41 -91.47 43.41
C VAL EA 8 -18.48 -90.36 43.88
N PHE EA 9 -18.06 -90.44 45.14
CA PHE EA 9 -17.05 -89.53 45.64
C PHE EA 9 -15.69 -90.01 45.17
N ILE EA 10 -14.71 -89.11 45.20
CA ILE EA 10 -13.43 -89.41 44.58
C ILE EA 10 -12.34 -89.28 45.64
N PRO EA 11 -11.97 -90.38 46.33
CA PRO EA 11 -10.87 -90.30 47.30
C PRO EA 11 -9.54 -90.50 46.61
N ILE EA 12 -8.46 -90.01 47.24
CA ILE EA 12 -7.14 -90.09 46.62
C ILE EA 12 -6.59 -91.51 46.63
N THR EA 13 -7.10 -92.37 47.52
CA THR EA 13 -6.83 -93.79 47.45
C THR EA 13 -7.97 -94.44 46.67
N ASN EA 14 -7.76 -95.69 46.27
CA ASN EA 14 -8.73 -96.39 45.45
C ASN EA 14 -9.68 -97.21 46.34
N SER EA 15 -10.79 -96.59 46.72
CA SER EA 15 -11.89 -97.29 47.36
C SER EA 15 -13.12 -97.20 46.46
N ILE EA 16 -12.89 -96.98 45.17
CA ILE EA 16 -13.95 -96.83 44.19
C ILE EA 16 -13.92 -98.03 43.25
N THR EA 17 -13.54 -99.18 43.79
CA THR EA 17 -13.21 -100.37 43.00
C THR EA 17 -14.42 -100.88 42.22
N ILE EA 18 -15.44 -101.38 42.90
CA ILE EA 18 -16.71 -101.74 42.28
C ILE EA 18 -17.87 -101.22 43.14
N ASP EA 19 -18.31 -100.01 42.83
CA ASP EA 19 -19.34 -99.38 43.66
C ASP EA 19 -20.73 -99.62 43.12
N VAL EA 20 -21.01 -99.17 41.91
CA VAL EA 20 -22.30 -99.37 41.27
C VAL EA 20 -22.25 -100.73 40.60
N LYS EA 21 -23.40 -101.36 40.49
CA LYS EA 21 -23.44 -102.63 39.77
C LYS EA 21 -23.37 -102.41 38.26
N ILE EA 22 -24.21 -101.52 37.74
CA ILE EA 22 -24.32 -101.30 36.30
C ILE EA 22 -24.04 -99.83 36.02
N THR EA 23 -23.33 -99.56 34.92
CA THR EA 23 -22.97 -98.20 34.53
C THR EA 23 -24.12 -97.46 33.85
N ILE EA 24 -25.27 -98.11 33.66
CA ILE EA 24 -26.45 -97.45 33.12
C ILE EA 24 -27.62 -97.73 34.05
N GLY EA 25 -28.77 -97.16 33.74
CA GLY EA 25 -29.91 -97.19 34.64
C GLY EA 25 -30.75 -95.93 34.59
N GLY EA 26 -30.19 -94.86 34.00
CA GLY EA 26 -30.93 -93.65 33.73
C GLY EA 26 -30.94 -93.29 32.26
N SER EA 27 -31.99 -92.57 31.86
CA SER EA 27 -32.18 -92.17 30.47
C SER EA 27 -31.11 -91.21 29.96
N ASP EA 28 -30.49 -90.47 30.87
CA ASP EA 28 -29.29 -89.70 30.55
C ASP EA 28 -28.49 -89.61 31.85
N HIS EA 29 -27.19 -89.38 31.71
CA HIS EA 29 -26.31 -89.21 32.86
C HIS EA 29 -26.18 -87.73 33.13
N ILE EA 30 -26.17 -87.35 34.41
CA ILE EA 30 -26.13 -85.93 34.74
C ILE EA 30 -24.74 -85.36 34.46
N THR EA 31 -23.70 -86.05 34.91
CA THR EA 31 -22.33 -85.62 34.65
C THR EA 31 -22.02 -85.79 33.17
N ASN EA 32 -21.33 -84.81 32.59
CA ASN EA 32 -20.99 -84.84 31.17
C ASN EA 32 -19.58 -84.30 30.96
N ILE EA 33 -19.04 -84.59 29.79
CA ILE EA 33 -17.91 -83.85 29.20
C ILE EA 33 -18.30 -83.64 27.74
N ASP EA 34 -18.64 -82.41 27.38
CA ASP EA 34 -19.22 -82.15 26.06
C ASP EA 34 -18.53 -80.94 25.44
N GLU EA 35 -17.20 -81.02 25.35
CA GLU EA 35 -16.25 -80.13 24.67
C GLU EA 35 -16.04 -78.84 25.44
N ARG EA 36 -16.48 -78.77 26.71
CA ARG EA 36 -16.12 -77.65 27.57
C ARG EA 36 -15.55 -78.13 28.91
N GLY EA 37 -15.40 -79.43 29.11
CA GLY EA 37 -14.93 -79.96 30.37
C GLY EA 37 -16.01 -80.66 31.15
N ILE EA 38 -15.71 -80.94 32.43
CA ILE EA 38 -16.68 -81.63 33.26
C ILE EA 38 -17.73 -80.65 33.76
N HIS EA 39 -18.99 -81.03 33.60
CA HIS EA 39 -20.10 -80.22 34.06
C HIS EA 39 -21.03 -81.06 34.92
N ASN EA 40 -21.95 -80.37 35.60
CA ASN EA 40 -22.87 -80.96 36.57
C ASN EA 40 -22.15 -81.73 37.67
N VAL EA 41 -21.15 -81.08 38.28
CA VAL EA 41 -20.52 -81.62 39.47
C VAL EA 41 -21.39 -81.31 40.68
N LEU EA 42 -21.75 -82.34 41.42
CA LEU EA 42 -22.59 -82.18 42.60
C LEU EA 42 -21.75 -82.18 43.86
N VAL EA 43 -21.96 -81.17 44.69
CA VAL EA 43 -21.41 -81.16 46.04
C VAL EA 43 -22.53 -81.56 46.99
N ILE EA 44 -22.27 -82.56 47.82
CA ILE EA 44 -23.14 -82.89 48.92
C ILE EA 44 -22.42 -82.49 50.21
N THR EA 45 -23.13 -81.75 51.05
CA THR EA 45 -22.51 -80.97 52.11
C THR EA 45 -22.76 -81.63 53.46
N GLY EA 46 -21.85 -81.40 54.39
CA GLY EA 46 -21.93 -82.00 55.71
C GLY EA 46 -21.36 -83.40 55.79
N TYR EA 47 -20.71 -83.89 54.72
CA TYR EA 47 -20.29 -85.28 54.59
C TYR EA 47 -18.87 -85.32 54.06
N ALA EA 48 -18.03 -86.16 54.68
CA ALA EA 48 -16.61 -86.21 54.35
C ALA EA 48 -16.16 -87.63 54.00
N VAL EA 49 -14.92 -87.72 53.50
CA VAL EA 49 -14.37 -88.97 52.99
C VAL EA 49 -13.88 -89.83 54.17
N ASP EA 50 -14.20 -91.12 54.09
CA ASP EA 50 -13.84 -92.12 55.08
C ASP EA 50 -13.06 -93.26 54.39
N GLU EA 51 -12.00 -92.88 53.69
CA GLU EA 51 -11.28 -93.71 52.71
C GLU EA 51 -10.78 -95.08 53.19
N LYS EA 52 -10.64 -95.29 54.49
CA LYS EA 52 -10.54 -96.65 55.01
C LYS EA 52 -11.95 -97.21 55.13
N ASN EA 53 -12.26 -98.24 54.33
CA ASN EA 53 -13.62 -98.65 53.99
C ASN EA 53 -14.40 -97.45 53.45
N GLY EA 54 -13.99 -97.02 52.26
CA GLY EA 54 -14.41 -95.78 51.65
C GLY EA 54 -15.90 -95.61 51.46
N ARG EA 55 -16.48 -94.78 52.32
CA ARG EA 55 -17.87 -94.33 52.24
C ARG EA 55 -17.87 -92.86 52.64
N LEU EA 56 -19.04 -92.31 52.97
CA LEU EA 56 -19.12 -90.93 53.42
C LEU EA 56 -19.68 -90.89 54.84
N VAL EA 57 -18.96 -90.20 55.71
CA VAL EA 57 -19.21 -90.20 57.15
C VAL EA 57 -20.25 -89.12 57.44
N PRO EA 58 -21.18 -89.33 58.36
CA PRO EA 58 -22.04 -88.23 58.81
C PRO EA 58 -21.26 -87.23 59.64
N THR EA 59 -21.38 -85.95 59.29
CA THR EA 59 -20.71 -84.87 60.01
C THR EA 59 -21.71 -83.73 60.18
N LEU EA 60 -21.51 -82.88 61.19
CA LEU EA 60 -22.33 -81.69 61.38
C LEU EA 60 -21.60 -80.39 61.07
N ASP EA 61 -20.41 -80.43 60.49
CA ASP EA 61 -19.72 -79.22 60.07
C ASP EA 61 -20.36 -78.71 58.78
N PRO EA 62 -20.80 -77.33 58.69
CA PRO EA 62 -21.48 -76.28 57.56
C PRO EA 62 -20.36 -75.96 56.57
N CYS EA 63 -19.13 -76.33 56.95
CA CYS EA 63 -17.91 -76.06 56.14
C CYS EA 63 -17.47 -77.34 55.42
N ASP EA 64 -17.59 -78.50 56.04
CA ASP EA 64 -17.16 -79.75 55.34
C ASP EA 64 -18.06 -80.02 54.13
N TYR EA 65 -17.47 -80.65 53.12
CA TYR EA 65 -18.05 -80.87 51.81
C TYR EA 65 -17.08 -81.75 51.01
N VAL EA 66 -17.65 -82.53 50.09
CA VAL EA 66 -16.92 -83.40 49.17
C VAL EA 66 -17.56 -83.25 47.79
N LYS EA 67 -16.73 -83.07 46.75
CA LYS EA 67 -17.21 -83.02 45.38
C LYS EA 67 -17.70 -84.39 44.92
N GLY EA 68 -18.17 -84.45 43.68
CA GLY EA 68 -18.68 -85.72 43.20
C GLY EA 68 -19.03 -85.70 41.73
N ILE EA 69 -19.58 -86.83 41.30
CA ILE EA 69 -19.95 -87.08 39.92
C ILE EA 69 -21.30 -87.80 39.93
N LEU EA 70 -22.23 -87.33 39.11
CA LEU EA 70 -23.54 -87.97 39.00
C LEU EA 70 -23.64 -88.78 37.72
N VAL EA 71 -23.33 -90.07 37.85
CA VAL EA 71 -23.62 -91.08 36.84
C VAL EA 71 -24.94 -91.75 37.23
N ALA EA 72 -25.54 -92.48 36.29
CA ALA EA 72 -26.82 -93.11 36.56
C ALA EA 72 -26.67 -94.62 36.68
N GLY EA 73 -27.48 -95.22 37.56
CA GLY EA 73 -27.39 -96.64 37.86
C GLY EA 73 -27.80 -96.93 39.30
N THR EA 74 -27.54 -98.18 39.70
CA THR EA 74 -27.90 -98.66 41.04
C THR EA 74 -26.86 -99.57 41.68
N PRO EA 75 -26.42 -99.26 42.92
CA PRO EA 75 -25.27 -99.96 43.52
C PRO EA 75 -25.58 -101.30 44.16
N GLN EA 76 -25.19 -102.37 43.47
CA GLN EA 76 -25.17 -103.79 43.86
C GLN EA 76 -26.39 -104.34 44.59
N GLN EA 77 -27.54 -103.67 44.45
CA GLN EA 77 -28.91 -104.16 44.66
C GLN EA 77 -29.18 -104.89 45.97
N ALA EA 78 -28.37 -104.67 46.99
CA ALA EA 78 -28.61 -105.27 48.29
C ALA EA 78 -28.55 -104.16 49.31
N GLN EA 79 -28.22 -102.97 48.81
CA GLN EA 79 -28.00 -101.80 49.64
C GLN EA 79 -29.31 -101.06 49.84
N SER EA 80 -29.19 -99.79 50.27
CA SER EA 80 -30.24 -98.87 50.72
C SER EA 80 -30.79 -99.34 52.06
N ASN EA 81 -30.01 -100.14 52.77
CA ASN EA 81 -30.19 -100.39 54.20
C ASN EA 81 -29.09 -99.73 55.00
N ASP EA 82 -27.99 -99.35 54.36
CA ASP EA 82 -26.93 -98.58 54.98
C ASP EA 82 -26.64 -97.33 54.14
N PHE EA 83 -27.15 -97.31 52.91
CA PHE EA 83 -26.90 -96.23 51.97
C PHE EA 83 -28.12 -95.35 51.87
N LEU EA 84 -27.91 -94.04 51.85
CA LEU EA 84 -28.98 -93.06 51.90
C LEU EA 84 -29.68 -93.04 50.55
N THR EA 85 -30.64 -93.93 50.40
CA THR EA 85 -31.49 -93.89 49.22
C THR EA 85 -32.38 -92.65 49.29
N LEU EA 86 -32.44 -91.92 48.19
CA LEU EA 86 -32.84 -90.54 48.33
C LEU EA 86 -33.44 -90.05 47.02
N LYS EA 87 -34.64 -89.51 47.11
CA LYS EA 87 -35.36 -89.03 45.93
C LYS EA 87 -35.55 -87.53 46.05
N LEU EA 88 -35.02 -86.80 45.06
CA LEU EA 88 -35.06 -85.35 45.07
C LEU EA 88 -35.48 -84.79 43.72
N PRO EA 89 -36.18 -83.65 43.71
CA PRO EA 89 -36.65 -83.07 42.45
C PRO EA 89 -35.62 -82.17 41.78
N ALA EA 90 -34.35 -82.30 42.18
CA ALA EA 90 -33.17 -81.72 41.54
C ALA EA 90 -33.13 -80.19 41.54
N ASN EA 91 -33.94 -79.56 42.37
CA ASN EA 91 -33.76 -78.15 42.65
C ASN EA 91 -33.25 -78.03 44.07
N LYS EA 92 -33.27 -79.16 44.78
CA LYS EA 92 -32.65 -79.28 46.10
C LYS EA 92 -31.15 -79.51 45.99
N LEU EA 93 -30.65 -79.80 44.80
CA LEU EA 93 -29.27 -80.21 44.60
C LEU EA 93 -28.40 -78.99 44.35
N TYR EA 94 -27.17 -79.05 44.85
CA TYR EA 94 -26.21 -77.96 44.78
C TYR EA 94 -25.29 -78.28 43.60
N LEU EA 95 -25.82 -78.10 42.39
CA LEU EA 95 -25.07 -78.36 41.18
C LEU EA 95 -23.91 -77.37 41.03
N ILE EA 96 -22.99 -77.71 40.13
CA ILE EA 96 -21.94 -76.80 39.68
C ILE EA 96 -21.83 -76.93 38.18
N ARG EA 97 -21.89 -75.78 37.49
CA ARG EA 97 -21.69 -75.65 36.05
C ARG EA 97 -22.75 -76.42 35.26
N LYS EA 98 -24.01 -76.08 35.46
CA LYS EA 98 -25.12 -76.77 34.82
C LYS EA 98 -25.23 -76.37 33.34
N LYS EA 99 -25.52 -77.36 32.49
CA LYS EA 99 -25.68 -77.10 31.07
C LYS EA 99 -27.09 -77.40 30.56
N GLY EA 100 -27.62 -78.58 30.86
CA GLY EA 100 -28.98 -78.91 30.50
C GLY EA 100 -29.87 -79.02 31.73
N ASN EA 101 -31.17 -79.21 31.48
CA ASN EA 101 -32.09 -79.37 32.59
C ASN EA 101 -32.09 -80.81 33.09
N ILE EA 102 -32.78 -81.02 34.19
CA ILE EA 102 -32.94 -82.36 34.75
C ILE EA 102 -34.40 -82.74 34.52
N SER EA 103 -34.70 -84.05 34.54
CA SER EA 103 -36.09 -84.49 34.45
C SER EA 103 -36.85 -84.24 35.74
N ASP EA 104 -36.14 -83.86 36.82
CA ASP EA 104 -36.66 -83.57 38.15
C ASP EA 104 -37.40 -84.75 38.78
N ASP EA 105 -37.09 -85.96 38.36
CA ASP EA 105 -37.50 -87.16 39.09
C ASP EA 105 -36.26 -88.04 39.20
N LEU EA 106 -35.49 -87.86 40.28
CA LEU EA 106 -34.22 -88.55 40.42
C LEU EA 106 -34.26 -89.46 41.63
N LYS EA 107 -33.93 -90.73 41.43
CA LYS EA 107 -33.59 -91.60 42.53
C LYS EA 107 -32.08 -91.55 42.71
N ILE EA 108 -31.63 -91.16 43.89
CA ILE EA 108 -30.20 -90.99 44.12
C ILE EA 108 -29.81 -91.91 45.25
N TYR EA 109 -28.83 -92.77 45.01
CA TYR EA 109 -28.31 -93.66 46.04
C TYR EA 109 -26.99 -93.10 46.52
N ILE EA 110 -26.92 -92.82 47.81
CA ILE EA 110 -25.77 -92.15 48.40
C ILE EA 110 -24.98 -93.14 49.24
N PRO EA 111 -23.72 -93.40 48.91
CA PRO EA 111 -22.87 -94.22 49.76
C PRO EA 111 -22.60 -93.55 51.10
N TYR EA 112 -23.05 -94.20 52.17
CA TYR EA 112 -23.11 -93.63 53.50
C TYR EA 112 -22.47 -94.56 54.51
N SER EA 113 -21.63 -93.99 55.36
CA SER EA 113 -20.85 -94.74 56.34
C SER EA 113 -21.61 -94.82 57.65
N SER EA 114 -21.05 -95.58 58.58
CA SER EA 114 -21.67 -95.72 59.88
C SER EA 114 -21.30 -94.51 60.74
N PRO EA 115 -22.20 -94.07 61.62
CA PRO EA 115 -21.86 -93.02 62.59
C PRO EA 115 -20.79 -93.49 63.56
N ASP EA 116 -20.90 -94.76 63.97
CA ASP EA 116 -19.93 -95.64 64.65
C ASP EA 116 -18.99 -94.94 65.64
N ALA EA 117 -19.56 -94.41 66.71
CA ALA EA 117 -18.90 -93.41 67.57
C ALA EA 117 -17.80 -94.06 68.43
N ARG EA 118 -16.81 -94.63 67.77
CA ARG EA 118 -15.57 -95.10 68.38
C ARG EA 118 -14.41 -94.20 67.99
N ASN EA 119 -14.67 -93.19 67.17
CA ASN EA 119 -13.65 -92.27 66.68
C ASN EA 119 -14.17 -90.84 66.78
N SER EA 120 -13.25 -89.91 66.97
CA SER EA 120 -13.58 -88.49 66.98
C SER EA 120 -13.28 -87.89 65.61
N MET EA 121 -13.97 -86.82 65.30
CA MET EA 121 -13.94 -86.24 63.97
C MET EA 121 -12.73 -85.32 63.85
N LYS EA 122 -11.76 -85.71 63.04
CA LYS EA 122 -10.61 -84.88 62.71
C LYS EA 122 -10.47 -84.91 61.19
N THR EA 123 -11.20 -84.05 60.49
CA THR EA 123 -11.27 -84.10 59.04
C THR EA 123 -10.42 -82.97 58.48
N LYS EA 124 -9.85 -83.18 57.30
CA LYS EA 124 -8.84 -82.31 56.71
C LYS EA 124 -9.18 -82.01 55.26
N PRO EA 125 -9.21 -80.75 54.85
CA PRO EA 125 -9.58 -80.43 53.48
C PRO EA 125 -8.48 -80.77 52.48
N VAL EA 126 -8.81 -81.64 51.53
CA VAL EA 126 -7.83 -82.15 50.57
C VAL EA 126 -8.41 -82.01 49.16
N SER EA 127 -7.64 -81.42 48.25
CA SER EA 127 -7.97 -81.38 46.83
C SER EA 127 -7.08 -82.34 46.06
N ILE EA 128 -7.14 -82.26 44.73
CA ILE EA 128 -6.42 -83.17 43.86
C ILE EA 128 -4.95 -82.77 43.76
N SER EA 129 -4.07 -83.67 44.18
CA SER EA 129 -2.65 -83.65 43.87
C SER EA 129 -2.30 -85.02 43.31
N ASP EA 130 -0.99 -85.32 43.26
CA ASP EA 130 -0.48 -86.66 42.95
C ASP EA 130 -0.90 -87.18 41.58
N ASP EA 131 -0.27 -86.67 40.51
CA ASP EA 131 -0.56 -86.97 39.11
C ASP EA 131 -0.48 -88.46 38.74
N THR EA 132 -0.02 -89.31 39.66
CA THR EA 132 -0.13 -90.77 39.53
C THR EA 132 -1.57 -91.23 39.30
N ILE EA 133 -2.46 -90.95 40.25
CA ILE EA 133 -3.84 -91.43 40.14
C ILE EA 133 -4.69 -90.47 39.30
N VAL EA 134 -4.18 -89.28 39.01
CA VAL EA 134 -4.86 -88.38 38.09
C VAL EA 134 -4.92 -89.00 36.69
N ASN EA 135 -3.79 -89.53 36.23
CA ASN EA 135 -3.78 -90.23 34.95
C ASN EA 135 -4.49 -91.58 35.03
N ASN EA 136 -4.68 -92.13 36.23
CA ASN EA 136 -5.39 -93.39 36.37
C ASN EA 136 -6.89 -93.19 36.14
N ILE EA 137 -7.45 -92.10 36.67
CA ILE EA 137 -8.88 -91.87 36.55
C ILE EA 137 -9.25 -91.21 35.23
N ILE EA 138 -8.31 -91.09 34.29
CA ILE EA 138 -8.69 -90.65 32.95
C ILE EA 138 -9.51 -91.73 32.27
N LYS EA 139 -9.07 -92.98 32.39
CA LYS EA 139 -9.72 -94.09 31.70
C LYS EA 139 -10.38 -95.10 32.64
N GLU EA 140 -10.11 -95.02 33.95
CA GLU EA 140 -10.70 -96.02 34.83
C GLU EA 140 -12.08 -95.59 35.35
N VAL EA 141 -12.48 -94.33 35.13
CA VAL EA 141 -13.77 -93.87 35.64
C VAL EA 141 -14.60 -93.17 34.58
N PHE EA 142 -14.02 -92.72 33.47
CA PHE EA 142 -14.76 -91.99 32.45
C PHE EA 142 -15.01 -92.81 31.21
N ASP EA 143 -14.10 -93.72 30.86
CA ASP EA 143 -14.24 -94.54 29.67
C ASP EA 143 -14.89 -95.87 29.98
N LYS EA 144 -14.99 -96.27 31.25
CA LYS EA 144 -15.74 -97.45 31.63
C LYS EA 144 -17.23 -97.20 31.79
N ILE EA 145 -17.67 -95.94 31.78
CA ILE EA 145 -19.08 -95.63 31.92
C ILE EA 145 -19.60 -95.05 30.60
N TYR EA 146 -18.86 -94.11 30.03
CA TYR EA 146 -19.29 -93.38 28.84
C TYR EA 146 -18.55 -93.88 27.61
N ASN EA 147 -18.63 -93.09 26.53
CA ASN EA 147 -17.98 -93.44 25.29
C ASN EA 147 -17.38 -92.22 24.59
N ILE EA 148 -17.55 -91.03 25.15
CA ILE EA 148 -17.16 -89.80 24.45
C ILE EA 148 -15.66 -89.60 24.50
N THR EA 149 -15.06 -89.85 25.67
CA THR EA 149 -13.70 -89.41 25.95
C THR EA 149 -12.70 -90.28 25.19
N GLN EA 150 -11.81 -89.62 24.43
CA GLN EA 150 -10.75 -90.15 23.56
C GLN EA 150 -11.31 -91.00 22.42
N LYS EA 151 -12.60 -90.89 22.11
CA LYS EA 151 -13.14 -91.38 20.85
C LYS EA 151 -13.75 -90.20 20.10
N GLU EA 152 -14.50 -89.37 20.81
CA GLU EA 152 -15.04 -88.13 20.26
C GLU EA 152 -14.42 -86.88 20.85
N LYS EA 153 -13.51 -87.03 21.81
CA LYS EA 153 -12.73 -85.90 22.29
C LYS EA 153 -11.29 -86.07 21.82
N VAL EA 154 -10.76 -85.04 21.15
CA VAL EA 154 -9.36 -85.03 20.74
C VAL EA 154 -8.58 -83.90 21.40
N LYS EA 155 -9.15 -83.25 22.42
CA LYS EA 155 -8.52 -82.14 23.10
C LYS EA 155 -8.47 -82.42 24.60
N ILE EA 156 -7.91 -83.59 24.94
CA ILE EA 156 -8.11 -84.26 26.22
C ILE EA 156 -7.25 -83.77 27.37
N GLU EA 157 -6.34 -82.82 27.16
CA GLU EA 157 -5.68 -82.27 28.34
C GLU EA 157 -6.52 -81.16 28.97
N LYS EA 158 -7.61 -80.75 28.30
CA LYS EA 158 -8.58 -79.86 28.94
C LYS EA 158 -9.42 -80.59 29.96
N VAL EA 159 -9.65 -81.89 29.78
CA VAL EA 159 -10.32 -82.66 30.83
C VAL EA 159 -9.34 -83.04 31.92
N LYS EA 160 -8.05 -82.80 31.70
CA LYS EA 160 -7.08 -82.90 32.78
C LYS EA 160 -6.80 -81.55 33.42
N GLU EA 161 -7.07 -80.46 32.70
CA GLU EA 161 -6.77 -79.12 33.23
C GLU EA 161 -7.85 -78.63 34.18
N ASP EA 162 -9.11 -79.00 33.97
CA ASP EA 162 -10.21 -78.57 34.81
C ASP EA 162 -10.36 -79.35 36.10
N ILE EA 163 -9.97 -80.62 36.10
CA ILE EA 163 -10.13 -81.46 37.28
C ILE EA 163 -9.14 -81.13 38.39
N LYS EA 164 -7.96 -80.60 38.06
CA LYS EA 164 -6.92 -80.44 39.08
C LYS EA 164 -7.25 -79.31 40.02
N GLU EA 165 -8.05 -78.35 39.58
CA GLU EA 165 -8.42 -77.23 40.43
C GLU EA 165 -9.86 -77.33 40.93
N LEU EA 166 -10.72 -78.09 40.26
CA LEU EA 166 -12.13 -78.11 40.63
C LEU EA 166 -12.35 -78.98 41.85
N PHE EA 167 -12.05 -80.28 41.73
CA PHE EA 167 -12.45 -81.25 42.73
C PHE EA 167 -11.64 -81.10 44.01
N SER EA 168 -12.32 -81.22 45.13
CA SER EA 168 -11.71 -81.20 46.46
C SER EA 168 -12.64 -81.97 47.38
N TYR EA 169 -12.16 -82.19 48.60
CA TYR EA 169 -12.94 -82.90 49.60
C TYR EA 169 -12.34 -82.58 50.97
N TYR EA 170 -12.99 -83.12 52.02
CA TYR EA 170 -12.40 -83.24 53.33
C TYR EA 170 -11.98 -84.68 53.58
N ALA EA 171 -10.86 -84.85 54.25
CA ALA EA 171 -10.31 -86.16 54.54
C ALA EA 171 -10.13 -86.33 56.04
N LEU EA 172 -10.75 -87.37 56.58
CA LEU EA 172 -10.58 -87.71 57.99
C LEU EA 172 -9.19 -88.26 58.27
N GLU EA 173 -8.55 -88.84 57.25
CA GLU EA 173 -7.41 -89.74 57.38
C GLU EA 173 -7.75 -90.86 58.38
N GLN EA 174 -8.97 -91.39 58.24
CA GLN EA 174 -9.46 -92.40 59.15
C GLN EA 174 -10.04 -93.54 58.32
N SER HA 2 22.56 -10.79 -90.48
CA SER HA 2 22.54 -9.38 -90.13
C SER HA 2 23.78 -8.65 -90.66
N THR HA 3 24.47 -7.94 -89.78
CA THR HA 3 25.59 -7.09 -90.16
C THR HA 3 26.79 -7.43 -89.30
N GLN HA 4 27.97 -6.94 -89.70
CA GLN HA 4 29.19 -7.04 -88.91
C GLN HA 4 30.20 -6.02 -89.42
N ARG HA 5 31.29 -5.86 -88.67
CA ARG HA 5 32.30 -4.83 -88.93
C ARG HA 5 33.68 -5.41 -88.63
N GLU HA 6 34.70 -4.56 -88.80
CA GLU HA 6 36.09 -4.92 -88.51
C GLU HA 6 36.89 -3.65 -88.27
N TYR HA 7 38.06 -3.84 -87.67
CA TYR HA 7 38.87 -2.76 -87.09
C TYR HA 7 40.09 -2.47 -87.95
N VAL HA 8 40.36 -1.19 -88.17
CA VAL HA 8 41.59 -0.72 -88.82
C VAL HA 8 42.17 0.39 -87.96
N PHE HA 9 43.51 0.51 -87.95
CA PHE HA 9 44.21 1.47 -87.12
C PHE HA 9 45.13 2.33 -87.98
N ILE HA 10 45.58 3.44 -87.39
CA ILE HA 10 46.40 4.41 -88.11
C ILE HA 10 47.67 4.68 -87.31
N PRO HA 11 48.71 3.87 -87.49
CA PRO HA 11 49.98 4.10 -86.78
C PRO HA 11 50.87 5.12 -87.48
N ILE HA 12 52.12 5.22 -87.00
CA ILE HA 12 53.16 5.99 -87.68
C ILE HA 12 53.85 5.06 -88.67
N THR HA 13 53.22 3.91 -88.93
CA THR HA 13 53.78 2.88 -89.80
C THR HA 13 52.80 2.60 -90.93
N ASN HA 14 53.35 2.16 -92.07
CA ASN HA 14 52.56 1.68 -93.21
C ASN HA 14 52.28 0.18 -93.11
N SER HA 15 51.74 -0.25 -91.97
CA SER HA 15 51.43 -1.66 -91.73
C SER HA 15 49.95 -1.96 -91.87
N ILE HA 16 49.28 -1.33 -92.84
CA ILE HA 16 47.86 -1.53 -93.08
C ILE HA 16 47.59 -2.07 -94.48
N THR HA 17 48.63 -2.29 -95.28
CA THR HA 17 48.47 -2.66 -96.68
C THR HA 17 47.58 -3.89 -96.84
N ILE HA 18 47.99 -5.00 -96.26
CA ILE HA 18 47.18 -6.23 -96.34
C ILE HA 18 46.50 -6.46 -94.99
N ASP HA 19 45.28 -5.97 -94.86
CA ASP HA 19 44.53 -6.22 -93.63
C ASP HA 19 43.23 -6.97 -93.88
N VAL HA 20 42.39 -6.50 -94.81
CA VAL HA 20 41.08 -7.07 -95.07
C VAL HA 20 40.86 -6.98 -96.58
N LYS HA 21 39.84 -7.70 -97.08
CA LYS HA 21 39.47 -7.68 -98.48
C LYS HA 21 38.22 -6.85 -98.74
N ILE HA 22 37.95 -5.83 -97.93
CA ILE HA 22 36.68 -5.10 -97.98
C ILE HA 22 36.91 -3.67 -98.42
N THR HA 23 35.93 -3.13 -99.16
CA THR HA 23 35.84 -1.72 -99.48
C THR HA 23 34.60 -1.09 -98.88
N ILE HA 24 33.42 -1.65 -99.13
CA ILE HA 24 32.16 -1.14 -98.61
C ILE HA 24 31.52 -2.15 -97.65
N GLY HA 25 31.33 -3.39 -98.11
CA GLY HA 25 30.67 -4.42 -97.32
C GLY HA 25 29.16 -4.30 -97.39
N GLY HA 26 28.61 -3.34 -96.64
CA GLY HA 26 27.20 -3.01 -96.77
C GLY HA 26 27.00 -1.92 -97.80
N SER HA 27 26.30 -0.86 -97.42
CA SER HA 27 26.19 0.34 -98.24
C SER HA 27 26.41 1.62 -97.44
N ASP HA 28 26.19 1.61 -96.14
CA ASP HA 28 26.45 2.73 -95.27
C ASP HA 28 27.47 2.33 -94.22
N HIS HA 29 28.07 3.30 -93.57
CA HIS HA 29 29.27 3.07 -92.77
C HIS HA 29 29.13 3.64 -91.38
N ILE HA 30 29.90 3.07 -90.45
CA ILE HA 30 30.01 3.64 -89.11
C ILE HA 30 30.65 5.02 -89.18
N THR HA 31 31.89 5.09 -89.66
CA THR HA 31 32.56 6.37 -89.83
C THR HA 31 32.10 7.03 -91.13
N ASN HA 32 31.85 8.33 -91.07
CA ASN HA 32 31.26 9.09 -92.17
C ASN HA 32 32.26 10.10 -92.71
N ILE HA 33 31.93 10.68 -93.86
CA ILE HA 33 32.77 11.68 -94.51
C ILE HA 33 31.86 12.86 -94.85
N ASP HA 34 31.79 13.85 -93.94
CA ASP HA 34 31.02 15.07 -94.20
C ASP HA 34 31.79 16.33 -93.79
N GLU HA 35 32.72 16.76 -94.65
CA GLU HA 35 33.09 18.16 -94.87
C GLU HA 35 33.42 18.94 -93.59
N ARG HA 36 33.48 18.26 -92.45
CA ARG HA 36 33.99 18.89 -91.23
C ARG HA 36 34.92 17.94 -90.52
N GLY HA 37 35.55 17.04 -91.25
CA GLY HA 37 36.44 16.07 -90.66
C GLY HA 37 35.80 14.71 -90.46
N ILE HA 38 36.32 13.97 -89.50
CA ILE HA 38 35.93 12.59 -89.27
C ILE HA 38 34.69 12.53 -88.39
N HIS HA 39 34.05 11.35 -88.37
CA HIS HA 39 32.84 11.15 -87.59
C HIS HA 39 32.78 9.71 -87.12
N ASN HA 40 32.22 9.50 -85.92
CA ASN HA 40 32.04 8.18 -85.35
C ASN HA 40 33.35 7.40 -85.29
N VAL HA 41 34.37 8.06 -84.77
CA VAL HA 41 35.73 7.51 -84.76
C VAL HA 41 35.97 6.79 -83.45
N LEU HA 42 36.43 5.54 -83.55
CA LEU HA 42 36.52 4.68 -82.38
C LEU HA 42 37.82 4.93 -81.61
N VAL HA 43 37.72 4.88 -80.29
CA VAL HA 43 38.87 4.95 -79.38
C VAL HA 43 38.83 3.73 -78.49
N ILE HA 44 39.91 2.94 -78.50
CA ILE HA 44 40.01 1.76 -77.67
C ILE HA 44 41.25 1.90 -76.80
N THR HA 45 41.05 1.85 -75.49
CA THR HA 45 42.14 1.92 -74.53
C THR HA 45 42.65 0.53 -74.18
N GLY HA 46 43.90 0.48 -73.74
CA GLY HA 46 44.51 -0.76 -73.29
C GLY HA 46 45.17 -1.60 -74.36
N TYR HA 47 45.36 -1.07 -75.57
CA TYR HA 47 45.98 -1.79 -76.67
C TYR HA 47 47.07 -0.92 -77.27
N ALA HA 48 48.30 -1.44 -77.33
CA ALA HA 48 49.44 -0.65 -77.80
C ALA HA 48 50.07 -1.30 -79.03
N VAL HA 49 50.61 -0.47 -79.91
CA VAL HA 49 50.94 -0.92 -81.26
C VAL HA 49 52.35 -1.52 -81.31
N ASP HA 50 52.62 -2.23 -82.40
CA ASP HA 50 53.79 -3.07 -82.61
C ASP HA 50 54.52 -2.68 -83.89
N GLU HA 51 54.90 -1.40 -84.01
CA GLU HA 51 55.06 -0.67 -85.27
C GLU HA 51 55.51 -1.52 -86.45
N LYS HA 52 56.58 -2.31 -86.28
CA LYS HA 52 57.05 -3.17 -87.36
C LYS HA 52 56.19 -4.42 -87.41
N ASN HA 53 55.53 -4.65 -88.55
CA ASN HA 53 54.47 -5.65 -88.67
C ASN HA 53 53.35 -5.34 -87.68
N GLY HA 54 52.74 -4.16 -87.88
CA GLY HA 54 51.82 -3.55 -86.95
C GLY HA 54 50.73 -4.44 -86.38
N ARG HA 55 50.76 -4.61 -85.06
CA ARG HA 55 49.71 -5.28 -84.30
C ARG HA 55 49.40 -4.41 -83.08
N LEU HA 56 48.43 -4.85 -82.27
CA LEU HA 56 48.14 -4.22 -81.00
C LEU HA 56 48.09 -5.27 -79.90
N VAL HA 57 48.98 -5.13 -78.92
CA VAL HA 57 49.07 -6.01 -77.77
C VAL HA 57 48.14 -5.49 -76.69
N PRO HA 58 47.35 -6.36 -76.05
CA PRO HA 58 46.55 -5.94 -74.90
C PRO HA 58 47.38 -5.77 -73.64
N THR HA 59 47.57 -4.52 -73.20
CA THR HA 59 48.26 -4.25 -71.96
C THR HA 59 47.26 -4.26 -70.81
N LEU HA 60 47.71 -3.79 -69.65
CA LEU HA 60 46.87 -3.65 -68.47
C LEU HA 60 46.80 -2.19 -68.06
N ASP HA 61 46.70 -1.30 -69.04
CA ASP HA 61 46.70 0.13 -68.80
C ASP HA 61 45.38 0.76 -69.21
N PRO HA 62 44.81 1.64 -68.37
CA PRO HA 62 43.58 2.33 -68.75
C PRO HA 62 43.81 3.50 -69.68
N CYS HA 63 44.93 4.18 -69.55
CA CYS HA 63 45.21 5.35 -70.37
C CYS HA 63 46.07 5.05 -71.59
N ASP HA 64 46.47 3.80 -71.77
CA ASP HA 64 47.10 3.39 -73.02
C ASP HA 64 46.02 3.23 -74.08
N TYR HA 65 45.94 4.16 -75.01
CA TYR HA 65 44.83 4.20 -75.95
C TYR HA 65 45.30 4.32 -77.38
N VAL HA 66 44.56 3.68 -78.28
CA VAL HA 66 44.77 3.78 -79.72
C VAL HA 66 43.40 3.94 -80.38
N LYS HA 67 43.32 4.78 -81.39
CA LYS HA 67 42.07 4.99 -82.10
C LYS HA 67 42.04 4.20 -83.40
N GLY HA 68 40.83 3.83 -83.80
CA GLY HA 68 40.61 2.99 -84.95
C GLY HA 68 39.24 3.23 -85.55
N ILE HA 69 38.98 2.52 -86.65
CA ILE HA 69 37.80 2.70 -87.48
C ILE HA 69 37.20 1.34 -87.82
N LEU HA 70 35.87 1.25 -87.75
CA LEU HA 70 35.14 0.00 -87.98
C LEU HA 70 34.33 0.10 -89.26
N VAL HA 71 34.59 -0.83 -90.19
CA VAL HA 71 33.85 -0.92 -91.45
C VAL HA 71 33.52 -2.38 -91.72
N ALA HA 72 32.42 -2.61 -92.43
CA ALA HA 72 31.80 -3.94 -92.53
C ALA HA 72 32.69 -4.91 -93.29
N GLY HA 73 33.17 -5.94 -92.60
CA GLY HA 73 33.90 -7.00 -93.25
C GLY HA 73 34.69 -7.83 -92.25
N THR HA 74 35.41 -8.83 -92.78
CA THR HA 74 36.25 -9.72 -91.99
C THR HA 74 37.56 -9.96 -92.73
N PRO HA 75 38.69 -10.03 -92.01
CA PRO HA 75 40.01 -9.94 -92.64
C PRO HA 75 40.46 -11.23 -93.32
N GLN HA 76 40.51 -11.19 -94.66
CA GLN HA 76 41.42 -12.00 -95.47
C GLN HA 76 41.11 -13.49 -95.55
N GLN HA 77 40.17 -13.99 -94.74
CA GLN HA 77 40.09 -15.42 -94.46
C GLN HA 77 41.48 -16.00 -94.19
N ALA HA 78 42.26 -15.29 -93.37
CA ALA HA 78 43.59 -15.72 -92.94
C ALA HA 78 43.77 -15.49 -91.44
N GLN HA 79 42.68 -15.59 -90.69
CA GLN HA 79 42.65 -15.23 -89.28
C GLN HA 79 41.77 -16.26 -88.57
N SER HA 80 41.27 -15.90 -87.39
CA SER HA 80 40.52 -16.75 -86.45
C SER HA 80 41.46 -17.60 -85.62
N ASN HA 81 42.76 -17.33 -85.69
CA ASN HA 81 43.75 -17.94 -84.82
C ASN HA 81 44.59 -16.94 -84.04
N ASP HA 82 44.71 -15.69 -84.53
CA ASP HA 82 45.56 -14.70 -83.90
C ASP HA 82 44.86 -13.36 -83.65
N PHE HA 83 43.63 -13.17 -84.11
CA PHE HA 83 42.88 -11.95 -83.88
C PHE HA 83 41.95 -12.14 -82.68
N LEU HA 84 41.09 -11.16 -82.45
CA LEU HA 84 39.91 -11.32 -81.61
C LEU HA 84 38.68 -10.87 -82.40
N THR HA 85 37.51 -11.09 -81.82
CA THR HA 85 36.27 -10.62 -82.42
C THR HA 85 35.13 -10.80 -81.43
N LEU HA 86 34.20 -9.85 -81.44
CA LEU HA 86 33.06 -9.93 -80.54
C LEU HA 86 31.90 -9.12 -81.09
N LYS HA 87 30.72 -9.39 -80.54
CA LYS HA 87 29.47 -8.79 -80.98
C LYS HA 87 28.86 -8.09 -79.77
N LEU HA 88 28.98 -6.76 -79.73
CA LEU HA 88 28.58 -5.89 -78.64
C LEU HA 88 27.20 -5.31 -78.90
N PRO HA 89 26.45 -4.93 -77.86
CA PRO HA 89 25.10 -4.37 -78.09
C PRO HA 89 25.13 -2.91 -78.54
N ALA HA 90 26.05 -2.61 -79.47
CA ALA HA 90 26.09 -1.37 -80.24
C ALA HA 90 26.43 -0.13 -79.43
N ASN HA 91 26.51 -0.24 -78.10
CA ASN HA 91 26.82 0.91 -77.27
C ASN HA 91 27.94 0.63 -76.28
N LYS HA 92 28.67 -0.47 -76.44
CA LYS HA 92 29.88 -0.71 -75.70
C LYS HA 92 31.09 -0.05 -76.34
N LEU HA 93 30.87 0.94 -77.21
CA LEU HA 93 31.92 1.51 -78.04
C LEU HA 93 32.14 2.95 -77.62
N TYR HA 94 33.39 3.27 -77.23
CA TYR HA 94 33.78 4.65 -76.96
C TYR HA 94 34.31 5.21 -78.27
N LEU HA 95 33.42 5.82 -79.04
CA LEU HA 95 33.76 6.38 -80.34
C LEU HA 95 33.44 7.86 -80.36
N ILE HA 96 34.43 8.67 -80.75
CA ILE HA 96 34.29 10.12 -80.76
C ILE HA 96 33.37 10.55 -81.89
N ARG HA 97 32.63 11.64 -81.66
CA ARG HA 97 31.75 12.25 -82.66
C ARG HA 97 30.66 11.28 -83.11
N LYS HA 98 29.84 10.87 -82.15
CA LYS HA 98 28.71 9.99 -82.44
C LYS HA 98 27.64 10.76 -83.20
N LYS HA 99 27.39 10.36 -84.45
CA LYS HA 99 26.42 11.04 -85.30
C LYS HA 99 25.22 10.17 -85.62
N GLY HA 100 25.43 8.99 -86.20
CA GLY HA 100 24.33 8.17 -86.64
C GLY HA 100 23.78 7.27 -85.55
N ASN HA 101 22.50 6.94 -85.69
CA ASN HA 101 21.85 6.03 -84.75
C ASN HA 101 22.42 4.63 -84.92
N ILE HA 102 22.82 4.01 -83.81
CA ILE HA 102 23.44 2.69 -83.82
C ILE HA 102 22.38 1.62 -84.11
N SER HA 103 22.83 0.41 -84.45
CA SER HA 103 21.96 -0.65 -84.90
C SER HA 103 21.58 -1.65 -83.81
N ASP HA 104 21.73 -1.25 -82.54
CA ASP HA 104 21.33 -2.07 -81.39
C ASP HA 104 22.12 -3.38 -81.30
N ASP HA 105 23.05 -3.59 -82.22
CA ASP HA 105 23.85 -4.80 -82.31
C ASP HA 105 24.89 -4.59 -83.39
N LEU HA 106 26.07 -5.18 -83.20
CA LEU HA 106 27.08 -5.09 -84.23
C LEU HA 106 28.21 -6.05 -83.91
N LYS HA 107 28.68 -6.78 -84.94
CA LYS HA 107 29.78 -7.72 -84.83
C LYS HA 107 31.05 -7.08 -85.38
N ILE HA 108 32.11 -7.07 -84.59
CA ILE HA 108 33.35 -6.42 -84.99
C ILE HA 108 34.53 -7.30 -84.60
N TYR HA 109 35.46 -7.48 -85.54
CA TYR HA 109 36.74 -8.15 -85.31
C TYR HA 109 37.79 -7.12 -84.90
N ILE HA 110 38.89 -7.62 -84.35
CA ILE HA 110 39.98 -6.78 -83.84
C ILE HA 110 41.33 -7.42 -84.17
N PRO HA 111 42.27 -6.67 -84.73
CA PRO HA 111 43.64 -7.20 -84.89
C PRO HA 111 44.31 -7.38 -83.55
N TYR HA 112 44.48 -8.61 -83.12
CA TYR HA 112 45.00 -8.93 -81.81
C TYR HA 112 46.43 -9.44 -81.92
N SER HA 113 47.20 -9.20 -80.87
CA SER HA 113 48.54 -9.77 -80.73
C SER HA 113 48.64 -10.49 -79.41
N SER HA 114 49.35 -11.61 -79.40
CA SER HA 114 49.64 -12.28 -78.15
C SER HA 114 50.46 -11.35 -77.26
N PRO HA 115 50.27 -11.41 -75.94
CA PRO HA 115 51.02 -10.51 -75.05
C PRO HA 115 52.52 -10.58 -75.22
N ASP HA 116 53.05 -11.69 -75.73
CA ASP HA 116 54.49 -11.91 -75.86
C ASP HA 116 55.17 -11.76 -74.50
N ALA HA 117 54.80 -12.66 -73.59
CA ALA HA 117 55.17 -12.56 -72.18
C ALA HA 117 56.63 -12.98 -71.96
N ARG HA 118 57.53 -12.32 -72.70
CA ARG HA 118 58.95 -12.50 -72.51
C ARG HA 118 59.73 -11.19 -72.54
N ASN HA 119 59.05 -10.04 -72.63
CA ASN HA 119 59.69 -8.75 -72.72
C ASN HA 119 59.14 -7.80 -71.67
N SER HA 120 60.01 -6.94 -71.17
CA SER HA 120 59.63 -5.89 -70.22
C SER HA 120 59.11 -4.71 -71.02
N MET HA 121 57.83 -4.76 -71.37
CA MET HA 121 57.26 -3.77 -72.27
C MET HA 121 56.83 -2.54 -71.48
N LYS HA 122 57.52 -1.42 -71.71
CA LYS HA 122 57.04 -0.11 -71.30
C LYS HA 122 56.76 0.69 -72.57
N THR HA 123 55.51 1.12 -72.72
CA THR HA 123 55.06 1.72 -73.97
C THR HA 123 55.53 3.16 -74.04
N LYS HA 124 55.00 3.90 -75.02
CA LYS HA 124 55.14 5.34 -75.03
C LYS HA 124 54.08 5.90 -75.95
N PRO HA 125 53.34 6.93 -75.55
CA PRO HA 125 52.42 7.57 -76.47
C PRO HA 125 53.17 8.44 -77.47
N VAL HA 126 52.66 8.46 -78.69
CA VAL HA 126 53.23 9.27 -79.77
C VAL HA 126 52.08 9.92 -80.53
N SER HA 127 52.38 11.07 -81.12
CA SER HA 127 51.45 11.82 -81.95
C SER HA 127 51.73 11.55 -83.42
N ILE HA 128 50.69 11.68 -84.23
CA ILE HA 128 50.85 11.57 -85.67
C ILE HA 128 51.61 12.78 -86.19
N SER HA 129 52.53 12.54 -87.13
CA SER HA 129 53.27 13.60 -87.80
C SER HA 129 53.19 13.41 -89.29
N ASP HA 130 54.01 14.13 -90.06
CA ASP HA 130 54.23 13.84 -91.47
C ASP HA 130 52.91 13.91 -92.26
N ASP HA 131 52.39 15.12 -92.38
CA ASP HA 131 51.16 15.37 -93.14
C ASP HA 131 51.06 14.50 -94.39
N THR HA 132 52.20 14.27 -95.04
CA THR HA 132 52.26 13.34 -96.17
C THR HA 132 51.82 11.93 -95.77
N ILE HA 133 52.15 11.51 -94.54
CA ILE HA 133 51.93 10.11 -94.17
C ILE HA 133 50.44 9.77 -94.28
N VAL HA 134 49.56 10.60 -93.73
CA VAL HA 134 48.14 10.31 -93.87
C VAL HA 134 47.59 10.85 -95.18
N ASN HA 135 48.20 11.92 -95.71
CA ASN HA 135 47.85 12.40 -97.04
C ASN HA 135 48.00 11.33 -98.11
N ASN HA 136 48.71 10.25 -97.81
CA ASN HA 136 48.74 9.09 -98.70
C ASN HA 136 48.40 7.78 -97.99
N ILE HA 137 48.13 7.77 -96.69
CA ILE HA 137 47.37 6.66 -96.13
C ILE HA 137 45.94 6.73 -96.64
N ILE HA 138 45.49 7.93 -97.03
CA ILE HA 138 44.26 8.01 -97.81
C ILE HA 138 44.46 7.37 -99.18
N LYS HA 139 45.69 7.38 -99.71
CA LYS HA 139 45.99 6.56 -100.88
C LYS HA 139 45.99 5.09 -100.52
N GLU HA 140 46.32 4.76 -99.28
CA GLU HA 140 46.42 3.38 -98.84
C GLU HA 140 45.04 2.81 -98.51
N VAL HA 141 44.35 3.38 -97.53
CA VAL HA 141 43.08 2.82 -97.06
C VAL HA 141 41.92 3.80 -97.16
N PHE HA 142 42.11 5.06 -96.73
CA PHE HA 142 40.99 5.99 -96.64
C PHE HA 142 40.29 6.21 -97.98
N ASP HA 143 40.96 5.95 -99.10
CA ASP HA 143 40.27 5.85 -100.38
C ASP HA 143 39.95 4.41 -100.76
N LYS HA 144 40.79 3.46 -100.34
CA LYS HA 144 40.46 2.05 -100.53
C LYS HA 144 39.22 1.66 -99.74
N ILE HA 145 39.13 2.09 -98.48
CA ILE HA 145 37.97 1.78 -97.65
C ILE HA 145 36.81 2.74 -97.94
N TYR HA 146 37.09 3.94 -98.46
CA TYR HA 146 36.05 4.93 -98.75
C TYR HA 146 36.40 5.58 -100.08
N ASN HA 147 35.79 5.07 -101.17
CA ASN HA 147 36.02 5.63 -102.49
C ASN HA 147 35.70 7.11 -102.58
N ILE HA 148 35.09 7.70 -101.53
CA ILE HA 148 34.66 9.09 -101.54
C ILE HA 148 35.81 10.06 -101.79
N THR HA 149 37.06 9.61 -101.60
CA THR HA 149 38.21 10.48 -101.79
C THR HA 149 38.27 11.01 -103.21
N GLN HA 150 38.55 12.31 -103.34
CA GLN HA 150 38.59 13.03 -104.61
C GLN HA 150 37.23 13.16 -105.29
N LYS HA 151 36.15 12.90 -104.56
CA LYS HA 151 34.83 12.94 -105.17
C LYS HA 151 33.87 13.85 -104.42
N GLU HA 152 33.98 13.91 -103.09
CA GLU HA 152 33.09 14.73 -102.28
C GLU HA 152 33.82 15.88 -101.60
N LYS HA 153 34.85 15.58 -100.81
CA LYS HA 153 35.44 16.56 -99.90
C LYS HA 153 36.30 17.54 -100.69
N VAL HA 154 35.81 18.78 -100.82
CA VAL HA 154 36.56 19.81 -101.55
C VAL HA 154 37.71 20.35 -100.71
N LYS HA 155 37.69 20.14 -99.39
CA LYS HA 155 38.76 20.58 -98.50
C LYS HA 155 39.55 19.37 -98.04
N ILE HA 156 40.56 18.99 -98.83
CA ILE HA 156 41.38 17.83 -98.48
C ILE HA 156 42.19 18.12 -97.23
N GLU HA 157 42.84 19.28 -97.18
CA GLU HA 157 43.64 19.65 -96.02
C GLU HA 157 42.80 19.79 -94.76
N LYS HA 158 41.48 19.94 -94.89
CA LYS HA 158 40.59 19.88 -93.73
C LYS HA 158 40.70 18.53 -93.02
N VAL HA 159 40.44 17.45 -93.75
CA VAL HA 159 40.58 16.14 -93.14
C VAL HA 159 42.03 15.87 -92.79
N LYS HA 160 42.98 16.43 -93.55
CA LYS HA 160 44.38 16.26 -93.17
C LYS HA 160 44.65 16.84 -91.78
N GLU HA 161 44.17 18.05 -91.52
CA GLU HA 161 44.44 18.68 -90.23
C GLU HA 161 43.63 18.05 -89.11
N ASP HA 162 42.44 17.51 -89.39
CA ASP HA 162 41.75 16.88 -88.26
C ASP HA 162 42.40 15.54 -87.94
N ILE HA 163 42.97 14.86 -88.94
CA ILE HA 163 43.75 13.68 -88.62
C ILE HA 163 45.03 14.07 -87.88
N LYS HA 164 45.57 15.25 -88.19
CA LYS HA 164 46.68 15.80 -87.40
C LYS HA 164 46.29 15.94 -85.94
N GLU HA 165 45.15 16.58 -85.67
CA GLU HA 165 44.82 16.99 -84.31
C GLU HA 165 44.16 15.89 -83.49
N LEU HA 166 43.30 15.07 -84.11
CA LEU HA 166 42.58 14.04 -83.37
C LEU HA 166 43.51 12.89 -82.99
N PHE HA 167 44.08 12.22 -83.99
CA PHE HA 167 44.70 10.93 -83.76
C PHE HA 167 46.05 11.08 -83.07
N SER HA 168 46.21 10.33 -81.98
CA SER HA 168 47.48 10.12 -81.30
C SER HA 168 47.30 8.89 -80.42
N TYR HA 169 48.34 8.05 -80.35
CA TYR HA 169 48.14 6.69 -79.85
C TYR HA 169 49.36 6.28 -79.05
N TYR HA 170 49.49 4.98 -78.79
CA TYR HA 170 50.58 4.43 -78.01
C TYR HA 170 51.32 3.35 -78.81
N ALA HA 171 52.61 3.21 -78.53
CA ALA HA 171 53.46 2.22 -79.17
C ALA HA 171 54.17 1.37 -78.13
N LEU HA 172 54.38 0.09 -78.49
CA LEU HA 172 55.22 -0.76 -77.67
C LEU HA 172 56.67 -0.27 -77.65
N GLU HA 173 57.09 0.44 -78.70
CA GLU HA 173 58.45 0.96 -78.85
C GLU HA 173 59.50 -0.16 -78.82
N GLN HA 174 59.11 -1.40 -79.10
CA GLN HA 174 60.02 -2.52 -79.02
C GLN HA 174 60.09 -3.29 -80.32
N SER IA 2 64.61 -12.26 -61.28
CA SER IA 2 63.33 -11.88 -61.87
C SER IA 2 62.17 -12.41 -61.06
N THR IA 3 61.03 -11.74 -61.14
CA THR IA 3 59.84 -12.16 -60.42
C THR IA 3 58.64 -12.17 -61.34
N GLN IA 4 57.74 -13.12 -61.11
CA GLN IA 4 56.45 -13.18 -61.79
C GLN IA 4 55.34 -13.13 -60.76
N ARG IA 5 54.22 -12.50 -61.14
CA ARG IA 5 53.05 -12.42 -60.28
C ARG IA 5 51.85 -12.93 -61.07
N GLU IA 6 50.67 -12.91 -60.45
CA GLU IA 6 49.50 -13.48 -61.07
C GLU IA 6 48.24 -12.83 -60.49
N TYR IA 7 47.25 -12.66 -61.36
CA TYR IA 7 46.01 -11.97 -61.04
C TYR IA 7 44.97 -12.96 -60.56
N VAL IA 8 44.33 -12.65 -59.43
CA VAL IA 8 43.22 -13.42 -58.89
C VAL IA 8 42.02 -12.49 -58.86
N PHE IA 9 41.06 -12.72 -59.74
CA PHE IA 9 39.83 -11.93 -59.76
C PHE IA 9 38.91 -12.39 -58.63
N ILE IA 10 38.26 -11.43 -57.98
CA ILE IA 10 37.38 -11.75 -56.85
C ILE IA 10 35.95 -11.31 -57.13
N PRO IA 11 35.13 -12.16 -57.75
CA PRO IA 11 33.69 -11.92 -57.77
C PRO IA 11 32.98 -12.70 -56.68
N ILE IA 12 31.68 -12.44 -56.48
CA ILE IA 12 30.85 -13.34 -55.69
C ILE IA 12 30.69 -14.69 -56.35
N THR IA 13 30.97 -14.77 -57.66
CA THR IA 13 30.87 -16.00 -58.42
C THR IA 13 31.59 -17.14 -57.71
N ASN IA 14 30.99 -18.33 -57.79
CA ASN IA 14 31.62 -19.55 -57.28
C ASN IA 14 32.29 -20.32 -58.41
N SER IA 15 33.33 -19.70 -58.97
CA SER IA 15 34.19 -20.35 -59.94
C SER IA 15 35.66 -20.23 -59.53
N ILE IA 16 35.90 -20.29 -58.22
CA ILE IA 16 37.23 -20.06 -57.65
C ILE IA 16 37.85 -21.34 -57.11
N THR IA 17 37.14 -22.46 -57.17
CA THR IA 17 37.45 -23.65 -56.37
C THR IA 17 38.94 -23.98 -56.32
N ILE IA 18 39.55 -24.29 -57.46
CA ILE IA 18 41.00 -24.53 -57.53
C ILE IA 18 41.51 -24.07 -58.89
N ASP IA 19 42.38 -23.05 -58.88
CA ASP IA 19 43.11 -22.65 -60.07
C ASP IA 19 44.59 -22.44 -59.81
N VAL IA 20 45.00 -22.29 -58.55
CA VAL IA 20 46.37 -21.94 -58.17
C VAL IA 20 46.97 -23.08 -57.37
N LYS IA 21 48.21 -23.43 -57.71
CA LYS IA 21 49.03 -24.38 -56.97
C LYS IA 21 50.25 -23.71 -56.36
N ILE IA 22 50.91 -22.83 -57.10
CA ILE IA 22 51.99 -22.04 -56.54
C ILE IA 22 51.31 -20.84 -55.87
N THR IA 23 50.90 -21.03 -54.62
CA THR IA 23 50.14 -19.99 -53.93
C THR IA 23 51.07 -18.96 -53.30
N ILE IA 24 52.11 -19.42 -52.60
CA ILE IA 24 53.13 -18.51 -52.12
C ILE IA 24 54.30 -18.53 -53.08
N GLY IA 25 54.89 -19.71 -53.29
CA GLY IA 25 55.99 -19.84 -54.23
C GLY IA 25 57.29 -19.23 -53.73
N GLY IA 26 57.32 -17.90 -53.65
CA GLY IA 26 58.44 -17.19 -53.06
C GLY IA 26 58.11 -16.72 -51.66
N SER IA 27 58.24 -15.42 -51.40
CA SER IA 27 57.75 -14.86 -50.14
C SER IA 27 57.00 -13.55 -50.29
N ASP IA 28 57.03 -12.90 -51.45
CA ASP IA 28 56.42 -11.59 -51.63
C ASP IA 28 55.33 -11.67 -52.69
N HIS IA 29 54.20 -11.02 -52.42
CA HIS IA 29 53.11 -10.86 -53.37
C HIS IA 29 52.63 -9.42 -53.32
N ILE IA 30 52.09 -8.94 -54.44
CA ILE IA 30 51.87 -7.50 -54.61
C ILE IA 30 50.91 -6.97 -53.56
N THR IA 31 49.67 -7.47 -53.56
CA THR IA 31 48.67 -6.95 -52.65
C THR IA 31 49.02 -7.27 -51.19
N ASN IA 32 48.37 -6.53 -50.28
CA ASN IA 32 48.55 -6.75 -48.85
C ASN IA 32 47.34 -6.15 -48.13
N ILE IA 33 47.24 -6.46 -46.83
CA ILE IA 33 46.23 -5.88 -45.95
C ILE IA 33 46.94 -5.36 -44.70
N ASP IA 34 46.81 -4.06 -44.43
CA ASP IA 34 47.45 -3.45 -43.27
C ASP IA 34 46.40 -2.77 -42.39
N GLU IA 35 45.66 -3.58 -41.64
CA GLU IA 35 44.81 -3.12 -40.54
C GLU IA 35 43.87 -1.98 -40.92
N ARG IA 36 43.74 -1.66 -42.22
CA ARG IA 36 42.81 -0.62 -42.63
C ARG IA 36 42.15 -0.95 -43.98
N GLY IA 37 42.08 -2.21 -44.37
CA GLY IA 37 41.47 -2.62 -45.61
C GLY IA 37 42.44 -3.33 -46.52
N ILE IA 38 41.91 -3.75 -47.67
CA ILE IA 38 42.66 -4.52 -48.64
C ILE IA 38 43.43 -3.55 -49.54
N HIS IA 39 44.74 -3.75 -49.62
CA HIS IA 39 45.60 -2.86 -50.39
C HIS IA 39 45.88 -3.45 -51.77
N ASN IA 40 46.29 -2.57 -52.69
CA ASN IA 40 46.71 -2.92 -54.05
C ASN IA 40 45.71 -3.87 -54.71
N VAL IA 41 44.52 -3.32 -54.93
CA VAL IA 41 43.42 -4.01 -55.59
C VAL IA 41 43.42 -3.55 -57.05
N LEU IA 42 43.91 -4.40 -57.94
CA LEU IA 42 44.07 -4.01 -59.34
C LEU IA 42 42.72 -3.85 -60.02
N VAL IA 43 42.53 -2.70 -60.66
CA VAL IA 43 41.45 -2.48 -61.59
C VAL IA 43 41.94 -2.88 -62.98
N ILE IA 44 41.09 -3.55 -63.74
CA ILE IA 44 41.39 -3.87 -65.12
C ILE IA 44 40.19 -3.46 -65.96
N THR IA 45 40.44 -2.71 -67.02
CA THR IA 45 39.39 -2.20 -67.87
C THR IA 45 39.32 -3.02 -69.16
N GLY IA 46 38.14 -3.00 -69.79
CA GLY IA 46 37.91 -3.79 -70.97
C GLY IA 46 37.66 -5.26 -70.73
N TYR IA 47 37.76 -5.73 -69.49
CA TYR IA 47 37.51 -7.12 -69.16
C TYR IA 47 36.25 -7.24 -68.31
N ALA IA 48 35.64 -8.43 -68.35
CA ALA IA 48 34.44 -8.69 -67.57
C ALA IA 48 34.39 -10.17 -67.22
N VAL IA 49 33.57 -10.50 -66.25
CA VAL IA 49 33.40 -11.91 -65.88
C VAL IA 49 32.47 -12.58 -66.89
N ASP IA 50 32.69 -13.88 -67.10
CA ASP IA 50 31.99 -14.66 -68.12
C ASP IA 50 31.32 -15.87 -67.46
N GLU IA 51 30.44 -15.57 -66.50
CA GLU IA 51 30.07 -16.40 -65.35
C GLU IA 51 30.24 -17.91 -65.55
N LYS IA 52 29.86 -18.43 -66.72
CA LYS IA 52 30.03 -19.86 -66.96
C LYS IA 52 31.50 -20.27 -66.77
N ASN IA 53 31.77 -21.01 -65.70
CA ASN IA 53 33.13 -21.34 -65.28
C ASN IA 53 34.01 -20.09 -65.32
N GLY IA 54 33.66 -19.16 -64.45
CA GLY IA 54 34.12 -17.78 -64.46
C GLY IA 54 35.54 -17.49 -64.88
N ARG IA 55 35.67 -16.61 -65.87
CA ARG IA 55 36.95 -16.06 -66.33
C ARG IA 55 36.67 -14.66 -66.86
N LEU IA 56 37.67 -14.08 -67.52
CA LEU IA 56 37.62 -12.67 -67.94
C LEU IA 56 37.53 -12.57 -69.46
N VAL IA 57 36.32 -12.37 -69.96
CA VAL IA 57 36.15 -12.02 -71.38
C VAL IA 57 36.75 -10.65 -71.63
N PRO IA 58 37.60 -10.49 -72.65
CA PRO IA 58 38.07 -9.17 -73.07
C PRO IA 58 37.09 -8.49 -74.01
N THR IA 59 36.40 -7.47 -73.51
CA THR IA 59 35.53 -6.65 -74.35
C THR IA 59 36.19 -5.32 -74.66
N LEU IA 60 35.50 -4.52 -75.48
CA LEU IA 60 36.04 -3.27 -76.00
C LEU IA 60 35.28 -2.06 -75.48
N ASP IA 61 34.99 -2.06 -74.17
CA ASP IA 61 34.44 -0.89 -73.50
C ASP IA 61 35.31 -0.61 -72.29
N PRO IA 62 35.90 0.57 -72.17
CA PRO IA 62 36.65 0.90 -70.96
C PRO IA 62 35.76 1.07 -69.74
N CYS IA 63 34.45 1.28 -69.93
CA CYS IA 63 33.52 1.30 -68.81
C CYS IA 63 33.52 -0.02 -68.06
N ASP IA 64 33.86 -1.11 -68.74
CA ASP IA 64 33.87 -2.42 -68.13
C ASP IA 64 35.17 -2.59 -67.34
N TYR IA 65 35.05 -2.88 -66.05
CA TYR IA 65 36.23 -3.03 -65.22
C TYR IA 65 35.98 -4.08 -64.15
N VAL IA 66 37.04 -4.79 -63.78
CA VAL IA 66 37.01 -5.83 -62.78
C VAL IA 66 38.18 -5.63 -61.83
N LYS IA 67 37.97 -5.85 -60.54
CA LYS IA 67 39.02 -5.69 -59.56
C LYS IA 67 39.47 -7.03 -59.03
N GLY IA 68 40.72 -7.08 -58.60
CA GLY IA 68 41.30 -8.31 -58.14
C GLY IA 68 42.56 -8.06 -57.33
N ILE IA 69 43.28 -9.14 -57.05
CA ILE IA 69 44.51 -9.11 -56.27
C ILE IA 69 45.65 -9.69 -57.10
N LEU IA 70 46.87 -9.51 -56.61
CA LEU IA 70 48.08 -9.99 -57.27
C LEU IA 70 48.92 -10.79 -56.29
N VAL IA 71 49.23 -12.03 -56.64
CA VAL IA 71 49.93 -12.97 -55.75
C VAL IA 71 51.11 -13.57 -56.50
N ALA IA 72 52.13 -13.99 -55.76
CA ALA IA 72 53.30 -14.59 -56.39
C ALA IA 72 52.97 -15.96 -56.97
N GLY IA 73 53.55 -16.26 -58.12
CA GLY IA 73 53.54 -17.60 -58.68
C GLY IA 73 52.76 -17.69 -59.98
N THR IA 74 52.68 -18.94 -60.49
CA THR IA 74 51.90 -19.32 -61.65
C THR IA 74 50.81 -20.33 -61.26
N PRO IA 75 49.64 -20.25 -61.87
CA PRO IA 75 48.53 -21.14 -61.48
C PRO IA 75 48.60 -22.51 -62.15
N GLN IA 76 48.94 -23.53 -61.36
CA GLN IA 76 48.61 -24.93 -61.64
C GLN IA 76 49.29 -25.53 -62.86
N GLN IA 77 50.00 -24.72 -63.65
CA GLN IA 77 50.67 -25.12 -64.89
C GLN IA 77 49.84 -26.13 -65.68
N ALA IA 78 48.56 -25.84 -65.88
CA ALA IA 78 47.74 -26.56 -66.83
C ALA IA 78 47.24 -25.63 -67.93
N GLN IA 79 47.75 -24.41 -67.96
CA GLN IA 79 47.22 -23.33 -68.78
C GLN IA 79 48.41 -22.54 -69.32
N SER IA 80 48.15 -21.29 -69.70
CA SER IA 80 48.91 -20.43 -70.61
C SER IA 80 48.49 -20.73 -72.04
N ASN IA 81 47.64 -21.73 -72.24
CA ASN IA 81 46.83 -21.81 -73.45
C ASN IA 81 45.54 -21.01 -73.31
N ASP IA 82 45.15 -20.71 -72.07
CA ASP IA 82 43.93 -19.97 -71.76
C ASP IA 82 44.20 -18.65 -71.04
N PHE IA 83 45.17 -18.61 -70.15
CA PHE IA 83 45.47 -17.37 -69.43
C PHE IA 83 46.29 -16.41 -70.30
N LEU IA 84 46.18 -15.12 -69.99
CA LEU IA 84 46.93 -14.08 -70.69
C LEU IA 84 48.14 -13.70 -69.84
N THR IA 85 49.16 -14.54 -69.87
CA THR IA 85 50.39 -14.25 -69.15
C THR IA 85 51.11 -13.09 -69.82
N LEU IA 86 51.69 -12.21 -69.01
CA LEU IA 86 52.22 -10.94 -69.50
C LEU IA 86 53.38 -10.51 -68.61
N LYS IA 87 54.07 -9.45 -69.00
CA LYS IA 87 55.07 -8.83 -68.16
C LYS IA 87 54.99 -7.32 -68.30
N LEU IA 88 55.01 -6.61 -67.17
CA LEU IA 88 54.88 -5.16 -67.15
C LEU IA 88 55.89 -4.59 -66.16
N PRO IA 89 56.31 -3.33 -66.37
CA PRO IA 89 57.20 -2.70 -65.39
C PRO IA 89 56.45 -2.06 -64.24
N ALA IA 90 55.42 -2.74 -63.73
CA ALA IA 90 54.66 -2.29 -62.57
C ALA IA 90 54.09 -0.89 -62.74
N ASN IA 91 54.13 -0.34 -63.95
CA ASN IA 91 53.78 1.05 -64.18
C ASN IA 91 52.49 1.22 -64.96
N LYS IA 92 52.17 0.30 -65.86
CA LYS IA 92 50.96 0.44 -66.67
C LYS IA 92 49.74 -0.19 -66.03
N LEU IA 93 49.91 -1.08 -65.06
CA LEU IA 93 48.81 -1.52 -64.22
C LEU IA 93 48.70 -0.57 -63.04
N TYR IA 94 47.47 -0.09 -62.78
CA TYR IA 94 47.23 0.92 -61.75
C TYR IA 94 46.26 0.36 -60.72
N LEU IA 95 46.74 0.18 -59.50
CA LEU IA 95 45.98 -0.35 -58.38
C LEU IA 95 45.64 0.78 -57.42
N ILE IA 96 45.02 0.45 -56.30
CA ILE IA 96 44.75 1.39 -55.24
C ILE IA 96 45.72 1.08 -54.10
N ARG IA 97 45.75 1.97 -53.10
CA ARG IA 97 46.39 1.69 -51.82
C ARG IA 97 47.89 1.45 -51.95
N LYS IA 98 48.55 2.02 -52.96
CA LYS IA 98 49.95 1.70 -53.20
C LYS IA 98 50.81 2.16 -52.04
N LYS IA 99 51.66 1.26 -51.54
CA LYS IA 99 52.46 1.52 -50.35
C LYS IA 99 53.94 1.61 -50.68
N GLY IA 100 54.54 0.59 -51.29
CA GLY IA 100 55.95 0.63 -51.59
C GLY IA 100 56.24 0.72 -53.08
N ASN IA 101 57.38 1.33 -53.42
CA ASN IA 101 57.80 1.40 -54.81
C ASN IA 101 58.08 -0.02 -55.32
N ILE IA 102 57.41 -0.38 -56.40
CA ILE IA 102 57.49 -1.75 -56.91
C ILE IA 102 58.84 -1.94 -57.58
N SER IA 103 59.21 -3.19 -57.85
CA SER IA 103 60.53 -3.57 -58.32
C SER IA 103 60.76 -3.22 -59.80
N ASP IA 104 59.90 -2.35 -60.34
CA ASP IA 104 60.07 -1.76 -61.66
C ASP IA 104 59.89 -2.76 -62.80
N ASP IA 105 59.76 -4.06 -62.48
CA ASP IA 105 59.35 -5.02 -63.50
C ASP IA 105 58.97 -6.38 -62.92
N LEU IA 106 57.76 -6.85 -63.23
CA LEU IA 106 57.32 -8.18 -62.82
C LEU IA 106 56.36 -8.72 -63.87
N LYS IA 107 56.16 -10.03 -63.83
CA LYS IA 107 55.21 -10.68 -64.73
C LYS IA 107 53.85 -10.85 -64.07
N ILE IA 108 52.88 -11.24 -64.88
CA ILE IA 108 51.47 -11.25 -64.52
C ILE IA 108 50.84 -12.49 -65.12
N TYR IA 109 49.94 -13.14 -64.38
CA TYR IA 109 49.09 -14.20 -64.91
C TYR IA 109 47.64 -13.79 -64.66
N ILE IA 110 46.91 -13.51 -65.74
CA ILE IA 110 45.48 -13.18 -65.61
C ILE IA 110 44.66 -14.28 -66.27
N PRO IA 111 43.57 -14.73 -65.62
CA PRO IA 111 42.64 -15.65 -66.28
C PRO IA 111 41.94 -14.96 -67.44
N TYR IA 112 42.13 -15.49 -68.63
CA TYR IA 112 41.59 -14.90 -69.84
C TYR IA 112 40.55 -15.83 -70.44
N SER IA 113 39.55 -15.24 -71.11
CA SER IA 113 38.48 -16.00 -71.73
C SER IA 113 38.44 -15.75 -73.23
N SER IA 114 38.14 -16.79 -73.99
CA SER IA 114 37.95 -16.65 -75.41
C SER IA 114 36.84 -15.62 -75.68
N PRO IA 115 36.97 -14.80 -76.72
CA PRO IA 115 35.89 -13.85 -77.03
C PRO IA 115 34.58 -14.55 -77.36
N ASP IA 116 34.61 -15.40 -78.39
CA ASP IA 116 33.51 -16.29 -78.72
C ASP IA 116 32.15 -15.60 -78.69
N ALA IA 117 31.93 -14.66 -79.61
CA ALA IA 117 30.68 -13.91 -79.64
C ALA IA 117 29.53 -14.78 -80.07
N ARG IA 118 28.81 -15.33 -79.10
CA ARG IA 118 27.58 -16.08 -79.37
C ARG IA 118 26.37 -15.17 -79.38
N ASN IA 119 26.20 -14.39 -78.30
CA ASN IA 119 25.22 -13.33 -78.24
C ASN IA 119 25.90 -12.09 -77.66
N SER IA 120 25.18 -10.98 -77.64
CA SER IA 120 25.72 -9.75 -77.10
C SER IA 120 26.00 -9.91 -75.60
N MET IA 121 27.12 -9.33 -75.16
CA MET IA 121 27.52 -9.41 -73.75
C MET IA 121 26.68 -8.43 -72.96
N LYS IA 122 25.63 -8.93 -72.30
CA LYS IA 122 24.73 -8.11 -71.50
C LYS IA 122 25.44 -7.76 -70.20
N THR IA 123 26.33 -6.76 -70.28
CA THR IA 123 27.15 -6.38 -69.15
C THR IA 123 26.29 -5.85 -68.01
N LYS IA 124 26.63 -6.22 -66.78
CA LYS IA 124 25.96 -5.69 -65.60
C LYS IA 124 26.97 -5.35 -64.52
N PRO IA 125 26.67 -4.38 -63.66
CA PRO IA 125 27.55 -4.10 -62.53
C PRO IA 125 27.16 -4.95 -61.33
N VAL IA 126 28.18 -5.41 -60.60
CA VAL IA 126 27.96 -6.20 -59.40
C VAL IA 126 28.83 -5.63 -58.28
N SER IA 127 28.19 -5.22 -57.20
CA SER IA 127 28.83 -4.83 -55.95
C SER IA 127 28.71 -5.99 -54.96
N ILE IA 128 29.74 -6.19 -54.15
CA ILE IA 128 29.79 -7.36 -53.28
C ILE IA 128 28.71 -7.23 -52.21
N SER IA 129 27.93 -8.30 -52.04
CA SER IA 129 26.90 -8.37 -51.01
C SER IA 129 27.04 -9.71 -50.28
N ASP IA 130 26.05 -10.08 -49.47
CA ASP IA 130 25.93 -11.44 -48.94
C ASP IA 130 27.15 -11.81 -48.08
N ASP IA 131 27.22 -11.19 -46.91
CA ASP IA 131 28.27 -11.44 -45.92
C ASP IA 131 28.69 -12.91 -45.85
N THR IA 132 27.75 -13.84 -46.01
CA THR IA 132 28.09 -15.25 -46.05
C THR IA 132 29.09 -15.55 -47.16
N ILE IA 133 29.01 -14.83 -48.28
CA ILE IA 133 29.98 -15.09 -49.34
C ILE IA 133 31.35 -14.58 -48.94
N VAL IA 134 31.41 -13.46 -48.22
CA VAL IA 134 32.69 -13.01 -47.68
C VAL IA 134 33.23 -14.03 -46.69
N ASN IA 135 32.34 -14.64 -45.91
CA ASN IA 135 32.76 -15.59 -44.89
C ASN IA 135 33.28 -16.89 -45.48
N ASN IA 136 32.76 -17.31 -46.63
CA ASN IA 136 33.32 -18.51 -47.26
C ASN IA 136 34.50 -18.21 -48.18
N ILE IA 137 34.57 -17.00 -48.75
CA ILE IA 137 35.71 -16.68 -49.60
C ILE IA 137 36.94 -16.32 -48.76
N ILE IA 138 36.75 -15.81 -47.54
CA ILE IA 138 37.91 -15.55 -46.68
C ILE IA 138 38.58 -16.85 -46.29
N LYS IA 139 37.79 -17.89 -46.00
CA LYS IA 139 38.38 -19.22 -45.81
C LYS IA 139 38.90 -19.78 -47.13
N GLU IA 140 38.24 -19.46 -48.24
CA GLU IA 140 38.68 -19.97 -49.53
C GLU IA 140 40.07 -19.47 -49.89
N VAL IA 141 40.20 -18.17 -50.15
CA VAL IA 141 41.42 -17.61 -50.72
C VAL IA 141 42.10 -16.62 -49.78
N PHE IA 142 41.34 -15.80 -49.06
CA PHE IA 142 41.91 -14.74 -48.21
C PHE IA 142 42.83 -15.30 -47.13
N ASP IA 143 42.95 -16.62 -47.04
CA ASP IA 143 43.80 -17.24 -46.04
C ASP IA 143 44.78 -18.22 -46.66
N LYS IA 144 44.36 -18.90 -47.74
CA LYS IA 144 45.28 -19.82 -48.42
C LYS IA 144 46.47 -19.08 -49.00
N ILE IA 145 46.28 -17.80 -49.34
CA ILE IA 145 47.38 -16.95 -49.79
C ILE IA 145 47.93 -16.23 -48.57
N TYR IA 146 47.07 -15.48 -47.90
CA TYR IA 146 47.45 -14.77 -46.69
C TYR IA 146 47.40 -15.75 -45.52
N ASN IA 147 48.47 -16.53 -45.39
CA ASN IA 147 48.71 -17.25 -44.14
C ASN IA 147 48.99 -16.28 -43.01
N ILE IA 148 49.42 -15.07 -43.36
CA ILE IA 148 49.57 -13.97 -42.41
C ILE IA 148 48.30 -13.76 -41.61
N THR IA 149 47.15 -13.97 -42.23
CA THR IA 149 45.87 -13.73 -41.57
C THR IA 149 45.72 -14.65 -40.36
N GLN IA 150 45.09 -14.12 -39.31
CA GLN IA 150 44.84 -14.81 -38.04
C GLN IA 150 46.13 -14.96 -37.25
N LYS IA 151 47.24 -14.54 -37.86
CA LYS IA 151 48.51 -14.32 -37.19
C LYS IA 151 48.74 -12.84 -36.89
N GLU IA 152 48.70 -12.00 -37.92
CA GLU IA 152 48.95 -10.57 -37.78
C GLU IA 152 47.67 -9.74 -37.84
N LYS IA 153 46.74 -10.09 -38.73
CA LYS IA 153 45.52 -9.34 -38.96
C LYS IA 153 44.38 -9.96 -38.16
N VAL IA 154 43.70 -9.14 -37.37
CA VAL IA 154 42.57 -9.59 -36.57
C VAL IA 154 41.30 -8.79 -36.83
N LYS IA 155 41.41 -7.59 -37.39
CA LYS IA 155 40.22 -6.80 -37.70
C LYS IA 155 39.51 -7.40 -38.90
N ILE IA 156 38.98 -8.61 -38.72
CA ILE IA 156 38.44 -9.37 -39.84
C ILE IA 156 37.19 -8.71 -40.40
N GLU IA 157 36.34 -8.17 -39.53
CA GLU IA 157 35.11 -7.55 -39.98
C GLU IA 157 35.36 -6.31 -40.84
N LYS IA 158 36.55 -5.71 -40.77
CA LYS IA 158 36.85 -4.57 -41.62
C LYS IA 158 37.17 -4.98 -43.05
N VAL IA 159 38.00 -6.02 -43.22
CA VAL IA 159 38.22 -6.54 -44.57
C VAL IA 159 36.98 -7.18 -45.14
N LYS IA 160 35.97 -7.42 -44.31
CA LYS IA 160 34.61 -7.65 -44.80
C LYS IA 160 33.96 -6.33 -45.15
N GLU IA 161 34.08 -5.34 -44.26
CA GLU IA 161 33.52 -4.02 -44.47
C GLU IA 161 34.12 -3.29 -45.67
N ASP IA 162 35.27 -3.75 -46.16
CA ASP IA 162 35.97 -2.97 -47.19
C ASP IA 162 35.62 -3.43 -48.61
N ILE IA 163 35.39 -4.73 -48.82
CA ILE IA 163 35.17 -5.21 -50.18
C ILE IA 163 33.71 -5.09 -50.62
N LYS IA 164 32.77 -5.10 -49.67
CA LYS IA 164 31.36 -5.12 -50.06
C LYS IA 164 30.96 -3.86 -50.81
N GLU IA 165 31.61 -2.74 -50.53
CA GLU IA 165 31.31 -1.48 -51.20
C GLU IA 165 32.42 -1.00 -52.12
N LEU IA 166 33.62 -1.57 -52.04
CA LEU IA 166 34.70 -1.22 -52.96
C LEU IA 166 34.77 -2.21 -54.12
N PHE IA 167 35.05 -3.49 -53.80
CA PHE IA 167 35.17 -4.52 -54.82
C PHE IA 167 33.91 -4.61 -55.67
N SER IA 168 34.02 -4.30 -56.96
CA SER IA 168 32.92 -4.42 -57.89
C SER IA 168 33.45 -4.96 -59.20
N TYR IA 169 32.55 -5.46 -60.03
CA TYR IA 169 32.97 -6.03 -61.31
C TYR IA 169 31.81 -5.95 -62.29
N TYR IA 170 32.06 -6.38 -63.52
CA TYR IA 170 31.06 -6.35 -64.57
C TYR IA 170 30.86 -7.76 -65.12
N ALA IA 171 29.65 -8.02 -65.61
CA ALA IA 171 29.21 -9.37 -65.94
C ALA IA 171 28.50 -9.40 -67.28
N LEU IA 172 28.14 -10.61 -67.71
CA LEU IA 172 27.52 -10.86 -69.01
C LEU IA 172 26.08 -11.33 -68.92
N GLU IA 173 25.53 -11.48 -67.72
CA GLU IA 173 24.14 -11.85 -67.47
C GLU IA 173 23.84 -13.32 -67.78
N GLN IA 174 24.76 -14.02 -68.42
CA GLN IA 174 24.53 -15.39 -68.85
C GLN IA 174 25.82 -16.19 -68.88
ZN ZN JA . 27.38 44.25 -57.74
#